data_7QHS
#
_entry.id   7QHS
#
_cell.length_a   1.00
_cell.length_b   1.00
_cell.length_c   1.00
_cell.angle_alpha   90.00
_cell.angle_beta   90.00
_cell.angle_gamma   90.00
#
_symmetry.space_group_name_H-M   'P 1'
#
loop_
_entity.id
_entity.type
_entity.pdbx_description
1 polymer 'DNA replication licensing factor MCM2'
2 polymer 'DNA replication licensing factor MCM3'
3 polymer 'DNA replication licensing factor MCM4'
4 polymer 'DNA replication licensing factor MCM6'
5 polymer 'DNA replication licensing factor MCM7'
6 polymer 'DNA replication complex GINS protein PSF1'
7 polymer 'DNA replication complex GINS protein PSF2'
8 polymer 'DNA replication complex GINS protein PSF3'
9 polymer 'DNA replication complex GINS protein SLD5'
10 polymer 'Cell division control protein 45'
11 polymer 'DNA polymerase epsilon subunit B'
12 polymer 'DNA polymerase epsilon catalytic subunit A'
13 polymer 'DNA (26-MER)'
14 polymer 'DNA (26-MER)'
15 polymer 'DNA replication licensing factor MCM5'
16 non-polymer "ADENOSINE-5'-TRIPHOSPHATE"
17 non-polymer 'ZINC ION'
18 non-polymer 'MAGNESIUM ION'
19 non-polymer "ADENOSINE-5'-DIPHOSPHATE"
#
loop_
_entity_poly.entity_id
_entity_poly.type
_entity_poly.pdbx_seq_one_letter_code
_entity_poly.pdbx_strand_id
1 'polypeptide(L)'
;MSDNRRRRREEDDSDSENELPPSSPQQHFRGGMNPVSSPIGSPDMINPEGDDNEVDDVPDIDEVEEQMNEVDLMDDNMYE
DYAADHNRDRYDPDQVDDREQQELSLSERRRIDAQLNERDRLLRNVAYIDDEDEEQEGAAQLDEMGLPVQRRRRRRQYED
LENSDDDLLSDMDIDPLREELTLESLSNVKANSYSEWITQPNVSRTIARELKSFLLEYTDETGRSVYGARIRTLGEMNSE
SLEVNYRHLAESKAILALFLAKCPEEMLKIFDLVAMEATELHYPDYARIHSEIHVRISDFPTIYSLRELRESNLSSLVRV
TGVVTRRTGVFPQLKYVKFNCLKCGSILGPFFQDSNEEIRISFCTNCKSKGPFRVNGEKTVYRNYQRVTLQEAPGTVPPG
RLPRHREVILLADLVDVSKPGEEVEVTGIYKNNYDGNLNAKNGFPVFATIIEANSIKRREGNTANEGEEGLDVFSWTEEE
EREFRKISRDRGIIDKIISSMAPSIYGHRDIKTAVACSLFGGVPKNVNGKHSIRGDINVLLLGDPGTAKSQILKYVEKTA
HRAVFATGQGASAVGLTASVRKDPITKEWTLEGGALVLADKGVCLIDEFDKMNDQDRTSIHEAMEQQSISISKAGIVTTL
QARCSIIAAANPNGGRYNSTLPLAQNVSLTEPILSRFDILCVVRDLVDEEADERLATFVVDSHVRSHPENDEDREGEELK
NNGESAIEQGEDEINEQLNARQRRLQRQRKKEEEISPIPQELLMKYIHYARTKIYPKLHQMDMDKVSRVYADLRRESIST
GSFPITVRHLESILRIAESFAKMRLSEFVSSYDLDRAIKVVVDSFVDAQKVSVRRQLRRSFAIYTLGH
;
2
2 'polypeptide(L)'
;MKRRWKKNFIAVSAANRFKKISSSGALENLYFQGEMEGSTGFDGDATTFFAPDAVFGDRVRRFQEFLDTFTSYRDSVRSI
QVYNSNNAANYNDDQDDADERDLLGDDDGDDLEKEKKAASSTSLNILPHRIIISLDDLREFDRSFWSGILVEPAYFIPPA
EKALTDLADSMDDVPHPNASAVSSRHPWKLSFKGSFGAHALSPRTLTAQHLNKLVSVEGIVTKTSLVRPKLIRSVHYAAK
TGRFHYRDYTDATTTLTTRIPTPAIYPTEDTEGNKLTTEYGYSTFIDHQRITVQEMPEMAPAGQLPRSIDVILDDDLVDK
TKPGDRVNVVGVFKSLGAGGMNQSNSNTLIGFKTLILGNTVYPLHARSTGVAARQMLTDFDIRNINKLSKKKDIFDILSQ
SLAPSIYGHDHIKKAILLMLMGGVEKNLENGSHLRGDINILMVGDPSTAKSQLLRFVLNTASLAIATTGRGSSGVGLTAA
VTTDRETGERRLEAGAMVLADRGVVCIDEFDKMTDVDRVAIHEVMEQQTVTIAKAGIHTTLNARCSVIAAANPVFGQYDV
NRDPHQNIALPDSLLSRFDLLFVVTDDINEIRDRSISEHVLRTHRYLPPGYLEGEPVRERLNLSLAVGEDADINPEEHSN
SGAGVENEGEDDEDHVFEKFNPLLQAGAKLAKNKGNYNGTEIPKLVTIPFLRKYVQYAKERVIPQLTQEAINVIVKNYTD
LRNDDNTKKSPITARTLETLIRLATAHAKVRLSKTVNKVDAKVAANLLRFALLGEDIGNDIDEEESEYEEALSKRSPQKS
PKKRQRVRQPASNSGSPIKSTPRRSTASSVNATPSSARRILRFQDDEQNAGEDDNDIMSPLPADEEAELQRRLQLGLRVS
PRRREHLHAPEEGSSGPLTEVGTPRLPNVSSAGQDDEQQQSVISFDNVEPGTISTGRLSLISGIIARLMQTEIFEEESYP
VASLFERINEELPEEEKFSAQEYLAGLKIMSDRNNLMVADDKVWRV
;
3
3 'polypeptide(L)'
;MSQQSSSPTKEDNNSSSPVVPNPDSVPPQLSSPALFYSSSSSQGDIYGRNNSQNLSQGEGNIRAAIGSSPLNFPSSSQRQ
NSDVFQSQGRQGRIRSSASASGRSRYHSDLRSDRALPTSSSSLGRNGQNRVHMRRNDIHTSDLSSPRRIVDFDTRSGVNT
LDTSSSSAPPSEASEPLRIIWGTNVSIQECTTNFRNFLMSFKYKFRKILDEREEFINNTTDEELYYIKQLNEMRELGTSN
LNLDARNLLAYKQTEDLYHQLLNYPQEVISIMDQTIKDCMVSLIVDNNLDYDLDEIETKFYKVRPYNVGSCKGMRELNPN
DIDKLINLKGLVLRSTPVIPDMKVAFFKCNVCDHTMAVEIDRGVIQEPARCERIDCNEPNSMSLIHNRCSFADKQVIKLQ
ETPDFVPDGQTPHSISLCVYDELVDSCRAGDRIEVTGTFRSIPIRANSRQRVLKSLYKTYVDVVHVKKVSDKRLDVDTST
IEQELMQNKVDHNEVEEVRQITDQDLAKIREVAAREDLYSLLARSIAPSIYELEDVKKGILLQLFGGTNKTFTKGGRYRG
DINILLCGDPSTSKSQILQYVHKITPRGVYTSGKGSSAVGLTAYITRDVDTKQLVLESGALVLSDGGVCCIDEFDKMSDS
TRSVLHEVMEQQTISIAKAGIITTLNARSSILASANPIGSRYNPNLPVTENIDLPPPLLSRFDLVYLVLDKVDEKNDREL
AKHLTNLYLEDKPEHISQDDVLPVEFLTMYISYAKEHIHPIITEAAKTELVRAYVGMRKMGDDSRSDEKRITATTRQLES
MIRLAEAHAKMKLKNVVELEDVQEAVRLIRSAIKDYATDPKTGKIDMNLVQTGKSVIQRKLQEDLSREIMNVLKDQASDS
MSFNELIKQINEHSQDRVESSDIQEALSRLQQEDKVIVLGEGVRRSVRLNNRV
;
4
4 'polypeptide(L)'
;MSSPFPADTPSSNRPSNSSPPPSSIGAGFGSSSGLDSQIGSRLHFPSSSQPHVSNSQTGPFVNDSTQFSSQRLQTDGSAT
NDMEGNEPARSFKSRALNHVKKVDDVTGEKVREAFEQFLEDFSVQSTDTGEVEKVYRAQIEFMKIYDLNTIYIDYQHLSM
RENGALAMAISEQYYRFLPFLQKGLRRVVRKYAPELLNTSDSLKRSEGDEGQADEDEQQDDDMNGSSLPRDSGSSAAPGN
GTSAMATRSITTSTSPEQTERVFQISFFNLPTVHRIRDIRSEKIGSLLSISGTVTRTSEVRPELYKASFTCDMCRAIVDN
VEQSFKYTEPTFCPNPSCENRAFWTLNVTRSRFLDWQKVRIQENANEIPTGSMPRTLDVILRGDSVERAKPGDRCKFTGV
EIVVPDVTQLGLPGVKPSSTLDTRGISKTTEGLNSGVTGLRSLGVRDLTYKISFLACHVISIGSNIGASSPDANSNNRET
ELQMAANLQANNVYQDNERDQEVFLNSLSSDEINELKEMVKDEHIYDKLVRSIAPAVFGHEAVKKGILLQMLGGVHKSTV
EGIKLRGDINICVVGDPSTSKSQFLKYVVGFAPRSVYTSGKASSAAGLTAAVVRDEEGGDYTIEAGALMLADNGICCIDE
FDKMDISDQVAIHEAMEQQTISIAKAGIHATLNARTSILAAANPVGGRYNRKLSLRGNLNMTAPIMSRFDLFFVILDDCN
EKIDTELASHIVDLHMKRDEAIEPPFSAEQLRRYIKYARTFKPILTKEARSYLVEKYKELRKDDAQGFSRSSYRITVRQL
ESMIRLSEAIARANCVDEITPSFIAEAYDLLRQSIIRVDVDDVEMDEEFDNIESQSHAASGNNDDNDDGTGSGVITSEPP
ADIEEGQSEATARPGTSEKKKTTVTYDKYVSMMNMIVRKIAEVDREGAEELTAVDIVDWYLLQKENDLGSLAEYWEERRL
AFKVIKRLVKDRILMEIHGTRHNLRDLENEENENNKTVYVIHPNCEVLDQLEPQDSS
;
6
5 'polypeptide(L)'
;MSAALPSIQLPVDYNNLFNEITDFLVTFKQDTLSSDATRNENEDENLDAENIEQHLLEKGPKYMAMLQKVANRELNSVII
DLDDILQYQNEKFLQGTQADDLVSAIQQNANHFTELFCRAIDNNMPLPTKEIDYKDDVLDVILNQRRLRNERMLSDRTNE
IRSENLMDTTMDPPSSMNDALREVVEDETELFPPNLTRRYFLYFKPLSQNCARRYRKKAISSKPLSVRQIKGDFLGQLIT
VRGIITRVSDVKPAVEVIAYTCDQCGYEVFQEVNSRTFTPLSECTSEECSQNQTKGQLFMSTRASKFSAFQECKIQELSQ
QVPVGHIPRSLNIHVNGTLVRSLSPGDIVDVTGIFLPAPYTGFKALKAGLLTETYLEAQFVRQHKKKFASFSLTSDVEER
VMELITSGDVYNRLAKSIAPEIYGNLDVKKALLLLLVGGVDKRVGDGMKIRGDINVCLMGDPGVAKSQLLKAICKISPRG
VYTTGKGSSGVGLTAAVMKDPVTDEMILEGGALVLADNGICCIDEFDKMDESDRTAIHEVMEQQTISISKAGINTTLNAR
TSILAAANPLYGRYNPRLSPLDNINLPAALLSRFDILFLMLDIPSRDDDEKLAEHVTYVHMHNKQPDLDFTPVEPSKMRE
YIAYAKTKRPVMSEAVNDYVVQAYIRLRQDSKREMDSKFSFGQATPRTLLGIIRLSQALAKLRLADMVDIDDVEEALRLV
RVSKESLYQETNKSKEDESPTTKIFTIIKKMLQETGKNTLSYENIVKTVRLRGFTMLQLSNCIQEYSYLNVWHLINEGNT
LKFVDDGTMDTDQEDSLVSTPKLAPQTTASANVSAQDSDIDLQDA
;
7
6 'polypeptide(L)'
;MYGDLGNKLVLEAKRTKQLYARSNQDVNLPMYHEDIIRNILKEVSNLRKNTEYLKEQQQLGMLDDKVAKCQYFVTLLCME
RNKRCLLAYQRLRTDILDSMAWNNNGLDLMSSITFSQQDTNNLSHQEQEYLKEYCDLITDLKSGDLVDIDLSGSLVPPSD
VFIDVRVLKDAGEIQTEYGVFNLIKDSQFFVRQSDVERLIQQGYLQKI
;
H
7 'polypeptide(L)'
;MSLPAHLQQTFSPEEIQFIVENEPIKIFPRITTRQKIRGDDRGTGNHTRWQLITTDDKALNNMVAMRSTEVVLWIALLLK
QQSKCSIVAPQWLTTKELDRKIQYEKTHPDRFSELPWNWLVLARILFNKAKDDFHDPIHELRGKIQDLREIRQIKVLKGL
KYLNESHLQLDNLSLLEINELRPFITEIMDKLREIHTASLTAGTENDEEEFNI
;
I
8 'polypeptide(L)'
;WSHPQFEKGGGSGGGSGGGSWSHPQFEKENLYFQSMGYYDIDDVLADGTEFPCKFQYDIPGLGYLENNPGRPITKNTKLS
LPLWLARILAIVGGDEALVDEEPVPFVELLPPDMFSTKVMNAIKTDPVALDLHSINSHFFSLAIKWIMLFSEKELANVVS
ELLLQRAQELNHHASSLSIDLNADSTGKNSANTNIATSTFLLKLEEMEKEIYKKSHESYKDTKRWMFKK
;
C
9 'polypeptide(L)'
;MDINIDDILAELDKETTAVDSTKITQGSSSTTHRDANTIVGSSLDLNDKTQIYVSPQQDFSDLMKSWKNERCSPELLPYP
HQLMKRLLNRISMQSQLIENISMGFLDMQNASNANPPMPNESKLPLLCMETELERLKFVIRSYIRCRLSKIDKFSLYLRQ
LNEDENSLISLTDLLSKDEIKYHDTHSLIWLKLVNDSILKYMPEELQAINDTEGSVNMIDEPDWNKFVFIHVNGPPDGKW
NEDPLLQENEFGKPCYTVTIPDLKEEVELTIGSIYVMRYEVIRDLLRDDKVALI
;
D
10 'polypeptide(L)'
;MYYGISQFSEAYNKILRNSSSHSSCQLVIFVSCLNIDALCATKMLSLLFKKQLVQSQIVPIFGYSELRRHYSQLDDNINS
LLLVGFGGVIDLEAFLEIDPQEYVIDTDEKSGEQSFRRDIYVLDAHRPWNLDNIFGSQIIQCFDDGTVDDTLGEQKEAYY
KLLELDEESGDDELSGDENDNNGGDDEATDADEVTDEDYKDDDGDYKDDDETISNKRGNSSIGPNDLSKRKQRKKQIHEY
EGVLEEYYSQGTTVVNSISAQIYSLLSAIGETNLSNLWLNILGTTSLDIAYAQVYNRLYPLLQDEVKRLTPSSRNSVKTP
DTLTLNIQPDYYLFLLRHSSLYDSFYYSNYVNAKLSLWNENGKKRLHKMFARMGIPLSTAQETWLYMDHSIKRELGIIFD
KNLDRYGLQDIIRDGFVRTLGYRGSISASEFVEALTALLEVGNSTDKDSVKINNDNNDDTDGEEEEDNSAQKLTNLRKRW
VSNFWLSWDALDDRKVELLNRGIQLAQDLQRAIFNTGVAILEKKLIKHLRIYRLCVLQDGPDLDLYRNPLTLLRLGNWLI
ECCAESEDKQLLPMVLASIDENTDTYLVAGLTPRYPRGLDTIHTKKPILNNFSMAFQQITAETDAKVRIDNFESSIIEIR
REDLSPFLEKLTLSGLL
;
E
11 'polypeptide(L)'
;MFGSGNVLPVKIQPPLLRPLAYRVLSRKYGLSIKSDGLSALAEFVGTNIGANWRQGPATIKFLEQFAAVWKQQERGLFID
QSGVKEVIQEMKEREKVEWSHEHPIQHEENILGRTDDDENNSDDEMPIAADSSLQNVSLSSPMRQPTERDEYKQPFKPES
SKALDWRDYFKVINASQQQRFSYNPHKMQFIFVPNKKQNGLGGIAGFLPDIEDKVQMFLTRYYLTNDRVMRNENFQNSDM
FNPLSSMVSLQNELSNTNRQQQSSSMSITPIKNLLGRDAQNFLLLGLLNKNFKGNWSLEDPSGSVEIDISQTIPTQGHYY
VPGCMVLVEGIYYSVGNKFHVTSMTLPPGERREITLETIGNLDLLGIHGISNNNFIARLDKDLKIRLHLLEKELTDHKFV
ILGANLFLDDLKIMTALSKILQKLNDDPPTLLIWQGSFTSVPVFASMSSRNISSSTQFKNNFDALATLLSRFDNLTENTT
MIFIPGPNDLWGSMVSLGASGTLPQDPIPSAFTKKINKVCKNVVWSSNPTRIAYLSQEIVIFRDDLSGRFKRHRLEFPFN
ESEDVYTENDNMMSKDTDIVPIDELVKEPDQLPQKVQETRKLVKTILDQGHLSPFLDSLRPISWDLDHTLTLCPIPSTMV
LCDTTSAQFDLTYNGCKVINPGSFIHNRRARYMEYVPSSKKTIQEEIYI
;
F
12 'polypeptide(L)'
;MMFGKKKNNGGSSTARYSAGNKYNTLSNNYALSAQQLLNASKIDDIDSMMGFERYVPPQYNGRFDAKDIDQIPGRVGWLT
NMHATLVSQETLSSGSNGGGNSNDGERVTTNQGISGVDFYFLDEEGGSFKSTVVYDPYFFIACNDESRVNDVEELVKKYL
ESCLKSLQIIRKEDLTMDNHLLGLQKTLIKLSFVNSNQLFEARKLLRPILQDNANNNVQRNIYNVAANGSEKVDAKHLIE
DIREYDVPYHVRVSIDKDIRVGKWYKVTQQGFIEDTRKIAFADPVVMAFDIETTKPPLKFPDSAVDQIMMISYMIDGEGF
LITNREIISEDIEDFEYTPKPEYPGFFTIFNENDEVALLQRFFEHIRDVRPTVISTFNGDFFDWPFIHNRSKIHGLDMFD
EIGFAPDAEGEYKSSYCSHMDCFRWVKRDSYLPQGSQGLKAVTQSKLGYNPIELDPELMTPYAFEKPQHLSEYSVSDAVA
TYYLYMKYVHPFIFSLCTIIPLNPDETLRKGTGTLCEMLLMVQAYQHNILLPNKHTDPIERFYDGHLLESETYVGGHVES
LEAGVFRSDLKNEFKIDPSAIDELLQELPEALKFSVEVENKSSVDKVTNFEEIKNQITQKLLELKENNIRNELPLIYHVD
VASMYPNIMTTNRLQPDSIKAERDCASCDFNRPGKTCARKLKWAWRGEFFPSKMDEYNMIKRALQNETFPNKNKFSKKKV
LTFDELSYADQVIHIKKRLTEYSRKVYHRVKVSEIVEREAIVCQRENPFYVDTVKSFRDRRYEFKGLAKTWKGNLSKIDP
SDKHARDEAKKMIVLYDSLQLAHKVILNSFYGYVMRKGSRWYSMEMAGITCLTGATIIQMARALVERVGRPLELDTDGIW
CILPKSFPETYFFTLENGKKLYLSYPCSMLNYRVHQKFTNHQYQELKDPLNYIYETHSENTIFFEVDGPYKAMILPSSKE
EGKGIKKRYAVFNEDGSLAELKGFELKRRGELQLIKNFQSDIFKVFLEGDTLEGCYSAVASVCNRWLDVLDSHGLMLEDE
DLVSLICENRSMSKTLKEYEGQKSTSITTARRLGDFLGEDMVKDKGLQCKYIISSKPFNAPVTERAIPVAIFSADIPIKR
SFLRRWTLDPSLEDLDIRTIIDWGYYRERLGSAIQKIITIPAALQGVSNPVPRVEHPDWLKRKIATKEDKFKQTSLTKFF
SKTKNVPTMGKIKDIEDLFEPTVEEDNAKIKIARTTKKKAVSKRKRNQLTNEEDPLVLPSEIPSMDEDYVGWLNYQKIKW
KIQARDRKRRDQLFGNTNSSRERSALGSMIRKQAESYANSTWEVLQYKDSGEPGVLEVFVTINGKVQNITFHIPKTIYMK
FKSQTMPLQKIKNCLIEKSSASLPNNPKTSNPAGGQLFKITLPESVFLEEKENCTSIFNDENVLGVFEGTITPHQRAIMD
LGASVTFRSKAMGALGKGIQQGFEMKDLSMAENERYLSGFSMDIGYLLHFPTSIGYEFFSLFKSWGDTITILVLKPSNQA
QEINASSLGQIYKQMFEKKKGKIETYSYLVDIKEDINFEFVYFTDISKLYRRLSQETTKLKEERGLQFLLLLQSPFITKL
LGTIRLLNQMPIVKLSLNEVLLPQLNWQPTLLKKLVNHVLSSGSWISHLIKLSQYSNIPICNLRLDSMDYIIDVLYARKL
KKENIVLWWNEKAPLPDHGGIQNDFDLNTSWIMNDSEFPKINNSGVYDNVVLDVGVDNLTVNTILTSALINDAEGSDLVN
NNMGIDDKDAVINSPSEFVHDAFSNDALNVLRGMLKEWWDEALKENSTADLLVNSLASWVQNPNAKLFDGLLRYHVHNLT
KKALLQLVNEFSALGSTIVYADRNQILIKTNKYSPENCYAYSQYMMKAVRTNPMFSYLDLNIKRYWDLLIWMDKFNFSGL
ACIEIEEKENQDYTAVSQWQLKKFLSPIYQPEFEDWMMIILDSMLKTKQSYLKLNSGTQRPTQIVNVKKQDKEDSVENSL
NGFSHLFSKPLMKRVKKLFKNQQEFILDPQYEADYVIPVLPGSHLNVKNPLLELVKSLCHVMLLSKSTILEIRTLRKELL
KIFELREFAKVAEFKDPSLSLVVPDFLCEYCFFISDIDFCKAAPESIFSCVRCHKAFNQVLLQEHLIQKLRSDIESYLIQ
DLRCSRCHKVKRDYMSAHCPCAGAWEGTLPRESIVQKLNVFKQVAKYYGFDILLSCIADLTI
;
G
13 'polydeoxyribonucleotide'
;(DA)(DA)(DA)(DA)(DA)(DA)(DA)(DA)(DA)(DA)(DA)(DA)(DA)(DA)(DA)(DA)(DA)(DA)(DA)(DA)
(DA)(DA)(DA)(DA)(DA)(DA)
;
A
14 'polydeoxyribonucleotide'
;(DT)(DT)(DT)(DT)(DT)(DT)(DT)(DT)(DT)(DT)(DT)(DT)(DT)(DT)(DT)(DT)(DT)(DT)(DT)(DT)
(DT)(DT)(DT)(DT)(DT)(DT)
;
B
15 'polypeptide(L)'
;MSFDRPEIYSAPVLQGESPNDDDNTEIIKSFKNFILEFRLDSQFIYRDQLRNNILVKNYSLTVNMEHLIGYNEDIYKKLS
DEPSDIIPLFETAITQVAKRISILSRAQSANNNDKDPENTSMDTDSLLLNSLPTFQLILNSNANQIPLRDLDSEHVSKIV
RLSGIIISTSVLSSRATYLSIMCRNCRHTTSITINNFNSITGNTVSLPRSCLSTIESESSMANESNIGDESTKKNCGPDP
YIIIHESSKFIDQQFLKLQEIPELVPVGEMPRNLTMTCDRYLTNKVIPGTRVTIVGIYSIYNSKNGAGSGRSGGGNGGSG
VAIRTPYIKILGIQSDVETSSIWNSVTMFTEEEEEEFLQLSRNPKLYEILTNSIAPSIFGNEDIKKAIVCLLMGGSKKIL
PDGMRLRGDINVLLLGDPGTAKSQLLKFVEKVSPIAVYTSGKGSSAAGLTASVQRDPMTREFYLEGGAMVLADGGVVCID
EFDKMRDEDRVAIHEAMEQQTISIAKAGITTVLNSRTSVLAAANPIYGRYDDLKSPGDNIDFQTTILSRFDMIFIVKDDH
NEERDISIANHVINIHTGNANAMQNQQEENGSEISIEKMKRYITYCRLKCAPRLSPQAAEKLSSNFVTIRKQLLINELES
TERSSIPITIRQLEAIIRITESLAKLELSPIAQERHVDEAIRLFQASTMDAASQDPIGGLNQASGTSLSEIRRFEQELKR
RLPIGWSTSYQTLRREFVDTHRFSQLALDKALYALEKHETIQLRHQGQNIYRSGV
;
5
#
loop_
_chem_comp.id
_chem_comp.type
_chem_comp.name
_chem_comp.formula
ADP non-polymer ADENOSINE-5'-DIPHOSPHATE 'C10 H15 N5 O10 P2'
ATP non-polymer ADENOSINE-5'-TRIPHOSPHATE 'C10 H16 N5 O13 P3'
DA DNA linking 2'-DEOXYADENOSINE-5'-MONOPHOSPHATE 'C10 H14 N5 O6 P'
DT DNA linking THYMIDINE-5'-MONOPHOSPHATE 'C10 H15 N2 O8 P'
MG non-polymer 'MAGNESIUM ION' 'Mg 2'
ZN non-polymer 'ZINC ION' 'Zn 2'
#
# COMPACT_ATOMS: atom_id res chain seq x y z
N GLU A 180 25.13 -64.50 33.13
CA GLU A 180 25.40 -63.55 32.06
C GLU A 180 25.73 -64.27 30.76
N LEU A 181 25.53 -63.59 29.64
CA LEU A 181 25.79 -64.13 28.32
C LEU A 181 26.99 -63.40 27.70
N THR A 182 27.34 -63.82 26.49
CA THR A 182 28.48 -63.28 25.76
C THR A 182 28.04 -63.01 24.32
N LEU A 183 28.80 -62.17 23.61
CA LEU A 183 28.47 -61.88 22.21
C LEU A 183 28.38 -63.14 21.37
N GLU A 184 29.12 -64.19 21.74
CA GLU A 184 29.00 -65.46 21.04
C GLU A 184 27.65 -66.12 21.33
N SER A 185 27.12 -65.92 22.53
CA SER A 185 25.88 -66.56 22.94
C SER A 185 24.63 -65.90 22.38
N LEU A 186 24.73 -64.66 21.88
CA LEU A 186 23.58 -64.02 21.28
C LEU A 186 23.27 -64.58 19.90
N SER A 187 24.20 -65.35 19.32
CA SER A 187 23.96 -65.94 18.01
C SER A 187 22.83 -66.95 18.06
N ASN A 188 22.88 -67.87 19.03
CA ASN A 188 21.80 -68.84 19.19
C ASN A 188 20.55 -68.15 19.69
N VAL A 189 19.40 -68.55 19.13
CA VAL A 189 18.14 -67.90 19.41
C VAL A 189 17.14 -68.92 19.95
N LYS A 190 16.23 -68.47 20.80
CA LYS A 190 15.16 -69.32 21.34
C LYS A 190 13.85 -68.58 21.13
N ALA A 191 12.77 -69.20 21.60
CA ALA A 191 11.39 -68.71 21.55
C ALA A 191 10.85 -68.64 20.12
N ASN A 192 11.63 -69.06 19.11
CA ASN A 192 11.18 -69.11 17.72
C ASN A 192 10.80 -67.74 17.18
N SER A 193 11.13 -66.68 17.90
CA SER A 193 10.86 -65.32 17.46
C SER A 193 11.96 -64.41 18.00
N TYR A 194 12.44 -63.50 17.16
CA TYR A 194 13.53 -62.61 17.57
C TYR A 194 13.06 -61.59 18.61
N SER A 195 11.82 -61.13 18.50
CA SER A 195 11.34 -60.12 19.44
C SER A 195 11.33 -60.64 20.87
N GLU A 196 10.82 -61.86 21.07
CA GLU A 196 10.80 -62.44 22.41
C GLU A 196 12.21 -62.74 22.90
N TRP A 197 13.11 -63.12 21.99
CA TRP A 197 14.50 -63.35 22.37
C TRP A 197 15.16 -62.07 22.85
N ILE A 198 14.87 -60.96 22.18
CA ILE A 198 15.45 -59.68 22.57
C ILE A 198 14.86 -59.19 23.89
N THR A 199 13.56 -59.38 24.09
CA THR A 199 12.92 -58.78 25.25
C THR A 199 13.13 -59.57 26.54
N GLN A 200 13.84 -60.70 26.49
CA GLN A 200 14.08 -61.46 27.70
C GLN A 200 15.00 -60.68 28.65
N PRO A 201 14.79 -60.78 29.96
CA PRO A 201 15.57 -59.95 30.89
C PRO A 201 17.07 -60.20 30.84
N ASN A 202 17.51 -61.44 30.62
CA ASN A 202 18.94 -61.72 30.62
C ASN A 202 19.60 -61.23 29.34
N VAL A 203 18.90 -61.33 28.22
CA VAL A 203 19.46 -60.88 26.94
C VAL A 203 19.55 -59.36 26.90
N SER A 204 18.53 -58.68 27.43
CA SER A 204 18.47 -57.22 27.40
C SER A 204 19.51 -56.56 28.30
N ARG A 205 20.16 -57.31 29.19
CA ARG A 205 21.27 -56.79 29.98
C ARG A 205 22.60 -56.89 29.26
N THR A 206 22.81 -57.95 28.48
CA THR A 206 23.98 -58.05 27.62
C THR A 206 23.91 -57.09 26.44
N ILE A 207 22.73 -56.90 25.87
CA ILE A 207 22.57 -55.98 24.75
C ILE A 207 22.92 -54.56 25.17
N ALA A 208 22.44 -54.13 26.34
CA ALA A 208 22.72 -52.78 26.80
C ALA A 208 24.22 -52.57 27.04
N ARG A 209 24.88 -53.54 27.67
CA ARG A 209 26.30 -53.41 27.91
C ARG A 209 27.10 -53.37 26.61
N GLU A 210 26.75 -54.22 25.66
CA GLU A 210 27.45 -54.21 24.37
C GLU A 210 27.24 -52.89 23.64
N LEU A 211 26.01 -52.36 23.67
CA LEU A 211 25.74 -51.09 23.03
C LEU A 211 26.52 -49.95 23.70
N LYS A 212 26.61 -49.97 25.03
CA LYS A 212 27.39 -48.95 25.72
C LYS A 212 28.87 -49.05 25.40
N SER A 213 29.40 -50.28 25.32
CA SER A 213 30.79 -50.46 24.92
C SER A 213 31.03 -49.95 23.50
N PHE A 214 30.08 -50.20 22.60
CA PHE A 214 30.19 -49.66 21.24
C PHE A 214 30.21 -48.14 21.25
N LEU A 215 29.32 -47.53 22.05
CA LEU A 215 29.26 -46.07 22.11
C LEU A 215 30.55 -45.49 22.68
N LEU A 216 31.14 -46.14 23.68
CA LEU A 216 32.27 -45.54 24.38
C LEU A 216 33.58 -45.80 23.66
N GLU A 217 33.76 -47.00 23.11
CA GLU A 217 35.09 -47.47 22.72
C GLU A 217 35.34 -47.46 21.22
N TYR A 218 34.38 -47.06 20.40
CA TYR A 218 34.59 -47.09 18.96
C TYR A 218 35.55 -46.00 18.53
N THR A 219 36.48 -46.36 17.64
CA THR A 219 37.43 -45.42 17.07
C THR A 219 37.53 -45.67 15.57
N ASP A 220 37.76 -44.60 14.81
CA ASP A 220 37.92 -44.69 13.37
C ASP A 220 39.40 -44.87 13.04
N GLU A 221 39.75 -44.70 11.77
CA GLU A 221 41.12 -44.94 11.33
C GLU A 221 42.10 -44.00 12.03
N THR A 222 41.74 -42.72 12.17
CA THR A 222 42.65 -41.76 12.77
C THR A 222 42.79 -41.94 14.28
N GLY A 223 41.92 -42.73 14.92
CA GLY A 223 42.06 -43.03 16.33
C GLY A 223 41.29 -42.14 17.28
N ARG A 224 40.33 -41.37 16.79
CA ARG A 224 39.53 -40.48 17.63
C ARG A 224 38.12 -41.03 17.77
N SER A 225 37.64 -41.09 19.01
CA SER A 225 36.28 -41.54 19.27
C SER A 225 35.28 -40.51 18.74
N VAL A 226 34.40 -40.95 17.85
CA VAL A 226 33.49 -40.02 17.18
C VAL A 226 32.25 -39.76 18.03
N TYR A 227 31.75 -40.79 18.73
CA TYR A 227 30.51 -40.63 19.46
C TYR A 227 30.72 -39.81 20.72
N GLY A 228 31.91 -39.85 21.31
CA GLY A 228 32.22 -38.94 22.40
C GLY A 228 32.15 -37.50 21.98
N ALA A 229 32.71 -37.18 20.80
CA ALA A 229 32.63 -35.82 20.28
C ALA A 229 31.20 -35.43 19.96
N ARG A 230 30.42 -36.35 19.40
CA ARG A 230 29.01 -36.06 19.11
C ARG A 230 28.24 -35.77 20.40
N ILE A 231 28.50 -36.55 21.46
CA ILE A 231 27.85 -36.29 22.73
C ILE A 231 28.28 -34.95 23.31
N ARG A 232 29.56 -34.60 23.16
CA ARG A 232 30.04 -33.30 23.63
C ARG A 232 29.32 -32.16 22.91
N THR A 233 29.15 -32.28 21.59
CA THR A 233 28.43 -31.26 20.83
C THR A 233 26.94 -31.23 21.17
N LEU A 234 26.36 -32.38 21.52
CA LEU A 234 24.93 -32.46 21.81
C LEU A 234 24.54 -31.51 22.93
N GLY A 235 25.28 -31.54 24.04
CA GLY A 235 24.96 -30.67 25.15
C GLY A 235 25.18 -29.21 24.82
N GLU A 236 26.26 -28.91 24.07
CA GLU A 236 26.53 -27.54 23.65
C GLU A 236 25.37 -26.97 22.86
N MET A 237 24.84 -27.74 21.90
CA MET A 237 23.77 -27.26 21.05
C MET A 237 22.39 -27.42 21.69
N ASN A 238 22.33 -27.96 22.90
CA ASN A 238 21.06 -28.28 23.56
C ASN A 238 20.19 -29.19 22.68
N SER A 239 20.85 -30.13 22.00
CA SER A 239 20.17 -31.05 21.10
C SER A 239 19.43 -32.11 21.91
N GLU A 240 18.53 -32.82 21.23
CA GLU A 240 17.70 -33.85 21.84
C GLU A 240 17.87 -35.19 21.12
N SER A 241 18.77 -35.25 20.15
CA SER A 241 18.90 -36.42 19.31
C SER A 241 20.37 -36.76 19.10
N LEU A 242 20.65 -38.03 18.84
CA LEU A 242 21.97 -38.52 18.54
C LEU A 242 21.94 -39.29 17.23
N GLU A 243 22.94 -39.06 16.39
CA GLU A 243 23.03 -39.70 15.08
C GLU A 243 24.07 -40.81 15.13
N VAL A 244 23.64 -42.03 14.81
CA VAL A 244 24.51 -43.21 14.83
C VAL A 244 24.53 -43.81 13.43
N ASN A 245 25.72 -44.05 12.91
CA ASN A 245 25.86 -44.63 11.58
C ASN A 245 25.68 -46.14 11.63
N TYR A 246 24.97 -46.69 10.64
CA TYR A 246 24.72 -48.13 10.63
C TYR A 246 25.95 -48.91 10.23
N ARG A 247 26.81 -48.32 9.39
CA ARG A 247 28.03 -49.00 8.96
C ARG A 247 28.97 -49.24 10.14
N HIS A 248 29.08 -48.27 11.04
CA HIS A 248 29.95 -48.43 12.20
C HIS A 248 29.47 -49.58 13.09
N LEU A 249 28.16 -49.67 13.32
CA LEU A 249 27.63 -50.69 14.22
C LEU A 249 27.51 -52.03 13.49
N ALA A 250 27.63 -52.04 12.17
CA ALA A 250 27.64 -53.30 11.43
C ALA A 250 29.05 -53.86 11.33
N GLU A 251 30.06 -53.00 11.18
CA GLU A 251 31.43 -53.46 11.06
C GLU A 251 31.88 -54.19 12.31
N SER A 252 31.54 -53.65 13.48
CA SER A 252 31.78 -54.32 14.75
C SER A 252 30.44 -54.55 15.44
N LYS A 253 30.27 -55.73 16.04
CA LYS A 253 29.02 -56.15 16.66
C LYS A 253 27.91 -56.23 15.60
N ALA A 254 28.14 -57.12 14.62
CA ALA A 254 27.21 -57.23 13.50
C ALA A 254 25.90 -57.89 13.91
N ILE A 255 25.92 -58.68 14.99
CA ILE A 255 24.70 -59.32 15.46
C ILE A 255 23.70 -58.26 15.94
N LEU A 256 24.20 -57.24 16.65
CA LEU A 256 23.33 -56.15 17.06
C LEU A 256 22.78 -55.40 15.85
N ALA A 257 23.59 -55.29 14.79
CA ALA A 257 23.12 -54.64 13.57
C ALA A 257 21.98 -55.44 12.94
N LEU A 258 22.11 -56.77 12.87
CA LEU A 258 21.04 -57.59 12.34
C LEU A 258 19.78 -57.49 13.21
N PHE A 259 19.95 -57.50 14.53
CA PHE A 259 18.81 -57.36 15.43
C PHE A 259 18.11 -56.03 15.24
N LEU A 260 18.87 -54.95 15.08
CA LEU A 260 18.27 -53.65 14.81
C LEU A 260 17.55 -53.64 13.47
N ALA A 261 18.13 -54.31 12.47
CA ALA A 261 17.51 -54.36 11.15
C ALA A 261 16.16 -55.06 11.20
N LYS A 262 16.06 -56.17 11.94
CA LYS A 262 14.82 -56.94 11.93
C LYS A 262 13.80 -56.41 12.94
N CYS A 263 14.26 -56.04 14.14
CA CYS A 263 13.37 -55.64 15.22
C CYS A 263 13.74 -54.24 15.70
N PRO A 264 13.18 -53.21 15.07
CA PRO A 264 13.53 -51.83 15.46
C PRO A 264 12.94 -51.38 16.78
N GLU A 265 11.66 -51.71 17.04
CA GLU A 265 10.94 -51.08 18.14
C GLU A 265 11.57 -51.41 19.50
N GLU A 266 11.92 -52.68 19.71
CA GLU A 266 12.47 -53.07 21.01
C GLU A 266 13.93 -52.64 21.14
N MET A 267 14.69 -52.66 20.04
CA MET A 267 16.08 -52.23 20.10
C MET A 267 16.20 -50.74 20.38
N LEU A 268 15.33 -49.93 19.78
CA LEU A 268 15.41 -48.49 19.94
C LEU A 268 15.13 -48.03 21.37
N LYS A 269 14.22 -48.68 22.08
CA LYS A 269 13.96 -48.32 23.47
C LYS A 269 15.20 -48.51 24.33
N ILE A 270 15.90 -49.64 24.16
CA ILE A 270 17.12 -49.90 24.92
C ILE A 270 18.22 -48.93 24.50
N PHE A 271 18.32 -48.66 23.19
CA PHE A 271 19.44 -47.87 22.71
C PHE A 271 19.29 -46.41 23.12
N ASP A 272 18.05 -45.91 23.21
CA ASP A 272 17.83 -44.57 23.74
C ASP A 272 18.25 -44.46 25.19
N LEU A 273 17.92 -45.47 26.01
CA LEU A 273 18.31 -45.45 27.41
C LEU A 273 19.82 -45.47 27.56
N VAL A 274 20.51 -46.33 26.79
CA VAL A 274 21.95 -46.39 26.91
C VAL A 274 22.59 -45.11 26.38
N ALA A 275 21.96 -44.49 25.38
CA ALA A 275 22.46 -43.21 24.88
C ALA A 275 22.35 -42.13 25.95
N MET A 276 21.24 -42.07 26.67
CA MET A 276 21.11 -41.10 27.75
C MET A 276 22.12 -41.37 28.86
N GLU A 277 22.33 -42.65 29.19
CA GLU A 277 23.33 -42.98 30.21
C GLU A 277 24.73 -42.55 29.78
N ALA A 278 25.06 -42.75 28.50
CA ALA A 278 26.36 -42.31 28.00
C ALA A 278 26.46 -40.79 27.98
N THR A 279 25.36 -40.11 27.67
CA THR A 279 25.33 -38.64 27.67
C THR A 279 25.53 -38.07 29.07
N GLU A 280 25.01 -38.73 30.10
CA GLU A 280 25.16 -38.23 31.46
C GLU A 280 26.53 -38.51 32.05
N LEU A 281 27.51 -38.88 31.23
CA LEU A 281 28.90 -38.97 31.66
C LEU A 281 29.73 -37.75 31.28
N HIS A 282 29.24 -36.94 30.34
CA HIS A 282 29.86 -35.66 29.99
C HIS A 282 29.10 -34.47 30.55
N TYR A 283 27.78 -34.58 30.67
CA TYR A 283 26.96 -33.50 31.22
C TYR A 283 26.08 -34.08 32.31
N PRO A 284 26.60 -34.23 33.52
CA PRO A 284 25.73 -34.57 34.65
C PRO A 284 24.72 -33.46 34.91
N ASP A 285 23.56 -33.87 35.43
CA ASP A 285 22.39 -33.03 35.66
C ASP A 285 21.76 -32.58 34.35
N TYR A 286 22.05 -33.24 33.23
CA TYR A 286 21.44 -32.86 31.96
C TYR A 286 19.95 -33.18 31.91
N ALA A 287 19.44 -33.93 32.88
CA ALA A 287 18.02 -34.26 32.89
C ALA A 287 17.14 -33.05 33.13
N ARG A 288 17.70 -31.95 33.61
CA ARG A 288 16.93 -30.73 33.79
C ARG A 288 16.69 -30.00 32.48
N ILE A 289 17.50 -30.28 31.45
CA ILE A 289 17.25 -29.71 30.12
C ILE A 289 16.30 -30.61 29.33
N HIS A 290 16.72 -31.84 29.06
CA HIS A 290 15.90 -32.79 28.32
C HIS A 290 15.87 -34.10 29.09
N SER A 291 14.70 -34.76 29.08
CA SER A 291 14.50 -35.96 29.87
C SER A 291 14.81 -37.25 29.12
N GLU A 292 14.76 -37.24 27.78
CA GLU A 292 15.09 -38.41 26.99
C GLU A 292 15.96 -38.01 25.81
N ILE A 293 16.81 -38.94 25.39
CA ILE A 293 17.67 -38.76 24.22
C ILE A 293 17.20 -39.71 23.14
N HIS A 294 16.92 -39.17 21.96
CA HIS A 294 16.46 -39.97 20.83
C HIS A 294 17.63 -40.31 19.92
N VAL A 295 17.53 -41.44 19.22
CA VAL A 295 18.61 -41.93 18.37
C VAL A 295 18.13 -41.94 16.92
N ARG A 296 18.94 -41.37 16.04
CA ARG A 296 18.62 -41.23 14.62
C ARG A 296 19.56 -42.14 13.83
N ILE A 297 19.00 -43.15 13.17
CA ILE A 297 19.81 -44.09 12.40
C ILE A 297 20.12 -43.51 11.02
N SER A 298 21.34 -43.78 10.54
CA SER A 298 21.82 -43.21 9.29
C SER A 298 22.44 -44.29 8.42
N ASP A 299 22.39 -44.07 7.11
CA ASP A 299 23.07 -44.90 6.12
C ASP A 299 22.63 -46.36 6.22
N PHE A 300 21.32 -46.60 6.20
CA PHE A 300 20.83 -47.96 6.08
C PHE A 300 21.20 -48.52 4.72
N PRO A 301 21.68 -49.77 4.64
CA PRO A 301 22.24 -50.25 3.37
C PRO A 301 21.21 -50.41 2.25
N THR A 302 20.06 -51.00 2.52
CA THR A 302 19.08 -51.31 1.50
C THR A 302 18.09 -50.15 1.36
N ILE A 303 17.89 -49.69 0.13
CA ILE A 303 16.96 -48.61 -0.17
C ILE A 303 15.84 -49.18 -1.03
N TYR A 304 14.60 -48.94 -0.62
CA TYR A 304 13.43 -49.41 -1.34
C TYR A 304 12.71 -48.25 -2.02
N SER A 305 11.84 -48.61 -2.95
CA SER A 305 10.89 -47.68 -3.53
C SER A 305 9.49 -47.98 -3.01
N LEU A 306 8.60 -46.99 -3.10
CA LEU A 306 7.25 -47.17 -2.57
C LEU A 306 6.49 -48.23 -3.37
N ARG A 307 6.90 -48.47 -4.61
CA ARG A 307 6.21 -49.45 -5.44
C ARG A 307 6.52 -50.89 -5.03
N GLU A 308 7.67 -51.13 -4.38
CA GLU A 308 8.12 -52.48 -4.09
C GLU A 308 8.01 -52.84 -2.61
N LEU A 309 7.11 -52.19 -1.87
CA LEU A 309 6.83 -52.54 -0.49
C LEU A 309 5.81 -53.66 -0.45
N ARG A 310 6.12 -54.73 0.29
CA ARG A 310 5.25 -55.88 0.41
C ARG A 310 5.04 -56.21 1.88
N GLU A 311 4.31 -57.31 2.13
CA GLU A 311 3.98 -57.68 3.49
C GLU A 311 5.16 -58.27 4.25
N SER A 312 6.20 -58.72 3.54
CA SER A 312 7.37 -59.26 4.22
C SER A 312 8.17 -58.18 4.94
N ASN A 313 7.92 -56.90 4.62
CA ASN A 313 8.62 -55.79 5.25
C ASN A 313 7.87 -55.26 6.47
N LEU A 314 6.81 -55.94 6.89
CA LEU A 314 6.02 -55.49 8.03
C LEU A 314 6.84 -55.59 9.31
N SER A 315 6.73 -54.54 10.14
CA SER A 315 7.45 -54.46 11.41
C SER A 315 8.96 -54.61 11.23
N SER A 316 9.52 -53.80 10.33
CA SER A 316 10.96 -53.80 10.09
C SER A 316 11.39 -52.40 9.66
N LEU A 317 12.69 -52.17 9.78
CA LEU A 317 13.24 -50.87 9.40
C LEU A 317 13.45 -50.80 7.89
N VAL A 318 12.98 -49.71 7.29
CA VAL A 318 13.03 -49.53 5.85
C VAL A 318 13.53 -48.12 5.53
N ARG A 319 14.03 -47.95 4.31
CA ARG A 319 14.55 -46.68 3.80
C ARG A 319 13.82 -46.38 2.50
N VAL A 320 13.11 -45.26 2.44
CA VAL A 320 12.24 -44.95 1.31
C VAL A 320 12.41 -43.49 0.91
N THR A 321 12.57 -43.25 -0.39
CA THR A 321 12.67 -41.91 -0.95
C THR A 321 11.32 -41.48 -1.51
N GLY A 322 11.02 -40.20 -1.41
CA GLY A 322 9.75 -39.71 -1.91
C GLY A 322 9.75 -38.20 -2.00
N VAL A 323 8.57 -37.66 -2.34
CA VAL A 323 8.37 -36.23 -2.48
C VAL A 323 7.25 -35.81 -1.52
N VAL A 324 7.54 -34.85 -0.64
CA VAL A 324 6.54 -34.35 0.27
C VAL A 324 5.44 -33.64 -0.50
N THR A 325 4.20 -33.92 -0.16
CA THR A 325 3.05 -33.32 -0.85
C THR A 325 2.18 -32.45 0.05
N ARG A 326 1.79 -32.94 1.22
CA ARG A 326 0.88 -32.23 2.11
C ARG A 326 1.24 -32.50 3.56
N ARG A 327 1.08 -31.49 4.41
CA ARG A 327 1.47 -31.57 5.81
C ARG A 327 0.33 -31.12 6.69
N THR A 328 0.03 -31.89 7.72
CA THR A 328 -1.15 -31.62 8.53
C THR A 328 -0.95 -30.41 9.45
N GLY A 329 0.22 -30.29 10.06
CA GLY A 329 0.45 -29.28 11.07
C GLY A 329 0.67 -29.90 12.44
N VAL A 330 1.19 -29.08 13.35
CA VAL A 330 1.65 -29.55 14.64
C VAL A 330 0.53 -29.45 15.67
N PHE A 331 0.22 -30.57 16.32
CA PHE A 331 -0.72 -30.65 17.42
C PHE A 331 -0.11 -31.42 18.57
N PRO A 332 -0.49 -31.12 19.81
CA PRO A 332 -0.03 -31.94 20.95
C PRO A 332 -0.75 -33.27 21.00
N GLN A 333 -0.01 -34.30 21.40
CA GLN A 333 -0.55 -35.65 21.52
C GLN A 333 -0.19 -36.23 22.87
N LEU A 334 -1.13 -37.00 23.43
CA LEU A 334 -0.92 -37.64 24.73
C LEU A 334 0.23 -38.64 24.67
N LYS A 335 0.98 -38.71 25.77
CA LYS A 335 2.11 -39.63 25.87
C LYS A 335 1.86 -40.71 26.90
N TYR A 336 1.54 -40.34 28.14
CA TYR A 336 1.17 -41.30 29.18
C TYR A 336 -0.31 -41.09 29.50
N VAL A 337 -1.15 -41.96 28.95
CA VAL A 337 -2.60 -41.83 29.05
C VAL A 337 -3.05 -42.42 30.38
N LYS A 338 -3.98 -41.73 31.03
CA LYS A 338 -4.54 -42.13 32.32
C LYS A 338 -6.05 -42.24 32.21
N PHE A 339 -6.65 -43.04 33.09
CA PHE A 339 -8.09 -43.17 33.16
C PHE A 339 -8.55 -43.21 34.61
N ASN A 340 -9.78 -42.75 34.82
CA ASN A 340 -10.41 -42.73 36.14
C ASN A 340 -11.83 -43.31 36.03
N CYS A 341 -12.16 -44.18 37.00
CA CYS A 341 -13.47 -44.80 37.09
C CYS A 341 -14.16 -44.31 38.36
N LEU A 342 -15.46 -43.99 38.24
CA LEU A 342 -16.13 -43.21 39.28
C LEU A 342 -16.68 -44.10 40.39
N LYS A 343 -17.33 -45.21 40.03
CA LYS A 343 -18.02 -46.00 41.06
C LYS A 343 -17.03 -46.65 42.02
N CYS A 344 -15.85 -47.04 41.52
CA CYS A 344 -14.75 -47.46 42.37
C CYS A 344 -13.71 -46.36 42.56
N GLY A 345 -13.84 -45.25 41.83
CA GLY A 345 -12.89 -44.16 41.94
C GLY A 345 -11.47 -44.56 41.62
N SER A 346 -11.29 -45.55 40.76
CA SER A 346 -9.96 -46.09 40.51
C SER A 346 -9.21 -45.24 39.51
N ILE A 347 -7.92 -45.07 39.76
CA ILE A 347 -6.99 -44.42 38.83
C ILE A 347 -6.12 -45.50 38.20
N LEU A 348 -6.07 -45.53 36.87
CA LEU A 348 -5.33 -46.56 36.16
C LEU A 348 -3.89 -46.10 35.91
N GLY A 349 -2.99 -47.08 35.82
CA GLY A 349 -1.59 -46.79 35.59
C GLY A 349 -1.36 -46.16 34.23
N PRO A 350 -0.24 -45.46 34.09
CA PRO A 350 0.07 -44.81 32.81
C PRO A 350 0.15 -45.81 31.68
N PHE A 351 -0.39 -45.45 30.53
CA PHE A 351 -0.37 -46.29 29.34
C PHE A 351 0.37 -45.56 28.23
N PHE A 352 1.29 -46.26 27.57
CA PHE A 352 2.03 -45.69 26.45
C PHE A 352 1.19 -45.81 25.19
N GLN A 353 0.86 -44.67 24.58
CA GLN A 353 -0.02 -44.68 23.42
C GLN A 353 0.76 -45.07 22.16
N ASP A 354 0.10 -45.83 21.29
CA ASP A 354 0.76 -46.36 20.10
C ASP A 354 1.02 -45.27 19.07
N SER A 355 0.36 -44.11 19.22
CA SER A 355 0.45 -42.97 18.31
C SER A 355 -0.26 -43.24 17.00
N ASN A 356 -0.78 -44.46 16.82
CA ASN A 356 -1.64 -44.78 15.69
C ASN A 356 -2.86 -45.61 16.07
N GLU A 357 -2.98 -46.02 17.33
CA GLU A 357 -4.13 -46.78 17.80
C GLU A 357 -4.56 -46.24 19.15
N GLU A 358 -5.85 -45.98 19.28
CA GLU A 358 -6.37 -45.43 20.53
C GLU A 358 -6.25 -46.45 21.66
N ILE A 359 -5.84 -45.97 22.84
CA ILE A 359 -5.72 -46.86 23.99
C ILE A 359 -7.09 -47.35 24.39
N ARG A 360 -7.26 -48.67 24.43
CA ARG A 360 -8.54 -49.29 24.74
C ARG A 360 -8.40 -50.04 26.06
N ILE A 361 -9.18 -49.61 27.05
CA ILE A 361 -9.21 -50.25 28.36
C ILE A 361 -10.67 -50.42 28.77
N SER A 362 -11.02 -51.62 29.21
CA SER A 362 -12.39 -51.90 29.67
C SER A 362 -12.45 -52.62 31.01
N PHE A 363 -11.37 -53.22 31.49
CA PHE A 363 -11.36 -53.97 32.73
C PHE A 363 -10.71 -53.17 33.85
N CYS A 364 -11.30 -53.28 35.04
CA CYS A 364 -10.81 -52.61 36.23
C CYS A 364 -10.07 -53.60 37.11
N THR A 365 -8.93 -53.16 37.67
CA THR A 365 -8.24 -53.99 38.66
C THR A 365 -8.97 -53.94 40.00
N ASN A 366 -9.76 -52.89 40.24
CA ASN A 366 -10.48 -52.71 41.49
C ASN A 366 -11.99 -52.79 41.33
N CYS A 367 -12.55 -52.11 40.33
CA CYS A 367 -14.00 -52.06 40.15
C CYS A 367 -14.55 -53.43 39.76
N LYS A 368 -13.72 -54.29 39.17
CA LYS A 368 -14.07 -55.64 38.73
C LYS A 368 -15.17 -55.67 37.68
N SER A 369 -15.57 -54.52 37.13
CA SER A 369 -16.67 -54.49 36.19
C SER A 369 -16.53 -53.27 35.29
N LYS A 370 -17.38 -53.21 34.26
CA LYS A 370 -17.36 -52.09 33.34
C LYS A 370 -17.75 -50.81 34.06
N GLY A 371 -16.99 -49.75 33.82
CA GLY A 371 -17.24 -48.47 34.43
C GLY A 371 -16.86 -47.32 33.52
N PRO A 372 -17.52 -46.17 33.70
CA PRO A 372 -17.16 -44.98 32.91
C PRO A 372 -15.70 -44.58 33.14
N PHE A 373 -15.02 -44.19 32.06
CA PHE A 373 -13.60 -43.86 32.12
C PHE A 373 -13.40 -42.42 31.68
N ARG A 374 -12.75 -41.63 32.52
CA ARG A 374 -12.40 -40.25 32.18
C ARG A 374 -10.98 -40.21 31.61
N VAL A 375 -10.59 -39.02 31.16
CA VAL A 375 -9.27 -38.80 30.59
C VAL A 375 -8.26 -38.37 31.66
N ASN A 376 -8.70 -38.25 32.92
CA ASN A 376 -7.86 -37.73 34.00
C ASN A 376 -7.32 -36.35 33.65
N GLY A 377 -8.24 -35.39 33.55
CA GLY A 377 -7.92 -34.03 33.15
C GLY A 377 -6.75 -33.42 33.88
N GLU A 378 -5.84 -32.80 33.12
CA GLU A 378 -4.63 -32.17 33.62
C GLU A 378 -3.66 -33.20 34.20
N LYS A 379 -2.46 -32.75 34.55
CA LYS A 379 -1.40 -33.63 35.07
C LYS A 379 -1.12 -34.74 34.05
N THR A 380 -0.55 -34.37 32.91
CA THR A 380 -0.21 -35.29 31.85
C THR A 380 0.91 -34.73 30.99
N VAL A 381 1.57 -35.61 30.25
CA VAL A 381 2.71 -35.25 29.41
C VAL A 381 2.32 -35.39 27.94
N TYR A 382 2.68 -34.40 27.14
CA TYR A 382 2.34 -34.37 25.72
C TYR A 382 3.60 -34.47 24.86
N ARG A 383 3.38 -34.77 23.58
CA ARG A 383 4.43 -34.78 22.57
C ARG A 383 3.94 -34.07 21.34
N ASN A 384 4.87 -33.63 20.49
CA ASN A 384 4.51 -33.01 19.22
C ASN A 384 4.27 -34.08 18.16
N TYR A 385 3.19 -33.93 17.41
CA TYR A 385 2.76 -34.90 16.41
C TYR A 385 2.46 -34.20 15.11
N GLN A 386 2.82 -34.83 14.00
CA GLN A 386 2.52 -34.29 12.67
C GLN A 386 2.43 -35.44 11.68
N ARG A 387 1.73 -35.20 10.57
CA ARG A 387 1.54 -36.22 9.55
C ARG A 387 1.81 -35.62 8.17
N VAL A 388 2.42 -36.44 7.31
CA VAL A 388 2.79 -36.03 5.97
C VAL A 388 2.50 -37.18 5.00
N THR A 389 2.38 -36.83 3.72
CA THR A 389 2.12 -37.79 2.64
C THR A 389 3.29 -37.76 1.66
N LEU A 390 3.86 -38.92 1.38
CA LEU A 390 4.99 -39.03 0.45
C LEU A 390 4.53 -39.68 -0.84
N GLN A 391 4.62 -38.95 -1.95
CA GLN A 391 4.43 -39.50 -3.27
C GLN A 391 5.77 -40.00 -3.82
N GLU A 392 5.71 -40.79 -4.88
CA GLU A 392 6.94 -41.22 -5.52
C GLU A 392 7.52 -40.09 -6.36
N ALA A 393 8.85 -40.03 -6.39
CA ALA A 393 9.53 -39.00 -7.17
C ALA A 393 9.32 -39.23 -8.66
N PRO A 394 9.17 -38.17 -9.45
CA PRO A 394 8.94 -38.34 -10.89
C PRO A 394 10.08 -39.09 -11.58
N GLY A 395 11.31 -38.91 -11.13
CA GLY A 395 12.42 -39.63 -11.74
C GLY A 395 12.35 -41.12 -11.51
N THR A 396 11.96 -41.54 -10.31
CA THR A 396 11.86 -42.96 -9.98
C THR A 396 10.70 -43.63 -10.71
N VAL A 397 9.57 -42.95 -10.85
CA VAL A 397 8.39 -43.52 -11.49
C VAL A 397 8.70 -43.88 -12.94
N PRO A 398 8.31 -45.07 -13.40
CA PRO A 398 8.48 -45.41 -14.82
C PRO A 398 7.73 -44.43 -15.70
N PRO A 399 8.25 -44.12 -16.88
CA PRO A 399 7.63 -43.11 -17.74
C PRO A 399 6.22 -43.53 -18.17
N GLY A 400 5.22 -42.75 -17.74
CA GLY A 400 3.86 -42.95 -18.15
C GLY A 400 2.98 -43.71 -17.19
N ARG A 401 3.47 -44.01 -15.98
CA ARG A 401 2.71 -44.76 -15.00
C ARG A 401 2.29 -43.86 -13.83
N LEU A 402 1.23 -44.27 -13.16
CA LEU A 402 0.69 -43.50 -12.04
C LEU A 402 1.57 -43.68 -10.80
N PRO A 403 1.78 -42.62 -10.02
CA PRO A 403 2.60 -42.75 -8.82
C PRO A 403 1.84 -43.39 -7.67
N ARG A 404 2.59 -43.76 -6.64
CA ARG A 404 2.04 -44.32 -5.42
C ARG A 404 2.39 -43.41 -4.25
N HIS A 405 1.57 -43.48 -3.20
CA HIS A 405 1.74 -42.61 -2.05
C HIS A 405 1.59 -43.41 -0.77
N ARG A 406 2.17 -42.87 0.32
CA ARG A 406 2.08 -43.47 1.64
C ARG A 406 2.05 -42.37 2.68
N GLU A 407 1.67 -42.74 3.90
CA GLU A 407 1.53 -41.80 5.00
C GLU A 407 2.66 -42.00 6.02
N VAL A 408 3.19 -40.89 6.52
CA VAL A 408 4.32 -40.88 7.43
C VAL A 408 3.96 -40.03 8.65
N ILE A 409 4.23 -40.57 9.84
CA ILE A 409 3.98 -39.89 11.10
C ILE A 409 5.31 -39.40 11.65
N LEU A 410 5.38 -38.10 11.91
CA LEU A 410 6.56 -37.43 12.47
C LEU A 410 6.28 -37.09 13.92
N LEU A 411 7.15 -37.52 14.81
CA LEU A 411 6.99 -37.26 16.23
C LEU A 411 7.83 -36.05 16.64
N ALA A 412 7.97 -35.86 17.95
CA ALA A 412 8.69 -34.71 18.48
C ALA A 412 10.13 -34.71 18.01
N ASP A 413 10.69 -33.51 17.83
CA ASP A 413 12.04 -33.20 17.37
C ASP A 413 12.13 -33.37 15.85
N LEU A 414 11.13 -33.97 15.21
CA LEU A 414 11.13 -34.17 13.77
C LEU A 414 10.07 -33.34 13.06
N VAL A 415 9.33 -32.49 13.78
CA VAL A 415 8.26 -31.72 13.18
C VAL A 415 8.85 -30.50 12.49
N ASP A 416 8.28 -30.15 11.34
CA ASP A 416 8.59 -28.99 10.50
C ASP A 416 9.97 -29.10 9.84
N VAL A 417 10.63 -30.25 9.92
CA VAL A 417 11.90 -30.41 9.23
C VAL A 417 11.70 -30.45 7.72
N SER A 418 10.70 -31.21 7.27
CA SER A 418 10.39 -31.34 5.85
C SER A 418 9.32 -30.33 5.46
N LYS A 419 9.44 -29.79 4.24
CA LYS A 419 8.54 -28.75 3.79
C LYS A 419 7.77 -29.21 2.56
N PRO A 420 6.56 -28.68 2.35
CA PRO A 420 5.75 -29.13 1.20
C PRO A 420 6.35 -28.72 -0.13
N GLY A 421 6.83 -29.70 -0.89
CA GLY A 421 7.44 -29.44 -2.18
C GLY A 421 8.82 -30.02 -2.31
N GLU A 422 9.48 -30.28 -1.18
CA GLU A 422 10.83 -30.82 -1.18
C GLU A 422 10.79 -32.32 -1.48
N GLU A 423 11.96 -32.86 -1.82
CA GLU A 423 12.15 -34.29 -2.01
C GLU A 423 13.03 -34.82 -0.90
N VAL A 424 12.59 -35.88 -0.24
CA VAL A 424 13.12 -36.31 1.04
C VAL A 424 13.39 -37.81 1.00
N GLU A 425 14.24 -38.26 1.91
CA GLU A 425 14.50 -39.68 2.14
C GLU A 425 14.24 -39.97 3.62
N VAL A 426 13.38 -40.93 3.90
CA VAL A 426 12.95 -41.22 5.27
C VAL A 426 13.31 -42.66 5.61
N THR A 427 13.93 -42.84 6.77
CA THR A 427 14.13 -44.15 7.36
C THR A 427 13.13 -44.33 8.50
N GLY A 428 12.43 -45.46 8.50
CA GLY A 428 11.36 -45.63 9.46
C GLY A 428 10.96 -47.07 9.60
N ILE A 429 9.80 -47.27 10.25
CA ILE A 429 9.25 -48.58 10.54
C ILE A 429 7.93 -48.71 9.79
N TYR A 430 7.74 -49.84 9.12
CA TYR A 430 6.55 -50.08 8.32
C TYR A 430 5.56 -50.91 9.13
N LYS A 431 4.35 -50.36 9.33
CA LYS A 431 3.38 -50.94 10.25
C LYS A 431 2.06 -51.16 9.55
N ASN A 432 1.15 -51.85 10.23
CA ASN A 432 -0.18 -52.13 9.74
C ASN A 432 -1.22 -51.88 10.82
N ASN A 433 -2.46 -51.62 10.40
CA ASN A 433 -3.54 -51.34 11.34
C ASN A 433 -4.87 -51.69 10.65
N TYR A 434 -5.88 -51.97 11.46
CA TYR A 434 -7.18 -52.38 10.97
C TYR A 434 -8.08 -51.17 10.75
N ASP A 435 -8.68 -51.07 9.57
CA ASP A 435 -9.57 -49.98 9.22
C ASP A 435 -10.91 -50.53 8.76
N GLY A 436 -11.99 -50.03 9.36
CA GLY A 436 -13.31 -50.52 8.99
C GLY A 436 -13.73 -50.13 7.59
N ASN A 437 -13.47 -48.89 7.20
CA ASN A 437 -13.87 -48.42 5.87
C ASN A 437 -13.13 -49.18 4.77
N LEU A 438 -11.84 -49.47 4.97
CA LEU A 438 -11.09 -50.21 3.97
C LEU A 438 -11.67 -51.61 3.76
N ASN A 439 -12.06 -52.27 4.84
CA ASN A 439 -12.73 -53.57 4.75
C ASN A 439 -14.12 -53.46 4.14
N ALA A 440 -14.82 -52.36 4.39
CA ALA A 440 -16.19 -52.21 3.88
C ALA A 440 -16.19 -51.97 2.38
N LYS A 441 -15.30 -51.10 1.89
CA LYS A 441 -15.32 -50.75 0.47
C LYS A 441 -14.78 -51.88 -0.41
N ASN A 442 -13.57 -52.33 -0.12
CA ASN A 442 -12.94 -53.37 -0.94
C ASN A 442 -13.70 -54.68 -0.87
N GLY A 443 -14.16 -55.06 0.32
CA GLY A 443 -14.89 -56.30 0.51
C GLY A 443 -14.08 -57.46 1.04
N PHE A 444 -12.81 -57.24 1.38
CA PHE A 444 -11.93 -58.27 1.92
C PHE A 444 -11.24 -57.70 3.15
N PRO A 445 -10.81 -58.57 4.08
CA PRO A 445 -10.17 -58.10 5.32
C PRO A 445 -8.76 -57.56 5.08
N VAL A 446 -8.67 -56.44 4.36
CA VAL A 446 -7.39 -55.81 4.09
C VAL A 446 -7.09 -54.78 5.17
N PHE A 447 -5.80 -54.47 5.34
CA PHE A 447 -5.35 -53.60 6.41
C PHE A 447 -4.67 -52.36 5.82
N ALA A 448 -4.66 -51.29 6.62
CA ALA A 448 -3.99 -50.06 6.24
C ALA A 448 -2.55 -50.05 6.74
N THR A 449 -1.69 -49.36 6.00
CA THR A 449 -0.27 -49.28 6.34
C THR A 449 0.13 -47.83 6.52
N ILE A 450 1.17 -47.61 7.33
CA ILE A 450 1.68 -46.28 7.63
C ILE A 450 3.11 -46.43 8.12
N ILE A 451 3.92 -45.38 7.97
CA ILE A 451 5.33 -45.41 8.35
C ILE A 451 5.55 -44.41 9.47
N GLU A 452 6.14 -44.87 10.56
CA GLU A 452 6.55 -43.98 11.64
C GLU A 452 8.00 -43.55 11.42
N ALA A 453 8.21 -42.26 11.18
CA ALA A 453 9.51 -41.77 10.71
C ALA A 453 10.55 -41.82 11.82
N ASN A 454 11.74 -42.30 11.48
CA ASN A 454 12.89 -42.28 12.36
C ASN A 454 13.95 -41.26 11.95
N SER A 455 14.33 -41.23 10.68
CA SER A 455 15.37 -40.34 10.19
C SER A 455 14.91 -39.66 8.91
N ILE A 456 15.34 -38.41 8.74
CA ILE A 456 14.98 -37.59 7.58
C ILE A 456 16.27 -37.03 6.97
N LYS A 457 16.40 -37.16 5.65
CA LYS A 457 17.52 -36.59 4.92
C LYS A 457 17.00 -35.85 3.69
N ARG A 458 17.47 -34.63 3.49
CA ARG A 458 17.03 -33.83 2.36
C ARG A 458 17.87 -34.13 1.13
N ARG A 459 17.20 -34.22 -0.02
CA ARG A 459 17.86 -34.51 -1.30
C ARG A 459 17.38 -33.56 -2.39
N GLU A 460 17.00 -32.34 -2.02
CA GLU A 460 16.48 -31.38 -2.98
C GLU A 460 17.65 -30.62 -3.61
N GLY A 461 17.94 -30.92 -4.86
CA GLY A 461 19.04 -30.31 -5.58
C GLY A 461 20.36 -31.05 -5.45
N ASN A 462 20.41 -32.13 -4.67
CA ASN A 462 21.65 -32.83 -4.38
C ASN A 462 21.86 -33.94 -5.41
N THR A 463 22.96 -33.86 -6.15
CA THR A 463 23.43 -34.96 -6.98
C THR A 463 24.63 -35.69 -6.38
N ALA A 464 25.21 -35.17 -5.30
CA ALA A 464 26.31 -35.84 -4.62
C ALA A 464 25.85 -36.96 -3.71
N ASN A 465 24.59 -37.39 -3.81
CA ASN A 465 24.09 -38.49 -3.00
C ASN A 465 24.75 -39.82 -3.38
N GLU A 466 25.46 -39.87 -4.49
CA GLU A 466 26.15 -41.09 -4.89
C GLU A 466 27.17 -41.51 -3.83
N GLY A 467 27.83 -40.54 -3.21
CA GLY A 467 28.74 -40.84 -2.12
C GLY A 467 28.31 -40.18 -0.83
N GLU A 468 29.28 -39.96 0.08
CA GLU A 468 29.09 -39.19 1.31
C GLU A 468 28.27 -39.97 2.34
N GLU A 469 28.51 -39.70 3.62
CA GLU A 469 27.87 -40.43 4.71
C GLU A 469 27.31 -39.43 5.71
N GLY A 470 26.08 -39.68 6.18
CA GLY A 470 25.46 -38.84 7.18
C GLY A 470 24.10 -38.32 6.78
N LEU A 471 23.44 -37.59 7.68
CA LEU A 471 22.14 -36.99 7.40
C LEU A 471 22.23 -35.61 6.78
N ASP A 472 23.33 -34.89 6.99
CA ASP A 472 23.55 -33.59 6.39
C ASP A 472 25.02 -33.47 6.04
N VAL A 473 25.31 -33.35 4.74
CA VAL A 473 26.69 -33.27 4.27
C VAL A 473 27.22 -31.85 4.26
N PHE A 474 26.42 -30.88 4.70
CA PHE A 474 26.85 -29.50 4.81
C PHE A 474 27.18 -29.10 6.24
N SER A 475 27.25 -30.06 7.15
CA SER A 475 27.53 -29.82 8.55
C SER A 475 28.94 -30.27 8.88
N TRP A 476 29.54 -29.63 9.87
CA TRP A 476 30.95 -29.81 10.19
C TRP A 476 31.12 -30.29 11.62
N THR A 477 32.26 -30.93 11.86
CA THR A 477 32.69 -31.31 13.19
C THR A 477 33.78 -30.36 13.69
N GLU A 478 34.21 -30.59 14.93
CA GLU A 478 35.17 -29.67 15.55
C GLU A 478 36.51 -29.70 14.84
N GLU A 479 37.01 -30.88 14.50
CA GLU A 479 38.30 -30.95 13.81
C GLU A 479 38.20 -30.34 12.42
N GLU A 480 37.03 -30.45 11.78
CA GLU A 480 36.85 -29.83 10.47
C GLU A 480 36.85 -28.31 10.57
N GLU A 481 36.23 -27.76 11.61
CA GLU A 481 36.28 -26.31 11.83
C GLU A 481 37.70 -25.85 12.12
N ARG A 482 38.45 -26.64 12.89
CA ARG A 482 39.85 -26.30 13.14
C ARG A 482 40.67 -26.33 11.86
N GLU A 483 40.40 -27.31 10.99
CA GLU A 483 41.07 -27.34 9.69
C GLU A 483 40.68 -26.14 8.83
N PHE A 484 39.42 -25.71 8.88
CA PHE A 484 39.00 -24.50 8.19
C PHE A 484 39.82 -23.31 8.66
N ARG A 485 39.92 -23.12 9.96
CA ARG A 485 40.67 -21.98 10.48
C ARG A 485 42.17 -22.12 10.21
N LYS A 486 42.66 -23.35 10.05
CA LYS A 486 44.06 -23.54 9.70
C LYS A 486 44.34 -23.14 8.26
N ILE A 487 43.47 -23.55 7.33
CA ILE A 487 43.71 -23.25 5.92
C ILE A 487 43.25 -21.85 5.56
N SER A 488 42.53 -21.17 6.45
CA SER A 488 42.03 -19.84 6.13
C SER A 488 43.11 -18.77 6.26
N ARG A 489 44.20 -19.05 6.98
CA ARG A 489 45.25 -18.06 7.16
C ARG A 489 46.40 -18.21 6.16
N ASP A 490 46.32 -19.16 5.24
CA ASP A 490 47.33 -19.24 4.19
C ASP A 490 47.14 -18.10 3.20
N ARG A 491 48.25 -17.53 2.75
CA ARG A 491 48.20 -16.50 1.73
C ARG A 491 47.82 -17.11 0.39
N GLY A 492 46.95 -16.40 -0.34
CA GLY A 492 46.45 -16.90 -1.59
C GLY A 492 45.31 -17.89 -1.49
N ILE A 493 44.54 -17.85 -0.39
CA ILE A 493 43.39 -18.74 -0.27
C ILE A 493 42.33 -18.40 -1.31
N ILE A 494 42.21 -17.11 -1.65
CA ILE A 494 41.23 -16.69 -2.65
C ILE A 494 41.56 -17.28 -4.00
N ASP A 495 42.86 -17.28 -4.36
CA ASP A 495 43.27 -17.85 -5.63
C ASP A 495 42.95 -19.34 -5.72
N LYS A 496 43.22 -20.09 -4.66
CA LYS A 496 42.89 -21.51 -4.66
C LYS A 496 41.39 -21.76 -4.70
N ILE A 497 40.61 -20.95 -3.98
CA ILE A 497 39.16 -21.09 -4.02
C ILE A 497 38.65 -20.84 -5.44
N ILE A 498 39.15 -19.80 -6.11
CA ILE A 498 38.74 -19.53 -7.49
C ILE A 498 39.17 -20.67 -8.41
N SER A 499 40.40 -21.16 -8.25
CA SER A 499 40.88 -22.24 -9.10
C SER A 499 40.11 -23.54 -8.89
N SER A 500 39.49 -23.73 -7.72
CA SER A 500 38.75 -24.94 -7.42
C SER A 500 37.32 -24.92 -7.92
N MET A 501 36.87 -23.80 -8.52
CA MET A 501 35.52 -23.73 -9.06
C MET A 501 35.48 -24.33 -10.45
N ALA A 502 34.66 -25.38 -10.62
CA ALA A 502 34.53 -26.09 -11.88
C ALA A 502 35.89 -26.47 -12.45
N PRO A 503 36.64 -27.35 -11.78
CA PRO A 503 38.03 -27.59 -12.20
C PRO A 503 38.18 -28.14 -13.61
N SER A 504 37.23 -28.94 -14.09
CA SER A 504 37.43 -29.60 -15.37
C SER A 504 37.16 -28.67 -16.55
N ILE A 505 36.51 -27.53 -16.30
CA ILE A 505 36.36 -26.52 -17.34
C ILE A 505 37.65 -25.72 -17.45
N TYR A 506 38.11 -25.50 -18.68
CA TYR A 506 39.38 -24.85 -18.94
C TYR A 506 39.17 -23.36 -19.20
N GLY A 507 39.94 -22.52 -18.52
CA GLY A 507 39.86 -21.09 -18.73
C GLY A 507 38.64 -20.46 -18.09
N HIS A 508 38.24 -19.32 -18.66
CA HIS A 508 37.08 -18.55 -18.20
C HIS A 508 37.20 -18.21 -16.72
N ARG A 509 38.34 -17.66 -16.35
CA ARG A 509 38.62 -17.34 -14.95
C ARG A 509 37.73 -16.24 -14.40
N ASP A 510 37.32 -15.27 -15.22
CA ASP A 510 36.41 -14.24 -14.76
C ASP A 510 35.04 -14.81 -14.38
N ILE A 511 34.55 -15.78 -15.17
CA ILE A 511 33.31 -16.45 -14.83
C ILE A 511 33.45 -17.18 -13.50
N LYS A 512 34.57 -17.85 -13.28
CA LYS A 512 34.79 -18.56 -12.03
C LYS A 512 34.86 -17.59 -10.86
N THR A 513 35.51 -16.45 -11.03
CA THR A 513 35.56 -15.45 -9.97
C THR A 513 34.17 -14.92 -9.64
N ALA A 514 33.37 -14.64 -10.66
CA ALA A 514 32.01 -14.17 -10.43
C ALA A 514 31.18 -15.22 -9.72
N VAL A 515 31.33 -16.49 -10.12
CA VAL A 515 30.58 -17.57 -9.48
C VAL A 515 30.97 -17.70 -8.01
N ALA A 516 32.27 -17.62 -7.71
CA ALA A 516 32.72 -17.70 -6.32
C ALA A 516 32.18 -16.54 -5.50
N CYS A 517 32.21 -15.33 -6.07
CA CYS A 517 31.72 -14.16 -5.35
C CYS A 517 30.22 -14.29 -5.07
N SER A 518 29.46 -14.78 -6.05
CA SER A 518 28.04 -15.00 -5.83
C SER A 518 27.79 -16.07 -4.78
N LEU A 519 28.58 -17.15 -4.81
CA LEU A 519 28.38 -18.25 -3.87
C LEU A 519 28.65 -17.82 -2.43
N PHE A 520 29.74 -17.08 -2.20
CA PHE A 520 30.04 -16.66 -0.83
C PHE A 520 29.09 -15.57 -0.36
N GLY A 521 28.83 -14.58 -1.20
CA GLY A 521 27.81 -13.58 -0.93
C GLY A 521 28.29 -12.44 -0.06
N GLY A 522 27.43 -11.43 0.05
CA GLY A 522 27.68 -10.25 0.84
C GLY A 522 27.01 -10.30 2.20
N VAL A 523 26.78 -9.12 2.76
CA VAL A 523 26.19 -8.96 4.09
C VAL A 523 24.98 -8.04 3.99
N PRO A 524 23.78 -8.48 4.32
CA PRO A 524 22.63 -7.59 4.35
C PRO A 524 22.75 -6.60 5.52
N LYS A 525 22.06 -5.47 5.38
CA LYS A 525 22.15 -4.44 6.40
C LYS A 525 20.80 -3.81 6.65
N ASN A 526 20.64 -3.27 7.86
CA ASN A 526 19.46 -2.50 8.24
C ASN A 526 19.93 -1.30 9.07
N VAL A 527 19.58 -0.10 8.61
CA VAL A 527 20.06 1.14 9.21
C VAL A 527 18.90 1.72 10.02
N ASN A 528 19.03 1.65 11.35
CA ASN A 528 18.06 2.21 12.30
C ASN A 528 16.68 1.58 12.17
N GLY A 529 16.58 0.41 11.57
CA GLY A 529 15.31 -0.27 11.45
C GLY A 529 14.31 0.35 10.51
N LYS A 530 14.75 1.16 9.56
CA LYS A 530 13.82 1.80 8.63
C LYS A 530 14.34 1.76 7.20
N HIS A 531 15.62 1.41 7.02
CA HIS A 531 16.26 1.40 5.71
C HIS A 531 17.00 0.08 5.54
N SER A 532 16.50 -0.78 4.66
CA SER A 532 17.04 -2.13 4.46
C SER A 532 17.87 -2.17 3.18
N ILE A 533 19.04 -2.78 3.25
CA ILE A 533 19.97 -2.87 2.13
C ILE A 533 20.27 -4.33 1.86
N ARG A 534 20.07 -4.74 0.61
CA ARG A 534 20.29 -6.09 0.13
C ARG A 534 21.78 -6.45 0.17
N GLY A 535 22.06 -7.74 0.33
CA GLY A 535 23.43 -8.20 0.40
C GLY A 535 23.77 -9.44 -0.41
N ASP A 536 23.16 -9.60 -1.58
CA ASP A 536 23.42 -10.75 -2.44
C ASP A 536 23.84 -10.28 -3.83
N ILE A 537 24.69 -11.08 -4.47
CA ILE A 537 25.24 -10.74 -5.78
C ILE A 537 24.56 -11.59 -6.85
N ASN A 538 24.11 -10.94 -7.92
CA ASN A 538 23.50 -11.61 -9.06
C ASN A 538 24.47 -11.57 -10.23
N VAL A 539 24.47 -12.64 -11.04
CA VAL A 539 25.45 -12.81 -12.11
C VAL A 539 24.72 -13.12 -13.41
N LEU A 540 25.21 -12.54 -14.51
CA LEU A 540 24.69 -12.81 -15.84
C LEU A 540 25.80 -13.27 -16.76
N LEU A 541 25.52 -14.29 -17.57
CA LEU A 541 26.48 -14.84 -18.53
C LEU A 541 25.88 -14.76 -19.92
N LEU A 542 26.44 -13.89 -20.75
CA LEU A 542 25.99 -13.72 -22.13
C LEU A 542 27.14 -14.15 -23.04
N GLY A 543 26.95 -15.21 -23.82
CA GLY A 543 28.04 -15.75 -24.59
C GLY A 543 27.61 -16.56 -25.78
N ASP A 544 28.59 -16.94 -26.59
CA ASP A 544 28.41 -17.73 -27.79
C ASP A 544 28.05 -19.17 -27.43
N PRO A 545 27.39 -19.92 -28.31
CA PRO A 545 27.07 -21.31 -28.02
C PRO A 545 28.31 -22.18 -27.93
N GLY A 546 28.22 -23.21 -27.09
CA GLY A 546 29.32 -24.13 -26.92
C GLY A 546 30.45 -23.65 -26.05
N THR A 547 30.17 -22.84 -25.03
CA THR A 547 31.20 -22.31 -24.14
C THR A 547 31.00 -22.74 -22.68
N ALA A 548 30.31 -23.86 -22.44
CA ALA A 548 30.16 -24.49 -21.14
C ALA A 548 29.49 -23.59 -20.10
N LYS A 549 28.47 -22.82 -20.48
CA LYS A 549 27.73 -22.05 -19.48
C LYS A 549 26.81 -22.94 -18.67
N SER A 550 26.11 -23.85 -19.34
CA SER A 550 25.15 -24.71 -18.64
C SER A 550 25.85 -25.66 -17.68
N GLN A 551 27.04 -26.13 -18.04
CA GLN A 551 27.78 -27.00 -17.13
C GLN A 551 28.20 -26.25 -15.87
N ILE A 552 28.59 -24.98 -16.03
CA ILE A 552 28.88 -24.14 -14.87
C ILE A 552 27.63 -23.94 -14.00
N LEU A 553 26.47 -23.73 -14.62
CA LEU A 553 25.24 -23.64 -13.84
C LEU A 553 24.95 -24.93 -13.07
N LYS A 554 25.20 -26.08 -13.71
CA LYS A 554 24.99 -27.36 -13.02
C LYS A 554 25.95 -27.52 -11.85
N TYR A 555 27.21 -27.09 -12.03
CA TYR A 555 28.16 -27.14 -10.92
C TYR A 555 27.71 -26.26 -9.76
N VAL A 556 27.22 -25.05 -10.07
CA VAL A 556 26.71 -24.17 -9.02
C VAL A 556 25.53 -24.81 -8.31
N GLU A 557 24.65 -25.48 -9.06
CA GLU A 557 23.54 -26.18 -8.45
C GLU A 557 24.03 -27.26 -7.49
N LYS A 558 25.03 -28.03 -7.91
CA LYS A 558 25.56 -29.09 -7.06
C LYS A 558 26.22 -28.56 -5.79
N THR A 559 27.00 -27.49 -5.89
CA THR A 559 27.76 -27.00 -4.75
C THR A 559 26.89 -26.24 -3.75
N ALA A 560 25.87 -25.52 -4.22
CA ALA A 560 25.07 -24.69 -3.33
C ALA A 560 24.28 -25.53 -2.33
N HIS A 561 24.07 -24.97 -1.15
CA HIS A 561 23.30 -25.67 -0.12
C HIS A 561 21.83 -25.78 -0.51
N ARG A 562 21.23 -24.67 -0.94
CA ARG A 562 19.86 -24.65 -1.43
C ARG A 562 19.88 -24.12 -2.86
N ALA A 563 19.41 -24.93 -3.80
CA ALA A 563 19.45 -24.55 -5.20
C ALA A 563 18.16 -24.94 -5.89
N VAL A 564 17.72 -24.09 -6.82
CA VAL A 564 16.57 -24.36 -7.67
C VAL A 564 16.98 -24.10 -9.11
N PHE A 565 16.47 -24.93 -10.02
CA PHE A 565 16.80 -24.84 -11.44
C PHE A 565 15.54 -24.62 -12.26
N ALA A 566 15.63 -23.73 -13.25
CA ALA A 566 14.54 -23.48 -14.18
C ALA A 566 15.13 -23.11 -15.53
N THR A 567 14.34 -23.26 -16.59
CA THR A 567 14.82 -23.02 -17.95
C THR A 567 13.67 -22.55 -18.84
N GLY A 568 13.85 -21.36 -19.42
CA GLY A 568 13.06 -20.89 -20.53
C GLY A 568 11.55 -20.87 -20.35
N GLN A 569 10.85 -21.57 -21.25
CA GLN A 569 9.39 -21.58 -21.30
C GLN A 569 8.78 -22.57 -20.32
N GLY A 570 9.61 -23.32 -19.59
CA GLY A 570 9.13 -24.25 -18.59
C GLY A 570 8.76 -23.62 -17.26
N ALA A 571 8.88 -22.31 -17.12
CA ALA A 571 8.56 -21.61 -15.89
C ALA A 571 7.49 -20.56 -16.17
N SER A 572 6.65 -20.31 -15.17
CA SER A 572 5.53 -19.39 -15.30
C SER A 572 5.68 -18.24 -14.31
N ALA A 573 4.70 -17.34 -14.34
CA ALA A 573 4.73 -16.18 -13.44
C ALA A 573 4.60 -16.60 -11.99
N VAL A 574 3.71 -17.57 -11.70
CA VAL A 574 3.50 -18.03 -10.33
C VAL A 574 4.28 -19.30 -10.03
N GLY A 575 5.10 -19.78 -10.96
CA GLY A 575 5.94 -20.93 -10.70
C GLY A 575 7.28 -20.52 -10.13
N LEU A 576 7.61 -19.24 -10.27
CA LEU A 576 8.81 -18.65 -9.69
C LEU A 576 8.42 -17.70 -8.56
N THR A 577 7.17 -17.81 -8.11
CA THR A 577 6.60 -16.88 -7.14
C THR A 577 5.58 -17.67 -6.32
N ALA A 578 4.77 -17.00 -5.52
CA ALA A 578 3.77 -17.68 -4.70
C ALA A 578 2.48 -17.81 -5.48
N SER A 579 1.81 -18.95 -5.31
CA SER A 579 0.55 -19.25 -5.96
C SER A 579 -0.54 -19.38 -4.90
N VAL A 580 -1.79 -19.29 -5.33
CA VAL A 580 -2.95 -19.33 -4.45
C VAL A 580 -3.78 -20.56 -4.81
N ARG A 581 -4.07 -21.38 -3.80
CA ARG A 581 -4.77 -22.64 -4.02
C ARG A 581 -5.85 -22.81 -2.95
N LYS A 582 -6.90 -23.53 -3.30
CA LYS A 582 -7.92 -23.87 -2.32
C LYS A 582 -7.51 -25.14 -1.57
N ASP A 583 -7.42 -25.04 -0.25
CA ASP A 583 -7.03 -26.16 0.57
C ASP A 583 -8.08 -27.27 0.47
N PRO A 584 -7.68 -28.49 0.11
CA PRO A 584 -8.66 -29.59 0.02
C PRO A 584 -9.37 -29.90 1.33
N ILE A 585 -8.73 -29.70 2.47
CA ILE A 585 -9.33 -30.04 3.76
C ILE A 585 -10.06 -28.84 4.33
N THR A 586 -9.32 -27.75 4.57
CA THR A 586 -9.90 -26.59 5.23
C THR A 586 -10.86 -25.84 4.33
N LYS A 587 -10.67 -25.96 3.00
CA LYS A 587 -11.44 -25.22 2.02
C LYS A 587 -11.35 -23.73 2.23
N GLU A 588 -10.13 -23.24 2.45
CA GLU A 588 -9.86 -21.80 2.52
C GLU A 588 -8.72 -21.51 1.56
N TRP A 589 -8.76 -20.34 0.94
CA TRP A 589 -7.66 -19.94 0.07
C TRP A 589 -6.36 -19.85 0.86
N THR A 590 -5.31 -20.45 0.31
CA THR A 590 -4.02 -20.52 0.99
C THR A 590 -2.91 -20.25 -0.02
N LEU A 591 -1.74 -19.90 0.51
CA LEU A 591 -0.56 -19.62 -0.28
C LEU A 591 0.32 -20.87 -0.35
N GLU A 592 0.88 -21.11 -1.53
CA GLU A 592 1.81 -22.20 -1.74
C GLU A 592 3.12 -21.65 -2.33
N GLY A 593 4.20 -22.41 -2.16
CA GLY A 593 5.53 -21.94 -2.48
C GLY A 593 5.82 -21.95 -3.97
N GLY A 594 7.02 -21.49 -4.30
CA GLY A 594 7.48 -21.42 -5.67
C GLY A 594 8.98 -21.63 -5.73
N ALA A 595 9.54 -21.39 -6.92
CA ALA A 595 10.98 -21.61 -7.11
C ALA A 595 11.81 -20.63 -6.30
N LEU A 596 11.42 -19.35 -6.27
CA LEU A 596 12.20 -18.36 -5.53
C LEU A 596 12.02 -18.51 -4.02
N VAL A 597 10.90 -19.07 -3.57
CA VAL A 597 10.70 -19.30 -2.15
C VAL A 597 11.37 -20.59 -1.69
N LEU A 598 11.45 -21.60 -2.56
CA LEU A 598 12.15 -22.82 -2.21
C LEU A 598 13.65 -22.59 -2.07
N ALA A 599 14.15 -21.51 -2.68
CA ALA A 599 15.57 -21.21 -2.65
C ALA A 599 15.84 -19.98 -1.80
N ASP A 600 15.11 -19.82 -0.70
CA ASP A 600 15.41 -18.74 0.24
C ASP A 600 16.75 -19.00 0.89
N LYS A 601 17.58 -17.97 0.95
CA LYS A 601 18.98 -18.11 1.38
C LYS A 601 19.70 -19.17 0.54
N GLY A 602 19.42 -19.17 -0.75
CA GLY A 602 20.02 -20.10 -1.67
C GLY A 602 20.27 -19.45 -3.01
N VAL A 603 20.23 -20.26 -4.06
CA VAL A 603 20.50 -19.81 -5.41
C VAL A 603 19.43 -20.34 -6.35
N CYS A 604 18.89 -19.45 -7.18
CA CYS A 604 17.98 -19.81 -8.26
C CYS A 604 18.69 -19.63 -9.59
N LEU A 605 18.71 -20.68 -10.40
CA LEU A 605 19.42 -20.69 -11.68
C LEU A 605 18.39 -20.72 -12.79
N ILE A 606 18.56 -19.84 -13.78
CA ILE A 606 17.62 -19.73 -14.90
C ILE A 606 18.37 -19.84 -16.21
N ASP A 607 18.39 -21.05 -16.79
CA ASP A 607 19.04 -21.25 -18.07
C ASP A 607 18.15 -20.77 -19.20
N GLU A 608 18.79 -20.28 -20.27
CA GLU A 608 18.10 -19.71 -21.42
C GLU A 608 17.12 -18.61 -20.98
N PHE A 609 17.70 -17.57 -20.41
CA PHE A 609 16.96 -16.48 -19.79
C PHE A 609 16.40 -15.49 -20.80
N ASP A 610 16.87 -15.53 -22.05
CA ASP A 610 16.34 -14.65 -23.08
C ASP A 610 15.20 -15.25 -23.87
N LYS A 611 15.06 -16.57 -23.89
CA LYS A 611 13.96 -17.26 -24.54
C LYS A 611 12.86 -17.48 -23.51
N MET A 612 12.22 -16.38 -23.10
CA MET A 612 11.29 -16.39 -21.99
C MET A 612 10.28 -15.28 -22.21
N ASN A 613 9.04 -15.53 -21.81
CA ASN A 613 8.00 -14.50 -21.93
C ASN A 613 8.32 -13.31 -21.04
N ASP A 614 7.91 -12.13 -21.50
CA ASP A 614 8.14 -10.91 -20.72
C ASP A 614 7.31 -10.91 -19.44
N GLN A 615 6.09 -11.44 -19.48
CA GLN A 615 5.27 -11.48 -18.28
C GLN A 615 5.86 -12.39 -17.22
N ASP A 616 6.49 -13.50 -17.64
CA ASP A 616 7.15 -14.37 -16.68
C ASP A 616 8.48 -13.78 -16.19
N ARG A 617 9.20 -13.09 -17.08
CA ARG A 617 10.48 -12.50 -16.70
C ARG A 617 10.28 -11.35 -15.72
N THR A 618 9.23 -10.56 -15.89
CA THR A 618 9.00 -9.39 -15.04
C THR A 618 8.54 -9.75 -13.64
N SER A 619 8.30 -11.02 -13.34
CA SER A 619 7.82 -11.40 -12.01
C SER A 619 8.93 -11.35 -10.97
N ILE A 620 10.20 -11.37 -11.39
CA ILE A 620 11.32 -11.39 -10.45
C ILE A 620 11.86 -10.01 -10.15
N HIS A 621 11.23 -8.95 -10.66
CA HIS A 621 11.72 -7.60 -10.43
C HIS A 621 11.75 -7.24 -8.94
N GLU A 622 10.68 -7.58 -8.22
CA GLU A 622 10.63 -7.29 -6.80
C GLU A 622 11.59 -8.18 -6.00
N ALA A 623 11.74 -9.44 -6.40
CA ALA A 623 12.56 -10.36 -5.62
C ALA A 623 14.05 -10.10 -5.83
N MET A 624 14.43 -9.54 -6.99
CA MET A 624 15.85 -9.34 -7.26
C MET A 624 16.45 -8.23 -6.41
N GLU A 625 15.66 -7.20 -6.07
CA GLU A 625 16.18 -6.06 -5.33
C GLU A 625 15.63 -5.94 -3.92
N GLN A 626 14.30 -5.93 -3.77
CA GLN A 626 13.69 -5.80 -2.45
C GLN A 626 13.72 -7.10 -1.65
N GLN A 627 13.98 -8.24 -2.30
CA GLN A 627 14.07 -9.54 -1.63
C GLN A 627 12.80 -9.85 -0.84
N SER A 628 11.67 -9.66 -1.49
CA SER A 628 10.37 -9.97 -0.89
C SER A 628 9.35 -10.17 -2.00
N ILE A 629 8.25 -10.82 -1.65
CA ILE A 629 7.15 -11.09 -2.57
C ILE A 629 5.85 -10.65 -1.92
N SER A 630 5.05 -9.86 -2.63
CA SER A 630 3.79 -9.34 -2.12
C SER A 630 2.64 -9.88 -2.94
N ILE A 631 1.63 -10.43 -2.27
CA ILE A 631 0.48 -11.03 -2.92
C ILE A 631 -0.80 -10.39 -2.36
N SER A 632 -1.71 -10.01 -3.26
CA SER A 632 -3.04 -9.53 -2.89
C SER A 632 -4.07 -10.24 -3.79
N LYS A 633 -4.53 -11.40 -3.36
CA LYS A 633 -5.43 -12.23 -4.16
C LYS A 633 -6.43 -12.92 -3.26
N ALA A 634 -7.72 -12.84 -3.63
CA ALA A 634 -8.79 -13.64 -3.02
C ALA A 634 -8.84 -13.47 -1.50
N GLY A 635 -8.71 -12.23 -1.03
CA GLY A 635 -8.77 -11.95 0.38
C GLY A 635 -7.48 -12.17 1.14
N ILE A 636 -6.41 -12.60 0.47
CA ILE A 636 -5.10 -12.77 1.08
C ILE A 636 -4.23 -11.59 0.69
N VAL A 637 -3.76 -10.85 1.69
CA VAL A 637 -2.90 -9.69 1.49
C VAL A 637 -1.66 -9.91 2.36
N THR A 638 -0.61 -10.45 1.76
CA THR A 638 0.56 -10.86 2.53
C THR A 638 1.83 -10.45 1.80
N THR A 639 2.93 -10.45 2.54
CA THR A 639 4.26 -10.23 1.99
C THR A 639 5.17 -11.35 2.46
N LEU A 640 5.85 -12.00 1.52
CA LEU A 640 6.74 -13.11 1.83
C LEU A 640 8.18 -12.62 1.82
N GLN A 641 9.12 -13.55 1.95
CA GLN A 641 10.54 -13.23 1.97
C GLN A 641 11.29 -14.19 1.06
N ALA A 642 12.08 -13.64 0.14
CA ALA A 642 12.90 -14.46 -0.78
C ALA A 642 14.29 -13.82 -0.85
N ARG A 643 15.17 -14.23 0.06
CA ARG A 643 16.56 -13.77 0.06
C ARG A 643 17.37 -14.70 -0.83
N CYS A 644 17.24 -14.48 -2.14
CA CYS A 644 17.79 -15.38 -3.13
C CYS A 644 18.72 -14.63 -4.08
N SER A 645 19.71 -15.36 -4.60
CA SER A 645 20.66 -14.86 -5.58
C SER A 645 20.39 -15.54 -6.91
N ILE A 646 20.52 -14.79 -8.00
CA ILE A 646 20.18 -15.28 -9.33
C ILE A 646 21.42 -15.27 -10.21
N ILE A 647 21.74 -16.42 -10.78
CA ILE A 647 22.76 -16.56 -11.82
C ILE A 647 22.06 -17.01 -13.08
N ALA A 648 22.10 -16.17 -14.11
CA ALA A 648 21.37 -16.41 -15.35
C ALA A 648 22.32 -16.54 -16.52
N ALA A 649 21.91 -17.34 -17.50
CA ALA A 649 22.66 -17.53 -18.74
C ALA A 649 21.75 -17.23 -19.92
N ALA A 650 22.28 -16.51 -20.90
CA ALA A 650 21.50 -16.08 -22.05
C ALA A 650 22.31 -16.20 -23.33
N ASN A 651 21.63 -16.07 -24.46
CA ASN A 651 22.25 -16.05 -25.77
C ASN A 651 22.04 -14.67 -26.41
N PRO A 652 23.01 -14.15 -27.14
CA PRO A 652 22.84 -12.84 -27.78
C PRO A 652 21.95 -12.93 -29.00
N ASN A 653 21.54 -11.77 -29.49
CA ASN A 653 20.70 -11.71 -30.70
C ASN A 653 21.48 -12.28 -31.88
N GLY A 654 20.81 -13.12 -32.67
CA GLY A 654 21.45 -13.84 -33.74
C GLY A 654 22.24 -15.05 -33.29
N GLY A 655 22.26 -15.35 -31.99
CA GLY A 655 22.96 -16.49 -31.44
C GLY A 655 24.42 -16.21 -31.11
N ARG A 656 24.93 -15.05 -31.51
CA ARG A 656 26.35 -14.74 -31.49
C ARG A 656 26.56 -13.25 -31.27
N TYR A 657 27.70 -12.92 -30.64
CA TYR A 657 27.99 -11.56 -30.20
C TYR A 657 28.75 -10.79 -31.26
N ASN A 658 28.26 -9.60 -31.56
CA ASN A 658 28.92 -8.67 -32.47
C ASN A 658 29.75 -7.68 -31.66
N SER A 659 31.07 -7.81 -31.74
CA SER A 659 32.00 -6.99 -30.97
C SER A 659 32.12 -5.58 -31.50
N THR A 660 31.55 -5.29 -32.67
CA THR A 660 31.56 -3.96 -33.25
C THR A 660 30.32 -3.15 -32.87
N LEU A 661 29.46 -3.69 -32.01
CA LEU A 661 28.21 -3.05 -31.61
C LEU A 661 28.18 -2.90 -30.09
N PRO A 662 27.48 -1.89 -29.57
CA PRO A 662 27.33 -1.77 -28.11
C PRO A 662 26.41 -2.85 -27.57
N LEU A 663 26.39 -2.95 -26.24
CA LEU A 663 25.65 -4.02 -25.57
C LEU A 663 24.15 -3.92 -25.83
N ALA A 664 23.61 -2.70 -25.82
CA ALA A 664 22.16 -2.51 -25.89
C ALA A 664 21.56 -3.06 -27.18
N GLN A 665 22.36 -3.25 -28.22
CA GLN A 665 21.87 -3.79 -29.48
C GLN A 665 22.26 -5.24 -29.68
N ASN A 666 22.85 -5.88 -28.68
CA ASN A 666 23.16 -7.31 -28.71
C ASN A 666 22.20 -8.12 -27.85
N VAL A 667 21.34 -7.46 -27.06
CA VAL A 667 20.38 -8.12 -26.20
C VAL A 667 19.03 -7.43 -26.34
N SER A 668 17.98 -8.11 -25.91
CA SER A 668 16.64 -7.55 -25.92
C SER A 668 16.22 -6.96 -24.59
N LEU A 669 16.93 -7.28 -23.51
CA LEU A 669 16.57 -6.79 -22.19
C LEU A 669 16.78 -5.28 -22.10
N THR A 670 15.96 -4.62 -21.30
CA THR A 670 16.03 -3.18 -21.10
C THR A 670 16.80 -2.88 -19.83
N GLU A 671 16.94 -1.58 -19.52
CA GLU A 671 17.69 -1.08 -18.36
C GLU A 671 17.17 -1.57 -17.02
N PRO A 672 15.84 -1.61 -16.77
CA PRO A 672 15.38 -1.99 -15.43
C PRO A 672 15.84 -3.37 -14.97
N ILE A 673 16.03 -4.30 -15.89
CA ILE A 673 16.47 -5.64 -15.50
C ILE A 673 17.99 -5.77 -15.61
N LEU A 674 18.62 -4.96 -16.46
CA LEU A 674 20.07 -5.00 -16.56
C LEU A 674 20.74 -4.32 -15.37
N SER A 675 20.08 -3.34 -14.76
CA SER A 675 20.67 -2.65 -13.62
C SER A 675 20.74 -3.55 -12.40
N ARG A 676 19.80 -4.49 -12.25
CA ARG A 676 19.73 -5.34 -11.08
C ARG A 676 20.83 -6.38 -11.03
N PHE A 677 21.55 -6.62 -12.13
CA PHE A 677 22.64 -7.57 -12.15
C PHE A 677 23.93 -6.89 -11.71
N ASP A 678 24.73 -7.61 -10.92
CA ASP A 678 25.97 -7.08 -10.38
C ASP A 678 27.15 -7.31 -11.33
N ILE A 679 27.33 -8.54 -11.79
CA ILE A 679 28.44 -8.92 -12.66
C ILE A 679 27.88 -9.45 -13.96
N LEU A 680 28.44 -8.97 -15.07
CA LEU A 680 28.06 -9.40 -16.41
C LEU A 680 29.29 -9.93 -17.12
N CYS A 681 29.21 -11.16 -17.61
CA CYS A 681 30.35 -11.82 -18.26
C CYS A 681 29.99 -12.08 -19.71
N VAL A 682 30.71 -11.43 -20.62
CA VAL A 682 30.53 -11.61 -22.05
C VAL A 682 31.56 -12.63 -22.51
N VAL A 683 31.08 -13.72 -23.09
CA VAL A 683 31.91 -14.84 -23.51
C VAL A 683 31.96 -14.83 -25.04
N ARG A 684 33.16 -14.71 -25.59
CA ARG A 684 33.36 -14.67 -27.03
C ARG A 684 34.20 -15.86 -27.47
N ASP A 685 33.81 -16.44 -28.61
CA ASP A 685 34.56 -17.53 -29.23
C ASP A 685 35.32 -16.96 -30.42
N LEU A 686 36.64 -17.08 -30.40
CA LEU A 686 37.50 -16.51 -31.43
C LEU A 686 38.44 -17.58 -31.95
N VAL A 687 38.93 -17.38 -33.16
CA VAL A 687 39.81 -18.33 -33.84
C VAL A 687 41.23 -18.11 -33.34
N ASP A 688 41.83 -19.16 -32.78
CA ASP A 688 43.19 -19.09 -32.29
C ASP A 688 43.72 -20.52 -32.25
N GLU A 689 44.83 -20.77 -32.95
CA GLU A 689 45.32 -22.14 -33.09
C GLU A 689 45.85 -22.69 -31.78
N GLU A 690 46.68 -21.91 -31.07
CA GLU A 690 47.26 -22.39 -29.82
C GLU A 690 46.18 -22.58 -28.75
N ALA A 691 45.23 -21.65 -28.67
CA ALA A 691 44.14 -21.79 -27.71
C ALA A 691 43.31 -23.03 -28.01
N ASP A 692 43.01 -23.27 -29.29
CA ASP A 692 42.26 -24.47 -29.66
C ASP A 692 43.03 -25.73 -29.31
N GLU A 693 44.35 -25.73 -29.56
CA GLU A 693 45.16 -26.90 -29.23
C GLU A 693 45.14 -27.18 -27.74
N ARG A 694 45.32 -26.14 -26.91
CA ARG A 694 45.29 -26.34 -25.47
C ARG A 694 43.93 -26.81 -24.99
N LEU A 695 42.85 -26.23 -25.50
CA LEU A 695 41.52 -26.64 -25.09
C LEU A 695 41.25 -28.09 -25.48
N ALA A 696 41.63 -28.48 -26.70
CA ALA A 696 41.44 -29.85 -27.14
C ALA A 696 42.25 -30.84 -26.31
N THR A 697 43.50 -30.50 -26.00
CA THR A 697 44.30 -31.37 -25.14
C THR A 697 43.66 -31.54 -23.77
N PHE A 698 43.19 -30.44 -23.18
CA PHE A 698 42.55 -30.52 -21.87
C PHE A 698 41.29 -31.37 -21.92
N VAL A 699 40.47 -31.19 -22.96
CA VAL A 699 39.21 -31.95 -23.05
C VAL A 699 39.49 -33.43 -23.26
N VAL A 700 40.45 -33.77 -24.11
CA VAL A 700 40.78 -35.18 -24.32
C VAL A 700 41.33 -35.80 -23.05
N ASP A 701 42.18 -35.09 -22.31
CA ASP A 701 42.68 -35.61 -21.05
C ASP A 701 41.55 -35.79 -20.05
N SER A 702 40.57 -34.87 -20.04
CA SER A 702 39.42 -35.01 -19.16
C SER A 702 38.61 -36.26 -19.49
N HIS A 703 38.38 -36.51 -20.79
CA HIS A 703 37.67 -37.73 -21.18
C HIS A 703 38.46 -38.97 -20.80
N VAL A 704 39.78 -38.91 -20.88
CA VAL A 704 40.60 -40.04 -20.45
C VAL A 704 40.45 -40.29 -18.96
N ARG A 705 40.45 -39.21 -18.16
CA ARG A 705 40.36 -39.35 -16.71
C ARG A 705 39.02 -39.92 -16.27
N SER A 706 37.93 -39.49 -16.90
CA SER A 706 36.60 -39.83 -16.43
C SER A 706 36.12 -41.18 -16.91
N HIS A 707 36.91 -41.90 -17.69
CA HIS A 707 36.49 -43.21 -18.18
C HIS A 707 36.27 -44.15 -16.99
N PRO A 708 35.14 -44.86 -16.94
CA PRO A 708 34.84 -45.64 -15.73
C PRO A 708 35.70 -46.90 -15.58
N GLU A 709 36.35 -47.35 -16.65
CA GLU A 709 37.23 -48.50 -16.55
C GLU A 709 38.68 -48.06 -16.35
N LEU A 738 44.21 -53.71 3.15
CA LEU A 738 43.09 -53.13 3.88
C LEU A 738 41.77 -53.36 3.14
N ASN A 739 40.74 -52.61 3.52
CA ASN A 739 39.40 -52.75 2.95
C ASN A 739 39.37 -52.14 1.55
N ALA A 740 38.66 -52.82 0.64
CA ALA A 740 38.56 -52.33 -0.73
C ALA A 740 37.72 -51.06 -0.81
N ARG A 741 36.76 -50.88 0.11
CA ARG A 741 35.92 -49.70 0.10
C ARG A 741 36.69 -48.43 0.44
N GLN A 742 37.89 -48.55 1.03
CA GLN A 742 38.77 -47.41 1.22
C GLN A 742 39.82 -47.29 0.12
N ARG A 743 40.17 -48.41 -0.53
CA ARG A 743 40.94 -48.32 -1.77
C ARG A 743 40.17 -47.52 -2.81
N ARG A 744 38.86 -47.70 -2.87
CA ARG A 744 38.05 -46.88 -3.77
C ARG A 744 38.18 -45.40 -3.44
N LEU A 745 38.14 -45.04 -2.15
CA LEU A 745 38.26 -43.65 -1.75
C LEU A 745 39.62 -43.07 -2.12
N GLN A 746 40.70 -43.84 -1.89
CA GLN A 746 42.03 -43.31 -2.20
C GLN A 746 42.22 -43.16 -3.70
N ARG A 747 41.69 -44.10 -4.50
CA ARG A 747 41.77 -43.95 -5.94
C ARG A 747 40.95 -42.76 -6.43
N GLN A 748 39.78 -42.51 -5.84
CA GLN A 748 38.95 -41.38 -6.22
C GLN A 748 39.55 -40.05 -5.76
N ARG A 749 40.37 -40.07 -4.70
CA ARG A 749 41.14 -38.91 -4.29
C ARG A 749 42.34 -38.63 -5.18
N LYS A 750 43.00 -39.67 -5.68
CA LYS A 750 44.13 -39.46 -6.58
C LYS A 750 43.71 -38.71 -7.84
N LYS A 751 42.52 -39.01 -8.37
CA LYS A 751 42.02 -38.28 -9.54
C LYS A 751 41.69 -36.83 -9.21
N GLU A 752 41.20 -36.58 -7.99
CA GLU A 752 40.93 -35.22 -7.56
C GLU A 752 42.20 -34.42 -7.32
N GLU A 753 43.32 -35.09 -7.07
CA GLU A 753 44.56 -34.38 -6.76
C GLU A 753 45.00 -33.46 -7.90
N GLU A 754 44.87 -33.91 -9.15
CA GLU A 754 45.48 -33.18 -10.26
C GLU A 754 44.84 -31.81 -10.46
N ILE A 755 43.51 -31.74 -10.56
CA ILE A 755 42.84 -30.55 -11.03
C ILE A 755 42.12 -29.79 -9.92
N SER A 756 42.22 -30.26 -8.68
CA SER A 756 41.53 -29.56 -7.60
C SER A 756 42.51 -29.28 -6.45
N PRO A 757 42.84 -28.01 -6.20
CA PRO A 757 43.73 -27.71 -5.07
C PRO A 757 43.18 -28.16 -3.73
N ILE A 758 41.87 -28.12 -3.55
CA ILE A 758 41.21 -28.56 -2.32
C ILE A 758 40.05 -29.47 -2.70
N PRO A 759 39.73 -30.47 -1.90
CA PRO A 759 38.62 -31.38 -2.25
C PRO A 759 37.28 -30.68 -2.21
N GLN A 760 36.33 -31.21 -2.98
CA GLN A 760 35.02 -30.57 -3.08
C GLN A 760 34.21 -30.75 -1.81
N GLU A 761 34.32 -31.90 -1.15
CA GLU A 761 33.58 -32.12 0.09
C GLU A 761 34.04 -31.19 1.19
N LEU A 762 35.35 -30.92 1.26
CA LEU A 762 35.85 -29.93 2.20
C LEU A 762 35.36 -28.53 1.84
N LEU A 763 35.33 -28.23 0.54
CA LEU A 763 34.95 -26.89 0.09
C LEU A 763 33.48 -26.59 0.38
N MET A 764 32.62 -27.59 0.25
CA MET A 764 31.20 -27.36 0.54
C MET A 764 31.00 -26.93 1.99
N LYS A 765 31.60 -27.66 2.93
CA LYS A 765 31.50 -27.30 4.34
C LYS A 765 32.17 -25.96 4.61
N TYR A 766 33.27 -25.67 3.90
CA TYR A 766 33.93 -24.38 4.06
C TYR A 766 32.98 -23.23 3.68
N ILE A 767 32.31 -23.36 2.54
CA ILE A 767 31.39 -22.32 2.09
C ILE A 767 30.23 -22.19 3.06
N HIS A 768 29.67 -23.31 3.52
CA HIS A 768 28.55 -23.25 4.45
C HIS A 768 28.95 -22.58 5.77
N TYR A 769 30.11 -22.94 6.32
CA TYR A 769 30.57 -22.34 7.56
C TYR A 769 30.82 -20.85 7.38
N ALA A 770 31.44 -20.46 6.27
CA ALA A 770 31.72 -19.05 6.02
C ALA A 770 30.44 -18.25 5.91
N ARG A 771 29.43 -18.78 5.21
CA ARG A 771 28.17 -18.07 5.08
C ARG A 771 27.43 -18.00 6.41
N THR A 772 27.53 -19.05 7.23
CA THR A 772 26.76 -19.10 8.47
C THR A 772 27.36 -18.22 9.56
N LYS A 773 28.68 -18.16 9.66
CA LYS A 773 29.34 -17.59 10.83
C LYS A 773 29.86 -16.17 10.63
N ILE A 774 30.43 -15.87 9.46
CA ILE A 774 31.21 -14.64 9.29
C ILE A 774 30.30 -13.49 8.85
N TYR A 775 30.57 -12.30 9.39
CA TYR A 775 29.86 -11.08 9.02
C TYR A 775 30.85 -9.90 9.04
N PRO A 776 31.61 -9.71 7.98
CA PRO A 776 32.63 -8.66 7.98
C PRO A 776 32.03 -7.27 7.88
N LYS A 777 32.82 -6.28 8.31
CA LYS A 777 32.42 -4.88 8.33
C LYS A 777 33.40 -4.04 7.51
N LEU A 778 33.09 -2.75 7.42
CA LEU A 778 33.79 -1.80 6.54
C LEU A 778 34.24 -0.56 7.32
N HIS A 779 34.91 -0.76 8.45
CA HIS A 779 35.26 0.38 9.31
C HIS A 779 36.22 1.34 8.61
N GLN A 780 37.41 0.86 8.26
CA GLN A 780 38.44 1.70 7.67
C GLN A 780 38.59 1.35 6.19
N MET A 781 38.39 2.34 5.33
CA MET A 781 38.49 2.15 3.89
C MET A 781 38.67 3.50 3.23
N ASP A 782 39.06 3.48 1.95
CA ASP A 782 39.30 4.68 1.19
C ASP A 782 38.02 5.10 0.47
N MET A 783 37.38 6.15 0.98
CA MET A 783 36.14 6.63 0.36
C MET A 783 36.40 7.36 -0.95
N ASP A 784 37.50 8.11 -1.02
CA ASP A 784 37.78 8.93 -2.19
C ASP A 784 38.01 8.10 -3.44
N LYS A 785 38.72 6.98 -3.33
CA LYS A 785 38.95 6.12 -4.49
C LYS A 785 37.63 5.60 -5.04
N VAL A 786 36.75 5.14 -4.15
CA VAL A 786 35.47 4.60 -4.60
C VAL A 786 34.61 5.69 -5.22
N SER A 787 34.60 6.88 -4.62
CA SER A 787 33.82 7.98 -5.18
C SER A 787 34.33 8.37 -6.57
N ARG A 788 35.65 8.44 -6.73
CA ARG A 788 36.23 8.78 -8.02
C ARG A 788 35.90 7.71 -9.06
N VAL A 789 35.99 6.44 -8.67
CA VAL A 789 35.69 5.35 -9.60
C VAL A 789 34.23 5.43 -10.05
N TYR A 790 33.33 5.66 -9.10
CA TYR A 790 31.91 5.74 -9.45
C TYR A 790 31.64 6.93 -10.37
N ALA A 791 32.23 8.08 -10.08
CA ALA A 791 32.03 9.26 -10.92
C ALA A 791 32.58 9.04 -12.33
N ASP A 792 33.77 8.43 -12.43
CA ASP A 792 34.35 8.16 -13.74
C ASP A 792 33.50 7.17 -14.52
N LEU A 793 33.01 6.12 -13.86
CA LEU A 793 32.15 5.15 -14.53
C LEU A 793 30.86 5.79 -15.01
N ARG A 794 30.27 6.69 -14.21
CA ARG A 794 29.07 7.39 -14.63
C ARG A 794 29.36 8.29 -15.82
N ARG A 795 30.49 8.99 -15.80
CA ARG A 795 30.82 9.89 -16.92
C ARG A 795 31.05 9.13 -18.22
N GLU A 796 31.78 8.01 -18.16
CA GLU A 796 32.14 7.29 -19.37
C GLU A 796 31.02 6.40 -19.89
N SER A 797 29.80 6.55 -19.41
CA SER A 797 28.66 5.75 -19.87
C SER A 797 27.78 6.52 -20.84
N ILE A 798 27.31 7.71 -20.44
CA ILE A 798 26.48 8.52 -21.33
C ILE A 798 27.31 9.01 -22.51
N SER A 799 28.59 9.32 -22.28
CA SER A 799 29.44 9.82 -23.34
C SER A 799 29.63 8.76 -24.43
N THR A 800 30.06 7.56 -24.03
CA THR A 800 30.17 6.44 -24.97
C THR A 800 29.99 5.12 -24.25
N GLY A 801 28.78 4.58 -24.29
CA GLY A 801 28.52 3.30 -23.65
C GLY A 801 27.03 3.02 -23.60
N SER A 802 26.71 1.74 -23.41
CA SER A 802 25.33 1.29 -23.34
C SER A 802 25.18 0.29 -22.20
N PHE A 803 25.86 0.56 -21.09
CA PHE A 803 25.76 -0.25 -19.90
C PHE A 803 25.24 0.66 -18.79
N PRO A 804 23.99 0.49 -18.35
CA PRO A 804 23.42 1.43 -17.38
C PRO A 804 24.10 1.40 -16.02
N ILE A 805 24.58 2.57 -15.58
CA ILE A 805 25.24 2.71 -14.28
C ILE A 805 24.44 3.70 -13.44
N THR A 806 24.05 3.26 -12.25
CA THR A 806 23.30 4.10 -11.32
C THR A 806 23.97 3.97 -9.95
N VAL A 807 23.30 4.50 -8.92
CA VAL A 807 23.75 4.30 -7.54
C VAL A 807 23.76 2.83 -7.16
N ARG A 808 22.95 2.01 -7.83
CA ARG A 808 22.86 0.59 -7.58
C ARG A 808 24.16 -0.15 -7.87
N HIS A 809 25.03 0.40 -8.71
CA HIS A 809 26.33 -0.19 -8.98
C HIS A 809 27.43 0.26 -8.03
N LEU A 810 27.20 1.31 -7.25
CA LEU A 810 28.16 1.71 -6.24
C LEU A 810 28.23 0.68 -5.12
N GLU A 811 27.09 0.13 -4.72
CA GLU A 811 27.00 -0.81 -3.61
C GLU A 811 27.52 -2.19 -3.97
N SER A 812 27.54 -2.56 -5.25
CA SER A 812 28.09 -3.83 -5.67
C SER A 812 29.58 -3.97 -5.39
N ILE A 813 30.34 -2.87 -5.49
CA ILE A 813 31.76 -2.91 -5.13
C ILE A 813 31.92 -3.27 -3.66
N LEU A 814 31.13 -2.65 -2.78
CA LEU A 814 31.20 -2.96 -1.36
C LEU A 814 30.77 -4.40 -1.08
N ARG A 815 29.73 -4.87 -1.78
CA ARG A 815 29.30 -6.26 -1.61
C ARG A 815 30.40 -7.23 -2.02
N ILE A 816 31.06 -6.97 -3.15
CA ILE A 816 32.14 -7.86 -3.59
C ILE A 816 33.32 -7.80 -2.63
N ALA A 817 33.59 -6.63 -2.07
CA ALA A 817 34.65 -6.52 -1.06
C ALA A 817 34.31 -7.37 0.17
N GLU A 818 33.07 -7.31 0.62
CA GLU A 818 32.66 -8.14 1.75
C GLU A 818 32.73 -9.62 1.42
N SER A 819 32.40 -10.00 0.18
CA SER A 819 32.51 -11.39 -0.23
C SER A 819 33.96 -11.86 -0.19
N PHE A 820 34.88 -11.05 -0.73
CA PHE A 820 36.30 -11.41 -0.69
C PHE A 820 36.82 -11.46 0.73
N ALA A 821 36.29 -10.63 1.62
CA ALA A 821 36.62 -10.74 3.04
C ALA A 821 36.10 -12.06 3.62
N LYS A 822 34.89 -12.46 3.25
CA LYS A 822 34.34 -13.74 3.71
C LYS A 822 35.21 -14.90 3.26
N MET A 823 35.76 -14.83 2.05
CA MET A 823 36.57 -15.93 1.54
C MET A 823 37.75 -16.23 2.45
N ARG A 824 38.25 -15.20 3.16
CA ARG A 824 39.41 -15.34 4.03
C ARG A 824 39.02 -15.64 5.48
N LEU A 825 37.73 -15.77 5.76
CA LEU A 825 37.24 -15.95 7.15
C LEU A 825 37.74 -14.83 8.05
N SER A 826 37.70 -13.60 7.54
CA SER A 826 38.10 -12.42 8.30
C SER A 826 36.88 -11.59 8.65
N GLU A 827 36.94 -10.92 9.79
CA GLU A 827 35.83 -10.12 10.29
C GLU A 827 35.94 -8.64 9.89
N PHE A 828 36.96 -8.27 9.13
CA PHE A 828 37.14 -6.89 8.71
C PHE A 828 37.65 -6.86 7.28
N VAL A 829 37.10 -5.96 6.47
CA VAL A 829 37.52 -5.82 5.08
C VAL A 829 38.79 -4.97 5.02
N SER A 830 39.78 -5.45 4.27
CA SER A 830 41.06 -4.79 4.13
C SER A 830 41.11 -4.02 2.80
N SER A 831 42.27 -3.46 2.48
CA SER A 831 42.47 -2.72 1.25
C SER A 831 42.61 -3.62 0.03
N TYR A 832 43.22 -4.80 0.21
CA TYR A 832 43.38 -5.72 -0.91
C TYR A 832 42.04 -6.16 -1.47
N ASP A 833 41.09 -6.47 -0.59
CA ASP A 833 39.78 -6.94 -1.05
C ASP A 833 39.03 -5.84 -1.78
N LEU A 834 39.08 -4.61 -1.26
CA LEU A 834 38.41 -3.50 -1.94
C LEU A 834 39.04 -3.22 -3.29
N ASP A 835 40.38 -3.26 -3.37
CA ASP A 835 41.05 -3.06 -4.65
C ASP A 835 40.69 -4.16 -5.64
N ARG A 836 40.61 -5.40 -5.17
CA ARG A 836 40.25 -6.51 -6.03
C ARG A 836 38.81 -6.35 -6.55
N ALA A 837 37.91 -5.90 -5.67
CA ALA A 837 36.53 -5.66 -6.09
C ALA A 837 36.45 -4.55 -7.15
N ILE A 838 37.22 -3.47 -6.94
CA ILE A 838 37.23 -2.40 -7.93
C ILE A 838 37.77 -2.90 -9.26
N LYS A 839 38.83 -3.72 -9.22
CA LYS A 839 39.38 -4.26 -10.45
C LYS A 839 38.37 -5.15 -11.17
N VAL A 840 37.64 -5.97 -10.42
CA VAL A 840 36.65 -6.85 -11.03
C VAL A 840 35.55 -6.02 -11.70
N VAL A 841 35.06 -4.99 -10.99
CA VAL A 841 33.99 -4.17 -11.55
C VAL A 841 34.47 -3.43 -12.78
N VAL A 842 35.69 -2.91 -12.77
CA VAL A 842 36.22 -2.17 -13.91
C VAL A 842 36.41 -3.08 -15.12
N ASP A 843 36.95 -4.28 -14.90
CA ASP A 843 37.12 -5.25 -15.98
C ASP A 843 35.79 -5.76 -16.53
N SER A 844 34.75 -5.81 -15.69
CA SER A 844 33.43 -6.21 -16.17
C SER A 844 32.77 -5.14 -17.03
N PHE A 845 33.19 -3.88 -16.91
CA PHE A 845 32.63 -2.78 -17.69
C PHE A 845 33.43 -2.50 -18.95
N VAL A 846 34.76 -2.64 -18.89
CA VAL A 846 35.59 -2.31 -20.05
C VAL A 846 35.37 -3.31 -21.18
N ASP A 847 35.20 -4.59 -20.85
CA ASP A 847 35.15 -5.65 -21.85
C ASP A 847 33.77 -5.81 -22.49
N ALA A 848 32.84 -4.90 -22.22
CA ALA A 848 31.52 -4.91 -22.82
C ALA A 848 31.33 -3.69 -23.71
N GLN A 849 32.43 -3.19 -24.28
CA GLN A 849 32.41 -2.00 -25.11
C GLN A 849 32.63 -2.39 -26.58
N LYS A 850 32.64 -1.39 -27.45
CA LYS A 850 33.00 -1.60 -28.84
C LYS A 850 34.52 -1.69 -28.98
N VAL A 851 34.97 -2.34 -30.05
CA VAL A 851 36.40 -2.51 -30.25
C VAL A 851 37.08 -1.18 -30.54
N SER A 852 36.30 -0.18 -30.96
CA SER A 852 36.89 1.11 -31.29
C SER A 852 37.33 1.87 -30.04
N VAL A 853 36.49 1.91 -29.00
CA VAL A 853 36.78 2.71 -27.81
C VAL A 853 37.32 1.88 -26.66
N ARG A 854 37.42 0.57 -26.81
CA ARG A 854 37.85 -0.28 -25.70
C ARG A 854 39.29 0.01 -25.31
N ARG A 855 40.17 0.22 -26.30
CA ARG A 855 41.57 0.48 -26.00
C ARG A 855 41.76 1.80 -25.27
N GLN A 856 40.97 2.82 -25.61
CA GLN A 856 41.06 4.10 -24.90
C GLN A 856 40.48 3.99 -23.50
N LEU A 857 39.35 3.29 -23.35
CA LEU A 857 38.73 3.17 -22.03
C LEU A 857 39.62 2.38 -21.07
N ARG A 858 40.24 1.31 -21.56
CA ARG A 858 41.12 0.51 -20.71
C ARG A 858 42.29 1.33 -20.21
N ARG A 859 42.89 2.14 -21.08
CA ARG A 859 43.98 3.00 -20.67
C ARG A 859 43.51 4.07 -19.69
N SER A 860 42.32 4.62 -19.91
CA SER A 860 41.82 5.66 -19.03
C SER A 860 41.52 5.13 -17.63
N PHE A 861 41.05 3.88 -17.53
CA PHE A 861 40.69 3.30 -16.25
C PHE A 861 41.83 2.53 -15.60
N ALA A 862 43.04 2.57 -16.18
CA ALA A 862 44.12 1.73 -15.69
C ALA A 862 44.84 2.31 -14.47
N ILE A 863 44.63 3.59 -14.17
CA ILE A 863 45.34 4.20 -13.04
C ILE A 863 44.82 3.67 -11.72
N TYR A 864 43.53 3.34 -11.65
CA TYR A 864 42.93 2.90 -10.38
C TYR A 864 43.47 1.53 -9.97
N THR A 865 43.65 0.63 -10.94
CA THR A 865 44.13 -0.72 -10.66
C THR A 865 45.65 -0.79 -10.90
N LEU A 866 46.38 -0.11 -10.02
CA LEU A 866 47.83 -0.07 -10.15
C LEU A 866 48.46 -1.42 -9.77
N GLY A 867 47.94 -2.04 -8.71
CA GLY A 867 48.47 -3.32 -8.25
C GLY A 867 48.19 -4.47 -9.21
N ASP B 53 -49.73 -14.87 39.28
CA ASP B 53 -50.56 -15.02 40.47
C ASP B 53 -51.11 -13.66 40.91
N ALA B 54 -50.64 -13.18 42.06
CA ALA B 54 -51.10 -11.88 42.55
C ALA B 54 -50.52 -10.74 41.73
N VAL B 55 -49.23 -10.85 41.36
CA VAL B 55 -48.60 -9.80 40.56
C VAL B 55 -49.25 -9.70 39.19
N PHE B 56 -49.61 -10.85 38.61
CA PHE B 56 -50.25 -10.87 37.30
C PHE B 56 -51.58 -10.11 37.35
N GLY B 57 -52.40 -10.40 38.35
CA GLY B 57 -53.68 -9.72 38.48
C GLY B 57 -53.52 -8.24 38.79
N ASP B 58 -52.54 -7.90 39.63
CA ASP B 58 -52.30 -6.48 39.93
C ASP B 58 -51.90 -5.71 38.67
N ARG B 59 -51.03 -6.29 37.85
CA ARG B 59 -50.63 -5.62 36.62
C ARG B 59 -51.78 -5.55 35.62
N VAL B 60 -52.63 -6.58 35.58
CA VAL B 60 -53.81 -6.52 34.73
C VAL B 60 -54.72 -5.37 35.17
N ARG B 61 -54.90 -5.22 36.48
CA ARG B 61 -55.71 -4.11 36.99
C ARG B 61 -55.08 -2.75 36.64
N ARG B 62 -53.76 -2.64 36.76
CA ARG B 62 -53.09 -1.39 36.42
C ARG B 62 -53.30 -1.03 34.95
N PHE B 63 -53.12 -2.00 34.06
CA PHE B 63 -53.31 -1.72 32.64
C PHE B 63 -54.77 -1.43 32.33
N GLN B 64 -55.70 -2.11 33.02
CA GLN B 64 -57.11 -1.81 32.84
C GLN B 64 -57.43 -0.37 33.22
N GLU B 65 -56.87 0.11 34.33
CA GLU B 65 -57.04 1.52 34.70
C GLU B 65 -56.44 2.44 33.65
N PHE B 66 -55.26 2.10 33.14
CA PHE B 66 -54.63 2.91 32.09
C PHE B 66 -55.53 3.02 30.87
N LEU B 67 -56.22 1.93 30.51
CA LEU B 67 -57.05 1.93 29.32
C LEU B 67 -58.24 2.88 29.42
N ASP B 68 -58.92 2.93 30.57
CA ASP B 68 -60.03 3.86 30.65
C ASP B 68 -59.60 5.26 31.06
N THR B 69 -58.34 5.45 31.47
CA THR B 69 -57.85 6.80 31.67
C THR B 69 -57.76 7.56 30.35
N PHE B 70 -57.17 6.96 29.32
CA PHE B 70 -57.06 7.57 28.00
C PHE B 70 -58.08 6.89 27.09
N THR B 71 -59.03 7.66 26.57
CA THR B 71 -60.16 7.10 25.85
C THR B 71 -59.86 6.81 24.38
N SER B 72 -58.70 7.22 23.87
CA SER B 72 -58.42 7.05 22.45
C SER B 72 -58.35 5.58 22.06
N TYR B 73 -57.68 4.77 22.88
CA TYR B 73 -57.53 3.35 22.56
C TYR B 73 -58.88 2.65 22.55
N ARG B 74 -59.75 3.00 23.50
CA ARG B 74 -61.10 2.45 23.54
C ARG B 74 -61.92 2.80 22.30
N ASP B 75 -61.76 4.02 21.77
CA ASP B 75 -62.41 4.39 20.52
C ASP B 75 -61.85 3.66 19.32
N SER B 76 -60.52 3.47 19.26
CA SER B 76 -59.95 2.71 18.15
C SER B 76 -60.41 1.26 18.16
N VAL B 77 -60.50 0.66 19.35
CA VAL B 77 -61.03 -0.71 19.46
C VAL B 77 -62.42 -0.78 18.87
N ARG B 78 -63.28 0.17 19.25
CA ARG B 78 -64.65 0.16 18.74
C ARG B 78 -64.70 0.38 17.25
N SER B 79 -63.84 1.27 16.72
CA SER B 79 -63.83 1.51 15.29
C SER B 79 -63.46 0.24 14.53
N ILE B 80 -62.41 -0.46 14.98
CA ILE B 80 -62.02 -1.71 14.33
C ILE B 80 -63.14 -2.74 14.44
N GLN B 81 -63.76 -2.83 15.62
CA GLN B 81 -64.80 -3.83 15.84
C GLN B 81 -66.00 -3.59 14.93
N VAL B 82 -66.47 -2.34 14.85
CA VAL B 82 -67.64 -2.04 14.03
C VAL B 82 -67.31 -2.22 12.55
N TYR B 83 -66.09 -1.86 12.14
CA TYR B 83 -65.68 -2.08 10.76
C TYR B 83 -65.75 -3.57 10.41
N ASN B 84 -65.12 -4.41 11.24
CA ASN B 84 -65.13 -5.84 10.96
C ASN B 84 -66.53 -6.41 11.01
N SER B 85 -67.36 -5.94 11.94
CA SER B 85 -68.72 -6.46 12.07
C SER B 85 -69.57 -6.11 10.86
N ASN B 86 -69.59 -4.83 10.47
CA ASN B 86 -70.50 -4.44 9.38
C ASN B 86 -69.93 -4.81 8.02
N ASN B 87 -68.64 -5.16 7.95
CA ASN B 87 -68.11 -5.70 6.70
C ASN B 87 -68.70 -7.08 6.40
N ALA B 88 -68.82 -7.94 7.41
CA ALA B 88 -69.35 -9.28 7.19
C ALA B 88 -70.83 -9.28 6.85
N ALA B 89 -71.55 -8.23 7.21
CA ALA B 89 -72.98 -8.14 6.92
C ALA B 89 -73.27 -7.71 5.48
N ASN B 90 -72.26 -7.28 4.74
CA ASN B 90 -72.43 -6.87 3.35
C ASN B 90 -72.36 -8.12 2.46
N TYR B 91 -73.52 -8.75 2.28
CA TYR B 91 -73.59 -9.93 1.44
C TYR B 91 -73.25 -9.60 0.00
N ASN B 92 -73.76 -8.49 -0.52
CA ASN B 92 -73.39 -8.00 -1.84
C ASN B 92 -72.13 -7.15 -1.74
N ASP B 93 -71.01 -7.83 -1.50
CA ASP B 93 -69.74 -7.16 -1.26
C ASP B 93 -69.24 -6.49 -2.54
N ASP B 94 -68.33 -5.53 -2.35
CA ASP B 94 -67.75 -4.80 -3.47
C ASP B 94 -66.82 -5.70 -4.29
N ASN B 125 -58.93 -6.57 3.57
CA ASN B 125 -60.38 -6.68 3.72
C ASN B 125 -60.77 -6.78 5.20
N ILE B 126 -59.94 -7.45 5.97
CA ILE B 126 -60.18 -7.66 7.40
C ILE B 126 -59.05 -6.99 8.18
N LEU B 127 -59.40 -6.11 9.10
CA LEU B 127 -58.39 -5.41 9.88
C LEU B 127 -57.90 -6.29 11.03
N PRO B 128 -56.60 -6.40 11.21
CA PRO B 128 -56.07 -7.22 12.30
C PRO B 128 -56.34 -6.58 13.66
N HIS B 129 -56.30 -7.42 14.69
CA HIS B 129 -56.53 -6.98 16.07
C HIS B 129 -55.20 -6.54 16.66
N ARG B 130 -54.83 -5.30 16.39
CA ARG B 130 -53.57 -4.76 16.88
C ARG B 130 -53.67 -3.24 16.97
N ILE B 131 -53.27 -2.68 18.11
CA ILE B 131 -53.29 -1.24 18.34
C ILE B 131 -51.85 -0.76 18.53
N ILE B 132 -51.63 0.55 18.40
CA ILE B 132 -50.34 1.17 18.65
C ILE B 132 -50.51 2.17 19.79
N ILE B 133 -49.89 1.89 20.93
CA ILE B 133 -49.94 2.77 22.10
C ILE B 133 -48.64 3.55 22.17
N SER B 134 -48.69 4.74 22.76
CA SER B 134 -47.50 5.56 22.90
C SER B 134 -46.85 5.29 24.26
N LEU B 135 -45.55 5.01 24.25
CA LEU B 135 -44.82 4.83 25.50
C LEU B 135 -44.78 6.14 26.30
N ASP B 136 -44.86 7.27 25.61
CA ASP B 136 -44.77 8.56 26.30
C ASP B 136 -45.90 8.71 27.31
N ASP B 137 -47.15 8.50 26.87
CA ASP B 137 -48.30 8.68 27.76
C ASP B 137 -48.22 7.74 28.96
N LEU B 138 -47.81 6.50 28.74
CA LEU B 138 -47.60 5.58 29.84
C LEU B 138 -46.53 6.10 30.79
N ARG B 139 -45.56 6.85 30.27
CA ARG B 139 -44.52 7.41 31.13
C ARG B 139 -45.11 8.40 32.15
N GLU B 140 -46.02 9.29 31.72
CA GLU B 140 -46.66 10.16 32.70
C GLU B 140 -47.64 9.39 33.59
N PHE B 141 -48.33 8.39 33.04
CA PHE B 141 -49.34 7.70 33.84
C PHE B 141 -48.70 6.92 34.98
N ASP B 142 -47.86 5.94 34.66
CA ASP B 142 -47.23 5.10 35.68
C ASP B 142 -45.78 4.91 35.30
N ARG B 143 -44.87 5.50 36.08
CA ARG B 143 -43.44 5.36 35.80
C ARG B 143 -43.00 3.92 36.01
N SER B 144 -43.54 3.24 37.03
CA SER B 144 -43.14 1.88 37.32
C SER B 144 -43.51 0.92 36.19
N PHE B 145 -44.72 1.04 35.65
CA PHE B 145 -45.14 0.15 34.57
C PHE B 145 -44.36 0.40 33.30
N TRP B 146 -44.09 1.68 32.99
CA TRP B 146 -43.27 2.03 31.83
C TRP B 146 -41.85 1.48 31.96
N SER B 147 -41.27 1.64 33.15
CA SER B 147 -39.93 1.09 33.39
C SER B 147 -39.93 -0.43 33.29
N GLY B 148 -41.00 -1.07 33.76
CA GLY B 148 -41.10 -2.51 33.65
C GLY B 148 -41.18 -2.97 32.20
N ILE B 149 -41.97 -2.28 31.39
CA ILE B 149 -42.07 -2.66 29.98
C ILE B 149 -40.73 -2.47 29.27
N LEU B 150 -40.07 -1.34 29.51
CA LEU B 150 -38.81 -1.08 28.83
C LEU B 150 -37.69 -2.00 29.30
N VAL B 151 -37.69 -2.37 30.59
CA VAL B 151 -36.56 -3.12 31.14
C VAL B 151 -36.86 -4.61 31.19
N GLU B 152 -38.07 -4.99 31.60
CA GLU B 152 -38.45 -6.38 31.79
C GLU B 152 -39.73 -6.66 31.00
N PRO B 153 -39.64 -6.68 29.67
CA PRO B 153 -40.87 -6.83 28.86
C PRO B 153 -41.59 -8.14 29.08
N ALA B 154 -40.86 -9.22 29.34
CA ALA B 154 -41.44 -10.56 29.43
C ALA B 154 -42.34 -10.75 30.63
N TYR B 155 -42.35 -9.81 31.58
CA TYR B 155 -43.22 -9.89 32.74
C TYR B 155 -44.27 -8.80 32.77
N PHE B 156 -44.32 -7.92 31.77
CA PHE B 156 -45.29 -6.84 31.73
C PHE B 156 -46.10 -6.77 30.45
N ILE B 157 -45.65 -7.39 29.36
CA ILE B 157 -46.43 -7.38 28.12
C ILE B 157 -47.58 -8.40 28.18
N PRO B 158 -47.35 -9.64 28.60
CA PRO B 158 -48.46 -10.61 28.67
C PRO B 158 -49.59 -10.14 29.58
N PRO B 159 -49.30 -9.54 30.76
CA PRO B 159 -50.42 -8.99 31.55
C PRO B 159 -51.18 -7.90 30.83
N ALA B 160 -50.49 -7.09 30.02
CA ALA B 160 -51.17 -6.02 29.29
C ALA B 160 -52.06 -6.58 28.19
N GLU B 161 -51.59 -7.62 27.49
CA GLU B 161 -52.36 -8.20 26.41
C GLU B 161 -53.67 -8.81 26.91
N LYS B 162 -53.66 -9.47 28.07
CA LYS B 162 -54.89 -10.03 28.61
C LYS B 162 -55.89 -8.94 28.94
N ALA B 163 -55.42 -7.83 29.51
CA ALA B 163 -56.32 -6.72 29.82
C ALA B 163 -56.91 -6.11 28.55
N LEU B 164 -56.09 -5.96 27.51
CA LEU B 164 -56.60 -5.44 26.24
C LEU B 164 -57.64 -6.38 25.65
N THR B 165 -57.39 -7.69 25.72
CA THR B 165 -58.37 -8.67 25.24
C THR B 165 -59.67 -8.57 26.03
N ASP B 166 -59.56 -8.40 27.35
CA ASP B 166 -60.76 -8.28 28.18
C ASP B 166 -61.57 -7.05 27.81
N LEU B 167 -60.90 -5.91 27.61
CA LEU B 167 -61.61 -4.70 27.21
C LEU B 167 -62.29 -4.89 25.86
N ALA B 168 -61.58 -5.48 24.90
CA ALA B 168 -62.17 -5.70 23.58
C ALA B 168 -63.37 -6.63 23.65
N ASP B 169 -63.28 -7.68 24.48
CA ASP B 169 -64.40 -8.59 24.65
C ASP B 169 -65.59 -7.88 25.29
N SER B 170 -65.33 -6.99 26.24
CA SER B 170 -66.41 -6.23 26.86
C SER B 170 -67.09 -5.30 25.87
N MET B 171 -66.33 -4.69 24.95
CA MET B 171 -66.95 -3.79 23.99
C MET B 171 -67.93 -4.51 23.06
N ASP B 172 -67.57 -5.71 22.60
CA ASP B 172 -68.38 -6.43 21.61
C ASP B 172 -69.65 -6.95 22.27
N ASP B 173 -70.72 -6.16 22.13
CA ASP B 173 -72.01 -6.56 22.66
C ASP B 173 -72.75 -7.47 21.69
N VAL B 174 -72.58 -7.25 20.39
CA VAL B 174 -73.31 -8.04 19.39
C VAL B 174 -72.81 -9.48 19.44
N PRO B 175 -73.70 -10.48 19.41
CA PRO B 175 -73.23 -11.88 19.40
C PRO B 175 -72.70 -12.27 18.03
N HIS B 176 -71.78 -13.23 18.03
CA HIS B 176 -71.21 -13.79 16.80
C HIS B 176 -71.23 -15.32 16.88
N PRO B 177 -72.41 -15.94 16.73
CA PRO B 177 -72.48 -17.41 16.75
C PRO B 177 -71.97 -18.04 15.46
N ASN B 178 -70.69 -17.78 15.16
CA ASN B 178 -70.10 -18.30 13.93
C ASN B 178 -69.84 -19.79 14.06
N ALA B 179 -69.71 -20.45 12.91
CA ALA B 179 -69.53 -21.91 12.88
C ALA B 179 -68.23 -22.32 13.56
N SER B 180 -67.15 -21.59 13.33
CA SER B 180 -65.84 -22.01 13.84
C SER B 180 -65.04 -20.88 14.47
N ALA B 181 -65.58 -19.66 14.53
CA ALA B 181 -64.83 -18.57 15.15
C ALA B 181 -64.81 -18.69 16.66
N VAL B 182 -65.67 -19.55 17.22
CA VAL B 182 -65.73 -19.76 18.66
C VAL B 182 -64.43 -20.42 19.15
N SER B 183 -63.86 -21.28 18.31
CA SER B 183 -62.66 -22.02 18.72
C SER B 183 -61.44 -21.11 18.73
N SER B 184 -61.31 -20.26 17.72
CA SER B 184 -60.15 -19.37 17.58
C SER B 184 -60.55 -17.95 17.97
N ARG B 185 -59.97 -17.45 19.06
CA ARG B 185 -60.31 -16.13 19.57
C ARG B 185 -59.55 -15.00 18.89
N HIS B 186 -58.37 -15.26 18.35
CA HIS B 186 -57.50 -14.24 17.78
C HIS B 186 -57.25 -13.13 18.80
N PRO B 187 -56.46 -13.39 19.84
CA PRO B 187 -56.29 -12.41 20.91
C PRO B 187 -55.66 -11.11 20.41
N TRP B 188 -56.04 -10.02 21.06
CA TRP B 188 -55.52 -8.70 20.71
C TRP B 188 -54.08 -8.55 21.17
N LYS B 189 -53.30 -7.82 20.36
CA LYS B 189 -51.89 -7.58 20.65
C LYS B 189 -51.61 -6.09 20.69
N LEU B 190 -50.36 -5.74 20.99
CA LEU B 190 -49.96 -4.36 21.22
C LEU B 190 -48.76 -3.98 20.38
N SER B 191 -48.66 -2.69 20.08
CA SER B 191 -47.52 -2.09 19.41
C SER B 191 -47.15 -0.79 20.13
N PHE B 192 -45.90 -0.39 19.99
CA PHE B 192 -45.36 0.74 20.76
C PHE B 192 -44.77 1.79 19.84
N LYS B 193 -44.74 3.02 20.35
CA LYS B 193 -44.17 4.17 19.67
C LYS B 193 -43.70 5.16 20.73
N GLY B 194 -43.10 6.26 20.30
CA GLY B 194 -42.60 7.25 21.23
C GLY B 194 -41.08 7.35 21.23
N SER B 195 -40.54 7.69 22.40
CA SER B 195 -39.10 7.79 22.57
C SER B 195 -38.59 6.59 23.35
N PHE B 196 -37.53 5.97 22.85
CA PHE B 196 -36.93 4.80 23.48
C PHE B 196 -35.67 5.12 24.26
N GLY B 197 -35.21 6.37 24.24
CA GLY B 197 -34.04 6.74 25.01
C GLY B 197 -32.80 6.02 24.50
N ALA B 198 -32.17 5.25 25.38
CA ALA B 198 -30.94 4.53 25.07
C ALA B 198 -31.20 3.18 24.40
N HIS B 199 -32.46 2.83 24.16
CA HIS B 199 -32.81 1.55 23.57
C HIS B 199 -32.88 1.61 22.04
N ALA B 200 -32.56 2.74 21.44
CA ALA B 200 -32.48 2.85 19.99
C ALA B 200 -31.06 2.55 19.55
N LEU B 201 -30.88 1.43 18.85
CA LEU B 201 -29.55 0.92 18.53
C LEU B 201 -29.54 0.47 17.07
N SER B 202 -28.45 -0.20 16.69
CA SER B 202 -28.23 -0.72 15.36
C SER B 202 -27.71 -2.16 15.50
N PRO B 203 -27.73 -2.97 14.43
CA PRO B 203 -27.24 -4.34 14.54
C PRO B 203 -25.80 -4.47 15.01
N ARG B 204 -25.05 -3.38 15.11
CA ARG B 204 -23.66 -3.44 15.57
C ARG B 204 -23.51 -3.12 17.05
N THR B 205 -24.28 -2.17 17.58
CA THR B 205 -24.19 -1.79 18.98
C THR B 205 -25.08 -2.64 19.88
N LEU B 206 -25.54 -3.79 19.40
CA LEU B 206 -26.40 -4.68 20.17
C LEU B 206 -25.54 -5.81 20.72
N THR B 207 -25.43 -5.89 22.05
CA THR B 207 -24.58 -6.86 22.70
C THR B 207 -25.36 -7.68 23.72
N ALA B 208 -24.65 -8.46 24.54
CA ALA B 208 -25.27 -9.33 25.54
C ALA B 208 -25.86 -8.56 26.71
N GLN B 209 -25.62 -7.26 26.78
CA GLN B 209 -26.19 -6.41 27.82
C GLN B 209 -27.63 -6.03 27.55
N HIS B 210 -28.12 -6.24 26.32
CA HIS B 210 -29.46 -5.84 25.93
C HIS B 210 -30.43 -7.01 25.84
N LEU B 211 -30.03 -8.22 26.24
CA LEU B 211 -30.90 -9.37 26.13
C LEU B 211 -32.08 -9.24 27.10
N ASN B 212 -33.24 -9.76 26.67
CA ASN B 212 -34.49 -9.66 27.43
C ASN B 212 -34.87 -8.20 27.68
N LYS B 213 -34.70 -7.36 26.66
CA LYS B 213 -35.06 -5.95 26.73
C LYS B 213 -35.80 -5.55 25.47
N LEU B 214 -36.61 -4.51 25.58
CA LEU B 214 -37.34 -3.97 24.43
C LEU B 214 -36.44 -2.99 23.69
N VAL B 215 -36.17 -3.28 22.41
CA VAL B 215 -35.23 -2.51 21.63
C VAL B 215 -35.85 -2.19 20.28
N SER B 216 -35.23 -1.24 19.58
CA SER B 216 -35.56 -0.89 18.20
C SER B 216 -34.27 -0.83 17.40
N VAL B 217 -34.26 -1.49 16.24
CA VAL B 217 -33.08 -1.56 15.38
C VAL B 217 -33.42 -1.03 14.01
N GLU B 218 -32.52 -0.24 13.45
CA GLU B 218 -32.66 0.37 12.13
C GLU B 218 -31.71 -0.31 11.16
N GLY B 219 -32.19 -0.60 9.95
CA GLY B 219 -31.31 -1.25 9.00
C GLY B 219 -31.97 -1.46 7.66
N ILE B 220 -31.34 -2.33 6.87
CA ILE B 220 -31.78 -2.64 5.51
C ILE B 220 -32.05 -4.14 5.43
N VAL B 221 -33.22 -4.51 4.88
CA VAL B 221 -33.56 -5.90 4.72
C VAL B 221 -32.77 -6.50 3.57
N THR B 222 -32.17 -7.66 3.80
CA THR B 222 -31.40 -8.36 2.78
C THR B 222 -32.06 -9.68 2.35
N LYS B 223 -32.48 -10.49 3.30
CA LYS B 223 -33.06 -11.80 3.01
C LYS B 223 -34.37 -11.97 3.75
N THR B 224 -35.30 -12.68 3.12
CA THR B 224 -36.56 -13.08 3.74
C THR B 224 -36.82 -14.54 3.46
N SER B 225 -37.53 -15.20 4.37
CA SER B 225 -37.87 -16.61 4.19
C SER B 225 -39.31 -16.75 3.68
N LEU B 226 -39.62 -17.95 3.21
CA LEU B 226 -40.96 -18.24 2.70
C LEU B 226 -41.95 -18.31 3.85
N VAL B 227 -43.19 -17.92 3.56
CA VAL B 227 -44.22 -17.90 4.60
C VAL B 227 -44.79 -19.31 4.77
N ARG B 228 -44.77 -19.79 6.00
CA ARG B 228 -45.20 -21.15 6.33
C ARG B 228 -46.27 -21.06 7.41
N PRO B 229 -47.17 -22.04 7.47
CA PRO B 229 -48.14 -22.07 8.57
C PRO B 229 -47.66 -22.90 9.75
N LYS B 230 -47.96 -22.46 10.96
CA LYS B 230 -47.55 -23.12 12.19
C LYS B 230 -48.76 -23.41 13.05
N LEU B 231 -48.77 -24.61 13.64
CA LEU B 231 -49.89 -25.10 14.43
C LEU B 231 -49.84 -24.52 15.84
N ILE B 232 -50.97 -24.07 16.35
CA ILE B 232 -51.05 -23.55 17.70
C ILE B 232 -52.04 -24.32 18.58
N ARG B 233 -53.09 -24.90 18.01
CA ARG B 233 -54.05 -25.68 18.78
C ARG B 233 -54.71 -26.68 17.84
N SER B 234 -54.89 -27.91 18.33
CA SER B 234 -55.48 -28.98 17.54
C SER B 234 -56.74 -29.47 18.21
N VAL B 235 -57.78 -29.75 17.41
CA VAL B 235 -59.07 -30.19 17.90
C VAL B 235 -59.38 -31.55 17.31
N HIS B 236 -59.83 -32.48 18.15
CA HIS B 236 -60.10 -33.86 17.76
C HIS B 236 -61.52 -34.24 18.18
N TYR B 237 -62.15 -35.07 17.38
CA TYR B 237 -63.51 -35.54 17.63
C TYR B 237 -63.46 -37.00 18.07
N ALA B 238 -64.25 -37.33 19.09
CA ALA B 238 -64.29 -38.68 19.65
C ALA B 238 -65.61 -39.35 19.27
N ALA B 239 -65.50 -40.54 18.67
CA ALA B 239 -66.68 -41.32 18.35
C ALA B 239 -67.24 -41.96 19.62
N LYS B 240 -68.50 -42.41 19.52
CA LYS B 240 -69.19 -43.12 20.58
C LYS B 240 -69.50 -42.22 21.78
N THR B 241 -69.04 -40.97 21.75
CA THR B 241 -69.31 -40.05 22.84
C THR B 241 -69.79 -38.71 22.31
N GLY B 242 -69.28 -38.30 21.15
CA GLY B 242 -69.73 -37.09 20.49
C GLY B 242 -69.15 -35.79 21.01
N ARG B 243 -68.17 -35.84 21.89
CA ARG B 243 -67.54 -34.62 22.41
C ARG B 243 -66.18 -34.40 21.76
N PHE B 244 -65.72 -33.16 21.82
CA PHE B 244 -64.44 -32.75 21.24
C PHE B 244 -63.39 -32.60 22.33
N HIS B 245 -62.13 -32.71 21.93
CA HIS B 245 -61.00 -32.51 22.83
C HIS B 245 -59.91 -31.72 22.12
N TYR B 246 -59.31 -30.76 22.83
CA TYR B 246 -58.30 -29.89 22.22
C TYR B 246 -56.96 -30.03 22.94
N ARG B 247 -55.89 -29.90 22.16
CA ARG B 247 -54.52 -29.91 22.67
C ARG B 247 -53.84 -28.62 22.23
N ASP B 248 -53.14 -27.97 23.16
CA ASP B 248 -52.47 -26.71 22.90
C ASP B 248 -50.99 -26.95 22.64
N TYR B 249 -50.38 -26.10 21.83
CA TYR B 249 -48.97 -26.18 21.51
C TYR B 249 -48.31 -24.83 21.70
N THR B 250 -47.05 -24.86 22.16
CA THR B 250 -46.27 -23.64 22.36
C THR B 250 -44.86 -23.88 21.85
N ASP B 251 -44.19 -22.79 21.51
CA ASP B 251 -42.82 -22.84 21.00
C ASP B 251 -42.03 -21.69 21.63
N ALA B 252 -40.70 -21.78 21.51
CA ALA B 252 -39.84 -20.73 22.05
C ALA B 252 -40.09 -19.39 21.36
N THR B 253 -40.28 -19.41 20.04
CA THR B 253 -40.51 -18.17 19.31
C THR B 253 -41.95 -17.70 19.45
N THR B 254 -42.87 -18.59 19.84
CA THR B 254 -44.28 -18.21 19.91
C THR B 254 -44.56 -17.31 21.11
N THR B 255 -44.01 -17.63 22.28
CA THR B 255 -44.35 -16.95 23.51
C THR B 255 -43.11 -16.31 24.12
N LEU B 256 -43.34 -15.33 25.00
CA LEU B 256 -42.27 -14.60 25.67
C LEU B 256 -41.77 -15.30 26.93
N THR B 257 -42.45 -16.35 27.38
CA THR B 257 -42.08 -17.08 28.58
C THR B 257 -41.73 -18.52 28.22
N THR B 258 -40.66 -19.03 28.82
CA THR B 258 -40.20 -20.39 28.58
C THR B 258 -41.15 -21.36 29.27
N ARG B 259 -41.54 -22.41 28.54
CA ARG B 259 -42.45 -23.41 29.05
C ARG B 259 -41.95 -24.80 28.65
N ILE B 260 -42.65 -25.82 29.14
CA ILE B 260 -42.31 -27.19 28.76
C ILE B 260 -42.61 -27.38 27.28
N PRO B 261 -41.69 -27.93 26.49
CA PRO B 261 -41.92 -28.02 25.05
C PRO B 261 -42.96 -29.06 24.70
N THR B 262 -43.48 -28.96 23.47
CA THR B 262 -44.49 -29.84 22.95
C THR B 262 -43.97 -30.58 21.72
N PRO B 263 -44.30 -31.87 21.57
CA PRO B 263 -43.76 -32.67 20.47
C PRO B 263 -44.47 -32.51 19.13
N ALA B 264 -45.56 -31.74 19.07
CA ALA B 264 -46.32 -31.50 17.85
C ALA B 264 -46.79 -32.81 17.19
N ILE B 265 -47.31 -33.73 17.99
CA ILE B 265 -47.86 -35.00 17.50
C ILE B 265 -49.33 -35.04 17.89
N TYR B 266 -50.19 -35.30 16.92
CA TYR B 266 -51.63 -35.26 17.16
C TYR B 266 -52.04 -36.43 18.07
N PRO B 267 -52.84 -36.16 19.10
CA PRO B 267 -53.37 -37.26 19.92
C PRO B 267 -54.22 -38.20 19.07
N THR B 268 -54.10 -39.50 19.36
CA THR B 268 -54.83 -40.53 18.62
C THR B 268 -55.77 -41.33 19.50
N GLU B 269 -55.49 -41.42 20.80
CA GLU B 269 -56.29 -42.20 21.72
C GLU B 269 -56.91 -41.29 22.78
N ASP B 270 -58.20 -41.49 23.04
CA ASP B 270 -58.88 -40.78 24.10
C ASP B 270 -58.41 -41.27 25.47
N THR B 271 -58.85 -40.59 26.52
CA THR B 271 -58.53 -41.04 27.87
C THR B 271 -59.14 -42.40 28.16
N GLU B 272 -60.30 -42.68 27.57
CA GLU B 272 -60.95 -43.98 27.71
C GLU B 272 -60.57 -44.96 26.61
N GLY B 273 -59.70 -44.56 25.69
CA GLY B 273 -59.27 -45.44 24.62
C GLY B 273 -60.03 -45.32 23.32
N ASN B 274 -61.04 -44.44 23.25
CA ASN B 274 -61.79 -44.27 22.02
C ASN B 274 -60.93 -43.59 20.96
N LYS B 275 -61.13 -44.00 19.71
CA LYS B 275 -60.35 -43.43 18.61
C LYS B 275 -60.70 -41.96 18.42
N LEU B 276 -59.66 -41.16 18.18
CA LEU B 276 -59.80 -39.72 17.98
C LEU B 276 -59.53 -39.40 16.51
N THR B 277 -60.34 -38.52 15.93
CA THR B 277 -60.18 -38.11 14.55
C THR B 277 -59.87 -36.61 14.50
N THR B 278 -58.79 -36.26 13.81
CA THR B 278 -58.44 -34.86 13.68
C THR B 278 -59.41 -34.14 12.75
N GLU B 279 -59.88 -32.97 13.20
CA GLU B 279 -60.88 -32.19 12.47
C GLU B 279 -60.26 -30.87 12.06
N TYR B 280 -59.62 -30.85 10.90
CA TYR B 280 -59.12 -29.60 10.35
C TYR B 280 -60.28 -28.68 10.02
N GLY B 281 -60.06 -27.38 10.15
CA GLY B 281 -61.11 -26.39 10.04
C GLY B 281 -61.58 -25.85 11.36
N TYR B 282 -61.25 -26.54 12.46
CA TYR B 282 -61.44 -26.01 13.80
C TYR B 282 -60.13 -25.73 14.52
N SER B 283 -59.00 -26.17 13.97
CA SER B 283 -57.70 -25.92 14.57
C SER B 283 -57.23 -24.49 14.25
N THR B 284 -56.10 -24.12 14.82
CA THR B 284 -55.55 -22.78 14.68
C THR B 284 -54.14 -22.84 14.09
N PHE B 285 -53.93 -22.07 13.03
CA PHE B 285 -52.63 -21.94 12.39
C PHE B 285 -52.30 -20.46 12.24
N ILE B 286 -51.00 -20.16 12.31
CA ILE B 286 -50.50 -18.79 12.21
C ILE B 286 -49.34 -18.74 11.24
N ASP B 287 -49.31 -17.70 10.41
CA ASP B 287 -48.25 -17.51 9.43
C ASP B 287 -46.96 -17.09 10.12
N HIS B 288 -45.83 -17.60 9.62
CA HIS B 288 -44.53 -17.39 10.23
C HIS B 288 -43.52 -17.00 9.17
N GLN B 289 -42.67 -16.02 9.46
CA GLN B 289 -41.64 -15.57 8.54
C GLN B 289 -40.40 -15.14 9.31
N ARG B 290 -39.25 -15.19 8.64
CA ARG B 290 -37.99 -14.74 9.22
C ARG B 290 -37.27 -13.83 8.22
N ILE B 291 -36.89 -12.65 8.68
CA ILE B 291 -36.17 -11.70 7.84
C ILE B 291 -34.81 -11.41 8.47
N THR B 292 -33.91 -10.88 7.64
CA THR B 292 -32.58 -10.49 8.08
C THR B 292 -32.39 -9.00 7.83
N VAL B 293 -31.96 -8.27 8.86
CA VAL B 293 -31.79 -6.84 8.80
C VAL B 293 -30.31 -6.53 8.98
N GLN B 294 -29.73 -5.83 8.00
CA GLN B 294 -28.30 -5.49 8.00
C GLN B 294 -28.12 -4.02 8.31
N GLU B 295 -26.95 -3.68 8.83
CA GLU B 295 -26.63 -2.30 9.15
C GLU B 295 -26.47 -1.48 7.87
N MET B 296 -26.78 -0.19 7.96
CA MET B 296 -26.55 0.70 6.84
C MET B 296 -25.06 0.79 6.56
N PRO B 297 -24.60 0.52 5.33
CA PRO B 297 -23.15 0.50 5.07
C PRO B 297 -22.48 1.86 5.22
N GLU B 298 -23.25 2.95 5.18
CA GLU B 298 -22.64 4.28 5.27
C GLU B 298 -22.20 4.61 6.69
N MET B 299 -22.76 3.92 7.68
CA MET B 299 -22.44 4.19 9.08
C MET B 299 -21.39 3.23 9.65
N ALA B 300 -20.86 2.32 8.85
CA ALA B 300 -19.91 1.34 9.36
C ALA B 300 -18.58 2.00 9.70
N PRO B 301 -17.86 1.46 10.67
CA PRO B 301 -16.53 2.00 10.99
C PRO B 301 -15.54 1.75 9.87
N ALA B 302 -14.37 2.38 9.99
CA ALA B 302 -13.35 2.26 8.97
C ALA B 302 -12.76 0.86 8.96
N GLY B 303 -12.66 0.27 7.77
CA GLY B 303 -12.05 -1.03 7.60
C GLY B 303 -12.89 -2.21 8.03
N GLN B 304 -14.17 -2.01 8.33
CA GLN B 304 -15.03 -3.07 8.82
C GLN B 304 -16.23 -3.24 7.90
N LEU B 305 -16.75 -4.47 7.83
CA LEU B 305 -17.92 -4.79 7.02
C LEU B 305 -19.18 -4.75 7.88
N PRO B 306 -20.33 -4.40 7.29
CA PRO B 306 -21.55 -4.28 8.08
C PRO B 306 -22.02 -5.62 8.63
N ARG B 307 -22.66 -5.57 9.80
CA ARG B 307 -23.17 -6.74 10.48
C ARG B 307 -24.70 -6.78 10.41
N SER B 308 -25.25 -7.98 10.58
CA SER B 308 -26.68 -8.20 10.41
C SER B 308 -27.24 -8.99 11.58
N ILE B 309 -28.57 -8.95 11.70
CA ILE B 309 -29.30 -9.63 12.76
C ILE B 309 -30.56 -10.25 12.14
N ASP B 310 -31.19 -11.14 12.90
CA ASP B 310 -32.36 -11.89 12.43
C ASP B 310 -33.59 -11.46 13.22
N VAL B 311 -34.72 -11.29 12.52
CA VAL B 311 -35.99 -10.89 13.12
C VAL B 311 -37.04 -11.90 12.70
N ILE B 312 -37.92 -12.26 13.62
CA ILE B 312 -39.00 -13.22 13.36
C ILE B 312 -40.33 -12.47 13.39
N LEU B 313 -41.10 -12.61 12.32
CA LEU B 313 -42.40 -11.98 12.19
C LEU B 313 -43.48 -13.05 12.16
N ASP B 314 -44.64 -12.71 12.72
CA ASP B 314 -45.72 -13.68 12.85
C ASP B 314 -47.07 -12.99 12.71
N ASP B 315 -48.09 -13.81 12.43
CA ASP B 315 -49.48 -13.39 12.33
C ASP B 315 -49.68 -12.34 11.23
N ASP B 316 -49.95 -11.10 11.62
CA ASP B 316 -50.32 -10.04 10.69
C ASP B 316 -49.13 -9.22 10.21
N LEU B 317 -47.92 -9.51 10.69
CA LEU B 317 -46.72 -8.77 10.32
C LEU B 317 -46.04 -9.38 9.10
N VAL B 318 -46.63 -10.39 8.50
CA VAL B 318 -45.98 -11.14 7.41
C VAL B 318 -46.10 -10.38 6.10
N ASP B 319 -45.00 -10.38 5.34
CA ASP B 319 -44.94 -9.78 4.00
C ASP B 319 -45.20 -8.29 4.03
N LYS B 320 -44.72 -7.60 5.06
CA LYS B 320 -44.72 -6.14 5.09
C LYS B 320 -43.39 -5.55 4.70
N THR B 321 -42.41 -6.39 4.38
CA THR B 321 -41.08 -5.93 3.98
C THR B 321 -40.60 -6.75 2.79
N LYS B 322 -39.72 -6.16 2.00
CA LYS B 322 -39.09 -6.79 0.86
C LYS B 322 -37.59 -6.52 0.92
N PRO B 323 -36.77 -7.37 0.29
CA PRO B 323 -35.33 -7.13 0.30
C PRO B 323 -34.97 -5.78 -0.30
N GLY B 324 -33.98 -5.13 0.29
CA GLY B 324 -33.54 -3.82 -0.11
C GLY B 324 -34.22 -2.67 0.61
N ASP B 325 -35.29 -2.94 1.33
CA ASP B 325 -36.02 -1.89 2.04
C ASP B 325 -35.23 -1.40 3.24
N ARG B 326 -35.49 -0.15 3.62
CA ARG B 326 -34.95 0.44 4.84
C ARG B 326 -36.05 0.43 5.89
N VAL B 327 -35.81 -0.29 6.99
CA VAL B 327 -36.84 -0.54 7.99
C VAL B 327 -36.31 -0.24 9.39
N ASN B 328 -37.25 -0.05 10.31
CA ASN B 328 -36.97 0.09 11.73
C ASN B 328 -37.90 -0.86 12.49
N VAL B 329 -37.32 -1.84 13.16
CA VAL B 329 -38.08 -2.92 13.80
C VAL B 329 -37.98 -2.77 15.31
N VAL B 330 -39.14 -2.73 15.97
CA VAL B 330 -39.23 -2.66 17.43
C VAL B 330 -39.68 -4.02 17.93
N GLY B 331 -38.91 -4.60 18.85
CA GLY B 331 -39.25 -5.90 19.40
C GLY B 331 -38.38 -6.22 20.59
N VAL B 332 -38.52 -7.46 21.06
CA VAL B 332 -37.82 -7.94 22.25
C VAL B 332 -36.61 -8.74 21.81
N PHE B 333 -35.44 -8.40 22.37
CA PHE B 333 -34.21 -9.12 22.10
C PHE B 333 -34.13 -10.32 23.03
N LYS B 334 -34.03 -11.52 22.46
CA LYS B 334 -34.25 -12.76 23.20
C LYS B 334 -33.17 -13.77 22.89
N SER B 335 -32.85 -14.61 23.88
CA SER B 335 -31.95 -15.73 23.67
C SER B 335 -32.75 -17.02 23.46
N LEU B 336 -32.07 -18.05 22.94
CA LEU B 336 -32.75 -19.27 22.57
C LEU B 336 -31.76 -20.42 22.54
N GLY B 337 -32.26 -21.62 22.76
CA GLY B 337 -31.50 -22.84 22.61
C GLY B 337 -30.93 -23.35 23.92
N ALA B 338 -29.88 -24.17 23.80
CA ALA B 338 -29.14 -24.67 24.94
C ALA B 338 -27.74 -24.09 25.07
N GLY B 339 -27.16 -23.58 23.99
CA GLY B 339 -25.89 -22.89 24.08
C GLY B 339 -24.72 -23.77 24.46
N GLY B 340 -24.71 -25.01 24.01
CA GLY B 340 -23.57 -25.87 24.20
C GLY B 340 -23.21 -26.19 25.63
N MET B 341 -24.13 -26.00 26.57
CA MET B 341 -23.93 -26.33 27.98
C MET B 341 -24.63 -27.63 28.32
N ASN B 342 -24.59 -28.60 27.41
CA ASN B 342 -25.44 -29.77 27.48
C ASN B 342 -24.67 -31.04 27.13
N GLN B 343 -25.38 -32.10 26.79
CA GLN B 343 -24.77 -33.41 26.58
C GLN B 343 -23.64 -33.35 25.57
N SER B 344 -23.70 -32.41 24.62
CA SER B 344 -22.65 -32.25 23.64
C SER B 344 -21.31 -31.94 24.31
N ASN B 345 -20.23 -32.14 23.56
CA ASN B 345 -18.89 -31.98 24.12
C ASN B 345 -18.62 -30.51 24.45
N SER B 346 -17.79 -30.30 25.47
CA SER B 346 -17.41 -28.96 25.86
C SER B 346 -16.53 -28.33 24.78
N ASN B 347 -16.86 -27.09 24.40
CA ASN B 347 -16.16 -26.41 23.32
C ASN B 347 -16.22 -24.90 23.56
N THR B 348 -15.12 -24.21 23.24
CA THR B 348 -15.06 -22.77 23.41
C THR B 348 -15.72 -22.03 22.25
N LEU B 349 -15.97 -22.75 21.15
CA LEU B 349 -16.52 -22.15 19.94
C LEU B 349 -18.04 -22.11 19.92
N ILE B 350 -18.69 -22.56 21.00
CA ILE B 350 -20.14 -22.70 21.03
C ILE B 350 -20.71 -21.66 21.98
N GLY B 351 -21.64 -20.85 21.47
CA GLY B 351 -22.36 -19.89 22.29
C GLY B 351 -23.85 -20.02 22.11
N PHE B 352 -24.60 -19.07 22.66
CA PHE B 352 -26.05 -19.09 22.53
C PHE B 352 -26.47 -18.37 21.26
N LYS B 353 -27.73 -18.57 20.87
CA LYS B 353 -28.31 -17.95 19.69
C LYS B 353 -29.27 -16.84 20.11
N THR B 354 -29.22 -15.73 19.36
CA THR B 354 -29.99 -14.55 19.68
C THR B 354 -30.97 -14.24 18.57
N LEU B 355 -32.12 -13.68 18.96
CA LEU B 355 -33.21 -13.41 18.02
C LEU B 355 -34.01 -12.23 18.55
N ILE B 356 -34.83 -11.67 17.66
CA ILE B 356 -35.73 -10.57 18.00
C ILE B 356 -37.15 -10.97 17.63
N LEU B 357 -38.07 -10.87 18.58
CA LEU B 357 -39.49 -11.08 18.33
C LEU B 357 -40.10 -9.70 18.05
N GLY B 358 -40.19 -9.36 16.77
CA GLY B 358 -40.62 -8.03 16.40
C GLY B 358 -42.07 -7.77 16.78
N ASN B 359 -42.30 -6.64 17.44
CA ASN B 359 -43.64 -6.14 17.70
C ASN B 359 -44.15 -5.24 16.59
N THR B 360 -43.30 -4.35 16.09
CA THR B 360 -43.72 -3.36 15.11
C THR B 360 -42.63 -3.16 14.06
N VAL B 361 -43.04 -2.81 12.85
CA VAL B 361 -42.13 -2.46 11.77
C VAL B 361 -42.55 -1.12 11.18
N TYR B 362 -41.62 -0.20 11.03
CA TYR B 362 -41.86 1.11 10.47
C TYR B 362 -40.95 1.36 9.28
N PRO B 363 -41.50 1.74 8.12
CA PRO B 363 -40.65 2.13 7.00
C PRO B 363 -40.06 3.52 7.22
N LEU B 364 -38.74 3.60 7.17
CA LEU B 364 -38.05 4.88 7.35
C LEU B 364 -38.36 5.84 6.20
N ARG B 374 -43.48 6.62 0.26
CA ARG B 374 -44.74 7.33 0.06
C ARG B 374 -44.89 8.46 1.08
N GLN B 375 -44.69 9.69 0.61
CA GLN B 375 -44.85 10.87 1.46
C GLN B 375 -46.27 11.38 1.31
N MET B 376 -47.09 11.17 2.34
CA MET B 376 -48.47 11.61 2.30
C MET B 376 -48.56 13.12 2.18
N LEU B 377 -49.46 13.58 1.30
CA LEU B 377 -49.60 15.00 0.98
C LEU B 377 -50.90 15.54 1.57
N THR B 378 -50.82 16.73 2.17
CA THR B 378 -51.98 17.41 2.72
C THR B 378 -52.61 18.29 1.65
N ASP B 379 -53.64 19.05 2.01
CA ASP B 379 -54.26 19.99 1.08
C ASP B 379 -53.41 21.21 0.81
N PHE B 380 -52.61 21.66 1.78
CA PHE B 380 -51.69 22.77 1.55
C PHE B 380 -50.67 22.43 0.48
N ASP B 381 -50.08 21.22 0.55
CA ASP B 381 -49.09 20.81 -0.43
C ASP B 381 -49.70 20.66 -1.81
N ILE B 382 -50.89 20.05 -1.90
CA ILE B 382 -51.55 19.87 -3.18
C ILE B 382 -51.95 21.21 -3.78
N ARG B 383 -52.44 22.13 -2.95
CA ARG B 383 -52.79 23.46 -3.44
C ARG B 383 -51.56 24.19 -3.95
N ASN B 384 -50.43 24.08 -3.24
CA ASN B 384 -49.19 24.68 -3.72
C ASN B 384 -48.75 24.07 -5.05
N ILE B 385 -48.90 22.75 -5.19
CA ILE B 385 -48.52 22.09 -6.45
C ILE B 385 -49.39 22.60 -7.59
N ASN B 386 -50.69 22.69 -7.37
CA ASN B 386 -51.59 23.17 -8.42
C ASN B 386 -51.33 24.64 -8.76
N LYS B 387 -50.95 25.44 -7.76
CA LYS B 387 -50.64 26.84 -8.02
C LYS B 387 -49.34 26.98 -8.80
N LEU B 388 -48.34 26.17 -8.47
CA LEU B 388 -47.06 26.23 -9.17
C LEU B 388 -47.14 25.60 -10.56
N SER B 389 -48.15 24.76 -10.80
CA SER B 389 -48.32 24.17 -12.13
C SER B 389 -48.64 25.24 -13.19
N LYS B 390 -49.44 26.24 -12.82
CA LYS B 390 -49.92 27.20 -13.81
C LYS B 390 -48.85 28.17 -14.28
N LYS B 391 -47.70 28.22 -13.61
CA LYS B 391 -46.63 29.11 -14.07
C LYS B 391 -46.10 28.66 -15.42
N LYS B 392 -45.83 29.63 -16.30
CA LYS B 392 -45.44 29.32 -17.67
C LYS B 392 -44.08 28.62 -17.70
N ASP B 393 -43.09 29.16 -16.99
CA ASP B 393 -41.74 28.59 -16.99
C ASP B 393 -41.57 27.67 -15.79
N ILE B 394 -42.35 26.60 -15.78
CA ILE B 394 -42.24 25.59 -14.73
C ILE B 394 -41.24 24.49 -15.08
N PHE B 395 -41.17 24.10 -16.36
CA PHE B 395 -40.23 23.08 -16.78
C PHE B 395 -38.79 23.51 -16.55
N ASP B 396 -38.47 24.76 -16.86
CA ASP B 396 -37.11 25.27 -16.66
C ASP B 396 -36.74 25.27 -15.19
N ILE B 397 -37.64 25.73 -14.32
CA ILE B 397 -37.36 25.75 -12.89
C ILE B 397 -37.17 24.34 -12.37
N LEU B 398 -38.05 23.42 -12.75
CA LEU B 398 -37.95 22.04 -12.26
C LEU B 398 -36.65 21.39 -12.72
N SER B 399 -36.26 21.62 -13.98
CA SER B 399 -35.03 21.03 -14.48
C SER B 399 -33.80 21.65 -13.82
N GLN B 400 -33.82 22.97 -13.59
CA GLN B 400 -32.65 23.63 -13.01
C GLN B 400 -32.51 23.32 -11.52
N SER B 401 -33.60 22.97 -10.85
CA SER B 401 -33.51 22.65 -9.43
C SER B 401 -32.72 21.37 -9.19
N LEU B 402 -32.56 20.54 -10.20
CA LEU B 402 -31.79 19.30 -10.05
C LEU B 402 -30.31 19.62 -9.94
N ALA B 403 -29.66 19.05 -8.93
CA ALA B 403 -28.23 19.16 -8.69
C ALA B 403 -27.74 20.59 -8.81
N PRO B 404 -28.06 21.46 -7.85
CA PRO B 404 -27.62 22.87 -7.96
C PRO B 404 -26.12 23.04 -7.81
N SER B 405 -25.36 21.98 -7.51
CA SER B 405 -23.92 22.05 -7.38
C SER B 405 -23.19 21.69 -8.68
N ILE B 406 -23.91 21.47 -9.77
CA ILE B 406 -23.34 21.20 -11.07
C ILE B 406 -23.54 22.42 -11.94
N TYR B 407 -22.46 22.91 -12.55
CA TYR B 407 -22.53 24.08 -13.41
C TYR B 407 -22.77 23.66 -14.85
N GLY B 408 -23.89 24.09 -15.42
CA GLY B 408 -24.21 23.76 -16.79
C GLY B 408 -24.97 22.46 -16.92
N HIS B 409 -24.83 21.84 -18.09
CA HIS B 409 -25.51 20.59 -18.44
C HIS B 409 -27.02 20.72 -18.28
N ASP B 410 -27.56 21.79 -18.86
CA ASP B 410 -28.99 22.07 -18.76
C ASP B 410 -29.83 21.02 -19.46
N HIS B 411 -29.44 20.61 -20.66
CA HIS B 411 -30.24 19.66 -21.44
C HIS B 411 -30.26 18.28 -20.79
N ILE B 412 -29.11 17.84 -20.25
CA ILE B 412 -29.07 16.56 -19.56
C ILE B 412 -29.95 16.62 -18.32
N LYS B 413 -29.96 17.77 -17.63
CA LYS B 413 -30.81 17.90 -16.44
C LYS B 413 -32.28 17.90 -16.81
N LYS B 414 -32.62 18.42 -18.00
CA LYS B 414 -34.00 18.31 -18.48
C LYS B 414 -34.35 16.86 -18.81
N ALA B 415 -33.41 16.13 -19.41
CA ALA B 415 -33.64 14.72 -19.75
C ALA B 415 -33.84 13.87 -18.49
N ILE B 416 -33.07 14.16 -17.44
CA ILE B 416 -33.24 13.43 -16.18
C ILE B 416 -34.62 13.68 -15.60
N LEU B 417 -35.08 14.93 -15.62
CA LEU B 417 -36.41 15.25 -15.13
C LEU B 417 -37.47 14.52 -15.93
N LEU B 418 -37.31 14.46 -17.25
CA LEU B 418 -38.28 13.71 -18.06
C LEU B 418 -38.22 12.22 -17.74
N MET B 419 -37.03 11.70 -17.38
CA MET B 419 -36.95 10.32 -16.89
C MET B 419 -37.77 10.14 -15.61
N LEU B 420 -37.68 11.10 -14.69
CA LEU B 420 -38.36 10.96 -13.41
C LEU B 420 -39.86 10.80 -13.60
N MET B 421 -40.44 11.53 -14.55
CA MET B 421 -41.87 11.41 -14.88
C MET B 421 -41.98 10.61 -16.17
N GLY B 422 -42.08 9.29 -16.01
CA GLY B 422 -42.04 8.40 -17.15
C GLY B 422 -43.28 8.50 -18.02
N GLY B 423 -43.20 7.86 -19.19
CA GLY B 423 -44.31 7.85 -20.11
C GLY B 423 -45.38 6.87 -19.72
N VAL B 424 -46.46 6.86 -20.51
CA VAL B 424 -47.60 5.99 -20.25
C VAL B 424 -47.43 4.69 -21.01
N GLU B 425 -47.47 3.57 -20.29
CA GLU B 425 -47.27 2.25 -20.89
C GLU B 425 -48.56 1.76 -21.52
N LYS B 426 -48.46 1.23 -22.73
CA LYS B 426 -49.60 0.77 -23.50
C LYS B 426 -49.55 -0.75 -23.61
N ASN B 427 -50.57 -1.42 -23.08
CA ASN B 427 -50.67 -2.86 -23.23
C ASN B 427 -51.41 -3.19 -24.53
N LEU B 428 -50.78 -4.01 -25.37
CA LEU B 428 -51.27 -4.28 -26.71
C LEU B 428 -51.46 -5.78 -26.90
N GLU B 429 -52.33 -6.12 -27.86
CA GLU B 429 -52.66 -7.50 -28.15
C GLU B 429 -51.42 -8.29 -28.56
N ASN B 430 -51.60 -9.61 -28.65
CA ASN B 430 -50.53 -10.59 -28.81
C ASN B 430 -49.64 -10.65 -27.57
N GLY B 431 -50.15 -10.20 -26.43
CA GLY B 431 -49.36 -10.22 -25.21
C GLY B 431 -48.14 -9.32 -25.25
N SER B 432 -48.32 -8.09 -25.74
CA SER B 432 -47.21 -7.16 -25.88
C SER B 432 -47.44 -5.93 -25.03
N HIS B 433 -46.36 -5.18 -24.78
CA HIS B 433 -46.46 -3.90 -24.09
C HIS B 433 -45.42 -2.95 -24.66
N LEU B 434 -45.84 -1.73 -24.95
CA LEU B 434 -44.90 -0.68 -25.33
C LEU B 434 -44.30 -0.05 -24.08
N ARG B 435 -42.98 -0.05 -24.00
CA ARG B 435 -42.32 0.42 -22.80
C ARG B 435 -42.54 1.92 -22.61
N GLY B 436 -42.73 2.32 -21.36
CA GLY B 436 -42.88 3.70 -20.99
C GLY B 436 -41.66 4.32 -20.34
N ASP B 437 -40.54 3.62 -20.30
CA ASP B 437 -39.35 4.13 -19.63
C ASP B 437 -38.45 4.86 -20.62
N ILE B 438 -37.73 5.86 -20.11
CA ILE B 438 -36.77 6.63 -20.90
C ILE B 438 -35.37 6.24 -20.43
N ASN B 439 -34.53 5.83 -21.37
CA ASN B 439 -33.19 5.33 -21.10
C ASN B 439 -32.18 6.30 -21.69
N ILE B 440 -31.21 6.74 -20.88
CA ILE B 440 -30.25 7.75 -21.31
C ILE B 440 -28.84 7.22 -21.13
N LEU B 441 -27.99 7.48 -22.12
CA LEU B 441 -26.57 7.16 -22.08
C LEU B 441 -25.77 8.44 -22.21
N MET B 442 -24.68 8.55 -21.44
CA MET B 442 -23.77 9.70 -21.51
C MET B 442 -22.38 9.21 -21.82
N VAL B 443 -21.84 9.63 -22.97
CA VAL B 443 -20.45 9.37 -23.34
C VAL B 443 -19.72 10.71 -23.36
N GLY B 444 -18.53 10.74 -22.76
CA GLY B 444 -17.83 12.00 -22.67
C GLY B 444 -16.41 11.85 -22.19
N ASP B 445 -15.76 13.00 -22.03
CA ASP B 445 -14.37 13.09 -21.64
C ASP B 445 -14.21 12.93 -20.14
N PRO B 446 -13.01 12.59 -19.67
CA PRO B 446 -12.79 12.46 -18.23
C PRO B 446 -13.05 13.76 -17.49
N SER B 447 -13.58 13.63 -16.27
CA SER B 447 -13.86 14.76 -15.38
C SER B 447 -14.90 15.70 -15.97
N THR B 448 -16.05 15.17 -16.40
CA THR B 448 -17.11 15.98 -16.98
C THR B 448 -18.42 15.85 -16.19
N ALA B 449 -18.32 15.48 -14.91
CA ALA B 449 -19.47 15.42 -14.00
C ALA B 449 -20.52 14.40 -14.46
N LYS B 450 -20.06 13.32 -15.11
CA LYS B 450 -20.99 12.25 -15.47
C LYS B 450 -21.39 11.42 -14.25
N SER B 451 -20.44 11.10 -13.39
CA SER B 451 -20.69 10.25 -12.23
C SER B 451 -21.35 10.97 -11.07
N GLN B 452 -21.34 12.30 -11.05
CA GLN B 452 -21.98 13.04 -9.99
C GLN B 452 -23.45 13.29 -10.24
N LEU B 453 -23.95 13.00 -11.45
CA LEU B 453 -25.38 13.02 -11.73
C LEU B 453 -26.05 11.69 -11.43
N LEU B 454 -25.36 10.57 -11.66
CA LEU B 454 -25.87 9.27 -11.26
C LEU B 454 -26.06 9.21 -9.75
N ARG B 455 -25.09 9.75 -9.00
CA ARG B 455 -25.23 9.78 -7.54
C ARG B 455 -26.41 10.64 -7.11
N PHE B 456 -26.67 11.74 -7.80
CA PHE B 456 -27.82 12.57 -7.47
C PHE B 456 -29.12 11.84 -7.77
N VAL B 457 -29.18 11.11 -8.89
CA VAL B 457 -30.37 10.35 -9.23
C VAL B 457 -30.60 9.25 -8.20
N LEU B 458 -29.52 8.68 -7.67
CA LEU B 458 -29.64 7.68 -6.61
C LEU B 458 -30.38 8.25 -5.41
N ASN B 459 -30.10 9.50 -5.05
CA ASN B 459 -30.67 10.08 -3.84
C ASN B 459 -32.06 10.64 -4.06
N THR B 460 -32.27 11.36 -5.18
CA THR B 460 -33.53 12.08 -5.34
C THR B 460 -34.69 11.17 -5.72
N ALA B 461 -34.42 10.06 -6.39
CA ALA B 461 -35.49 9.20 -6.86
C ALA B 461 -36.05 8.35 -5.74
N SER B 462 -37.27 7.86 -5.95
CA SER B 462 -37.92 7.01 -4.95
C SER B 462 -37.23 5.66 -4.84
N LEU B 463 -36.98 5.01 -5.97
CA LEU B 463 -36.28 3.73 -6.02
C LEU B 463 -35.12 3.83 -7.00
N ALA B 464 -33.93 3.43 -6.55
CA ALA B 464 -32.74 3.53 -7.38
C ALA B 464 -31.75 2.46 -6.95
N ILE B 465 -31.12 1.82 -7.92
CA ILE B 465 -30.11 0.79 -7.68
C ILE B 465 -28.84 1.14 -8.43
N ALA B 466 -27.71 1.13 -7.73
CA ALA B 466 -26.41 1.51 -8.28
C ALA B 466 -25.65 0.27 -8.70
N THR B 467 -24.96 0.36 -9.84
CA THR B 467 -24.20 -0.75 -10.40
C THR B 467 -22.92 -0.23 -11.03
N THR B 468 -21.86 -1.03 -10.93
CA THR B 468 -20.59 -0.74 -11.56
C THR B 468 -20.25 -1.86 -12.53
N GLY B 469 -19.65 -1.49 -13.66
CA GLY B 469 -19.47 -2.45 -14.75
C GLY B 469 -18.61 -3.63 -14.36
N ARG B 470 -17.42 -3.37 -13.83
CA ARG B 470 -16.46 -4.45 -13.59
C ARG B 470 -16.78 -5.27 -12.34
N GLY B 471 -17.57 -4.72 -11.41
CA GLY B 471 -17.88 -5.42 -10.19
C GLY B 471 -19.29 -6.00 -10.18
N SER B 472 -19.73 -6.53 -11.32
CA SER B 472 -21.07 -7.10 -11.44
C SER B 472 -21.01 -8.33 -12.32
N SER B 473 -22.00 -9.20 -12.17
CA SER B 473 -22.10 -10.42 -12.95
C SER B 473 -23.53 -10.59 -13.46
N GLY B 474 -23.69 -11.49 -14.42
CA GLY B 474 -25.01 -11.75 -14.97
C GLY B 474 -25.95 -12.37 -13.96
N VAL B 475 -25.45 -13.26 -13.12
CA VAL B 475 -26.25 -13.96 -12.12
C VAL B 475 -26.54 -12.99 -10.97
N GLY B 476 -25.79 -11.90 -10.91
CA GLY B 476 -25.99 -10.92 -9.85
C GLY B 476 -26.93 -9.81 -10.25
N LEU B 477 -27.26 -9.73 -11.54
CA LEU B 477 -28.19 -8.73 -12.05
C LEU B 477 -29.60 -9.26 -12.25
N THR B 478 -29.76 -10.56 -12.58
CA THR B 478 -31.08 -11.09 -12.91
C THR B 478 -31.62 -11.85 -11.72
N ALA B 479 -30.96 -12.92 -11.27
CA ALA B 479 -31.46 -13.75 -10.18
C ALA B 479 -30.43 -14.82 -9.86
N ALA B 480 -30.50 -15.34 -8.64
CA ALA B 480 -29.58 -16.39 -8.21
C ALA B 480 -30.32 -17.50 -7.47
N VAL B 481 -29.94 -18.74 -7.74
CA VAL B 481 -30.57 -19.88 -7.09
C VAL B 481 -29.92 -20.09 -5.73
N THR B 482 -30.72 -20.05 -4.67
CA THR B 482 -30.23 -20.27 -3.31
C THR B 482 -31.13 -21.25 -2.59
N THR B 483 -30.86 -21.45 -1.31
CA THR B 483 -31.63 -22.37 -0.48
C THR B 483 -32.19 -21.65 0.74
N ASP B 484 -33.36 -22.10 1.19
CA ASP B 484 -34.00 -21.56 2.37
C ASP B 484 -33.67 -22.47 3.56
N ARG B 485 -32.83 -21.97 4.47
CA ARG B 485 -32.36 -22.80 5.57
C ARG B 485 -33.50 -23.20 6.51
N GLU B 486 -34.42 -22.27 6.79
CA GLU B 486 -35.44 -22.52 7.80
C GLU B 486 -36.37 -23.67 7.39
N THR B 487 -36.80 -23.70 6.14
CA THR B 487 -37.77 -24.70 5.70
C THR B 487 -37.16 -25.83 4.88
N GLY B 488 -36.19 -25.53 4.01
CA GLY B 488 -35.43 -26.55 3.32
C GLY B 488 -35.58 -26.58 1.81
N GLU B 489 -36.47 -25.79 1.23
CA GLU B 489 -36.63 -25.83 -0.22
C GLU B 489 -35.50 -25.06 -0.91
N ARG B 490 -35.52 -25.12 -2.24
CA ARG B 490 -34.63 -24.33 -3.08
C ARG B 490 -35.44 -23.20 -3.73
N ARG B 491 -34.91 -21.99 -3.66
CA ARG B 491 -35.67 -20.82 -4.06
C ARG B 491 -34.78 -19.88 -4.86
N LEU B 492 -35.37 -18.76 -5.29
CA LEU B 492 -34.67 -17.75 -6.05
C LEU B 492 -34.49 -16.49 -5.22
N GLU B 493 -33.36 -15.81 -5.45
CA GLU B 493 -33.03 -14.55 -4.80
C GLU B 493 -32.88 -13.48 -5.88
N ALA B 494 -33.51 -12.33 -5.64
CA ALA B 494 -33.59 -11.28 -6.65
C ALA B 494 -32.23 -10.63 -6.87
N GLY B 495 -32.03 -10.15 -8.10
CA GLY B 495 -30.82 -9.44 -8.45
C GLY B 495 -31.04 -7.94 -8.54
N ALA B 496 -30.11 -7.21 -9.14
CA ALA B 496 -30.19 -5.76 -9.17
C ALA B 496 -31.33 -5.28 -10.06
N MET B 497 -31.47 -5.88 -11.25
CA MET B 497 -32.48 -5.41 -12.20
C MET B 497 -33.89 -5.65 -11.69
N VAL B 498 -34.15 -6.82 -11.10
CA VAL B 498 -35.51 -7.17 -10.72
C VAL B 498 -35.89 -6.52 -9.39
N LEU B 499 -34.90 -6.19 -8.57
CA LEU B 499 -35.16 -5.45 -7.34
C LEU B 499 -35.60 -4.02 -7.60
N ALA B 500 -35.30 -3.47 -8.77
CA ALA B 500 -35.65 -2.10 -9.12
C ALA B 500 -36.88 -2.03 -10.03
N ASP B 501 -37.84 -2.93 -9.84
CA ASP B 501 -39.08 -2.87 -10.60
C ASP B 501 -39.79 -1.54 -10.33
N ARG B 502 -40.20 -0.89 -11.41
CA ARG B 502 -40.77 0.46 -11.35
C ARG B 502 -39.81 1.43 -10.67
N GLY B 503 -38.53 1.30 -11.00
CA GLY B 503 -37.50 2.15 -10.48
C GLY B 503 -36.46 2.46 -11.52
N VAL B 504 -35.27 2.88 -11.06
CA VAL B 504 -34.19 3.24 -11.97
C VAL B 504 -32.92 2.49 -11.56
N VAL B 505 -32.11 2.19 -12.56
CA VAL B 505 -30.80 1.56 -12.38
C VAL B 505 -29.74 2.49 -12.96
N CYS B 506 -28.76 2.85 -12.15
CA CYS B 506 -27.67 3.74 -12.55
C CYS B 506 -26.40 2.90 -12.67
N ILE B 507 -25.90 2.74 -13.88
CA ILE B 507 -24.72 1.93 -14.17
C ILE B 507 -23.56 2.86 -14.50
N ASP B 508 -22.42 2.64 -13.84
CA ASP B 508 -21.22 3.43 -14.05
C ASP B 508 -20.13 2.55 -14.65
N GLU B 509 -19.26 3.16 -15.45
CA GLU B 509 -18.25 2.43 -16.24
C GLU B 509 -18.91 1.33 -17.07
N PHE B 510 -19.91 1.74 -17.86
CA PHE B 510 -20.74 0.78 -18.58
C PHE B 510 -19.95 0.07 -19.68
N ASP B 511 -18.95 0.73 -20.27
CA ASP B 511 -18.19 0.12 -21.34
C ASP B 511 -17.20 -0.92 -20.82
N LYS B 512 -16.81 -0.81 -19.54
CA LYS B 512 -15.84 -1.73 -18.96
C LYS B 512 -16.46 -3.06 -18.54
N MET B 513 -17.72 -3.29 -18.90
CA MET B 513 -18.40 -4.53 -18.52
C MET B 513 -18.08 -5.63 -19.53
N THR B 514 -17.92 -6.85 -19.02
CA THR B 514 -17.57 -7.98 -19.87
C THR B 514 -18.73 -8.33 -20.80
N ASP B 515 -18.39 -8.98 -21.92
CA ASP B 515 -19.40 -9.32 -22.91
C ASP B 515 -20.44 -10.29 -22.35
N VAL B 516 -20.01 -11.29 -21.61
CA VAL B 516 -20.93 -12.27 -21.04
C VAL B 516 -21.91 -11.59 -20.10
N ASP B 517 -21.45 -10.56 -19.40
CA ASP B 517 -22.30 -9.73 -18.55
C ASP B 517 -23.25 -8.85 -19.38
N ARG B 518 -22.81 -8.37 -20.54
CA ARG B 518 -23.58 -7.38 -21.29
C ARG B 518 -24.76 -7.98 -22.06
N VAL B 519 -24.81 -9.30 -22.25
CA VAL B 519 -25.94 -9.89 -22.96
C VAL B 519 -27.20 -9.83 -22.11
N ALA B 520 -27.06 -10.13 -20.81
CA ALA B 520 -28.23 -10.19 -19.93
C ALA B 520 -28.97 -8.86 -19.90
N ILE B 521 -28.22 -7.76 -19.67
CA ILE B 521 -28.83 -6.44 -19.67
C ILE B 521 -29.54 -6.17 -20.98
N HIS B 522 -29.06 -6.73 -22.08
CA HIS B 522 -29.75 -6.58 -23.36
C HIS B 522 -31.20 -7.08 -23.25
N GLU B 523 -31.39 -8.30 -22.75
CA GLU B 523 -32.74 -8.86 -22.69
C GLU B 523 -33.63 -8.02 -21.80
N VAL B 524 -33.13 -7.60 -20.64
CA VAL B 524 -33.91 -6.76 -19.74
C VAL B 524 -34.27 -5.44 -20.43
N MET B 525 -33.39 -4.94 -21.29
CA MET B 525 -33.68 -3.69 -21.99
C MET B 525 -34.71 -3.90 -23.09
N GLU B 526 -34.90 -5.15 -23.54
CA GLU B 526 -35.78 -5.41 -24.67
C GLU B 526 -37.14 -5.93 -24.24
N GLN B 527 -37.16 -7.04 -23.50
CA GLN B 527 -38.44 -7.64 -23.10
C GLN B 527 -38.92 -7.13 -21.75
N GLN B 528 -38.01 -6.56 -20.95
CA GLN B 528 -38.29 -6.14 -19.59
C GLN B 528 -38.68 -7.33 -18.71
N THR B 529 -38.29 -8.53 -19.11
CA THR B 529 -38.56 -9.74 -18.34
C THR B 529 -37.31 -10.61 -18.30
N VAL B 530 -37.19 -11.36 -17.22
CA VAL B 530 -36.07 -12.28 -17.01
C VAL B 530 -36.61 -13.71 -17.08
N THR B 531 -35.91 -14.59 -17.77
CA THR B 531 -36.29 -15.98 -17.88
C THR B 531 -35.28 -16.83 -17.11
N ILE B 532 -35.77 -17.58 -16.12
CA ILE B 532 -34.93 -18.48 -15.34
C ILE B 532 -35.39 -19.90 -15.60
N ALA B 533 -34.45 -20.75 -16.03
CA ALA B 533 -34.71 -22.15 -16.37
C ALA B 533 -33.61 -23.02 -15.80
N LYS B 534 -33.28 -22.80 -14.52
CA LYS B 534 -32.18 -23.50 -13.90
C LYS B 534 -32.66 -24.28 -12.68
N ALA B 535 -32.09 -25.47 -12.50
CA ALA B 535 -32.27 -26.28 -11.29
C ALA B 535 -33.75 -26.55 -11.01
N GLY B 536 -34.53 -26.78 -12.06
CA GLY B 536 -35.93 -27.09 -11.88
C GLY B 536 -36.80 -25.91 -11.50
N ILE B 537 -36.31 -24.69 -11.66
CA ILE B 537 -37.08 -23.48 -11.38
C ILE B 537 -37.27 -22.77 -12.71
N HIS B 538 -38.46 -22.93 -13.30
CA HIS B 538 -38.79 -22.32 -14.59
C HIS B 538 -39.77 -21.18 -14.33
N THR B 539 -39.29 -19.95 -14.48
CA THR B 539 -40.05 -18.79 -14.05
C THR B 539 -39.72 -17.60 -14.96
N THR B 540 -40.70 -16.71 -15.11
CA THR B 540 -40.53 -15.41 -15.75
C THR B 540 -40.71 -14.33 -14.71
N LEU B 541 -39.73 -13.44 -14.61
CA LEU B 541 -39.70 -12.40 -13.59
C LEU B 541 -39.85 -11.03 -14.23
N ASN B 542 -40.63 -10.16 -13.59
CA ASN B 542 -40.94 -8.84 -14.11
C ASN B 542 -39.84 -7.87 -13.68
N ALA B 543 -39.30 -7.13 -14.64
CA ALA B 543 -38.31 -6.08 -14.38
C ALA B 543 -38.59 -4.90 -15.29
N ARG B 544 -39.24 -3.87 -14.75
CA ARG B 544 -39.58 -2.66 -15.49
C ARG B 544 -38.82 -1.49 -14.87
N CYS B 545 -37.61 -1.27 -15.34
CA CYS B 545 -36.73 -0.25 -14.79
C CYS B 545 -36.20 0.66 -15.89
N SER B 546 -35.88 1.89 -15.50
CA SER B 546 -35.29 2.89 -16.38
C SER B 546 -33.78 2.86 -16.21
N VAL B 547 -33.05 2.97 -17.30
CA VAL B 547 -31.60 2.84 -17.29
C VAL B 547 -30.96 4.18 -17.65
N ILE B 548 -30.11 4.68 -16.77
CA ILE B 548 -29.22 5.80 -17.05
C ILE B 548 -27.79 5.29 -16.89
N ALA B 549 -26.96 5.55 -17.88
CA ALA B 549 -25.63 4.96 -17.92
C ALA B 549 -24.60 6.02 -18.33
N ALA B 550 -23.36 5.79 -17.90
CA ALA B 550 -22.23 6.65 -18.23
C ALA B 550 -21.08 5.79 -18.70
N ALA B 551 -20.40 6.23 -19.76
CA ALA B 551 -19.30 5.48 -20.33
C ALA B 551 -18.23 6.45 -20.83
N ASN B 552 -17.14 5.87 -21.33
CA ASN B 552 -16.03 6.61 -21.91
C ASN B 552 -15.75 6.09 -23.31
N PRO B 553 -15.21 6.94 -24.20
CA PRO B 553 -14.89 6.48 -25.55
C PRO B 553 -13.73 5.48 -25.54
N VAL B 554 -13.46 4.92 -26.71
CA VAL B 554 -12.41 3.91 -26.82
C VAL B 554 -11.06 4.48 -26.39
N PHE B 555 -10.74 5.68 -26.84
CA PHE B 555 -9.54 6.36 -26.38
C PHE B 555 -9.85 7.18 -25.14
N GLY B 556 -8.82 7.88 -24.65
CA GLY B 556 -9.00 8.68 -23.45
C GLY B 556 -10.01 9.79 -23.63
N GLN B 557 -10.06 10.39 -24.82
CA GLN B 557 -10.90 11.54 -25.09
C GLN B 557 -11.58 11.39 -26.43
N TYR B 558 -12.71 12.10 -26.58
CA TYR B 558 -13.47 12.02 -27.82
C TYR B 558 -12.71 12.66 -28.98
N ASP B 559 -12.72 11.98 -30.12
CA ASP B 559 -12.05 12.46 -31.32
C ASP B 559 -13.09 12.86 -32.36
N VAL B 560 -13.00 14.10 -32.84
CA VAL B 560 -13.94 14.59 -33.86
C VAL B 560 -13.48 14.27 -35.28
N ASN B 561 -12.24 13.80 -35.45
CA ASN B 561 -11.71 13.45 -36.77
C ASN B 561 -11.97 11.99 -37.13
N ARG B 562 -12.69 11.26 -36.28
CA ARG B 562 -13.01 9.86 -36.52
C ARG B 562 -14.52 9.67 -36.45
N ASP B 563 -14.99 8.63 -37.13
CA ASP B 563 -16.42 8.35 -37.19
C ASP B 563 -16.95 7.99 -35.81
N PRO B 564 -18.21 8.33 -35.53
CA PRO B 564 -18.78 8.08 -34.19
C PRO B 564 -18.71 6.64 -33.74
N HIS B 565 -18.90 5.68 -34.64
CA HIS B 565 -18.92 4.28 -34.22
C HIS B 565 -17.53 3.83 -33.77
N GLN B 566 -16.48 4.44 -34.31
CA GLN B 566 -15.12 4.09 -33.89
C GLN B 566 -14.85 4.58 -32.47
N ASN B 567 -15.50 5.67 -32.07
CA ASN B 567 -15.24 6.25 -30.75
C ASN B 567 -15.87 5.44 -29.64
N ILE B 568 -17.02 4.82 -29.91
CA ILE B 568 -17.77 4.07 -28.90
C ILE B 568 -17.58 2.59 -29.17
N ALA B 569 -17.15 1.85 -28.13
CA ALA B 569 -16.84 0.43 -28.30
C ALA B 569 -18.09 -0.43 -28.18
N LEU B 570 -19.20 0.16 -27.74
CA LEU B 570 -20.41 -0.60 -27.53
C LEU B 570 -20.98 -1.08 -28.87
N PRO B 571 -21.62 -2.24 -28.90
CA PRO B 571 -22.22 -2.73 -30.15
C PRO B 571 -23.45 -1.91 -30.53
N ASP B 572 -23.89 -2.10 -31.78
CA ASP B 572 -25.02 -1.33 -32.29
C ASP B 572 -26.35 -1.80 -31.68
N SER B 573 -26.48 -3.11 -31.45
CA SER B 573 -27.72 -3.63 -30.89
C SER B 573 -27.97 -3.06 -29.50
N LEU B 574 -26.94 -2.98 -28.67
CA LEU B 574 -27.09 -2.36 -27.36
C LEU B 574 -27.35 -0.87 -27.50
N LEU B 575 -26.66 -0.21 -28.42
CA LEU B 575 -26.78 1.24 -28.57
C LEU B 575 -28.15 1.67 -29.08
N SER B 576 -28.87 0.76 -29.76
CA SER B 576 -30.18 1.13 -30.29
C SER B 576 -31.23 1.25 -29.19
N ARG B 577 -30.98 0.64 -28.02
CA ARG B 577 -31.98 0.57 -26.97
C ARG B 577 -31.94 1.76 -26.01
N PHE B 578 -31.23 2.83 -26.34
CA PHE B 578 -31.19 4.03 -25.52
C PHE B 578 -31.90 5.16 -26.23
N ASP B 579 -32.82 5.82 -25.52
CA ASP B 579 -33.61 6.90 -26.12
C ASP B 579 -32.76 8.13 -26.43
N LEU B 580 -31.86 8.50 -25.54
CA LEU B 580 -31.06 9.71 -25.72
C LEU B 580 -29.60 9.41 -25.40
N LEU B 581 -28.74 9.63 -26.39
CA LEU B 581 -27.30 9.50 -26.24
C LEU B 581 -26.69 10.90 -26.23
N PHE B 582 -26.02 11.26 -25.15
CA PHE B 582 -25.42 12.57 -24.99
C PHE B 582 -23.90 12.46 -25.04
N VAL B 583 -23.29 13.05 -26.07
CA VAL B 583 -21.84 13.14 -26.18
C VAL B 583 -21.44 14.51 -25.65
N VAL B 584 -20.66 14.51 -24.58
CA VAL B 584 -20.26 15.74 -23.90
C VAL B 584 -18.75 15.88 -23.99
N THR B 585 -18.28 17.09 -24.28
CA THR B 585 -16.88 17.35 -24.50
C THR B 585 -16.44 18.58 -23.71
N ASP B 586 -15.23 18.52 -23.16
CA ASP B 586 -14.63 19.63 -22.42
C ASP B 586 -13.74 20.41 -23.38
N ASP B 587 -14.11 21.66 -23.65
CA ASP B 587 -13.39 22.54 -24.54
C ASP B 587 -12.78 23.68 -23.74
N ILE B 588 -11.53 24.01 -24.04
CA ILE B 588 -10.80 25.04 -23.29
C ILE B 588 -11.22 26.41 -23.80
N ASN B 589 -11.73 27.24 -22.88
CA ASN B 589 -12.12 28.61 -23.17
C ASN B 589 -11.99 29.43 -21.89
N GLU B 590 -11.37 30.60 -22.00
CA GLU B 590 -11.01 31.36 -20.81
C GLU B 590 -12.22 31.81 -20.00
N ILE B 591 -13.30 32.25 -20.65
CA ILE B 591 -14.48 32.70 -19.92
C ILE B 591 -15.15 31.53 -19.21
N ARG B 592 -15.26 30.38 -19.87
CA ARG B 592 -15.83 29.20 -19.23
C ARG B 592 -15.00 28.79 -18.03
N ASP B 593 -13.67 28.81 -18.16
CA ASP B 593 -12.81 28.46 -17.05
C ASP B 593 -12.96 29.44 -15.89
N ARG B 594 -13.01 30.74 -16.17
CA ARG B 594 -13.20 31.74 -15.13
C ARG B 594 -14.52 31.57 -14.40
N SER B 595 -15.61 31.28 -15.10
CA SER B 595 -16.89 31.04 -14.45
C SER B 595 -16.92 29.74 -13.64
N ILE B 596 -16.45 28.64 -14.22
CA ILE B 596 -16.56 27.35 -13.55
C ILE B 596 -15.62 27.27 -12.35
N SER B 597 -14.43 27.88 -12.46
CA SER B 597 -13.52 27.90 -11.32
C SER B 597 -14.11 28.71 -10.18
N GLU B 598 -14.73 29.84 -10.48
CA GLU B 598 -15.41 30.61 -9.47
C GLU B 598 -16.53 29.82 -8.80
N HIS B 599 -17.33 29.11 -9.58
CA HIS B 599 -18.40 28.28 -9.01
C HIS B 599 -17.86 27.19 -8.09
N VAL B 600 -16.82 26.47 -8.55
CA VAL B 600 -16.23 25.40 -7.74
C VAL B 600 -15.63 25.95 -6.46
N LEU B 601 -14.91 27.08 -6.55
CA LEU B 601 -14.32 27.67 -5.35
C LEU B 601 -15.38 28.19 -4.39
N ARG B 602 -16.51 28.67 -4.91
CA ARG B 602 -17.61 29.06 -4.04
C ARG B 602 -18.22 27.85 -3.34
N THR B 603 -18.34 26.72 -4.05
CA THR B 603 -18.91 25.51 -3.46
C THR B 603 -18.05 24.99 -2.32
N HIS B 604 -16.72 24.99 -2.48
CA HIS B 604 -15.79 24.41 -1.51
C HIS B 604 -15.66 25.24 -0.23
N ARG B 605 -16.45 26.29 -0.07
CA ARG B 605 -16.34 27.20 1.08
C ARG B 605 -17.67 27.22 1.82
N TYR B 606 -18.30 26.05 1.97
CA TYR B 606 -19.60 25.93 2.60
C TYR B 606 -19.43 25.32 3.98
N LEU B 607 -20.07 25.94 4.98
CA LEU B 607 -19.98 25.50 6.37
C LEU B 607 -21.35 25.06 6.86
N PRO B 608 -21.51 23.82 7.32
CA PRO B 608 -22.81 23.40 7.82
C PRO B 608 -23.20 24.19 9.06
N PRO B 609 -24.49 24.45 9.25
CA PRO B 609 -24.92 25.18 10.45
C PRO B 609 -24.59 24.41 11.71
N GLY B 610 -24.23 25.15 12.76
CA GLY B 610 -23.83 24.55 14.01
C GLY B 610 -22.39 24.09 14.08
N TYR B 611 -21.58 24.39 13.07
CA TYR B 611 -20.17 24.02 13.04
C TYR B 611 -19.32 25.27 13.03
N LEU B 612 -18.21 25.23 13.76
CA LEU B 612 -17.27 26.33 13.77
C LEU B 612 -16.24 26.17 12.66
N GLU B 613 -15.55 27.27 12.35
CA GLU B 613 -14.48 27.22 11.36
C GLU B 613 -13.34 26.35 11.87
N GLY B 614 -12.87 25.46 11.01
CA GLY B 614 -11.81 24.53 11.38
C GLY B 614 -12.27 23.32 12.16
N GLU B 615 -13.56 23.23 12.47
CA GLU B 615 -14.10 22.08 13.19
C GLU B 615 -14.38 20.95 12.21
N PRO B 616 -13.74 19.79 12.37
CA PRO B 616 -14.04 18.67 11.46
C PRO B 616 -15.50 18.25 11.57
N VAL B 617 -16.05 17.83 10.44
CA VAL B 617 -17.45 17.39 10.43
C VAL B 617 -17.55 16.07 11.19
N ARG B 618 -18.47 16.02 12.16
CA ARG B 618 -18.66 14.84 13.00
C ARG B 618 -19.84 14.06 12.45
N GLU B 619 -19.58 13.32 11.36
CA GLU B 619 -20.60 12.49 10.72
C GLU B 619 -20.69 11.16 11.46
N ARG B 620 -21.07 11.26 12.74
CA ARG B 620 -21.21 10.10 13.60
C ARG B 620 -22.53 10.06 14.37
N LEU B 621 -23.15 11.21 14.62
CA LEU B 621 -24.45 11.33 15.27
C LEU B 621 -24.40 10.94 16.75
N ASN B 622 -23.22 10.52 17.22
CA ASN B 622 -23.00 10.18 18.63
C ASN B 622 -24.01 9.16 19.14
N LEU B 623 -24.34 8.17 18.31
CA LEU B 623 -25.28 7.09 18.61
C LEU B 623 -26.69 7.57 18.89
N SER B 624 -27.00 8.84 18.62
CA SER B 624 -28.36 9.35 18.74
C SER B 624 -29.07 9.20 17.40
N LEU B 625 -29.51 7.96 17.14
CA LEU B 625 -30.10 7.64 15.84
C LEU B 625 -31.36 8.44 15.57
N ALA B 626 -32.23 8.56 16.57
CA ALA B 626 -33.47 9.30 16.40
C ALA B 626 -33.93 9.83 17.75
N VAL B 627 -34.69 10.93 17.70
CA VAL B 627 -35.23 11.53 18.91
C VAL B 627 -36.61 10.99 19.26
N GLY B 628 -37.46 10.72 18.27
CA GLY B 628 -38.76 10.15 18.52
C GLY B 628 -39.12 9.08 17.53
N GLU B 629 -39.42 7.88 18.01
CA GLU B 629 -39.61 6.72 17.16
C GLU B 629 -41.05 6.72 16.65
N ASP B 630 -41.22 6.75 15.34
CA ASP B 630 -42.56 6.83 14.76
C ASP B 630 -43.37 5.60 15.10
N PRO B 683 -35.03 34.99 -10.29
CA PRO B 683 -34.97 33.53 -10.39
C PRO B 683 -35.23 32.85 -9.05
N LYS B 684 -35.98 31.75 -9.07
CA LYS B 684 -36.34 31.02 -7.87
C LYS B 684 -36.06 29.53 -8.06
N LEU B 685 -35.72 28.87 -6.96
CA LEU B 685 -35.50 27.43 -6.94
C LEU B 685 -36.41 26.79 -5.89
N VAL B 686 -36.70 25.51 -6.10
CA VAL B 686 -37.58 24.75 -5.21
C VAL B 686 -36.73 23.78 -4.41
N THR B 687 -37.21 23.44 -3.21
CA THR B 687 -36.49 22.53 -2.34
C THR B 687 -36.75 21.09 -2.78
N ILE B 688 -35.79 20.21 -2.46
CA ILE B 688 -35.84 18.83 -2.98
C ILE B 688 -37.08 18.07 -2.52
N PRO B 689 -37.49 18.09 -1.24
CA PRO B 689 -38.72 17.37 -0.88
C PRO B 689 -39.95 17.83 -1.64
N PHE B 690 -40.05 19.14 -1.94
CA PHE B 690 -41.17 19.59 -2.75
C PHE B 690 -41.12 18.99 -4.14
N LEU B 691 -39.92 18.87 -4.70
CA LEU B 691 -39.77 18.21 -6.00
C LEU B 691 -40.20 16.75 -5.92
N ARG B 692 -39.84 16.06 -4.84
CA ARG B 692 -40.25 14.67 -4.67
C ARG B 692 -41.76 14.55 -4.62
N LYS B 693 -42.41 15.44 -3.87
CA LYS B 693 -43.87 15.45 -3.81
C LYS B 693 -44.48 15.71 -5.19
N TYR B 694 -43.90 16.67 -5.94
CA TYR B 694 -44.40 16.97 -7.27
C TYR B 694 -44.29 15.76 -8.19
N VAL B 695 -43.15 15.08 -8.16
CA VAL B 695 -42.95 13.92 -9.02
C VAL B 695 -43.90 12.81 -8.65
N GLN B 696 -44.07 12.54 -7.34
CA GLN B 696 -45.01 11.51 -6.92
C GLN B 696 -46.43 11.83 -7.36
N TYR B 697 -46.88 13.06 -7.15
CA TYR B 697 -48.24 13.45 -7.52
C TYR B 697 -48.45 13.34 -9.02
N ALA B 698 -47.48 13.78 -9.82
CA ALA B 698 -47.61 13.69 -11.26
C ALA B 698 -47.65 12.24 -11.73
N LYS B 699 -46.80 11.39 -11.15
CA LYS B 699 -46.77 10.00 -11.59
C LYS B 699 -48.05 9.26 -11.20
N GLU B 700 -48.66 9.63 -10.08
CA GLU B 700 -49.80 8.86 -9.61
C GLU B 700 -51.17 9.48 -9.92
N ARG B 701 -51.23 10.69 -10.48
CA ARG B 701 -52.52 11.34 -10.64
C ARG B 701 -52.90 11.75 -12.06
N VAL B 702 -51.95 11.82 -12.99
CA VAL B 702 -52.26 12.24 -14.36
C VAL B 702 -51.81 11.17 -15.34
N ILE B 703 -52.67 10.88 -16.32
CA ILE B 703 -52.35 9.97 -17.41
C ILE B 703 -52.81 10.62 -18.71
N PRO B 704 -51.98 11.45 -19.33
CA PRO B 704 -52.41 12.14 -20.56
C PRO B 704 -52.58 11.19 -21.73
N GLN B 705 -53.39 11.61 -22.70
CA GLN B 705 -53.63 10.86 -23.92
C GLN B 705 -53.22 11.70 -25.12
N LEU B 706 -52.78 11.02 -26.18
CA LEU B 706 -52.26 11.71 -27.35
C LEU B 706 -53.39 12.36 -28.14
N THR B 707 -53.06 13.45 -28.85
CA THR B 707 -54.01 14.19 -29.66
C THR B 707 -53.50 14.28 -31.08
N GLN B 708 -54.41 14.65 -32.00
CA GLN B 708 -54.06 14.71 -33.41
C GLN B 708 -53.11 15.85 -33.72
N GLU B 709 -53.33 17.03 -33.14
CA GLU B 709 -52.54 18.19 -33.50
C GLU B 709 -51.10 18.06 -33.03
N ALA B 710 -50.86 17.25 -31.99
CA ALA B 710 -49.50 16.93 -31.59
C ALA B 710 -48.87 15.91 -32.55
N ILE B 711 -49.68 14.96 -33.01
CA ILE B 711 -49.20 13.98 -33.99
C ILE B 711 -48.76 14.69 -35.28
N ASN B 712 -49.47 15.76 -35.64
CA ASN B 712 -49.11 16.49 -36.86
C ASN B 712 -47.72 17.09 -36.74
N VAL B 713 -47.36 17.60 -35.57
CA VAL B 713 -46.01 18.13 -35.36
C VAL B 713 -44.99 17.00 -35.32
N ILE B 714 -45.34 15.90 -34.66
CA ILE B 714 -44.39 14.79 -34.52
C ILE B 714 -44.04 14.21 -35.88
N VAL B 715 -45.03 14.03 -36.75
CA VAL B 715 -44.77 13.41 -38.05
C VAL B 715 -43.91 14.33 -38.91
N LYS B 716 -44.16 15.65 -38.87
CA LYS B 716 -43.36 16.55 -39.68
C LYS B 716 -41.92 16.60 -39.17
N ASN B 717 -41.72 16.59 -37.85
CA ASN B 717 -40.36 16.55 -37.33
C ASN B 717 -39.65 15.26 -37.72
N TYR B 718 -40.35 14.13 -37.64
CA TYR B 718 -39.74 12.85 -38.02
C TYR B 718 -39.34 12.83 -39.49
N THR B 719 -40.25 13.30 -40.36
CA THR B 719 -39.96 13.30 -41.79
C THR B 719 -38.82 14.25 -42.13
N ASP B 720 -38.78 15.41 -41.48
CA ASP B 720 -37.67 16.34 -41.73
C ASP B 720 -36.34 15.75 -41.25
N LEU B 721 -36.33 15.11 -40.09
CA LEU B 721 -35.09 14.57 -39.55
C LEU B 721 -34.59 13.41 -40.40
N ARG B 722 -35.48 12.54 -40.86
CA ARG B 722 -35.07 11.35 -41.60
C ARG B 722 -34.39 11.72 -42.91
N ASN B 723 -34.96 12.65 -43.65
CA ASN B 723 -34.49 13.00 -44.99
C ASN B 723 -33.58 14.22 -44.98
N ASP B 724 -32.38 14.08 -44.41
CA ASP B 724 -31.41 15.17 -44.40
C ASP B 724 -30.01 14.58 -44.44
N ASP B 725 -29.07 15.38 -44.96
CA ASP B 725 -27.69 14.93 -45.14
C ASP B 725 -26.80 15.26 -43.95
N ASN B 726 -27.35 15.82 -42.87
CA ASN B 726 -26.55 16.09 -41.69
C ASN B 726 -26.03 14.81 -41.08
N THR B 727 -24.76 14.83 -40.66
CA THR B 727 -24.12 13.67 -40.06
C THR B 727 -24.37 13.68 -38.56
N LYS B 728 -25.29 12.84 -38.10
CA LYS B 728 -25.61 12.73 -36.68
C LYS B 728 -24.70 11.73 -35.99
N LYS B 729 -24.57 11.88 -34.68
CA LYS B 729 -23.71 11.01 -33.90
C LYS B 729 -24.35 9.63 -33.73
N SER B 730 -25.62 9.51 -34.06
CA SER B 730 -26.32 8.23 -34.01
C SER B 730 -27.27 8.16 -35.19
N PRO B 731 -27.47 6.97 -35.76
CA PRO B 731 -28.41 6.83 -36.87
C PRO B 731 -29.85 7.06 -36.41
N ILE B 732 -30.67 7.50 -37.36
CA ILE B 732 -32.09 7.73 -37.12
C ILE B 732 -32.88 6.60 -37.77
N THR B 733 -33.85 6.07 -37.04
CA THR B 733 -34.56 4.87 -37.47
C THR B 733 -36.03 5.06 -37.10
N ALA B 734 -36.88 4.05 -37.33
CA ALA B 734 -38.32 4.15 -37.08
C ALA B 734 -38.66 4.19 -35.60
N ARG B 735 -37.69 3.96 -34.73
CA ARG B 735 -37.92 4.01 -33.28
C ARG B 735 -37.75 5.42 -32.71
N THR B 736 -37.40 6.39 -33.56
CA THR B 736 -37.35 7.78 -33.11
C THR B 736 -38.74 8.34 -32.86
N LEU B 737 -39.73 7.90 -33.64
CA LEU B 737 -41.10 8.35 -33.44
C LEU B 737 -41.62 7.98 -32.06
N GLU B 738 -41.32 6.76 -31.61
CA GLU B 738 -41.72 6.34 -30.27
C GLU B 738 -41.04 7.19 -29.20
N THR B 739 -39.78 7.56 -29.42
CA THR B 739 -39.10 8.48 -28.51
C THR B 739 -39.76 9.85 -28.45
N LEU B 740 -40.17 10.40 -29.60
CA LEU B 740 -40.91 11.66 -29.58
C LEU B 740 -42.21 11.51 -28.80
N ILE B 741 -42.93 10.40 -29.01
CA ILE B 741 -44.19 10.20 -28.31
C ILE B 741 -43.96 10.13 -26.80
N ARG B 742 -42.94 9.39 -26.37
CA ARG B 742 -42.66 9.25 -24.94
C ARG B 742 -42.25 10.58 -24.32
N LEU B 743 -41.40 11.34 -25.00
CA LEU B 743 -40.99 12.64 -24.46
C LEU B 743 -42.16 13.61 -24.40
N ALA B 744 -43.04 13.58 -25.41
CA ALA B 744 -44.22 14.42 -25.38
C ALA B 744 -45.14 14.03 -24.22
N THR B 745 -45.32 12.73 -23.97
CA THR B 745 -46.14 12.29 -22.86
C THR B 745 -45.55 12.75 -21.53
N ALA B 746 -44.23 12.63 -21.38
CA ALA B 746 -43.59 13.06 -20.14
C ALA B 746 -43.76 14.56 -19.93
N HIS B 747 -43.55 15.36 -20.98
CA HIS B 747 -43.72 16.81 -20.85
C HIS B 747 -45.17 17.16 -20.54
N ALA B 748 -46.11 16.38 -21.08
CA ALA B 748 -47.51 16.59 -20.74
C ALA B 748 -47.78 16.31 -19.26
N LYS B 749 -47.16 15.26 -18.73
CA LYS B 749 -47.28 14.98 -17.29
C LYS B 749 -46.70 16.12 -16.46
N VAL B 750 -45.59 16.71 -16.91
CA VAL B 750 -44.96 17.80 -16.16
C VAL B 750 -45.94 18.95 -15.99
N ARG B 751 -46.74 19.25 -17.01
CA ARG B 751 -47.68 20.35 -16.98
C ARG B 751 -48.94 20.05 -16.18
N LEU B 752 -49.08 18.83 -15.65
CA LEU B 752 -50.27 18.42 -14.90
C LEU B 752 -51.53 18.54 -15.75
N SER B 753 -51.47 18.00 -16.96
CA SER B 753 -52.57 18.05 -17.90
C SER B 753 -52.90 16.64 -18.38
N LYS B 754 -54.12 16.47 -18.87
CA LYS B 754 -54.61 15.17 -19.32
C LYS B 754 -54.56 15.01 -20.84
N THR B 755 -53.99 15.98 -21.55
CA THR B 755 -53.87 15.89 -23.00
C THR B 755 -52.47 16.30 -23.42
N VAL B 756 -52.04 15.80 -24.57
CA VAL B 756 -50.74 16.15 -25.14
C VAL B 756 -50.97 17.33 -26.10
N ASN B 757 -50.23 18.41 -25.87
CA ASN B 757 -50.41 19.63 -26.65
C ASN B 757 -49.28 19.77 -27.67
N LYS B 758 -49.34 20.85 -28.46
CA LYS B 758 -48.30 21.13 -29.44
C LYS B 758 -46.99 21.52 -28.78
N VAL B 759 -47.06 22.21 -27.63
CA VAL B 759 -45.85 22.66 -26.94
C VAL B 759 -45.05 21.45 -26.47
N ASP B 760 -45.73 20.38 -26.06
CA ASP B 760 -45.02 19.16 -25.67
C ASP B 760 -44.24 18.60 -26.84
N ALA B 761 -44.85 18.56 -28.03
CA ALA B 761 -44.15 18.09 -29.21
C ALA B 761 -42.97 18.98 -29.56
N LYS B 762 -43.13 20.30 -29.42
CA LYS B 762 -42.02 21.21 -29.70
C LYS B 762 -40.86 20.98 -28.74
N VAL B 763 -41.15 20.80 -27.45
CA VAL B 763 -40.09 20.58 -26.47
C VAL B 763 -39.39 19.25 -26.73
N ALA B 764 -40.16 18.21 -27.04
CA ALA B 764 -39.54 16.93 -27.36
C ALA B 764 -38.66 17.04 -28.60
N ALA B 765 -39.14 17.74 -29.62
CA ALA B 765 -38.36 17.92 -30.84
C ALA B 765 -37.07 18.67 -30.56
N ASN B 766 -37.13 19.74 -29.76
CA ASN B 766 -35.92 20.49 -29.44
C ASN B 766 -34.93 19.62 -28.67
N LEU B 767 -35.41 18.86 -27.70
CA LEU B 767 -34.51 18.00 -26.92
C LEU B 767 -33.84 16.96 -27.80
N LEU B 768 -34.60 16.32 -28.70
CA LEU B 768 -33.98 15.28 -29.52
C LEU B 768 -33.07 15.87 -30.59
N ARG B 769 -33.40 17.07 -31.10
CA ARG B 769 -32.48 17.73 -32.03
C ARG B 769 -31.17 18.08 -31.36
N PHE B 770 -31.22 18.57 -30.11
CA PHE B 770 -29.98 18.82 -29.38
C PHE B 770 -29.21 17.52 -29.16
N ALA B 771 -29.90 16.44 -28.79
CA ALA B 771 -29.21 15.19 -28.52
C ALA B 771 -28.53 14.64 -29.77
N LEU B 772 -29.26 14.57 -30.88
CA LEU B 772 -28.72 13.93 -32.08
C LEU B 772 -27.74 14.83 -32.81
N LEU B 773 -28.05 16.12 -32.90
CA LEU B 773 -27.28 17.03 -33.74
C LEU B 773 -26.34 17.96 -32.98
N GLY B 774 -26.72 18.43 -31.81
CA GLY B 774 -25.98 19.47 -31.13
C GLY B 774 -26.23 20.85 -31.69
N GLU B 775 -27.30 21.05 -32.46
CA GLU B 775 -27.55 22.32 -33.11
C GLU B 775 -27.87 23.42 -32.10
N ASP B 776 -28.24 23.03 -30.88
CA ASP B 776 -28.68 23.90 -29.77
C ASP B 776 -29.02 25.35 -30.14
N LEU C 177 -61.78 -80.41 -11.74
CA LEU C 177 -62.66 -80.28 -10.58
C LEU C 177 -62.20 -79.15 -9.66
N ARG C 178 -61.14 -79.40 -8.89
CA ARG C 178 -60.62 -78.40 -7.98
C ARG C 178 -59.99 -77.26 -8.75
N ILE C 179 -60.10 -76.05 -8.20
CA ILE C 179 -59.59 -74.84 -8.83
C ILE C 179 -58.50 -74.25 -7.94
N ILE C 180 -57.44 -73.77 -8.58
CA ILE C 180 -56.37 -73.07 -7.86
C ILE C 180 -56.97 -71.91 -7.09
N TRP C 181 -56.58 -71.78 -5.83
CA TRP C 181 -57.15 -70.79 -4.93
C TRP C 181 -56.96 -69.38 -5.47
N GLY C 182 -57.99 -68.54 -5.33
CA GLY C 182 -57.94 -67.18 -5.82
C GLY C 182 -58.48 -67.02 -7.21
N THR C 183 -57.95 -67.77 -8.16
CA THR C 183 -58.36 -67.67 -9.56
C THR C 183 -59.50 -68.64 -9.86
N ASN C 184 -59.91 -68.65 -11.13
CA ASN C 184 -60.91 -69.59 -11.62
C ASN C 184 -60.34 -70.60 -12.61
N VAL C 185 -59.02 -70.68 -12.74
CA VAL C 185 -58.38 -71.56 -13.71
C VAL C 185 -58.26 -72.96 -13.14
N SER C 186 -58.65 -73.95 -13.95
CA SER C 186 -58.50 -75.36 -13.60
C SER C 186 -57.67 -76.04 -14.68
N ILE C 187 -56.73 -76.87 -14.24
CA ILE C 187 -55.79 -77.50 -15.16
C ILE C 187 -56.49 -78.50 -16.07
N GLN C 188 -57.52 -79.17 -15.55
CA GLN C 188 -58.09 -80.33 -16.24
C GLN C 188 -58.61 -79.97 -17.62
N GLU C 189 -59.45 -78.94 -17.72
CA GLU C 189 -60.00 -78.59 -19.01
C GLU C 189 -58.98 -77.86 -19.88
N CYS C 190 -58.09 -77.08 -19.27
CA CYS C 190 -57.11 -76.31 -20.05
C CYS C 190 -56.17 -77.23 -20.80
N THR C 191 -55.68 -78.29 -20.14
CA THR C 191 -54.77 -79.22 -20.81
C THR C 191 -55.43 -79.88 -22.01
N THR C 192 -56.67 -80.37 -21.83
CA THR C 192 -57.37 -81.04 -22.91
C THR C 192 -57.64 -80.08 -24.06
N ASN C 193 -58.08 -78.85 -23.75
CA ASN C 193 -58.31 -77.87 -24.80
C ASN C 193 -57.04 -77.57 -25.56
N PHE C 194 -55.91 -77.48 -24.87
CA PHE C 194 -54.66 -77.15 -25.55
C PHE C 194 -54.20 -78.30 -26.45
N ARG C 195 -54.33 -79.55 -26.00
CA ARG C 195 -53.91 -80.65 -26.86
C ARG C 195 -54.82 -80.75 -28.09
N ASN C 196 -56.13 -80.57 -27.89
CA ASN C 196 -57.04 -80.50 -29.03
C ASN C 196 -56.65 -79.37 -29.98
N PHE C 197 -56.26 -78.23 -29.42
CA PHE C 197 -55.85 -77.09 -30.23
C PHE C 197 -54.62 -77.43 -31.06
N LEU C 198 -53.64 -78.09 -30.45
CA LEU C 198 -52.39 -78.35 -31.17
C LEU C 198 -52.54 -79.42 -32.24
N MET C 199 -53.17 -80.55 -31.91
CA MET C 199 -53.31 -81.58 -32.94
C MET C 199 -54.39 -81.24 -33.95
N SER C 200 -55.29 -80.32 -33.60
CA SER C 200 -56.42 -80.03 -34.49
C SER C 200 -56.15 -78.84 -35.40
N PHE C 201 -55.40 -77.85 -34.92
CA PHE C 201 -55.29 -76.59 -35.63
C PHE C 201 -54.52 -76.73 -36.93
N LYS C 202 -54.89 -75.92 -37.92
CA LYS C 202 -54.20 -75.80 -39.19
C LYS C 202 -54.32 -74.36 -39.65
N TYR C 203 -53.73 -74.06 -40.81
CA TYR C 203 -54.05 -72.79 -41.45
C TYR C 203 -55.48 -72.72 -41.92
N LYS C 204 -56.16 -73.85 -42.06
CA LYS C 204 -57.57 -73.83 -42.44
C LYS C 204 -58.39 -73.05 -41.43
N PHE C 205 -58.25 -73.38 -40.14
CA PHE C 205 -59.00 -72.67 -39.11
C PHE C 205 -58.55 -71.22 -38.99
N ARG C 206 -57.26 -70.95 -39.18
CA ARG C 206 -56.76 -69.59 -39.11
C ARG C 206 -57.39 -68.72 -40.21
N LYS C 207 -57.41 -69.22 -41.44
CA LYS C 207 -57.97 -68.45 -42.54
C LYS C 207 -59.49 -68.40 -42.50
N ILE C 208 -60.13 -69.37 -41.82
CA ILE C 208 -61.56 -69.22 -41.53
C ILE C 208 -61.77 -68.11 -40.50
N LEU C 209 -60.88 -68.03 -39.51
CA LEU C 209 -61.00 -67.00 -38.49
C LEU C 209 -60.87 -65.61 -39.10
N ASP C 210 -59.71 -65.30 -39.68
CA ASP C 210 -59.51 -63.95 -40.19
C ASP C 210 -60.44 -63.65 -41.36
N GLU C 211 -60.47 -64.54 -42.36
CA GLU C 211 -61.42 -64.49 -43.47
C GLU C 211 -61.55 -63.09 -44.05
N ARG C 212 -60.41 -62.45 -44.26
CA ARG C 212 -60.38 -61.07 -44.78
C ARG C 212 -60.51 -61.00 -46.29
N GLU C 213 -60.97 -62.07 -46.93
CA GLU C 213 -61.06 -62.18 -48.39
C GLU C 213 -59.67 -62.17 -49.01
N GLU C 214 -59.53 -62.73 -50.21
CA GLU C 214 -58.23 -62.91 -50.86
C GLU C 214 -57.29 -63.71 -49.96
N PHE C 215 -57.85 -64.67 -49.23
CA PHE C 215 -57.09 -65.51 -48.31
C PHE C 215 -56.74 -66.82 -49.02
N ILE C 216 -55.44 -67.13 -49.05
CA ILE C 216 -54.97 -68.27 -49.82
C ILE C 216 -55.22 -69.56 -49.08
N ASN C 217 -55.81 -70.54 -49.76
CA ASN C 217 -56.04 -71.87 -49.23
C ASN C 217 -55.31 -72.93 -50.05
N ASN C 218 -54.24 -72.53 -50.74
CA ASN C 218 -53.51 -73.41 -51.63
C ASN C 218 -52.67 -74.38 -50.80
N THR C 219 -53.29 -75.49 -50.40
CA THR C 219 -52.63 -76.60 -49.71
C THR C 219 -52.19 -76.18 -48.30
N THR C 220 -52.34 -74.90 -47.98
CA THR C 220 -52.00 -74.44 -46.64
C THR C 220 -53.02 -74.91 -45.61
N ASP C 221 -54.25 -75.19 -46.05
CA ASP C 221 -55.30 -75.57 -45.12
C ASP C 221 -55.00 -76.90 -44.44
N GLU C 222 -54.14 -77.72 -45.03
CA GLU C 222 -53.79 -79.02 -44.48
C GLU C 222 -52.32 -79.12 -44.08
N GLU C 223 -51.64 -77.97 -43.93
CA GLU C 223 -50.21 -78.01 -43.64
C GLU C 223 -49.91 -78.45 -42.21
N LEU C 224 -50.86 -78.31 -41.28
CA LEU C 224 -50.66 -78.64 -39.87
C LEU C 224 -49.47 -77.85 -39.30
N TYR C 225 -49.69 -76.53 -39.23
CA TYR C 225 -48.62 -75.60 -38.89
C TYR C 225 -47.98 -75.92 -37.55
N TYR C 226 -48.79 -76.28 -36.54
CA TYR C 226 -48.23 -76.51 -35.22
C TYR C 226 -47.43 -77.80 -35.15
N ILE C 227 -47.92 -78.87 -35.79
CA ILE C 227 -47.27 -80.17 -35.67
C ILE C 227 -45.92 -80.16 -36.38
N LYS C 228 -45.81 -79.43 -37.49
CA LYS C 228 -44.54 -79.38 -38.21
C LYS C 228 -43.49 -78.61 -37.41
N GLN C 229 -43.89 -77.50 -36.79
CA GLN C 229 -42.98 -76.78 -35.90
C GLN C 229 -42.60 -77.66 -34.70
N LEU C 230 -43.57 -78.42 -34.17
CA LEU C 230 -43.29 -79.29 -33.05
C LEU C 230 -42.24 -80.34 -33.41
N ASN C 231 -42.40 -80.95 -34.59
CA ASN C 231 -41.45 -81.97 -35.02
C ASN C 231 -40.08 -81.38 -35.31
N GLU C 232 -40.03 -80.20 -35.94
CA GLU C 232 -38.74 -79.60 -36.26
C GLU C 232 -38.02 -79.14 -34.98
N MET C 233 -38.77 -78.67 -33.98
CA MET C 233 -38.19 -78.41 -32.67
C MET C 233 -37.69 -79.68 -32.00
N ARG C 234 -38.44 -80.78 -32.09
CA ARG C 234 -37.99 -82.03 -31.51
C ARG C 234 -36.66 -82.49 -32.13
N GLU C 235 -36.57 -82.42 -33.46
CA GLU C 235 -35.34 -82.87 -34.10
C GLU C 235 -34.20 -81.89 -33.90
N LEU C 236 -34.49 -80.58 -33.80
CA LEU C 236 -33.45 -79.62 -33.47
C LEU C 236 -33.09 -79.67 -32.00
N GLY C 237 -34.08 -79.81 -31.12
CA GLY C 237 -33.84 -79.82 -29.70
C GLY C 237 -33.92 -78.47 -29.02
N THR C 238 -34.25 -77.42 -29.76
CA THR C 238 -34.38 -76.08 -29.18
C THR C 238 -35.79 -75.87 -28.63
N SER C 239 -35.88 -75.07 -27.57
CA SER C 239 -37.14 -74.81 -26.88
C SER C 239 -37.50 -73.34 -27.02
N ASN C 240 -38.23 -73.01 -28.09
CA ASN C 240 -38.70 -71.65 -28.31
C ASN C 240 -40.03 -71.71 -29.05
N LEU C 241 -41.03 -71.03 -28.50
CA LEU C 241 -42.36 -71.06 -29.09
C LEU C 241 -42.81 -69.62 -29.33
N ASN C 242 -43.68 -69.46 -30.35
CA ASN C 242 -44.21 -68.17 -30.74
C ASN C 242 -45.73 -68.19 -30.80
N LEU C 243 -46.38 -68.77 -29.80
CA LEU C 243 -47.83 -68.84 -29.76
C LEU C 243 -48.44 -67.44 -29.82
N ASP C 244 -49.41 -67.26 -30.70
CA ASP C 244 -50.06 -65.98 -30.91
C ASP C 244 -51.41 -65.95 -30.20
N ALA C 245 -51.94 -64.75 -29.99
CA ALA C 245 -53.23 -64.59 -29.32
C ALA C 245 -54.40 -64.72 -30.28
N ARG C 246 -54.29 -64.13 -31.48
CA ARG C 246 -55.35 -64.29 -32.48
C ARG C 246 -55.52 -65.75 -32.87
N ASN C 247 -54.40 -66.46 -33.09
CA ASN C 247 -54.47 -67.88 -33.38
C ASN C 247 -55.06 -68.67 -32.23
N LEU C 248 -54.77 -68.26 -30.99
CA LEU C 248 -55.38 -68.92 -29.83
C LEU C 248 -56.88 -68.68 -29.79
N LEU C 249 -57.33 -67.50 -30.21
CA LEU C 249 -58.75 -67.19 -30.25
C LEU C 249 -59.45 -67.87 -31.44
N ALA C 250 -58.68 -68.31 -32.43
CA ALA C 250 -59.27 -68.89 -33.63
C ALA C 250 -60.18 -70.07 -33.32
N TYR C 251 -59.72 -71.00 -32.49
CA TYR C 251 -60.51 -72.18 -32.18
C TYR C 251 -61.65 -71.82 -31.24
N LYS C 252 -62.82 -72.42 -31.46
CA LYS C 252 -64.02 -72.03 -30.72
C LYS C 252 -63.95 -72.47 -29.26
N GLN C 253 -63.58 -73.72 -29.02
CA GLN C 253 -63.56 -74.24 -27.66
C GLN C 253 -62.47 -73.63 -26.80
N THR C 254 -61.30 -73.36 -27.37
CA THR C 254 -60.19 -72.75 -26.63
C THR C 254 -60.31 -71.24 -26.53
N GLU C 255 -61.44 -70.66 -26.97
CA GLU C 255 -61.64 -69.23 -26.84
C GLU C 255 -61.65 -68.80 -25.38
N ASP C 256 -62.01 -69.71 -24.47
CA ASP C 256 -62.01 -69.38 -23.05
C ASP C 256 -60.61 -68.99 -22.58
N LEU C 257 -59.58 -69.72 -23.03
CA LEU C 257 -58.21 -69.42 -22.63
C LEU C 257 -57.77 -68.02 -23.06
N TYR C 258 -58.36 -67.47 -24.13
CA TYR C 258 -57.97 -66.13 -24.58
C TYR C 258 -58.24 -65.10 -23.51
N HIS C 259 -59.44 -65.13 -22.92
CA HIS C 259 -59.77 -64.23 -21.82
C HIS C 259 -59.32 -64.75 -20.46
N GLN C 260 -58.90 -66.02 -20.39
CA GLN C 260 -58.42 -66.60 -19.14
C GLN C 260 -56.92 -66.43 -18.97
N LEU C 261 -56.21 -66.04 -20.02
CA LEU C 261 -54.77 -65.77 -19.97
C LEU C 261 -54.47 -64.31 -19.70
N LEU C 262 -55.27 -63.39 -20.24
CA LEU C 262 -55.01 -61.97 -20.04
C LEU C 262 -55.06 -61.60 -18.56
N ASN C 263 -55.88 -62.30 -17.79
CA ASN C 263 -56.09 -61.92 -16.40
C ASN C 263 -55.22 -62.72 -15.43
N TYR C 264 -54.84 -63.95 -15.80
CA TYR C 264 -54.02 -64.80 -14.97
C TYR C 264 -52.89 -65.39 -15.79
N PRO C 265 -51.89 -64.57 -16.16
CA PRO C 265 -50.80 -65.08 -17.01
C PRO C 265 -49.96 -66.17 -16.38
N GLN C 266 -49.63 -66.03 -15.09
CA GLN C 266 -48.68 -66.93 -14.47
C GLN C 266 -49.19 -68.37 -14.42
N GLU C 267 -50.41 -68.57 -13.94
CA GLU C 267 -50.94 -69.93 -13.79
C GLU C 267 -51.19 -70.57 -15.16
N VAL C 268 -51.70 -69.79 -16.11
CA VAL C 268 -51.93 -70.32 -17.45
C VAL C 268 -50.60 -70.72 -18.09
N ILE C 269 -49.55 -69.93 -17.89
CA ILE C 269 -48.24 -70.27 -18.43
C ILE C 269 -47.67 -71.49 -17.72
N SER C 270 -47.94 -71.65 -16.42
CA SER C 270 -47.52 -72.85 -15.71
C SER C 270 -48.19 -74.08 -16.31
N ILE C 271 -49.47 -73.97 -16.64
CA ILE C 271 -50.17 -75.06 -17.35
C ILE C 271 -49.57 -75.26 -18.73
N MET C 272 -49.17 -74.15 -19.37
CA MET C 272 -48.57 -74.18 -20.69
C MET C 272 -47.35 -75.09 -20.71
N ASP C 273 -46.42 -74.84 -19.78
CA ASP C 273 -45.18 -75.61 -19.71
C ASP C 273 -45.45 -77.06 -19.35
N GLN C 274 -46.39 -77.30 -18.43
CA GLN C 274 -46.75 -78.66 -18.06
C GLN C 274 -47.32 -79.45 -19.22
N THR C 275 -48.11 -78.82 -20.09
CA THR C 275 -48.63 -79.53 -21.26
C THR C 275 -47.54 -79.74 -22.31
N ILE C 276 -46.68 -78.74 -22.54
CA ILE C 276 -45.56 -78.93 -23.45
C ILE C 276 -44.60 -80.00 -22.96
N LYS C 277 -44.58 -80.27 -21.65
CA LYS C 277 -43.74 -81.34 -21.12
C LYS C 277 -44.04 -82.69 -21.78
N ASP C 278 -45.32 -83.01 -21.97
CA ASP C 278 -45.72 -84.25 -22.61
C ASP C 278 -46.11 -84.07 -24.08
N CYS C 279 -46.09 -82.84 -24.60
CA CYS C 279 -46.21 -82.65 -26.04
C CYS C 279 -45.10 -83.37 -26.78
N MET C 280 -43.91 -83.46 -26.17
CA MET C 280 -42.83 -84.26 -26.74
C MET C 280 -43.23 -85.73 -26.83
N VAL C 281 -43.69 -86.30 -25.71
CA VAL C 281 -44.03 -87.72 -25.67
C VAL C 281 -45.16 -88.03 -26.64
N SER C 282 -46.10 -87.11 -26.81
CA SER C 282 -47.23 -87.33 -27.71
C SER C 282 -46.80 -87.56 -29.16
N LEU C 283 -45.59 -87.13 -29.54
CA LEU C 283 -45.12 -87.30 -30.91
C LEU C 283 -43.91 -88.20 -31.06
N ILE C 284 -43.10 -88.39 -30.01
CA ILE C 284 -41.91 -89.22 -30.15
C ILE C 284 -42.28 -90.70 -30.28
N VAL C 285 -43.38 -91.12 -29.64
CA VAL C 285 -43.75 -92.53 -29.61
C VAL C 285 -44.88 -92.87 -30.57
N ASP C 286 -45.20 -91.97 -31.52
CA ASP C 286 -46.23 -92.29 -32.50
C ASP C 286 -45.80 -93.45 -33.39
N ASN C 287 -44.52 -93.50 -33.76
CA ASN C 287 -43.95 -94.61 -34.50
C ASN C 287 -43.07 -95.51 -33.64
N ASN C 288 -42.95 -95.21 -32.35
CA ASN C 288 -42.14 -95.99 -31.41
C ASN C 288 -40.70 -96.10 -31.89
N LEU C 289 -40.04 -94.94 -31.96
CA LEU C 289 -38.64 -94.86 -32.36
C LEU C 289 -37.76 -95.01 -31.13
N ASP C 290 -36.45 -94.77 -31.31
CA ASP C 290 -35.47 -95.00 -30.25
C ASP C 290 -34.91 -93.70 -29.69
N TYR C 291 -35.71 -92.64 -29.65
CA TYR C 291 -35.28 -91.41 -28.99
C TYR C 291 -35.16 -91.62 -27.50
N ASP C 292 -34.09 -91.08 -26.92
CA ASP C 292 -33.78 -91.32 -25.51
C ASP C 292 -34.86 -90.73 -24.60
N LEU C 293 -35.21 -89.47 -24.84
CA LEU C 293 -36.25 -88.74 -24.10
C LEU C 293 -35.78 -88.41 -22.68
N ASP C 294 -34.61 -88.94 -22.29
CA ASP C 294 -34.08 -88.62 -20.97
C ASP C 294 -33.55 -87.19 -20.93
N GLU C 295 -32.83 -86.77 -21.96
CA GLU C 295 -32.44 -85.37 -22.06
C GLU C 295 -33.65 -84.46 -22.24
N ILE C 296 -34.71 -85.00 -22.83
CA ILE C 296 -35.97 -84.26 -22.90
C ILE C 296 -36.59 -84.14 -21.52
N GLU C 297 -36.52 -85.22 -20.73
CA GLU C 297 -37.05 -85.18 -19.37
C GLU C 297 -36.29 -84.17 -18.52
N THR C 298 -34.96 -84.12 -18.67
CA THR C 298 -34.17 -83.17 -17.88
C THR C 298 -34.44 -81.73 -18.30
N LYS C 299 -34.48 -81.47 -19.61
CA LYS C 299 -34.69 -80.10 -20.07
C LYS C 299 -36.14 -79.68 -19.87
N PHE C 300 -36.34 -78.36 -19.79
CA PHE C 300 -37.67 -77.78 -19.60
C PHE C 300 -38.04 -76.91 -20.78
N TYR C 301 -39.34 -76.65 -20.93
CA TYR C 301 -39.85 -75.86 -22.03
C TYR C 301 -40.72 -74.73 -21.50
N LYS C 302 -40.87 -73.70 -22.32
CA LYS C 302 -41.71 -72.56 -21.99
C LYS C 302 -42.25 -71.97 -23.29
N VAL C 303 -43.01 -70.88 -23.18
CA VAL C 303 -43.65 -70.25 -24.31
C VAL C 303 -43.36 -68.75 -24.29
N ARG C 304 -43.49 -68.12 -25.44
CA ARG C 304 -43.29 -66.68 -25.61
C ARG C 304 -44.48 -66.09 -26.36
N PRO C 305 -45.60 -65.89 -25.68
CA PRO C 305 -46.76 -65.29 -26.36
C PRO C 305 -46.47 -63.87 -26.83
N TYR C 306 -47.09 -63.49 -27.94
CA TYR C 306 -46.97 -62.13 -28.46
C TYR C 306 -48.31 -61.71 -29.04
N ASN C 307 -48.40 -60.41 -29.36
CA ASN C 307 -49.61 -59.82 -29.91
C ASN C 307 -50.82 -60.12 -29.03
N VAL C 308 -50.63 -59.97 -27.71
CA VAL C 308 -51.69 -60.30 -26.76
C VAL C 308 -52.92 -59.43 -26.98
N GLY C 309 -52.70 -58.14 -27.17
CA GLY C 309 -53.80 -57.23 -27.37
C GLY C 309 -53.35 -55.98 -28.07
N SER C 310 -54.25 -54.98 -28.10
CA SER C 310 -53.93 -53.69 -28.69
C SER C 310 -52.77 -53.04 -27.95
N CYS C 311 -51.80 -52.54 -28.71
CA CYS C 311 -50.63 -51.92 -28.13
C CYS C 311 -50.97 -50.54 -27.57
N LYS C 312 -50.60 -50.32 -26.31
CA LYS C 312 -50.82 -49.04 -25.64
C LYS C 312 -49.52 -48.59 -25.01
N GLY C 313 -49.27 -47.27 -25.08
CA GLY C 313 -48.06 -46.73 -24.53
C GLY C 313 -48.06 -46.70 -23.02
N MET C 314 -46.87 -46.43 -22.45
CA MET C 314 -46.75 -46.37 -21.01
C MET C 314 -47.50 -45.19 -20.41
N ARG C 315 -47.83 -44.19 -21.21
CA ARG C 315 -48.54 -43.02 -20.71
C ARG C 315 -49.98 -43.33 -20.32
N GLU C 316 -50.50 -44.51 -20.69
CA GLU C 316 -51.83 -44.94 -20.30
C GLU C 316 -51.73 -46.33 -19.65
N LEU C 317 -51.46 -46.32 -18.34
CA LEU C 317 -51.42 -47.51 -17.51
C LEU C 317 -51.99 -47.18 -16.14
N ASN C 318 -53.10 -47.80 -15.79
CA ASN C 318 -53.79 -47.61 -14.53
C ASN C 318 -53.45 -48.74 -13.58
N PRO C 319 -53.80 -48.62 -12.30
CA PRO C 319 -53.63 -49.78 -11.40
C PRO C 319 -54.65 -50.88 -11.66
N ASN C 320 -55.56 -50.68 -12.60
CA ASN C 320 -56.65 -51.61 -12.87
C ASN C 320 -56.18 -52.85 -13.61
N ASP C 321 -54.96 -52.84 -14.14
CA ASP C 321 -54.43 -53.98 -14.90
C ASP C 321 -53.08 -54.42 -14.35
N ILE C 322 -53.00 -54.59 -13.03
CA ILE C 322 -51.81 -55.13 -12.38
C ILE C 322 -51.89 -56.65 -12.45
N ASP C 323 -50.76 -57.29 -12.78
CA ASP C 323 -50.67 -58.73 -12.96
C ASP C 323 -51.51 -59.19 -14.15
N LYS C 324 -51.46 -58.43 -15.25
CA LYS C 324 -52.13 -58.79 -16.48
C LYS C 324 -51.18 -58.55 -17.66
N LEU C 325 -51.26 -59.42 -18.65
CA LEU C 325 -50.38 -59.33 -19.80
C LEU C 325 -50.70 -58.10 -20.63
N ILE C 326 -49.66 -57.35 -20.98
CA ILE C 326 -49.77 -56.15 -21.79
C ILE C 326 -48.65 -56.16 -22.83
N ASN C 327 -48.81 -55.30 -23.84
CA ASN C 327 -47.82 -55.13 -24.90
C ASN C 327 -47.42 -53.66 -24.93
N LEU C 328 -46.13 -53.39 -24.78
CA LEU C 328 -45.60 -52.03 -24.67
C LEU C 328 -44.59 -51.78 -25.79
N LYS C 329 -44.33 -50.51 -26.05
CA LYS C 329 -43.37 -50.09 -27.07
C LYS C 329 -42.50 -48.99 -26.50
N GLY C 330 -41.22 -49.00 -26.83
CA GLY C 330 -40.39 -47.91 -26.34
C GLY C 330 -38.94 -48.02 -26.77
N LEU C 331 -38.20 -46.95 -26.50
CA LEU C 331 -36.77 -46.87 -26.80
C LEU C 331 -35.96 -47.46 -25.65
N VAL C 332 -34.92 -48.23 -26.00
CA VAL C 332 -34.03 -48.83 -25.01
C VAL C 332 -32.95 -47.81 -24.68
N LEU C 333 -32.77 -47.48 -23.40
CA LEU C 333 -31.72 -46.53 -23.05
C LEU C 333 -30.46 -47.23 -22.58
N ARG C 334 -30.59 -48.24 -21.71
CA ARG C 334 -29.42 -48.79 -21.05
C ARG C 334 -29.74 -50.21 -20.59
N SER C 335 -28.69 -50.95 -20.25
CA SER C 335 -28.80 -52.27 -19.67
C SER C 335 -27.83 -52.39 -18.49
N THR C 336 -28.14 -53.30 -17.58
CA THR C 336 -27.32 -53.55 -16.41
C THR C 336 -26.65 -54.91 -16.53
N PRO C 337 -25.50 -55.10 -15.86
CA PRO C 337 -24.87 -56.42 -15.88
C PRO C 337 -25.75 -57.48 -15.26
N VAL C 338 -25.32 -58.74 -15.41
CA VAL C 338 -26.10 -59.87 -14.90
C VAL C 338 -26.19 -59.77 -13.38
N ILE C 339 -27.38 -60.01 -12.85
CA ILE C 339 -27.65 -59.90 -11.42
C ILE C 339 -27.88 -61.31 -10.88
N PRO C 340 -27.12 -61.76 -9.88
CA PRO C 340 -27.38 -63.07 -9.29
C PRO C 340 -28.64 -63.05 -8.44
N ASP C 341 -29.38 -64.15 -8.48
CA ASP C 341 -30.55 -64.36 -7.64
C ASP C 341 -30.46 -65.73 -6.98
N MET C 342 -30.50 -65.75 -5.64
CA MET C 342 -30.40 -67.00 -4.92
C MET C 342 -31.63 -67.87 -5.15
N LYS C 343 -31.40 -69.17 -5.30
CA LYS C 343 -32.47 -70.14 -5.40
C LYS C 343 -32.42 -71.18 -4.29
N VAL C 344 -31.23 -71.73 -4.00
CA VAL C 344 -31.06 -72.77 -2.99
C VAL C 344 -29.97 -72.30 -2.03
N ALA C 345 -30.34 -72.09 -0.77
CA ALA C 345 -29.36 -71.76 0.25
C ALA C 345 -28.53 -72.98 0.61
N PHE C 346 -27.43 -72.75 1.31
CA PHE C 346 -26.50 -73.81 1.69
C PHE C 346 -25.90 -73.45 3.05
N PHE C 347 -26.22 -74.24 4.07
CA PHE C 347 -25.77 -74.00 5.44
C PHE C 347 -24.85 -75.12 5.87
N LYS C 348 -23.75 -74.78 6.51
CA LYS C 348 -22.82 -75.74 7.08
C LYS C 348 -22.74 -75.56 8.60
N CYS C 349 -22.53 -76.67 9.28
CA CYS C 349 -22.42 -76.70 10.74
C CYS C 349 -20.96 -76.57 11.13
N ASN C 350 -20.66 -75.58 11.97
CA ASN C 350 -19.27 -75.32 12.35
C ASN C 350 -18.71 -76.36 13.32
N VAL C 351 -19.54 -77.28 13.83
CA VAL C 351 -19.07 -78.29 14.77
C VAL C 351 -18.93 -79.63 14.06
N CYS C 352 -20.05 -80.16 13.56
CA CYS C 352 -20.04 -81.47 12.93
C CYS C 352 -19.84 -81.41 11.42
N ASP C 353 -19.82 -80.22 10.82
CA ASP C 353 -19.56 -80.03 9.40
C ASP C 353 -20.57 -80.80 8.53
N HIS C 354 -21.85 -80.60 8.82
CA HIS C 354 -22.93 -81.21 8.05
C HIS C 354 -23.53 -80.18 7.11
N THR C 355 -23.83 -80.60 5.89
CA THR C 355 -24.32 -79.71 4.85
C THR C 355 -25.78 -80.02 4.55
N MET C 356 -26.60 -78.97 4.49
CA MET C 356 -28.01 -79.10 4.15
C MET C 356 -28.44 -77.89 3.33
N ALA C 357 -29.30 -78.13 2.35
CA ALA C 357 -29.76 -77.10 1.43
C ALA C 357 -31.21 -76.74 1.76
N VAL C 358 -31.48 -75.45 1.87
CA VAL C 358 -32.81 -74.93 2.18
C VAL C 358 -33.28 -74.06 1.02
N GLU C 359 -34.42 -74.40 0.45
CA GLU C 359 -35.01 -73.57 -0.59
C GLU C 359 -35.53 -72.27 0.01
N ILE C 360 -35.50 -71.21 -0.78
CA ILE C 360 -36.03 -69.92 -0.36
C ILE C 360 -37.30 -69.64 -1.13
N ASP C 361 -38.27 -68.99 -0.48
CA ASP C 361 -39.56 -68.68 -1.09
C ASP C 361 -39.76 -67.17 -1.06
N ARG C 362 -39.91 -66.57 -2.24
CA ARG C 362 -40.18 -65.14 -2.41
C ARG C 362 -39.12 -64.27 -1.76
N GLY C 363 -37.90 -64.76 -1.64
CA GLY C 363 -36.80 -63.95 -1.12
C GLY C 363 -36.40 -64.27 0.30
N VAL C 364 -37.39 -64.56 1.15
CA VAL C 364 -37.11 -64.80 2.56
C VAL C 364 -36.51 -66.18 2.75
N ILE C 365 -35.44 -66.26 3.53
CA ILE C 365 -34.82 -67.53 3.88
C ILE C 365 -35.30 -67.94 5.27
N GLN C 366 -35.91 -69.12 5.36
CA GLN C 366 -36.29 -69.67 6.65
C GLN C 366 -35.05 -70.29 7.30
N GLU C 367 -34.53 -69.64 8.34
CA GLU C 367 -33.31 -70.10 8.97
C GLU C 367 -33.51 -71.49 9.58
N PRO C 368 -32.53 -72.37 9.41
CA PRO C 368 -32.52 -73.59 10.21
C PRO C 368 -32.40 -73.24 11.69
N ALA C 369 -33.17 -73.94 12.51
CA ALA C 369 -33.15 -73.69 13.94
C ALA C 369 -31.95 -74.35 14.62
N ARG C 370 -31.86 -75.67 14.56
CA ARG C 370 -30.74 -76.41 15.13
C ARG C 370 -30.37 -77.52 14.15
N CYS C 371 -29.13 -77.99 14.27
CA CYS C 371 -28.60 -79.00 13.35
C CYS C 371 -29.49 -80.24 13.36
N GLU C 372 -29.82 -80.73 12.15
CA GLU C 372 -30.72 -81.87 12.07
C GLU C 372 -30.11 -83.12 12.71
N ARG C 373 -28.80 -83.27 12.63
CA ARG C 373 -28.15 -84.44 13.21
C ARG C 373 -28.46 -84.52 14.70
N ILE C 374 -29.16 -85.59 15.09
CA ILE C 374 -29.60 -85.73 16.47
C ILE C 374 -28.41 -85.81 17.41
N ASP C 375 -27.34 -86.45 16.98
CA ASP C 375 -26.16 -86.58 17.83
C ASP C 375 -25.49 -85.22 18.04
N CYS C 376 -25.27 -84.48 16.94
CA CYS C 376 -24.66 -83.16 17.07
C CYS C 376 -25.55 -82.21 17.86
N ASN C 377 -26.71 -81.86 17.29
CA ASN C 377 -27.80 -81.17 17.97
C ASN C 377 -27.31 -79.99 18.83
N GLU C 378 -26.70 -79.00 18.16
CA GLU C 378 -26.25 -77.85 18.94
C GLU C 378 -26.98 -76.59 18.52
N PRO C 379 -27.43 -75.77 19.47
CA PRO C 379 -28.09 -74.51 19.12
C PRO C 379 -27.10 -73.49 18.59
N ASN C 380 -27.54 -72.72 17.60
CA ASN C 380 -26.78 -71.57 17.09
C ASN C 380 -25.39 -72.00 16.62
N SER C 381 -25.36 -72.87 15.62
CA SER C 381 -24.12 -73.42 15.09
C SER C 381 -24.12 -73.46 13.57
N MET C 382 -24.79 -72.48 12.95
CA MET C 382 -25.01 -72.44 11.51
C MET C 382 -24.12 -71.39 10.87
N SER C 383 -23.59 -71.70 9.68
CA SER C 383 -22.81 -70.75 8.90
C SER C 383 -23.24 -70.83 7.44
N LEU C 384 -23.41 -69.67 6.82
CA LEU C 384 -23.82 -69.61 5.42
C LEU C 384 -22.59 -69.61 4.52
N ILE C 385 -22.61 -70.47 3.50
CA ILE C 385 -21.54 -70.57 2.52
C ILE C 385 -22.06 -69.89 1.25
N HIS C 386 -21.59 -68.67 0.99
CA HIS C 386 -22.14 -67.86 -0.09
C HIS C 386 -21.86 -68.48 -1.45
N ASN C 387 -20.66 -69.01 -1.65
CA ASN C 387 -20.23 -69.48 -2.97
C ASN C 387 -20.59 -70.94 -3.21
N ARG C 388 -21.30 -71.58 -2.29
CA ARG C 388 -21.79 -72.93 -2.47
C ARG C 388 -23.30 -72.99 -2.65
N CYS C 389 -23.95 -71.85 -2.84
CA CYS C 389 -25.38 -71.78 -3.08
C CYS C 389 -25.65 -71.98 -4.57
N SER C 390 -26.89 -71.72 -4.99
CA SER C 390 -27.27 -71.79 -6.40
C SER C 390 -27.90 -70.47 -6.81
N PHE C 391 -27.50 -69.96 -7.98
CA PHE C 391 -27.94 -68.65 -8.43
C PHE C 391 -28.49 -68.74 -9.84
N ALA C 392 -29.37 -67.80 -10.15
CA ALA C 392 -29.94 -67.62 -11.48
C ALA C 392 -29.66 -66.19 -11.93
N ASP C 393 -29.83 -65.94 -13.23
CA ASP C 393 -29.45 -64.68 -13.84
C ASP C 393 -30.64 -63.75 -13.99
N LYS C 394 -30.40 -62.46 -13.75
CA LYS C 394 -31.39 -61.41 -13.97
C LYS C 394 -30.77 -60.28 -14.79
N GLN C 395 -31.63 -59.50 -15.44
CA GLN C 395 -31.22 -58.27 -16.10
C GLN C 395 -32.34 -57.26 -16.00
N VAL C 396 -31.98 -55.98 -15.90
CA VAL C 396 -32.93 -54.90 -15.81
C VAL C 396 -32.67 -53.92 -16.95
N ILE C 397 -33.74 -53.55 -17.65
CA ILE C 397 -33.67 -52.68 -18.82
C ILE C 397 -34.46 -51.42 -18.53
N LYS C 398 -34.06 -50.31 -19.15
CA LYS C 398 -34.72 -49.03 -18.99
C LYS C 398 -35.28 -48.57 -20.33
N LEU C 399 -36.56 -48.20 -20.34
CA LEU C 399 -37.22 -47.76 -21.56
C LEU C 399 -37.65 -46.31 -21.44
N GLN C 400 -37.81 -45.69 -22.62
CA GLN C 400 -38.27 -44.31 -22.74
C GLN C 400 -39.41 -44.25 -23.74
N GLU C 401 -40.34 -43.34 -23.49
CA GLU C 401 -41.49 -43.15 -24.36
C GLU C 401 -41.06 -42.53 -25.68
N THR C 402 -41.59 -43.06 -26.78
CA THR C 402 -41.14 -42.65 -28.11
C THR C 402 -41.56 -41.19 -28.39
N PRO C 403 -40.70 -40.43 -29.08
CA PRO C 403 -41.02 -39.01 -29.31
C PRO C 403 -42.25 -38.77 -30.16
N ASP C 404 -42.68 -39.76 -30.94
CA ASP C 404 -43.84 -39.55 -31.82
C ASP C 404 -45.12 -39.37 -31.03
N PHE C 405 -45.33 -40.20 -29.99
CA PHE C 405 -46.61 -40.18 -29.29
C PHE C 405 -46.66 -39.10 -28.21
N VAL C 406 -45.52 -38.50 -27.87
CA VAL C 406 -45.55 -37.51 -26.77
C VAL C 406 -46.30 -36.26 -27.25
N PRO C 407 -47.10 -35.62 -26.41
CA PRO C 407 -47.73 -34.35 -26.80
C PRO C 407 -46.84 -33.16 -26.52
N ASP C 408 -47.35 -31.96 -26.81
CA ASP C 408 -46.54 -30.75 -26.70
C ASP C 408 -46.26 -30.40 -25.24
N GLY C 409 -45.05 -29.88 -25.01
CA GLY C 409 -44.66 -29.39 -23.71
C GLY C 409 -44.61 -30.43 -22.62
N GLN C 410 -44.11 -31.63 -22.93
CA GLN C 410 -44.05 -32.72 -21.98
C GLN C 410 -42.64 -33.29 -21.93
N THR C 411 -42.38 -34.08 -20.90
CA THR C 411 -41.11 -34.77 -20.73
C THR C 411 -41.34 -36.27 -20.83
N PRO C 412 -40.52 -37.01 -21.59
CA PRO C 412 -40.73 -38.46 -21.73
C PRO C 412 -40.65 -39.21 -20.41
N HIS C 413 -41.37 -40.33 -20.32
CA HIS C 413 -41.45 -41.11 -19.11
C HIS C 413 -40.65 -42.39 -19.26
N SER C 414 -40.45 -43.09 -18.15
CA SER C 414 -39.55 -44.23 -18.10
C SER C 414 -40.21 -45.41 -17.42
N ILE C 415 -39.82 -46.62 -17.83
CA ILE C 415 -40.31 -47.87 -17.24
C ILE C 415 -39.14 -48.85 -17.18
N SER C 416 -39.08 -49.60 -16.08
CA SER C 416 -38.04 -50.61 -15.86
C SER C 416 -38.60 -51.98 -16.22
N LEU C 417 -37.76 -52.81 -16.86
CA LEU C 417 -38.16 -54.10 -17.39
C LEU C 417 -37.28 -55.19 -16.77
N CYS C 418 -37.91 -56.29 -16.37
CA CYS C 418 -37.19 -57.43 -15.80
C CYS C 418 -37.08 -58.53 -16.84
N VAL C 419 -35.86 -58.98 -17.09
CA VAL C 419 -35.54 -60.01 -18.07
C VAL C 419 -34.83 -61.16 -17.37
N TYR C 420 -35.27 -62.38 -17.66
CA TYR C 420 -34.75 -63.56 -17.01
C TYR C 420 -34.33 -64.62 -18.04
N ASP C 421 -33.37 -65.44 -17.63
CA ASP C 421 -32.99 -66.68 -18.32
C ASP C 421 -32.53 -66.36 -19.75
N GLU C 422 -33.08 -67.01 -20.77
CA GLU C 422 -32.47 -66.98 -22.09
C GLU C 422 -32.56 -65.61 -22.74
N LEU C 423 -33.49 -64.77 -22.30
CA LEU C 423 -33.69 -63.46 -22.92
C LEU C 423 -32.68 -62.42 -22.44
N VAL C 424 -31.83 -62.75 -21.47
CA VAL C 424 -30.83 -61.81 -20.97
C VAL C 424 -29.79 -61.55 -22.06
N ASP C 425 -29.37 -60.28 -22.17
CA ASP C 425 -28.45 -59.82 -23.21
C ASP C 425 -29.06 -60.05 -24.60
N SER C 426 -30.19 -59.39 -24.82
CA SER C 426 -30.87 -59.44 -26.10
C SER C 426 -31.11 -58.04 -26.66
N CYS C 427 -31.41 -57.09 -25.78
CA CYS C 427 -31.76 -55.74 -26.19
C CYS C 427 -30.53 -54.83 -26.10
N ARG C 428 -30.01 -54.43 -27.26
CA ARG C 428 -28.90 -53.51 -27.30
C ARG C 428 -29.37 -52.10 -26.96
N ALA C 429 -28.41 -51.23 -26.62
CA ALA C 429 -28.72 -49.87 -26.24
C ALA C 429 -29.10 -49.03 -27.45
N GLY C 430 -30.12 -48.19 -27.28
CA GLY C 430 -30.56 -47.28 -28.30
C GLY C 430 -31.54 -47.84 -29.29
N ASP C 431 -31.86 -49.13 -29.22
CA ASP C 431 -32.84 -49.71 -30.13
C ASP C 431 -34.26 -49.35 -29.67
N ARG C 432 -35.22 -49.60 -30.55
CA ARG C 432 -36.63 -49.41 -30.22
C ARG C 432 -37.31 -50.77 -30.32
N ILE C 433 -37.96 -51.19 -29.23
CA ILE C 433 -38.48 -52.54 -29.13
C ILE C 433 -39.93 -52.50 -28.67
N GLU C 434 -40.69 -53.51 -29.09
CA GLU C 434 -42.02 -53.80 -28.60
C GLU C 434 -41.98 -55.11 -27.82
N VAL C 435 -42.43 -55.07 -26.57
CA VAL C 435 -42.30 -56.20 -25.66
C VAL C 435 -43.68 -56.60 -25.14
N THR C 436 -43.77 -57.85 -24.69
CA THR C 436 -44.95 -58.38 -24.04
C THR C 436 -44.56 -58.80 -22.62
N GLY C 437 -45.41 -58.48 -21.65
CA GLY C 437 -45.04 -58.83 -20.29
C GLY C 437 -46.15 -58.55 -19.31
N THR C 438 -45.91 -58.96 -18.07
CA THR C 438 -46.86 -58.80 -16.98
C THR C 438 -46.55 -57.53 -16.21
N PHE C 439 -47.54 -56.65 -16.09
CA PHE C 439 -47.43 -55.49 -15.21
C PHE C 439 -47.41 -55.93 -13.76
N ARG C 440 -46.61 -55.24 -12.93
CA ARG C 440 -46.49 -55.58 -11.52
C ARG C 440 -46.15 -54.33 -10.74
N SER C 441 -46.44 -54.37 -9.44
CA SER C 441 -46.14 -53.27 -8.54
C SER C 441 -45.66 -53.83 -7.22
N ILE C 442 -44.59 -53.25 -6.68
CA ILE C 442 -44.03 -53.69 -5.40
C ILE C 442 -43.85 -52.48 -4.50
N PRO C 443 -43.85 -52.70 -3.19
CA PRO C 443 -43.54 -51.63 -2.25
C PRO C 443 -42.04 -51.46 -2.04
N ILE C 444 -41.66 -50.23 -1.71
CA ILE C 444 -40.28 -49.89 -1.40
C ILE C 444 -40.24 -49.24 -0.03
N ARG C 445 -39.19 -49.54 0.73
CA ARG C 445 -39.11 -49.18 2.14
C ARG C 445 -38.89 -47.69 2.33
N ALA C 446 -39.51 -47.14 3.37
CA ALA C 446 -39.32 -45.74 3.74
C ALA C 446 -37.97 -45.55 4.40
N ASN C 447 -37.73 -46.24 5.51
CA ASN C 447 -36.45 -46.17 6.19
C ASN C 447 -35.63 -47.42 5.91
N SER C 448 -34.33 -47.23 5.71
CA SER C 448 -33.46 -48.37 5.40
C SER C 448 -33.38 -49.35 6.56
N ARG C 449 -33.34 -48.85 7.79
CA ARG C 449 -33.19 -49.73 8.95
C ARG C 449 -34.53 -50.35 9.34
N GLN C 450 -35.55 -49.53 9.55
CA GLN C 450 -36.81 -50.01 10.08
C GLN C 450 -37.58 -50.83 9.03
N ARG C 451 -38.56 -51.60 9.53
CA ARG C 451 -39.44 -52.40 8.71
C ARG C 451 -40.45 -51.56 7.95
N VAL C 452 -40.50 -50.25 8.20
CA VAL C 452 -41.61 -49.42 7.77
C VAL C 452 -41.58 -49.24 6.25
N LEU C 453 -42.78 -49.20 5.66
CA LEU C 453 -42.97 -48.97 4.23
C LEU C 453 -43.84 -47.74 4.03
N LYS C 454 -43.73 -47.13 2.85
CA LYS C 454 -44.52 -45.95 2.52
C LYS C 454 -45.61 -46.28 1.49
N SER C 455 -46.73 -45.57 1.62
CA SER C 455 -47.97 -45.89 0.92
C SER C 455 -47.92 -45.36 -0.51
N LEU C 456 -46.95 -45.84 -1.28
CA LEU C 456 -46.88 -45.54 -2.70
C LEU C 456 -45.98 -46.56 -3.39
N TYR C 457 -46.55 -47.40 -4.25
CA TYR C 457 -45.82 -48.50 -4.85
C TYR C 457 -45.09 -48.06 -6.11
N LYS C 458 -44.13 -48.88 -6.52
CA LYS C 458 -43.45 -48.68 -7.80
C LYS C 458 -43.95 -49.71 -8.80
N THR C 459 -44.05 -49.29 -10.07
CA THR C 459 -44.62 -50.12 -11.12
C THR C 459 -43.53 -50.50 -12.12
N TYR C 460 -43.50 -51.77 -12.51
CA TYR C 460 -42.59 -52.26 -13.53
C TYR C 460 -43.26 -53.39 -14.30
N VAL C 461 -42.53 -53.99 -15.23
CA VAL C 461 -43.03 -55.09 -16.05
C VAL C 461 -42.00 -56.21 -16.07
N ASP C 462 -42.49 -57.44 -15.99
CA ASP C 462 -41.67 -58.63 -16.19
C ASP C 462 -41.93 -59.14 -17.60
N VAL C 463 -40.89 -59.17 -18.44
CA VAL C 463 -41.09 -59.40 -19.86
C VAL C 463 -40.97 -60.88 -20.17
N VAL C 464 -41.70 -61.31 -21.21
CA VAL C 464 -41.66 -62.69 -21.66
C VAL C 464 -41.32 -62.83 -23.14
N HIS C 465 -41.48 -61.78 -23.95
CA HIS C 465 -41.18 -61.84 -25.37
C HIS C 465 -40.72 -60.45 -25.82
N VAL C 466 -39.68 -60.41 -26.63
CA VAL C 466 -39.11 -59.16 -27.12
C VAL C 466 -39.01 -59.23 -28.64
N LYS C 467 -39.44 -58.17 -29.31
CA LYS C 467 -39.27 -57.99 -30.74
C LYS C 467 -38.76 -56.60 -31.02
N LYS C 468 -38.02 -56.45 -32.12
CA LYS C 468 -37.38 -55.18 -32.48
C LYS C 468 -38.21 -54.48 -33.55
N VAL C 469 -38.40 -53.17 -33.37
CA VAL C 469 -39.18 -52.29 -34.25
C VAL C 469 -40.38 -52.96 -34.92
N ARG C 499 -23.39 -63.63 -43.43
CA ARG C 499 -22.68 -64.84 -43.01
C ARG C 499 -23.56 -66.08 -43.18
N GLN C 500 -22.92 -67.25 -43.15
CA GLN C 500 -23.61 -68.53 -43.32
C GLN C 500 -24.39 -68.57 -44.63
N ILE C 501 -23.72 -68.21 -45.72
CA ILE C 501 -24.36 -68.19 -47.03
C ILE C 501 -24.62 -69.61 -47.52
N THR C 502 -25.77 -69.80 -48.15
CA THR C 502 -26.18 -71.12 -48.62
C THR C 502 -25.52 -71.45 -49.96
N ASP C 503 -25.55 -72.74 -50.31
CA ASP C 503 -24.88 -73.20 -51.52
C ASP C 503 -25.52 -72.61 -52.78
N GLN C 504 -26.84 -72.41 -52.75
CA GLN C 504 -27.50 -71.74 -53.87
C GLN C 504 -26.98 -70.32 -54.05
N ASP C 505 -26.69 -69.65 -52.93
CA ASP C 505 -26.06 -68.33 -53.01
C ASP C 505 -24.69 -68.42 -53.66
N LEU C 506 -23.91 -69.46 -53.32
CA LEU C 506 -22.63 -69.65 -53.98
C LEU C 506 -22.79 -69.84 -55.48
N ALA C 507 -23.76 -70.66 -55.89
CA ALA C 507 -23.95 -70.92 -57.31
C ALA C 507 -24.35 -69.65 -58.06
N LYS C 508 -25.27 -68.88 -57.48
CA LYS C 508 -25.71 -67.65 -58.14
C LYS C 508 -24.58 -66.62 -58.17
N ILE C 509 -23.76 -66.58 -57.12
CA ILE C 509 -22.58 -65.71 -57.13
C ILE C 509 -21.64 -66.11 -58.25
N ARG C 510 -21.39 -67.41 -58.42
CA ARG C 510 -20.51 -67.86 -59.50
C ARG C 510 -21.06 -67.47 -60.86
N GLU C 511 -22.35 -67.74 -61.11
CA GLU C 511 -22.88 -67.47 -62.44
C GLU C 511 -22.93 -65.97 -62.74
N VAL C 512 -23.19 -65.15 -61.71
CA VAL C 512 -23.13 -63.71 -61.91
C VAL C 512 -21.70 -63.25 -62.15
N ALA C 513 -20.74 -63.86 -61.45
CA ALA C 513 -19.34 -63.53 -61.65
C ALA C 513 -18.88 -63.92 -63.04
N ALA C 514 -19.58 -64.87 -63.68
CA ALA C 514 -19.30 -65.27 -65.04
C ALA C 514 -19.86 -64.30 -66.08
N ARG C 515 -20.26 -63.11 -65.65
CA ARG C 515 -20.80 -62.12 -66.59
C ARG C 515 -19.68 -61.54 -67.44
N GLU C 516 -20.04 -61.16 -68.67
CA GLU C 516 -19.03 -60.65 -69.60
C GLU C 516 -18.38 -59.37 -69.10
N ASP C 517 -19.18 -58.45 -68.56
CA ASP C 517 -18.68 -57.15 -68.09
C ASP C 517 -19.20 -56.93 -66.66
N LEU C 518 -18.50 -57.48 -65.68
CA LEU C 518 -18.87 -57.25 -64.29
C LEU C 518 -18.49 -55.86 -63.81
N TYR C 519 -17.50 -55.24 -64.46
CA TYR C 519 -17.01 -53.93 -64.04
C TYR C 519 -18.11 -52.88 -64.14
N SER C 520 -18.75 -52.76 -65.31
CA SER C 520 -19.70 -51.68 -65.55
C SER C 520 -21.00 -51.87 -64.77
N LEU C 521 -21.42 -53.12 -64.60
CA LEU C 521 -22.69 -53.37 -63.92
C LEU C 521 -22.67 -52.85 -62.49
N LEU C 522 -21.65 -53.20 -61.72
CA LEU C 522 -21.54 -52.68 -60.37
C LEU C 522 -20.95 -51.27 -60.37
N ALA C 523 -20.43 -50.82 -61.51
CA ALA C 523 -20.19 -49.40 -61.67
C ALA C 523 -21.49 -48.59 -61.62
N ARG C 524 -22.55 -49.07 -62.29
CA ARG C 524 -23.83 -48.36 -62.27
C ARG C 524 -24.70 -48.71 -61.07
N SER C 525 -24.45 -49.84 -60.40
CA SER C 525 -25.35 -50.22 -59.31
C SER C 525 -25.12 -49.41 -58.04
N ILE C 526 -23.87 -49.04 -57.76
CA ILE C 526 -23.54 -48.46 -56.46
C ILE C 526 -24.21 -47.11 -56.28
N ALA C 527 -24.34 -46.34 -57.36
CA ALA C 527 -24.94 -45.01 -57.32
C ALA C 527 -25.98 -44.91 -58.44
N PRO C 528 -27.16 -45.49 -58.25
CA PRO C 528 -28.18 -45.41 -59.30
C PRO C 528 -28.60 -44.00 -59.63
N SER C 529 -28.67 -43.12 -58.62
CA SER C 529 -29.13 -41.76 -58.86
C SER C 529 -28.09 -40.94 -59.60
N ILE C 530 -26.80 -41.16 -59.31
CA ILE C 530 -25.75 -40.35 -59.90
C ILE C 530 -25.69 -40.62 -61.40
N TYR C 531 -25.74 -39.55 -62.18
CA TYR C 531 -25.66 -39.65 -63.63
C TYR C 531 -24.28 -39.20 -64.09
N GLU C 532 -23.75 -39.89 -65.09
CA GLU C 532 -22.34 -39.74 -65.49
C GLU C 532 -21.48 -40.01 -64.27
N LEU C 533 -20.31 -39.38 -64.18
CA LEU C 533 -19.35 -39.63 -63.11
C LEU C 533 -19.08 -41.12 -62.98
N GLU C 534 -18.92 -41.79 -64.12
CA GLU C 534 -18.69 -43.22 -64.10
C GLU C 534 -17.28 -43.54 -63.61
N ASP C 535 -16.33 -42.63 -63.83
CA ASP C 535 -14.94 -42.89 -63.50
C ASP C 535 -14.73 -42.93 -61.99
N VAL C 536 -15.35 -41.99 -61.26
CA VAL C 536 -15.24 -42.01 -59.80
C VAL C 536 -15.90 -43.26 -59.24
N LYS C 537 -16.99 -43.71 -59.87
CA LYS C 537 -17.62 -44.95 -59.44
C LYS C 537 -16.74 -46.16 -59.72
N LYS C 538 -16.00 -46.12 -60.83
CA LYS C 538 -14.99 -47.16 -61.09
C LYS C 538 -13.98 -47.20 -59.96
N GLY C 539 -13.46 -46.03 -59.58
CA GLY C 539 -12.48 -45.98 -58.51
C GLY C 539 -13.01 -46.46 -57.18
N ILE C 540 -14.26 -46.09 -56.85
CA ILE C 540 -14.85 -46.51 -55.59
C ILE C 540 -15.12 -48.01 -55.59
N LEU C 541 -15.55 -48.56 -56.73
CA LEU C 541 -15.76 -50.00 -56.83
C LEU C 541 -14.45 -50.75 -56.64
N LEU C 542 -13.36 -50.24 -57.22
CA LEU C 542 -12.06 -50.85 -56.98
C LEU C 542 -11.61 -50.69 -55.54
N GLN C 543 -11.95 -49.57 -54.90
CA GLN C 543 -11.56 -49.34 -53.51
C GLN C 543 -12.28 -50.29 -52.57
N LEU C 544 -13.56 -50.57 -52.82
CA LEU C 544 -14.35 -51.38 -51.90
C LEU C 544 -13.84 -52.81 -51.77
N PHE C 545 -13.01 -53.27 -52.70
CA PHE C 545 -12.40 -54.59 -52.57
C PHE C 545 -11.01 -54.53 -51.95
N GLY C 546 -10.17 -53.62 -52.43
CA GLY C 546 -8.85 -53.44 -51.86
C GLY C 546 -7.87 -54.51 -52.28
N GLY C 547 -6.62 -54.13 -52.52
CA GLY C 547 -5.60 -55.09 -52.84
C GLY C 547 -5.31 -56.00 -51.66
N THR C 548 -4.65 -57.11 -51.95
CA THR C 548 -4.35 -58.08 -50.90
C THR C 548 -3.44 -57.46 -49.85
N ASN C 549 -3.57 -57.95 -48.62
CA ASN C 549 -2.79 -57.47 -47.50
C ASN C 549 -1.81 -58.54 -47.06
N LYS C 550 -0.59 -58.13 -46.75
CA LYS C 550 0.47 -59.05 -46.37
C LYS C 550 1.35 -58.42 -45.30
N THR C 551 1.88 -59.28 -44.42
CA THR C 551 2.81 -58.87 -43.38
C THR C 551 3.85 -59.99 -43.20
N PHE C 552 4.97 -59.85 -43.91
CA PHE C 552 6.05 -60.81 -43.77
C PHE C 552 7.03 -60.36 -42.69
N THR C 553 7.75 -61.33 -42.12
CA THR C 553 8.50 -61.10 -40.89
C THR C 553 9.57 -60.04 -41.06
N LYS C 554 10.35 -60.12 -42.14
CA LYS C 554 11.51 -59.24 -42.27
C LYS C 554 11.10 -57.83 -42.64
N GLY C 555 10.45 -57.65 -43.79
CA GLY C 555 10.08 -56.31 -44.22
C GLY C 555 9.03 -55.68 -43.35
N GLY C 556 8.07 -56.47 -42.86
CA GLY C 556 6.97 -55.95 -42.09
C GLY C 556 5.70 -55.84 -42.92
N ARG C 557 4.67 -55.28 -42.29
CA ARG C 557 3.37 -55.19 -42.93
C ARG C 557 3.40 -54.19 -44.07
N TYR C 558 2.80 -54.57 -45.20
CA TYR C 558 2.60 -53.66 -46.33
C TYR C 558 1.12 -53.39 -46.51
N ARG C 559 0.77 -52.12 -46.70
CA ARG C 559 -0.62 -51.67 -46.71
C ARG C 559 -1.38 -52.25 -47.91
N GLY C 560 -2.68 -52.46 -47.71
CA GLY C 560 -3.54 -52.93 -48.76
C GLY C 560 -4.88 -52.19 -48.81
N ASP C 561 -4.87 -50.93 -48.41
CA ASP C 561 -6.06 -50.09 -48.42
C ASP C 561 -5.90 -48.96 -49.42
N ILE C 562 -7.00 -48.58 -50.07
CA ILE C 562 -7.01 -47.55 -51.09
C ILE C 562 -7.70 -46.31 -50.53
N ASN C 563 -7.05 -45.16 -50.68
CA ASN C 563 -7.56 -43.89 -50.17
C ASN C 563 -7.94 -43.00 -51.34
N ILE C 564 -9.11 -42.38 -51.26
CA ILE C 564 -9.65 -41.58 -52.35
C ILE C 564 -10.13 -40.24 -51.82
N LEU C 565 -9.77 -39.16 -52.50
CA LEU C 565 -10.18 -37.80 -52.16
C LEU C 565 -10.96 -37.20 -53.31
N LEU C 566 -12.18 -36.75 -53.02
CA LEU C 566 -13.04 -36.08 -53.99
C LEU C 566 -13.07 -34.59 -53.64
N CYS C 567 -12.87 -33.75 -54.64
CA CYS C 567 -12.88 -32.30 -54.45
C CYS C 567 -13.22 -31.65 -55.79
N GLY C 568 -13.64 -30.39 -55.72
CA GLY C 568 -14.02 -29.66 -56.91
C GLY C 568 -15.05 -28.59 -56.64
N ASP C 569 -15.89 -28.27 -57.62
CA ASP C 569 -16.86 -27.19 -57.48
C ASP C 569 -17.88 -27.53 -56.40
N PRO C 570 -18.44 -26.53 -55.72
CA PRO C 570 -19.11 -26.79 -54.43
C PRO C 570 -20.47 -27.46 -54.52
N SER C 571 -21.12 -27.47 -55.69
CA SER C 571 -22.50 -27.94 -55.77
C SER C 571 -22.60 -29.18 -56.67
N THR C 572 -21.59 -30.05 -56.60
CA THR C 572 -21.70 -31.38 -57.20
C THR C 572 -22.36 -32.31 -56.19
N SER C 573 -22.34 -33.61 -56.45
CA SER C 573 -23.05 -34.58 -55.62
C SER C 573 -22.11 -35.54 -54.89
N LYS C 574 -21.05 -35.04 -54.27
CA LYS C 574 -20.08 -35.92 -53.62
C LYS C 574 -20.62 -36.50 -52.32
N SER C 575 -21.40 -35.70 -51.57
CA SER C 575 -21.92 -36.18 -50.28
C SER C 575 -22.88 -37.35 -50.48
N GLN C 576 -23.74 -37.30 -51.49
CA GLN C 576 -24.59 -38.43 -51.79
C GLN C 576 -23.78 -39.65 -52.20
N ILE C 577 -22.67 -39.44 -52.91
CA ILE C 577 -21.79 -40.56 -53.27
C ILE C 577 -21.23 -41.21 -52.01
N LEU C 578 -20.78 -40.41 -51.05
CA LEU C 578 -20.25 -40.97 -49.81
C LEU C 578 -21.33 -41.72 -49.03
N GLN C 579 -22.53 -41.15 -48.95
CA GLN C 579 -23.61 -41.82 -48.23
C GLN C 579 -24.06 -43.09 -48.96
N TYR C 580 -23.85 -43.16 -50.27
CA TYR C 580 -24.08 -44.42 -50.99
C TYR C 580 -23.08 -45.50 -50.61
N VAL C 581 -21.80 -45.18 -50.56
CA VAL C 581 -20.78 -46.19 -50.26
C VAL C 581 -20.78 -46.54 -48.78
N HIS C 582 -21.38 -45.68 -47.94
CA HIS C 582 -21.50 -46.01 -46.53
C HIS C 582 -22.31 -47.29 -46.31
N LYS C 583 -23.43 -47.43 -47.03
CA LYS C 583 -24.35 -48.53 -46.77
C LYS C 583 -23.81 -49.85 -47.31
N ILE C 584 -23.18 -49.81 -48.49
CA ILE C 584 -22.74 -51.04 -49.15
C ILE C 584 -21.70 -51.76 -48.31
N THR C 585 -20.74 -51.01 -47.77
CA THR C 585 -19.65 -51.63 -47.03
C THR C 585 -20.17 -52.27 -45.74
N PRO C 586 -19.59 -53.39 -45.30
CA PRO C 586 -20.14 -54.06 -44.11
C PRO C 586 -19.98 -53.24 -42.84
N ARG C 587 -18.75 -52.82 -42.52
CA ARG C 587 -18.46 -52.09 -41.30
C ARG C 587 -17.78 -50.78 -41.68
N GLY C 588 -18.45 -49.67 -41.37
CA GLY C 588 -17.92 -48.36 -41.71
C GLY C 588 -18.66 -47.29 -40.94
N VAL C 589 -18.09 -46.09 -40.96
CA VAL C 589 -18.62 -44.96 -40.21
C VAL C 589 -18.63 -43.73 -41.11
N TYR C 590 -19.74 -43.00 -41.06
CA TYR C 590 -19.92 -41.77 -41.82
C TYR C 590 -20.04 -40.61 -40.83
N THR C 591 -18.92 -39.94 -40.56
CA THR C 591 -18.89 -38.77 -39.70
C THR C 591 -18.12 -37.65 -40.38
N SER C 592 -18.66 -36.44 -40.33
CA SER C 592 -18.00 -35.29 -40.93
C SER C 592 -16.80 -34.86 -40.08
N GLY C 593 -15.82 -34.26 -40.75
CA GLY C 593 -14.64 -33.74 -40.09
C GLY C 593 -14.72 -32.28 -39.70
N LYS C 594 -15.93 -31.71 -39.61
CA LYS C 594 -16.07 -30.28 -39.36
C LYS C 594 -15.54 -29.90 -37.97
N GLY C 595 -15.78 -30.71 -36.98
CA GLY C 595 -15.44 -30.37 -35.61
C GLY C 595 -15.17 -31.58 -34.75
N SER C 596 -15.75 -31.56 -33.55
CA SER C 596 -15.63 -32.62 -32.55
C SER C 596 -14.23 -32.64 -31.95
N SER C 597 -13.96 -33.63 -31.09
CA SER C 597 -12.68 -33.69 -30.40
C SER C 597 -11.54 -33.96 -31.37
N ALA C 598 -10.35 -33.50 -30.98
CA ALA C 598 -9.15 -33.73 -31.79
C ALA C 598 -8.77 -35.20 -31.87
N VAL C 599 -9.27 -36.03 -30.97
CA VAL C 599 -9.03 -37.47 -31.03
C VAL C 599 -10.37 -38.18 -31.20
N GLY C 600 -11.36 -37.46 -31.75
CA GLY C 600 -12.69 -38.02 -31.90
C GLY C 600 -12.75 -39.22 -32.83
N LEU C 601 -11.75 -39.40 -33.68
CA LEU C 601 -11.68 -40.56 -34.56
C LEU C 601 -10.82 -41.67 -33.97
N THR C 602 -10.25 -41.45 -32.78
CA THR C 602 -9.41 -42.45 -32.11
C THR C 602 -9.86 -42.57 -30.67
N ALA C 603 -9.07 -43.28 -29.88
CA ALA C 603 -9.41 -43.53 -28.49
C ALA C 603 -9.39 -42.22 -27.70
N TYR C 604 -10.36 -42.10 -26.79
CA TYR C 604 -10.43 -40.94 -25.90
C TYR C 604 -10.83 -41.41 -24.50
N ILE C 605 -9.87 -41.40 -23.57
CA ILE C 605 -10.17 -41.82 -22.21
C ILE C 605 -11.12 -40.83 -21.56
N THR C 606 -12.28 -41.32 -21.14
CA THR C 606 -13.34 -40.46 -20.61
C THR C 606 -13.87 -41.04 -19.31
N ARG C 607 -14.36 -40.15 -18.45
CA ARG C 607 -15.00 -40.58 -17.21
C ARG C 607 -16.38 -41.12 -17.51
N ASP C 608 -16.69 -42.29 -16.93
CA ASP C 608 -17.99 -42.90 -17.13
C ASP C 608 -19.08 -42.05 -16.48
N VAL C 609 -20.26 -42.00 -17.11
CA VAL C 609 -21.32 -41.14 -16.62
C VAL C 609 -22.12 -41.85 -15.52
N ASP C 610 -22.54 -43.08 -15.77
CA ASP C 610 -23.36 -43.79 -14.80
C ASP C 610 -22.59 -44.09 -13.51
N THR C 611 -21.33 -44.47 -13.65
CA THR C 611 -20.48 -44.78 -12.50
C THR C 611 -19.23 -43.91 -12.56
N LYS C 612 -18.75 -43.51 -11.38
CA LYS C 612 -17.55 -42.67 -11.28
C LYS C 612 -16.30 -43.53 -11.51
N GLN C 613 -16.21 -44.04 -12.74
CA GLN C 613 -15.15 -44.97 -13.11
C GLN C 613 -14.52 -44.52 -14.43
N LEU C 614 -13.58 -45.32 -14.92
CA LEU C 614 -12.82 -45.01 -16.13
C LEU C 614 -13.17 -45.99 -17.24
N VAL C 615 -13.46 -45.46 -18.42
CA VAL C 615 -13.77 -46.27 -19.60
C VAL C 615 -12.94 -45.80 -20.77
N LEU C 616 -12.39 -46.76 -21.52
CA LEU C 616 -11.64 -46.48 -22.73
C LEU C 616 -12.56 -46.64 -23.93
N GLU C 617 -12.87 -45.53 -24.59
CA GLU C 617 -13.78 -45.51 -25.73
C GLU C 617 -13.00 -45.29 -27.01
N SER C 618 -13.13 -46.22 -27.96
CA SER C 618 -12.47 -46.10 -29.24
C SER C 618 -13.16 -45.05 -30.11
N GLY C 619 -12.47 -44.62 -31.15
CA GLY C 619 -12.95 -43.61 -32.06
C GLY C 619 -13.54 -44.20 -33.33
N ALA C 620 -13.68 -43.35 -34.35
CA ALA C 620 -14.29 -43.75 -35.61
C ALA C 620 -13.33 -44.45 -36.55
N LEU C 621 -12.03 -44.17 -36.47
CA LEU C 621 -11.07 -44.88 -37.29
C LEU C 621 -10.86 -46.31 -36.79
N VAL C 622 -10.82 -46.49 -35.47
CA VAL C 622 -10.71 -47.82 -34.90
C VAL C 622 -11.98 -48.62 -35.16
N LEU C 623 -13.13 -47.96 -35.09
CA LEU C 623 -14.42 -48.62 -35.31
C LEU C 623 -14.68 -48.91 -36.78
N SER C 624 -13.82 -48.43 -37.68
CA SER C 624 -13.91 -48.77 -39.09
C SER C 624 -12.80 -49.75 -39.51
N ASP C 625 -12.23 -50.46 -38.55
CA ASP C 625 -11.19 -51.43 -38.83
C ASP C 625 -11.70 -52.49 -39.80
N GLY C 626 -10.91 -52.77 -40.84
CA GLY C 626 -11.29 -53.75 -41.84
C GLY C 626 -12.33 -53.28 -42.83
N GLY C 627 -12.64 -51.99 -42.87
CA GLY C 627 -13.65 -51.48 -43.78
C GLY C 627 -13.28 -50.15 -44.41
N VAL C 628 -14.28 -49.37 -44.79
CA VAL C 628 -14.08 -48.08 -45.43
C VAL C 628 -14.68 -47.00 -44.54
N CYS C 629 -13.86 -46.02 -44.17
CA CYS C 629 -14.28 -44.92 -43.31
C CYS C 629 -14.45 -43.67 -44.17
N CYS C 630 -15.64 -43.07 -44.13
CA CYS C 630 -15.98 -41.92 -44.97
C CYS C 630 -15.89 -40.66 -44.13
N ILE C 631 -15.09 -39.69 -44.60
CA ILE C 631 -14.93 -38.40 -43.95
C ILE C 631 -15.56 -37.33 -44.82
N ASP C 632 -16.39 -36.49 -44.22
CA ASP C 632 -17.08 -35.42 -44.93
C ASP C 632 -16.57 -34.08 -44.41
N GLU C 633 -16.57 -33.08 -45.30
CA GLU C 633 -16.05 -31.75 -44.99
C GLU C 633 -14.59 -31.82 -44.53
N PHE C 634 -13.73 -32.37 -45.40
CA PHE C 634 -12.34 -32.61 -45.03
C PHE C 634 -11.58 -31.31 -44.79
N ASP C 635 -12.03 -30.21 -45.40
CA ASP C 635 -11.30 -28.95 -45.31
C ASP C 635 -11.44 -28.26 -43.98
N LYS C 636 -12.45 -28.59 -43.18
CA LYS C 636 -12.69 -27.93 -41.91
C LYS C 636 -12.03 -28.65 -40.74
N MET C 637 -11.31 -29.73 -41.00
CA MET C 637 -10.68 -30.50 -39.94
C MET C 637 -9.45 -29.76 -39.40
N SER C 638 -9.34 -29.74 -38.07
CA SER C 638 -8.43 -28.82 -37.38
C SER C 638 -6.98 -29.24 -37.55
N ASP C 639 -6.08 -28.24 -37.45
CA ASP C 639 -4.66 -28.46 -37.65
C ASP C 639 -4.05 -29.45 -36.67
N SER C 640 -4.58 -29.54 -35.45
CA SER C 640 -4.06 -30.44 -34.44
C SER C 640 -4.55 -31.88 -34.59
N THR C 641 -5.78 -32.08 -35.05
CA THR C 641 -6.29 -33.42 -35.24
C THR C 641 -5.81 -34.02 -36.56
N ARG C 642 -5.43 -33.18 -37.51
CA ARG C 642 -4.94 -33.68 -38.80
C ARG C 642 -3.79 -34.64 -38.62
N SER C 643 -2.84 -34.30 -37.74
CA SER C 643 -1.68 -35.16 -37.50
C SER C 643 -2.10 -36.56 -37.09
N VAL C 644 -3.23 -36.71 -36.40
CA VAL C 644 -3.70 -38.04 -36.03
C VAL C 644 -3.90 -38.90 -37.28
N LEU C 645 -4.62 -38.36 -38.27
CA LEU C 645 -4.79 -39.09 -39.52
C LEU C 645 -3.45 -39.42 -40.14
N HIS C 646 -2.45 -38.58 -39.92
CA HIS C 646 -1.12 -38.84 -40.49
C HIS C 646 -0.55 -40.15 -39.96
N GLU C 647 -0.73 -40.43 -38.66
CA GLU C 647 -0.22 -41.70 -38.15
C GLU C 647 -1.13 -42.85 -38.56
N VAL C 648 -2.39 -42.55 -38.91
CA VAL C 648 -3.31 -43.59 -39.35
C VAL C 648 -2.98 -44.06 -40.75
N MET C 649 -2.64 -43.13 -41.64
CA MET C 649 -2.36 -43.44 -43.04
C MET C 649 -0.92 -43.86 -43.27
N GLU C 650 -0.11 -43.91 -42.22
CA GLU C 650 1.31 -44.22 -42.38
C GLU C 650 1.67 -45.54 -41.70
N GLN C 651 1.24 -45.70 -40.45
CA GLN C 651 1.53 -46.91 -39.69
C GLN C 651 0.28 -47.73 -39.37
N GLN C 652 -0.90 -47.17 -39.60
CA GLN C 652 -2.18 -47.88 -39.43
C GLN C 652 -2.40 -48.30 -37.98
N THR C 653 -1.81 -47.55 -37.04
CA THR C 653 -1.98 -47.82 -35.62
C THR C 653 -2.09 -46.49 -34.89
N ILE C 654 -2.84 -46.50 -33.79
CA ILE C 654 -3.00 -45.34 -32.94
C ILE C 654 -2.59 -45.71 -31.52
N SER C 655 -1.75 -44.87 -30.92
CA SER C 655 -1.24 -45.06 -29.58
C SER C 655 -1.82 -44.00 -28.66
N ILE C 656 -2.28 -44.43 -27.49
CA ILE C 656 -2.81 -43.53 -26.47
C ILE C 656 -2.02 -43.75 -25.18
N ALA C 657 -1.59 -42.63 -24.57
CA ALA C 657 -0.83 -42.65 -23.32
C ALA C 657 -1.40 -41.57 -22.39
N LYS C 658 -2.41 -41.95 -21.62
CA LYS C 658 -3.08 -41.02 -20.71
C LYS C 658 -3.64 -41.77 -19.52
N ALA C 659 -3.69 -41.09 -18.36
CA ALA C 659 -4.30 -41.61 -17.15
C ALA C 659 -3.71 -42.96 -16.74
N GLY C 660 -2.40 -43.09 -16.89
CA GLY C 660 -1.71 -44.32 -16.54
C GLY C 660 -1.87 -45.45 -17.52
N ILE C 661 -2.52 -45.22 -18.66
CA ILE C 661 -2.75 -46.23 -19.67
C ILE C 661 -1.88 -45.90 -20.87
N ILE C 662 -1.02 -46.84 -21.26
CA ILE C 662 -0.22 -46.72 -22.47
C ILE C 662 -0.49 -47.95 -23.33
N THR C 663 -1.06 -47.73 -24.52
CA THR C 663 -1.45 -48.85 -25.36
C THR C 663 -1.57 -48.40 -26.81
N THR C 664 -1.68 -49.38 -27.70
CA THR C 664 -1.78 -49.16 -29.13
C THR C 664 -2.97 -49.92 -29.68
N LEU C 665 -3.71 -49.30 -30.60
CA LEU C 665 -4.84 -49.94 -31.26
C LEU C 665 -4.52 -50.17 -32.73
N ASN C 666 -5.49 -50.66 -33.49
CA ASN C 666 -5.32 -50.97 -34.90
C ASN C 666 -6.33 -50.18 -35.73
N ALA C 667 -5.85 -49.45 -36.73
CA ALA C 667 -6.73 -48.71 -37.63
C ALA C 667 -7.07 -49.49 -38.88
N ARG C 668 -6.07 -49.80 -39.71
CA ARG C 668 -6.19 -50.67 -40.89
C ARG C 668 -7.42 -50.38 -41.73
N SER C 669 -7.84 -49.12 -41.83
CA SER C 669 -9.04 -48.74 -42.55
C SER C 669 -8.68 -47.98 -43.83
N SER C 670 -9.70 -47.66 -44.61
CA SER C 670 -9.54 -46.94 -45.86
C SER C 670 -10.27 -45.61 -45.77
N ILE C 671 -9.65 -44.55 -46.29
CA ILE C 671 -10.18 -43.20 -46.16
C ILE C 671 -10.73 -42.74 -47.50
N LEU C 672 -12.03 -42.49 -47.54
CA LEU C 672 -12.68 -41.78 -48.63
C LEU C 672 -13.18 -40.45 -48.10
N ALA C 673 -12.69 -39.36 -48.69
CA ALA C 673 -12.98 -38.03 -48.17
C ALA C 673 -13.53 -37.15 -49.29
N SER C 674 -14.27 -36.11 -48.87
CA SER C 674 -14.84 -35.13 -49.78
C SER C 674 -14.57 -33.74 -49.21
N ALA C 675 -14.17 -32.82 -50.07
CA ALA C 675 -13.77 -31.49 -49.64
C ALA C 675 -14.41 -30.43 -50.51
N ASN C 676 -14.31 -29.18 -50.07
CA ASN C 676 -14.83 -28.02 -50.78
C ASN C 676 -13.74 -26.96 -50.88
N PRO C 677 -13.74 -26.15 -51.93
CA PRO C 677 -12.68 -25.17 -52.13
C PRO C 677 -13.02 -23.85 -51.43
N ILE C 678 -12.14 -22.88 -51.61
CA ILE C 678 -12.39 -21.51 -51.16
C ILE C 678 -12.93 -20.73 -52.36
N GLY C 679 -14.16 -20.27 -52.26
CA GLY C 679 -14.84 -19.59 -53.35
C GLY C 679 -15.94 -20.44 -53.94
N SER C 680 -16.55 -19.90 -54.99
CA SER C 680 -17.69 -20.54 -55.64
C SER C 680 -17.31 -21.36 -56.86
N ARG C 681 -16.02 -21.47 -57.18
CA ARG C 681 -15.59 -22.20 -58.36
C ARG C 681 -14.14 -22.63 -58.18
N TYR C 682 -13.77 -23.71 -58.84
CA TYR C 682 -12.39 -24.19 -58.90
C TYR C 682 -11.81 -23.79 -60.25
N ASN C 683 -11.17 -22.63 -60.30
CA ASN C 683 -10.62 -22.12 -61.54
C ASN C 683 -9.43 -22.98 -61.97
N PRO C 684 -9.46 -23.57 -63.17
CA PRO C 684 -8.36 -24.47 -63.57
C PRO C 684 -7.01 -23.78 -63.67
N ASN C 685 -6.97 -22.47 -63.91
CA ASN C 685 -5.71 -21.77 -64.11
C ASN C 685 -4.79 -21.88 -62.90
N LEU C 686 -5.34 -21.60 -61.71
CA LEU C 686 -4.56 -21.77 -60.50
C LEU C 686 -4.40 -23.25 -60.19
N PRO C 687 -3.24 -23.69 -59.68
CA PRO C 687 -3.04 -25.11 -59.38
C PRO C 687 -3.89 -25.54 -58.19
N VAL C 688 -3.80 -26.84 -57.90
CA VAL C 688 -4.67 -27.46 -56.91
C VAL C 688 -4.40 -26.93 -55.51
N THR C 689 -3.13 -26.64 -55.21
CA THR C 689 -2.71 -26.41 -53.83
C THR C 689 -3.44 -25.24 -53.19
N GLU C 690 -3.55 -24.12 -53.90
CA GLU C 690 -4.14 -22.92 -53.30
C GLU C 690 -5.62 -23.10 -52.99
N ASN C 691 -6.34 -23.78 -53.88
CA ASN C 691 -7.80 -23.85 -53.75
C ASN C 691 -8.22 -24.75 -52.60
N ILE C 692 -7.59 -25.92 -52.46
CA ILE C 692 -8.12 -26.97 -51.61
C ILE C 692 -7.76 -26.74 -50.14
N ASP C 693 -6.80 -25.86 -49.89
CA ASP C 693 -6.36 -25.54 -48.53
C ASP C 693 -6.03 -26.80 -47.75
N LEU C 694 -5.12 -27.61 -48.29
CA LEU C 694 -4.69 -28.85 -47.66
C LEU C 694 -3.19 -28.97 -47.76
N PRO C 695 -2.53 -29.49 -46.72
CA PRO C 695 -1.07 -29.64 -46.76
C PRO C 695 -0.64 -30.54 -47.90
N PRO C 696 0.47 -30.22 -48.56
CA PRO C 696 0.93 -31.01 -49.71
C PRO C 696 1.15 -32.48 -49.37
N PRO C 697 1.72 -32.82 -48.20
CA PRO C 697 1.86 -34.26 -47.89
C PRO C 697 0.53 -34.98 -47.73
N LEU C 698 -0.46 -34.34 -47.11
CA LEU C 698 -1.75 -34.98 -46.92
C LEU C 698 -2.44 -35.24 -48.25
N LEU C 699 -2.38 -34.28 -49.16
CA LEU C 699 -2.92 -34.51 -50.50
C LEU C 699 -2.12 -35.57 -51.24
N SER C 700 -0.80 -35.58 -51.06
CA SER C 700 0.05 -36.51 -51.78
C SER C 700 -0.22 -37.96 -51.37
N ARG C 701 -0.47 -38.19 -50.08
CA ARG C 701 -0.55 -39.57 -49.60
C ARG C 701 -1.86 -40.23 -50.00
N PHE C 702 -2.81 -39.48 -50.57
CA PHE C 702 -4.05 -40.08 -51.05
C PHE C 702 -3.80 -40.85 -52.34
N ASP C 703 -4.32 -42.08 -52.41
CA ASP C 703 -4.00 -42.95 -53.53
C ASP C 703 -4.61 -42.45 -54.83
N LEU C 704 -5.88 -42.04 -54.79
CA LEU C 704 -6.55 -41.45 -55.93
C LEU C 704 -7.16 -40.12 -55.52
N VAL C 705 -6.96 -39.09 -56.33
CA VAL C 705 -7.56 -37.79 -56.13
C VAL C 705 -8.35 -37.46 -57.38
N TYR C 706 -9.65 -37.16 -57.22
CA TYR C 706 -10.53 -36.84 -58.33
C TYR C 706 -10.97 -35.38 -58.24
N LEU C 707 -10.98 -34.70 -59.37
CA LEU C 707 -11.50 -33.34 -59.48
C LEU C 707 -12.84 -33.39 -60.20
N VAL C 708 -13.89 -32.93 -59.52
CA VAL C 708 -15.23 -32.86 -60.10
C VAL C 708 -15.43 -31.43 -60.61
N LEU C 709 -15.71 -31.31 -61.90
CA LEU C 709 -15.83 -30.01 -62.55
C LEU C 709 -17.27 -29.77 -62.99
N ASP C 710 -17.68 -28.51 -62.95
CA ASP C 710 -19.01 -28.10 -63.37
C ASP C 710 -18.86 -26.91 -64.32
N LYS C 711 -19.05 -27.14 -65.60
CA LYS C 711 -18.96 -26.13 -66.63
C LYS C 711 -20.34 -25.95 -67.28
N VAL C 712 -20.63 -24.71 -67.66
CA VAL C 712 -21.92 -24.36 -68.25
C VAL C 712 -21.94 -24.91 -69.67
N ASP C 713 -22.51 -26.10 -69.83
CA ASP C 713 -22.66 -26.75 -71.13
C ASP C 713 -24.14 -27.03 -71.36
N GLU C 714 -24.63 -26.61 -72.53
CA GLU C 714 -26.05 -26.73 -72.84
C GLU C 714 -26.47 -28.20 -72.85
N LYS C 715 -25.69 -29.06 -73.52
CA LYS C 715 -26.02 -30.48 -73.57
C LYS C 715 -26.04 -31.09 -72.17
N ASN C 716 -24.97 -30.88 -71.41
CA ASN C 716 -24.86 -31.48 -70.08
C ASN C 716 -25.94 -30.94 -69.14
N ASP C 717 -26.18 -29.63 -69.17
CA ASP C 717 -27.19 -29.04 -68.31
C ASP C 717 -28.57 -29.58 -68.63
N ARG C 718 -28.93 -29.63 -69.92
CA ARG C 718 -30.22 -30.18 -70.29
C ARG C 718 -30.35 -31.65 -69.90
N GLU C 719 -29.29 -32.44 -70.11
CA GLU C 719 -29.38 -33.86 -69.81
C GLU C 719 -29.52 -34.08 -68.31
N LEU C 720 -28.79 -33.32 -67.50
CA LEU C 720 -28.94 -33.42 -66.05
C LEU C 720 -30.34 -33.05 -65.60
N ALA C 721 -30.84 -31.89 -66.05
CA ALA C 721 -32.17 -31.44 -65.65
C ALA C 721 -33.24 -32.43 -66.10
N LYS C 722 -33.05 -33.04 -67.27
CA LYS C 722 -34.04 -33.97 -67.80
C LYS C 722 -34.25 -35.14 -66.85
N HIS C 723 -33.16 -35.82 -66.46
CA HIS C 723 -33.34 -37.00 -65.62
C HIS C 723 -33.68 -36.61 -64.20
N LEU C 724 -33.25 -35.43 -63.74
CA LEU C 724 -33.70 -34.98 -62.43
C LEU C 724 -35.22 -34.81 -62.40
N THR C 725 -35.77 -34.15 -63.41
CA THR C 725 -37.22 -33.97 -63.47
C THR C 725 -37.93 -35.30 -63.68
N ASN C 726 -37.33 -36.20 -64.46
CA ASN C 726 -37.92 -37.53 -64.65
C ASN C 726 -37.97 -38.29 -63.33
N LEU C 727 -36.94 -38.17 -62.50
CA LEU C 727 -36.98 -38.74 -61.17
C LEU C 727 -38.08 -38.11 -60.34
N TYR C 728 -38.24 -36.79 -60.45
CA TYR C 728 -39.35 -36.13 -59.73
C TYR C 728 -40.69 -36.50 -60.33
N LEU C 729 -40.74 -36.72 -61.64
CA LEU C 729 -41.97 -37.19 -62.26
C LEU C 729 -42.31 -38.59 -61.76
N GLU C 730 -43.57 -38.79 -61.41
CA GLU C 730 -44.03 -40.07 -60.88
C GLU C 730 -44.76 -40.84 -61.96
N ASP C 731 -44.33 -42.08 -62.20
CA ASP C 731 -44.93 -42.92 -63.22
C ASP C 731 -45.60 -44.14 -62.62
N VAL C 741 -31.23 -53.95 -63.77
CA VAL C 741 -29.81 -54.31 -63.78
C VAL C 741 -29.15 -53.88 -62.48
N LEU C 742 -29.97 -53.57 -61.47
CA LEU C 742 -29.45 -53.11 -60.19
C LEU C 742 -29.74 -54.12 -59.10
N PRO C 743 -28.76 -54.93 -58.69
CA PRO C 743 -28.95 -55.82 -57.55
C PRO C 743 -29.10 -55.05 -56.25
N VAL C 744 -29.82 -55.67 -55.31
CA VAL C 744 -30.15 -55.01 -54.06
C VAL C 744 -29.10 -55.33 -53.00
N GLU C 745 -28.97 -56.60 -52.66
CA GLU C 745 -28.03 -57.05 -51.63
C GLU C 745 -26.98 -58.02 -52.15
N PHE C 746 -26.94 -58.26 -53.47
CA PHE C 746 -25.90 -59.11 -54.02
C PHE C 746 -24.52 -58.51 -53.83
N LEU C 747 -24.44 -57.17 -53.86
CA LEU C 747 -23.15 -56.51 -53.72
C LEU C 747 -22.52 -56.79 -52.36
N THR C 748 -23.31 -56.73 -51.28
CA THR C 748 -22.76 -56.93 -49.95
C THR C 748 -22.17 -58.33 -49.79
N MET C 749 -22.91 -59.36 -50.22
CA MET C 749 -22.43 -60.72 -50.18
C MET C 749 -21.23 -60.97 -51.08
N TYR C 750 -21.25 -60.43 -52.30
CA TYR C 750 -20.07 -60.55 -53.17
C TYR C 750 -18.86 -59.86 -52.57
N ILE C 751 -19.05 -58.68 -51.97
CA ILE C 751 -17.95 -57.97 -51.33
C ILE C 751 -17.39 -58.80 -50.19
N SER C 752 -18.27 -59.37 -49.36
CA SER C 752 -17.81 -60.19 -48.24
C SER C 752 -17.06 -61.43 -48.73
N TYR C 753 -17.57 -62.09 -49.77
CA TYR C 753 -16.91 -63.26 -50.32
C TYR C 753 -15.52 -62.91 -50.85
N ALA C 754 -15.41 -61.81 -51.58
CA ALA C 754 -14.12 -61.43 -52.14
C ALA C 754 -13.15 -60.96 -51.07
N LYS C 755 -13.65 -60.39 -49.98
CA LYS C 755 -12.79 -59.85 -48.94
C LYS C 755 -12.36 -60.89 -47.91
N GLU C 756 -13.13 -61.96 -47.74
CA GLU C 756 -12.88 -62.89 -46.64
C GLU C 756 -12.26 -64.21 -47.08
N HIS C 757 -12.37 -64.58 -48.36
CA HIS C 757 -11.82 -65.83 -48.85
C HIS C 757 -10.73 -65.67 -49.90
N ILE C 758 -10.76 -64.61 -50.69
CA ILE C 758 -9.94 -64.50 -51.91
C ILE C 758 -8.66 -63.74 -51.60
N HIS C 759 -7.53 -64.28 -52.06
CA HIS C 759 -6.23 -63.63 -51.92
C HIS C 759 -5.43 -63.85 -53.21
N PRO C 760 -5.36 -62.86 -54.10
CA PRO C 760 -4.64 -63.05 -55.36
C PRO C 760 -3.12 -63.01 -55.17
N ILE C 761 -2.42 -63.31 -56.26
CA ILE C 761 -0.96 -63.29 -56.32
C ILE C 761 -0.53 -62.54 -57.58
N ILE C 762 0.77 -62.33 -57.70
CA ILE C 762 1.34 -61.61 -58.83
C ILE C 762 2.23 -62.55 -59.64
N THR C 763 2.14 -62.44 -60.97
CA THR C 763 2.93 -63.23 -61.88
C THR C 763 3.82 -62.33 -62.71
N GLU C 764 4.75 -62.95 -63.45
CA GLU C 764 5.71 -62.19 -64.25
C GLU C 764 5.05 -61.42 -65.39
N ALA C 765 3.85 -61.84 -65.81
CA ALA C 765 3.11 -61.05 -66.80
C ALA C 765 2.82 -59.66 -66.26
N ALA C 766 2.53 -59.56 -64.96
CA ALA C 766 2.39 -58.25 -64.33
C ALA C 766 3.73 -57.54 -64.21
N LYS C 767 4.81 -58.29 -63.95
CA LYS C 767 6.14 -57.71 -63.90
C LYS C 767 6.47 -56.95 -65.18
N THR C 768 6.32 -57.63 -66.32
CA THR C 768 6.75 -57.06 -67.60
C THR C 768 6.02 -55.76 -67.90
N GLU C 769 4.71 -55.72 -67.66
CA GLU C 769 3.96 -54.51 -67.93
C GLU C 769 4.24 -53.43 -66.90
N LEU C 770 4.31 -53.79 -65.61
CA LEU C 770 4.42 -52.80 -64.55
C LEU C 770 5.73 -52.03 -64.62
N VAL C 771 6.85 -52.76 -64.78
CA VAL C 771 8.14 -52.08 -64.79
C VAL C 771 8.23 -51.09 -65.95
N ARG C 772 7.85 -51.54 -67.16
CA ARG C 772 7.95 -50.66 -68.31
C ARG C 772 6.95 -49.52 -68.24
N ALA C 773 5.77 -49.74 -67.65
CA ALA C 773 4.79 -48.68 -67.48
C ALA C 773 5.32 -47.60 -66.54
N TYR C 774 5.92 -48.01 -65.42
CA TYR C 774 6.50 -47.04 -64.51
C TYR C 774 7.63 -46.27 -65.17
N VAL C 775 8.49 -46.97 -65.92
CA VAL C 775 9.58 -46.29 -66.61
C VAL C 775 9.05 -45.30 -67.63
N GLY C 776 8.00 -45.69 -68.38
CA GLY C 776 7.42 -44.80 -69.35
C GLY C 776 6.77 -43.59 -68.71
N MET C 777 6.18 -43.77 -67.53
CA MET C 777 5.66 -42.64 -66.77
C MET C 777 6.82 -41.77 -66.28
N ARG C 778 8.01 -42.36 -66.16
CA ARG C 778 9.20 -41.62 -65.78
C ARG C 778 10.01 -41.16 -67.00
N LYS C 779 9.39 -41.05 -68.16
CA LYS C 779 10.08 -40.56 -69.35
C LYS C 779 10.29 -39.06 -69.28
N THR C 792 7.18 -36.52 -63.51
CA THR C 792 7.45 -36.41 -62.08
C THR C 792 6.59 -37.39 -61.28
N ALA C 793 6.78 -38.68 -61.56
CA ALA C 793 6.03 -39.75 -60.89
C ALA C 793 6.89 -40.34 -59.79
N THR C 794 6.49 -40.11 -58.54
CA THR C 794 7.21 -40.64 -57.40
C THR C 794 7.01 -42.16 -57.30
N THR C 795 7.84 -42.78 -56.45
CA THR C 795 7.72 -44.22 -56.22
C THR C 795 6.38 -44.61 -55.61
N ARG C 796 5.68 -43.65 -54.99
CA ARG C 796 4.32 -43.90 -54.52
C ARG C 796 3.43 -44.36 -55.67
N GLN C 797 3.69 -43.88 -56.89
CA GLN C 797 2.83 -44.19 -58.02
C GLN C 797 2.82 -45.69 -58.32
N LEU C 798 3.99 -46.33 -58.29
CA LEU C 798 4.02 -47.76 -58.61
C LEU C 798 3.31 -48.60 -57.56
N GLU C 799 3.50 -48.28 -56.27
CA GLU C 799 2.77 -48.98 -55.23
C GLU C 799 1.28 -48.68 -55.28
N SER C 800 0.89 -47.55 -55.87
CA SER C 800 -0.52 -47.31 -56.15
C SER C 800 -1.04 -48.15 -57.30
N MET C 801 -0.26 -48.32 -58.37
CA MET C 801 -0.67 -49.20 -59.46
C MET C 801 -0.80 -50.64 -59.01
N ILE C 802 0.13 -51.12 -58.17
CA ILE C 802 0.08 -52.51 -57.73
C ILE C 802 -1.19 -52.78 -56.93
N ARG C 803 -1.53 -51.87 -56.02
CA ARG C 803 -2.74 -52.04 -55.21
C ARG C 803 -3.99 -52.05 -56.07
N LEU C 804 -4.09 -51.13 -57.03
CA LEU C 804 -5.26 -51.08 -57.90
C LEU C 804 -5.35 -52.32 -58.77
N ALA C 805 -4.22 -52.79 -59.30
CA ALA C 805 -4.23 -53.99 -60.13
C ALA C 805 -4.64 -55.21 -59.32
N GLU C 806 -4.14 -55.34 -58.10
CA GLU C 806 -4.51 -56.49 -57.26
C GLU C 806 -5.94 -56.41 -56.76
N ALA C 807 -6.49 -55.20 -56.58
CA ALA C 807 -7.91 -55.05 -56.28
C ALA C 807 -8.81 -55.35 -57.46
N HIS C 808 -8.39 -55.00 -58.68
CA HIS C 808 -9.14 -55.40 -59.87
C HIS C 808 -9.09 -56.91 -60.05
N ALA C 809 -7.96 -57.53 -59.69
CA ALA C 809 -7.85 -58.99 -59.79
C ALA C 809 -8.82 -59.68 -58.85
N LYS C 810 -9.10 -59.07 -57.69
CA LYS C 810 -10.08 -59.65 -56.77
C LYS C 810 -11.47 -59.64 -57.39
N MET C 811 -11.77 -58.62 -58.20
CA MET C 811 -12.97 -58.56 -59.01
C MET C 811 -12.80 -59.49 -60.22
N LYS C 812 -13.90 -59.69 -60.96
CA LYS C 812 -14.00 -60.72 -62.01
C LYS C 812 -13.33 -62.01 -61.55
N LEU C 813 -13.91 -62.59 -60.49
CA LEU C 813 -13.24 -63.44 -59.51
C LEU C 813 -12.13 -64.31 -60.09
N LYS C 814 -10.92 -64.15 -59.54
CA LYS C 814 -9.72 -64.83 -60.05
C LYS C 814 -8.88 -65.23 -58.85
N ASN C 815 -7.65 -65.71 -59.06
CA ASN C 815 -6.74 -66.05 -57.98
C ASN C 815 -5.33 -65.58 -58.33
N VAL C 816 -5.21 -64.79 -59.39
CA VAL C 816 -3.91 -64.36 -59.90
C VAL C 816 -4.15 -63.15 -60.80
N VAL C 817 -3.13 -62.30 -60.94
CA VAL C 817 -3.22 -61.07 -61.74
C VAL C 817 -2.74 -61.38 -63.15
N GLU C 818 -3.26 -60.63 -64.11
CA GLU C 818 -2.82 -60.72 -65.50
C GLU C 818 -2.79 -59.34 -66.12
N LEU C 819 -2.68 -59.32 -67.45
CA LEU C 819 -2.47 -58.07 -68.17
C LEU C 819 -3.68 -57.15 -68.07
N GLU C 820 -4.89 -57.70 -68.06
CA GLU C 820 -6.08 -56.88 -68.04
C GLU C 820 -6.14 -56.02 -66.78
N ASP C 821 -5.80 -56.60 -65.64
CA ASP C 821 -5.86 -55.86 -64.37
C ASP C 821 -4.87 -54.72 -64.34
N VAL C 822 -3.63 -54.97 -64.74
CA VAL C 822 -2.63 -53.90 -64.75
C VAL C 822 -2.96 -52.84 -65.79
N GLN C 823 -3.53 -53.22 -66.94
CA GLN C 823 -3.94 -52.24 -67.92
C GLN C 823 -5.05 -51.34 -67.36
N GLU C 824 -6.05 -51.93 -66.71
CA GLU C 824 -7.10 -51.13 -66.11
C GLU C 824 -6.56 -50.21 -65.03
N ALA C 825 -5.64 -50.71 -64.20
CA ALA C 825 -5.07 -49.90 -63.14
C ALA C 825 -4.30 -48.71 -63.69
N VAL C 826 -3.48 -48.94 -64.71
CA VAL C 826 -2.69 -47.83 -65.26
C VAL C 826 -3.60 -46.85 -65.99
N ARG C 827 -4.63 -47.34 -66.66
CA ARG C 827 -5.58 -46.45 -67.31
C ARG C 827 -6.26 -45.56 -66.27
N LEU C 828 -6.66 -46.16 -65.14
CA LEU C 828 -7.31 -45.37 -64.09
C LEU C 828 -6.36 -44.33 -63.50
N ILE C 829 -5.13 -44.73 -63.21
CA ILE C 829 -4.20 -43.82 -62.54
C ILE C 829 -3.69 -42.73 -63.50
N ARG C 830 -3.71 -42.97 -64.81
CA ARG C 830 -3.35 -41.94 -65.77
C ARG C 830 -4.53 -41.03 -66.12
N SER C 831 -5.75 -41.56 -66.14
CA SER C 831 -6.92 -40.68 -66.24
C SER C 831 -7.03 -39.78 -65.02
N ALA C 832 -6.59 -40.26 -63.86
CA ALA C 832 -6.48 -39.40 -62.69
C ALA C 832 -5.46 -38.30 -62.92
N ILE C 833 -4.34 -38.63 -63.57
CA ILE C 833 -3.31 -37.63 -63.87
C ILE C 833 -3.85 -36.59 -64.83
N LYS C 834 -4.69 -37.02 -65.78
CA LYS C 834 -5.24 -36.09 -66.77
C LYS C 834 -5.97 -34.93 -66.11
N ASP C 835 -6.57 -35.16 -64.95
CA ASP C 835 -7.21 -34.09 -64.20
C ASP C 835 -6.23 -33.50 -63.18
N LYS D 102 -17.37 -85.97 13.25
CA LYS D 102 -17.66 -84.93 12.28
C LYS D 102 -17.90 -85.52 10.90
N VAL D 103 -18.82 -84.92 10.14
CA VAL D 103 -19.17 -85.43 8.82
C VAL D 103 -18.03 -85.18 7.86
N ASP D 104 -17.64 -86.22 7.13
CA ASP D 104 -16.57 -86.14 6.12
C ASP D 104 -17.14 -86.45 4.74
N ASP D 105 -16.36 -86.10 3.72
CA ASP D 105 -16.74 -86.29 2.33
C ASP D 105 -15.99 -87.48 1.75
N VAL D 106 -16.62 -88.14 0.77
CA VAL D 106 -16.06 -89.32 0.12
C VAL D 106 -15.51 -88.97 -1.26
N THR D 107 -16.21 -88.13 -2.01
CA THR D 107 -15.68 -87.69 -3.31
C THR D 107 -14.42 -86.85 -3.14
N GLY D 108 -14.39 -86.01 -2.10
CA GLY D 108 -13.20 -85.22 -1.84
C GLY D 108 -11.99 -86.07 -1.56
N GLU D 109 -12.17 -87.18 -0.83
CA GLU D 109 -11.07 -88.10 -0.59
C GLU D 109 -10.56 -88.72 -1.89
N LYS D 110 -11.47 -89.10 -2.78
CA LYS D 110 -11.08 -89.65 -4.07
C LYS D 110 -10.31 -88.63 -4.90
N VAL D 111 -10.77 -87.39 -4.95
CA VAL D 111 -10.02 -86.34 -5.64
C VAL D 111 -8.65 -86.12 -5.00
N ARG D 112 -8.58 -86.16 -3.66
CA ARG D 112 -7.30 -85.96 -2.98
C ARG D 112 -6.30 -87.06 -3.34
N GLU D 113 -6.75 -88.32 -3.35
CA GLU D 113 -5.81 -89.39 -3.69
C GLU D 113 -5.47 -89.38 -5.17
N ALA D 114 -6.43 -89.00 -6.03
CA ALA D 114 -6.15 -88.92 -7.46
C ALA D 114 -5.13 -87.85 -7.76
N PHE D 115 -5.21 -86.70 -7.08
CA PHE D 115 -4.22 -85.65 -7.30
C PHE D 115 -2.83 -86.08 -6.85
N GLU D 116 -2.76 -86.80 -5.71
CA GLU D 116 -1.47 -87.33 -5.26
C GLU D 116 -0.89 -88.30 -6.28
N GLN D 117 -1.73 -89.19 -6.82
CA GLN D 117 -1.27 -90.10 -7.86
C GLN D 117 -0.81 -89.35 -9.11
N PHE D 118 -1.54 -88.31 -9.52
CA PHE D 118 -1.13 -87.52 -10.68
C PHE D 118 0.22 -86.87 -10.45
N LEU D 119 0.43 -86.28 -9.26
CA LEU D 119 1.70 -85.65 -8.95
C LEU D 119 2.84 -86.65 -8.90
N GLU D 120 2.60 -87.84 -8.35
CA GLU D 120 3.66 -88.83 -8.17
C GLU D 120 3.94 -89.65 -9.42
N ASP D 121 3.02 -89.70 -10.38
CA ASP D 121 3.15 -90.74 -11.39
C ASP D 121 3.28 -90.24 -12.82
N PHE D 122 2.93 -88.98 -13.09
CA PHE D 122 2.84 -88.50 -14.47
C PHE D 122 4.12 -88.78 -15.26
N SER D 123 5.21 -88.12 -14.90
CA SER D 123 6.56 -88.49 -15.34
C SER D 123 6.75 -88.49 -16.85
N VAL D 124 5.74 -88.08 -17.62
CA VAL D 124 5.82 -88.17 -19.08
C VAL D 124 6.50 -86.94 -19.65
N GLN D 125 7.54 -87.15 -20.45
CA GLN D 125 8.22 -86.05 -21.12
C GLN D 125 8.33 -86.31 -22.62
N VAL D 132 10.48 -91.18 -18.82
CA VAL D 132 10.27 -91.00 -17.39
C VAL D 132 11.22 -89.93 -16.85
N GLU D 133 10.68 -88.77 -16.53
CA GLU D 133 11.46 -87.64 -16.03
C GLU D 133 10.96 -87.11 -14.70
N LYS D 134 9.75 -87.48 -14.30
CA LYS D 134 9.11 -86.96 -13.09
C LYS D 134 9.10 -85.43 -13.12
N VAL D 135 8.36 -84.90 -14.10
CA VAL D 135 8.39 -83.47 -14.38
C VAL D 135 7.90 -82.67 -13.18
N TYR D 136 6.87 -83.17 -12.48
CA TYR D 136 6.36 -82.43 -11.33
C TYR D 136 7.27 -82.60 -10.12
N ARG D 137 7.88 -83.78 -9.97
CA ARG D 137 8.93 -83.92 -8.96
C ARG D 137 10.16 -83.08 -9.32
N ALA D 138 10.45 -82.93 -10.60
CA ALA D 138 11.50 -82.00 -11.01
C ALA D 138 11.15 -80.58 -10.60
N GLN D 139 9.87 -80.19 -10.78
CA GLN D 139 9.45 -78.86 -10.37
C GLN D 139 9.54 -78.68 -8.86
N ILE D 140 9.21 -79.73 -8.09
CA ILE D 140 9.28 -79.61 -6.64
C ILE D 140 10.73 -79.51 -6.19
N GLU D 141 11.63 -80.22 -6.87
CA GLU D 141 13.06 -80.08 -6.57
C GLU D 141 13.55 -78.67 -6.90
N PHE D 142 13.09 -78.13 -8.03
CA PHE D 142 13.46 -76.77 -8.41
C PHE D 142 12.95 -75.76 -7.39
N MET D 143 11.73 -75.97 -6.88
CA MET D 143 11.21 -75.10 -5.83
C MET D 143 12.04 -75.24 -4.55
N LYS D 144 12.45 -76.46 -4.21
CA LYS D 144 13.25 -76.68 -3.01
C LYS D 144 14.58 -75.93 -3.10
N ILE D 145 15.22 -75.98 -4.27
CA ILE D 145 16.52 -75.35 -4.40
C ILE D 145 16.39 -73.83 -4.55
N TYR D 146 15.30 -73.36 -5.14
CA TYR D 146 15.11 -71.93 -5.37
C TYR D 146 14.18 -71.26 -4.37
N ASP D 147 13.57 -72.02 -3.46
CA ASP D 147 12.69 -71.49 -2.42
C ASP D 147 11.51 -70.71 -3.04
N LEU D 148 10.69 -71.45 -3.78
CA LEU D 148 9.48 -70.90 -4.37
C LEU D 148 8.25 -71.37 -3.60
N ASN D 149 7.14 -70.68 -3.82
CA ASN D 149 5.91 -70.91 -3.05
C ASN D 149 4.70 -71.21 -3.92
N THR D 150 4.88 -71.47 -5.20
CA THR D 150 3.75 -71.78 -6.07
C THR D 150 4.12 -72.89 -7.04
N ILE D 151 3.15 -73.73 -7.38
CA ILE D 151 3.34 -74.83 -8.32
C ILE D 151 2.50 -74.54 -9.55
N TYR D 152 2.87 -75.14 -10.68
CA TYR D 152 2.15 -74.97 -11.94
C TYR D 152 1.72 -76.33 -12.44
N ILE D 153 0.43 -76.48 -12.71
CA ILE D 153 -0.17 -77.72 -13.21
C ILE D 153 -0.83 -77.41 -14.54
N ASP D 154 -0.49 -78.18 -15.57
CA ASP D 154 -1.08 -77.99 -16.88
C ASP D 154 -2.36 -78.81 -17.01
N TYR D 155 -3.34 -78.24 -17.71
CA TYR D 155 -4.62 -78.94 -17.87
C TYR D 155 -4.50 -80.09 -18.86
N GLN D 156 -3.73 -79.90 -19.94
CA GLN D 156 -3.57 -80.95 -20.95
C GLN D 156 -2.88 -82.17 -20.35
N HIS D 157 -1.92 -81.95 -19.46
CA HIS D 157 -1.26 -83.05 -18.77
C HIS D 157 -2.26 -83.85 -17.96
N LEU D 158 -3.16 -83.14 -17.27
CA LEU D 158 -4.20 -83.80 -16.49
C LEU D 158 -5.33 -84.31 -17.38
N SER D 159 -5.37 -83.88 -18.64
CA SER D 159 -6.49 -84.21 -19.53
C SER D 159 -6.35 -85.60 -20.13
N MET D 160 -5.29 -86.32 -19.76
CA MET D 160 -5.07 -87.67 -20.25
C MET D 160 -5.16 -88.75 -19.19
N ARG D 161 -5.14 -88.40 -17.91
CA ARG D 161 -5.33 -89.38 -16.85
C ARG D 161 -6.80 -89.48 -16.48
N GLU D 162 -7.29 -90.72 -16.33
CA GLU D 162 -8.67 -91.05 -15.98
C GLU D 162 -9.65 -90.62 -17.06
N ASN D 163 -9.19 -90.33 -18.28
CA ASN D 163 -10.04 -89.92 -19.39
C ASN D 163 -10.87 -88.68 -19.03
N GLY D 164 -10.26 -87.77 -18.29
CA GLY D 164 -10.93 -86.54 -17.90
C GLY D 164 -11.85 -86.66 -16.71
N ALA D 165 -11.94 -87.83 -16.08
CA ALA D 165 -12.79 -87.98 -14.91
C ALA D 165 -12.32 -87.10 -13.77
N LEU D 166 -11.00 -87.04 -13.55
CA LEU D 166 -10.46 -86.15 -12.54
C LEU D 166 -10.49 -84.69 -13.00
N ALA D 167 -10.17 -84.45 -14.28
CA ALA D 167 -10.10 -83.09 -14.77
C ALA D 167 -11.46 -82.40 -14.73
N MET D 168 -12.52 -83.09 -15.18
CA MET D 168 -13.85 -82.49 -15.17
C MET D 168 -14.36 -82.32 -13.74
N ALA D 169 -14.04 -83.27 -12.86
CA ALA D 169 -14.44 -83.13 -11.47
C ALA D 169 -13.77 -81.91 -10.82
N ILE D 170 -12.49 -81.70 -11.11
CA ILE D 170 -11.80 -80.52 -10.58
C ILE D 170 -12.39 -79.24 -11.19
N SER D 171 -12.65 -79.26 -12.50
CA SER D 171 -13.12 -78.05 -13.17
C SER D 171 -14.50 -77.63 -12.67
N GLU D 172 -15.41 -78.58 -12.50
CA GLU D 172 -16.79 -78.22 -12.16
C GLU D 172 -16.90 -77.65 -10.76
N GLN D 173 -16.13 -78.19 -9.81
CA GLN D 173 -16.27 -77.85 -8.40
C GLN D 173 -14.90 -77.52 -7.80
N TYR D 174 -14.18 -76.64 -8.49
CA TYR D 174 -12.87 -76.19 -8.02
C TYR D 174 -12.94 -75.63 -6.60
N TYR D 175 -14.00 -74.88 -6.30
CA TYR D 175 -14.11 -74.22 -5.01
C TYR D 175 -14.13 -75.22 -3.86
N ARG D 176 -14.87 -76.31 -3.99
CA ARG D 176 -14.96 -77.30 -2.92
C ARG D 176 -13.81 -78.31 -2.92
N PHE D 177 -13.11 -78.44 -4.04
CA PHE D 177 -12.03 -79.42 -4.15
C PHE D 177 -10.65 -78.83 -3.87
N LEU D 178 -10.51 -77.52 -3.84
CA LEU D 178 -9.21 -76.90 -3.58
C LEU D 178 -8.63 -77.29 -2.21
N PRO D 179 -9.41 -77.30 -1.13
CA PRO D 179 -8.85 -77.74 0.16
C PRO D 179 -8.27 -79.14 0.14
N PHE D 180 -8.86 -80.06 -0.61
CA PHE D 180 -8.33 -81.42 -0.69
C PHE D 180 -7.10 -81.47 -1.58
N LEU D 181 -7.07 -80.66 -2.65
CA LEU D 181 -5.88 -80.60 -3.49
C LEU D 181 -4.68 -80.10 -2.70
N GLN D 182 -4.88 -79.04 -1.90
CA GLN D 182 -3.79 -78.56 -1.07
C GLN D 182 -3.39 -79.57 -0.01
N LYS D 183 -4.35 -80.30 0.56
CA LYS D 183 -4.02 -81.33 1.54
C LYS D 183 -3.18 -82.43 0.93
N GLY D 184 -3.51 -82.87 -0.29
CA GLY D 184 -2.70 -83.87 -0.96
C GLY D 184 -1.32 -83.34 -1.32
N LEU D 185 -1.25 -82.09 -1.76
CA LEU D 185 0.05 -81.47 -2.05
C LEU D 185 0.92 -81.43 -0.81
N ARG D 186 0.32 -81.16 0.35
CA ARG D 186 1.08 -81.15 1.59
C ARG D 186 1.71 -82.51 1.87
N ARG D 187 0.95 -83.59 1.68
CA ARG D 187 1.49 -84.93 1.89
C ARG D 187 2.59 -85.25 0.89
N VAL D 188 2.41 -84.85 -0.37
CA VAL D 188 3.44 -85.09 -1.37
C VAL D 188 4.73 -84.35 -1.00
N VAL D 189 4.60 -83.09 -0.58
CA VAL D 189 5.77 -82.30 -0.18
C VAL D 189 6.45 -82.95 1.01
N ARG D 190 5.68 -83.37 2.01
CA ARG D 190 6.27 -84.02 3.18
C ARG D 190 7.02 -85.29 2.80
N LYS D 191 6.43 -86.09 1.90
CA LYS D 191 7.06 -87.35 1.53
C LYS D 191 8.34 -87.14 0.72
N TYR D 192 8.35 -86.16 -0.19
CA TYR D 192 9.46 -86.04 -1.13
C TYR D 192 10.40 -84.87 -0.86
N ALA D 193 9.98 -83.86 -0.12
CA ALA D 193 10.84 -82.70 0.15
C ALA D 193 10.37 -82.00 1.42
N PRO D 194 10.82 -82.49 2.59
CA PRO D 194 10.40 -81.86 3.85
C PRO D 194 10.88 -80.42 3.99
N GLU D 195 11.95 -80.02 3.29
CA GLU D 195 12.49 -78.68 3.46
C GLU D 195 11.49 -77.61 3.03
N LEU D 196 10.60 -77.94 2.08
CA LEU D 196 9.55 -77.03 1.64
C LEU D 196 8.33 -77.07 2.53
N LEU D 197 8.45 -77.62 3.74
CA LEU D 197 7.32 -77.69 4.68
C LEU D 197 7.36 -76.55 5.68
N ASN D 198 8.48 -75.86 5.79
CA ASN D 198 8.60 -74.76 6.74
C ASN D 198 9.34 -73.61 6.06
N THR D 199 9.09 -72.40 6.56
CA THR D 199 9.71 -71.19 6.05
C THR D 199 11.05 -70.95 6.76
N SER D 200 11.62 -69.77 6.56
CA SER D 200 12.90 -69.42 7.18
C SER D 200 12.76 -69.31 8.70
N GLU D 260 5.11 -72.24 8.02
CA GLU D 260 4.87 -73.01 6.80
C GLU D 260 4.57 -72.10 5.62
N ARG D 261 4.99 -72.52 4.44
CA ARG D 261 4.76 -71.74 3.21
C ARG D 261 3.33 -71.99 2.75
N VAL D 262 2.51 -70.94 2.73
CA VAL D 262 1.17 -71.05 2.17
C VAL D 262 1.31 -71.27 0.67
N PHE D 263 0.92 -72.44 0.20
CA PHE D 263 1.18 -72.84 -1.18
C PHE D 263 0.06 -72.35 -2.09
N GLN D 264 0.38 -72.27 -3.38
CA GLN D 264 -0.59 -71.89 -4.40
C GLN D 264 -0.44 -72.83 -5.59
N ILE D 265 -1.56 -73.11 -6.25
CA ILE D 265 -1.59 -73.97 -7.42
C ILE D 265 -2.06 -73.12 -8.60
N SER D 266 -1.30 -73.12 -9.69
CA SER D 266 -1.60 -72.31 -10.86
C SER D 266 -1.92 -73.23 -12.03
N PHE D 267 -3.13 -73.09 -12.56
CA PHE D 267 -3.58 -73.84 -13.73
C PHE D 267 -3.47 -72.96 -14.96
N PHE D 268 -3.18 -73.57 -16.10
CA PHE D 268 -3.14 -72.86 -17.37
C PHE D 268 -3.43 -73.81 -18.51
N ASN D 269 -3.44 -73.26 -19.73
CA ASN D 269 -3.66 -74.03 -20.95
C ASN D 269 -5.01 -74.73 -20.91
N LEU D 270 -6.06 -73.96 -20.60
CA LEU D 270 -7.41 -74.50 -20.67
C LEU D 270 -7.84 -74.63 -22.13
N PRO D 271 -8.75 -75.57 -22.43
CA PRO D 271 -9.11 -75.80 -23.84
C PRO D 271 -9.78 -74.60 -24.51
N THR D 272 -10.77 -74.00 -23.86
CA THR D 272 -11.54 -72.91 -24.44
C THR D 272 -11.45 -71.67 -23.57
N VAL D 273 -11.52 -70.51 -24.20
CA VAL D 273 -11.47 -69.24 -23.52
C VAL D 273 -12.84 -68.58 -23.59
N HIS D 274 -13.17 -67.79 -22.57
CA HIS D 274 -14.45 -67.10 -22.50
C HIS D 274 -14.23 -65.60 -22.63
N ARG D 275 -15.27 -64.91 -23.10
CA ARG D 275 -15.28 -63.46 -23.10
C ARG D 275 -16.00 -62.96 -21.84
N ILE D 276 -15.92 -61.66 -21.60
CA ILE D 276 -16.56 -61.06 -20.42
C ILE D 276 -18.08 -61.12 -20.51
N ARG D 277 -18.66 -61.18 -21.71
CA ARG D 277 -20.10 -61.19 -21.88
C ARG D 277 -20.69 -62.59 -21.80
N ASP D 278 -19.87 -63.61 -21.54
CA ASP D 278 -20.34 -64.97 -21.32
C ASP D 278 -20.41 -65.32 -19.83
N ILE D 279 -20.25 -64.33 -18.96
CA ILE D 279 -20.21 -64.56 -17.52
C ILE D 279 -21.64 -64.62 -17.00
N ARG D 280 -22.09 -65.82 -16.66
CA ARG D 280 -23.40 -66.05 -16.06
C ARG D 280 -23.23 -66.68 -14.69
N SER D 281 -24.30 -66.59 -13.88
CA SER D 281 -24.23 -67.07 -12.51
C SER D 281 -24.18 -68.59 -12.41
N GLU D 282 -24.41 -69.30 -13.50
CA GLU D 282 -24.42 -70.76 -13.46
C GLU D 282 -23.02 -71.37 -13.53
N LYS D 283 -21.98 -70.57 -13.72
CA LYS D 283 -20.59 -71.03 -13.62
C LYS D 283 -19.91 -70.59 -12.33
N ILE D 284 -20.64 -70.08 -11.34
CA ILE D 284 -20.05 -69.65 -10.09
C ILE D 284 -19.42 -70.83 -9.36
N GLY D 285 -18.12 -70.75 -9.09
CA GLY D 285 -17.42 -71.82 -8.42
C GLY D 285 -16.60 -72.69 -9.35
N SER D 286 -16.73 -72.46 -10.66
CA SER D 286 -16.05 -73.26 -11.66
C SER D 286 -14.72 -72.65 -12.06
N LEU D 287 -13.87 -73.47 -12.67
CA LEU D 287 -12.55 -73.04 -13.13
C LEU D 287 -12.67 -72.57 -14.58
N LEU D 288 -12.30 -71.30 -14.83
CA LEU D 288 -12.49 -70.69 -16.14
C LEU D 288 -11.22 -69.92 -16.51
N SER D 289 -11.18 -69.51 -17.78
CA SER D 289 -10.17 -68.59 -18.29
C SER D 289 -10.87 -67.51 -19.10
N ILE D 290 -10.43 -66.27 -18.92
CA ILE D 290 -11.05 -65.10 -19.52
C ILE D 290 -9.94 -64.25 -20.14
N SER D 291 -10.33 -63.33 -21.02
CA SER D 291 -9.38 -62.43 -21.66
C SER D 291 -9.91 -61.01 -21.62
N GLY D 292 -9.02 -60.04 -21.44
CA GLY D 292 -9.46 -58.66 -21.43
C GLY D 292 -8.30 -57.69 -21.36
N THR D 293 -8.64 -56.41 -21.52
CA THR D 293 -7.65 -55.32 -21.47
C THR D 293 -7.71 -54.64 -20.12
N VAL D 294 -6.56 -54.53 -19.46
CA VAL D 294 -6.47 -53.94 -18.13
C VAL D 294 -6.57 -52.42 -18.26
N THR D 295 -7.36 -51.80 -17.38
CA THR D 295 -7.53 -50.36 -17.39
C THR D 295 -7.29 -49.69 -16.04
N ARG D 296 -7.02 -50.44 -14.98
CA ARG D 296 -6.75 -49.86 -13.67
C ARG D 296 -6.18 -50.92 -12.75
N THR D 297 -5.19 -50.54 -11.95
CA THR D 297 -4.61 -51.41 -10.94
C THR D 297 -4.47 -50.62 -9.65
N SER D 298 -4.46 -51.33 -8.53
CA SER D 298 -4.38 -50.73 -7.21
C SER D 298 -3.08 -51.13 -6.52
N GLU D 299 -2.94 -50.67 -5.28
CA GLU D 299 -1.75 -50.97 -4.49
C GLU D 299 -1.76 -52.40 -3.99
N VAL D 300 -0.58 -52.91 -3.64
CA VAL D 300 -0.43 -54.24 -3.09
C VAL D 300 -0.67 -54.15 -1.59
N ARG D 301 -1.90 -54.40 -1.16
CA ARG D 301 -2.28 -54.32 0.24
C ARG D 301 -2.14 -55.67 0.92
N PRO D 302 -1.89 -55.69 2.23
CA PRO D 302 -1.81 -56.97 2.95
C PRO D 302 -3.18 -57.47 3.40
N GLU D 303 -3.48 -58.73 3.08
CA GLU D 303 -4.75 -59.35 3.44
C GLU D 303 -4.53 -60.32 4.60
N LEU D 304 -5.49 -60.35 5.52
CA LEU D 304 -5.41 -61.19 6.70
C LEU D 304 -5.82 -62.61 6.35
N TYR D 305 -4.91 -63.56 6.56
CA TYR D 305 -5.10 -64.95 6.16
C TYR D 305 -5.39 -65.88 7.33
N LYS D 306 -4.50 -65.91 8.32
CA LYS D 306 -4.66 -66.76 9.49
C LYS D 306 -4.58 -65.87 10.72
N ALA D 307 -5.72 -65.63 11.37
CA ALA D 307 -5.78 -64.69 12.47
C ALA D 307 -5.39 -65.36 13.79
N SER D 308 -4.94 -64.54 14.73
CA SER D 308 -4.56 -64.99 16.06
C SER D 308 -5.06 -63.97 17.07
N PHE D 309 -5.68 -64.44 18.15
CA PHE D 309 -6.23 -63.56 19.18
C PHE D 309 -5.83 -64.04 20.56
N THR D 310 -6.08 -63.18 21.55
CA THR D 310 -5.85 -63.50 22.96
C THR D 310 -7.08 -63.09 23.74
N CYS D 311 -7.61 -64.02 24.56
CA CYS D 311 -8.72 -63.70 25.45
C CYS D 311 -8.30 -62.60 26.42
N ASP D 312 -9.22 -61.66 26.65
CA ASP D 312 -8.88 -60.51 27.50
C ASP D 312 -8.61 -60.93 28.94
N MET D 313 -9.40 -61.88 29.46
CA MET D 313 -9.30 -62.30 30.85
C MET D 313 -8.37 -63.48 31.06
N CYS D 314 -8.57 -64.58 30.31
CA CYS D 314 -7.72 -65.75 30.49
C CYS D 314 -6.30 -65.50 29.99
N ARG D 315 -6.15 -64.67 28.97
CA ARG D 315 -4.94 -64.43 28.18
C ARG D 315 -4.66 -65.64 27.30
N ALA D 316 -5.62 -66.55 27.12
CA ALA D 316 -5.43 -67.71 26.27
C ALA D 316 -5.30 -67.29 24.82
N ILE D 317 -4.55 -68.08 24.06
CA ILE D 317 -4.19 -67.73 22.69
C ILE D 317 -4.97 -68.63 21.73
N VAL D 318 -5.70 -68.02 20.81
CA VAL D 318 -6.32 -68.75 19.72
C VAL D 318 -5.60 -68.42 18.43
N ASP D 319 -5.51 -69.40 17.53
CA ASP D 319 -4.76 -69.23 16.30
C ASP D 319 -5.50 -69.91 15.16
N ASN D 320 -5.18 -69.48 13.94
CA ASN D 320 -5.69 -70.11 12.72
C ASN D 320 -7.21 -69.94 12.61
N VAL D 321 -7.69 -68.72 12.82
CA VAL D 321 -9.11 -68.41 12.73
C VAL D 321 -9.35 -67.94 11.30
N GLU D 322 -9.99 -68.78 10.50
CA GLU D 322 -10.23 -68.48 9.10
C GLU D 322 -11.18 -67.29 8.96
N GLN D 323 -10.94 -66.47 7.93
CA GLN D 323 -11.80 -65.34 7.61
C GLN D 323 -12.18 -65.38 6.14
N SER D 324 -13.46 -65.17 5.87
CA SER D 324 -13.97 -65.27 4.51
C SER D 324 -14.02 -63.91 3.81
N PHE D 325 -14.83 -62.99 4.32
CA PHE D 325 -15.02 -61.70 3.68
C PHE D 325 -15.07 -60.54 4.66
N LYS D 326 -14.95 -60.79 5.96
CA LYS D 326 -15.01 -59.74 6.95
C LYS D 326 -14.22 -60.14 8.19
N TYR D 327 -13.90 -59.15 9.01
CA TYR D 327 -13.13 -59.37 10.23
C TYR D 327 -13.89 -60.28 11.18
N THR D 328 -13.40 -61.51 11.35
CA THR D 328 -14.08 -62.52 12.15
C THR D 328 -13.22 -62.86 13.36
N GLU D 329 -13.77 -62.66 14.54
CA GLU D 329 -13.12 -63.04 15.79
C GLU D 329 -13.71 -64.34 16.30
N PRO D 330 -12.98 -65.07 17.17
CA PRO D 330 -13.51 -66.34 17.68
C PRO D 330 -14.69 -66.15 18.63
N THR D 331 -15.39 -67.24 18.94
CA THR D 331 -16.59 -67.16 19.75
C THR D 331 -16.38 -67.82 21.12
N PHE D 332 -15.94 -69.07 21.13
CA PHE D 332 -15.78 -69.79 22.39
C PHE D 332 -14.32 -69.78 22.83
N CYS D 333 -14.11 -69.47 24.11
CA CYS D 333 -12.77 -69.45 24.67
C CYS D 333 -12.18 -70.85 24.66
N PRO D 334 -10.85 -70.97 24.53
CA PRO D 334 -10.24 -72.31 24.56
C PRO D 334 -10.59 -73.11 25.80
N ASN D 335 -10.67 -72.46 26.96
CA ASN D 335 -11.04 -73.13 28.19
C ASN D 335 -12.56 -73.00 28.39
N PRO D 336 -13.31 -74.10 28.47
CA PRO D 336 -14.74 -73.99 28.76
C PRO D 336 -15.03 -73.37 30.12
N SER D 337 -14.03 -73.32 31.00
CA SER D 337 -14.22 -72.63 32.29
C SER D 337 -14.52 -71.16 32.08
N CYS D 338 -13.84 -70.52 31.12
CA CYS D 338 -14.10 -69.13 30.79
C CYS D 338 -15.42 -69.01 30.03
N GLU D 339 -16.15 -67.93 30.30
CA GLU D 339 -17.33 -67.56 29.54
C GLU D 339 -17.08 -66.20 28.91
N ASN D 340 -16.87 -66.18 27.60
CA ASN D 340 -16.55 -64.96 26.89
C ASN D 340 -17.01 -65.08 25.45
N ARG D 341 -17.77 -64.10 25.00
CA ARG D 341 -18.29 -64.09 23.64
C ARG D 341 -17.57 -63.11 22.74
N ALA D 342 -16.82 -62.16 23.30
CA ALA D 342 -16.22 -61.07 22.54
C ALA D 342 -15.02 -60.49 23.28
N PHE D 343 -14.62 -59.28 22.88
CA PHE D 343 -13.51 -58.56 23.51
C PHE D 343 -12.20 -59.34 23.40
N TRP D 344 -11.77 -59.50 22.15
CA TRP D 344 -10.51 -60.14 21.83
C TRP D 344 -9.50 -59.08 21.41
N THR D 345 -8.24 -59.46 21.30
CA THR D 345 -7.16 -58.55 20.89
C THR D 345 -6.32 -59.28 19.85
N LEU D 346 -6.41 -58.82 18.60
CA LEU D 346 -5.64 -59.41 17.53
C LEU D 346 -4.15 -59.28 17.80
N ASN D 347 -3.42 -60.38 17.66
CA ASN D 347 -1.97 -60.38 17.74
C ASN D 347 -1.44 -60.26 16.31
N VAL D 348 -1.25 -59.01 15.88
CA VAL D 348 -0.94 -58.70 14.49
C VAL D 348 0.42 -59.27 14.12
N THR D 349 1.29 -59.49 15.11
CA THR D 349 2.60 -60.05 14.84
C THR D 349 2.53 -61.54 14.52
N ARG D 350 1.71 -62.29 15.25
CA ARG D 350 1.62 -63.73 15.03
C ARG D 350 0.81 -64.07 13.79
N SER D 351 -0.12 -63.20 13.40
CA SER D 351 -1.01 -63.50 12.28
C SER D 351 -0.24 -63.55 10.96
N ARG D 352 -0.73 -64.36 10.03
CA ARG D 352 -0.17 -64.47 8.69
C ARG D 352 -0.91 -63.53 7.75
N PHE D 353 -0.17 -62.91 6.83
CA PHE D 353 -0.75 -62.00 5.86
C PHE D 353 -0.37 -62.43 4.45
N LEU D 354 -1.07 -61.88 3.47
CA LEU D 354 -0.80 -62.17 2.06
C LEU D 354 -0.99 -60.90 1.24
N ASP D 355 -0.40 -60.90 0.05
CA ASP D 355 -0.51 -59.77 -0.85
C ASP D 355 -1.86 -59.78 -1.56
N TRP D 356 -2.39 -58.59 -1.80
CA TRP D 356 -3.73 -58.43 -2.37
C TRP D 356 -3.73 -57.28 -3.35
N GLN D 357 -4.40 -57.47 -4.48
CA GLN D 357 -4.49 -56.46 -5.52
C GLN D 357 -5.81 -56.61 -6.27
N LYS D 358 -6.40 -55.49 -6.65
CA LYS D 358 -7.63 -55.45 -7.44
C LYS D 358 -7.36 -54.74 -8.74
N VAL D 359 -7.75 -55.37 -9.86
CA VAL D 359 -7.54 -54.82 -11.19
C VAL D 359 -8.88 -54.77 -11.92
N ARG D 360 -9.07 -53.73 -12.73
CA ARG D 360 -10.28 -53.55 -13.51
C ARG D 360 -9.97 -53.84 -14.98
N ILE D 361 -10.81 -54.65 -15.62
CA ILE D 361 -10.62 -55.00 -17.02
C ILE D 361 -11.92 -54.72 -17.77
N GLN D 362 -11.79 -54.58 -19.08
CA GLN D 362 -12.91 -54.33 -19.98
C GLN D 362 -12.76 -55.19 -21.23
N GLU D 363 -13.76 -55.12 -22.10
CA GLU D 363 -13.79 -55.97 -23.28
C GLU D 363 -12.78 -55.49 -24.33
N ASN D 364 -12.36 -56.43 -25.16
CA ASN D 364 -11.43 -56.14 -26.24
C ASN D 364 -12.10 -55.32 -27.33
N ALA D 365 -11.28 -54.72 -28.20
CA ALA D 365 -11.78 -53.87 -29.27
C ALA D 365 -12.60 -54.61 -30.31
N ASN D 366 -12.32 -55.90 -30.52
CA ASN D 366 -13.03 -56.68 -31.53
C ASN D 366 -14.33 -57.26 -30.98
N GLU D 367 -14.32 -57.72 -29.73
CA GLU D 367 -15.54 -58.26 -29.12
C GLU D 367 -16.59 -57.19 -28.88
N ILE D 368 -16.19 -55.92 -28.87
CA ILE D 368 -17.18 -54.85 -28.68
C ILE D 368 -18.06 -54.74 -29.92
N PRO D 369 -19.38 -54.77 -29.77
CA PRO D 369 -20.27 -54.61 -30.93
C PRO D 369 -20.11 -53.24 -31.59
N THR D 370 -20.86 -53.05 -32.67
CA THR D 370 -20.77 -51.80 -33.43
C THR D 370 -21.08 -50.59 -32.55
N GLY D 371 -22.13 -50.68 -31.76
CA GLY D 371 -22.47 -49.66 -30.78
C GLY D 371 -22.63 -50.30 -29.41
N SER D 372 -21.73 -49.96 -28.50
CA SER D 372 -21.69 -50.62 -27.20
C SER D 372 -20.99 -49.75 -26.17
N MET D 373 -21.48 -49.80 -24.94
CA MET D 373 -20.76 -49.27 -23.79
C MET D 373 -20.04 -50.44 -23.13
N PRO D 374 -18.71 -50.44 -23.06
CA PRO D 374 -17.99 -51.66 -22.68
C PRO D 374 -18.37 -52.15 -21.29
N ARG D 375 -18.44 -53.48 -21.17
CA ARG D 375 -18.68 -54.11 -19.88
C ARG D 375 -17.39 -54.21 -19.09
N THR D 376 -17.51 -54.26 -17.77
CA THR D 376 -16.36 -54.28 -16.88
C THR D 376 -16.47 -55.45 -15.90
N LEU D 377 -15.37 -55.69 -15.18
CA LEU D 377 -15.29 -56.77 -14.22
C LEU D 377 -14.20 -56.46 -13.22
N ASP D 378 -14.30 -57.06 -12.03
CA ASP D 378 -13.30 -56.92 -10.98
C ASP D 378 -12.57 -58.24 -10.81
N VAL D 379 -11.27 -58.24 -11.10
CA VAL D 379 -10.43 -59.43 -10.99
C VAL D 379 -9.50 -59.26 -9.81
N ILE D 380 -9.40 -60.30 -8.98
CA ILE D 380 -8.60 -60.28 -7.76
C ILE D 380 -7.36 -61.12 -7.98
N LEU D 381 -6.20 -60.48 -7.87
CA LEU D 381 -4.91 -61.14 -7.91
C LEU D 381 -4.37 -61.24 -6.49
N ARG D 382 -3.84 -62.42 -6.14
CA ARG D 382 -3.41 -62.66 -4.77
C ARG D 382 -2.14 -63.50 -4.79
N GLY D 383 -1.27 -63.25 -3.80
CA GLY D 383 -0.05 -64.01 -3.67
C GLY D 383 1.09 -63.50 -4.53
N ASP D 384 1.61 -64.37 -5.39
CA ASP D 384 2.75 -64.05 -6.24
C ASP D 384 2.33 -63.45 -7.56
N SER D 385 1.03 -63.28 -7.79
CA SER D 385 0.50 -62.82 -9.06
C SER D 385 0.30 -61.30 -9.08
N VAL D 386 0.78 -60.60 -8.07
CA VAL D 386 0.58 -59.15 -7.99
C VAL D 386 1.50 -58.45 -8.98
N GLU D 387 1.02 -57.36 -9.56
CA GLU D 387 1.75 -56.45 -10.45
C GLU D 387 2.12 -57.09 -11.79
N ARG D 388 1.63 -58.30 -12.08
CA ARG D 388 1.90 -58.93 -13.36
C ARG D 388 0.98 -58.44 -14.47
N ALA D 389 -0.03 -57.64 -14.14
CA ALA D 389 -0.92 -57.05 -15.13
C ALA D 389 -0.80 -55.54 -15.04
N LYS D 390 -0.44 -54.91 -16.16
CA LYS D 390 -0.23 -53.47 -16.19
C LYS D 390 -1.29 -52.79 -17.06
N PRO D 391 -1.73 -51.59 -16.68
CA PRO D 391 -2.81 -50.93 -17.41
C PRO D 391 -2.45 -50.69 -18.88
N GLY D 392 -3.45 -50.85 -19.73
CA GLY D 392 -3.30 -50.73 -21.16
C GLY D 392 -2.92 -52.01 -21.87
N ASP D 393 -2.44 -53.01 -21.13
CA ASP D 393 -2.05 -54.27 -21.74
C ASP D 393 -3.27 -55.18 -21.90
N ARG D 394 -3.12 -56.17 -22.77
CA ARG D 394 -4.15 -57.19 -22.99
C ARG D 394 -3.67 -58.50 -22.37
N CYS D 395 -4.44 -59.00 -21.40
CA CYS D 395 -4.01 -60.13 -20.60
C CYS D 395 -5.10 -61.19 -20.55
N LYS D 396 -4.66 -62.43 -20.45
CA LYS D 396 -5.54 -63.59 -20.28
C LYS D 396 -5.40 -64.09 -18.85
N PHE D 397 -6.49 -64.06 -18.11
CA PHE D 397 -6.54 -64.49 -16.72
C PHE D 397 -7.13 -65.89 -16.67
N THR D 398 -6.81 -66.64 -15.61
CA THR D 398 -7.50 -67.90 -15.36
C THR D 398 -7.65 -68.10 -13.85
N GLY D 399 -8.83 -68.58 -13.45
CA GLY D 399 -9.11 -68.76 -12.04
C GLY D 399 -10.50 -69.31 -11.77
N VAL D 400 -11.14 -68.86 -10.70
CA VAL D 400 -12.45 -69.33 -10.31
C VAL D 400 -13.41 -68.14 -10.23
N GLU D 401 -14.62 -68.33 -10.74
CA GLU D 401 -15.63 -67.28 -10.69
C GLU D 401 -16.36 -67.36 -9.36
N ILE D 402 -16.31 -66.26 -8.60
CA ILE D 402 -16.90 -66.22 -7.27
C ILE D 402 -17.99 -65.17 -7.20
N VAL D 403 -18.63 -65.04 -6.04
CA VAL D 403 -19.62 -64.01 -5.78
C VAL D 403 -19.29 -63.35 -4.46
N VAL D 404 -19.42 -62.04 -4.39
CA VAL D 404 -18.97 -61.24 -3.26
C VAL D 404 -20.19 -60.54 -2.67
N PRO D 405 -20.47 -60.71 -1.37
CA PRO D 405 -21.60 -60.01 -0.76
C PRO D 405 -21.21 -58.60 -0.31
N ASP D 406 -22.23 -57.87 0.14
CA ASP D 406 -22.03 -56.55 0.71
C ASP D 406 -21.81 -56.71 2.21
N VAL D 407 -20.57 -56.48 2.66
CA VAL D 407 -20.23 -56.74 4.06
C VAL D 407 -20.71 -55.63 4.97
N THR D 408 -21.00 -54.45 4.44
CA THR D 408 -21.39 -53.32 5.28
C THR D 408 -22.65 -53.63 6.08
N GLN D 409 -23.63 -54.26 5.44
CA GLN D 409 -24.86 -54.65 6.12
C GLN D 409 -24.77 -56.03 6.76
N LEU D 410 -23.56 -56.60 6.85
CA LEU D 410 -23.33 -57.84 7.58
C LEU D 410 -22.82 -57.58 8.99
N GLY D 411 -22.97 -56.36 9.50
CA GLY D 411 -22.54 -56.03 10.84
C GLY D 411 -21.05 -55.96 11.03
N LEU D 412 -20.41 -54.98 10.40
CA LEU D 412 -18.98 -54.78 10.62
C LEU D 412 -18.76 -54.20 12.02
N PRO D 413 -17.67 -54.61 12.71
CA PRO D 413 -17.48 -54.19 14.11
C PRO D 413 -17.48 -52.70 14.32
N GLY D 414 -16.68 -51.97 13.54
CA GLY D 414 -16.50 -50.55 13.79
C GLY D 414 -17.72 -49.73 13.43
N VAL D 415 -17.75 -48.52 13.98
CA VAL D 415 -18.79 -47.55 13.63
C VAL D 415 -18.43 -46.81 12.36
N LYS D 416 -17.21 -47.00 11.86
CA LYS D 416 -16.77 -46.32 10.64
C LYS D 416 -17.66 -46.61 9.43
N PRO D 417 -18.13 -47.85 9.18
CA PRO D 417 -19.06 -48.07 8.07
C PRO D 417 -20.30 -47.20 8.15
N SER D 418 -20.83 -47.02 9.36
CA SER D 418 -21.94 -46.10 9.62
C SER D 418 -23.16 -46.41 8.77
N SER D 419 -23.41 -47.70 8.54
CA SER D 419 -24.58 -48.18 7.82
C SER D 419 -24.68 -47.56 6.42
N THR D 420 -23.68 -47.89 5.60
CA THR D 420 -23.67 -47.54 4.17
C THR D 420 -23.74 -46.03 3.95
N LEU D 421 -22.71 -45.33 4.45
CA LEU D 421 -22.58 -43.91 4.13
C LEU D 421 -22.24 -43.76 2.65
N ASP D 422 -22.88 -42.79 1.99
CA ASP D 422 -22.73 -42.62 0.56
C ASP D 422 -22.48 -41.15 0.22
N THR D 423 -21.84 -40.93 -0.92
CA THR D 423 -21.60 -39.60 -1.45
C THR D 423 -22.40 -39.34 -2.72
N ARG D 424 -22.81 -40.39 -3.43
CA ARG D 424 -23.58 -40.25 -4.65
C ARG D 424 -24.91 -40.96 -4.48
N GLY D 425 -25.85 -40.65 -5.38
CA GLY D 425 -27.19 -41.22 -5.32
C GLY D 425 -27.25 -42.54 -6.07
N ILE D 426 -27.84 -43.54 -5.40
CA ILE D 426 -27.98 -44.84 -6.02
C ILE D 426 -29.06 -44.81 -7.09
N SER D 427 -29.06 -45.83 -7.95
CA SER D 427 -30.01 -45.88 -9.05
C SER D 427 -31.43 -46.13 -8.53
N LYS D 428 -32.35 -45.26 -8.94
CA LYS D 428 -33.76 -45.45 -8.57
C LYS D 428 -34.39 -46.56 -9.38
N THR D 429 -33.87 -46.84 -10.57
CA THR D 429 -34.43 -47.87 -11.43
C THR D 429 -34.31 -49.24 -10.78
N THR D 430 -33.16 -49.53 -10.16
CA THR D 430 -32.93 -50.80 -9.48
C THR D 430 -33.19 -50.71 -7.97
N GLU D 431 -34.02 -49.77 -7.55
CA GLU D 431 -34.41 -49.65 -6.13
C GLU D 431 -35.59 -50.58 -5.88
N GLY D 432 -35.32 -51.71 -5.25
CA GLY D 432 -36.30 -52.76 -5.06
C GLY D 432 -36.30 -53.81 -6.15
N LEU D 433 -35.71 -53.50 -7.30
CA LEU D 433 -35.56 -54.47 -8.38
C LEU D 433 -34.42 -55.44 -8.14
N ASN D 434 -33.34 -55.01 -7.49
CA ASN D 434 -32.26 -55.90 -7.12
C ASN D 434 -32.72 -56.79 -5.98
N SER D 435 -32.81 -58.08 -6.26
CA SER D 435 -33.38 -59.05 -5.33
C SER D 435 -32.41 -59.31 -4.19
N GLY D 436 -32.82 -58.91 -2.99
CA GLY D 436 -32.02 -59.10 -1.79
C GLY D 436 -32.71 -60.09 -0.87
N VAL D 437 -31.92 -61.01 -0.32
CA VAL D 437 -32.45 -62.05 0.54
C VAL D 437 -32.44 -61.57 1.99
N THR D 438 -33.46 -61.96 2.74
CA THR D 438 -33.58 -61.63 4.15
C THR D 438 -33.90 -62.87 4.95
N GLY D 439 -33.89 -62.72 6.26
CA GLY D 439 -34.23 -63.81 7.16
C GLY D 439 -33.13 -64.17 8.13
N LEU D 440 -31.87 -64.08 7.68
CA LEU D 440 -30.73 -64.45 8.51
C LEU D 440 -30.64 -63.58 9.75
N ARG D 441 -30.20 -64.17 10.87
CA ARG D 441 -30.14 -63.43 12.12
C ARG D 441 -29.02 -62.39 12.12
N SER D 442 -27.89 -62.68 11.48
CA SER D 442 -26.80 -61.71 11.40
C SER D 442 -27.24 -60.46 10.64
N LEU D 443 -27.99 -60.64 9.55
CA LEU D 443 -28.52 -59.50 8.81
C LEU D 443 -29.50 -58.72 9.67
N GLY D 444 -30.35 -59.41 10.41
CA GLY D 444 -31.45 -58.76 11.11
C GLY D 444 -32.63 -58.60 10.18
N VAL D 445 -33.15 -57.37 10.06
CA VAL D 445 -34.18 -57.07 9.08
C VAL D 445 -33.60 -56.57 7.77
N ARG D 446 -32.28 -56.58 7.62
CA ARG D 446 -31.61 -56.07 6.44
C ARG D 446 -31.74 -57.05 5.28
N ASP D 447 -31.26 -56.63 4.10
CA ASP D 447 -31.30 -57.45 2.90
C ASP D 447 -29.89 -57.57 2.34
N LEU D 448 -29.43 -58.80 2.13
CA LEU D 448 -28.10 -59.03 1.61
C LEU D 448 -28.11 -59.07 0.09
N THR D 449 -27.08 -58.47 -0.52
CA THR D 449 -26.97 -58.38 -1.97
C THR D 449 -25.65 -58.98 -2.42
N TYR D 450 -25.61 -59.38 -3.69
CA TYR D 450 -24.46 -60.07 -4.26
C TYR D 450 -24.10 -59.46 -5.60
N LYS D 451 -22.82 -59.61 -5.97
CA LYS D 451 -22.33 -59.21 -7.28
C LYS D 451 -21.23 -60.17 -7.72
N ILE D 452 -21.04 -60.30 -9.02
CA ILE D 452 -20.10 -61.28 -9.56
C ILE D 452 -18.74 -60.64 -9.75
N SER D 453 -17.70 -61.32 -9.25
CA SER D 453 -16.32 -60.91 -9.47
C SER D 453 -15.52 -62.15 -9.86
N PHE D 454 -14.26 -61.94 -10.22
CA PHE D 454 -13.38 -63.01 -10.65
C PHE D 454 -12.17 -63.07 -9.74
N LEU D 455 -11.72 -64.29 -9.43
CA LEU D 455 -10.51 -64.51 -8.66
C LEU D 455 -9.53 -65.28 -9.52
N ALA D 456 -8.35 -64.71 -9.75
CA ALA D 456 -7.41 -65.25 -10.71
C ALA D 456 -6.21 -65.87 -10.02
N CYS D 457 -5.76 -67.01 -10.55
CA CYS D 457 -4.60 -67.71 -10.04
C CYS D 457 -3.42 -67.74 -11.00
N HIS D 458 -3.62 -67.39 -12.26
CA HIS D 458 -2.54 -67.35 -13.24
C HIS D 458 -2.87 -66.30 -14.29
N VAL D 459 -1.83 -65.55 -14.68
CA VAL D 459 -1.95 -64.40 -15.58
C VAL D 459 -0.94 -64.57 -16.71
N ILE D 460 -1.40 -64.36 -17.95
CA ILE D 460 -0.50 -64.33 -19.09
C ILE D 460 -0.89 -63.14 -19.96
N SER D 461 0.02 -62.68 -20.81
CA SER D 461 -0.20 -61.51 -21.65
C SER D 461 -0.32 -61.96 -23.11
N ILE D 462 -1.35 -61.46 -23.79
CA ILE D 462 -1.61 -61.80 -25.18
C ILE D 462 -1.72 -60.55 -26.06
N GLY D 463 -1.24 -59.42 -25.57
CA GLY D 463 -1.31 -58.18 -26.32
C GLY D 463 -0.70 -57.00 -25.58
N GLU D 498 22.12 -54.83 -19.26
CA GLU D 498 23.24 -55.10 -18.37
C GLU D 498 24.54 -55.25 -19.17
N ARG D 499 25.39 -54.23 -19.09
CA ARG D 499 26.67 -54.24 -19.82
C ARG D 499 27.75 -54.88 -18.96
N ASP D 500 27.53 -56.15 -18.63
CA ASP D 500 28.50 -56.98 -17.93
C ASP D 500 28.72 -58.23 -18.77
N GLN D 501 29.96 -58.48 -19.18
CA GLN D 501 30.24 -59.56 -20.11
C GLN D 501 30.07 -60.93 -19.48
N GLU D 502 30.51 -61.08 -18.23
CA GLU D 502 30.50 -62.39 -17.58
C GLU D 502 29.08 -62.91 -17.42
N VAL D 503 28.16 -62.05 -16.97
CA VAL D 503 26.77 -62.49 -16.81
C VAL D 503 26.11 -62.72 -18.16
N PHE D 504 26.53 -61.95 -19.18
CA PHE D 504 25.96 -62.13 -20.51
C PHE D 504 26.33 -63.48 -21.09
N LEU D 505 27.58 -63.90 -20.91
CA LEU D 505 28.00 -65.20 -21.47
C LEU D 505 27.32 -66.37 -20.78
N ASN D 506 26.74 -66.15 -19.59
CA ASN D 506 26.12 -67.25 -18.86
C ASN D 506 24.79 -67.65 -19.48
N SER D 507 23.98 -66.67 -19.89
CA SER D 507 22.61 -66.96 -20.33
C SER D 507 22.61 -67.73 -21.65
N LEU D 508 23.48 -67.37 -22.57
CA LEU D 508 23.44 -67.96 -23.91
C LEU D 508 23.85 -69.43 -23.88
N SER D 509 23.35 -70.19 -24.85
CA SER D 509 23.67 -71.60 -24.97
C SER D 509 25.04 -71.79 -25.62
N SER D 510 25.55 -73.02 -25.53
CA SER D 510 26.88 -73.30 -26.06
C SER D 510 26.96 -73.09 -27.56
N ASP D 511 25.94 -73.52 -28.29
CA ASP D 511 25.92 -73.30 -29.74
C ASP D 511 25.92 -71.81 -30.06
N GLU D 512 25.11 -71.04 -29.34
CA GLU D 512 25.08 -69.59 -29.55
C GLU D 512 26.42 -68.96 -29.20
N ILE D 513 27.04 -69.41 -28.11
CA ILE D 513 28.33 -68.88 -27.72
C ILE D 513 29.40 -69.15 -28.77
N ASN D 514 29.44 -70.37 -29.33
CA ASN D 514 30.41 -70.67 -30.36
C ASN D 514 30.12 -69.92 -31.66
N GLU D 515 28.83 -69.79 -32.02
CA GLU D 515 28.48 -69.05 -33.23
C GLU D 515 28.88 -67.58 -33.11
N LEU D 516 28.66 -66.98 -31.94
CA LEU D 516 29.03 -65.58 -31.75
C LEU D 516 30.54 -65.38 -31.86
N LYS D 517 31.32 -66.28 -31.25
CA LYS D 517 32.77 -66.12 -31.31
C LYS D 517 33.33 -66.41 -32.69
N GLU D 518 32.68 -67.29 -33.45
CA GLU D 518 33.08 -67.48 -34.85
C GLU D 518 32.70 -66.27 -35.69
N MET D 519 31.56 -65.64 -35.37
CA MET D 519 31.14 -64.42 -36.05
C MET D 519 32.15 -63.31 -35.82
N VAL D 520 32.63 -63.17 -34.59
CA VAL D 520 33.58 -62.11 -34.26
C VAL D 520 34.89 -62.27 -35.02
N LYS D 521 35.32 -63.51 -35.23
CA LYS D 521 36.65 -63.79 -35.77
C LYS D 521 36.92 -63.15 -37.12
N ASP D 522 35.99 -63.28 -38.06
CA ASP D 522 36.21 -62.82 -39.43
C ASP D 522 36.39 -61.31 -39.47
N GLU D 523 37.34 -60.85 -40.29
CA GLU D 523 37.63 -59.43 -40.39
C GLU D 523 36.64 -58.68 -41.27
N HIS D 524 35.84 -59.38 -42.07
CA HIS D 524 34.88 -58.71 -42.94
C HIS D 524 33.58 -58.37 -42.22
N ILE D 525 33.48 -58.71 -40.94
CA ILE D 525 32.24 -58.64 -40.18
C ILE D 525 31.62 -57.25 -40.26
N TYR D 526 32.44 -56.20 -40.14
CA TYR D 526 31.92 -54.84 -40.21
C TYR D 526 31.19 -54.61 -41.52
N ASP D 527 31.84 -54.96 -42.64
CA ASP D 527 31.21 -54.77 -43.95
C ASP D 527 29.91 -55.56 -44.05
N LYS D 528 29.82 -56.68 -43.32
CA LYS D 528 28.58 -57.44 -43.34
C LYS D 528 27.49 -56.74 -42.54
N LEU D 529 27.84 -56.15 -41.39
CA LEU D 529 26.83 -55.61 -40.50
C LEU D 529 26.08 -54.46 -41.15
N VAL D 530 26.78 -53.59 -41.87
CA VAL D 530 26.15 -52.43 -42.51
C VAL D 530 25.21 -52.92 -43.60
N ARG D 531 25.40 -54.16 -44.04
CA ARG D 531 24.49 -54.73 -45.03
C ARG D 531 23.28 -55.39 -44.38
N SER D 532 23.39 -55.80 -43.11
CA SER D 532 22.28 -56.45 -42.44
C SER D 532 21.23 -55.45 -41.97
N ILE D 533 21.59 -54.17 -41.86
CA ILE D 533 20.64 -53.17 -41.41
C ILE D 533 19.65 -52.85 -42.52
N ALA D 534 18.36 -52.97 -42.21
CA ALA D 534 17.28 -52.67 -43.14
C ALA D 534 17.47 -53.37 -44.49
N PRO D 535 17.32 -54.69 -44.54
CA PRO D 535 17.50 -55.40 -45.82
C PRO D 535 16.36 -55.21 -46.80
N ALA D 536 15.35 -54.40 -46.48
CA ALA D 536 14.18 -54.22 -47.32
C ALA D 536 14.23 -52.91 -48.11
N VAL D 537 15.41 -52.31 -48.24
CA VAL D 537 15.57 -51.07 -48.98
C VAL D 537 16.74 -51.21 -49.93
N PHE D 538 16.78 -50.33 -50.94
CA PHE D 538 17.81 -50.35 -51.97
C PHE D 538 18.66 -49.09 -51.84
N GLY D 539 19.97 -49.28 -51.75
CA GLY D 539 20.88 -48.16 -51.66
C GLY D 539 20.97 -47.59 -50.25
N HIS D 540 21.64 -46.43 -50.17
CA HIS D 540 21.84 -45.70 -48.92
C HIS D 540 22.59 -46.56 -47.90
N GLU D 541 23.81 -46.94 -48.27
CA GLU D 541 24.68 -47.65 -47.35
C GLU D 541 25.19 -46.77 -46.22
N ALA D 542 25.43 -45.49 -46.49
CA ALA D 542 25.87 -44.56 -45.45
C ALA D 542 24.81 -44.42 -44.36
N VAL D 543 23.54 -44.39 -44.75
CA VAL D 543 22.47 -44.35 -43.75
C VAL D 543 22.49 -45.59 -42.88
N LYS D 544 22.71 -46.76 -43.50
CA LYS D 544 22.78 -48.00 -42.72
C LYS D 544 23.95 -47.95 -41.74
N LYS D 545 25.10 -47.48 -42.18
CA LYS D 545 26.26 -47.38 -41.30
C LYS D 545 25.98 -46.42 -40.14
N GLY D 546 25.35 -45.28 -40.44
CA GLY D 546 25.03 -44.34 -39.39
C GLY D 546 24.04 -44.90 -38.38
N ILE D 547 23.04 -45.62 -38.86
CA ILE D 547 22.06 -46.23 -37.96
C ILE D 547 22.72 -47.28 -37.08
N LEU D 548 23.61 -48.09 -37.66
CA LEU D 548 24.31 -49.09 -36.85
C LEU D 548 25.18 -48.43 -35.78
N LEU D 549 25.90 -47.36 -36.15
CA LEU D 549 26.71 -46.64 -35.16
C LEU D 549 25.84 -46.05 -34.07
N GLN D 550 24.67 -45.53 -34.43
CA GLN D 550 23.75 -45.00 -33.43
C GLN D 550 23.30 -46.09 -32.47
N MET D 551 22.94 -47.26 -33.00
CA MET D 551 22.45 -48.34 -32.15
C MET D 551 23.54 -48.87 -31.22
N LEU D 552 24.78 -48.94 -31.71
CA LEU D 552 25.87 -49.38 -30.86
C LEU D 552 26.11 -48.41 -29.72
N GLY D 553 26.13 -47.11 -30.00
CA GLY D 553 26.22 -46.09 -28.98
C GLY D 553 27.65 -45.82 -28.53
N GLY D 554 27.76 -44.85 -27.62
CA GLY D 554 29.05 -44.46 -27.08
C GLY D 554 29.05 -44.58 -25.57
N VAL D 555 30.24 -44.42 -25.01
CA VAL D 555 30.42 -44.59 -23.57
C VAL D 555 30.00 -43.32 -22.84
N HIS D 556 29.37 -43.50 -21.68
CA HIS D 556 28.95 -42.39 -20.82
C HIS D 556 29.91 -42.27 -19.64
N LYS D 557 30.37 -41.05 -19.38
CA LYS D 557 31.40 -40.81 -18.38
C LYS D 557 30.93 -39.74 -17.41
N SER D 558 31.43 -39.83 -16.18
CA SER D 558 31.14 -38.85 -15.13
C SER D 558 32.45 -38.35 -14.55
N THR D 559 32.57 -37.03 -14.44
CA THR D 559 33.77 -36.40 -13.91
C THR D 559 33.66 -36.30 -12.38
N VAL D 560 34.82 -36.19 -11.73
CA VAL D 560 34.86 -36.10 -10.27
C VAL D 560 34.09 -34.89 -9.78
N GLU D 561 34.02 -33.82 -10.59
CA GLU D 561 33.29 -32.62 -10.21
C GLU D 561 31.78 -32.79 -10.31
N GLY D 562 31.31 -33.87 -10.94
CA GLY D 562 29.90 -34.14 -11.03
C GLY D 562 29.23 -33.76 -12.33
N ILE D 563 29.99 -33.30 -13.33
CA ILE D 563 29.41 -33.00 -14.63
C ILE D 563 29.39 -34.25 -15.50
N LYS D 564 28.28 -34.46 -16.21
CA LYS D 564 28.04 -35.66 -17.00
C LYS D 564 28.42 -35.38 -18.45
N LEU D 565 29.15 -36.30 -19.07
CA LEU D 565 29.49 -36.19 -20.47
C LEU D 565 28.60 -37.09 -21.32
N ARG D 566 28.00 -36.51 -22.34
CA ARG D 566 27.00 -37.17 -23.17
C ARG D 566 27.59 -38.34 -23.93
N GLY D 567 26.77 -39.37 -24.14
CA GLY D 567 27.19 -40.54 -24.88
C GLY D 567 26.14 -41.06 -25.84
N ASP D 568 25.26 -40.18 -26.30
CA ASP D 568 24.17 -40.55 -27.20
C ASP D 568 24.39 -39.86 -28.55
N ILE D 569 24.16 -40.60 -29.63
CA ILE D 569 24.37 -40.11 -30.98
C ILE D 569 23.04 -39.71 -31.60
N ASN D 570 22.96 -38.49 -32.11
CA ASN D 570 21.77 -37.96 -32.75
C ASN D 570 22.03 -37.85 -34.25
N ILE D 571 21.06 -38.30 -35.06
CA ILE D 571 21.21 -38.29 -36.51
C ILE D 571 20.04 -37.54 -37.13
N CYS D 572 20.34 -36.76 -38.19
CA CYS D 572 19.32 -36.08 -38.97
C CYS D 572 19.49 -36.46 -40.43
N VAL D 573 18.40 -36.91 -41.05
CA VAL D 573 18.39 -37.33 -42.45
C VAL D 573 17.41 -36.44 -43.20
N VAL D 574 17.90 -35.81 -44.28
CA VAL D 574 17.09 -34.91 -45.08
C VAL D 574 17.14 -35.35 -46.54
N GLY D 575 16.16 -34.89 -47.29
CA GLY D 575 16.06 -35.20 -48.71
C GLY D 575 14.68 -34.87 -49.24
N ASP D 576 14.58 -34.91 -50.57
CA ASP D 576 13.35 -34.66 -51.29
C ASP D 576 12.42 -35.87 -51.21
N PRO D 577 11.11 -35.67 -51.44
CA PRO D 577 10.15 -36.73 -51.14
C PRO D 577 10.39 -38.00 -51.95
N SER D 578 9.83 -39.11 -51.45
CA SER D 578 9.90 -40.43 -52.07
C SER D 578 11.32 -40.97 -52.14
N THR D 579 12.11 -40.72 -51.09
CA THR D 579 13.47 -41.22 -50.99
C THR D 579 13.63 -42.29 -49.92
N SER D 580 12.52 -42.91 -49.49
CA SER D 580 12.53 -43.96 -48.48
C SER D 580 13.13 -43.50 -47.16
N LYS D 581 12.88 -42.25 -46.78
CA LYS D 581 13.35 -41.77 -45.48
C LYS D 581 12.50 -42.30 -44.34
N SER D 582 11.23 -42.59 -44.61
CA SER D 582 10.31 -43.07 -43.59
C SER D 582 10.37 -44.58 -43.39
N GLN D 583 11.05 -45.32 -44.28
CA GLN D 583 11.22 -46.74 -44.08
C GLN D 583 12.27 -47.04 -43.01
N PHE D 584 13.31 -46.21 -42.95
CA PHE D 584 14.35 -46.38 -41.94
C PHE D 584 13.79 -46.19 -40.54
N LEU D 585 12.92 -45.19 -40.37
CA LEU D 585 12.31 -44.95 -39.07
C LEU D 585 11.49 -46.15 -38.62
N LYS D 586 10.70 -46.72 -39.54
CA LYS D 586 9.91 -47.90 -39.19
C LYS D 586 10.79 -49.10 -38.87
N TYR D 587 11.88 -49.29 -39.62
CA TYR D 587 12.80 -50.38 -39.31
C TYR D 587 13.38 -50.22 -37.91
N VAL D 588 13.80 -48.99 -37.57
CA VAL D 588 14.40 -48.76 -36.26
C VAL D 588 13.36 -48.99 -35.15
N VAL D 589 12.15 -48.46 -35.33
CA VAL D 589 11.14 -48.60 -34.27
C VAL D 589 10.71 -50.05 -34.14
N GLY D 590 10.81 -50.83 -35.21
CA GLY D 590 10.46 -52.25 -35.12
C GLY D 590 11.58 -53.08 -34.53
N PHE D 591 12.83 -52.64 -34.71
CA PHE D 591 13.97 -53.47 -34.33
C PHE D 591 14.66 -53.01 -33.05
N ALA D 592 14.60 -51.72 -32.71
CA ALA D 592 15.33 -51.22 -31.55
C ALA D 592 14.45 -51.25 -30.31
N PRO D 593 14.92 -51.85 -29.22
CA PRO D 593 14.14 -51.88 -27.98
C PRO D 593 13.97 -50.48 -27.38
N ARG D 594 12.85 -50.28 -26.70
CA ARG D 594 12.55 -49.04 -25.97
C ARG D 594 12.58 -47.82 -26.90
N SER D 595 12.15 -48.02 -28.14
CA SER D 595 12.13 -46.96 -29.14
C SER D 595 10.69 -46.52 -29.38
N VAL D 596 10.51 -45.23 -29.68
CA VAL D 596 9.19 -44.69 -29.93
C VAL D 596 9.20 -43.95 -31.27
N TYR D 597 8.02 -43.80 -31.84
CA TYR D 597 7.81 -43.12 -33.12
C TYR D 597 6.88 -41.94 -32.89
N THR D 598 7.21 -40.80 -33.50
CA THR D 598 6.38 -39.61 -33.35
C THR D 598 6.61 -38.68 -34.53
N SER D 599 5.69 -37.73 -34.69
CA SER D 599 5.78 -36.73 -35.73
C SER D 599 6.05 -35.36 -35.12
N GLY D 600 6.27 -34.38 -35.99
CA GLY D 600 6.53 -33.03 -35.55
C GLY D 600 5.40 -32.44 -34.74
N LYS D 601 4.25 -32.25 -35.37
CA LYS D 601 3.08 -31.74 -34.66
C LYS D 601 2.38 -32.90 -33.95
N ALA D 602 2.08 -32.70 -32.66
CA ALA D 602 1.49 -33.74 -31.83
C ALA D 602 0.15 -33.26 -31.29
N SER D 603 -0.82 -34.18 -31.27
CA SER D 603 -2.16 -33.84 -30.79
C SER D 603 -2.20 -33.78 -29.27
N SER D 604 -1.33 -34.53 -28.59
CA SER D 604 -1.35 -34.60 -27.14
C SER D 604 -0.92 -33.26 -26.53
N ALA D 605 -1.43 -33.00 -25.31
CA ALA D 605 -1.03 -31.80 -24.60
C ALA D 605 0.46 -31.82 -24.27
N ALA D 606 0.98 -32.97 -23.83
CA ALA D 606 2.41 -33.17 -23.67
C ALA D 606 2.95 -33.61 -25.02
N GLY D 607 3.13 -32.63 -25.92
CA GLY D 607 3.44 -32.96 -27.30
C GLY D 607 4.74 -33.73 -27.44
N LEU D 608 5.83 -33.20 -26.91
CA LEU D 608 7.11 -33.88 -27.06
C LEU D 608 7.95 -33.90 -25.78
N THR D 609 7.66 -33.05 -24.79
CA THR D 609 8.48 -33.06 -23.58
C THR D 609 7.72 -33.50 -22.33
N ALA D 610 6.67 -32.76 -21.97
CA ALA D 610 5.95 -33.01 -20.73
C ALA D 610 4.78 -32.05 -20.61
N ALA D 611 3.82 -32.42 -19.76
CA ALA D 611 2.71 -31.54 -19.39
C ALA D 611 2.31 -31.83 -17.96
N VAL D 612 1.67 -30.86 -17.34
CA VAL D 612 1.23 -30.96 -15.94
C VAL D 612 -0.28 -31.05 -15.94
N VAL D 613 -0.81 -32.13 -15.39
CA VAL D 613 -2.24 -32.39 -15.37
C VAL D 613 -2.65 -32.81 -13.96
N ARG D 614 -3.83 -32.37 -13.54
CA ARG D 614 -4.34 -32.72 -12.24
C ARG D 614 -4.73 -34.20 -12.18
N ASP D 615 -4.69 -34.76 -10.97
CA ASP D 615 -4.97 -36.18 -10.79
C ASP D 615 -6.43 -36.49 -11.12
N GLU D 616 -6.64 -37.60 -11.82
CA GLU D 616 -8.00 -38.03 -12.13
C GLU D 616 -8.68 -38.62 -10.90
N GLU D 617 -7.92 -39.26 -10.01
CA GLU D 617 -8.48 -39.89 -8.82
C GLU D 617 -7.71 -39.52 -7.56
N GLY D 618 -6.98 -38.40 -7.58
CA GLY D 618 -6.22 -37.97 -6.42
C GLY D 618 -6.32 -36.47 -6.24
N GLY D 619 -5.66 -35.99 -5.18
CA GLY D 619 -5.66 -34.58 -4.85
C GLY D 619 -4.30 -33.93 -5.03
N ASP D 620 -3.61 -34.29 -6.12
CA ASP D 620 -2.25 -33.81 -6.35
C ASP D 620 -2.10 -33.53 -7.86
N TYR D 621 -1.02 -32.85 -8.22
CA TYR D 621 -0.67 -32.59 -9.60
C TYR D 621 0.30 -33.67 -10.06
N THR D 622 0.00 -34.29 -11.20
CA THR D 622 0.90 -35.30 -11.75
C THR D 622 1.55 -34.75 -13.03
N ILE D 623 2.38 -35.56 -13.67
CA ILE D 623 3.12 -35.17 -14.87
C ILE D 623 2.88 -36.23 -15.94
N GLU D 624 2.42 -35.80 -17.11
CA GLU D 624 2.28 -36.71 -18.23
C GLU D 624 3.61 -36.86 -18.96
N ALA D 625 3.66 -37.84 -19.86
CA ALA D 625 4.89 -38.21 -20.54
C ALA D 625 4.79 -37.85 -22.03
N GLY D 626 5.78 -37.12 -22.52
CA GLY D 626 5.90 -36.87 -23.94
C GLY D 626 6.67 -37.98 -24.63
N ALA D 627 6.83 -37.83 -25.95
CA ALA D 627 7.55 -38.85 -26.72
C ALA D 627 9.01 -38.93 -26.29
N LEU D 628 9.61 -37.80 -25.94
CA LEU D 628 11.00 -37.82 -25.48
C LEU D 628 11.14 -38.56 -24.16
N MET D 629 10.18 -38.38 -23.25
CA MET D 629 10.26 -39.04 -21.95
C MET D 629 10.04 -40.54 -22.07
N LEU D 630 9.15 -40.97 -22.98
CA LEU D 630 8.80 -42.37 -23.12
C LEU D 630 9.90 -43.15 -23.84
N ALA D 631 11.04 -42.51 -24.09
CA ALA D 631 12.12 -43.15 -24.82
C ALA D 631 13.43 -43.18 -24.03
N ASP D 632 13.37 -43.09 -22.71
CA ASP D 632 14.57 -43.12 -21.90
C ASP D 632 15.37 -44.39 -22.17
N ASN D 633 16.66 -44.23 -22.38
CA ASN D 633 17.54 -45.32 -22.81
C ASN D 633 17.00 -45.98 -24.08
N GLY D 634 16.54 -45.16 -25.02
CA GLY D 634 15.99 -45.68 -26.26
C GLY D 634 16.07 -44.63 -27.35
N ILE D 635 15.63 -45.03 -28.54
CA ILE D 635 15.67 -44.14 -29.70
C ILE D 635 14.29 -43.55 -29.93
N CYS D 636 14.25 -42.23 -30.17
CA CYS D 636 13.03 -41.53 -30.55
C CYS D 636 13.14 -41.17 -32.02
N CYS D 637 12.17 -41.63 -32.82
CA CYS D 637 12.15 -41.41 -34.26
C CYS D 637 11.17 -40.29 -34.56
N ILE D 638 11.68 -39.13 -34.92
CA ILE D 638 10.88 -37.94 -35.19
C ILE D 638 10.74 -37.78 -36.70
N ASP D 639 9.50 -37.66 -37.16
CA ASP D 639 9.19 -37.45 -38.56
C ASP D 639 8.54 -36.09 -38.75
N GLU D 640 8.72 -35.51 -39.94
CA GLU D 640 8.23 -34.16 -40.24
C GLU D 640 8.75 -33.16 -39.22
N PHE D 641 10.07 -33.16 -39.05
CA PHE D 641 10.76 -32.39 -38.02
C PHE D 641 10.72 -30.88 -38.29
N ASP D 642 10.28 -30.46 -39.48
CA ASP D 642 10.29 -29.03 -39.79
C ASP D 642 9.20 -28.27 -39.05
N LYS D 643 8.01 -28.85 -38.95
CA LYS D 643 6.82 -28.13 -38.50
C LYS D 643 6.65 -28.15 -36.99
N MET D 644 7.73 -28.29 -36.23
CA MET D 644 7.63 -28.25 -34.78
C MET D 644 7.28 -26.85 -34.30
N ASP D 645 6.66 -26.78 -33.12
CA ASP D 645 6.32 -25.52 -32.48
C ASP D 645 7.54 -24.93 -31.79
N ILE D 646 7.63 -23.60 -31.79
CA ILE D 646 8.80 -22.91 -31.26
C ILE D 646 8.97 -23.21 -29.77
N SER D 647 7.87 -23.26 -29.03
CA SER D 647 7.94 -23.59 -27.60
C SER D 647 8.47 -25.00 -27.37
N ASP D 648 8.48 -25.85 -28.39
CA ASP D 648 9.11 -27.17 -28.32
C ASP D 648 10.54 -27.16 -28.81
N GLN D 649 10.87 -26.34 -29.82
CA GLN D 649 12.26 -26.20 -30.25
C GLN D 649 13.11 -25.63 -29.13
N VAL D 650 12.59 -24.63 -28.41
CA VAL D 650 13.32 -24.11 -27.26
C VAL D 650 13.39 -25.13 -26.13
N ALA D 651 12.36 -25.99 -26.02
CA ALA D 651 12.36 -26.99 -24.96
C ALA D 651 13.39 -28.08 -25.20
N ILE D 652 13.61 -28.43 -26.46
CA ILE D 652 14.53 -29.52 -26.79
C ILE D 652 15.98 -29.04 -26.64
N HIS D 653 16.16 -27.73 -26.44
CA HIS D 653 17.49 -27.19 -26.19
C HIS D 653 18.16 -27.77 -24.96
N GLU D 654 17.39 -28.33 -24.03
CA GLU D 654 17.94 -28.97 -22.84
C GLU D 654 18.06 -30.48 -22.98
N ALA D 655 17.13 -31.12 -23.69
CA ALA D 655 17.11 -32.58 -23.77
C ALA D 655 18.25 -33.12 -24.61
N MET D 656 18.63 -32.40 -25.68
CA MET D 656 19.68 -32.92 -26.55
C MET D 656 21.05 -32.90 -25.88
N GLU D 657 21.32 -31.91 -25.03
CA GLU D 657 22.66 -31.78 -24.44
C GLU D 657 22.72 -32.22 -22.98
N GLN D 658 21.90 -31.65 -22.12
CA GLN D 658 21.88 -32.03 -20.71
C GLN D 658 21.01 -33.24 -20.42
N GLN D 659 20.21 -33.67 -21.39
CA GLN D 659 19.39 -34.89 -21.28
C GLN D 659 18.46 -34.83 -20.06
N THR D 660 17.91 -33.64 -19.81
CA THR D 660 16.97 -33.43 -18.73
C THR D 660 15.89 -32.46 -19.18
N ILE D 661 14.74 -32.51 -18.49
CA ILE D 661 13.67 -31.54 -18.67
C ILE D 661 13.34 -30.97 -17.30
N SER D 662 13.35 -29.65 -17.19
CA SER D 662 13.15 -28.95 -15.92
C SER D 662 11.98 -27.99 -16.06
N ILE D 663 10.90 -28.25 -15.34
CA ILE D 663 9.70 -27.42 -15.37
C ILE D 663 9.44 -26.86 -13.98
N ALA D 664 8.83 -25.67 -13.95
CA ALA D 664 8.44 -25.05 -12.68
C ALA D 664 7.20 -24.20 -12.86
N LYS D 665 6.04 -24.77 -12.60
CA LYS D 665 4.77 -24.09 -12.73
C LYS D 665 4.03 -24.10 -11.39
N ALA D 666 2.76 -23.68 -11.39
CA ALA D 666 2.03 -23.49 -10.14
C ALA D 666 1.92 -24.80 -9.36
N GLY D 667 1.64 -25.90 -10.06
CA GLY D 667 1.43 -27.16 -9.36
C GLY D 667 2.71 -27.80 -8.87
N ILE D 668 3.58 -28.19 -9.80
CA ILE D 668 4.70 -29.07 -9.47
C ILE D 668 6.01 -28.48 -9.97
N HIS D 669 7.12 -28.84 -9.33
CA HIS D 669 8.45 -28.51 -9.80
C HIS D 669 9.26 -29.79 -9.82
N ALA D 670 9.92 -30.08 -10.94
CA ALA D 670 10.67 -31.32 -11.05
C ALA D 670 11.74 -31.18 -12.13
N THR D 671 12.72 -32.07 -12.07
CA THR D 671 13.77 -32.19 -13.08
C THR D 671 13.65 -33.59 -13.67
N LEU D 672 12.99 -33.69 -14.82
CA LEU D 672 12.69 -34.98 -15.43
C LEU D 672 13.92 -35.53 -16.12
N ASN D 673 13.82 -36.73 -16.69
CA ASN D 673 14.95 -37.41 -17.31
C ASN D 673 14.58 -37.82 -18.72
N ALA D 674 15.41 -37.39 -19.69
CA ALA D 674 15.27 -37.80 -21.08
C ALA D 674 16.67 -38.13 -21.62
N ARG D 675 17.10 -39.37 -21.38
CA ARG D 675 18.38 -39.86 -21.88
C ARG D 675 18.14 -40.68 -23.15
N THR D 676 17.69 -39.98 -24.18
CA THR D 676 17.26 -40.62 -25.42
C THR D 676 18.07 -40.10 -26.61
N SER D 677 18.38 -41.01 -27.54
CA SER D 677 18.92 -40.63 -28.83
C SER D 677 17.78 -40.23 -29.76
N ILE D 678 18.10 -39.38 -30.73
CA ILE D 678 17.12 -38.82 -31.64
C ILE D 678 17.51 -39.15 -33.07
N LEU D 679 16.58 -39.74 -33.81
CA LEU D 679 16.73 -39.92 -35.26
C LEU D 679 15.62 -39.12 -35.93
N ALA D 680 16.01 -38.07 -36.66
CA ALA D 680 15.05 -37.12 -37.18
C ALA D 680 15.04 -37.16 -38.70
N ALA D 681 13.86 -36.94 -39.27
CA ALA D 681 13.70 -36.84 -40.71
C ALA D 681 13.09 -35.49 -41.05
N ALA D 682 13.68 -34.80 -42.03
CA ALA D 682 13.28 -33.45 -42.37
C ALA D 682 13.28 -33.27 -43.88
N ASN D 683 12.48 -32.33 -44.34
CA ASN D 683 12.40 -31.98 -45.75
C ASN D 683 13.03 -30.60 -45.99
N PRO D 684 13.64 -30.39 -47.15
CA PRO D 684 14.19 -29.07 -47.47
C PRO D 684 13.09 -28.02 -47.59
N VAL D 685 13.45 -26.78 -47.25
CA VAL D 685 12.53 -25.67 -47.36
C VAL D 685 12.38 -25.31 -48.83
N GLY D 686 11.14 -25.16 -49.28
CA GLY D 686 10.85 -24.90 -50.68
C GLY D 686 10.44 -26.12 -51.48
N GLY D 687 10.56 -27.31 -50.91
CA GLY D 687 10.09 -28.51 -51.58
C GLY D 687 11.19 -29.39 -52.13
N ARG D 688 12.23 -28.80 -52.69
CA ARG D 688 13.28 -29.56 -53.35
C ARG D 688 14.65 -29.06 -52.93
N TYR D 689 15.60 -30.00 -52.87
CA TYR D 689 16.98 -29.67 -52.59
C TYR D 689 17.60 -28.87 -53.74
N ASN D 690 18.43 -27.90 -53.41
CA ASN D 690 19.21 -27.16 -54.39
C ASN D 690 20.67 -27.55 -54.23
N ARG D 691 21.29 -28.00 -55.32
CA ARG D 691 22.63 -28.57 -55.28
C ARG D 691 23.73 -27.52 -55.29
N LYS D 692 23.42 -26.26 -55.02
CA LYS D 692 24.43 -25.22 -54.86
C LYS D 692 24.29 -24.45 -53.56
N LEU D 693 23.15 -24.52 -52.88
CA LEU D 693 23.02 -23.96 -51.55
C LEU D 693 23.48 -24.96 -50.50
N SER D 694 23.92 -24.44 -49.37
CA SER D 694 24.42 -25.27 -48.29
C SER D 694 23.26 -25.91 -47.52
N LEU D 695 23.62 -26.70 -46.50
CA LEU D 695 22.61 -27.29 -45.62
C LEU D 695 21.85 -26.21 -44.86
N ARG D 696 22.55 -25.13 -44.48
CA ARG D 696 21.93 -24.11 -43.64
C ARG D 696 20.81 -23.39 -44.37
N GLY D 697 21.08 -22.90 -45.58
CA GLY D 697 20.11 -22.12 -46.32
C GLY D 697 18.89 -22.93 -46.72
N ASN D 698 19.13 -24.18 -47.10
CA ASN D 698 18.02 -25.04 -47.50
C ASN D 698 17.19 -25.49 -46.30
N LEU D 699 17.85 -25.76 -45.18
CA LEU D 699 17.15 -26.12 -43.95
C LEU D 699 16.70 -24.88 -43.21
N ASN D 700 15.94 -25.09 -42.14
CA ASN D 700 15.34 -24.00 -41.39
C ASN D 700 15.83 -23.96 -39.95
N MET D 701 16.53 -25.00 -39.48
CA MET D 701 16.98 -25.04 -38.09
C MET D 701 18.00 -23.95 -37.79
N THR D 702 18.04 -23.50 -36.55
CA THR D 702 19.01 -22.50 -36.11
C THR D 702 20.32 -23.15 -35.71
N ALA D 703 21.37 -22.34 -35.65
CA ALA D 703 22.70 -22.85 -35.31
C ALA D 703 22.76 -23.56 -33.96
N PRO D 704 22.12 -23.08 -32.89
CA PRO D 704 22.05 -23.90 -31.67
C PRO D 704 21.59 -25.33 -31.93
N ILE D 705 20.41 -25.52 -32.52
CA ILE D 705 19.88 -26.86 -32.76
C ILE D 705 20.70 -27.64 -33.78
N MET D 706 21.19 -26.98 -34.83
CA MET D 706 21.95 -27.65 -35.88
C MET D 706 23.27 -28.20 -35.39
N SER D 707 23.90 -27.56 -34.40
CA SER D 707 25.19 -28.00 -33.89
C SER D 707 25.09 -29.18 -32.94
N ARG D 708 23.88 -29.55 -32.52
CA ARG D 708 23.69 -30.65 -31.59
C ARG D 708 23.44 -31.98 -32.30
N PHE D 709 23.45 -32.01 -33.62
CA PHE D 709 23.24 -33.23 -34.37
C PHE D 709 24.59 -33.81 -34.78
N ASP D 710 24.85 -35.05 -34.37
CA ASP D 710 26.14 -35.68 -34.62
C ASP D 710 26.37 -35.90 -36.11
N LEU D 711 25.36 -36.37 -36.83
CA LEU D 711 25.51 -36.68 -38.24
C LEU D 711 24.35 -36.11 -39.05
N PHE D 712 24.70 -35.53 -40.20
CA PHE D 712 23.74 -35.07 -41.20
C PHE D 712 23.88 -35.95 -42.43
N PHE D 713 22.76 -36.49 -42.91
CA PHE D 713 22.76 -37.31 -44.11
C PHE D 713 21.76 -36.77 -45.12
N VAL D 714 22.28 -36.28 -46.24
CA VAL D 714 21.46 -35.76 -47.33
C VAL D 714 21.35 -36.85 -48.38
N ILE D 715 20.14 -37.32 -48.62
CA ILE D 715 19.89 -38.38 -49.60
C ILE D 715 19.11 -37.79 -50.77
N LEU D 716 19.62 -37.99 -51.97
CA LEU D 716 19.09 -37.38 -53.18
C LEU D 716 18.81 -38.46 -54.22
N ASP D 717 17.64 -38.40 -54.83
CA ASP D 717 17.35 -39.27 -55.96
C ASP D 717 17.54 -38.52 -57.28
N ASP D 718 17.81 -39.28 -58.34
CA ASP D 718 18.06 -38.70 -59.64
C ASP D 718 17.22 -39.43 -60.68
N CYS D 719 16.74 -38.68 -61.67
CA CYS D 719 15.84 -39.21 -62.69
C CYS D 719 16.66 -39.53 -63.94
N ASN D 720 17.16 -40.76 -64.02
CA ASN D 720 17.84 -41.28 -65.20
C ASN D 720 17.21 -42.60 -65.60
N GLU D 721 17.36 -42.96 -66.88
CA GLU D 721 16.64 -44.09 -67.45
C GLU D 721 16.97 -45.41 -66.79
N LYS D 722 18.19 -45.57 -66.26
CA LYS D 722 18.65 -46.88 -65.83
C LYS D 722 18.39 -47.16 -64.35
N ILE D 723 18.67 -46.20 -63.48
CA ILE D 723 18.51 -46.43 -62.04
C ILE D 723 17.04 -46.63 -61.69
N ASP D 724 16.15 -45.92 -62.37
CA ASP D 724 14.72 -46.08 -62.12
C ASP D 724 14.26 -47.49 -62.43
N THR D 725 14.80 -48.10 -63.49
CA THR D 725 14.48 -49.49 -63.79
C THR D 725 14.90 -50.42 -62.66
N GLU D 726 16.11 -50.23 -62.12
CA GLU D 726 16.58 -51.07 -61.02
C GLU D 726 15.71 -50.89 -59.78
N LEU D 727 15.37 -49.64 -59.46
CA LEU D 727 14.55 -49.39 -58.27
C LEU D 727 13.17 -50.02 -58.42
N ALA D 728 12.54 -49.83 -59.59
CA ALA D 728 11.22 -50.41 -59.81
C ALA D 728 11.29 -51.93 -59.76
N SER D 729 12.29 -52.53 -60.39
CA SER D 729 12.43 -53.97 -60.37
C SER D 729 12.60 -54.49 -58.94
N HIS D 730 13.44 -53.83 -58.15
CA HIS D 730 13.66 -54.25 -56.77
C HIS D 730 12.38 -54.15 -55.96
N ILE D 731 11.66 -53.03 -56.09
CA ILE D 731 10.46 -52.84 -55.28
C ILE D 731 9.37 -53.81 -55.71
N VAL D 732 9.40 -54.27 -56.96
CA VAL D 732 8.34 -55.18 -57.43
C VAL D 732 8.74 -56.64 -57.33
N ASP D 733 9.99 -56.97 -57.03
CA ASP D 733 10.32 -58.36 -56.73
C ASP D 733 9.58 -58.83 -55.49
N LEU D 734 9.25 -57.90 -54.59
CA LEU D 734 8.34 -58.23 -53.51
C LEU D 734 6.92 -58.36 -54.05
N HIS D 735 6.00 -58.73 -53.16
CA HIS D 735 4.58 -58.89 -53.46
C HIS D 735 4.30 -60.14 -54.29
N MET D 736 5.35 -60.84 -54.73
CA MET D 736 5.15 -62.20 -55.24
C MET D 736 5.77 -63.23 -54.29
N LYS D 737 7.01 -63.01 -53.87
CA LYS D 737 7.67 -63.86 -52.88
C LYS D 737 8.04 -62.98 -51.69
N ARG D 738 7.33 -63.17 -50.58
CA ARG D 738 7.45 -62.25 -49.45
C ARG D 738 8.75 -62.44 -48.68
N ASP D 739 9.35 -63.62 -48.79
CA ASP D 739 10.54 -63.94 -47.99
C ASP D 739 11.81 -64.11 -48.80
N GLU D 740 11.75 -64.66 -50.01
CA GLU D 740 12.95 -64.93 -50.78
C GLU D 740 13.43 -63.73 -51.57
N ALA D 741 12.74 -62.59 -51.50
CA ALA D 741 13.14 -61.42 -52.27
C ALA D 741 14.45 -60.83 -51.74
N ILE D 742 14.65 -60.88 -50.43
CA ILE D 742 15.79 -60.25 -49.78
C ILE D 742 16.59 -61.29 -49.02
N GLU D 743 17.92 -61.18 -49.08
CA GLU D 743 18.82 -62.14 -48.44
C GLU D 743 19.99 -61.39 -47.81
N PRO D 744 19.92 -61.16 -46.49
CA PRO D 744 21.02 -60.49 -45.82
C PRO D 744 22.01 -61.50 -45.25
N PRO D 745 23.25 -61.08 -44.96
CA PRO D 745 24.21 -62.02 -44.38
C PRO D 745 23.79 -62.55 -43.01
N PHE D 746 23.10 -61.75 -42.22
CA PHE D 746 22.66 -62.16 -40.89
C PHE D 746 21.17 -61.86 -40.72
N SER D 747 20.50 -62.75 -40.00
CA SER D 747 19.09 -62.55 -39.70
C SER D 747 18.92 -61.50 -38.61
N ALA D 748 17.66 -61.20 -38.30
CA ALA D 748 17.37 -60.18 -37.28
C ALA D 748 17.90 -60.61 -35.91
N GLU D 749 17.72 -61.88 -35.57
CA GLU D 749 18.10 -62.34 -34.23
C GLU D 749 19.61 -62.34 -34.04
N GLN D 750 20.37 -62.75 -35.05
CA GLN D 750 21.83 -62.73 -34.93
C GLN D 750 22.34 -61.31 -34.74
N LEU D 751 21.82 -60.35 -35.52
CA LEU D 751 22.22 -58.97 -35.35
C LEU D 751 21.81 -58.44 -33.98
N ARG D 752 20.60 -58.77 -33.53
CA ARG D 752 20.14 -58.32 -32.21
C ARG D 752 20.99 -58.87 -31.08
N ARG D 753 21.48 -60.11 -31.20
CA ARG D 753 22.39 -60.68 -30.23
C ARG D 753 23.78 -60.05 -30.31
N TYR D 754 24.27 -59.81 -31.52
CA TYR D 754 25.61 -59.22 -31.67
C TYR D 754 25.67 -57.81 -31.12
N ILE D 755 24.61 -57.02 -31.33
CA ILE D 755 24.61 -55.65 -30.80
C ILE D 755 24.66 -55.68 -29.28
N LYS D 756 23.86 -56.55 -28.66
CA LYS D 756 23.84 -56.63 -27.20
C LYS D 756 25.18 -57.12 -26.65
N TYR D 757 25.82 -58.06 -27.35
CA TYR D 757 27.13 -58.52 -26.90
C TYR D 757 28.19 -57.44 -27.07
N ALA D 758 28.11 -56.67 -28.17
CA ALA D 758 29.13 -55.66 -28.44
C ALA D 758 29.00 -54.48 -27.48
N ARG D 759 27.78 -54.18 -27.03
CA ARG D 759 27.60 -53.05 -26.12
C ARG D 759 28.24 -53.29 -24.75
N THR D 760 28.66 -54.52 -24.44
CA THR D 760 29.31 -54.78 -23.16
C THR D 760 30.70 -54.14 -23.11
N PHE D 761 31.38 -54.07 -24.25
CA PHE D 761 32.72 -53.49 -24.29
C PHE D 761 32.66 -51.99 -24.01
N LYS D 762 33.75 -51.49 -23.43
CA LYS D 762 33.91 -50.05 -23.18
C LYS D 762 35.33 -49.65 -23.54
N PRO D 763 35.55 -49.13 -24.75
CA PRO D 763 36.93 -48.87 -25.20
C PRO D 763 37.58 -47.72 -24.45
N ILE D 764 38.91 -47.70 -24.53
CA ILE D 764 39.73 -46.61 -23.98
C ILE D 764 40.55 -46.01 -25.10
N LEU D 765 41.25 -44.91 -24.82
CA LEU D 765 42.05 -44.20 -25.80
C LEU D 765 43.53 -44.42 -25.54
N THR D 766 44.30 -44.60 -26.60
CA THR D 766 45.72 -44.84 -26.48
C THR D 766 46.49 -43.52 -26.51
N LYS D 767 47.82 -43.62 -26.53
CA LYS D 767 48.66 -42.42 -26.47
C LYS D 767 48.67 -41.67 -27.80
N GLU D 768 48.80 -42.38 -28.91
CA GLU D 768 48.85 -41.71 -30.21
C GLU D 768 47.46 -41.26 -30.67
N ALA D 769 46.41 -41.93 -30.17
CA ALA D 769 45.06 -41.55 -30.53
C ALA D 769 44.73 -40.14 -30.07
N ARG D 770 45.18 -39.76 -28.88
CA ARG D 770 44.93 -38.41 -28.38
C ARG D 770 45.60 -37.35 -29.24
N SER D 771 46.86 -37.60 -29.63
CA SER D 771 47.56 -36.66 -30.50
C SER D 771 46.89 -36.55 -31.85
N TYR D 772 46.45 -37.68 -32.42
CA TYR D 772 45.75 -37.61 -33.70
C TYR D 772 44.44 -36.86 -33.56
N LEU D 773 43.73 -37.06 -32.45
CA LEU D 773 42.47 -36.36 -32.22
C LEU D 773 42.67 -34.86 -32.14
N VAL D 774 43.66 -34.41 -31.38
CA VAL D 774 43.88 -32.97 -31.25
C VAL D 774 44.33 -32.37 -32.58
N GLU D 775 45.15 -33.11 -33.34
CA GLU D 775 45.57 -32.61 -34.64
C GLU D 775 44.38 -32.46 -35.59
N LYS D 776 43.50 -33.46 -35.61
CA LYS D 776 42.34 -33.38 -36.49
C LYS D 776 41.39 -32.27 -36.07
N TYR D 777 41.20 -32.07 -34.76
CA TYR D 777 40.37 -30.97 -34.31
C TYR D 777 40.94 -29.63 -34.73
N LYS D 778 42.27 -29.46 -34.58
CA LYS D 778 42.90 -28.20 -35.01
C LYS D 778 42.74 -27.99 -36.51
N GLU D 779 42.93 -29.04 -37.31
CA GLU D 779 42.77 -28.92 -38.75
C GLU D 779 41.34 -28.55 -39.13
N LEU D 780 40.35 -29.18 -38.49
CA LEU D 780 38.97 -28.87 -38.78
C LEU D 780 38.62 -27.43 -38.42
N ARG D 781 39.11 -26.97 -37.26
CA ARG D 781 38.87 -25.59 -36.86
C ARG D 781 39.51 -24.61 -37.84
N LYS D 782 40.73 -24.92 -38.30
CA LYS D 782 41.38 -24.07 -39.30
C LYS D 782 40.57 -24.04 -40.59
N ASP D 783 40.08 -25.20 -41.03
CA ASP D 783 39.35 -25.26 -42.28
C ASP D 783 38.02 -24.51 -42.19
N ASP D 784 37.40 -24.52 -41.01
CA ASP D 784 36.11 -23.85 -40.86
C ASP D 784 36.24 -22.35 -41.10
N ALA D 785 37.29 -21.73 -40.58
CA ALA D 785 37.48 -20.29 -40.70
C ALA D 785 37.77 -19.89 -42.15
N SER D 792 35.10 -19.12 -35.98
CA SER D 792 34.31 -20.14 -35.33
C SER D 792 32.82 -19.90 -35.52
N TYR D 793 32.23 -20.59 -36.49
CA TYR D 793 30.84 -20.37 -36.83
C TYR D 793 30.03 -21.66 -36.75
N ARG D 794 30.63 -22.76 -37.21
CA ARG D 794 29.98 -24.07 -37.21
C ARG D 794 30.70 -25.11 -36.36
N ILE D 795 31.98 -24.91 -36.05
CA ILE D 795 32.79 -25.92 -35.38
C ILE D 795 33.04 -25.46 -33.96
N THR D 796 32.73 -26.32 -33.00
CA THR D 796 32.92 -26.05 -31.58
C THR D 796 33.50 -27.29 -30.90
N VAL D 797 33.58 -27.24 -29.57
CA VAL D 797 34.06 -28.38 -28.80
C VAL D 797 33.15 -29.58 -28.98
N ARG D 798 31.85 -29.32 -29.16
CA ARG D 798 30.88 -30.39 -29.34
C ARG D 798 31.24 -31.28 -30.54
N GLN D 799 31.85 -30.71 -31.57
CA GLN D 799 32.29 -31.52 -32.70
C GLN D 799 33.40 -32.49 -32.30
N LEU D 800 34.35 -32.03 -31.50
CA LEU D 800 35.40 -32.93 -31.01
C LEU D 800 34.81 -34.03 -30.13
N GLU D 801 33.86 -33.68 -29.26
CA GLU D 801 33.22 -34.69 -28.44
C GLU D 801 32.46 -35.71 -29.29
N SER D 802 31.78 -35.24 -30.33
CA SER D 802 31.08 -36.14 -31.25
C SER D 802 32.05 -37.04 -31.99
N MET D 803 33.22 -36.52 -32.37
CA MET D 803 34.23 -37.36 -33.01
C MET D 803 34.71 -38.45 -32.05
N ILE D 804 34.91 -38.10 -30.79
CA ILE D 804 35.28 -39.10 -29.78
C ILE D 804 34.20 -40.17 -29.68
N ARG D 805 32.93 -39.75 -29.65
CA ARG D 805 31.82 -40.69 -29.55
C ARG D 805 31.78 -41.63 -30.76
N LEU D 806 31.96 -41.07 -31.96
CA LEU D 806 31.93 -41.91 -33.16
C LEU D 806 33.09 -42.88 -33.18
N SER D 807 34.28 -42.44 -32.74
CA SER D 807 35.42 -43.35 -32.65
C SER D 807 35.13 -44.49 -31.69
N GLU D 808 34.55 -44.18 -30.53
CA GLU D 808 34.23 -45.24 -29.57
C GLU D 808 33.20 -46.20 -30.14
N ALA D 809 32.19 -45.70 -30.84
CA ALA D 809 31.19 -46.58 -31.44
C ALA D 809 31.81 -47.48 -32.51
N ILE D 810 32.66 -46.92 -33.36
CA ILE D 810 33.32 -47.72 -34.39
C ILE D 810 34.22 -48.78 -33.76
N ALA D 811 34.89 -48.44 -32.67
CA ALA D 811 35.64 -49.43 -31.91
C ALA D 811 34.75 -50.53 -31.34
N ARG D 812 33.57 -50.16 -30.82
CA ARG D 812 32.62 -51.17 -30.34
C ARG D 812 32.17 -52.09 -31.47
N ALA D 813 32.12 -51.56 -32.70
CA ALA D 813 31.70 -52.37 -33.83
C ALA D 813 32.67 -53.53 -34.07
N ASN D 814 33.96 -53.29 -33.92
CA ASN D 814 34.99 -54.28 -34.21
C ASN D 814 35.29 -55.18 -33.01
N CYS D 815 34.60 -54.99 -31.89
CA CYS D 815 34.81 -55.78 -30.68
C CYS D 815 36.27 -55.69 -30.20
N VAL D 816 36.75 -54.45 -30.10
CA VAL D 816 38.10 -54.16 -29.64
C VAL D 816 38.02 -53.17 -28.49
N ASP D 817 38.81 -53.42 -27.46
CA ASP D 817 38.82 -52.60 -26.25
C ASP D 817 39.86 -51.49 -26.31
N GLU D 818 40.55 -51.34 -27.43
CA GLU D 818 41.52 -50.27 -27.63
C GLU D 818 41.20 -49.54 -28.93
N ILE D 819 41.48 -48.24 -28.93
CA ILE D 819 41.16 -47.37 -30.06
C ILE D 819 42.43 -47.06 -30.83
N THR D 820 42.38 -47.27 -32.15
CA THR D 820 43.43 -47.10 -33.13
C THR D 820 43.17 -45.82 -33.95
N PRO D 821 44.22 -45.08 -34.33
CA PRO D 821 44.01 -43.85 -35.10
C PRO D 821 43.24 -44.05 -36.41
N SER D 822 43.19 -45.27 -36.93
CA SER D 822 42.35 -45.52 -38.10
C SER D 822 40.88 -45.24 -37.79
N PHE D 823 40.44 -45.58 -36.58
CA PHE D 823 39.07 -45.28 -36.18
C PHE D 823 38.82 -43.78 -36.13
N ILE D 824 39.78 -43.00 -35.61
CA ILE D 824 39.63 -41.55 -35.60
C ILE D 824 39.62 -41.00 -37.01
N ALA D 825 40.41 -41.59 -37.92
CA ALA D 825 40.38 -41.15 -39.31
C ALA D 825 39.01 -41.42 -39.93
N GLU D 826 38.43 -42.58 -39.65
CA GLU D 826 37.09 -42.88 -40.15
C GLU D 826 36.06 -41.91 -39.60
N ALA D 827 36.13 -41.62 -38.30
CA ALA D 827 35.19 -40.66 -37.71
C ALA D 827 35.36 -39.27 -38.29
N TYR D 828 36.61 -38.86 -38.54
CA TYR D 828 36.88 -37.57 -39.16
C TYR D 828 36.31 -37.51 -40.55
N ASP D 829 36.46 -38.59 -41.33
CA ASP D 829 35.87 -38.62 -42.66
C ASP D 829 34.34 -38.53 -42.60
N LEU D 830 33.73 -39.23 -41.64
CA LEU D 830 32.28 -39.16 -41.49
C LEU D 830 31.82 -37.75 -41.13
N LEU D 831 32.56 -37.08 -40.25
CA LEU D 831 32.22 -35.69 -39.91
C LEU D 831 32.39 -34.77 -41.11
N ARG D 832 33.46 -34.97 -41.90
CA ARG D 832 33.71 -34.09 -43.04
C ARG D 832 32.68 -34.30 -44.14
N GLN D 833 32.19 -35.54 -44.30
CA GLN D 833 31.20 -35.83 -45.33
C GLN D 833 29.90 -35.06 -45.12
N SER D 834 29.62 -34.62 -43.89
CA SER D 834 28.38 -33.91 -43.58
C SER D 834 28.59 -32.43 -43.32
N ILE D 835 29.70 -31.86 -43.79
CA ILE D 835 29.96 -30.44 -43.63
C ILE D 835 30.86 -29.93 -44.75
N ALA E 4 -55.42 -34.48 31.40
CA ALA E 4 -55.24 -35.17 30.12
C ALA E 4 -55.60 -34.25 28.95
N LEU E 5 -56.70 -34.56 28.29
CA LEU E 5 -57.18 -33.77 27.15
C LEU E 5 -58.44 -33.02 27.57
N PRO E 6 -58.39 -31.70 27.69
CA PRO E 6 -59.59 -30.94 28.06
C PRO E 6 -60.65 -31.02 26.97
N SER E 7 -61.87 -30.65 27.34
CA SER E 7 -63.01 -30.77 26.46
C SER E 7 -63.64 -29.40 26.22
N ILE E 8 -64.10 -29.18 24.99
CA ILE E 8 -64.72 -27.94 24.59
C ILE E 8 -66.06 -28.26 23.93
N GLN E 9 -66.97 -27.29 23.98
CA GLN E 9 -68.31 -27.45 23.44
C GLN E 9 -68.40 -26.71 22.11
N LEU E 10 -68.82 -27.42 21.06
CA LEU E 10 -69.00 -26.84 19.76
C LEU E 10 -70.44 -27.01 19.29
N PRO E 11 -71.00 -26.00 18.61
CA PRO E 11 -72.42 -26.09 18.21
C PRO E 11 -72.76 -27.29 17.33
N VAL E 12 -71.83 -27.72 16.47
CA VAL E 12 -72.16 -28.70 15.45
C VAL E 12 -72.38 -30.08 16.07
N ASP E 13 -73.45 -30.74 15.65
CA ASP E 13 -73.74 -32.13 16.00
C ASP E 13 -73.92 -32.92 14.72
N TYR E 14 -73.24 -34.07 14.62
CA TYR E 14 -73.18 -34.78 13.35
C TYR E 14 -74.40 -35.67 13.13
N ASN E 15 -75.16 -35.94 14.18
CA ASN E 15 -76.33 -36.81 14.06
C ASN E 15 -77.41 -36.16 13.20
N ASN E 16 -77.76 -34.91 13.52
CA ASN E 16 -78.76 -34.20 12.72
C ASN E 16 -78.25 -33.95 11.31
N LEU E 17 -76.94 -33.72 11.16
CA LEU E 17 -76.36 -33.58 9.83
C LEU E 17 -76.54 -34.85 9.01
N PHE E 18 -76.26 -36.01 9.62
CA PHE E 18 -76.42 -37.27 8.90
C PHE E 18 -77.88 -37.50 8.53
N ASN E 19 -78.80 -37.16 9.45
CA ASN E 19 -80.22 -37.28 9.15
C ASN E 19 -80.59 -36.41 7.96
N GLU E 20 -80.07 -35.18 7.91
CA GLU E 20 -80.42 -34.29 6.80
C GLU E 20 -79.80 -34.76 5.50
N ILE E 21 -78.60 -35.34 5.53
CA ILE E 21 -78.04 -35.90 4.30
C ILE E 21 -78.89 -37.05 3.80
N THR E 22 -79.33 -37.93 4.70
CA THR E 22 -80.20 -39.03 4.29
C THR E 22 -81.52 -38.51 3.71
N ASP E 23 -82.07 -37.45 4.31
CA ASP E 23 -83.29 -36.86 3.77
C ASP E 23 -83.06 -36.21 2.42
N PHE E 24 -81.91 -35.54 2.24
CA PHE E 24 -81.63 -34.85 0.99
C PHE E 24 -81.39 -35.81 -0.16
N LEU E 25 -80.75 -36.96 0.10
CA LEU E 25 -80.52 -37.94 -0.96
C LEU E 25 -81.83 -38.48 -1.51
N VAL E 26 -82.84 -38.67 -0.65
CA VAL E 26 -84.08 -39.28 -1.10
C VAL E 26 -85.04 -38.23 -1.66
N THR E 27 -85.15 -37.09 -0.97
CA THR E 27 -86.24 -36.16 -1.27
C THR E 27 -85.95 -35.31 -2.49
N PHE E 28 -84.68 -34.96 -2.71
CA PHE E 28 -84.33 -33.91 -3.67
C PHE E 28 -84.80 -34.26 -5.08
N LYS E 29 -85.46 -33.31 -5.72
CA LYS E 29 -85.94 -33.44 -7.09
C LYS E 29 -85.58 -32.18 -7.87
N GLN E 30 -85.25 -32.36 -9.15
CA GLN E 30 -84.86 -31.24 -9.99
C GLN E 30 -86.11 -30.52 -10.50
N ASP E 31 -86.26 -29.25 -10.14
CA ASP E 31 -87.51 -28.54 -10.40
C ASP E 31 -87.66 -28.16 -11.86
N THR E 32 -86.56 -27.82 -12.53
CA THR E 32 -86.53 -27.28 -13.90
C THR E 32 -87.73 -26.40 -14.25
N GLU E 58 -86.53 -37.53 -17.36
CA GLU E 58 -86.64 -38.46 -16.24
C GLU E 58 -87.25 -37.77 -15.02
N LYS E 59 -87.93 -38.54 -14.19
CA LYS E 59 -88.58 -38.03 -13.00
C LYS E 59 -88.05 -38.78 -11.78
N GLY E 60 -88.37 -38.25 -10.60
CA GLY E 60 -87.93 -38.85 -9.36
C GLY E 60 -86.72 -38.16 -8.78
N PRO E 61 -86.10 -38.79 -7.78
CA PRO E 61 -84.90 -38.19 -7.17
C PRO E 61 -83.77 -38.04 -8.19
N LYS E 62 -83.02 -36.96 -8.05
CA LYS E 62 -81.92 -36.69 -8.98
C LYS E 62 -80.77 -37.67 -8.77
N TYR E 63 -80.45 -37.98 -7.52
CA TYR E 63 -79.27 -38.77 -7.22
C TYR E 63 -79.52 -40.27 -7.16
N MET E 64 -80.74 -40.71 -6.87
CA MET E 64 -81.01 -42.15 -6.93
C MET E 64 -81.07 -42.65 -8.36
N ALA E 65 -81.24 -41.73 -9.32
CA ALA E 65 -81.09 -42.12 -10.71
C ALA E 65 -79.62 -42.43 -11.02
N MET E 66 -78.71 -41.54 -10.63
CA MET E 66 -77.30 -41.78 -10.93
C MET E 66 -76.72 -42.89 -10.07
N LEU E 67 -77.28 -43.14 -8.88
CA LEU E 67 -76.86 -44.30 -8.11
C LEU E 67 -77.22 -45.61 -8.80
N GLN E 68 -78.44 -45.69 -9.35
CA GLN E 68 -78.80 -46.85 -10.16
C GLN E 68 -77.92 -46.96 -11.39
N LYS E 69 -77.56 -45.81 -11.97
CA LYS E 69 -76.62 -45.82 -13.10
C LYS E 69 -75.26 -46.35 -12.68
N VAL E 70 -74.81 -46.01 -11.48
CA VAL E 70 -73.53 -46.50 -10.95
C VAL E 70 -73.60 -48.01 -10.74
N ALA E 71 -74.72 -48.50 -10.19
CA ALA E 71 -74.81 -49.91 -9.82
C ALA E 71 -74.66 -50.83 -11.03
N ASN E 72 -74.87 -50.33 -12.23
CA ASN E 72 -74.76 -51.11 -13.45
C ASN E 72 -73.35 -51.08 -14.03
N ARG E 73 -72.34 -50.78 -13.22
CA ARG E 73 -70.94 -50.82 -13.64
C ARG E 73 -70.66 -49.93 -14.84
N GLU E 74 -71.28 -48.75 -14.85
CA GLU E 74 -71.11 -47.80 -15.95
C GLU E 74 -70.54 -46.47 -15.51
N LEU E 75 -71.02 -45.92 -14.39
CA LEU E 75 -70.52 -44.65 -13.87
C LEU E 75 -69.49 -44.91 -12.78
N ASN E 76 -68.36 -44.23 -12.87
CA ASN E 76 -67.26 -44.43 -11.93
C ASN E 76 -67.11 -43.27 -10.94
N SER E 77 -67.91 -42.21 -11.05
CA SER E 77 -67.72 -41.04 -10.22
C SER E 77 -69.08 -40.48 -9.79
N VAL E 78 -69.12 -39.97 -8.57
CA VAL E 78 -70.29 -39.29 -8.02
C VAL E 78 -69.88 -37.86 -7.67
N ILE E 79 -70.61 -36.89 -8.21
CA ILE E 79 -70.31 -35.47 -8.02
C ILE E 79 -71.51 -34.81 -7.38
N ILE E 80 -71.31 -34.23 -6.19
CA ILE E 80 -72.39 -33.53 -5.51
C ILE E 80 -72.28 -32.04 -5.80
N ASP E 81 -73.44 -31.39 -5.95
CA ASP E 81 -73.54 -29.96 -6.18
C ASP E 81 -74.09 -29.28 -4.93
N LEU E 82 -73.40 -28.24 -4.46
CA LEU E 82 -73.91 -27.44 -3.35
C LEU E 82 -75.02 -26.50 -3.76
N ASP E 83 -75.15 -26.19 -5.06
CA ASP E 83 -76.36 -25.51 -5.54
C ASP E 83 -77.59 -26.38 -5.29
N ASP E 84 -77.47 -27.68 -5.55
CA ASP E 84 -78.58 -28.59 -5.29
C ASP E 84 -78.90 -28.65 -3.80
N ILE E 85 -77.87 -28.65 -2.95
CA ILE E 85 -78.09 -28.68 -1.50
C ILE E 85 -78.79 -27.40 -1.05
N LEU E 86 -78.39 -26.26 -1.61
CA LEU E 86 -79.12 -25.02 -1.33
C LEU E 86 -80.56 -25.12 -1.81
N GLN E 87 -80.80 -25.82 -2.92
CA GLN E 87 -82.17 -26.00 -3.38
C GLN E 87 -83.00 -26.78 -2.37
N TYR E 88 -82.43 -27.83 -1.78
CA TYR E 88 -83.14 -28.57 -0.74
C TYR E 88 -83.37 -27.71 0.49
N GLN E 89 -82.38 -26.91 0.87
CA GLN E 89 -82.56 -25.99 1.99
C GLN E 89 -83.67 -24.99 1.71
N ASN E 90 -83.74 -24.50 0.47
CA ASN E 90 -84.77 -23.54 0.09
C ASN E 90 -86.15 -24.20 0.08
N GLU E 91 -86.23 -25.47 -0.33
CA GLU E 91 -87.48 -26.20 -0.24
C GLU E 91 -87.94 -26.32 1.21
N LYS E 92 -87.00 -26.68 2.10
CA LYS E 92 -87.35 -26.78 3.52
C LYS E 92 -87.76 -25.43 4.09
N PHE E 93 -87.11 -24.35 3.64
CA PHE E 93 -87.51 -23.01 4.07
C PHE E 93 -88.91 -22.66 3.55
N LEU E 94 -89.25 -23.12 2.35
CA LEU E 94 -90.61 -22.97 1.86
C LEU E 94 -91.59 -23.71 2.76
N GLN E 95 -91.24 -24.92 3.19
CA GLN E 95 -92.01 -25.58 4.24
C GLN E 95 -91.87 -24.85 5.56
N GLY E 96 -90.73 -24.19 5.79
CA GLY E 96 -90.51 -23.41 6.98
C GLY E 96 -89.81 -24.10 8.12
N THR E 97 -89.58 -25.41 8.02
CA THR E 97 -88.90 -26.13 9.08
C THR E 97 -87.42 -25.76 9.11
N GLN E 98 -86.84 -25.79 10.31
CA GLN E 98 -85.45 -25.40 10.49
C GLN E 98 -84.51 -26.35 9.77
N ALA E 99 -83.33 -25.84 9.42
CA ALA E 99 -82.29 -26.63 8.76
C ALA E 99 -80.99 -26.44 9.51
N ASP E 100 -79.95 -27.16 9.06
CA ASP E 100 -78.65 -27.12 9.70
C ASP E 100 -77.59 -26.46 8.84
N ASP E 101 -78.00 -25.66 7.84
CA ASP E 101 -77.09 -24.99 6.90
C ASP E 101 -75.93 -25.90 6.48
N LEU E 102 -76.28 -27.01 5.82
CA LEU E 102 -75.32 -28.01 5.38
C LEU E 102 -74.25 -27.40 4.49
N VAL E 103 -74.62 -26.39 3.70
CA VAL E 103 -73.66 -25.78 2.78
C VAL E 103 -72.53 -25.10 3.54
N SER E 104 -72.84 -24.44 4.66
CA SER E 104 -71.79 -23.80 5.45
C SER E 104 -70.93 -24.84 6.15
N ALA E 105 -71.54 -25.92 6.63
CA ALA E 105 -70.78 -26.97 7.28
C ALA E 105 -69.81 -27.64 6.32
N ILE E 106 -70.23 -27.82 5.07
CA ILE E 106 -69.31 -28.38 4.07
C ILE E 106 -68.15 -27.43 3.81
N GLN E 107 -68.42 -26.13 3.67
CA GLN E 107 -67.36 -25.17 3.40
C GLN E 107 -66.36 -25.09 4.54
N GLN E 108 -66.85 -25.03 5.79
CA GLN E 108 -65.96 -24.87 6.92
C GLN E 108 -65.09 -26.11 7.14
N ASN E 109 -65.65 -27.29 6.89
CA ASN E 109 -64.94 -28.56 7.09
C ASN E 109 -65.45 -29.56 6.08
N ALA E 110 -64.54 -30.14 5.28
CA ALA E 110 -64.94 -31.03 4.20
C ALA E 110 -64.23 -32.38 4.20
N ASN E 111 -63.26 -32.60 5.07
CA ASN E 111 -62.56 -33.88 5.07
C ASN E 111 -63.41 -34.97 5.72
N HIS E 112 -64.34 -34.58 6.60
CA HIS E 112 -65.17 -35.56 7.29
C HIS E 112 -66.48 -35.80 6.55
N PHE E 113 -66.99 -34.76 5.89
CA PHE E 113 -68.24 -34.90 5.16
C PHE E 113 -68.10 -35.84 3.97
N THR E 114 -66.88 -36.00 3.44
CA THR E 114 -66.67 -36.99 2.39
C THR E 114 -66.98 -38.39 2.89
N GLU E 115 -66.48 -38.74 4.08
CA GLU E 115 -66.76 -40.06 4.64
C GLU E 115 -68.24 -40.19 5.01
N LEU E 116 -68.83 -39.12 5.56
CA LEU E 116 -70.26 -39.16 5.86
C LEU E 116 -71.08 -39.45 4.61
N PHE E 117 -70.77 -38.74 3.51
CA PHE E 117 -71.53 -38.94 2.28
C PHE E 117 -71.27 -40.32 1.68
N CYS E 118 -70.03 -40.82 1.81
CA CYS E 118 -69.75 -42.18 1.34
C CYS E 118 -70.58 -43.21 2.09
N ARG E 119 -70.69 -43.07 3.42
CA ARG E 119 -71.53 -43.98 4.18
C ARG E 119 -73.00 -43.87 3.78
N ALA E 120 -73.47 -42.63 3.56
CA ALA E 120 -74.85 -42.43 3.14
C ALA E 120 -75.13 -43.09 1.79
N ILE E 121 -74.18 -42.96 0.86
CA ILE E 121 -74.31 -43.63 -0.44
C ILE E 121 -74.31 -45.15 -0.26
N ASP E 122 -73.44 -45.66 0.60
CA ASP E 122 -73.35 -47.11 0.80
C ASP E 122 -74.65 -47.66 1.37
N ASN E 123 -75.30 -46.91 2.27
CA ASN E 123 -76.53 -47.40 2.87
C ASN E 123 -77.66 -47.54 1.86
N ASN E 124 -77.79 -46.59 0.93
CA ASN E 124 -78.91 -46.55 0.01
C ASN E 124 -78.53 -46.97 -1.41
N MET E 125 -77.54 -47.84 -1.56
CA MET E 125 -77.13 -48.26 -2.89
C MET E 125 -78.20 -49.16 -3.50
N PRO E 126 -78.70 -48.83 -4.69
CA PRO E 126 -79.72 -49.67 -5.33
C PRO E 126 -79.15 -50.99 -5.83
N LEU E 127 -80.06 -51.94 -6.02
CA LEU E 127 -79.67 -53.26 -6.50
C LEU E 127 -79.33 -53.20 -7.99
N PRO E 128 -78.44 -54.09 -8.46
CA PRO E 128 -78.18 -54.17 -9.91
C PRO E 128 -79.42 -54.58 -10.68
N THR E 129 -79.89 -53.71 -11.57
CA THR E 129 -81.17 -53.96 -12.23
C THR E 129 -81.00 -54.82 -13.48
N LYS E 130 -79.83 -54.80 -14.10
CA LYS E 130 -79.66 -55.49 -15.38
C LYS E 130 -78.18 -55.69 -15.66
N GLU E 131 -77.89 -56.74 -16.44
CA GLU E 131 -76.55 -57.05 -16.93
C GLU E 131 -75.53 -57.14 -15.79
N ILE E 132 -75.69 -58.18 -14.98
CA ILE E 132 -74.75 -58.42 -13.88
C ILE E 132 -73.34 -58.58 -14.42
N ASP E 133 -73.15 -59.45 -15.42
CA ASP E 133 -71.93 -59.52 -16.22
C ASP E 133 -70.67 -59.72 -15.36
N TYR E 134 -70.61 -60.86 -14.69
CA TYR E 134 -69.37 -61.25 -14.02
C TYR E 134 -68.50 -62.06 -14.98
N LYS E 135 -67.38 -61.48 -15.39
CA LYS E 135 -66.58 -62.15 -16.41
C LYS E 135 -65.21 -62.62 -15.91
N ASP E 136 -64.33 -61.68 -15.52
CA ASP E 136 -62.99 -62.05 -15.09
C ASP E 136 -62.48 -61.13 -13.99
N ASP E 137 -63.37 -60.55 -13.20
CA ASP E 137 -62.93 -59.59 -12.19
C ASP E 137 -62.34 -60.35 -11.00
N VAL E 138 -61.04 -60.14 -10.75
CA VAL E 138 -60.32 -60.89 -9.73
C VAL E 138 -60.91 -60.63 -8.34
N LEU E 139 -61.18 -59.36 -8.02
CA LEU E 139 -61.79 -59.04 -6.73
C LEU E 139 -63.16 -59.69 -6.60
N ASP E 140 -63.92 -59.72 -7.70
CA ASP E 140 -65.22 -60.37 -7.69
C ASP E 140 -65.08 -61.86 -7.40
N VAL E 141 -64.09 -62.51 -8.03
CA VAL E 141 -63.88 -63.93 -7.81
C VAL E 141 -63.48 -64.18 -6.35
N ILE E 142 -62.61 -63.34 -5.80
CA ILE E 142 -62.21 -63.49 -4.40
C ILE E 142 -63.43 -63.35 -3.49
N LEU E 143 -64.24 -62.31 -3.71
CA LEU E 143 -65.39 -62.08 -2.83
C LEU E 143 -66.40 -63.21 -2.94
N ASN E 144 -66.63 -63.71 -4.16
CA ASN E 144 -67.57 -64.82 -4.33
C ASN E 144 -67.04 -66.10 -3.69
N GLN E 145 -65.74 -66.35 -3.79
CA GLN E 145 -65.16 -67.51 -3.14
C GLN E 145 -65.22 -67.39 -1.63
N ARG E 146 -65.17 -66.16 -1.10
CA ARG E 146 -65.29 -65.99 0.35
C ARG E 146 -66.64 -66.47 0.86
N ARG E 147 -67.70 -66.19 0.10
CA ARG E 147 -69.06 -66.45 0.58
C ARG E 147 -69.28 -67.92 0.90
N LEU E 148 -68.88 -68.80 -0.01
CA LEU E 148 -69.14 -70.23 0.16
C LEU E 148 -68.46 -70.77 1.42
N ARG E 149 -67.18 -70.46 1.59
CA ARG E 149 -66.44 -71.01 2.72
C ARG E 149 -66.89 -70.37 4.03
N ASN E 150 -67.22 -69.07 4.00
CA ASN E 150 -67.65 -68.41 5.23
C ASN E 150 -69.01 -68.92 5.69
N GLU E 151 -69.95 -69.10 4.76
CA GLU E 151 -71.28 -69.55 5.13
C GLU E 151 -71.29 -71.03 5.48
N ARG E 152 -70.60 -71.86 4.70
CA ARG E 152 -70.60 -73.30 4.95
C ARG E 152 -69.89 -73.63 6.26
N MET E 153 -68.77 -72.98 6.54
CA MET E 153 -68.02 -73.24 7.76
C MET E 153 -68.47 -72.32 8.89
N LEU E 191 -67.99 -57.57 7.34
CA LEU E 191 -67.10 -57.24 8.45
C LEU E 191 -65.78 -56.69 7.92
N PHE E 192 -65.45 -57.02 6.68
CA PHE E 192 -64.27 -56.47 6.04
C PHE E 192 -64.46 -54.98 5.80
N PRO E 193 -63.36 -54.22 5.67
CA PRO E 193 -63.48 -52.78 5.44
C PRO E 193 -64.32 -52.48 4.22
N PRO E 194 -65.35 -51.63 4.36
CA PRO E 194 -66.26 -51.38 3.24
C PRO E 194 -65.58 -50.78 2.02
N ASN E 195 -64.53 -49.97 2.23
CA ASN E 195 -63.88 -49.29 1.11
C ASN E 195 -63.38 -50.26 0.05
N LEU E 196 -63.11 -51.51 0.44
CA LEU E 196 -62.67 -52.51 -0.52
C LEU E 196 -63.74 -52.77 -1.58
N THR E 197 -65.00 -52.84 -1.17
CA THR E 197 -66.09 -53.09 -2.10
C THR E 197 -66.51 -51.85 -2.89
N ARG E 198 -65.99 -50.68 -2.53
CA ARG E 198 -66.38 -49.45 -3.21
C ARG E 198 -65.69 -49.35 -4.58
N ARG E 199 -66.39 -48.72 -5.52
CA ARG E 199 -65.81 -48.34 -6.81
C ARG E 199 -65.97 -46.86 -7.12
N TYR E 200 -67.06 -46.23 -6.71
CA TYR E 200 -67.29 -44.85 -7.05
C TYR E 200 -66.34 -43.93 -6.28
N PHE E 201 -66.12 -42.75 -6.86
CA PHE E 201 -65.32 -41.70 -6.23
C PHE E 201 -66.21 -40.50 -5.99
N LEU E 202 -66.09 -39.89 -4.82
CA LEU E 202 -66.96 -38.80 -4.40
C LEU E 202 -66.21 -37.48 -4.50
N TYR E 203 -66.78 -36.53 -5.25
CA TYR E 203 -66.20 -35.20 -5.44
C TYR E 203 -67.27 -34.16 -5.14
N PHE E 204 -66.83 -33.01 -4.62
CA PHE E 204 -67.74 -31.90 -4.41
C PHE E 204 -67.59 -30.88 -5.53
N LYS E 205 -68.66 -30.10 -5.75
CA LYS E 205 -68.64 -29.06 -6.76
C LYS E 205 -68.84 -27.71 -6.10
N PRO E 206 -67.97 -26.73 -6.34
CA PRO E 206 -68.06 -25.45 -5.64
C PRO E 206 -69.36 -24.73 -5.95
N LEU E 207 -69.66 -23.72 -5.14
CA LEU E 207 -70.88 -22.96 -5.31
C LEU E 207 -70.82 -22.10 -6.57
N SER E 208 -71.97 -21.62 -6.99
CA SER E 208 -72.09 -20.72 -8.14
C SER E 208 -72.56 -19.36 -7.67
N GLN E 209 -71.90 -18.32 -8.17
CA GLN E 209 -72.27 -16.96 -7.80
C GLN E 209 -73.67 -16.62 -8.30
N ASN E 210 -74.06 -17.17 -9.45
CA ASN E 210 -75.39 -16.91 -10.00
C ASN E 210 -76.48 -17.42 -9.06
N CYS E 211 -76.37 -18.67 -8.63
CA CYS E 211 -77.32 -19.21 -7.66
C CYS E 211 -77.21 -18.49 -6.33
N ALA E 212 -75.98 -18.17 -5.91
CA ALA E 212 -75.79 -17.41 -4.68
C ALA E 212 -76.50 -16.07 -4.76
N ARG E 213 -76.20 -15.27 -5.79
CA ARG E 213 -76.89 -14.00 -5.94
C ARG E 213 -78.40 -14.18 -6.06
N ARG E 214 -78.82 -15.33 -6.60
CA ARG E 214 -80.25 -15.63 -6.65
C ARG E 214 -80.84 -15.77 -5.26
N TYR E 215 -80.11 -16.38 -4.32
CA TYR E 215 -80.57 -16.52 -2.95
C TYR E 215 -79.64 -15.88 -1.93
N ARG E 216 -78.82 -14.90 -2.35
CA ARG E 216 -77.93 -14.15 -1.46
C ARG E 216 -76.92 -15.12 -0.81
N LYS E 217 -76.82 -15.11 0.51
CA LYS E 217 -76.06 -16.08 1.29
C LYS E 217 -74.55 -15.95 1.03
N LYS E 218 -74.17 -15.11 0.05
CA LYS E 218 -72.78 -14.88 -0.33
C LYS E 218 -72.11 -16.18 -0.74
N ALA E 219 -70.82 -16.15 -1.07
CA ALA E 219 -70.12 -17.37 -1.46
C ALA E 219 -68.63 -17.20 -1.19
N ILE E 220 -68.00 -18.26 -0.69
CA ILE E 220 -66.58 -18.24 -0.39
C ILE E 220 -65.80 -19.35 -1.08
N SER E 221 -66.43 -20.48 -1.41
CA SER E 221 -65.68 -21.65 -1.85
C SER E 221 -65.18 -21.51 -3.28
N SER E 222 -65.90 -20.73 -4.11
CA SER E 222 -65.60 -20.67 -5.54
C SER E 222 -64.91 -19.37 -5.94
N LYS E 223 -64.54 -18.53 -4.98
CA LYS E 223 -63.90 -17.26 -5.32
C LYS E 223 -62.49 -17.52 -5.85
N PRO E 224 -62.13 -16.98 -7.01
CA PRO E 224 -60.80 -17.22 -7.60
C PRO E 224 -59.67 -16.52 -6.86
N LEU E 225 -59.23 -17.12 -5.75
CA LEU E 225 -58.05 -16.61 -5.05
C LEU E 225 -56.79 -17.00 -5.80
N SER E 226 -55.67 -16.45 -5.34
CA SER E 226 -54.35 -16.79 -5.87
C SER E 226 -53.60 -17.66 -4.88
N VAL E 227 -52.38 -18.04 -5.27
CA VAL E 227 -51.50 -18.77 -4.37
C VAL E 227 -51.08 -17.90 -3.20
N ARG E 228 -50.88 -16.61 -3.45
CA ARG E 228 -50.37 -15.71 -2.42
C ARG E 228 -51.45 -15.37 -1.40
N GLN E 229 -52.70 -15.24 -1.85
CA GLN E 229 -53.80 -14.92 -0.94
C GLN E 229 -54.22 -16.09 -0.07
N ILE E 230 -53.57 -17.25 -0.19
CA ILE E 230 -53.89 -18.40 0.63
C ILE E 230 -53.15 -18.28 1.96
N LYS E 231 -53.86 -17.91 3.01
CA LYS E 231 -53.27 -17.77 4.33
C LYS E 231 -53.47 -19.06 5.12
N GLY E 232 -52.98 -19.09 6.36
CA GLY E 232 -53.16 -20.23 7.22
C GLY E 232 -54.51 -20.31 7.90
N ASP E 233 -55.34 -19.29 7.72
CA ASP E 233 -56.69 -19.29 8.27
C ASP E 233 -57.68 -20.05 7.40
N PHE E 234 -57.31 -20.39 6.17
CA PHE E 234 -58.17 -21.10 5.25
C PHE E 234 -57.93 -22.61 5.26
N LEU E 235 -57.07 -23.09 6.14
CA LEU E 235 -56.79 -24.52 6.19
C LEU E 235 -58.02 -25.31 6.62
N GLY E 236 -58.22 -26.46 6.00
CA GLY E 236 -59.35 -27.30 6.30
C GLY E 236 -60.66 -26.85 5.71
N GLN E 237 -60.63 -26.02 4.67
CA GLN E 237 -61.84 -25.53 4.03
C GLN E 237 -61.82 -25.89 2.54
N LEU E 238 -62.92 -25.60 1.88
CA LEU E 238 -63.06 -25.80 0.43
C LEU E 238 -62.90 -24.45 -0.25
N ILE E 239 -61.84 -24.30 -1.06
CA ILE E 239 -61.53 -23.05 -1.73
C ILE E 239 -61.13 -23.33 -3.17
N THR E 240 -61.01 -22.25 -3.94
CA THR E 240 -60.63 -22.32 -5.35
C THR E 240 -59.43 -21.42 -5.60
N VAL E 241 -58.53 -21.87 -6.49
CA VAL E 241 -57.29 -21.17 -6.77
C VAL E 241 -57.13 -21.04 -8.27
N ARG E 242 -56.74 -19.85 -8.74
CA ARG E 242 -56.50 -19.59 -10.15
C ARG E 242 -55.01 -19.49 -10.39
N GLY E 243 -54.51 -20.21 -11.39
CA GLY E 243 -53.10 -20.19 -11.72
C GLY E 243 -52.83 -20.97 -12.99
N ILE E 244 -51.55 -21.17 -13.27
CA ILE E 244 -51.09 -21.89 -14.44
C ILE E 244 -50.36 -23.15 -13.98
N ILE E 245 -50.65 -24.27 -14.62
CA ILE E 245 -50.00 -25.53 -14.27
C ILE E 245 -48.63 -25.58 -14.91
N THR E 246 -47.61 -25.90 -14.11
CA THR E 246 -46.25 -25.96 -14.60
C THR E 246 -45.68 -27.37 -14.68
N ARG E 247 -45.94 -28.22 -13.69
CA ARG E 247 -45.38 -29.56 -13.67
C ARG E 247 -46.47 -30.56 -13.32
N VAL E 248 -46.49 -31.68 -14.05
CA VAL E 248 -47.39 -32.79 -13.80
C VAL E 248 -46.58 -34.09 -13.85
N SER E 249 -46.86 -34.99 -12.91
CA SER E 249 -46.13 -36.23 -12.77
C SER E 249 -46.95 -37.40 -13.32
N ASP E 250 -46.30 -38.56 -13.40
CA ASP E 250 -46.95 -39.75 -13.91
C ASP E 250 -47.95 -40.29 -12.89
N VAL E 251 -48.80 -41.21 -13.35
CA VAL E 251 -49.80 -41.81 -12.47
C VAL E 251 -49.22 -43.07 -11.84
N LYS E 252 -49.33 -43.17 -10.53
CA LYS E 252 -48.80 -44.28 -9.75
C LYS E 252 -49.89 -44.80 -8.83
N PRO E 253 -49.81 -46.07 -8.42
CA PRO E 253 -50.85 -46.63 -7.54
C PRO E 253 -50.55 -46.41 -6.06
N ALA E 254 -51.57 -46.00 -5.32
CA ALA E 254 -51.47 -45.82 -3.88
C ALA E 254 -52.39 -46.81 -3.19
N VAL E 255 -51.89 -47.47 -2.15
CA VAL E 255 -52.65 -48.51 -1.47
C VAL E 255 -53.72 -47.88 -0.61
N GLU E 256 -54.89 -48.50 -0.57
CA GLU E 256 -55.98 -48.11 0.30
C GLU E 256 -56.35 -49.22 1.29
N VAL E 257 -56.55 -50.44 0.80
CA VAL E 257 -56.76 -51.61 1.63
C VAL E 257 -55.75 -52.67 1.21
N ILE E 258 -55.00 -53.20 2.17
CA ILE E 258 -53.95 -54.18 1.92
C ILE E 258 -54.40 -55.52 2.45
N ALA E 259 -54.27 -56.57 1.63
CA ALA E 259 -54.68 -57.91 1.97
C ALA E 259 -53.45 -58.81 2.09
N TYR E 260 -53.35 -59.51 3.20
CA TYR E 260 -52.27 -60.45 3.48
C TYR E 260 -52.79 -61.87 3.46
N THR E 261 -52.06 -62.76 2.78
CA THR E 261 -52.38 -64.17 2.76
C THR E 261 -51.54 -64.88 3.82
N CYS E 262 -52.17 -65.86 4.50
CA CYS E 262 -51.60 -66.44 5.71
C CYS E 262 -51.57 -67.96 5.58
N ASP E 263 -50.56 -68.48 4.86
CA ASP E 263 -50.13 -69.88 4.92
C ASP E 263 -51.28 -70.86 5.16
N GLN E 264 -52.38 -70.65 4.44
CA GLN E 264 -53.63 -71.38 4.67
C GLN E 264 -54.01 -71.40 6.16
N CYS E 265 -53.83 -70.26 6.82
CA CYS E 265 -54.24 -70.07 8.21
C CYS E 265 -55.46 -69.16 8.21
N GLY E 266 -56.63 -69.70 8.57
CA GLY E 266 -57.83 -68.90 8.51
C GLY E 266 -58.06 -68.40 7.11
N TYR E 267 -57.86 -67.10 6.91
CA TYR E 267 -57.94 -66.50 5.58
C TYR E 267 -57.24 -65.15 5.60
N GLU E 268 -57.21 -64.52 4.43
CA GLU E 268 -56.47 -63.27 4.25
C GLU E 268 -57.02 -62.17 5.14
N VAL E 269 -56.12 -61.34 5.66
CA VAL E 269 -56.50 -60.25 6.56
C VAL E 269 -56.37 -58.92 5.81
N PHE E 270 -57.22 -57.97 6.19
CA PHE E 270 -57.31 -56.68 5.52
C PHE E 270 -56.90 -55.60 6.52
N GLN E 271 -56.06 -54.66 6.10
CA GLN E 271 -55.78 -53.47 6.88
C GLN E 271 -55.95 -52.22 6.01
N GLU E 272 -56.52 -51.18 6.59
CA GLU E 272 -56.63 -49.91 5.91
C GLU E 272 -55.41 -49.04 6.18
N VAL E 273 -55.08 -48.20 5.20
CA VAL E 273 -53.98 -47.25 5.31
C VAL E 273 -54.54 -45.85 5.12
N ASN E 274 -54.34 -44.98 6.12
CA ASN E 274 -54.84 -43.61 6.08
C ASN E 274 -53.70 -42.59 6.08
N SER E 275 -52.47 -43.05 5.82
CA SER E 275 -51.33 -42.14 5.76
C SER E 275 -50.48 -42.45 4.55
N ARG E 276 -49.36 -41.75 4.40
CA ARG E 276 -48.42 -42.00 3.32
C ARG E 276 -47.39 -43.05 3.68
N THR E 277 -47.47 -43.63 4.88
CA THR E 277 -46.46 -44.53 5.39
C THR E 277 -47.10 -45.50 6.37
N PHE E 278 -46.70 -46.77 6.30
CA PHE E 278 -47.37 -47.81 7.06
C PHE E 278 -46.39 -48.92 7.43
N THR E 279 -46.88 -49.88 8.22
CA THR E 279 -46.08 -51.03 8.64
C THR E 279 -46.83 -52.32 8.35
N PRO E 280 -46.15 -53.35 7.84
CA PRO E 280 -46.83 -54.62 7.58
C PRO E 280 -47.22 -55.34 8.86
N LEU E 281 -48.24 -56.18 8.77
CA LEU E 281 -48.72 -56.91 9.95
C LEU E 281 -47.78 -58.04 10.33
N SER E 282 -47.62 -59.01 9.42
CA SER E 282 -46.66 -60.12 9.58
C SER E 282 -46.88 -60.90 10.88
N GLU E 283 -48.13 -61.16 11.22
CA GLU E 283 -48.46 -62.04 12.34
C GLU E 283 -49.92 -62.44 12.22
N CYS E 284 -50.16 -63.76 12.19
CA CYS E 284 -51.48 -64.31 11.97
C CYS E 284 -52.19 -64.51 13.31
N THR E 285 -53.33 -63.84 13.48
CA THR E 285 -54.05 -63.83 14.74
C THR E 285 -55.38 -64.57 14.67
N SER E 286 -55.63 -65.36 13.62
CA SER E 286 -56.89 -66.05 13.50
C SER E 286 -57.01 -67.15 14.56
N GLU E 287 -58.24 -67.64 14.73
CA GLU E 287 -58.50 -68.65 15.76
C GLU E 287 -57.70 -69.93 15.49
N GLU E 288 -57.64 -70.35 14.22
CA GLU E 288 -56.83 -71.51 13.88
C GLU E 288 -55.34 -71.18 13.98
N CYS E 289 -54.99 -69.92 13.76
CA CYS E 289 -53.60 -69.48 13.85
C CYS E 289 -53.16 -69.20 15.29
N SER E 290 -54.04 -69.38 16.26
CA SER E 290 -53.69 -69.11 17.66
C SER E 290 -52.74 -70.17 18.23
N GLN E 291 -52.50 -71.25 17.49
CA GLN E 291 -51.64 -72.31 17.99
C GLN E 291 -50.20 -71.81 18.15
N ASN E 292 -49.52 -72.35 19.16
CA ASN E 292 -48.31 -71.69 19.70
C ASN E 292 -47.10 -71.85 18.78
N GLN E 293 -47.08 -72.88 17.93
CA GLN E 293 -45.89 -73.19 17.16
C GLN E 293 -45.51 -72.03 16.23
N THR E 294 -44.21 -71.73 16.18
CA THR E 294 -43.72 -70.73 15.24
C THR E 294 -43.93 -71.22 13.81
N LYS E 295 -44.58 -70.39 13.01
CA LYS E 295 -45.18 -70.87 11.76
C LYS E 295 -44.93 -69.96 10.55
N GLY E 296 -44.55 -68.72 10.74
CA GLY E 296 -44.26 -67.89 9.60
C GLY E 296 -45.11 -66.62 9.58
N GLN E 297 -44.56 -65.57 8.97
CA GLN E 297 -45.23 -64.28 8.94
C GLN E 297 -46.12 -64.16 7.72
N LEU E 298 -46.82 -63.03 7.65
CA LEU E 298 -47.74 -62.77 6.54
C LEU E 298 -47.01 -62.35 5.28
N PHE E 299 -47.59 -62.69 4.13
CA PHE E 299 -47.11 -62.27 2.83
C PHE E 299 -48.21 -61.49 2.13
N MET E 300 -47.84 -60.38 1.49
CA MET E 300 -48.83 -59.53 0.84
C MET E 300 -49.30 -60.15 -0.47
N SER E 301 -50.59 -59.96 -0.75
CA SER E 301 -51.19 -60.39 -2.01
C SER E 301 -51.72 -59.16 -2.73
N THR E 302 -51.17 -58.90 -3.92
CA THR E 302 -51.53 -57.68 -4.64
C THR E 302 -52.92 -57.78 -5.26
N ARG E 303 -53.35 -58.98 -5.65
CA ARG E 303 -54.60 -59.12 -6.37
C ARG E 303 -55.80 -58.80 -5.49
N ALA E 304 -55.75 -59.19 -4.22
CA ALA E 304 -56.85 -58.95 -3.29
C ALA E 304 -56.78 -57.59 -2.62
N SER E 305 -55.79 -56.77 -2.95
CA SER E 305 -55.63 -55.45 -2.36
C SER E 305 -56.21 -54.39 -3.29
N LYS E 306 -56.66 -53.28 -2.70
CA LYS E 306 -57.29 -52.20 -3.45
C LYS E 306 -56.29 -51.05 -3.61
N PHE E 307 -56.08 -50.63 -4.86
CA PHE E 307 -55.19 -49.52 -5.17
C PHE E 307 -56.01 -48.32 -5.65
N SER E 308 -55.32 -47.22 -5.88
CA SER E 308 -55.94 -46.00 -6.37
C SER E 308 -54.93 -45.22 -7.21
N ALA E 309 -55.45 -44.48 -8.19
CA ALA E 309 -54.61 -43.65 -9.03
C ALA E 309 -54.34 -42.32 -8.33
N PHE E 310 -53.05 -41.96 -8.25
CA PHE E 310 -52.62 -40.76 -7.57
C PHE E 310 -51.76 -39.93 -8.51
N GLN E 311 -51.92 -38.60 -8.42
CA GLN E 311 -51.12 -37.70 -9.23
C GLN E 311 -50.88 -36.40 -8.47
N GLU E 312 -49.68 -35.83 -8.64
CA GLU E 312 -49.30 -34.60 -7.98
C GLU E 312 -48.84 -33.58 -9.01
N CYS E 313 -49.22 -32.32 -8.80
CA CYS E 313 -48.93 -31.24 -9.73
C CYS E 313 -48.55 -30.00 -8.93
N LYS E 314 -47.95 -29.04 -9.62
CA LYS E 314 -47.58 -27.76 -9.03
C LYS E 314 -48.18 -26.62 -9.84
N ILE E 315 -48.84 -25.70 -9.16
CA ILE E 315 -49.48 -24.55 -9.78
C ILE E 315 -48.72 -23.30 -9.36
N GLN E 316 -48.56 -22.36 -10.28
CA GLN E 316 -47.73 -21.17 -10.06
C GLN E 316 -48.57 -19.91 -10.30
N GLU E 317 -48.24 -18.87 -9.56
CA GLU E 317 -48.99 -17.63 -9.61
C GLU E 317 -48.78 -16.92 -10.94
N LEU E 318 -49.86 -16.34 -11.47
CA LEU E 318 -49.79 -15.63 -12.74
C LEU E 318 -49.03 -14.32 -12.59
N SER E 319 -48.37 -13.92 -13.68
CA SER E 319 -47.52 -12.73 -13.64
C SER E 319 -48.32 -11.47 -13.35
N GLN E 320 -49.60 -11.45 -13.70
CA GLN E 320 -50.41 -10.26 -13.48
C GLN E 320 -50.65 -10.00 -12.00
N GLN E 321 -50.74 -11.05 -11.20
CA GLN E 321 -51.12 -10.95 -9.81
C GLN E 321 -49.93 -10.79 -8.87
N VAL E 322 -48.71 -10.88 -9.37
CA VAL E 322 -47.53 -10.69 -8.51
C VAL E 322 -47.31 -9.20 -8.27
N PRO E 323 -47.14 -8.75 -7.03
CA PRO E 323 -46.77 -7.35 -6.80
C PRO E 323 -45.33 -7.07 -7.20
N VAL E 324 -45.03 -5.77 -7.32
CA VAL E 324 -43.73 -5.36 -7.81
C VAL E 324 -42.65 -5.70 -6.78
N GLY E 325 -41.51 -6.19 -7.26
CA GLY E 325 -40.39 -6.50 -6.41
C GLY E 325 -40.42 -7.87 -5.76
N HIS E 326 -41.42 -8.69 -6.06
CA HIS E 326 -41.57 -9.99 -5.44
C HIS E 326 -41.38 -11.10 -6.46
N ILE E 327 -41.24 -12.33 -5.94
CA ILE E 327 -41.07 -13.52 -6.76
C ILE E 327 -42.31 -14.40 -6.61
N PRO E 328 -42.84 -14.95 -7.70
CA PRO E 328 -44.08 -15.74 -7.59
C PRO E 328 -43.91 -16.99 -6.73
N ARG E 329 -44.98 -17.37 -6.06
CA ARG E 329 -45.01 -18.56 -5.23
C ARG E 329 -45.64 -19.73 -5.98
N SER E 330 -45.67 -20.89 -5.32
CA SER E 330 -46.20 -22.10 -5.92
C SER E 330 -47.00 -22.89 -4.89
N LEU E 331 -47.90 -23.73 -5.38
CA LEU E 331 -48.77 -24.54 -4.53
C LEU E 331 -48.81 -25.96 -5.09
N ASN E 332 -48.99 -26.94 -4.20
CA ASN E 332 -49.02 -28.34 -4.60
C ASN E 332 -50.45 -28.86 -4.62
N ILE E 333 -50.77 -29.68 -5.63
CA ILE E 333 -52.09 -30.24 -5.83
C ILE E 333 -51.98 -31.76 -5.91
N HIS E 334 -52.83 -32.45 -5.16
CA HIS E 334 -52.93 -33.90 -5.19
C HIS E 334 -54.31 -34.29 -5.72
N VAL E 335 -54.34 -35.22 -6.67
CA VAL E 335 -55.60 -35.67 -7.28
C VAL E 335 -55.62 -37.20 -7.26
N ASN E 336 -56.74 -37.76 -6.80
CA ASN E 336 -56.95 -39.19 -6.73
C ASN E 336 -58.29 -39.53 -7.38
N GLY E 337 -58.33 -40.62 -8.14
CA GLY E 337 -59.59 -41.10 -8.69
C GLY E 337 -59.70 -40.96 -10.19
N THR E 338 -60.93 -40.78 -10.67
CA THR E 338 -61.14 -40.61 -12.11
C THR E 338 -60.77 -39.21 -12.57
N LEU E 339 -60.62 -38.27 -11.62
CA LEU E 339 -60.23 -36.91 -11.96
C LEU E 339 -58.78 -36.82 -12.43
N VAL E 340 -58.01 -37.90 -12.29
CA VAL E 340 -56.62 -37.92 -12.73
C VAL E 340 -56.54 -37.66 -14.23
N ARG E 341 -55.47 -36.97 -14.65
CA ARG E 341 -55.11 -36.62 -16.02
C ARG E 341 -55.95 -35.46 -16.54
N SER E 342 -56.67 -34.73 -15.68
CA SER E 342 -57.46 -33.60 -16.14
C SER E 342 -56.60 -32.38 -16.41
N LEU E 343 -55.41 -32.31 -15.82
CA LEU E 343 -54.53 -31.17 -15.93
C LEU E 343 -53.26 -31.56 -16.66
N SER E 344 -52.79 -30.68 -17.53
CA SER E 344 -51.57 -30.84 -18.30
C SER E 344 -50.72 -29.60 -18.16
N PRO E 345 -49.40 -29.72 -18.33
CA PRO E 345 -48.53 -28.53 -18.22
C PRO E 345 -48.90 -27.46 -19.23
N GLY E 346 -48.83 -26.21 -18.80
CA GLY E 346 -49.10 -25.07 -19.65
C GLY E 346 -50.54 -24.63 -19.72
N ASP E 347 -51.39 -25.07 -18.78
CA ASP E 347 -52.80 -24.73 -18.79
C ASP E 347 -53.11 -23.75 -17.66
N ILE E 348 -53.91 -22.73 -17.98
CA ILE E 348 -54.41 -21.78 -16.98
C ILE E 348 -55.80 -22.25 -16.57
N VAL E 349 -55.94 -22.66 -15.31
CA VAL E 349 -57.13 -23.36 -14.84
C VAL E 349 -57.57 -22.77 -13.52
N ASP E 350 -58.78 -23.13 -13.11
CA ASP E 350 -59.33 -22.75 -11.81
C ASP E 350 -59.69 -24.03 -11.06
N VAL E 351 -58.87 -24.39 -10.07
CA VAL E 351 -58.95 -25.67 -9.39
C VAL E 351 -59.59 -25.48 -8.03
N THR E 352 -60.57 -26.31 -7.71
CA THR E 352 -61.24 -26.31 -6.41
C THR E 352 -60.82 -27.54 -5.62
N GLY E 353 -60.73 -27.40 -4.30
CA GLY E 353 -60.34 -28.53 -3.49
C GLY E 353 -60.27 -28.17 -2.02
N ILE E 354 -59.77 -29.12 -1.24
CA ILE E 354 -59.60 -28.96 0.20
C ILE E 354 -58.14 -28.68 0.50
N PHE E 355 -57.89 -27.65 1.32
CA PHE E 355 -56.55 -27.22 1.65
C PHE E 355 -56.13 -27.85 2.97
N LEU E 356 -55.19 -28.78 2.91
CA LEU E 356 -54.88 -29.63 4.06
C LEU E 356 -53.41 -29.53 4.44
N PRO E 357 -53.09 -29.77 5.72
CA PRO E 357 -51.69 -29.73 6.15
C PRO E 357 -50.97 -31.05 5.97
N ALA E 358 -49.80 -31.02 5.35
CA ALA E 358 -48.97 -32.20 5.22
C ALA E 358 -48.22 -32.46 6.51
N PRO E 359 -47.88 -33.72 6.80
CA PRO E 359 -47.24 -34.01 8.09
C PRO E 359 -45.79 -33.57 8.20
N TYR E 360 -45.06 -33.49 7.08
CA TYR E 360 -43.67 -33.02 7.04
C TYR E 360 -42.74 -33.90 7.89
N THR E 361 -43.15 -35.12 8.19
CA THR E 361 -42.36 -35.98 9.07
C THR E 361 -41.14 -36.54 8.34
N GLY E 362 -40.43 -37.43 9.03
CA GLY E 362 -39.20 -37.96 8.51
C GLY E 362 -38.00 -37.13 8.95
N PHE E 363 -37.04 -37.02 8.03
CA PHE E 363 -35.91 -36.13 8.27
C PHE E 363 -36.35 -34.67 8.18
N LYS E 364 -35.51 -33.79 8.72
CA LYS E 364 -35.67 -32.33 8.71
C LYS E 364 -37.00 -31.89 9.30
N ALA E 365 -37.72 -32.81 9.95
CA ALA E 365 -38.93 -32.44 10.67
C ALA E 365 -38.59 -31.82 12.02
N LEU E 366 -37.49 -32.28 12.64
CA LEU E 366 -37.14 -31.82 13.98
C LEU E 366 -36.81 -30.34 13.99
N LYS E 367 -36.09 -29.86 12.98
CA LYS E 367 -35.69 -28.46 12.94
C LYS E 367 -36.91 -27.55 12.83
N ALA E 368 -37.90 -27.94 12.03
CA ALA E 368 -39.11 -27.13 11.91
C ALA E 368 -39.89 -27.12 13.22
N GLY E 369 -40.13 -28.29 13.81
CA GLY E 369 -40.83 -28.37 15.08
C GLY E 369 -42.33 -28.27 14.93
N LEU E 370 -42.84 -27.06 14.67
CA LEU E 370 -44.26 -26.84 14.50
C LEU E 370 -44.60 -26.27 13.13
N LEU E 371 -43.66 -26.30 12.19
CA LEU E 371 -43.90 -25.86 10.83
C LEU E 371 -44.34 -27.05 9.97
N THR E 372 -45.33 -26.82 9.13
CA THR E 372 -45.92 -27.87 8.30
C THR E 372 -45.91 -27.45 6.84
N GLU E 373 -45.92 -28.45 5.96
CA GLU E 373 -46.17 -28.24 4.54
C GLU E 373 -47.67 -28.08 4.34
N THR E 374 -48.09 -28.07 3.07
CA THR E 374 -49.51 -27.99 2.77
C THR E 374 -49.72 -28.49 1.34
N TYR E 375 -50.97 -28.81 1.03
CA TYR E 375 -51.34 -29.25 -0.31
C TYR E 375 -52.83 -29.08 -0.49
N LEU E 376 -53.27 -29.22 -1.73
CA LEU E 376 -54.68 -29.08 -2.09
C LEU E 376 -55.18 -30.37 -2.72
N GLU E 377 -56.13 -31.02 -2.07
CA GLU E 377 -56.82 -32.19 -2.62
C GLU E 377 -57.85 -31.69 -3.62
N ALA E 378 -57.63 -32.00 -4.91
CA ALA E 378 -58.44 -31.43 -5.97
C ALA E 378 -59.74 -32.20 -6.13
N GLN E 379 -60.81 -31.48 -6.46
CA GLN E 379 -62.13 -32.08 -6.66
C GLN E 379 -62.87 -31.59 -7.89
N PHE E 380 -62.43 -30.48 -8.50
CA PHE E 380 -63.09 -29.96 -9.68
C PHE E 380 -62.08 -29.19 -10.52
N VAL E 381 -62.31 -29.16 -11.82
CA VAL E 381 -61.42 -28.49 -12.77
C VAL E 381 -62.26 -27.66 -13.72
N ARG E 382 -61.87 -26.39 -13.91
CA ARG E 382 -62.53 -25.48 -14.85
C ARG E 382 -61.45 -24.82 -15.70
N GLN E 383 -61.16 -25.42 -16.86
CA GLN E 383 -60.21 -24.81 -17.77
C GLN E 383 -60.82 -23.57 -18.42
N HIS E 384 -60.08 -22.46 -18.36
CA HIS E 384 -60.61 -21.19 -18.86
C HIS E 384 -60.84 -21.23 -20.36
N LYS E 385 -59.90 -21.78 -21.11
CA LYS E 385 -60.01 -21.83 -22.56
C LYS E 385 -59.49 -23.15 -23.12
N SER E 392 -60.30 -31.34 -37.39
CA SER E 392 -61.56 -32.07 -37.44
C SER E 392 -62.18 -31.99 -38.83
N LEU E 393 -62.89 -33.06 -39.22
CA LEU E 393 -63.56 -33.13 -40.51
C LEU E 393 -65.07 -33.18 -40.26
N THR E 394 -65.75 -32.10 -40.63
CA THR E 394 -67.20 -31.99 -40.42
C THR E 394 -67.74 -31.08 -41.53
N SER E 395 -69.06 -31.16 -41.73
CA SER E 395 -69.68 -30.34 -42.78
C SER E 395 -69.41 -28.85 -42.56
N ASP E 396 -69.27 -28.43 -41.30
CA ASP E 396 -68.97 -27.02 -41.03
C ASP E 396 -67.65 -26.60 -41.66
N VAL E 397 -66.58 -27.34 -41.38
CA VAL E 397 -65.29 -26.99 -41.97
C VAL E 397 -65.27 -27.34 -43.45
N GLU E 398 -66.16 -28.25 -43.89
CA GLU E 398 -66.30 -28.51 -45.32
C GLU E 398 -66.87 -27.30 -46.04
N GLU E 399 -67.73 -26.53 -45.37
CA GLU E 399 -68.32 -25.34 -45.95
C GLU E 399 -67.49 -24.09 -45.73
N ARG E 400 -66.66 -24.05 -44.68
CA ARG E 400 -65.79 -22.89 -44.46
C ARG E 400 -64.82 -22.70 -45.62
N VAL E 401 -64.21 -23.79 -46.09
CA VAL E 401 -63.26 -23.69 -47.19
C VAL E 401 -63.97 -23.26 -48.48
N MET E 402 -65.19 -23.75 -48.69
CA MET E 402 -65.96 -23.32 -49.86
C MET E 402 -66.30 -21.84 -49.77
N GLU E 403 -66.65 -21.36 -48.57
CA GLU E 403 -66.92 -19.94 -48.39
C GLU E 403 -65.68 -19.10 -48.69
N LEU E 404 -64.52 -19.54 -48.20
CA LEU E 404 -63.29 -18.78 -48.45
C LEU E 404 -62.92 -18.82 -49.93
N ILE E 405 -63.21 -19.93 -50.61
CA ILE E 405 -62.99 -19.99 -52.06
C ILE E 405 -63.90 -19.00 -52.78
N THR E 406 -65.18 -18.96 -52.40
CA THR E 406 -66.11 -18.02 -53.02
C THR E 406 -65.73 -16.58 -52.70
N SER E 407 -65.01 -16.36 -51.60
CA SER E 407 -64.56 -15.02 -51.26
C SER E 407 -63.62 -14.48 -52.33
N GLY E 408 -62.71 -15.32 -52.83
CA GLY E 408 -61.79 -14.89 -53.86
C GLY E 408 -60.60 -14.13 -53.30
N ASP E 409 -59.64 -13.87 -54.19
CA ASP E 409 -58.41 -13.17 -53.84
C ASP E 409 -57.73 -13.83 -52.65
N VAL E 410 -57.69 -15.17 -52.65
CA VAL E 410 -57.16 -15.90 -51.50
C VAL E 410 -55.68 -15.58 -51.28
N TYR E 411 -54.90 -15.54 -52.37
CA TYR E 411 -53.47 -15.31 -52.27
C TYR E 411 -53.17 -13.98 -51.59
N ASN E 412 -53.64 -12.88 -52.19
CA ASN E 412 -53.31 -11.55 -51.69
C ASN E 412 -53.88 -11.32 -50.29
N ARG E 413 -55.12 -11.75 -50.05
CA ARG E 413 -55.73 -11.52 -48.75
C ARG E 413 -55.04 -12.33 -47.66
N LEU E 414 -54.69 -13.58 -47.97
CA LEU E 414 -53.96 -14.41 -47.02
C LEU E 414 -52.61 -13.79 -46.68
N ALA E 415 -51.89 -13.29 -47.69
CA ALA E 415 -50.61 -12.65 -47.42
C ALA E 415 -50.79 -11.36 -46.62
N LYS E 416 -51.83 -10.58 -46.94
CA LYS E 416 -52.00 -9.26 -46.36
C LYS E 416 -52.41 -9.34 -44.90
N SER E 417 -53.34 -10.25 -44.57
CA SER E 417 -53.86 -10.30 -43.21
C SER E 417 -52.79 -10.71 -42.20
N ILE E 418 -51.67 -11.27 -42.68
CA ILE E 418 -50.56 -11.60 -41.80
C ILE E 418 -49.98 -10.31 -41.21
N ALA E 419 -50.11 -10.16 -39.89
CA ALA E 419 -49.61 -9.01 -39.15
C ALA E 419 -50.09 -7.70 -39.78
N PRO E 420 -51.37 -7.37 -39.67
CA PRO E 420 -51.89 -6.15 -40.30
C PRO E 420 -51.30 -4.85 -39.75
N GLU E 421 -50.67 -4.88 -38.58
CA GLU E 421 -50.03 -3.67 -38.06
C GLU E 421 -48.93 -3.19 -39.00
N ILE E 422 -48.10 -4.12 -39.48
CA ILE E 422 -46.95 -3.72 -40.29
C ILE E 422 -47.40 -3.42 -41.72
N TYR E 423 -46.99 -2.25 -42.21
CA TYR E 423 -47.41 -1.72 -43.50
C TYR E 423 -46.26 -1.85 -44.47
N GLY E 424 -46.47 -2.61 -45.54
CA GLY E 424 -45.44 -2.87 -46.53
C GLY E 424 -44.91 -4.30 -46.48
N ASN E 425 -43.82 -4.51 -47.21
CA ASN E 425 -43.14 -5.80 -47.29
C ASN E 425 -44.11 -6.91 -47.72
N LEU E 426 -44.90 -6.61 -48.75
CA LEU E 426 -45.96 -7.52 -49.19
C LEU E 426 -45.41 -8.79 -49.83
N ASP E 427 -44.29 -8.69 -50.56
CA ASP E 427 -43.68 -9.88 -51.15
C ASP E 427 -43.17 -10.81 -50.06
N VAL E 428 -42.61 -10.26 -48.99
CA VAL E 428 -42.21 -11.07 -47.85
C VAL E 428 -43.41 -11.81 -47.28
N LYS E 429 -44.56 -11.14 -47.23
CA LYS E 429 -45.77 -11.79 -46.73
C LYS E 429 -46.26 -12.89 -47.68
N LYS E 430 -46.08 -12.70 -49.00
CA LYS E 430 -46.33 -13.80 -49.92
C LYS E 430 -45.42 -14.99 -49.66
N ALA E 431 -44.13 -14.75 -49.42
CA ALA E 431 -43.20 -15.84 -49.20
C ALA E 431 -43.42 -16.57 -47.87
N LEU E 432 -43.83 -15.83 -46.83
CA LEU E 432 -44.13 -16.48 -45.56
C LEU E 432 -45.32 -17.44 -45.69
N LEU E 433 -46.27 -17.12 -46.57
CA LEU E 433 -47.36 -18.06 -46.84
C LEU E 433 -46.84 -19.35 -47.46
N LEU E 434 -45.93 -19.25 -48.43
CA LEU E 434 -45.36 -20.43 -49.05
C LEU E 434 -44.56 -21.24 -48.04
N LEU E 435 -43.90 -20.55 -47.10
CA LEU E 435 -43.20 -21.26 -46.03
C LEU E 435 -44.19 -21.96 -45.11
N LEU E 436 -45.36 -21.36 -44.87
CA LEU E 436 -46.34 -21.98 -44.00
C LEU E 436 -46.83 -23.31 -44.56
N VAL E 437 -47.07 -23.37 -45.86
CA VAL E 437 -47.41 -24.62 -46.53
C VAL E 437 -46.10 -25.36 -46.79
N GLY E 438 -46.18 -26.64 -47.08
CA GLY E 438 -44.99 -27.44 -47.30
C GLY E 438 -45.01 -28.09 -48.66
N GLY E 439 -43.82 -28.25 -49.23
CA GLY E 439 -43.69 -28.91 -50.51
C GLY E 439 -43.80 -30.42 -50.39
N VAL E 440 -43.72 -31.09 -51.53
CA VAL E 440 -43.86 -32.54 -51.57
C VAL E 440 -42.63 -33.20 -50.97
N ASP E 441 -42.85 -34.18 -50.10
CA ASP E 441 -41.79 -35.03 -49.58
C ASP E 441 -41.96 -36.41 -50.20
N LYS E 442 -41.19 -36.69 -51.25
CA LYS E 442 -41.28 -37.95 -51.99
C LYS E 442 -40.10 -38.83 -51.65
N ARG E 443 -40.39 -40.08 -51.28
CA ARG E 443 -39.37 -41.05 -50.93
C ARG E 443 -39.03 -41.86 -52.17
N VAL E 444 -37.91 -41.51 -52.81
CA VAL E 444 -37.48 -42.23 -54.01
C VAL E 444 -36.85 -43.55 -53.61
N GLY E 445 -37.00 -44.55 -54.48
CA GLY E 445 -36.41 -45.85 -54.20
C GLY E 445 -34.90 -45.81 -54.22
N ASP E 446 -34.31 -46.88 -53.68
CA ASP E 446 -32.87 -47.09 -53.55
C ASP E 446 -32.22 -46.13 -52.57
N GLY E 447 -33.01 -45.49 -51.70
CA GLY E 447 -32.47 -44.66 -50.65
C GLY E 447 -32.54 -43.16 -50.87
N MET E 448 -32.85 -42.71 -52.09
CA MET E 448 -32.89 -41.29 -52.38
C MET E 448 -34.10 -40.64 -51.71
N LYS E 449 -33.87 -39.46 -51.14
CA LYS E 449 -34.93 -38.68 -50.52
C LYS E 449 -34.80 -37.23 -50.98
N ILE E 450 -35.95 -36.56 -51.06
CA ILE E 450 -36.01 -35.16 -51.48
C ILE E 450 -36.88 -34.41 -50.47
N ARG E 451 -36.44 -33.22 -50.08
CA ARG E 451 -37.10 -32.44 -49.05
C ARG E 451 -38.15 -31.51 -49.65
N GLY E 452 -39.25 -31.32 -48.92
CA GLY E 452 -40.28 -30.39 -49.32
C GLY E 452 -40.39 -29.20 -48.39
N ASP E 453 -39.62 -29.21 -47.31
CA ASP E 453 -39.64 -28.11 -46.35
C ASP E 453 -39.00 -26.87 -46.96
N ILE E 454 -39.33 -25.72 -46.38
CA ILE E 454 -38.95 -24.42 -46.93
C ILE E 454 -37.91 -23.78 -46.01
N ASN E 455 -36.87 -23.21 -46.62
CA ASN E 455 -35.82 -22.50 -45.91
C ASN E 455 -35.81 -21.06 -46.40
N VAL E 456 -36.29 -20.15 -45.56
CA VAL E 456 -36.41 -18.73 -45.91
C VAL E 456 -35.59 -17.93 -44.91
N CYS E 457 -34.63 -17.16 -45.43
CA CYS E 457 -33.83 -16.25 -44.63
C CYS E 457 -34.14 -14.82 -45.01
N LEU E 458 -34.28 -13.96 -44.01
CA LEU E 458 -34.65 -12.56 -44.21
C LEU E 458 -33.53 -11.70 -43.64
N MET E 459 -32.76 -11.07 -44.53
CA MET E 459 -31.69 -10.18 -44.13
C MET E 459 -32.13 -8.73 -44.30
N GLY E 460 -31.38 -7.83 -43.71
CA GLY E 460 -31.64 -6.42 -43.90
C GLY E 460 -31.23 -5.60 -42.69
N ASP E 461 -31.25 -4.29 -42.91
CA ASP E 461 -30.75 -3.34 -41.93
C ASP E 461 -31.61 -3.36 -40.66
N PRO E 462 -31.03 -2.98 -39.52
CA PRO E 462 -31.82 -2.95 -38.28
C PRO E 462 -32.93 -1.91 -38.34
N GLY E 463 -33.95 -2.14 -37.54
CA GLY E 463 -35.09 -1.23 -37.50
C GLY E 463 -35.92 -1.22 -38.77
N VAL E 464 -36.21 -2.40 -39.32
CA VAL E 464 -37.13 -2.52 -40.44
C VAL E 464 -38.29 -3.44 -40.10
N ALA E 465 -38.64 -3.60 -38.82
CA ALA E 465 -39.65 -4.60 -38.35
C ALA E 465 -39.13 -6.01 -38.53
N LYS E 466 -37.88 -6.24 -38.17
CA LYS E 466 -37.29 -7.55 -38.47
C LYS E 466 -37.95 -8.62 -37.61
N SER E 467 -38.24 -8.27 -36.35
CA SER E 467 -38.42 -9.25 -35.28
C SER E 467 -39.82 -9.13 -34.75
N GLN E 468 -40.77 -8.67 -35.55
CA GLN E 468 -42.20 -8.73 -35.19
C GLN E 468 -42.72 -9.69 -36.21
N LEU E 469 -42.11 -9.63 -37.37
CA LEU E 469 -42.62 -10.41 -38.51
C LEU E 469 -42.49 -11.83 -38.10
N LEU E 470 -41.38 -12.12 -37.45
CA LEU E 470 -41.09 -13.53 -37.16
C LEU E 470 -42.07 -13.97 -36.10
N LYS E 471 -42.01 -13.27 -34.99
CA LYS E 471 -42.90 -13.65 -33.89
C LYS E 471 -44.33 -13.86 -34.38
N ALA E 472 -44.79 -13.01 -35.30
CA ALA E 472 -46.17 -13.10 -35.76
C ALA E 472 -46.42 -14.42 -36.50
N ILE E 473 -45.46 -14.86 -37.31
CA ILE E 473 -45.62 -16.11 -38.04
C ILE E 473 -45.74 -17.30 -37.10
N CYS E 474 -45.13 -17.23 -35.91
CA CYS E 474 -45.19 -18.34 -34.96
C CYS E 474 -46.62 -18.57 -34.49
N LYS E 475 -47.45 -17.52 -34.47
CA LYS E 475 -48.82 -17.66 -33.99
C LYS E 475 -49.64 -18.56 -34.92
N ILE E 476 -49.42 -18.45 -36.23
CA ILE E 476 -50.28 -19.13 -37.19
C ILE E 476 -50.19 -20.65 -37.04
N SER E 477 -48.99 -21.19 -36.92
CA SER E 477 -48.84 -22.63 -36.86
C SER E 477 -48.60 -23.10 -35.43
N PRO E 478 -49.36 -24.11 -34.97
CA PRO E 478 -49.18 -24.60 -33.60
C PRO E 478 -47.81 -25.23 -33.38
N ARG E 479 -47.30 -25.95 -34.38
CA ARG E 479 -46.00 -26.60 -34.29
C ARG E 479 -44.93 -25.60 -34.72
N GLY E 480 -44.41 -24.86 -33.76
CA GLY E 480 -43.38 -23.88 -34.05
C GLY E 480 -42.70 -23.45 -32.76
N VAL E 481 -41.41 -23.15 -32.90
CA VAL E 481 -40.58 -22.74 -31.76
C VAL E 481 -39.78 -21.52 -32.16
N TYR E 482 -39.77 -20.50 -31.29
CA TYR E 482 -39.01 -19.29 -31.49
C TYR E 482 -37.73 -19.39 -30.67
N THR E 483 -36.61 -19.62 -31.36
CA THR E 483 -35.32 -19.78 -30.72
C THR E 483 -34.45 -18.55 -31.01
N THR E 484 -33.78 -18.06 -29.97
CA THR E 484 -33.00 -16.83 -30.06
C THR E 484 -31.51 -17.12 -29.84
N GLY E 485 -30.72 -16.06 -29.68
CA GLY E 485 -29.28 -16.18 -29.61
C GLY E 485 -28.78 -16.92 -28.38
N LYS E 486 -27.50 -16.68 -28.06
CA LYS E 486 -26.77 -17.46 -27.06
C LYS E 486 -27.30 -17.29 -25.65
N GLY E 487 -28.40 -16.55 -25.43
CA GLY E 487 -28.98 -16.47 -24.11
C GLY E 487 -29.39 -17.83 -23.59
N SER E 488 -29.96 -18.67 -24.46
CA SER E 488 -30.27 -20.06 -24.13
C SER E 488 -29.84 -20.94 -25.29
N SER E 489 -29.52 -22.20 -24.96
CA SER E 489 -29.07 -23.18 -25.94
C SER E 489 -30.17 -24.19 -26.18
N GLY E 490 -30.94 -23.99 -27.25
CA GLY E 490 -32.01 -24.91 -27.57
C GLY E 490 -31.96 -25.42 -29.00
N VAL E 491 -31.23 -24.72 -29.87
CA VAL E 491 -31.14 -25.12 -31.28
C VAL E 491 -30.46 -26.48 -31.40
N GLY E 492 -29.30 -26.62 -30.76
CA GLY E 492 -28.54 -27.86 -30.81
C GLY E 492 -28.55 -28.68 -29.53
N LEU E 493 -29.47 -28.43 -28.60
CA LEU E 493 -29.50 -29.14 -27.33
C LEU E 493 -30.20 -30.50 -27.49
N THR E 494 -29.58 -31.36 -28.31
CA THR E 494 -30.01 -32.75 -28.41
C THR E 494 -29.18 -33.62 -27.45
N ALA E 495 -29.16 -33.17 -26.20
CA ALA E 495 -28.34 -33.84 -25.18
C ALA E 495 -28.97 -35.16 -24.77
N ALA E 496 -28.11 -36.06 -24.28
CA ALA E 496 -28.55 -37.35 -23.78
C ALA E 496 -28.47 -37.45 -22.27
N VAL E 497 -28.20 -36.36 -21.58
CA VAL E 497 -28.12 -36.33 -20.11
C VAL E 497 -29.12 -35.31 -19.60
N MET E 498 -29.89 -35.70 -18.58
CA MET E 498 -30.88 -34.83 -17.96
C MET E 498 -30.88 -35.12 -16.47
N LYS E 499 -30.33 -34.20 -15.67
CA LYS E 499 -30.28 -34.38 -14.21
C LYS E 499 -31.60 -33.90 -13.60
N ASP E 500 -32.64 -34.68 -13.85
CA ASP E 500 -33.95 -34.35 -13.33
C ASP E 500 -33.97 -34.54 -11.82
N PRO E 501 -34.38 -33.52 -11.06
CA PRO E 501 -34.32 -33.63 -9.59
C PRO E 501 -35.19 -34.72 -9.01
N VAL E 502 -36.23 -35.16 -9.73
CA VAL E 502 -37.21 -36.07 -9.13
C VAL E 502 -36.59 -37.44 -8.86
N THR E 503 -35.72 -37.89 -9.76
CA THR E 503 -35.16 -39.24 -9.67
C THR E 503 -33.66 -39.34 -9.89
N ASP E 504 -33.02 -38.29 -10.42
CA ASP E 504 -31.57 -38.24 -10.61
C ASP E 504 -31.12 -39.37 -11.54
N GLU E 505 -31.81 -39.54 -12.66
CA GLU E 505 -31.41 -40.45 -13.72
C GLU E 505 -31.41 -39.69 -15.04
N MET E 506 -30.69 -40.21 -16.02
CA MET E 506 -30.59 -39.52 -17.31
C MET E 506 -31.87 -39.72 -18.13
N ILE E 507 -32.29 -38.67 -18.81
CA ILE E 507 -33.40 -38.72 -19.77
C ILE E 507 -32.90 -38.14 -21.09
N LEU E 508 -33.16 -38.85 -22.18
CA LEU E 508 -32.84 -38.31 -23.50
C LEU E 508 -33.72 -37.12 -23.81
N GLU E 509 -33.10 -35.95 -23.99
CA GLU E 509 -33.82 -34.70 -24.18
C GLU E 509 -33.53 -34.17 -25.58
N GLY E 510 -34.58 -34.06 -26.40
CA GLY E 510 -34.42 -33.55 -27.74
C GLY E 510 -34.36 -32.04 -27.79
N GLY E 511 -33.77 -31.52 -28.87
CA GLY E 511 -33.64 -30.10 -29.06
C GLY E 511 -34.88 -29.48 -29.68
N ALA E 512 -34.77 -28.17 -29.94
CA ALA E 512 -35.87 -27.44 -30.56
C ALA E 512 -36.07 -27.84 -32.01
N LEU E 513 -34.98 -28.13 -32.73
CA LEU E 513 -35.06 -28.56 -34.12
C LEU E 513 -35.83 -29.87 -34.24
N VAL E 514 -35.56 -30.81 -33.33
CA VAL E 514 -36.29 -32.08 -33.31
C VAL E 514 -37.73 -31.85 -32.88
N LEU E 515 -37.94 -30.92 -31.94
CA LEU E 515 -39.26 -30.72 -31.36
C LEU E 515 -40.29 -30.34 -32.42
N ALA E 516 -39.90 -29.47 -33.35
CA ALA E 516 -40.80 -29.01 -34.41
C ALA E 516 -40.68 -29.95 -35.60
N ASP E 517 -41.56 -30.95 -35.63
CA ASP E 517 -41.66 -31.86 -36.77
C ASP E 517 -42.88 -31.48 -37.59
N ASN E 518 -42.67 -31.37 -38.92
CA ASN E 518 -43.69 -30.83 -39.83
C ASN E 518 -44.07 -29.41 -39.44
N GLY E 519 -43.14 -28.69 -38.81
CA GLY E 519 -43.41 -27.36 -38.33
C GLY E 519 -42.37 -26.33 -38.75
N ILE E 520 -42.42 -25.15 -38.14
CA ILE E 520 -41.57 -24.03 -38.51
C ILE E 520 -40.66 -23.68 -37.33
N CYS E 521 -39.36 -23.57 -37.58
CA CYS E 521 -38.40 -23.14 -36.57
C CYS E 521 -37.98 -21.71 -36.87
N CYS E 522 -38.33 -20.79 -35.97
CA CYS E 522 -38.05 -19.36 -36.16
C CYS E 522 -36.80 -19.02 -35.37
N ILE E 523 -35.69 -18.85 -36.11
CA ILE E 523 -34.38 -18.62 -35.48
C ILE E 523 -34.10 -17.13 -35.60
N ASP E 524 -34.36 -16.42 -34.50
CA ASP E 524 -34.06 -14.99 -34.44
C ASP E 524 -32.60 -14.77 -34.04
N GLU E 525 -32.03 -13.65 -34.50
CA GLU E 525 -30.65 -13.29 -34.24
C GLU E 525 -29.71 -14.42 -34.63
N PHE E 526 -29.84 -14.91 -35.87
CA PHE E 526 -29.06 -16.03 -36.34
C PHE E 526 -27.58 -15.69 -36.52
N ASP E 527 -27.25 -14.39 -36.63
CA ASP E 527 -25.85 -13.99 -36.78
C ASP E 527 -25.03 -14.36 -35.55
N LYS E 528 -25.56 -14.07 -34.36
CA LYS E 528 -24.79 -14.26 -33.12
C LYS E 528 -24.78 -15.71 -32.66
N MET E 529 -25.54 -16.59 -33.29
CA MET E 529 -25.61 -17.97 -32.85
C MET E 529 -24.34 -18.73 -33.23
N ASP E 530 -23.90 -19.61 -32.34
CA ASP E 530 -22.56 -20.20 -32.38
C ASP E 530 -22.51 -21.34 -33.39
N GLU E 531 -21.29 -21.72 -33.77
CA GLU E 531 -21.05 -22.78 -34.75
C GLU E 531 -21.54 -24.14 -34.25
N SER E 532 -21.65 -24.30 -32.93
CA SER E 532 -22.17 -25.54 -32.37
C SER E 532 -23.59 -25.80 -32.87
N ASP E 533 -24.40 -24.75 -32.90
CA ASP E 533 -25.73 -24.87 -33.51
C ASP E 533 -25.65 -24.88 -35.02
N ARG E 534 -24.61 -24.27 -35.59
CA ARG E 534 -24.43 -24.29 -37.04
C ARG E 534 -24.26 -25.71 -37.55
N THR E 535 -23.65 -26.58 -36.74
CA THR E 535 -23.53 -27.98 -37.14
C THR E 535 -24.91 -28.62 -37.32
N ALA E 536 -25.81 -28.41 -36.36
CA ALA E 536 -27.15 -28.97 -36.45
C ALA E 536 -27.91 -28.36 -37.62
N ILE E 537 -27.78 -27.05 -37.83
CA ILE E 537 -28.45 -26.40 -38.95
C ILE E 537 -27.95 -26.95 -40.27
N HIS E 538 -26.64 -27.20 -40.35
CA HIS E 538 -26.05 -27.79 -41.54
C HIS E 538 -26.60 -29.19 -41.78
N GLU E 539 -26.73 -29.99 -40.73
CA GLU E 539 -27.11 -31.39 -40.93
C GLU E 539 -28.60 -31.54 -41.22
N VAL E 540 -29.46 -30.69 -40.63
CA VAL E 540 -30.90 -30.82 -40.86
C VAL E 540 -31.22 -30.58 -42.32
N MET E 541 -30.66 -29.52 -42.91
CA MET E 541 -30.94 -29.21 -44.30
C MET E 541 -30.41 -30.30 -45.23
N GLU E 542 -29.45 -31.10 -44.76
CA GLU E 542 -28.89 -32.15 -45.58
C GLU E 542 -29.75 -33.42 -45.51
N GLN E 543 -30.03 -33.90 -44.30
CA GLN E 543 -30.71 -35.18 -44.14
C GLN E 543 -31.91 -35.17 -43.20
N GLN E 544 -32.10 -34.12 -42.41
CA GLN E 544 -33.26 -33.97 -41.52
C GLN E 544 -33.32 -35.05 -40.44
N THR E 545 -32.21 -35.69 -40.11
CA THR E 545 -32.18 -36.74 -39.09
C THR E 545 -31.05 -36.43 -38.14
N ILE E 546 -31.39 -35.99 -36.93
CA ILE E 546 -30.40 -35.55 -35.95
C ILE E 546 -29.74 -36.76 -35.32
N SER E 547 -28.41 -36.80 -35.39
CA SER E 547 -27.65 -37.73 -34.57
C SER E 547 -27.56 -37.20 -33.15
N ILE E 548 -27.53 -38.12 -32.19
CA ILE E 548 -27.72 -37.75 -30.79
C ILE E 548 -26.37 -37.76 -30.07
N SER E 549 -26.36 -37.28 -28.82
CA SER E 549 -25.14 -37.17 -28.03
C SER E 549 -24.49 -38.54 -27.86
N LYS E 550 -23.24 -38.50 -27.39
CA LYS E 550 -22.38 -39.68 -27.30
C LYS E 550 -22.50 -40.39 -25.95
N ALA E 551 -23.65 -40.27 -25.27
CA ALA E 551 -23.83 -40.92 -23.98
C ALA E 551 -24.32 -42.37 -24.17
N GLY E 552 -23.62 -43.09 -25.04
CA GLY E 552 -23.82 -44.52 -25.21
C GLY E 552 -25.23 -44.95 -25.58
N ILE E 553 -25.88 -44.23 -26.49
CA ILE E 553 -27.20 -44.63 -26.98
C ILE E 553 -27.26 -44.79 -28.49
N ASN E 554 -26.43 -44.06 -29.25
CA ASN E 554 -26.36 -44.20 -30.71
C ASN E 554 -27.76 -44.12 -31.35
N THR E 555 -28.39 -42.96 -31.19
CA THR E 555 -29.78 -42.77 -31.62
C THR E 555 -29.84 -41.71 -32.71
N THR E 556 -30.68 -41.95 -33.71
CA THR E 556 -30.97 -40.99 -34.76
C THR E 556 -32.46 -40.66 -34.71
N LEU E 557 -32.78 -39.37 -34.67
CA LEU E 557 -34.15 -38.90 -34.48
C LEU E 557 -34.62 -38.11 -35.70
N ASN E 558 -35.86 -38.36 -36.11
CA ASN E 558 -36.44 -37.62 -37.21
C ASN E 558 -36.56 -36.14 -36.88
N ALA E 559 -36.14 -35.30 -37.83
CA ALA E 559 -36.18 -33.86 -37.59
C ALA E 559 -36.64 -33.07 -38.81
N ARG E 560 -37.55 -33.60 -39.63
CA ARG E 560 -38.07 -32.87 -40.78
C ARG E 560 -38.72 -31.57 -40.34
N THR E 561 -38.13 -30.44 -40.75
CA THR E 561 -38.64 -29.15 -40.33
C THR E 561 -38.29 -28.09 -41.38
N SER E 562 -39.02 -26.98 -41.32
CA SER E 562 -38.79 -25.82 -42.16
C SER E 562 -38.15 -24.72 -41.32
N ILE E 563 -37.30 -23.92 -41.95
CA ILE E 563 -36.47 -22.96 -41.24
C ILE E 563 -36.84 -21.54 -41.69
N LEU E 564 -37.07 -20.67 -40.72
CA LEU E 564 -37.31 -19.24 -40.95
C LEU E 564 -36.27 -18.47 -40.15
N ALA E 565 -35.30 -17.89 -40.84
CA ALA E 565 -34.16 -17.25 -40.19
C ALA E 565 -34.23 -15.74 -40.40
N ALA E 566 -33.85 -14.99 -39.37
CA ALA E 566 -33.74 -13.54 -39.43
C ALA E 566 -32.29 -13.16 -39.21
N ALA E 567 -31.76 -12.27 -40.06
CA ALA E 567 -30.35 -11.95 -40.03
C ALA E 567 -30.14 -10.46 -39.81
N ASN E 568 -28.96 -10.13 -39.30
CA ASN E 568 -28.45 -8.80 -39.00
C ASN E 568 -27.10 -8.60 -39.69
N PRO E 569 -27.00 -7.65 -40.62
CA PRO E 569 -25.74 -7.48 -41.35
C PRO E 569 -24.62 -7.01 -40.44
N LEU E 570 -23.40 -7.36 -40.81
CA LEU E 570 -22.24 -7.05 -40.01
C LEU E 570 -22.03 -5.55 -39.89
N TYR E 571 -21.65 -5.12 -38.69
CA TYR E 571 -21.38 -3.71 -38.35
C TYR E 571 -22.39 -2.75 -38.97
N GLY E 572 -23.68 -2.96 -38.67
CA GLY E 572 -24.67 -1.96 -38.99
C GLY E 572 -25.61 -2.27 -40.14
N ARG E 573 -25.46 -1.53 -41.24
CA ARG E 573 -26.41 -1.57 -42.35
C ARG E 573 -25.72 -2.12 -43.58
N TYR E 574 -26.41 -2.01 -44.71
CA TYR E 574 -25.82 -2.37 -45.98
C TYR E 574 -24.64 -1.46 -46.30
N ASN E 575 -23.64 -2.02 -46.97
CA ASN E 575 -22.36 -1.38 -47.22
C ASN E 575 -22.13 -1.45 -48.73
N PRO E 576 -21.71 -0.38 -49.39
CA PRO E 576 -21.40 -0.49 -50.83
C PRO E 576 -20.30 -1.49 -51.16
N ARG E 577 -19.74 -2.19 -50.15
CA ARG E 577 -19.03 -3.43 -50.42
C ARG E 577 -19.88 -4.34 -51.27
N LEU E 578 -19.31 -4.84 -52.37
CA LEU E 578 -20.11 -5.47 -53.40
C LEU E 578 -20.59 -6.86 -53.00
N SER E 579 -19.77 -7.62 -52.29
CA SER E 579 -20.08 -9.01 -52.03
C SER E 579 -21.15 -9.14 -50.95
N PRO E 580 -22.25 -9.85 -51.21
CA PRO E 580 -23.19 -10.15 -50.12
C PRO E 580 -22.55 -10.97 -49.01
N LEU E 581 -21.53 -11.77 -49.34
CA LEU E 581 -20.80 -12.52 -48.33
C LEU E 581 -20.10 -11.59 -47.35
N ASP E 582 -19.77 -10.37 -47.79
CA ASP E 582 -19.12 -9.42 -46.89
C ASP E 582 -20.11 -8.79 -45.93
N ASN E 583 -21.40 -8.74 -46.30
CA ASN E 583 -22.39 -8.08 -45.45
C ASN E 583 -22.64 -8.89 -44.17
N ILE E 584 -22.63 -10.21 -44.25
CA ILE E 584 -22.93 -11.07 -43.12
C ILE E 584 -21.81 -12.10 -42.97
N ASN E 585 -21.74 -12.69 -41.77
CA ASN E 585 -20.73 -13.69 -41.44
C ASN E 585 -21.05 -15.06 -42.01
N LEU E 586 -22.30 -15.29 -42.42
CA LEU E 586 -22.75 -16.63 -42.77
C LEU E 586 -21.95 -17.18 -43.94
N PRO E 587 -21.57 -18.45 -43.92
CA PRO E 587 -20.81 -19.02 -45.04
C PRO E 587 -21.66 -19.12 -46.28
N ALA E 588 -20.99 -19.21 -47.43
CA ALA E 588 -21.71 -19.36 -48.69
C ALA E 588 -22.46 -20.68 -48.77
N ALA E 589 -21.85 -21.74 -48.26
CA ALA E 589 -22.51 -23.05 -48.29
C ALA E 589 -23.78 -23.05 -47.46
N LEU E 590 -23.75 -22.41 -46.28
CA LEU E 590 -24.95 -22.33 -45.45
C LEU E 590 -26.06 -21.55 -46.14
N LEU E 591 -25.72 -20.45 -46.79
CA LEU E 591 -26.72 -19.65 -47.49
C LEU E 591 -27.25 -20.34 -48.74
N SER E 592 -26.45 -21.19 -49.39
CA SER E 592 -26.92 -21.89 -50.58
C SER E 592 -28.05 -22.87 -50.26
N ARG E 593 -28.01 -23.51 -49.11
CA ARG E 593 -29.04 -24.47 -48.75
C ARG E 593 -30.38 -23.79 -48.48
N PHE E 594 -30.36 -22.51 -48.13
CA PHE E 594 -31.60 -21.78 -47.93
C PHE E 594 -32.36 -21.66 -49.25
N ASP E 595 -33.66 -21.92 -49.20
CA ASP E 595 -34.46 -21.85 -50.42
C ASP E 595 -34.54 -20.42 -50.95
N ILE E 596 -34.84 -19.46 -50.08
CA ILE E 596 -35.01 -18.06 -50.51
C ILE E 596 -34.29 -17.14 -49.54
N LEU E 597 -33.68 -16.09 -50.11
CA LEU E 597 -33.03 -15.01 -49.36
C LEU E 597 -33.74 -13.71 -49.68
N PHE E 598 -34.07 -12.94 -48.65
CA PHE E 598 -34.75 -11.63 -48.80
C PHE E 598 -33.90 -10.55 -48.15
N LEU E 599 -33.53 -9.55 -48.94
CA LEU E 599 -32.90 -8.35 -48.40
C LEU E 599 -33.93 -7.23 -48.29
N MET E 600 -34.11 -6.70 -47.07
CA MET E 600 -34.95 -5.54 -46.84
C MET E 600 -34.06 -4.43 -46.28
N LEU E 601 -33.57 -3.56 -47.17
CA LEU E 601 -32.71 -2.45 -46.81
C LEU E 601 -33.55 -1.23 -46.54
N ASP E 602 -33.16 -0.45 -45.53
CA ASP E 602 -33.85 0.77 -45.15
C ASP E 602 -33.27 1.93 -45.96
N ILE E 603 -33.98 2.35 -46.99
CA ILE E 603 -33.58 3.46 -47.85
C ILE E 603 -34.46 4.66 -47.53
N PRO E 604 -33.89 5.82 -47.23
CA PRO E 604 -34.72 6.98 -46.86
C PRO E 604 -35.42 7.58 -48.07
N SER E 605 -36.74 7.66 -48.00
CA SER E 605 -37.55 8.27 -49.04
C SER E 605 -38.60 9.15 -48.38
N ARG E 606 -38.76 10.38 -48.86
CA ARG E 606 -39.59 11.35 -48.16
C ARG E 606 -41.06 10.95 -48.16
N ASP E 607 -41.52 10.25 -49.21
CA ASP E 607 -42.92 9.85 -49.26
C ASP E 607 -43.23 8.74 -48.27
N ASP E 608 -42.37 7.72 -48.21
CA ASP E 608 -42.66 6.54 -47.40
C ASP E 608 -42.67 6.86 -45.91
N ASP E 609 -41.78 7.77 -45.48
CA ASP E 609 -41.69 8.10 -44.07
C ASP E 609 -42.99 8.72 -43.57
N GLU E 610 -43.65 9.55 -44.39
CA GLU E 610 -44.91 10.15 -43.98
C GLU E 610 -45.97 9.10 -43.70
N LYS E 611 -46.18 8.17 -44.63
CA LYS E 611 -47.19 7.14 -44.41
C LYS E 611 -46.81 6.22 -43.25
N LEU E 612 -45.53 5.90 -43.10
CA LEU E 612 -45.13 5.06 -41.97
C LEU E 612 -45.41 5.76 -40.64
N ALA E 613 -45.08 7.05 -40.54
CA ALA E 613 -45.33 7.79 -39.31
C ALA E 613 -46.82 7.89 -39.02
N GLU E 614 -47.63 8.16 -40.05
CA GLU E 614 -49.08 8.23 -39.85
C GLU E 614 -49.63 6.90 -39.38
N HIS E 615 -49.19 5.80 -40.00
CA HIS E 615 -49.67 4.48 -39.61
C HIS E 615 -49.29 4.15 -38.18
N VAL E 616 -48.06 4.47 -37.79
CA VAL E 616 -47.62 4.18 -36.43
C VAL E 616 -48.38 5.02 -35.41
N THR E 617 -48.59 6.30 -35.72
CA THR E 617 -49.23 7.20 -34.77
C THR E 617 -50.73 6.96 -34.64
N TYR E 618 -51.40 6.46 -35.68
CA TYR E 618 -52.82 6.15 -35.54
C TYR E 618 -53.03 5.06 -34.48
N VAL E 619 -52.14 4.07 -34.43
CA VAL E 619 -52.21 3.03 -33.43
C VAL E 619 -52.05 3.56 -32.02
N HIS E 620 -51.20 4.57 -31.81
CA HIS E 620 -51.03 5.18 -30.50
C HIS E 620 -52.20 6.06 -30.10
N MET E 621 -52.74 6.84 -31.04
CA MET E 621 -53.92 7.65 -30.73
C MET E 621 -55.11 6.77 -30.36
N HIS E 622 -55.55 5.94 -31.31
CA HIS E 622 -56.57 4.94 -31.06
C HIS E 622 -55.93 3.55 -31.10
N ASN E 623 -56.17 2.75 -30.06
CA ASN E 623 -55.57 1.42 -29.98
C ASN E 623 -55.94 0.54 -31.17
N LYS E 624 -57.10 0.76 -31.77
CA LYS E 624 -57.50 0.00 -32.95
C LYS E 624 -56.59 0.32 -34.13
N GLN E 625 -56.36 -0.70 -34.97
CA GLN E 625 -55.58 -0.51 -36.17
C GLN E 625 -56.34 0.37 -37.16
N PRO E 626 -55.64 1.09 -38.04
CA PRO E 626 -56.33 2.04 -38.94
C PRO E 626 -57.30 1.35 -39.90
N ASP E 627 -58.57 1.73 -39.83
CA ASP E 627 -59.58 1.13 -40.68
C ASP E 627 -59.29 1.43 -42.15
N LEU E 628 -59.44 0.41 -43.00
CA LEU E 628 -59.12 0.53 -44.40
C LEU E 628 -60.01 -0.45 -45.17
N ASP E 629 -60.08 -0.26 -46.49
CA ASP E 629 -60.87 -1.15 -47.33
C ASP E 629 -60.40 -2.59 -47.23
N PHE E 630 -59.13 -2.79 -46.90
CA PHE E 630 -58.61 -4.15 -46.70
C PHE E 630 -59.32 -4.81 -45.52
N THR E 631 -59.78 -6.05 -45.73
CA THR E 631 -60.51 -6.75 -44.67
C THR E 631 -59.61 -7.76 -43.99
N PRO E 632 -59.47 -7.69 -42.66
CA PRO E 632 -58.71 -8.72 -41.93
C PRO E 632 -59.51 -10.00 -41.80
N VAL E 633 -59.05 -11.05 -42.47
CA VAL E 633 -59.73 -12.34 -42.38
C VAL E 633 -59.54 -12.92 -40.98
N GLU E 634 -60.54 -13.66 -40.51
CA GLU E 634 -60.55 -14.16 -39.15
C GLU E 634 -59.44 -15.22 -38.98
N PRO E 635 -58.64 -15.14 -37.91
CA PRO E 635 -57.48 -16.04 -37.78
C PRO E 635 -57.82 -17.52 -37.74
N SER E 636 -58.94 -17.91 -37.13
CA SER E 636 -59.30 -19.33 -37.11
C SER E 636 -59.55 -19.83 -38.51
N LYS E 637 -60.10 -18.98 -39.39
CA LYS E 637 -60.21 -19.32 -40.81
C LYS E 637 -58.83 -19.47 -41.44
N MET E 638 -57.88 -18.62 -41.06
CA MET E 638 -56.50 -18.79 -41.51
C MET E 638 -55.99 -20.19 -41.19
N ARG E 639 -56.12 -20.60 -39.92
CA ARG E 639 -55.62 -21.90 -39.50
C ARG E 639 -56.37 -23.03 -40.21
N GLU E 640 -57.69 -22.90 -40.34
CA GLU E 640 -58.48 -23.95 -40.98
C GLU E 640 -58.08 -24.14 -42.44
N TYR E 641 -57.85 -23.04 -43.15
CA TYR E 641 -57.47 -23.16 -44.55
C TYR E 641 -56.03 -23.66 -44.68
N ILE E 642 -55.13 -23.22 -43.79
CA ILE E 642 -53.74 -23.65 -43.87
C ILE E 642 -53.63 -25.15 -43.63
N ALA E 643 -54.32 -25.65 -42.61
CA ALA E 643 -54.28 -27.08 -42.32
C ALA E 643 -54.87 -27.89 -43.46
N TYR E 644 -56.01 -27.44 -44.01
CA TYR E 644 -56.65 -28.14 -45.11
C TYR E 644 -55.75 -28.19 -46.34
N ALA E 645 -55.06 -27.09 -46.63
CA ALA E 645 -54.11 -27.08 -47.73
C ALA E 645 -52.95 -28.03 -47.45
N LYS E 646 -52.48 -28.07 -46.20
CA LYS E 646 -51.38 -28.97 -45.86
C LYS E 646 -51.76 -30.43 -46.06
N THR E 647 -53.00 -30.79 -45.73
CA THR E 647 -53.43 -32.18 -45.90
C THR E 647 -53.47 -32.57 -47.38
N LYS E 648 -53.67 -31.60 -48.27
CA LYS E 648 -53.79 -31.90 -49.69
C LYS E 648 -52.45 -32.36 -50.27
N ARG E 649 -52.54 -33.24 -51.27
CA ARG E 649 -51.37 -33.79 -51.93
C ARG E 649 -51.44 -33.51 -53.43
N PRO E 650 -50.60 -32.63 -53.96
CA PRO E 650 -50.59 -32.35 -55.40
C PRO E 650 -50.10 -33.54 -56.22
N VAL E 651 -50.01 -33.31 -57.52
CA VAL E 651 -49.40 -34.25 -58.45
C VAL E 651 -49.00 -33.47 -59.70
N MET E 652 -47.97 -33.96 -60.39
CA MET E 652 -47.39 -33.24 -61.52
C MET E 652 -47.58 -34.06 -62.80
N SER E 653 -47.33 -33.38 -63.93
CA SER E 653 -47.45 -33.98 -65.26
C SER E 653 -46.15 -33.78 -66.02
N GLU E 654 -45.99 -34.58 -67.08
CA GLU E 654 -44.75 -34.53 -67.85
C GLU E 654 -44.65 -33.24 -68.67
N ALA E 655 -45.80 -32.71 -69.11
CA ALA E 655 -45.79 -31.51 -69.93
C ALA E 655 -45.34 -30.29 -69.14
N VAL E 656 -45.75 -30.20 -67.87
CA VAL E 656 -45.43 -29.02 -67.07
C VAL E 656 -43.93 -28.91 -66.83
N ASN E 657 -43.29 -30.03 -66.49
CA ASN E 657 -41.88 -30.04 -66.15
C ASN E 657 -40.97 -29.84 -67.35
N ASP E 658 -41.51 -29.91 -68.57
CA ASP E 658 -40.68 -29.68 -69.76
C ASP E 658 -40.25 -28.22 -69.85
N TYR E 659 -41.17 -27.29 -69.53
CA TYR E 659 -40.84 -25.87 -69.54
C TYR E 659 -39.84 -25.51 -68.45
N VAL E 660 -39.79 -26.31 -67.39
CA VAL E 660 -38.86 -26.05 -66.29
C VAL E 660 -37.43 -26.19 -66.77
N VAL E 661 -37.19 -27.15 -67.68
CA VAL E 661 -35.84 -27.34 -68.22
C VAL E 661 -35.42 -26.11 -69.02
N GLN E 662 -36.33 -25.58 -69.84
CA GLN E 662 -36.02 -24.37 -70.60
C GLN E 662 -35.76 -23.19 -69.67
N ALA E 663 -36.58 -23.06 -68.63
CA ALA E 663 -36.37 -22.00 -67.64
C ALA E 663 -34.99 -22.12 -66.99
N TYR E 664 -34.61 -23.34 -66.62
CA TYR E 664 -33.33 -23.54 -65.94
C TYR E 664 -32.16 -23.28 -66.87
N ILE E 665 -32.25 -23.70 -68.13
CA ILE E 665 -31.14 -23.46 -69.05
C ILE E 665 -31.01 -21.97 -69.35
N ARG E 666 -32.14 -21.26 -69.46
CA ARG E 666 -32.06 -19.81 -69.61
C ARG E 666 -31.44 -19.16 -68.38
N LEU E 667 -31.80 -19.61 -67.19
CA LEU E 667 -31.22 -19.06 -65.98
C LEU E 667 -29.73 -19.32 -65.90
N ARG E 668 -29.29 -20.51 -66.30
CA ARG E 668 -27.86 -20.82 -66.27
C ARG E 668 -27.09 -20.02 -67.31
N GLN E 669 -27.66 -19.87 -68.51
CA GLN E 669 -27.01 -19.07 -69.54
C GLN E 669 -26.96 -17.59 -69.14
N ASP E 670 -27.91 -17.15 -68.31
CA ASP E 670 -27.79 -15.83 -67.72
C ASP E 670 -26.69 -15.80 -66.67
N SER E 671 -26.63 -16.85 -65.83
CA SER E 671 -25.70 -16.87 -64.71
C SER E 671 -24.25 -16.91 -65.17
N LYS E 672 -23.98 -17.51 -66.34
CA LYS E 672 -22.60 -17.55 -66.81
C LYS E 672 -22.07 -16.14 -67.06
N ARG E 673 -22.91 -15.24 -67.55
CA ARG E 673 -22.53 -13.84 -67.71
C ARG E 673 -23.03 -12.96 -66.58
N GLU E 674 -23.87 -13.48 -65.68
CA GLU E 674 -24.38 -12.69 -64.57
C GLU E 674 -23.30 -12.38 -63.55
N MET E 675 -22.20 -13.14 -63.55
CA MET E 675 -21.09 -12.84 -62.65
C MET E 675 -20.59 -11.43 -62.88
N ASP E 676 -20.82 -10.56 -61.91
CA ASP E 676 -20.52 -9.14 -62.07
C ASP E 676 -19.94 -8.62 -60.76
N SER E 677 -19.70 -7.31 -60.73
CA SER E 677 -19.07 -6.70 -59.56
C SER E 677 -19.98 -6.77 -58.34
N LYS E 678 -21.23 -6.33 -58.48
CA LYS E 678 -22.08 -6.11 -57.32
C LYS E 678 -23.26 -7.09 -57.22
N PHE E 679 -24.02 -7.24 -58.30
CA PHE E 679 -25.29 -7.95 -58.21
C PHE E 679 -25.09 -9.46 -58.23
N SER E 680 -26.07 -10.18 -57.66
CA SER E 680 -26.19 -11.63 -57.69
C SER E 680 -25.24 -12.31 -56.71
N PHE E 681 -25.56 -13.54 -56.32
CA PHE E 681 -24.77 -14.32 -55.38
C PHE E 681 -24.28 -15.57 -56.10
N GLY E 682 -23.01 -15.56 -56.51
CA GLY E 682 -22.41 -16.68 -57.20
C GLY E 682 -23.12 -17.03 -58.50
N GLN E 683 -23.38 -18.32 -58.72
CA GLN E 683 -24.07 -18.79 -59.90
C GLN E 683 -25.17 -19.74 -59.49
N ALA E 684 -26.09 -20.00 -60.42
CA ALA E 684 -27.20 -20.90 -60.16
C ALA E 684 -26.71 -22.34 -60.04
N THR E 685 -27.39 -23.12 -59.22
CA THR E 685 -27.04 -24.51 -58.94
C THR E 685 -28.28 -25.37 -59.18
N PRO E 686 -28.13 -26.68 -59.41
CA PRO E 686 -29.32 -27.53 -59.51
C PRO E 686 -30.24 -27.45 -58.31
N ARG E 687 -29.70 -27.06 -57.14
CA ARG E 687 -30.56 -26.81 -55.99
C ARG E 687 -31.58 -25.71 -56.28
N THR E 688 -31.22 -24.76 -57.14
CA THR E 688 -32.20 -23.75 -57.56
C THR E 688 -33.35 -24.38 -58.34
N LEU E 689 -33.03 -25.31 -59.25
CA LEU E 689 -34.08 -26.03 -59.95
C LEU E 689 -34.95 -26.81 -58.97
N LEU E 690 -34.34 -27.44 -57.98
CA LEU E 690 -35.11 -28.20 -57.00
C LEU E 690 -36.03 -27.28 -56.21
N GLY E 691 -35.52 -26.11 -55.81
CA GLY E 691 -36.34 -25.18 -55.05
C GLY E 691 -37.44 -24.55 -55.87
N ILE E 692 -37.24 -24.44 -57.18
CA ILE E 692 -38.31 -23.94 -58.05
C ILE E 692 -39.53 -24.86 -57.96
N ILE E 693 -39.30 -26.16 -58.12
CA ILE E 693 -40.39 -27.14 -58.02
C ILE E 693 -40.95 -27.15 -56.60
N ARG E 694 -40.06 -27.06 -55.60
CA ARG E 694 -40.50 -27.08 -54.20
C ARG E 694 -41.42 -25.91 -53.90
N LEU E 695 -41.14 -24.72 -54.46
CA LEU E 695 -42.00 -23.57 -54.24
C LEU E 695 -43.27 -23.66 -55.08
N SER E 696 -43.18 -24.23 -56.27
CA SER E 696 -44.39 -24.44 -57.06
C SER E 696 -45.35 -25.37 -56.33
N GLN E 697 -44.81 -26.28 -55.51
CA GLN E 697 -45.65 -27.16 -54.71
C GLN E 697 -46.64 -26.36 -53.85
N ALA E 698 -46.13 -25.40 -53.08
CA ALA E 698 -46.98 -24.65 -52.16
C ALA E 698 -47.98 -23.78 -52.93
N LEU E 699 -47.55 -23.15 -54.01
CA LEU E 699 -48.46 -22.31 -54.79
C LEU E 699 -49.56 -23.14 -55.43
N ALA E 700 -49.26 -24.40 -55.78
CA ALA E 700 -50.30 -25.28 -56.28
C ALA E 700 -51.24 -25.71 -55.14
N LYS E 701 -50.68 -26.00 -53.96
CA LYS E 701 -51.51 -26.42 -52.84
C LYS E 701 -52.41 -25.29 -52.35
N LEU E 702 -52.04 -24.05 -52.64
CA LEU E 702 -52.78 -22.91 -52.10
C LEU E 702 -54.26 -22.96 -52.48
N ARG E 703 -54.56 -23.13 -53.77
CA ARG E 703 -55.95 -23.17 -54.20
C ARG E 703 -56.24 -24.36 -55.10
N LEU E 704 -55.22 -24.82 -55.83
CA LEU E 704 -55.44 -25.83 -56.86
C LEU E 704 -55.34 -27.24 -56.29
N ALA E 705 -55.52 -28.22 -57.18
CA ALA E 705 -55.37 -29.63 -56.86
C ALA E 705 -54.89 -30.36 -58.10
N ASP E 706 -54.72 -31.67 -57.95
CA ASP E 706 -54.28 -32.61 -59.01
C ASP E 706 -53.12 -31.98 -59.77
N MET E 707 -53.15 -31.92 -61.10
CA MET E 707 -52.01 -31.41 -61.86
C MET E 707 -51.80 -29.93 -61.61
N VAL E 708 -50.54 -29.49 -61.69
CA VAL E 708 -50.20 -28.10 -61.43
C VAL E 708 -50.33 -27.29 -62.72
N ASP E 709 -50.76 -26.04 -62.57
CA ASP E 709 -50.89 -25.15 -63.72
C ASP E 709 -49.52 -24.67 -64.18
N ILE E 710 -49.45 -24.30 -65.47
CA ILE E 710 -48.21 -23.77 -66.02
C ILE E 710 -47.92 -22.39 -65.45
N ASP E 711 -48.96 -21.59 -65.19
CA ASP E 711 -48.76 -20.25 -64.64
C ASP E 711 -48.25 -20.32 -63.21
N ASP E 712 -48.40 -21.47 -62.55
CA ASP E 712 -47.86 -21.64 -61.21
C ASP E 712 -46.34 -21.53 -61.22
N VAL E 713 -45.70 -22.14 -62.21
CA VAL E 713 -44.25 -22.03 -62.37
C VAL E 713 -43.86 -20.58 -62.61
N GLU E 714 -44.66 -19.86 -63.40
CA GLU E 714 -44.39 -18.44 -63.63
C GLU E 714 -44.47 -17.65 -62.34
N GLU E 715 -45.46 -17.93 -61.50
CA GLU E 715 -45.58 -17.24 -60.21
C GLU E 715 -44.38 -17.54 -59.32
N ALA E 716 -43.97 -18.80 -59.25
CA ALA E 716 -42.82 -19.18 -58.44
C ALA E 716 -41.55 -18.48 -58.92
N LEU E 717 -41.35 -18.47 -60.24
CA LEU E 717 -40.20 -17.83 -60.84
C LEU E 717 -40.22 -16.33 -60.56
N ARG E 718 -41.40 -15.72 -60.63
CA ARG E 718 -41.52 -14.30 -60.33
C ARG E 718 -41.14 -14.00 -58.90
N LEU E 719 -41.61 -14.82 -57.95
CA LEU E 719 -41.26 -14.59 -56.55
C LEU E 719 -39.76 -14.77 -56.31
N VAL E 720 -39.17 -15.81 -56.90
CA VAL E 720 -37.73 -16.02 -56.77
C VAL E 720 -36.96 -14.85 -57.39
N ARG E 721 -37.42 -14.36 -58.54
CA ARG E 721 -36.71 -13.28 -59.22
C ARG E 721 -36.81 -11.97 -58.45
N VAL E 722 -37.97 -11.71 -57.83
CA VAL E 722 -38.09 -10.52 -56.99
C VAL E 722 -37.15 -10.62 -55.79
N SER E 723 -37.11 -11.80 -55.15
CA SER E 723 -36.18 -11.99 -54.05
C SER E 723 -34.73 -11.78 -54.50
N LYS E 724 -34.38 -12.29 -55.69
CA LYS E 724 -33.02 -12.12 -56.20
C LYS E 724 -32.72 -10.65 -56.49
N GLU E 725 -33.68 -9.93 -57.07
CA GLU E 725 -33.53 -8.51 -57.36
C GLU E 725 -33.57 -7.65 -56.11
N SER E 726 -33.93 -8.23 -54.97
CA SER E 726 -33.87 -7.48 -53.71
C SER E 726 -32.45 -7.15 -53.29
N LEU E 727 -31.44 -7.73 -53.94
CA LEU E 727 -30.05 -7.47 -53.56
C LEU E 727 -29.70 -5.99 -53.74
N TYR E 728 -30.13 -5.40 -54.86
CA TYR E 728 -29.95 -3.96 -55.01
C TYR E 728 -30.88 -3.20 -54.07
N GLN E 729 -32.15 -3.58 -54.02
CA GLN E 729 -33.13 -2.88 -53.21
C GLN E 729 -33.07 -3.32 -51.76
N MET F 1 -27.43 40.43 9.96
CA MET F 1 -26.94 40.89 8.67
C MET F 1 -25.82 41.91 8.85
N TYR F 2 -26.18 43.09 9.37
CA TYR F 2 -25.17 44.13 9.60
C TYR F 2 -24.18 43.70 10.67
N GLY F 3 -24.66 43.12 11.77
CA GLY F 3 -23.79 42.71 12.85
C GLY F 3 -23.13 41.37 12.69
N ASP F 4 -23.45 40.64 11.63
CA ASP F 4 -22.93 39.28 11.44
C ASP F 4 -21.41 39.24 11.41
N LEU F 5 -20.76 40.31 10.95
CA LEU F 5 -19.31 40.36 10.99
C LEU F 5 -18.79 40.49 12.41
N GLY F 6 -19.42 41.34 13.22
CA GLY F 6 -18.93 41.55 14.57
C GLY F 6 -18.91 40.29 15.41
N ASN F 7 -19.88 39.40 15.18
CA ASN F 7 -19.89 38.12 15.85
C ASN F 7 -18.56 37.39 15.68
N LYS F 8 -18.01 37.41 14.46
CA LYS F 8 -16.70 36.81 14.22
C LYS F 8 -15.68 37.36 15.20
N LEU F 9 -15.64 38.68 15.35
CA LEU F 9 -14.73 39.29 16.31
C LEU F 9 -14.91 38.68 17.69
N VAL F 10 -16.16 38.60 18.15
CA VAL F 10 -16.42 38.02 19.47
C VAL F 10 -15.88 36.59 19.53
N LEU F 11 -16.08 35.82 18.46
CA LEU F 11 -15.55 34.46 18.43
C LEU F 11 -14.05 34.46 18.68
N GLU F 12 -13.32 35.37 18.03
CA GLU F 12 -11.88 35.45 18.25
C GLU F 12 -11.58 35.66 19.72
N ALA F 13 -12.32 36.57 20.38
CA ALA F 13 -12.12 36.80 21.80
C ALA F 13 -12.22 35.50 22.57
N LYS F 14 -13.24 34.68 22.27
CA LYS F 14 -13.38 33.41 22.97
C LYS F 14 -12.10 32.60 22.89
N ARG F 15 -11.52 32.48 21.70
CA ARG F 15 -10.30 31.69 21.56
C ARG F 15 -9.21 32.24 22.47
N THR F 16 -9.04 33.56 22.49
CA THR F 16 -8.02 34.14 23.36
C THR F 16 -8.28 33.76 24.81
N LYS F 17 -9.55 33.80 25.23
CA LYS F 17 -9.88 33.45 26.60
C LYS F 17 -9.39 32.04 26.92
N GLN F 18 -9.53 31.12 25.98
CA GLN F 18 -9.06 29.76 26.21
C GLN F 18 -7.56 29.75 26.48
N LEU F 19 -6.79 30.48 25.68
CA LEU F 19 -5.36 30.58 25.92
C LEU F 19 -5.08 31.21 27.28
N TYR F 20 -5.95 32.12 27.72
CA TYR F 20 -5.81 32.68 29.06
C TYR F 20 -6.22 31.65 30.11
N ALA F 21 -7.24 30.84 29.82
CA ALA F 21 -7.70 29.85 30.79
C ALA F 21 -6.73 28.69 30.91
N ARG F 22 -6.28 28.16 29.76
CA ARG F 22 -5.34 27.04 29.74
C ARG F 22 -3.92 27.60 29.58
N SER F 23 -3.41 28.14 30.69
CA SER F 23 -2.11 28.79 30.72
C SER F 23 -1.37 28.36 31.98
N ASN F 24 -0.52 27.35 31.86
CA ASN F 24 0.36 26.97 32.97
C ASN F 24 1.35 28.09 33.27
N GLN F 25 1.86 28.75 32.23
CA GLN F 25 2.72 29.92 32.37
C GLN F 25 2.09 31.08 31.61
N ASP F 26 2.68 32.27 31.79
CA ASP F 26 2.16 33.46 31.13
C ASP F 26 2.29 33.34 29.62
N VAL F 27 1.29 33.85 28.91
CA VAL F 27 1.25 33.76 27.45
C VAL F 27 1.25 35.16 26.85
N ASN F 28 1.23 35.23 25.52
CA ASN F 28 1.24 36.50 24.80
C ASN F 28 -0.07 36.65 24.04
N LEU F 29 -0.57 37.87 23.98
CA LEU F 29 -1.78 38.13 23.19
C LEU F 29 -1.48 37.94 21.71
N PRO F 30 -2.42 37.41 20.94
CA PRO F 30 -2.24 37.32 19.49
C PRO F 30 -2.26 38.70 18.84
N MET F 31 -2.19 38.70 17.51
CA MET F 31 -2.19 39.94 16.75
C MET F 31 -3.51 40.68 16.93
N TYR F 32 -3.44 42.00 16.86
CA TYR F 32 -4.61 42.86 16.93
C TYR F 32 -5.50 42.59 15.71
N HIS F 33 -6.74 43.09 15.73
CA HIS F 33 -7.69 42.82 14.67
C HIS F 33 -8.18 44.13 14.07
N GLU F 34 -7.23 45.01 13.73
CA GLU F 34 -7.58 46.36 13.29
C GLU F 34 -8.39 46.34 12.00
N ASP F 35 -8.20 45.31 11.15
CA ASP F 35 -8.94 45.25 9.90
C ASP F 35 -10.42 44.95 10.13
N ILE F 36 -10.72 43.93 10.95
CA ILE F 36 -12.12 43.67 11.28
C ILE F 36 -12.75 44.88 11.97
N ILE F 37 -12.04 45.46 12.94
CA ILE F 37 -12.56 46.61 13.67
C ILE F 37 -12.85 47.76 12.71
N ARG F 38 -11.95 47.99 11.74
CA ARG F 38 -12.19 49.04 10.76
C ARG F 38 -13.38 48.71 9.88
N ASN F 39 -13.64 47.42 9.64
CA ASN F 39 -14.84 47.05 8.88
C ASN F 39 -16.11 47.37 9.64
N ILE F 40 -16.16 47.05 10.94
CA ILE F 40 -17.30 47.48 11.75
C ILE F 40 -17.40 49.00 11.78
N LEU F 41 -16.27 49.69 11.84
CA LEU F 41 -16.32 51.15 11.81
C LEU F 41 -16.94 51.67 10.52
N LYS F 42 -16.57 51.08 9.38
CA LYS F 42 -17.15 51.47 8.11
C LYS F 42 -18.65 51.20 8.07
N GLU F 43 -19.08 50.04 8.58
CA GLU F 43 -20.50 49.71 8.48
C GLU F 43 -21.32 50.57 9.43
N VAL F 44 -20.78 50.92 10.61
CA VAL F 44 -21.52 51.80 11.51
C VAL F 44 -21.56 53.21 10.94
N SER F 45 -20.52 53.63 10.22
CA SER F 45 -20.58 54.91 9.52
C SER F 45 -21.67 54.90 8.45
N ASN F 46 -21.78 53.80 7.70
CA ASN F 46 -22.85 53.67 6.72
C ASN F 46 -24.22 53.70 7.40
N LEU F 47 -24.33 53.07 8.57
CA LEU F 47 -25.58 53.13 9.33
C LEU F 47 -25.90 54.56 9.75
N ARG F 48 -24.88 55.33 10.15
CA ARG F 48 -25.10 56.74 10.48
C ARG F 48 -25.60 57.52 9.27
N LYS F 49 -25.00 57.26 8.10
CA LYS F 49 -25.47 57.91 6.88
C LYS F 49 -26.92 57.54 6.60
N ASN F 50 -27.27 56.27 6.80
CA ASN F 50 -28.65 55.84 6.57
C ASN F 50 -29.61 56.51 7.54
N THR F 51 -29.22 56.65 8.80
CA THR F 51 -30.06 57.36 9.77
C THR F 51 -30.25 58.81 9.38
N GLU F 52 -29.18 59.48 8.94
CA GLU F 52 -29.32 60.84 8.44
C GLU F 52 -30.32 60.90 7.28
N TYR F 53 -30.13 60.04 6.29
CA TYR F 53 -31.02 60.01 5.12
C TYR F 53 -32.47 59.81 5.53
N LEU F 54 -32.71 58.89 6.48
CA LEU F 54 -34.06 58.71 7.00
C LEU F 54 -34.56 59.99 7.66
N LYS F 55 -33.67 60.71 8.35
CA LYS F 55 -34.08 61.95 8.99
C LYS F 55 -34.61 62.96 7.98
N GLU F 56 -33.83 63.22 6.92
CA GLU F 56 -34.32 64.16 5.91
C GLU F 56 -35.58 63.62 5.22
N GLN F 57 -35.57 62.35 4.84
CA GLN F 57 -36.68 61.82 4.05
C GLN F 57 -37.97 61.85 4.86
N GLN F 58 -37.87 61.71 6.18
CA GLN F 58 -39.04 61.89 7.04
C GLN F 58 -39.41 63.35 7.18
N GLN F 59 -38.41 64.24 7.30
CA GLN F 59 -38.75 65.62 7.61
C GLN F 59 -39.21 66.42 6.39
N LEU F 60 -39.06 65.88 5.17
CA LEU F 60 -39.78 66.42 4.03
C LEU F 60 -41.22 65.92 3.94
N GLY F 61 -41.56 64.90 4.72
CA GLY F 61 -42.93 64.41 4.76
C GLY F 61 -43.41 63.67 3.53
N MET F 62 -42.63 62.71 3.03
CA MET F 62 -43.07 61.79 2.00
C MET F 62 -43.48 60.42 2.54
N LEU F 63 -43.04 60.06 3.75
CA LEU F 63 -43.26 58.72 4.27
C LEU F 63 -44.04 58.78 5.59
N ASP F 64 -44.78 57.71 5.84
CA ASP F 64 -45.50 57.56 7.09
C ASP F 64 -44.53 57.40 8.26
N ASP F 65 -44.95 57.88 9.43
CA ASP F 65 -44.08 57.83 10.60
C ASP F 65 -43.90 56.41 11.10
N LYS F 66 -44.98 55.63 11.11
CA LYS F 66 -44.92 54.25 11.60
C LYS F 66 -43.93 53.43 10.76
N VAL F 67 -43.87 53.71 9.45
CA VAL F 67 -42.91 53.03 8.59
C VAL F 67 -41.48 53.40 8.98
N ALA F 68 -41.20 54.69 9.14
CA ALA F 68 -39.83 55.13 9.40
C ALA F 68 -39.33 54.65 10.76
N LYS F 69 -40.25 54.49 11.72
CA LYS F 69 -39.85 54.07 13.06
C LYS F 69 -39.15 52.72 13.03
N CYS F 70 -39.60 51.81 12.16
CA CYS F 70 -39.05 50.45 12.15
C CYS F 70 -37.59 50.45 11.70
N GLN F 71 -37.27 51.12 10.59
CA GLN F 71 -35.87 51.17 10.15
C GLN F 71 -35.02 51.99 11.11
N TYR F 72 -35.60 53.03 11.73
CA TYR F 72 -34.85 53.75 12.75
C TYR F 72 -34.44 52.80 13.87
N PHE F 73 -35.38 52.00 14.37
CA PHE F 73 -35.08 51.06 15.43
C PHE F 73 -34.06 50.02 14.99
N VAL F 74 -34.18 49.55 13.75
CA VAL F 74 -33.25 48.54 13.25
C VAL F 74 -31.83 49.08 13.21
N THR F 75 -31.65 50.30 12.68
CA THR F 75 -30.32 50.88 12.62
C THR F 75 -29.75 51.12 14.02
N LEU F 76 -30.58 51.62 14.93
CA LEU F 76 -30.13 51.85 16.30
C LEU F 76 -29.68 50.54 16.95
N LEU F 77 -30.46 49.47 16.75
CA LEU F 77 -30.14 48.19 17.36
C LEU F 77 -28.85 47.60 16.78
N CYS F 78 -28.66 47.73 15.47
CA CYS F 78 -27.43 47.25 14.85
C CYS F 78 -26.20 47.99 15.39
N MET F 79 -26.31 49.32 15.52
CA MET F 79 -25.20 50.08 16.08
C MET F 79 -24.92 49.66 17.53
N GLU F 80 -25.97 49.44 18.31
CA GLU F 80 -25.79 48.99 19.69
C GLU F 80 -25.08 47.65 19.76
N ARG F 81 -25.48 46.71 18.89
CA ARG F 81 -24.83 45.40 18.86
C ARG F 81 -23.35 45.52 18.50
N ASN F 82 -23.03 46.34 17.50
CA ASN F 82 -21.63 46.52 17.12
C ASN F 82 -20.82 47.12 18.26
N LYS F 83 -21.38 48.11 18.95
CA LYS F 83 -20.71 48.69 20.12
C LYS F 83 -20.46 47.63 21.18
N ARG F 84 -21.46 46.80 21.45
CA ARG F 84 -21.30 45.76 22.46
C ARG F 84 -20.17 44.81 22.12
N CYS F 85 -20.12 44.35 20.87
CA CYS F 85 -19.06 43.42 20.47
C CYS F 85 -17.68 44.05 20.62
N LEU F 86 -17.52 45.29 20.13
CA LEU F 86 -16.22 45.96 20.22
C LEU F 86 -15.80 46.16 21.67
N LEU F 87 -16.74 46.59 22.52
CA LEU F 87 -16.40 46.84 23.93
C LEU F 87 -16.02 45.55 24.65
N ALA F 88 -16.71 44.45 24.36
CA ALA F 88 -16.36 43.18 25.01
C ALA F 88 -14.95 42.74 24.61
N TYR F 89 -14.63 42.82 23.32
CA TYR F 89 -13.29 42.47 22.87
C TYR F 89 -12.23 43.34 23.56
N GLN F 90 -12.48 44.65 23.60
CA GLN F 90 -11.51 45.57 24.20
C GLN F 90 -11.32 45.28 25.68
N ARG F 91 -12.41 44.99 26.40
CA ARG F 91 -12.29 44.75 27.84
C ARG F 91 -11.54 43.47 28.13
N LEU F 92 -11.76 42.42 27.33
CA LEU F 92 -10.99 41.19 27.55
C LEU F 92 -9.50 41.44 27.35
N ARG F 93 -9.14 42.11 26.25
CA ARG F 93 -7.73 42.39 26.00
C ARG F 93 -7.15 43.27 27.11
N THR F 94 -7.94 44.22 27.60
CA THR F 94 -7.48 45.10 28.67
C THR F 94 -7.23 44.32 29.96
N ASP F 95 -8.12 43.38 30.28
CA ASP F 95 -7.95 42.59 31.51
C ASP F 95 -6.67 41.76 31.44
N ILE F 96 -6.39 41.14 30.28
CA ILE F 96 -5.16 40.35 30.18
C ILE F 96 -3.93 41.24 30.35
N LEU F 97 -3.96 42.44 29.75
CA LEU F 97 -2.86 43.38 29.90
C LEU F 97 -2.64 43.78 31.34
N ASP F 98 -3.74 44.05 32.07
CA ASP F 98 -3.62 44.41 33.47
C ASP F 98 -3.01 43.27 34.28
N SER F 99 -3.43 42.04 33.98
CA SER F 99 -2.86 40.88 34.68
C SER F 99 -1.36 40.80 34.46
N MET F 100 -0.92 40.92 33.21
CA MET F 100 0.53 40.87 32.95
C MET F 100 1.25 42.01 33.66
N ALA F 101 0.69 43.22 33.60
CA ALA F 101 1.34 44.36 34.22
C ALA F 101 1.53 44.15 35.72
N TRP F 102 0.51 43.57 36.38
CA TRP F 102 0.67 43.23 37.78
C TRP F 102 1.67 42.11 38.01
N ASN F 103 1.78 41.15 37.09
CA ASN F 103 2.63 39.99 37.28
C ASN F 103 4.07 40.20 36.82
N ASN F 104 4.55 41.44 36.78
CA ASN F 104 5.96 41.73 36.52
C ASN F 104 6.58 42.65 37.57
N ASN F 105 6.07 42.62 38.80
CA ASN F 105 6.59 43.42 39.90
C ASN F 105 6.61 44.90 39.56
N GLY F 106 5.48 45.37 39.02
CA GLY F 106 5.41 46.75 38.59
C GLY F 106 6.32 46.99 37.40
N LEU F 107 7.21 47.98 37.54
CA LEU F 107 8.23 48.30 36.55
C LEU F 107 7.57 48.85 35.28
N ASP F 108 8.37 49.33 34.34
CA ASP F 108 7.86 50.00 33.15
C ASP F 108 7.56 49.03 32.01
N LEU F 109 7.74 47.73 32.24
CA LEU F 109 7.48 46.68 31.24
C LEU F 109 8.37 46.91 30.02
N MET F 110 7.83 47.32 28.89
CA MET F 110 8.53 47.13 27.62
C MET F 110 9.74 48.05 27.49
N SER F 111 9.67 49.25 28.06
CA SER F 111 10.79 50.18 27.98
C SER F 111 12.01 49.60 28.68
N SER F 112 11.84 49.15 29.93
CA SER F 112 12.92 48.51 30.65
C SER F 112 13.01 47.04 30.26
N ILE F 113 13.81 46.29 31.04
CA ILE F 113 13.96 44.86 30.79
C ILE F 113 12.65 44.16 31.08
N THR F 114 12.21 43.32 30.15
CA THR F 114 10.96 42.58 30.29
C THR F 114 11.29 41.09 30.33
N PHE F 115 10.36 40.27 30.81
CA PHE F 115 10.54 38.82 30.88
C PHE F 115 10.32 38.14 29.53
N SER F 116 10.31 38.92 28.44
CA SER F 116 10.19 38.41 27.07
C SER F 116 8.90 37.64 26.83
N GLN F 117 7.86 37.90 27.62
CA GLN F 117 6.60 37.18 27.44
C GLN F 117 5.83 37.69 26.24
N GLN F 118 5.97 38.97 25.92
CA GLN F 118 5.14 39.63 24.92
C GLN F 118 6.02 40.40 23.94
N ASP F 119 5.66 40.32 22.66
CA ASP F 119 6.33 41.11 21.63
C ASP F 119 5.72 42.51 21.58
N THR F 120 6.54 43.49 21.18
CA THR F 120 6.08 44.87 21.13
C THR F 120 4.93 45.07 20.15
N ASN F 121 4.97 44.44 18.99
CA ASN F 121 4.09 44.81 17.90
C ASN F 121 2.71 44.17 17.98
N ASN F 122 2.50 43.22 18.89
CA ASN F 122 1.17 42.65 19.05
C ASN F 122 0.17 43.69 19.55
N LEU F 123 0.58 44.51 20.51
CA LEU F 123 -0.34 45.46 21.13
C LEU F 123 -0.58 46.66 20.22
N SER F 124 -1.76 47.24 20.35
CA SER F 124 -2.08 48.47 19.66
C SER F 124 -1.42 49.66 20.35
N HIS F 125 -1.35 50.78 19.63
CA HIS F 125 -0.70 51.97 20.18
C HIS F 125 -1.43 52.48 21.41
N GLN F 126 -2.76 52.53 21.35
CA GLN F 126 -3.55 52.93 22.51
C GLN F 126 -3.36 51.95 23.66
N GLU F 127 -3.27 50.65 23.36
CA GLU F 127 -2.99 49.67 24.41
C GLU F 127 -1.60 49.89 25.00
N GLN F 128 -0.61 50.22 24.16
CA GLN F 128 0.73 50.50 24.65
C GLN F 128 0.74 51.69 25.59
N GLU F 129 0.00 52.75 25.25
CA GLU F 129 -0.16 53.91 26.12
C GLU F 129 -0.85 53.54 27.43
N TYR F 130 -1.98 52.84 27.34
CA TYR F 130 -2.73 52.41 28.51
C TYR F 130 -1.84 51.61 29.47
N LEU F 131 -1.02 50.71 28.92
CA LEU F 131 -0.13 49.91 29.76
C LEU F 131 0.85 50.81 30.50
N LYS F 132 1.34 51.86 29.84
CA LYS F 132 2.29 52.76 30.48
C LYS F 132 1.68 53.47 31.68
N GLU F 133 0.47 54.04 31.50
CA GLU F 133 -0.12 54.74 32.65
C GLU F 133 -0.54 53.75 33.74
N TYR F 134 -0.95 52.54 33.36
CA TYR F 134 -1.28 51.56 34.38
C TYR F 134 -0.06 51.17 35.20
N CYS F 135 1.09 51.02 34.55
CA CYS F 135 2.32 50.73 35.27
C CYS F 135 2.71 51.88 36.19
N ASP F 136 2.54 53.12 35.73
CA ASP F 136 2.82 54.26 36.60
C ASP F 136 1.89 54.27 37.81
N LEU F 137 0.62 53.90 37.60
CA LEU F 137 -0.32 53.80 38.71
C LEU F 137 0.12 52.74 39.71
N ILE F 138 0.56 51.58 39.23
CA ILE F 138 1.09 50.57 40.14
C ILE F 138 2.29 51.13 40.91
N THR F 139 3.17 51.86 40.22
CA THR F 139 4.36 52.39 40.85
C THR F 139 4.02 53.35 41.98
N ASP F 140 3.09 54.28 41.75
CA ASP F 140 2.82 55.25 42.81
C ASP F 140 1.82 54.69 43.83
N LEU F 141 1.23 53.52 43.55
CA LEU F 141 0.63 52.75 44.64
C LEU F 141 1.69 52.18 45.56
N LYS F 142 2.74 51.60 45.00
CA LYS F 142 3.73 50.88 45.82
C LYS F 142 4.48 51.82 46.74
N SER F 143 4.43 53.13 46.48
CA SER F 143 5.06 54.12 47.33
C SER F 143 4.07 54.80 48.28
N GLY F 144 2.85 54.27 48.40
CA GLY F 144 1.82 54.87 49.23
C GLY F 144 2.05 54.62 50.70
N ASP F 145 0.94 54.41 51.42
CA ASP F 145 1.06 54.14 52.86
C ASP F 145 1.61 52.74 53.11
N LEU F 146 1.46 51.84 52.14
CA LEU F 146 1.90 50.45 52.29
C LEU F 146 3.31 50.25 51.71
N VAL F 147 4.26 51.01 52.25
CA VAL F 147 5.64 50.88 51.81
C VAL F 147 6.25 49.57 52.30
N ASP F 148 6.01 49.23 53.58
CA ASP F 148 6.64 48.06 54.17
C ASP F 148 6.20 46.78 53.47
N ILE F 149 4.91 46.69 53.14
CA ILE F 149 4.39 45.54 52.41
C ILE F 149 4.63 45.71 50.92
N ASP F 150 5.17 44.68 50.29
CA ASP F 150 5.46 44.70 48.86
C ASP F 150 4.22 44.24 48.12
N LEU F 151 3.43 45.19 47.61
CA LEU F 151 2.17 44.86 46.96
C LEU F 151 2.36 44.05 45.68
N SER F 152 3.57 43.99 45.14
CA SER F 152 3.87 43.20 43.96
C SER F 152 4.67 41.94 44.29
N GLY F 153 4.61 41.50 45.54
CA GLY F 153 5.36 40.34 45.98
C GLY F 153 4.69 39.04 45.62
N SER F 154 5.25 37.95 46.16
CA SER F 154 4.75 36.62 45.87
C SER F 154 3.40 36.39 46.57
N LEU F 155 2.55 35.58 45.92
CA LEU F 155 1.22 35.30 46.43
C LEU F 155 1.03 33.85 46.85
N VAL F 156 2.11 33.12 47.09
CA VAL F 156 2.06 31.77 47.66
C VAL F 156 2.55 31.86 49.10
N PRO F 157 1.85 31.25 50.05
CA PRO F 157 2.18 31.45 51.47
C PRO F 157 3.56 30.92 51.80
N PRO F 158 4.26 31.55 52.75
CA PRO F 158 5.58 31.04 53.15
C PRO F 158 5.45 29.92 54.17
N SER F 159 6.04 28.76 53.88
CA SER F 159 5.96 27.61 54.76
C SER F 159 7.28 26.86 54.89
N ASP F 160 8.36 27.37 54.32
CA ASP F 160 9.67 26.71 54.38
C ASP F 160 10.72 27.77 54.62
N VAL F 161 11.38 27.72 55.79
CA VAL F 161 12.34 28.76 56.14
C VAL F 161 13.60 28.64 55.30
N PHE F 162 14.13 27.43 55.13
CA PHE F 162 15.38 27.20 54.42
C PHE F 162 15.11 26.34 53.19
N ILE F 163 15.59 26.77 52.03
CA ILE F 163 15.33 26.08 50.77
C ILE F 163 16.65 25.86 50.03
N ASP F 164 16.61 24.90 49.10
CA ASP F 164 17.72 24.62 48.20
C ASP F 164 17.41 25.23 46.85
N VAL F 165 18.36 25.98 46.30
CA VAL F 165 18.16 26.63 45.02
C VAL F 165 19.34 26.33 44.09
N ARG F 166 19.07 26.41 42.80
CA ARG F 166 20.07 26.17 41.77
C ARG F 166 20.04 27.33 40.77
N VAL F 167 21.22 27.75 40.33
CA VAL F 167 21.38 28.91 39.47
C VAL F 167 21.10 28.47 38.03
N LEU F 168 20.32 29.28 37.30
CA LEU F 168 20.02 28.96 35.92
C LEU F 168 20.95 29.70 34.96
N LYS F 169 21.17 30.98 35.19
CA LYS F 169 21.97 31.82 34.30
C LYS F 169 23.16 32.38 35.07
N ASP F 170 24.27 32.54 34.37
CA ASP F 170 25.49 33.02 35.00
C ASP F 170 25.39 34.52 35.28
N ALA F 171 26.09 34.96 36.32
CA ALA F 171 26.09 36.36 36.73
C ALA F 171 27.30 36.60 37.63
N GLY F 172 27.40 37.83 38.13
CA GLY F 172 28.48 38.20 39.03
C GLY F 172 28.04 38.22 40.48
N GLU F 173 28.95 38.71 41.33
CA GLU F 173 28.65 38.81 42.75
C GLU F 173 27.56 39.83 43.00
N ILE F 174 26.59 39.46 43.83
CA ILE F 174 25.49 40.35 44.21
C ILE F 174 25.47 40.48 45.72
N GLN F 175 25.52 41.71 46.21
CA GLN F 175 25.40 41.98 47.63
C GLN F 175 23.95 41.87 48.08
N THR F 176 23.76 41.25 49.25
CA THR F 176 22.48 41.19 49.92
C THR F 176 22.68 41.69 51.35
N GLU F 177 21.58 41.94 52.03
CA GLU F 177 21.66 42.47 53.39
C GLU F 177 22.48 41.54 54.26
N TYR F 178 23.66 42.00 54.65
CA TYR F 178 24.64 41.35 55.53
C TYR F 178 25.45 40.25 54.84
N GLY F 179 25.52 40.21 53.52
CA GLY F 179 26.31 39.18 52.89
C GLY F 179 26.39 39.35 51.38
N VAL F 180 26.92 38.31 50.73
CA VAL F 180 27.15 38.31 49.29
C VAL F 180 26.82 36.93 48.73
N PHE F 181 26.19 36.92 47.56
CA PHE F 181 25.96 35.70 46.81
C PHE F 181 26.78 35.74 45.53
N ASN F 182 27.51 34.65 45.27
CA ASN F 182 28.33 34.53 44.07
C ASN F 182 27.61 33.59 43.10
N LEU F 183 27.15 34.13 41.98
CA LEU F 183 26.30 33.37 41.05
C LEU F 183 27.12 32.66 39.98
N ILE F 184 27.86 31.64 40.42
CA ILE F 184 28.53 30.76 39.47
C ILE F 184 27.54 29.73 38.95
N LYS F 185 27.47 29.61 37.63
CA LYS F 185 26.49 28.73 37.00
C LYS F 185 26.74 27.28 37.37
N ASP F 186 25.66 26.51 37.44
CA ASP F 186 25.70 25.09 37.82
C ASP F 186 26.24 24.89 39.23
N SER F 187 25.81 25.76 40.14
CA SER F 187 26.15 25.67 41.55
C SER F 187 24.87 25.71 42.38
N GLN F 188 24.91 25.08 43.55
CA GLN F 188 23.74 24.95 44.40
C GLN F 188 23.93 25.73 45.70
N PHE F 189 22.84 26.33 46.16
CA PHE F 189 22.83 27.13 47.39
C PHE F 189 21.83 26.53 48.38
N PHE F 190 22.19 26.60 49.65
CA PHE F 190 21.27 26.34 50.76
C PHE F 190 21.17 27.60 51.60
N VAL F 191 20.08 28.34 51.42
CA VAL F 191 19.95 29.67 52.02
C VAL F 191 18.48 29.94 52.34
N ARG F 192 18.22 30.99 53.10
CA ARG F 192 16.87 31.35 53.51
C ARG F 192 16.03 31.73 52.29
N GLN F 193 14.72 31.49 52.37
CA GLN F 193 13.83 31.70 51.23
C GLN F 193 13.66 33.19 50.91
N SER F 194 13.69 34.04 51.94
CA SER F 194 13.39 35.45 51.72
C SER F 194 14.44 36.14 50.85
N ASP F 195 15.69 35.70 50.96
CA ASP F 195 16.76 36.37 50.24
C ASP F 195 16.65 36.16 48.72
N VAL F 196 16.16 35.00 48.30
CA VAL F 196 16.23 34.60 46.90
C VAL F 196 14.89 34.67 46.19
N GLU F 197 13.85 35.25 46.82
CA GLU F 197 12.56 35.38 46.15
C GLU F 197 12.69 36.25 44.90
N ARG F 198 13.40 37.38 45.03
CA ARG F 198 13.59 38.28 43.90
C ARG F 198 14.32 37.59 42.76
N LEU F 199 15.39 36.86 43.08
CA LEU F 199 16.18 36.21 42.04
C LEU F 199 15.45 35.04 41.39
N ILE F 200 14.63 34.31 42.15
CA ILE F 200 13.80 33.26 41.56
C ILE F 200 12.75 33.87 40.64
N GLN F 201 12.16 35.00 41.04
CA GLN F 201 11.13 35.62 40.22
C GLN F 201 11.68 36.09 38.88
N GLN F 202 12.95 36.49 38.85
CA GLN F 202 13.56 37.01 37.64
C GLN F 202 14.29 35.96 36.81
N GLY F 203 14.22 34.70 37.18
CA GLY F 203 14.75 33.63 36.36
C GLY F 203 16.22 33.32 36.54
N TYR F 204 16.88 33.87 37.55
CA TYR F 204 18.27 33.56 37.82
C TYR F 204 18.44 32.38 38.77
N LEU F 205 17.35 31.84 39.31
CA LEU F 205 17.43 30.71 40.22
C LEU F 205 16.27 29.75 39.93
N GLN F 206 16.47 28.49 40.33
CA GLN F 206 15.52 27.43 40.10
C GLN F 206 15.20 26.75 41.44
N LYS F 207 14.03 26.11 41.48
CA LYS F 207 13.61 25.25 42.58
C LYS F 207 13.20 26.09 43.79
N ILE F 208 12.71 25.43 44.84
CA ILE F 208 12.26 26.12 46.04
C ILE F 208 12.22 25.10 47.18
N SER G 2 -4.30 36.50 44.35
CA SER G 2 -5.60 37.14 44.26
C SER G 2 -6.26 36.89 42.91
N LEU G 3 -5.83 37.64 41.91
CA LEU G 3 -6.37 37.53 40.55
C LEU G 3 -5.81 36.33 39.80
N PRO G 4 -4.49 36.15 39.68
CA PRO G 4 -3.97 35.09 38.81
C PRO G 4 -4.24 33.69 39.37
N ALA G 5 -4.28 32.74 38.45
CA ALA G 5 -4.47 31.32 38.76
C ALA G 5 -5.75 31.10 39.55
N HIS G 6 -6.87 31.54 38.97
CA HIS G 6 -8.18 31.50 39.61
C HIS G 6 -8.09 32.31 40.91
N LEU G 7 -8.21 31.70 42.08
CA LEU G 7 -8.08 32.33 43.39
C LEU G 7 -9.10 33.44 43.62
N GLN G 8 -10.05 33.64 42.71
CA GLN G 8 -11.03 34.71 42.88
C GLN G 8 -11.95 34.43 44.06
N GLN G 9 -12.46 33.20 44.18
CA GLN G 9 -13.50 32.90 45.15
C GLN G 9 -13.30 31.54 45.83
N THR G 10 -12.10 30.98 45.78
CA THR G 10 -11.82 29.69 46.39
C THR G 10 -10.38 29.69 46.90
N PHE G 11 -10.16 29.00 48.02
CA PHE G 11 -8.83 28.92 48.61
C PHE G 11 -8.04 27.78 47.99
N SER G 12 -6.73 28.00 47.86
CA SER G 12 -5.81 26.97 47.44
C SER G 12 -5.45 26.06 48.60
N PRO G 13 -4.99 24.83 48.32
CA PRO G 13 -4.61 23.94 49.44
C PRO G 13 -3.52 24.51 50.33
N GLU G 14 -2.60 25.29 49.77
CA GLU G 14 -1.53 25.88 50.57
C GLU G 14 -2.08 26.89 51.58
N GLU G 15 -3.09 27.66 51.18
CA GLU G 15 -3.70 28.60 52.12
C GLU G 15 -4.46 27.87 53.23
N ILE G 16 -5.09 26.74 52.90
CA ILE G 16 -5.72 25.91 53.92
C ILE G 16 -4.67 25.39 54.89
N GLN G 17 -3.51 24.97 54.37
CA GLN G 17 -2.42 24.54 55.24
C GLN G 17 -1.94 25.67 56.14
N PHE G 18 -1.85 26.89 55.58
CA PHE G 18 -1.52 28.06 56.39
C PHE G 18 -2.49 28.23 57.55
N ILE G 19 -3.79 28.19 57.25
CA ILE G 19 -4.80 28.35 58.29
C ILE G 19 -4.66 27.25 59.34
N VAL G 20 -4.37 26.02 58.91
CA VAL G 20 -4.21 24.92 59.85
C VAL G 20 -3.00 25.17 60.75
N GLU G 21 -1.86 25.57 60.17
CA GLU G 21 -0.67 25.84 60.97
C GLU G 21 -0.81 27.07 61.84
N ASN G 22 -1.86 27.87 61.67
CA ASN G 22 -2.11 28.99 62.57
C ASN G 22 -2.87 28.56 63.83
N GLU G 23 -2.73 27.30 64.25
CA GLU G 23 -3.48 26.74 65.36
C GLU G 23 -2.54 26.12 66.39
N PRO G 24 -2.90 26.13 67.68
CA PRO G 24 -1.97 25.69 68.72
C PRO G 24 -1.72 24.19 68.71
N ILE G 25 -0.63 23.78 69.38
CA ILE G 25 -0.26 22.39 69.55
C ILE G 25 0.60 22.26 70.80
N LYS G 26 0.66 21.05 71.35
CA LYS G 26 1.41 20.75 72.57
C LYS G 26 2.77 20.16 72.23
N ILE G 27 3.77 20.44 73.08
CA ILE G 27 5.14 20.05 72.84
C ILE G 27 5.82 19.68 74.16
N PHE G 28 6.95 18.97 74.05
CA PHE G 28 7.87 18.74 75.16
C PHE G 28 9.21 19.36 74.82
N PRO G 29 9.51 20.54 75.38
CA PRO G 29 10.79 21.18 75.11
C PRO G 29 11.99 20.35 75.54
N ARG G 30 13.07 20.39 74.75
CA ARG G 30 14.33 19.76 75.13
C ARG G 30 15.34 20.79 75.62
N ILE G 31 14.93 22.04 75.78
CA ILE G 31 15.81 23.11 76.25
C ILE G 31 15.10 23.86 77.36
N THR G 32 15.89 24.55 78.20
CA THR G 32 15.37 25.37 79.28
C THR G 32 15.75 26.82 79.03
N THR G 33 14.75 27.66 78.81
CA THR G 33 14.95 29.09 78.63
C THR G 33 14.33 29.91 79.74
N ARG G 34 14.26 29.36 80.95
CA ARG G 34 13.72 30.09 82.09
C ARG G 34 14.56 31.32 82.39
N GLN G 35 13.90 32.40 82.77
CA GLN G 35 14.60 33.64 83.06
C GLN G 35 15.52 33.49 84.27
N LYS G 36 16.68 34.13 84.20
CA LYS G 36 17.64 34.08 85.27
C LYS G 36 17.11 34.80 86.51
N ILE G 37 17.43 34.26 87.68
CA ILE G 37 16.99 34.86 88.94
C ILE G 37 18.19 35.33 89.74
N THR G 48 18.25 38.60 75.05
CA THR G 48 17.38 38.34 73.90
C THR G 48 16.13 37.60 74.32
N ARG G 49 14.96 38.14 73.97
CA ARG G 49 13.70 37.51 74.30
C ARG G 49 12.78 37.60 73.08
N TRP G 50 11.75 36.73 73.08
CA TRP G 50 11.02 36.47 71.84
C TRP G 50 10.18 37.66 71.41
N GLN G 51 9.38 38.22 72.32
CA GLN G 51 8.59 39.42 72.03
C GLN G 51 7.82 39.34 70.71
N LEU G 52 6.89 38.40 70.59
CA LEU G 52 6.14 38.19 69.36
C LEU G 52 4.98 39.18 69.26
N ILE G 53 4.48 39.39 68.04
CA ILE G 53 3.45 40.39 67.79
C ILE G 53 2.11 39.80 67.39
N THR G 54 2.06 38.53 66.96
CA THR G 54 0.80 37.89 66.61
C THR G 54 0.42 36.74 67.51
N THR G 55 1.35 36.24 68.33
CA THR G 55 1.07 35.14 69.24
C THR G 55 1.64 35.48 70.60
N ASP G 56 0.97 35.00 71.64
CA ASP G 56 1.42 35.21 73.01
C ASP G 56 2.72 34.45 73.24
N ASP G 57 3.72 35.15 73.77
CA ASP G 57 5.06 34.62 73.95
C ASP G 57 5.34 34.20 75.39
N LYS G 58 4.33 34.20 76.26
CA LYS G 58 4.57 33.91 77.67
C LYS G 58 5.11 32.49 77.86
N ALA G 59 4.53 31.52 77.14
CA ALA G 59 5.02 30.15 77.25
C ALA G 59 6.43 30.02 76.68
N LEU G 60 6.70 30.66 75.54
CA LEU G 60 8.01 30.55 74.92
C LEU G 60 9.10 31.17 75.77
N ASN G 61 8.81 32.31 76.41
CA ASN G 61 9.80 32.93 77.29
C ASN G 61 10.08 32.06 78.50
N ASN G 62 9.03 31.50 79.11
CA ASN G 62 9.16 30.69 80.31
C ASN G 62 9.10 29.22 79.93
N MET G 63 10.25 28.64 79.60
CA MET G 63 10.34 27.25 79.20
C MET G 63 11.25 26.50 80.14
N VAL G 64 10.83 25.29 80.53
CA VAL G 64 11.61 24.40 81.36
C VAL G 64 11.60 23.01 80.73
N ALA G 65 12.74 22.34 80.77
CA ALA G 65 12.88 21.05 80.10
C ALA G 65 11.99 20.00 80.76
N MET G 66 11.58 19.03 79.94
CA MET G 66 10.80 17.88 80.41
C MET G 66 9.51 18.30 81.10
N ARG G 67 8.87 19.34 80.55
CA ARG G 67 7.56 19.78 81.00
C ARG G 67 6.69 20.11 79.80
N SER G 68 5.38 20.03 79.99
CA SER G 68 4.42 20.18 78.90
C SER G 68 3.99 21.63 78.78
N THR G 69 4.15 22.18 77.58
CA THR G 69 3.68 23.52 77.23
C THR G 69 3.00 23.45 75.86
N GLU G 70 2.34 24.54 75.49
CA GLU G 70 1.66 24.62 74.20
C GLU G 70 2.02 25.92 73.50
N VAL G 71 2.30 25.81 72.20
CA VAL G 71 2.61 26.95 71.34
C VAL G 71 1.87 26.77 70.02
N VAL G 72 2.08 27.73 69.12
CA VAL G 72 1.49 27.65 67.79
C VAL G 72 2.25 26.60 66.97
N LEU G 73 1.58 26.09 65.94
CA LEU G 73 2.10 24.91 65.23
C LEU G 73 3.40 25.21 64.49
N TRP G 74 3.45 26.33 63.77
CA TRP G 74 4.60 26.58 62.90
C TRP G 74 5.88 26.77 63.70
N ILE G 75 5.79 27.38 64.89
CA ILE G 75 6.96 27.46 65.76
C ILE G 75 7.41 26.07 66.17
N ALA G 76 6.46 25.17 66.43
CA ALA G 76 6.80 23.79 66.77
C ALA G 76 7.53 23.10 65.62
N LEU G 77 7.06 23.29 64.39
CA LEU G 77 7.77 22.72 63.24
C LEU G 77 9.17 23.32 63.10
N LEU G 78 9.30 24.63 63.28
CA LEU G 78 10.61 25.26 63.18
C LEU G 78 11.56 24.72 64.26
N LEU G 79 11.04 24.48 65.47
CA LEU G 79 11.88 23.94 66.53
C LEU G 79 12.27 22.49 66.25
N LYS G 80 11.34 21.69 65.72
CA LYS G 80 11.65 20.30 65.40
C LYS G 80 12.57 20.20 64.18
N GLN G 81 12.65 21.25 63.37
CA GLN G 81 13.69 21.28 62.34
C GLN G 81 15.07 21.18 62.99
N GLN G 82 15.26 21.85 64.12
CA GLN G 82 16.43 21.63 64.98
C GLN G 82 16.13 20.44 65.89
N SER G 83 16.96 20.26 66.91
CA SER G 83 16.78 19.17 67.86
C SER G 83 16.28 19.66 69.21
N LYS G 84 15.39 20.66 69.21
CA LYS G 84 14.98 21.33 70.44
C LYS G 84 13.48 21.18 70.73
N CYS G 85 12.83 20.15 70.19
CA CYS G 85 11.40 20.01 70.41
C CYS G 85 10.98 18.56 70.18
N SER G 86 9.77 18.24 70.64
CA SER G 86 9.12 16.96 70.39
C SER G 86 7.61 17.11 70.50
N ILE G 87 6.92 17.10 69.37
CA ILE G 87 5.49 17.41 69.33
C ILE G 87 4.70 16.16 69.68
N VAL G 88 3.72 16.31 70.57
CA VAL G 88 2.85 15.20 70.96
C VAL G 88 1.60 15.25 70.08
N ALA G 89 1.34 14.15 69.38
CA ALA G 89 0.19 14.09 68.50
C ALA G 89 -1.11 14.12 69.31
N PRO G 90 -2.17 14.68 68.73
CA PRO G 90 -3.45 14.75 69.45
C PRO G 90 -3.99 13.36 69.75
N GLN G 91 -4.84 13.29 70.78
CA GLN G 91 -5.36 12.01 71.26
C GLN G 91 -6.22 11.30 70.22
N TRP G 92 -6.76 12.01 69.24
CA TRP G 92 -7.59 11.36 68.23
C TRP G 92 -6.74 10.62 67.21
N LEU G 93 -5.43 10.88 67.18
CA LEU G 93 -4.51 10.16 66.30
C LEU G 93 -4.03 8.88 67.00
N THR G 94 -4.99 8.02 67.30
CA THR G 94 -4.69 6.72 67.90
C THR G 94 -5.55 5.67 67.22
N THR G 95 -5.06 4.43 67.25
CA THR G 95 -5.80 3.34 66.62
C THR G 95 -7.15 3.11 67.30
N LYS G 96 -7.18 3.17 68.63
CA LYS G 96 -8.42 2.97 69.36
C LYS G 96 -9.46 4.03 69.02
N GLU G 97 -9.07 5.31 69.11
CA GLU G 97 -9.98 6.40 68.83
C GLU G 97 -10.38 6.48 67.35
N LEU G 98 -9.54 5.98 66.45
CA LEU G 98 -9.92 5.89 65.04
C LEU G 98 -10.88 4.75 64.78
N ASP G 99 -10.68 3.60 65.43
CA ASP G 99 -11.63 2.50 65.29
C ASP G 99 -12.98 2.82 65.91
N ARG G 100 -13.02 3.62 66.98
CA ARG G 100 -14.31 4.06 67.51
C ARG G 100 -15.06 4.91 66.48
N LYS G 101 -14.35 5.85 65.83
CA LYS G 101 -14.98 6.68 64.83
C LYS G 101 -15.38 5.90 63.58
N ILE G 102 -14.61 4.88 63.21
CA ILE G 102 -15.01 4.04 62.08
C ILE G 102 -16.32 3.33 62.39
N GLN G 103 -16.45 2.78 63.59
CA GLN G 103 -17.70 2.12 63.97
C GLN G 103 -18.87 3.11 64.00
N TYR G 104 -18.65 4.29 64.59
CA TYR G 104 -19.69 5.31 64.59
C TYR G 104 -20.08 5.68 63.17
N GLU G 105 -19.10 5.72 62.27
CA GLU G 105 -19.36 6.05 60.88
C GLU G 105 -20.19 4.97 60.21
N LYS G 106 -19.90 3.71 60.52
CA LYS G 106 -20.65 2.58 59.95
C LYS G 106 -22.09 2.56 60.45
N THR G 107 -22.30 2.78 61.76
CA THR G 107 -23.63 2.58 62.33
C THR G 107 -24.62 3.64 61.87
N HIS G 108 -24.16 4.89 61.73
CA HIS G 108 -25.05 5.97 61.34
C HIS G 108 -24.77 6.38 59.89
N PRO G 109 -25.59 5.95 58.94
CA PRO G 109 -25.30 6.21 57.52
C PRO G 109 -25.88 7.52 57.01
N ASP G 110 -26.38 8.37 57.90
CA ASP G 110 -27.00 9.62 57.49
C ASP G 110 -26.46 10.83 58.24
N ARG G 111 -25.38 10.67 59.01
CA ARG G 111 -24.70 11.79 59.64
C ARG G 111 -23.20 11.58 59.57
N PHE G 112 -22.46 12.68 59.64
CA PHE G 112 -21.00 12.63 59.63
C PHE G 112 -20.47 12.54 61.06
N SER G 113 -19.40 11.78 61.22
CA SER G 113 -18.77 11.64 62.52
C SER G 113 -18.11 12.96 62.94
N GLU G 114 -17.92 13.11 64.25
CA GLU G 114 -17.37 14.35 64.80
C GLU G 114 -15.85 14.24 64.86
N LEU G 115 -15.19 14.69 63.80
CA LEU G 115 -13.75 14.81 63.73
C LEU G 115 -13.37 16.28 63.66
N PRO G 116 -12.18 16.64 64.15
CA PRO G 116 -11.77 18.05 64.08
C PRO G 116 -11.64 18.53 62.64
N TRP G 117 -11.89 19.83 62.46
CA TRP G 117 -11.98 20.43 61.14
C TRP G 117 -10.63 20.51 60.41
N ASN G 118 -9.57 19.92 60.96
CA ASN G 118 -8.27 19.92 60.31
C ASN G 118 -7.60 18.55 60.35
N TRP G 119 -8.39 17.47 60.42
CA TRP G 119 -7.82 16.15 60.69
C TRP G 119 -6.94 15.68 59.54
N LEU G 120 -7.37 15.89 58.29
CA LEU G 120 -6.56 15.44 57.16
C LEU G 120 -5.25 16.23 57.05
N VAL G 121 -5.34 17.56 57.13
CA VAL G 121 -4.15 18.39 57.00
C VAL G 121 -3.19 18.13 58.16
N LEU G 122 -3.71 18.06 59.38
CA LEU G 122 -2.87 17.79 60.54
C LEU G 122 -2.23 16.42 60.44
N ALA G 123 -2.98 15.41 60.00
CA ALA G 123 -2.42 14.07 59.86
C ALA G 123 -1.29 14.05 58.84
N ARG G 124 -1.49 14.68 57.69
CA ARG G 124 -0.44 14.71 56.67
C ARG G 124 0.80 15.44 57.18
N ILE G 125 0.60 16.60 57.81
CA ILE G 125 1.74 17.38 58.29
C ILE G 125 2.51 16.60 59.36
N LEU G 126 1.80 15.98 60.30
CA LEU G 126 2.47 15.27 61.38
C LEU G 126 3.18 14.02 60.86
N PHE G 127 2.58 13.32 59.89
CA PHE G 127 3.25 12.17 59.31
C PHE G 127 4.52 12.59 58.57
N ASN G 128 4.47 13.72 57.87
CA ASN G 128 5.66 14.19 57.15
C ASN G 128 6.77 14.64 58.10
N LYS G 129 6.42 15.44 59.12
CA LYS G 129 7.46 16.09 59.92
C LYS G 129 7.84 15.25 61.13
N ALA G 130 6.88 14.97 62.01
CA ALA G 130 7.15 14.27 63.27
C ALA G 130 6.80 12.79 63.17
N LYS G 131 7.61 12.06 62.42
CA LYS G 131 7.35 10.63 62.23
C LYS G 131 7.74 9.82 63.46
N ASP G 132 8.75 10.29 64.21
CA ASP G 132 9.28 9.50 65.31
C ASP G 132 8.39 9.59 66.54
N ASP G 133 7.58 10.66 66.65
CA ASP G 133 6.89 10.93 67.90
C ASP G 133 5.70 10.02 68.12
N PHE G 134 5.17 9.42 67.06
CA PHE G 134 3.98 8.57 67.21
C PHE G 134 4.32 7.31 67.99
N HIS G 135 3.35 6.84 68.79
CA HIS G 135 3.55 5.62 69.55
C HIS G 135 3.15 4.39 68.76
N ASP G 136 2.00 4.46 68.09
CA ASP G 136 1.55 3.36 67.24
C ASP G 136 2.36 3.31 65.95
N PRO G 137 2.45 2.14 65.32
CA PRO G 137 3.06 2.08 63.98
C PRO G 137 2.33 3.00 63.01
N ILE G 138 3.10 3.67 62.16
CA ILE G 138 2.53 4.74 61.34
C ILE G 138 1.74 4.18 60.17
N HIS G 139 2.09 2.98 59.69
CA HIS G 139 1.38 2.40 58.56
C HIS G 139 -0.06 2.05 58.93
N GLU G 140 -0.29 1.58 60.15
CA GLU G 140 -1.64 1.27 60.60
C GLU G 140 -2.51 2.53 60.62
N LEU G 141 -1.98 3.62 61.17
CA LEU G 141 -2.72 4.87 61.20
C LEU G 141 -2.98 5.39 59.79
N ARG G 142 -1.99 5.24 58.90
CA ARG G 142 -2.17 5.69 57.53
C ARG G 142 -3.26 4.90 56.82
N GLY G 143 -3.36 3.61 57.10
CA GLY G 143 -4.46 2.81 56.56
C GLY G 143 -5.81 3.22 57.15
N LYS G 144 -5.84 3.49 58.45
CA LYS G 144 -7.11 3.88 59.08
C LYS G 144 -7.64 5.21 58.53
N ILE G 145 -6.74 6.15 58.26
CA ILE G 145 -7.15 7.43 57.67
C ILE G 145 -7.83 7.24 56.32
N GLN G 146 -7.25 6.43 55.43
CA GLN G 146 -7.88 6.07 54.17
C GLN G 146 -9.21 5.36 54.35
N ASP G 147 -9.29 4.44 55.32
CA ASP G 147 -10.56 3.76 55.60
C ASP G 147 -11.66 4.75 55.96
N LEU G 148 -11.35 5.74 56.79
CA LEU G 148 -12.33 6.77 57.13
C LEU G 148 -12.70 7.63 55.92
N ARG G 149 -11.69 8.02 55.13
CA ARG G 149 -11.94 8.93 54.00
C ARG G 149 -12.85 8.29 52.96
N GLU G 150 -12.67 6.99 52.70
CA GLU G 150 -13.51 6.33 51.70
C GLU G 150 -14.99 6.37 52.10
N ILE G 151 -15.29 6.07 53.37
CA ILE G 151 -16.68 6.05 53.81
C ILE G 151 -17.26 7.45 53.77
N ARG G 152 -16.47 8.46 54.17
CA ARG G 152 -16.96 9.83 54.09
C ARG G 152 -17.25 10.21 52.65
N GLN G 153 -16.43 9.75 51.70
CA GLN G 153 -16.70 10.02 50.29
C GLN G 153 -18.00 9.36 49.83
N ILE G 154 -18.27 8.13 50.28
CA ILE G 154 -19.53 7.48 49.93
C ILE G 154 -20.71 8.30 50.43
N LYS G 155 -20.63 8.77 51.68
CA LYS G 155 -21.74 9.56 52.21
C LYS G 155 -21.91 10.87 51.46
N VAL G 156 -20.81 11.52 51.09
CA VAL G 156 -20.92 12.77 50.32
C VAL G 156 -21.57 12.51 48.97
N LEU G 157 -21.17 11.41 48.30
CA LEU G 157 -21.78 11.07 47.02
C LEU G 157 -23.27 10.82 47.15
N LYS G 158 -23.69 10.12 48.20
CA LYS G 158 -25.14 9.94 48.38
C LYS G 158 -25.85 11.25 48.70
N GLY G 159 -25.22 12.13 49.47
CA GLY G 159 -25.87 13.37 49.86
C GLY G 159 -25.96 14.39 48.74
N LEU G 160 -25.11 14.27 47.72
CA LEU G 160 -25.16 15.22 46.62
C LEU G 160 -26.45 15.16 45.82
N LYS G 161 -27.26 14.11 45.99
CA LYS G 161 -28.48 13.98 45.21
C LYS G 161 -29.54 14.99 45.63
N TYR G 162 -29.49 15.45 46.88
CA TYR G 162 -30.51 16.36 47.42
C TYR G 162 -30.08 17.82 47.28
N LEU G 163 -29.86 18.23 46.03
CA LEU G 163 -29.56 19.62 45.72
C LEU G 163 -30.81 20.35 45.26
N ASN G 164 -30.98 21.58 45.74
CA ASN G 164 -32.14 22.38 45.42
C ASN G 164 -31.74 23.84 45.40
N GLU G 165 -32.75 24.71 45.49
CA GLU G 165 -32.56 26.15 45.40
C GLU G 165 -32.62 26.86 46.75
N SER G 166 -32.97 26.15 47.83
CA SER G 166 -33.24 26.83 49.08
C SER G 166 -32.02 26.91 49.98
N HIS G 167 -31.51 25.76 50.43
CA HIS G 167 -30.38 25.73 51.36
C HIS G 167 -29.97 24.28 51.59
N LEU G 168 -28.71 24.09 51.97
CA LEU G 168 -28.22 22.79 52.38
C LEU G 168 -27.53 22.88 53.74
N GLN G 169 -27.42 21.72 54.39
CA GLN G 169 -26.80 21.60 55.70
C GLN G 169 -25.77 20.49 55.66
N LEU G 170 -24.52 20.82 55.96
CA LEU G 170 -23.43 19.85 56.01
C LEU G 170 -22.76 20.03 57.37
N ASP G 171 -23.26 19.30 58.37
CA ASP G 171 -23.00 19.66 59.76
C ASP G 171 -21.52 19.53 60.13
N ASN G 172 -20.89 18.40 59.79
CA ASN G 172 -19.56 18.11 60.31
C ASN G 172 -18.53 17.85 59.21
N LEU G 173 -18.74 18.41 58.02
CA LEU G 173 -17.80 18.20 56.93
C LEU G 173 -16.51 18.96 57.19
N SER G 174 -15.38 18.36 56.81
CA SER G 174 -14.07 18.92 57.09
C SER G 174 -13.75 20.06 56.14
N LEU G 175 -12.67 20.80 56.46
CA LEU G 175 -12.30 21.98 55.67
C LEU G 175 -11.86 21.59 54.26
N LEU G 176 -10.98 20.59 54.14
CA LEU G 176 -10.51 20.19 52.82
C LEU G 176 -11.64 19.60 51.98
N GLU G 177 -12.53 18.84 52.61
CA GLU G 177 -13.67 18.27 51.89
C GLU G 177 -14.60 19.36 51.39
N ILE G 178 -14.82 20.39 52.19
CA ILE G 178 -15.63 21.53 51.75
C ILE G 178 -14.94 22.26 50.60
N ASN G 179 -13.62 22.46 50.70
CA ASN G 179 -12.90 23.21 49.69
C ASN G 179 -12.91 22.49 48.35
N GLU G 180 -12.74 21.17 48.35
CA GLU G 180 -12.67 20.45 47.09
C GLU G 180 -14.05 20.33 46.42
N LEU G 181 -15.12 20.66 47.13
CA LEU G 181 -16.47 20.51 46.60
C LEU G 181 -17.18 21.84 46.39
N ARG G 182 -16.63 22.94 46.90
CA ARG G 182 -17.32 24.23 46.79
C ARG G 182 -17.67 24.66 45.37
N PRO G 183 -16.75 24.67 44.40
CA PRO G 183 -17.11 25.22 43.07
C PRO G 183 -18.25 24.50 42.38
N PHE G 184 -18.33 23.17 42.53
CA PHE G 184 -19.43 22.43 41.92
C PHE G 184 -20.76 22.76 42.59
N ILE G 185 -20.79 22.69 43.92
CA ILE G 185 -22.04 22.86 44.66
C ILE G 185 -22.59 24.27 44.46
N THR G 186 -21.75 25.27 44.62
CA THR G 186 -22.21 26.66 44.52
C THR G 186 -22.77 26.95 43.14
N GLU G 187 -22.07 26.53 42.09
CA GLU G 187 -22.51 26.84 40.73
C GLU G 187 -23.78 26.10 40.36
N ILE G 188 -23.90 24.82 40.77
CA ILE G 188 -25.12 24.08 40.47
C ILE G 188 -26.32 24.73 41.14
N MET G 189 -26.20 25.08 42.42
CA MET G 189 -27.33 25.72 43.08
C MET G 189 -27.61 27.11 42.53
N ASP G 190 -26.57 27.84 42.11
CA ASP G 190 -26.79 29.15 41.51
C ASP G 190 -27.59 29.03 40.22
N LYS G 191 -27.23 28.08 39.35
CA LYS G 191 -27.97 27.90 38.11
C LYS G 191 -29.41 27.48 38.38
N LEU G 192 -29.61 26.58 39.35
CA LEU G 192 -30.97 26.19 39.71
C LEU G 192 -31.78 27.38 40.21
N ARG G 193 -31.14 28.24 41.01
CA ARG G 193 -31.82 29.43 41.53
C ARG G 193 -32.20 30.39 40.41
N GLU G 194 -31.31 30.60 39.43
CA GLU G 194 -31.68 31.44 38.29
C GLU G 194 -32.86 30.85 37.52
N ILE G 195 -32.85 29.54 37.29
CA ILE G 195 -33.95 28.92 36.57
C ILE G 195 -35.26 29.10 37.34
N HIS G 196 -35.24 28.92 38.66
CA HIS G 196 -36.47 29.12 39.43
C HIS G 196 -36.92 30.58 39.42
N THR G 197 -35.98 31.51 39.57
CA THR G 197 -36.32 32.92 39.64
C THR G 197 -36.93 33.40 38.33
N ALA G 198 -36.42 32.89 37.20
CA ALA G 198 -36.92 33.32 35.89
C ALA G 198 -38.41 33.07 35.74
N SER G 199 -38.90 31.96 36.29
CA SER G 199 -40.29 31.57 36.10
C SER G 199 -41.27 32.33 36.97
N LEU G 200 -40.79 33.14 37.92
CA LEU G 200 -41.68 33.88 38.81
C LEU G 200 -42.27 35.09 38.10
N MET H 36 -27.69 39.23 32.36
CA MET H 36 -27.54 40.67 32.12
C MET H 36 -26.07 41.08 32.23
N GLY H 37 -25.18 40.25 31.72
CA GLY H 37 -23.77 40.54 31.71
C GLY H 37 -23.37 41.19 30.39
N TYR H 38 -23.08 42.48 30.44
CA TYR H 38 -22.72 43.21 29.23
C TYR H 38 -21.45 42.67 28.59
N TYR H 39 -20.45 42.39 29.42
CA TYR H 39 -19.14 42.00 28.90
C TYR H 39 -18.92 40.50 28.85
N ASP H 40 -19.93 39.70 29.18
CA ASP H 40 -19.81 38.25 29.09
C ASP H 40 -19.74 37.83 27.63
N ILE H 41 -18.72 37.03 27.29
CA ILE H 41 -18.56 36.59 25.91
C ILE H 41 -19.64 35.57 25.55
N ASP H 42 -19.90 34.62 26.44
CA ASP H 42 -20.84 33.54 26.12
C ASP H 42 -22.27 34.08 26.00
N ASP H 43 -22.64 35.06 26.81
CA ASP H 43 -23.96 35.67 26.68
C ASP H 43 -24.09 36.38 25.34
N VAL H 44 -23.02 37.07 24.91
CA VAL H 44 -23.04 37.75 23.62
C VAL H 44 -23.21 36.74 22.49
N LEU H 45 -22.48 35.63 22.55
CA LEU H 45 -22.61 34.60 21.53
C LEU H 45 -24.01 33.98 21.52
N ALA H 46 -24.52 33.61 22.71
CA ALA H 46 -25.82 32.95 22.77
C ALA H 46 -26.95 33.90 22.39
N ASP H 47 -26.73 35.20 22.50
CA ASP H 47 -27.77 36.18 22.19
C ASP H 47 -27.86 36.45 20.69
N GLY H 48 -27.00 35.81 19.90
CA GLY H 48 -27.01 36.01 18.46
C GLY H 48 -27.62 34.87 17.68
N THR H 49 -28.34 33.98 18.36
CA THR H 49 -28.99 32.87 17.68
C THR H 49 -30.22 33.36 16.92
N GLU H 50 -30.67 32.55 15.97
CA GLU H 50 -31.77 32.91 15.07
C GLU H 50 -33.05 32.21 15.53
N PHE H 51 -34.11 32.99 15.70
CA PHE H 51 -35.42 32.48 16.07
C PHE H 51 -36.42 32.74 14.96
N PRO H 52 -37.34 31.82 14.70
CA PRO H 52 -38.41 32.08 13.72
C PRO H 52 -39.33 33.20 14.17
N CYS H 53 -39.90 33.94 13.23
CA CYS H 53 -40.84 35.00 13.56
C CYS H 53 -41.61 35.38 12.30
N LYS H 54 -42.73 36.07 12.50
CA LYS H 54 -43.63 36.46 11.42
C LYS H 54 -43.90 37.95 11.51
N PHE H 55 -43.77 38.65 10.37
CA PHE H 55 -44.16 40.06 10.33
C PHE H 55 -45.67 40.19 10.34
N GLN H 56 -46.17 41.08 11.20
CA GLN H 56 -47.60 41.31 11.37
C GLN H 56 -48.09 42.57 10.66
N TYR H 57 -47.18 43.35 10.08
CA TYR H 57 -47.54 44.54 9.31
C TYR H 57 -46.99 44.40 7.90
N ASP H 58 -47.30 45.39 7.08
CA ASP H 58 -46.74 45.51 5.74
C ASP H 58 -45.95 46.80 5.65
N ILE H 59 -44.66 46.69 5.39
CA ILE H 59 -43.77 47.86 5.43
C ILE H 59 -42.77 47.82 4.28
N PRO H 60 -42.56 48.94 3.59
CA PRO H 60 -41.49 49.02 2.60
C PRO H 60 -40.17 49.46 3.20
N GLY H 61 -39.12 49.37 2.38
CA GLY H 61 -37.79 49.79 2.78
C GLY H 61 -36.93 48.69 3.33
N LEU H 62 -37.50 47.65 3.90
CA LEU H 62 -36.73 46.52 4.37
C LEU H 62 -36.38 45.60 3.20
N GLY H 63 -35.79 44.46 3.52
CA GLY H 63 -35.45 43.49 2.50
C GLY H 63 -34.07 42.90 2.67
N TYR H 64 -33.14 43.66 3.24
CA TYR H 64 -31.84 43.10 3.55
C TYR H 64 -31.93 42.06 4.66
N LEU H 65 -33.03 42.04 5.40
CA LEU H 65 -33.31 40.94 6.31
C LEU H 65 -33.50 39.65 5.54
N GLU H 66 -34.17 39.72 4.38
CA GLU H 66 -34.35 38.59 3.49
C GLU H 66 -33.22 38.43 2.49
N ASN H 67 -32.18 39.26 2.56
CA ASN H 67 -31.11 39.29 1.58
C ASN H 67 -31.65 39.70 0.21
N ASN H 68 -32.83 40.31 0.19
CA ASN H 68 -33.42 40.86 -1.03
C ASN H 68 -33.42 42.38 -0.93
N PRO H 69 -32.38 43.05 -1.43
CA PRO H 69 -32.20 44.48 -1.15
C PRO H 69 -33.36 45.37 -1.58
N GLY H 70 -33.72 45.33 -2.86
CA GLY H 70 -34.74 46.24 -3.35
C GLY H 70 -36.15 45.82 -2.99
N ARG H 71 -36.36 44.53 -2.79
CA ARG H 71 -37.71 44.03 -2.58
C ARG H 71 -38.20 44.42 -1.18
N PRO H 72 -39.33 45.11 -1.07
CA PRO H 72 -39.91 45.39 0.24
C PRO H 72 -40.60 44.17 0.82
N ILE H 73 -40.66 44.11 2.15
CA ILE H 73 -41.25 42.97 2.81
C ILE H 73 -42.77 43.10 2.84
N THR H 74 -43.45 41.95 2.72
CA THR H 74 -44.91 41.93 2.72
C THR H 74 -45.44 41.57 4.10
N LYS H 75 -46.75 41.36 4.19
CA LYS H 75 -47.40 41.00 5.45
C LYS H 75 -47.46 39.49 5.56
N ASN H 76 -47.44 39.00 6.81
CA ASN H 76 -47.47 37.57 7.11
C ASN H 76 -46.33 36.84 6.42
N THR H 77 -45.11 37.31 6.68
CA THR H 77 -43.89 36.71 6.14
C THR H 77 -43.10 36.10 7.28
N LYS H 78 -42.63 34.87 7.09
CA LYS H 78 -41.94 34.10 8.11
C LYS H 78 -40.44 34.10 7.83
N LEU H 79 -39.67 34.71 8.73
CA LEU H 79 -38.22 34.77 8.60
C LEU H 79 -37.56 34.43 9.93
N SER H 80 -36.29 34.02 9.85
CA SER H 80 -35.48 33.71 11.02
C SER H 80 -34.63 34.93 11.34
N LEU H 81 -34.92 35.58 12.47
CA LEU H 81 -34.19 36.78 12.83
C LEU H 81 -33.33 36.55 14.07
N PRO H 82 -32.21 37.26 14.20
CA PRO H 82 -31.37 37.08 15.40
C PRO H 82 -32.07 37.58 16.65
N LEU H 83 -31.64 37.03 17.79
CA LEU H 83 -32.32 37.25 19.06
C LEU H 83 -32.19 38.67 19.59
N TRP H 84 -31.10 39.39 19.26
CA TRP H 84 -30.97 40.76 19.73
C TRP H 84 -31.92 41.70 19.00
N LEU H 85 -32.50 41.23 17.89
CA LEU H 85 -33.46 42.01 17.12
C LEU H 85 -34.89 41.54 17.35
N ALA H 86 -35.11 40.22 17.34
CA ALA H 86 -36.47 39.69 17.49
C ALA H 86 -37.03 39.95 18.87
N ARG H 87 -36.16 40.00 19.88
CA ARG H 87 -36.64 40.28 21.24
C ARG H 87 -37.24 41.67 21.33
N ILE H 88 -36.63 42.66 20.69
CA ILE H 88 -37.12 44.02 20.78
C ILE H 88 -38.26 44.26 19.80
N LEU H 89 -38.17 43.69 18.60
CA LEU H 89 -39.23 43.88 17.61
C LEU H 89 -40.57 43.30 18.04
N ALA H 90 -40.57 42.40 19.03
CA ALA H 90 -41.81 41.80 19.53
C ALA H 90 -42.40 42.58 20.70
N ILE H 91 -41.80 43.69 21.10
CA ILE H 91 -42.28 44.48 22.22
C ILE H 91 -42.88 45.80 21.77
N VAL H 92 -42.25 46.47 20.81
CA VAL H 92 -42.71 47.76 20.31
C VAL H 92 -43.82 47.54 19.29
N GLY H 93 -44.86 48.36 19.35
CA GLY H 93 -45.98 48.25 18.44
C GLY H 93 -46.11 49.46 17.51
N PRO H 103 -52.08 47.11 22.27
CA PRO H 103 -51.52 47.21 20.92
C PRO H 103 -50.87 45.90 20.47
N VAL H 104 -50.63 45.78 19.17
CA VAL H 104 -50.01 44.59 18.58
C VAL H 104 -48.61 44.96 18.11
N PRO H 105 -47.59 44.17 18.44
CA PRO H 105 -46.23 44.49 18.00
C PRO H 105 -46.06 44.29 16.49
N PHE H 106 -44.92 44.75 15.99
CA PHE H 106 -44.62 44.61 14.58
C PHE H 106 -44.42 43.16 14.18
N VAL H 107 -43.83 42.34 15.04
CA VAL H 107 -43.45 40.98 14.71
C VAL H 107 -43.92 40.04 15.82
N GLU H 108 -44.33 38.84 15.43
CA GLU H 108 -44.75 37.80 16.36
C GLU H 108 -43.70 36.70 16.40
N LEU H 109 -43.35 36.26 17.60
CA LEU H 109 -42.36 35.21 17.79
C LEU H 109 -43.05 33.84 17.66
N LEU H 110 -42.49 32.97 16.81
CA LEU H 110 -43.06 31.66 16.61
C LEU H 110 -42.37 30.62 17.52
N PRO H 111 -43.07 29.53 17.84
CA PRO H 111 -42.47 28.47 18.66
C PRO H 111 -41.19 27.96 18.03
N PRO H 112 -40.13 27.81 18.82
CA PRO H 112 -38.85 27.36 18.26
C PRO H 112 -38.84 25.85 18.00
N ASP H 113 -37.90 25.43 17.16
CA ASP H 113 -37.76 24.01 16.86
C ASP H 113 -37.07 23.27 18.01
N MET H 114 -36.24 23.98 18.78
CA MET H 114 -35.52 23.36 19.88
C MET H 114 -36.36 23.17 21.13
N PHE H 115 -37.58 23.71 21.16
CA PHE H 115 -38.50 23.53 22.27
C PHE H 115 -39.77 22.79 21.86
N SER H 116 -39.65 21.86 20.91
CA SER H 116 -40.78 21.08 20.46
C SER H 116 -41.14 20.01 21.47
N THR H 117 -42.22 19.27 21.18
CA THR H 117 -42.63 18.20 22.08
C THR H 117 -41.67 17.01 22.02
N LYS H 118 -41.04 16.79 20.85
CA LYS H 118 -40.10 15.69 20.72
C LYS H 118 -38.91 15.88 21.64
N VAL H 119 -38.36 17.09 21.72
CA VAL H 119 -37.20 17.35 22.56
C VAL H 119 -37.56 17.20 24.03
N MET H 120 -38.75 17.67 24.43
CA MET H 120 -39.17 17.49 25.81
C MET H 120 -39.34 16.02 26.15
N ASN H 121 -39.94 15.24 25.25
CA ASN H 121 -40.10 13.82 25.52
C ASN H 121 -38.75 13.11 25.62
N ALA H 122 -37.81 13.47 24.74
CA ALA H 122 -36.47 12.88 24.81
C ALA H 122 -35.77 13.26 26.10
N ILE H 123 -35.93 14.50 26.54
CA ILE H 123 -35.34 14.93 27.82
C ILE H 123 -35.93 14.12 28.97
N LYS H 124 -37.25 13.96 28.98
CA LYS H 124 -37.91 13.25 30.07
C LYS H 124 -37.53 11.79 30.11
N THR H 125 -37.43 11.14 28.94
CA THR H 125 -37.19 9.70 28.91
C THR H 125 -35.82 9.35 29.47
N ASP H 126 -34.77 9.99 28.97
CA ASP H 126 -33.40 9.67 29.38
C ASP H 126 -32.56 10.94 29.35
N PRO H 127 -32.32 11.56 30.50
CA PRO H 127 -31.58 12.83 30.51
C PRO H 127 -30.10 12.68 30.20
N VAL H 128 -29.45 11.65 30.74
CA VAL H 128 -27.99 11.54 30.63
C VAL H 128 -27.57 11.22 29.19
N ALA H 129 -28.30 10.33 28.53
CA ALA H 129 -27.85 9.84 27.23
C ALA H 129 -28.08 10.87 26.13
N LEU H 130 -28.94 11.86 26.37
CA LEU H 130 -29.29 12.82 25.33
C LEU H 130 -28.10 13.69 24.96
N ASP H 131 -27.97 13.99 23.67
CA ASP H 131 -26.91 14.82 23.13
C ASP H 131 -27.43 16.25 22.99
N LEU H 132 -27.20 17.07 24.02
CA LEU H 132 -27.68 18.45 23.97
C LEU H 132 -26.83 19.30 23.04
N HIS H 133 -25.58 18.90 22.79
CA HIS H 133 -24.72 19.66 21.90
C HIS H 133 -25.28 19.71 20.48
N SER H 134 -25.84 18.59 20.01
CA SER H 134 -26.42 18.56 18.67
C SER H 134 -27.66 19.42 18.58
N ILE H 135 -28.47 19.46 19.65
CA ILE H 135 -29.68 20.27 19.64
C ILE H 135 -29.33 21.75 19.51
N ASN H 136 -28.43 22.23 20.37
CA ASN H 136 -27.95 23.60 20.34
C ASN H 136 -26.79 23.71 21.33
N SER H 137 -25.78 24.49 20.95
CA SER H 137 -24.60 24.66 21.79
C SER H 137 -24.84 25.59 22.97
N HIS H 138 -25.99 26.26 23.02
CA HIS H 138 -26.31 27.21 24.08
C HIS H 138 -27.71 26.97 24.60
N PHE H 139 -28.01 25.71 24.92
CA PHE H 139 -29.38 25.33 25.28
C PHE H 139 -29.86 26.04 26.53
N PHE H 140 -29.02 26.07 27.57
CA PHE H 140 -29.50 26.56 28.86
C PHE H 140 -29.74 28.06 28.87
N SER H 141 -28.81 28.83 28.30
CA SER H 141 -28.97 30.28 28.29
C SER H 141 -30.24 30.67 27.55
N LEU H 142 -30.47 30.08 26.38
CA LEU H 142 -31.70 30.34 25.64
C LEU H 142 -32.92 29.83 26.40
N ALA H 143 -32.75 28.76 27.19
CA ALA H 143 -33.88 28.26 27.97
C ALA H 143 -34.32 29.26 29.01
N ILE H 144 -33.40 29.79 29.81
CA ILE H 144 -33.77 30.82 30.78
C ILE H 144 -34.29 32.08 30.07
N LYS H 145 -33.72 32.43 28.91
CA LYS H 145 -34.23 33.58 28.18
C LYS H 145 -35.69 33.38 27.78
N TRP H 146 -36.01 32.20 27.23
CA TRP H 146 -37.37 31.91 26.80
C TRP H 146 -38.32 31.87 27.98
N ILE H 147 -37.88 31.36 29.12
CA ILE H 147 -38.71 31.38 30.33
C ILE H 147 -38.96 32.81 30.77
N MET H 148 -37.95 33.68 30.63
CA MET H 148 -38.10 35.06 31.07
C MET H 148 -39.09 35.84 30.19
N LEU H 149 -38.93 35.76 28.86
CA LEU H 149 -39.85 36.47 27.98
C LEU H 149 -41.28 35.96 28.15
N PHE H 150 -41.46 34.65 28.06
CA PHE H 150 -42.77 34.02 28.21
C PHE H 150 -42.74 33.16 29.45
N SER H 151 -43.54 33.53 30.46
CA SER H 151 -43.56 32.77 31.71
C SER H 151 -44.12 31.38 31.46
N GLU H 152 -43.25 30.38 31.48
CA GLU H 152 -43.62 28.98 31.25
C GLU H 152 -43.14 28.16 32.45
N LYS H 153 -44.08 27.72 33.28
CA LYS H 153 -43.75 26.88 34.42
C LYS H 153 -43.41 25.46 34.02
N GLU H 154 -43.95 24.96 32.90
CA GLU H 154 -43.66 23.61 32.48
C GLU H 154 -42.19 23.45 32.11
N LEU H 155 -41.63 24.42 31.38
CA LEU H 155 -40.23 24.32 30.96
C LEU H 155 -39.29 24.45 32.17
N ALA H 156 -39.65 25.28 33.14
CA ALA H 156 -38.84 25.43 34.34
C ALA H 156 -38.81 24.15 35.18
N ASN H 157 -39.84 23.32 35.07
CA ASN H 157 -39.86 22.03 35.77
C ASN H 157 -39.08 20.94 35.06
N VAL H 158 -38.81 21.13 33.75
CA VAL H 158 -38.11 20.10 32.99
C VAL H 158 -36.62 20.41 32.93
N VAL H 159 -36.27 21.67 32.70
CA VAL H 159 -34.86 22.04 32.62
C VAL H 159 -34.16 21.82 33.95
N SER H 160 -34.84 22.13 35.06
CA SER H 160 -34.25 21.92 36.37
C SER H 160 -33.93 20.45 36.62
N GLU H 161 -34.87 19.56 36.28
CA GLU H 161 -34.64 18.14 36.45
C GLU H 161 -33.53 17.64 35.55
N LEU H 162 -33.48 18.13 34.30
CA LEU H 162 -32.40 17.75 33.39
C LEU H 162 -31.04 18.13 33.94
N LEU H 163 -30.91 19.37 34.43
CA LEU H 163 -29.65 19.82 35.00
C LEU H 163 -29.28 19.00 36.24
N LEU H 164 -30.27 18.75 37.11
CA LEU H 164 -29.99 18.01 38.33
C LEU H 164 -29.53 16.59 38.04
N GLN H 165 -30.13 15.93 37.06
CA GLN H 165 -29.73 14.57 36.71
C GLN H 165 -28.41 14.50 35.95
N ARG H 166 -28.06 15.54 35.19
CA ARG H 166 -26.77 15.55 34.51
C ARG H 166 -25.62 15.97 35.42
N ALA H 167 -25.91 16.69 36.50
CA ALA H 167 -24.87 17.11 37.44
C ALA H 167 -24.20 15.90 38.10
N GLN H 168 -24.96 14.85 38.37
CA GLN H 168 -24.39 13.66 39.00
C GLN H 168 -23.34 13.00 38.10
N GLU H 169 -23.67 12.82 36.82
CA GLU H 169 -22.70 12.28 35.89
C GLU H 169 -21.50 13.20 35.70
N LEU H 170 -21.75 14.52 35.68
CA LEU H 170 -20.63 15.46 35.58
C LEU H 170 -19.68 15.30 36.75
N ASN H 171 -20.22 15.19 37.97
CA ASN H 171 -19.36 15.00 39.14
C ASN H 171 -18.63 13.66 39.10
N HIS H 172 -19.32 12.61 38.67
CA HIS H 172 -18.70 11.29 38.59
C HIS H 172 -17.51 11.31 37.63
N HIS H 173 -17.67 11.96 36.49
CA HIS H 173 -16.57 11.99 35.52
C HIS H 173 -15.48 12.97 35.94
N ALA H 174 -15.84 14.02 36.69
CA ALA H 174 -14.83 14.98 37.12
C ALA H 174 -13.99 14.43 38.26
N SER H 175 -14.56 13.56 39.09
CA SER H 175 -13.83 13.05 40.25
C SER H 175 -12.86 11.93 39.90
N SER H 176 -12.95 11.37 38.69
CA SER H 176 -12.13 10.22 38.31
C SER H 176 -10.73 10.66 37.84
N LEU H 177 -9.84 10.81 38.81
CA LEU H 177 -8.46 11.16 38.52
C LEU H 177 -7.67 9.90 38.21
N SER H 178 -6.97 9.89 37.08
CA SER H 178 -6.25 8.70 36.65
C SER H 178 -5.01 8.47 37.52
N ILE H 179 -4.69 7.20 37.72
CA ILE H 179 -3.51 6.77 38.48
C ILE H 179 -2.59 6.01 37.54
N ASP H 180 -1.32 6.39 37.54
CA ASP H 180 -0.31 5.75 36.70
C ASP H 180 0.33 4.60 37.47
N LEU H 181 0.56 3.48 36.80
CA LEU H 181 1.14 2.31 37.43
C LEU H 181 2.14 1.63 36.50
N ASN H 194 -11.09 6.31 30.10
CA ASN H 194 -11.93 5.28 29.49
C ASN H 194 -12.75 5.88 28.35
N ILE H 195 -13.43 5.02 27.60
CA ILE H 195 -14.28 5.48 26.51
C ILE H 195 -15.45 6.29 27.05
N ALA H 196 -15.86 6.01 28.29
CA ALA H 196 -17.02 6.68 28.86
C ALA H 196 -16.80 8.19 28.98
N THR H 197 -15.63 8.59 29.46
CA THR H 197 -15.35 10.02 29.63
C THR H 197 -15.32 10.74 28.29
N SER H 198 -14.65 10.15 27.30
CA SER H 198 -14.57 10.77 25.97
C SER H 198 -15.96 10.86 25.33
N THR H 199 -16.77 9.82 25.49
CA THR H 199 -18.12 9.84 24.93
C THR H 199 -18.98 10.89 25.63
N PHE H 200 -18.86 11.01 26.95
CA PHE H 200 -19.74 11.92 27.69
C PHE H 200 -19.36 13.37 27.49
N LEU H 201 -18.06 13.69 27.45
CA LEU H 201 -17.67 15.09 27.31
C LEU H 201 -17.94 15.66 25.93
N LEU H 202 -18.32 14.84 24.96
CA LEU H 202 -18.73 15.32 23.65
C LEU H 202 -20.23 15.62 23.60
N LYS H 203 -20.96 15.40 24.68
CA LYS H 203 -22.39 15.68 24.76
C LYS H 203 -22.70 16.85 25.67
N LEU H 204 -21.69 17.62 26.05
CA LEU H 204 -21.80 18.64 27.08
C LEU H 204 -22.13 19.99 26.45
N GLU H 205 -23.01 20.75 27.10
CA GLU H 205 -23.29 22.11 26.67
C GLU H 205 -22.08 23.00 26.91
N GLU H 206 -22.15 24.22 26.36
CA GLU H 206 -21.07 25.17 26.55
C GLU H 206 -20.92 25.56 28.02
N MET H 207 -22.05 25.69 28.73
CA MET H 207 -22.00 26.04 30.14
C MET H 207 -21.42 24.91 30.99
N GLU H 208 -21.73 23.66 30.64
CA GLU H 208 -21.33 22.54 31.49
C GLU H 208 -19.84 22.27 31.40
N LYS H 209 -19.21 22.65 30.29
CA LYS H 209 -17.76 22.46 30.15
C LYS H 209 -17.00 23.30 31.16
N GLU H 210 -17.48 24.52 31.45
CA GLU H 210 -16.84 25.37 32.44
C GLU H 210 -16.88 24.72 33.81
N ILE H 211 -18.03 24.18 34.20
CA ILE H 211 -18.16 23.52 35.49
C ILE H 211 -17.28 22.28 35.55
N TYR H 212 -17.24 21.51 34.46
CA TYR H 212 -16.37 20.34 34.42
C TYR H 212 -14.92 20.73 34.62
N LYS H 213 -14.47 21.79 33.91
CA LYS H 213 -13.08 22.21 34.03
C LYS H 213 -12.75 22.68 35.43
N LYS H 214 -13.65 23.45 36.05
CA LYS H 214 -13.40 23.93 37.40
C LYS H 214 -13.31 22.78 38.39
N SER H 215 -14.26 21.85 38.34
CA SER H 215 -14.25 20.71 39.26
C SER H 215 -13.03 19.85 39.06
N HIS H 216 -12.68 19.57 37.80
CA HIS H 216 -11.51 18.75 37.52
C HIS H 216 -10.24 19.40 38.05
N GLU H 217 -10.07 20.70 37.82
CA GLU H 217 -8.87 21.38 38.29
C GLU H 217 -8.80 21.36 39.81
N SER H 218 -9.91 21.61 40.49
CA SER H 218 -9.90 21.59 41.96
C SER H 218 -9.53 20.22 42.48
N TYR H 219 -10.10 19.16 41.90
CA TYR H 219 -9.76 17.81 42.34
C TYR H 219 -8.29 17.49 42.11
N LYS H 220 -7.74 17.86 40.94
CA LYS H 220 -6.34 17.58 40.69
C LYS H 220 -5.43 18.33 41.66
N ASP H 221 -5.73 19.60 41.95
CA ASP H 221 -4.90 20.32 42.91
C ASP H 221 -4.97 19.69 44.30
N THR H 222 -6.16 19.29 44.73
CA THR H 222 -6.28 18.65 46.04
C THR H 222 -5.48 17.35 46.10
N LYS H 223 -5.60 16.52 45.06
CA LYS H 223 -4.84 15.27 45.02
C LYS H 223 -3.35 15.53 44.98
N ARG H 224 -2.93 16.55 44.22
CA ARG H 224 -1.51 16.87 44.12
C ARG H 224 -0.95 17.29 45.47
N TRP H 225 -1.69 18.11 46.21
CA TRP H 225 -1.19 18.56 47.51
C TRP H 225 -1.19 17.42 48.52
N MET H 226 -2.17 16.51 48.43
CA MET H 226 -2.23 15.41 49.39
C MET H 226 -1.04 14.47 49.24
N PHE H 227 -0.58 14.22 48.02
CA PHE H 227 0.44 13.21 47.74
C PHE H 227 1.73 13.82 47.24
N LYS H 228 2.16 14.94 47.82
CA LYS H 228 3.38 15.62 47.41
C LYS H 228 4.51 15.13 48.32
N LYS H 229 5.47 14.43 47.73
CA LYS H 229 6.61 13.92 48.49
C LYS H 229 7.92 14.33 47.84
N TYR I 53 -9.85 45.65 73.56
CA TYR I 53 -8.69 45.76 72.70
C TYR I 53 -7.39 45.66 73.49
N VAL I 54 -6.35 46.33 72.99
CA VAL I 54 -5.03 46.37 73.62
C VAL I 54 -4.55 44.92 73.75
N SER I 55 -4.81 44.12 72.72
CA SER I 55 -4.37 42.73 72.67
C SER I 55 -3.83 42.45 71.28
N PRO I 56 -2.54 42.18 71.12
CA PRO I 56 -1.99 41.91 69.78
C PRO I 56 -2.51 40.63 69.14
N GLN I 57 -3.03 39.69 69.93
CA GLN I 57 -3.58 38.46 69.37
C GLN I 57 -4.94 38.70 68.70
N GLN I 58 -5.77 39.54 69.31
CA GLN I 58 -7.08 39.85 68.74
C GLN I 58 -6.96 40.64 67.45
N ASP I 59 -5.93 41.48 67.29
CA ASP I 59 -5.72 42.16 66.02
C ASP I 59 -5.48 41.16 64.90
N PHE I 60 -4.63 40.15 65.15
CA PHE I 60 -4.39 39.11 64.16
C PHE I 60 -5.61 38.26 63.90
N SER I 61 -6.40 37.95 64.92
CA SER I 61 -7.65 37.23 64.70
C SER I 61 -8.62 38.02 63.84
N ASP I 62 -8.76 39.32 64.12
CA ASP I 62 -9.68 40.15 63.36
C ASP I 62 -9.23 40.30 61.92
N LEU I 63 -7.92 40.46 61.70
CA LEU I 63 -7.40 40.55 60.33
C LEU I 63 -7.70 39.27 59.56
N MET I 64 -7.49 38.11 60.20
CA MET I 64 -7.75 36.84 59.53
C MET I 64 -9.22 36.68 59.20
N LYS I 65 -10.11 37.03 60.13
CA LYS I 65 -11.53 36.87 59.86
C LYS I 65 -11.97 37.83 58.75
N SER I 66 -11.42 39.05 58.72
CA SER I 66 -11.73 39.99 57.66
C SER I 66 -11.27 39.47 56.31
N TRP I 67 -10.06 38.90 56.25
CA TRP I 67 -9.56 38.34 54.99
C TRP I 67 -10.44 37.19 54.52
N LYS I 68 -10.80 36.29 55.44
CA LYS I 68 -11.63 35.14 55.07
C LYS I 68 -13.00 35.58 54.59
N ASN I 69 -13.60 36.57 55.24
CA ASN I 69 -14.87 37.10 54.77
C ASN I 69 -14.72 37.80 53.43
N GLU I 70 -13.60 38.48 53.22
CA GLU I 70 -13.40 39.21 51.97
C GLU I 70 -13.31 38.27 50.78
N ARG I 71 -12.56 37.18 50.90
CA ARG I 71 -12.35 36.32 49.73
C ARG I 71 -13.65 35.70 49.24
N CYS I 72 -14.51 35.26 50.15
CA CYS I 72 -15.71 34.52 49.79
C CYS I 72 -16.94 35.40 49.62
N SER I 73 -16.82 36.72 49.79
CA SER I 73 -18.05 37.50 49.69
C SER I 73 -18.19 38.11 48.30
N PRO I 74 -19.43 38.27 47.82
CA PRO I 74 -19.60 38.89 46.49
C PRO I 74 -19.43 40.40 46.49
N GLU I 75 -19.87 41.07 47.55
CA GLU I 75 -19.87 42.53 47.58
C GLU I 75 -18.50 43.07 47.99
N LEU I 76 -18.44 44.39 48.14
CA LEU I 76 -17.23 45.08 48.58
C LEU I 76 -17.41 45.50 50.03
N LEU I 77 -16.78 44.78 50.94
CA LEU I 77 -17.00 44.96 52.37
C LEU I 77 -16.39 46.27 52.86
N PRO I 78 -16.92 46.82 53.95
CA PRO I 78 -16.37 48.07 54.49
C PRO I 78 -14.95 47.88 54.99
N TYR I 79 -14.18 48.97 54.94
CA TYR I 79 -12.76 48.90 55.29
C TYR I 79 -12.57 49.07 56.80
N PRO I 80 -11.89 48.14 57.47
CA PRO I 80 -11.57 48.31 58.89
C PRO I 80 -10.44 49.31 59.11
N HIS I 81 -10.79 50.60 59.19
CA HIS I 81 -9.78 51.66 59.16
C HIS I 81 -8.80 51.54 60.32
N GLN I 82 -9.30 51.33 61.53
CA GLN I 82 -8.44 51.38 62.72
C GLN I 82 -7.50 50.17 62.78
N LEU I 83 -8.01 48.99 62.44
CA LEU I 83 -7.21 47.77 62.54
C LEU I 83 -5.99 47.84 61.63
N MET I 84 -6.19 48.32 60.40
CA MET I 84 -5.08 48.43 59.46
C MET I 84 -4.04 49.42 59.94
N LYS I 85 -4.47 50.54 60.51
CA LYS I 85 -3.53 51.51 61.05
C LYS I 85 -2.70 50.91 62.18
N ARG I 86 -3.37 50.21 63.10
CA ARG I 86 -2.65 49.59 64.21
C ARG I 86 -1.64 48.56 63.71
N LEU I 87 -2.05 47.71 62.78
CA LEU I 87 -1.13 46.70 62.24
C LEU I 87 0.05 47.31 61.49
N LEU I 88 -0.19 48.35 60.70
CA LEU I 88 0.91 49.00 59.99
C LEU I 88 1.89 49.65 60.96
N ASN I 89 1.37 50.29 62.02
CA ASN I 89 2.25 50.87 63.03
C ASN I 89 3.07 49.79 63.72
N ARG I 90 2.43 48.66 64.05
CA ARG I 90 3.15 47.57 64.71
C ARG I 90 4.25 47.01 63.81
N ILE I 91 3.96 46.82 62.52
CA ILE I 91 4.98 46.36 61.58
C ILE I 91 6.12 47.35 61.48
N SER I 92 5.80 48.65 61.40
CA SER I 92 6.84 49.67 61.28
C SER I 92 7.77 49.65 62.48
N MET I 93 7.20 49.56 63.69
CA MET I 93 8.03 49.50 64.89
C MET I 93 8.84 48.21 64.94
N GLN I 94 8.24 47.08 64.58
CA GLN I 94 8.92 45.80 64.70
C GLN I 94 10.11 45.72 63.75
N SER I 95 9.94 46.19 62.51
CA SER I 95 11.06 46.16 61.57
C SER I 95 12.23 46.97 62.09
N GLN I 96 11.94 48.15 62.65
CA GLN I 96 12.98 48.97 63.28
C GLN I 96 13.65 48.20 64.42
N LEU I 97 12.87 47.44 65.19
CA LEU I 97 13.43 46.68 66.30
C LEU I 97 14.43 45.62 65.84
N ILE I 98 14.02 44.77 64.90
CA ILE I 98 14.96 43.77 64.37
C ILE I 98 16.17 44.44 63.74
N GLU I 99 15.97 45.55 63.02
CA GLU I 99 17.11 46.27 62.46
C GLU I 99 18.06 46.73 63.56
N ASN I 100 17.50 47.18 64.69
CA ASN I 100 18.33 47.68 65.78
C ASN I 100 19.18 46.57 66.37
N ILE I 101 18.58 45.42 66.68
CA ILE I 101 19.39 44.31 67.21
C ILE I 101 20.43 43.85 66.19
N SER I 102 20.06 43.80 64.91
CA SER I 102 21.01 43.38 63.89
C SER I 102 22.22 44.32 63.82
N MET I 103 21.96 45.64 63.82
CA MET I 103 23.04 46.61 63.81
C MET I 103 23.90 46.50 65.07
N GLY I 104 23.25 46.36 66.24
CA GLY I 104 24.00 46.25 67.47
C GLY I 104 24.91 45.04 67.49
N PHE I 105 24.43 43.91 66.97
CA PHE I 105 25.26 42.72 66.91
C PHE I 105 26.39 42.87 65.91
N LEU I 106 26.13 43.55 64.79
CA LEU I 106 27.15 43.69 63.75
C LEU I 106 28.27 44.63 64.19
N ASP I 107 27.91 45.76 64.80
CA ASP I 107 28.91 46.78 65.11
C ASP I 107 29.95 46.28 66.11
N MET I 108 29.51 45.56 67.14
CA MET I 108 30.44 45.10 68.17
C MET I 108 31.40 44.04 67.62
N GLN I 109 30.94 43.26 66.63
CA GLN I 109 31.75 42.18 66.09
C GLN I 109 33.04 42.69 65.45
N ASN I 110 32.95 43.77 64.67
CA ASN I 110 34.10 44.22 63.89
C ASN I 110 35.08 45.01 64.76
N ALA I 111 34.65 45.46 65.94
CA ALA I 111 35.47 46.38 66.72
C ALA I 111 36.78 45.74 67.19
N SER I 112 36.69 44.59 67.84
CA SER I 112 37.86 43.95 68.43
C SER I 112 37.84 42.44 68.19
N ASN I 113 37.51 42.06 66.95
CA ASN I 113 37.41 40.65 66.52
C ASN I 113 36.73 39.78 67.57
N ALA I 114 35.65 40.31 68.15
CA ALA I 114 34.94 39.59 69.20
C ALA I 114 34.20 38.40 68.63
N ASN I 115 33.74 37.52 69.52
CA ASN I 115 32.99 36.36 69.09
C ASN I 115 31.64 36.77 68.51
N PRO I 116 31.10 36.00 67.57
CA PRO I 116 29.76 36.27 67.05
C PRO I 116 28.72 36.09 68.16
N PRO I 117 27.47 36.47 67.91
CA PRO I 117 26.42 36.20 68.90
C PRO I 117 26.42 34.73 69.29
N MET I 118 26.61 34.47 70.59
CA MET I 118 26.77 33.11 71.07
C MET I 118 25.52 32.30 70.72
N PRO I 119 25.67 31.12 70.11
CA PRO I 119 24.53 30.47 69.45
C PRO I 119 23.33 30.22 70.34
N ASN I 120 23.54 29.86 71.61
CA ASN I 120 22.42 29.52 72.48
C ASN I 120 21.59 30.76 72.81
N GLU I 121 20.27 30.57 72.93
CA GLU I 121 19.26 31.63 73.12
C GLU I 121 19.54 32.86 72.25
N SER I 122 20.08 32.66 71.05
CA SER I 122 20.35 33.80 70.20
C SER I 122 19.60 33.76 68.87
N LYS I 123 19.81 32.69 68.09
CA LYS I 123 19.37 32.69 66.69
C LYS I 123 17.86 32.50 66.58
N LEU I 124 17.30 31.57 67.38
CA LEU I 124 15.89 31.20 67.22
C LEU I 124 14.94 32.37 67.46
N PRO I 125 15.12 33.20 68.51
CA PRO I 125 14.23 34.36 68.66
C PRO I 125 14.18 35.25 67.43
N LEU I 126 15.34 35.66 66.91
CA LEU I 126 15.39 36.58 65.79
C LEU I 126 14.83 35.94 64.53
N LEU I 127 15.12 34.66 64.33
CA LEU I 127 14.54 33.94 63.20
C LEU I 127 13.02 33.93 63.27
N CYS I 128 12.48 33.75 64.49
CA CYS I 128 11.03 33.78 64.66
C CYS I 128 10.47 35.17 64.36
N MET I 129 11.16 36.23 64.79
CA MET I 129 10.72 37.57 64.42
C MET I 129 10.59 37.71 62.92
N GLU I 130 11.64 37.31 62.20
CA GLU I 130 11.64 37.46 60.75
C GLU I 130 10.50 36.68 60.11
N THR I 131 10.33 35.41 60.47
CA THR I 131 9.31 34.61 59.81
C THR I 131 7.90 35.10 60.15
N GLU I 132 7.69 35.55 61.40
CA GLU I 132 6.39 36.07 61.78
C GLU I 132 6.04 37.33 60.98
N LEU I 133 7.01 38.24 60.84
CA LEU I 133 6.78 39.43 60.02
C LEU I 133 6.48 39.05 58.58
N GLU I 134 7.20 38.05 58.06
CA GLU I 134 6.98 37.62 56.68
C GLU I 134 5.56 37.10 56.49
N ARG I 135 5.06 36.30 57.43
CA ARG I 135 3.69 35.78 57.30
C ARG I 135 2.66 36.91 57.37
N LEU I 136 2.84 37.84 58.31
CA LEU I 136 1.87 38.92 58.46
C LEU I 136 1.82 39.78 57.20
N LYS I 137 2.99 40.10 56.63
CA LYS I 137 3.04 40.89 55.42
C LYS I 137 2.32 40.19 54.26
N PHE I 138 2.50 38.88 54.14
CA PHE I 138 1.78 38.12 53.12
C PHE I 138 0.28 38.22 53.30
N VAL I 139 -0.20 38.06 54.53
CA VAL I 139 -1.65 38.11 54.74
C VAL I 139 -2.20 39.47 54.32
N ILE I 140 -1.54 40.55 54.73
CA ILE I 140 -2.04 41.87 54.38
C ILE I 140 -1.96 42.11 52.88
N ARG I 141 -0.90 41.64 52.23
CA ARG I 141 -0.76 41.80 50.79
C ARG I 141 -1.89 41.10 50.05
N SER I 142 -2.21 39.86 50.43
CA SER I 142 -3.29 39.14 49.77
C SER I 142 -4.62 39.84 49.96
N TYR I 143 -4.89 40.30 51.20
CA TYR I 143 -6.11 41.04 51.46
C TYR I 143 -6.24 42.26 50.54
N ILE I 144 -5.17 43.07 50.48
CA ILE I 144 -5.23 44.31 49.70
C ILE I 144 -5.42 44.02 48.22
N ARG I 145 -4.69 43.04 47.68
CA ARG I 145 -4.81 42.78 46.25
C ARG I 145 -6.19 42.21 45.89
N CYS I 146 -6.74 41.36 46.76
CA CYS I 146 -8.09 40.85 46.50
C CYS I 146 -9.11 41.99 46.46
N ARG I 147 -9.03 42.91 47.44
CA ARG I 147 -10.00 44.00 47.43
C ARG I 147 -9.77 44.95 46.26
N LEU I 148 -8.52 45.10 45.82
CA LEU I 148 -8.26 45.92 44.63
C LEU I 148 -8.89 45.31 43.39
N SER I 149 -8.79 43.98 43.24
CA SER I 149 -9.45 43.33 42.11
C SER I 149 -10.96 43.54 42.17
N LYS I 150 -11.56 43.38 43.35
CA LYS I 150 -12.99 43.62 43.48
C LYS I 150 -13.35 45.06 43.16
N ILE I 151 -12.47 46.02 43.50
CA ILE I 151 -12.69 47.41 43.12
C ILE I 151 -12.68 47.55 41.60
N ASP I 152 -11.73 46.90 40.94
CA ASP I 152 -11.68 46.92 39.48
C ASP I 152 -12.99 46.42 38.87
N LYS I 153 -13.57 45.37 39.46
CA LYS I 153 -14.75 44.76 38.83
C LYS I 153 -15.96 45.69 38.89
N PHE I 154 -16.07 46.53 39.91
CA PHE I 154 -17.27 47.31 40.19
C PHE I 154 -17.04 48.82 40.13
N SER I 155 -16.33 49.30 39.12
CA SER I 155 -16.01 50.72 39.05
C SER I 155 -17.26 51.57 38.81
N LEU I 156 -18.06 51.21 37.80
CA LEU I 156 -19.22 52.03 37.44
C LEU I 156 -20.27 52.02 38.55
N TYR I 157 -20.46 50.87 39.20
CA TYR I 157 -21.41 50.79 40.30
C TYR I 157 -21.00 51.70 41.46
N LEU I 158 -19.71 51.70 41.79
CA LEU I 158 -19.22 52.59 42.84
C LEU I 158 -19.38 54.06 42.44
N ARG I 159 -19.10 54.39 41.17
CA ARG I 159 -19.30 55.76 40.72
C ARG I 159 -20.76 56.18 40.86
N GLN I 160 -21.69 55.30 40.47
CA GLN I 160 -23.10 55.64 40.59
C GLN I 160 -23.52 55.78 42.05
N LEU I 161 -22.96 54.95 42.94
CA LEU I 161 -23.24 55.10 44.36
C LEU I 161 -22.76 56.45 44.87
N ASN I 162 -21.56 56.87 44.45
CA ASN I 162 -21.02 58.14 44.93
C ASN I 162 -21.81 59.32 44.39
N GLU I 163 -22.32 59.21 43.17
CA GLU I 163 -23.04 60.32 42.53
C GLU I 163 -24.47 60.46 43.04
N ASP I 164 -25.00 59.48 43.74
CA ASP I 164 -26.37 59.50 44.22
C ASP I 164 -26.45 60.26 45.54
N GLU I 165 -27.34 61.25 45.60
CA GLU I 165 -27.46 62.08 46.80
C GLU I 165 -28.06 61.30 47.96
N ASN I 166 -29.17 60.60 47.71
CA ASN I 166 -29.89 59.88 48.77
C ASN I 166 -29.38 58.44 48.87
N SER I 167 -28.08 58.32 49.17
CA SER I 167 -27.42 57.03 49.34
C SER I 167 -26.59 57.08 50.62
N LEU I 168 -26.97 56.26 51.61
CA LEU I 168 -26.22 56.22 52.86
C LEU I 168 -24.82 55.69 52.63
N ILE I 169 -24.64 54.85 51.61
CA ILE I 169 -23.31 54.34 51.28
C ILE I 169 -22.48 55.45 50.67
N SER I 170 -21.32 55.71 51.24
CA SER I 170 -20.41 56.74 50.75
C SER I 170 -19.01 56.14 50.61
N LEU I 171 -18.29 56.61 49.60
CA LEU I 171 -16.98 56.04 49.30
C LEU I 171 -15.94 56.40 50.35
N THR I 172 -16.18 57.44 51.16
CA THR I 172 -15.21 57.80 52.19
C THR I 172 -15.14 56.74 53.29
N ASP I 173 -16.20 55.95 53.43
CA ASP I 173 -16.21 54.90 54.45
C ASP I 173 -15.90 53.53 53.86
N LEU I 174 -16.48 53.23 52.69
CA LEU I 174 -16.31 51.94 52.05
C LEU I 174 -14.97 51.79 51.33
N LEU I 175 -14.27 52.88 51.05
CA LEU I 175 -13.05 52.84 50.27
C LEU I 175 -11.94 53.55 51.00
N SER I 176 -10.75 52.98 50.96
CA SER I 176 -9.58 53.63 51.52
C SER I 176 -9.09 54.74 50.60
N LYS I 177 -8.29 55.65 51.16
CA LYS I 177 -7.82 56.80 50.40
C LYS I 177 -6.97 56.36 49.20
N ASP I 178 -6.04 55.44 49.43
CA ASP I 178 -5.26 54.90 48.32
C ASP I 178 -6.16 54.20 47.31
N GLU I 179 -7.18 53.50 47.80
CA GLU I 179 -8.15 52.89 46.90
C GLU I 179 -8.94 53.94 46.14
N ILE I 180 -9.21 55.10 46.75
CA ILE I 180 -9.86 56.20 46.02
C ILE I 180 -8.97 56.70 44.90
N LYS I 181 -7.68 56.91 45.17
CA LYS I 181 -6.76 57.32 44.11
C LYS I 181 -6.71 56.29 43.00
N TYR I 182 -6.62 55.01 43.37
CA TYR I 182 -6.60 53.93 42.38
C TYR I 182 -7.85 53.96 41.51
N HIS I 183 -9.02 54.07 42.13
CA HIS I 183 -10.27 54.10 41.39
C HIS I 183 -10.30 55.27 40.41
N ASP I 184 -9.95 56.47 40.89
CA ASP I 184 -10.01 57.65 40.04
C ASP I 184 -9.05 57.53 38.87
N THR I 185 -7.82 57.09 39.12
CA THR I 185 -6.85 57.01 38.04
C THR I 185 -7.23 55.94 37.02
N HIS I 186 -7.64 54.75 37.50
CA HIS I 186 -7.97 53.66 36.59
C HIS I 186 -9.18 54.01 35.73
N SER I 187 -10.19 54.66 36.33
CA SER I 187 -11.36 55.04 35.56
C SER I 187 -11.00 55.98 34.42
N LEU I 188 -10.18 56.99 34.70
CA LEU I 188 -9.78 57.93 33.66
C LEU I 188 -8.97 57.24 32.58
N ILE I 189 -8.04 56.35 32.96
CA ILE I 189 -7.22 55.69 31.96
C ILE I 189 -8.06 54.81 31.05
N TRP I 190 -8.98 54.04 31.64
CA TRP I 190 -9.85 53.17 30.85
C TRP I 190 -10.77 53.98 29.95
N LEU I 191 -11.30 55.09 30.46
CA LEU I 191 -12.14 55.96 29.64
C LEU I 191 -11.36 56.52 28.45
N LYS I 192 -10.12 56.95 28.69
CA LYS I 192 -9.29 57.43 27.58
C LYS I 192 -9.08 56.35 26.55
N LEU I 193 -8.77 55.12 27.00
CA LEU I 193 -8.55 54.03 26.05
C LEU I 193 -9.78 53.78 25.19
N VAL I 194 -10.96 53.65 25.82
CA VAL I 194 -12.15 53.31 25.07
C VAL I 194 -12.57 54.47 24.16
N ASN I 195 -12.39 55.72 24.63
CA ASN I 195 -12.75 56.86 23.80
C ASN I 195 -11.86 56.97 22.57
N ASP I 196 -10.56 56.73 22.73
CA ASP I 196 -9.65 56.81 21.59
C ASP I 196 -9.88 55.65 20.64
N SER I 197 -10.22 54.48 21.16
CA SER I 197 -10.33 53.29 20.31
C SER I 197 -11.66 53.18 19.57
N ILE I 198 -12.79 53.24 20.27
CA ILE I 198 -14.06 52.82 19.68
C ILE I 198 -15.11 53.93 19.72
N LEU I 199 -15.28 54.56 20.88
CA LEU I 199 -16.48 55.35 21.13
C LEU I 199 -16.50 56.65 20.31
N LYS I 200 -15.36 57.03 19.71
CA LYS I 200 -15.33 58.29 18.97
C LYS I 200 -16.10 58.18 17.66
N TYR I 201 -16.24 56.98 17.11
CA TYR I 201 -16.88 56.79 15.83
C TYR I 201 -18.37 56.46 15.99
N MET I 202 -18.99 56.90 17.06
CA MET I 202 -20.34 56.50 17.40
C MET I 202 -21.26 57.71 17.44
N PRO I 203 -22.55 57.52 17.14
CA PRO I 203 -23.49 58.65 17.17
C PRO I 203 -23.64 59.22 18.56
N GLU I 204 -23.96 60.52 18.62
CA GLU I 204 -24.12 61.21 19.89
C GLU I 204 -25.24 60.59 20.73
N GLU I 205 -26.20 59.92 20.09
CA GLU I 205 -27.29 59.30 20.84
C GLU I 205 -26.76 58.26 21.83
N LEU I 206 -25.77 57.47 21.42
CA LEU I 206 -25.17 56.45 22.28
C LEU I 206 -23.63 56.63 22.25
N GLN I 207 -23.15 57.47 23.16
CA GLN I 207 -21.72 57.65 23.38
C GLN I 207 -21.36 57.52 24.86
N ALA I 208 -22.29 57.06 25.68
CA ALA I 208 -22.08 56.93 27.12
C ALA I 208 -21.70 55.50 27.47
N ILE I 209 -20.64 55.36 28.27
CA ILE I 209 -20.20 54.05 28.72
C ILE I 209 -21.10 53.50 29.83
N ASN I 210 -21.97 54.32 30.40
CA ASN I 210 -22.93 53.89 31.40
C ASN I 210 -24.32 54.26 30.91
N ASP I 211 -25.09 53.24 30.53
CA ASP I 211 -26.44 53.45 29.99
C ASP I 211 -27.39 52.49 30.66
N THR I 212 -28.26 53.00 31.52
CA THR I 212 -29.23 52.19 32.23
C THR I 212 -30.57 52.07 31.49
N GLU I 213 -30.72 52.72 30.35
CA GLU I 213 -31.97 52.73 29.62
C GLU I 213 -31.88 51.98 28.29
N GLY I 214 -30.70 51.45 27.95
CA GLY I 214 -30.50 50.73 26.72
C GLY I 214 -31.07 49.33 26.76
N SER I 215 -30.81 48.58 25.68
CA SER I 215 -31.31 47.21 25.60
C SER I 215 -30.75 46.34 26.71
N VAL I 216 -29.45 46.48 27.01
CA VAL I 216 -28.79 45.75 28.08
C VAL I 216 -28.15 46.76 29.02
N ASN I 217 -28.38 46.57 30.32
CA ASN I 217 -27.80 47.46 31.31
C ASN I 217 -26.28 47.35 31.29
N MET I 218 -25.62 48.49 31.15
CA MET I 218 -24.16 48.53 31.05
C MET I 218 -23.46 48.64 32.40
N ILE I 219 -24.22 48.78 33.48
CA ILE I 219 -23.66 48.88 34.83
C ILE I 219 -23.92 47.57 35.54
N ASP I 220 -22.85 46.86 35.88
CA ASP I 220 -22.97 45.60 36.60
C ASP I 220 -22.95 45.84 38.10
N GLU I 221 -23.78 45.09 38.81
CA GLU I 221 -23.95 45.21 40.26
C GLU I 221 -23.68 43.88 40.91
N PRO I 222 -23.29 43.87 42.18
CA PRO I 222 -22.95 42.61 42.85
C PRO I 222 -24.14 41.66 42.91
N ASP I 223 -23.84 40.37 42.83
CA ASP I 223 -24.86 39.34 42.95
C ASP I 223 -25.26 39.21 44.41
N TRP I 224 -26.51 39.55 44.72
CA TRP I 224 -26.98 39.58 46.09
C TRP I 224 -27.57 38.25 46.56
N ASN I 225 -27.63 37.24 45.68
CA ASN I 225 -28.17 35.94 46.05
C ASN I 225 -27.18 34.81 45.81
N LYS I 226 -25.88 35.10 45.80
CA LYS I 226 -24.88 34.07 45.64
C LYS I 226 -24.92 33.09 46.81
N PHE I 227 -24.63 31.83 46.51
CA PHE I 227 -24.66 30.76 47.50
C PHE I 227 -23.29 30.64 48.15
N VAL I 228 -23.25 30.67 49.47
CA VAL I 228 -22.00 30.63 50.21
C VAL I 228 -22.10 29.63 51.35
N PHE I 229 -20.92 29.17 51.80
CA PHE I 229 -20.78 28.30 52.96
C PHE I 229 -20.59 29.19 54.19
N ILE I 230 -21.35 28.92 55.24
CA ILE I 230 -21.29 29.69 56.47
C ILE I 230 -21.22 28.76 57.67
N HIS I 231 -20.63 29.26 58.75
CA HIS I 231 -20.55 28.56 60.03
C HIS I 231 -21.18 29.45 61.10
N VAL I 232 -22.00 28.86 61.96
CA VAL I 232 -22.77 29.59 62.96
C VAL I 232 -21.94 29.64 64.24
N ASN I 233 -21.27 30.77 64.47
CA ASN I 233 -20.51 30.94 65.70
C ASN I 233 -21.42 31.19 66.89
N GLY I 234 -22.49 31.96 66.70
CA GLY I 234 -23.34 32.35 67.78
C GLY I 234 -23.05 33.78 68.22
N PRO I 235 -23.24 34.07 69.49
CA PRO I 235 -22.89 35.40 70.02
C PRO I 235 -21.41 35.69 69.80
N PRO I 236 -21.07 36.94 69.46
CA PRO I 236 -19.65 37.26 69.22
C PRO I 236 -18.77 37.03 70.43
N ASP I 237 -19.27 37.29 71.63
CA ASP I 237 -18.49 37.12 72.85
C ASP I 237 -19.14 36.18 73.85
N GLY I 238 -20.46 36.25 74.02
CA GLY I 238 -21.16 35.44 74.99
C GLY I 238 -22.47 36.05 75.42
N LYS I 239 -22.90 35.76 76.65
CA LYS I 239 -24.17 36.26 77.19
C LYS I 239 -25.33 35.88 76.26
N TRP I 240 -25.57 34.58 76.14
CA TRP I 240 -26.57 34.05 75.23
C TRP I 240 -27.97 34.58 75.55
N ASN I 241 -28.22 34.90 76.82
CA ASN I 241 -29.50 35.47 77.18
C ASN I 241 -29.63 36.92 76.70
N GLU I 242 -28.51 37.62 76.56
CA GLU I 242 -28.54 39.02 76.17
C GLU I 242 -29.01 39.19 74.74
N ASP I 243 -28.60 38.29 73.84
CA ASP I 243 -28.93 38.43 72.44
C ASP I 243 -30.43 38.25 72.23
N PRO I 244 -31.12 39.23 71.66
CA PRO I 244 -32.57 39.09 71.45
C PRO I 244 -32.91 38.17 70.29
N LEU I 245 -32.00 38.06 69.32
CA LEU I 245 -32.29 37.27 68.12
C LEU I 245 -32.28 35.78 68.43
N LEU I 246 -31.49 35.35 69.41
CA LEU I 246 -31.48 33.95 69.80
C LEU I 246 -32.84 33.52 70.31
N GLN I 247 -33.30 32.36 69.81
CA GLN I 247 -34.52 31.73 70.28
C GLN I 247 -34.29 30.23 70.38
N GLU I 248 -34.70 29.65 71.49
CA GLU I 248 -34.47 28.24 71.74
C GLU I 248 -35.38 27.38 70.87
N ASN I 249 -34.95 26.14 70.65
CA ASN I 249 -35.72 25.16 69.90
C ASN I 249 -35.82 23.87 70.70
N GLU I 250 -36.59 22.93 70.19
CA GLU I 250 -36.85 21.69 70.91
C GLU I 250 -35.58 20.85 71.04
N PHE I 251 -35.29 20.45 72.29
CA PHE I 251 -34.18 19.55 72.63
C PHE I 251 -32.87 19.92 71.92
N GLY I 252 -32.65 21.22 71.73
CA GLY I 252 -31.47 21.68 71.03
C GLY I 252 -31.01 23.03 71.52
N LYS I 253 -29.79 23.38 71.13
CA LYS I 253 -29.22 24.67 71.43
C LYS I 253 -29.98 25.76 70.67
N PRO I 254 -29.94 27.00 71.15
CA PRO I 254 -30.69 28.08 70.48
C PRO I 254 -30.24 28.26 69.03
N CYS I 255 -31.20 28.59 68.17
CA CYS I 255 -30.97 28.69 66.74
C CYS I 255 -31.49 30.03 66.23
N TYR I 256 -30.77 30.61 65.27
CA TYR I 256 -31.24 31.81 64.60
C TYR I 256 -32.35 31.46 63.61
N THR I 257 -33.16 32.47 63.27
CA THR I 257 -34.21 32.32 62.27
C THR I 257 -34.03 33.38 61.19
N VAL I 258 -34.22 32.96 59.93
CA VAL I 258 -34.19 33.86 58.80
C VAL I 258 -35.36 33.52 57.90
N THR I 259 -35.71 34.45 57.02
CA THR I 259 -36.81 34.25 56.09
C THR I 259 -36.33 34.46 54.66
N ILE I 260 -36.75 33.57 53.77
CA ILE I 260 -36.54 33.74 52.34
C ILE I 260 -37.86 34.18 51.72
N PRO I 261 -37.96 35.43 51.24
CA PRO I 261 -39.26 35.93 50.76
C PRO I 261 -39.64 35.39 49.39
N ASP I 262 -38.67 35.23 48.48
CA ASP I 262 -38.98 34.69 47.16
C ASP I 262 -39.53 33.27 47.27
N LEU I 263 -38.90 32.44 48.10
CA LEU I 263 -39.46 31.13 48.42
C LEU I 263 -40.56 31.23 49.47
N LYS I 264 -40.58 32.32 50.23
CA LYS I 264 -41.56 32.52 51.31
C LYS I 264 -41.50 31.36 52.31
N GLU I 265 -40.35 31.23 52.97
CA GLU I 265 -40.17 30.17 53.97
C GLU I 265 -39.29 30.67 55.09
N GLU I 266 -39.34 29.96 56.22
CA GLU I 266 -38.54 30.27 57.40
C GLU I 266 -37.50 29.18 57.59
N VAL I 267 -36.23 29.59 57.70
CA VAL I 267 -35.11 28.66 57.83
C VAL I 267 -34.44 28.91 59.18
N GLU I 268 -34.22 27.83 59.93
CA GLU I 268 -33.59 27.91 61.24
C GLU I 268 -32.14 27.42 61.13
N LEU I 269 -31.21 28.21 61.66
CA LEU I 269 -29.80 27.89 61.66
C LEU I 269 -29.38 27.55 63.08
N THR I 270 -29.05 26.28 63.32
CA THR I 270 -28.61 25.85 64.64
C THR I 270 -27.13 26.13 64.82
N ILE I 271 -26.74 26.43 66.06
CA ILE I 271 -25.36 26.79 66.35
C ILE I 271 -24.47 25.55 66.26
N GLY I 272 -23.33 25.69 65.59
CA GLY I 272 -22.37 24.62 65.44
C GLY I 272 -22.51 23.83 64.16
N SER I 273 -23.38 24.24 63.24
CA SER I 273 -23.61 23.53 61.99
C SER I 273 -23.15 24.40 60.82
N ILE I 274 -22.75 23.74 59.74
CA ILE I 274 -22.32 24.44 58.54
C ILE I 274 -23.44 24.42 57.51
N TYR I 275 -23.68 25.58 56.90
CA TYR I 275 -24.82 25.72 56.00
C TYR I 275 -24.34 26.23 54.65
N VAL I 276 -25.09 25.88 53.61
CA VAL I 276 -24.97 26.48 52.28
C VAL I 276 -26.22 27.30 52.06
N MET I 277 -26.06 28.62 51.97
CA MET I 277 -27.17 29.56 52.10
C MET I 277 -26.98 30.74 51.15
N ARG I 278 -28.08 31.44 50.91
CA ARG I 278 -28.04 32.67 50.14
C ARG I 278 -27.33 33.78 50.91
N TYR I 279 -26.70 34.70 50.17
CA TYR I 279 -25.93 35.75 50.79
C TYR I 279 -26.78 36.88 51.37
N GLU I 280 -27.93 37.20 50.75
CA GLU I 280 -28.71 38.34 51.20
C GLU I 280 -29.34 38.11 52.57
N VAL I 281 -29.89 36.92 52.80
CA VAL I 281 -30.66 36.67 54.01
C VAL I 281 -29.74 36.62 55.23
N ILE I 282 -28.43 36.53 55.01
CA ILE I 282 -27.47 36.39 56.09
C ILE I 282 -26.54 37.60 56.22
N ARG I 283 -26.88 38.71 55.56
CA ARG I 283 -26.00 39.87 55.59
C ARG I 283 -25.90 40.47 56.99
N ASP I 284 -27.03 40.57 57.70
CA ASP I 284 -27.02 41.18 59.02
C ASP I 284 -26.22 40.36 60.02
N LEU I 285 -26.38 39.03 59.99
CA LEU I 285 -25.65 38.17 60.91
C LEU I 285 -24.14 38.26 60.67
N LEU I 286 -23.73 38.26 59.40
CA LEU I 286 -22.31 38.41 59.09
C LEU I 286 -21.79 39.77 59.52
N ARG I 287 -22.59 40.82 59.32
CA ARG I 287 -22.19 42.15 59.76
C ARG I 287 -22.04 42.22 61.27
N ASP I 288 -22.83 41.44 62.00
CA ASP I 288 -22.78 41.43 63.46
C ASP I 288 -21.97 40.27 64.03
N ASP I 289 -21.26 39.53 63.17
CA ASP I 289 -20.26 38.51 63.53
C ASP I 289 -20.94 37.25 64.07
N LYS I 290 -22.26 37.13 63.92
CA LYS I 290 -22.94 35.91 64.34
C LYS I 290 -22.55 34.71 63.49
N VAL I 291 -22.29 34.93 62.20
CA VAL I 291 -21.90 33.86 61.29
C VAL I 291 -20.58 34.23 60.65
N ALA I 292 -19.83 33.22 60.21
CA ALA I 292 -18.54 33.41 59.58
C ALA I 292 -18.48 32.64 58.27
N LEU I 293 -18.05 33.30 57.21
CA LEU I 293 -17.90 32.62 55.92
C LEU I 293 -16.70 31.69 55.97
N ILE I 294 -16.91 30.45 55.52
CA ILE I 294 -15.85 29.45 55.53
C ILE I 294 -15.32 29.26 54.12
N MET J 1 51.36 16.26 59.76
CA MET J 1 50.54 15.93 60.92
C MET J 1 49.60 17.08 61.27
N TYR J 2 49.10 17.78 60.26
CA TYR J 2 48.32 18.99 60.53
C TYR J 2 47.03 18.65 61.29
N TYR J 3 46.25 17.71 60.76
CA TYR J 3 45.03 17.26 61.41
C TYR J 3 45.01 15.74 61.38
N GLY J 4 45.28 15.12 62.53
CA GLY J 4 45.31 13.68 62.61
C GLY J 4 43.92 13.06 62.56
N ILE J 5 43.89 11.72 62.57
CA ILE J 5 42.61 11.02 62.53
C ILE J 5 41.79 11.34 63.78
N SER J 6 42.43 11.43 64.94
CA SER J 6 41.71 11.75 66.17
C SER J 6 41.28 13.22 66.20
N GLN J 7 42.04 14.09 65.56
CA GLN J 7 41.82 15.53 65.64
C GLN J 7 40.65 16.01 64.77
N PHE J 8 40.16 15.16 63.86
CA PHE J 8 39.12 15.54 62.90
C PHE J 8 37.97 16.32 63.53
N SER J 9 37.68 16.08 64.81
CA SER J 9 36.56 16.76 65.45
C SER J 9 36.78 18.27 65.56
N GLU J 10 37.94 18.69 66.07
CA GLU J 10 38.09 20.10 66.43
C GLU J 10 37.98 21.01 65.21
N ALA J 11 38.55 20.59 64.08
CA ALA J 11 38.40 21.35 62.85
C ALA J 11 36.93 21.62 62.55
N TYR J 12 36.09 20.59 62.70
CA TYR J 12 34.64 20.77 62.54
C TYR J 12 34.13 21.91 63.42
N ASN J 13 34.53 21.92 64.69
CA ASN J 13 34.09 22.99 65.59
C ASN J 13 34.47 24.35 65.04
N LYS J 14 35.67 24.47 64.45
CA LYS J 14 36.06 25.73 63.84
C LYS J 14 35.09 26.14 62.75
N ILE J 15 34.70 25.19 61.89
CA ILE J 15 33.72 25.49 60.87
C ILE J 15 32.38 25.87 61.49
N LEU J 16 32.07 25.34 62.67
CA LEU J 16 30.83 25.73 63.33
C LEU J 16 30.93 27.13 63.92
N ARG J 17 32.15 27.59 64.22
CA ARG J 17 32.30 28.88 64.88
C ARG J 17 32.40 30.02 63.87
N ASN J 18 33.25 29.85 62.84
CA ASN J 18 33.50 30.95 61.92
C ASN J 18 32.38 31.10 60.90
N SER J 19 31.79 29.99 60.45
CA SER J 19 30.92 29.99 59.29
C SER J 19 29.44 30.10 59.64
N SER J 20 28.98 29.41 60.69
CA SER J 20 27.55 29.34 60.96
C SER J 20 27.00 30.73 61.30
N SER J 21 25.91 31.09 60.62
CA SER J 21 25.23 32.36 60.83
C SER J 21 23.89 32.30 60.13
N HIS J 22 22.91 33.04 60.67
CA HIS J 22 21.57 33.08 60.12
C HIS J 22 21.36 34.26 59.17
N SER J 23 22.41 35.04 58.89
CA SER J 23 22.28 36.23 58.07
C SER J 23 23.35 36.33 56.99
N SER J 24 24.18 35.31 56.82
CA SER J 24 25.23 35.35 55.80
C SER J 24 25.69 33.94 55.49
N CYS J 25 26.18 33.75 54.27
CA CYS J 25 26.77 32.50 53.83
C CYS J 25 28.27 32.70 53.71
N GLN J 26 29.04 31.92 54.47
CA GLN J 26 30.49 32.09 54.56
C GLN J 26 31.23 30.77 54.44
N LEU J 27 30.63 29.78 53.77
CA LEU J 27 31.26 28.48 53.54
C LEU J 27 31.12 28.13 52.06
N VAL J 28 32.24 27.76 51.43
CA VAL J 28 32.22 27.39 50.01
C VAL J 28 32.96 26.06 49.86
N ILE J 29 32.36 25.14 49.11
CA ILE J 29 32.95 23.83 48.85
C ILE J 29 33.22 23.70 47.37
N PHE J 30 34.48 23.48 47.01
CA PHE J 30 34.91 23.16 45.66
C PHE J 30 35.16 21.66 45.58
N VAL J 31 34.34 20.97 44.80
CA VAL J 31 34.40 19.51 44.71
C VAL J 31 34.85 19.12 43.31
N SER J 32 35.71 18.11 43.24
CA SER J 32 36.18 17.59 41.96
C SER J 32 35.06 16.79 41.29
N CYS J 33 34.67 17.20 40.10
CA CYS J 33 33.69 16.45 39.32
C CYS J 33 34.34 15.22 38.73
N LEU J 34 33.54 14.43 38.02
CA LEU J 34 33.96 13.16 37.44
C LEU J 34 34.57 12.23 38.46
N ASN J 35 34.02 12.19 39.68
CA ASN J 35 34.54 11.38 40.76
C ASN J 35 33.38 11.00 41.67
N ILE J 36 33.33 9.72 42.07
CA ILE J 36 32.22 9.24 42.86
C ILE J 36 32.46 9.39 44.36
N ASP J 37 33.68 9.14 44.82
CA ASP J 37 33.99 9.28 46.25
C ASP J 37 33.79 10.72 46.71
N ALA J 38 34.26 11.68 45.92
CA ALA J 38 34.06 13.08 46.26
C ALA J 38 32.59 13.44 46.28
N LEU J 39 31.82 12.90 45.33
CA LEU J 39 30.38 13.20 45.28
C LEU J 39 29.67 12.66 46.52
N CYS J 40 29.99 11.43 46.93
CA CYS J 40 29.37 10.88 48.13
C CYS J 40 29.77 11.65 49.38
N ALA J 41 31.05 12.03 49.48
CA ALA J 41 31.49 12.80 50.64
C ALA J 41 30.82 14.15 50.69
N THR J 42 30.66 14.80 49.53
CA THR J 42 29.96 16.08 49.48
C THR J 42 28.50 15.93 49.88
N LYS J 43 27.86 14.83 49.47
CA LYS J 43 26.49 14.58 49.90
C LYS J 43 26.40 14.45 51.42
N MET J 44 27.32 13.68 52.01
CA MET J 44 27.31 13.52 53.47
C MET J 44 27.52 14.85 54.17
N LEU J 45 28.49 15.65 53.69
CA LEU J 45 28.76 16.94 54.29
C LEU J 45 27.56 17.87 54.16
N SER J 46 26.90 17.84 53.01
CA SER J 46 25.72 18.67 52.80
C SER J 46 24.61 18.31 53.77
N LEU J 47 24.35 17.02 53.96
CA LEU J 47 23.33 16.61 54.92
C LEU J 47 23.72 17.03 56.34
N LEU J 48 24.99 16.86 56.71
CA LEU J 48 25.43 17.25 58.04
C LEU J 48 25.20 18.74 58.27
N PHE J 49 25.62 19.56 57.32
CA PHE J 49 25.47 21.01 57.48
C PHE J 49 24.00 21.42 57.44
N LYS J 50 23.18 20.68 56.69
CA LYS J 50 21.75 20.96 56.67
C LYS J 50 21.12 20.71 58.02
N LYS J 51 21.58 19.68 58.74
CA LYS J 51 21.02 19.39 60.04
C LYS J 51 21.27 20.52 61.04
N GLN J 52 22.48 21.10 61.03
CA GLN J 52 22.85 22.14 61.96
C GLN J 52 22.54 23.55 61.46
N LEU J 53 21.87 23.67 60.31
CA LEU J 53 21.45 24.96 59.76
C LEU J 53 22.65 25.87 59.50
N VAL J 54 23.55 25.40 58.64
CA VAL J 54 24.67 26.18 58.16
C VAL J 54 24.53 26.37 56.65
N GLN J 55 24.42 27.61 56.22
CA GLN J 55 24.26 27.92 54.80
C GLN J 55 25.52 27.54 54.04
N SER J 56 25.35 26.99 52.84
CA SER J 56 26.46 26.45 52.09
C SER J 56 26.22 26.61 50.59
N GLN J 57 27.31 26.52 49.84
CA GLN J 57 27.32 26.53 48.38
C GLN J 57 28.23 25.43 47.88
N ILE J 58 27.80 24.72 46.84
CA ILE J 58 28.58 23.65 46.22
C ILE J 58 28.85 24.03 44.78
N VAL J 59 30.12 24.06 44.40
CA VAL J 59 30.55 24.49 43.07
C VAL J 59 31.38 23.37 42.45
N PRO J 60 30.88 22.66 41.44
CA PRO J 60 31.68 21.63 40.77
C PRO J 60 32.63 22.23 39.74
N ILE J 61 33.93 21.95 39.88
CA ILE J 61 34.95 22.46 38.97
C ILE J 61 35.63 21.29 38.28
N PHE J 62 36.22 21.56 37.11
CA PHE J 62 36.79 20.50 36.30
C PHE J 62 38.30 20.43 36.38
N GLY J 63 39.00 21.57 36.33
CA GLY J 63 40.44 21.57 36.28
C GLY J 63 41.04 22.62 37.18
N TYR J 64 42.38 22.66 37.18
CA TYR J 64 43.11 23.62 38.01
C TYR J 64 42.89 25.05 37.54
N SER J 65 42.77 25.26 36.23
CA SER J 65 42.53 26.60 35.70
C SER J 65 41.19 27.14 36.21
N GLU J 66 40.17 26.29 36.23
CA GLU J 66 38.87 26.70 36.77
C GLU J 66 38.99 27.11 38.24
N LEU J 67 39.74 26.32 39.03
CA LEU J 67 39.93 26.67 40.44
C LEU J 67 40.63 28.00 40.59
N ARG J 68 41.68 28.23 39.80
CA ARG J 68 42.43 29.48 39.88
C ARG J 68 41.56 30.67 39.49
N ARG J 69 40.74 30.51 38.45
CA ARG J 69 39.85 31.60 38.05
C ARG J 69 38.77 31.86 39.10
N HIS J 70 38.26 30.79 39.71
CA HIS J 70 37.17 30.96 40.68
C HIS J 70 37.66 31.53 42.00
N TYR J 71 38.91 31.25 42.37
CA TYR J 71 39.43 31.76 43.64
C TYR J 71 39.51 33.28 43.64
N SER J 72 39.84 33.90 42.51
CA SER J 72 39.94 35.36 42.46
C SER J 72 38.59 36.02 42.69
N GLN J 73 37.54 35.51 42.05
CA GLN J 73 36.20 36.06 42.21
C GLN J 73 35.66 35.88 43.62
N LEU J 74 36.21 34.93 44.37
CA LEU J 74 35.73 34.66 45.72
C LEU J 74 36.03 35.86 46.63
N ASP J 75 35.04 36.24 47.44
CA ASP J 75 35.13 37.43 48.26
C ASP J 75 35.88 37.11 49.57
N ASP J 76 36.11 38.14 50.38
CA ASP J 76 36.72 37.98 51.70
C ASP J 76 35.69 37.70 52.77
N ASN J 77 34.40 37.76 52.44
CA ASN J 77 33.36 37.41 53.39
C ASN J 77 33.32 35.91 53.64
N ILE J 78 33.84 35.13 52.69
CA ILE J 78 33.84 33.67 52.78
C ILE J 78 35.02 33.23 53.64
N ASN J 79 34.75 32.85 54.89
CA ASN J 79 35.81 32.50 55.82
C ASN J 79 36.31 31.07 55.66
N SER J 80 35.52 30.19 55.05
CA SER J 80 35.85 28.77 55.01
C SER J 80 35.75 28.22 53.59
N LEU J 81 36.80 27.54 53.15
CA LEU J 81 36.86 26.89 51.85
C LEU J 81 37.17 25.42 52.06
N LEU J 82 36.47 24.55 51.33
CA LEU J 82 36.64 23.12 51.42
C LEU J 82 36.95 22.55 50.04
N LEU J 83 38.18 22.07 49.84
CA LEU J 83 38.60 21.51 48.56
C LEU J 83 38.56 20.00 48.66
N VAL J 84 37.60 19.39 47.96
CA VAL J 84 37.35 17.96 48.06
C VAL J 84 37.76 17.30 46.75
N GLY J 85 38.63 16.29 46.84
CA GLY J 85 39.04 15.51 45.70
C GLY J 85 40.35 15.92 45.05
N PHE J 86 41.00 16.97 45.55
CA PHE J 86 42.18 17.51 44.89
C PHE J 86 42.90 18.46 45.82
N GLY J 87 44.05 18.96 45.36
CA GLY J 87 44.79 20.01 46.02
C GLY J 87 45.98 19.56 46.83
N GLY J 88 46.04 18.27 47.17
CA GLY J 88 47.14 17.80 48.01
C GLY J 88 48.49 17.81 47.31
N VAL J 89 48.52 17.43 46.03
CA VAL J 89 49.79 17.23 45.35
C VAL J 89 50.48 18.56 45.07
N ILE J 90 49.71 19.59 44.67
CA ILE J 90 50.32 20.84 44.22
C ILE J 90 50.49 21.80 45.38
N ASP J 91 51.35 22.80 45.19
CA ASP J 91 51.56 23.87 46.17
C ASP J 91 50.44 24.89 46.00
N LEU J 92 49.55 24.95 47.00
CA LEU J 92 48.36 25.78 46.86
C LEU J 92 48.68 27.27 47.00
N GLU J 93 49.56 27.63 47.95
CA GLU J 93 49.86 29.04 48.18
C GLU J 93 50.50 29.67 46.96
N ALA J 94 51.45 28.99 46.33
CA ALA J 94 52.06 29.51 45.11
C ALA J 94 51.06 29.54 43.96
N PHE J 95 50.23 28.51 43.86
CA PHE J 95 49.25 28.44 42.77
C PHE J 95 48.23 29.55 42.85
N LEU J 96 47.73 29.84 44.05
CA LEU J 96 46.67 30.83 44.26
C LEU J 96 47.21 32.20 44.60
N GLU J 97 48.54 32.38 44.58
CA GLU J 97 49.19 33.65 44.92
C GLU J 97 48.72 34.15 46.29
N ILE J 98 48.82 33.28 47.27
CA ILE J 98 48.40 33.60 48.63
C ILE J 98 49.59 34.16 49.41
N ASP J 99 49.43 35.38 49.92
CA ASP J 99 50.45 36.02 50.73
C ASP J 99 50.09 35.83 52.21
N PRO J 100 50.93 35.12 52.98
CA PRO J 100 50.56 34.88 54.40
C PRO J 100 50.36 36.16 55.19
N GLN J 101 51.16 37.19 54.93
CA GLN J 101 51.05 38.43 55.70
C GLN J 101 49.84 39.25 55.27
N GLU J 102 49.31 39.00 54.07
CA GLU J 102 48.15 39.76 53.60
C GLU J 102 46.87 39.30 54.25
N TYR J 103 46.83 38.04 54.72
CA TYR J 103 45.60 37.45 55.24
C TYR J 103 45.42 37.62 56.74
N VAL J 104 46.30 38.35 57.41
CA VAL J 104 46.18 38.52 58.85
C VAL J 104 45.26 39.70 59.17
N ILE J 105 44.05 39.39 59.63
CA ILE J 105 43.14 40.43 60.09
C ILE J 105 43.01 40.39 61.61
N ASP J 106 43.21 39.22 62.21
CA ASP J 106 43.16 39.07 63.66
C ASP J 106 44.57 39.02 64.22
N THR J 107 45.15 40.21 64.39
CA THR J 107 46.51 40.33 64.90
C THR J 107 46.60 39.85 66.34
N ASP J 108 47.75 39.27 66.69
CA ASP J 108 47.97 38.76 68.02
C ASP J 108 49.24 39.35 68.63
N GLU J 113 50.45 33.62 67.31
CA GLU J 113 50.40 33.32 65.89
C GLU J 113 49.45 34.26 65.16
N GLN J 114 48.88 33.78 64.05
CA GLN J 114 47.95 34.58 63.26
C GLN J 114 46.68 33.76 63.06
N SER J 115 45.54 34.33 63.46
CA SER J 115 44.27 33.64 63.26
C SER J 115 43.89 33.58 61.79
N PHE J 116 44.27 34.62 61.03
CA PHE J 116 44.16 34.68 59.58
C PHE J 116 42.73 34.97 59.13
N ARG J 117 42.59 35.56 57.95
CA ARG J 117 41.27 35.98 57.48
C ARG J 117 40.43 34.80 56.97
N ARG J 118 41.08 33.85 56.30
CA ARG J 118 40.38 32.78 55.63
C ARG J 118 41.06 31.45 55.92
N ASP J 119 40.27 30.37 55.96
CA ASP J 119 40.77 29.03 56.24
C ASP J 119 40.42 28.12 55.07
N ILE J 120 41.43 27.44 54.53
CA ILE J 120 41.26 26.52 53.42
C ILE J 120 41.58 25.10 53.90
N TYR J 121 40.59 24.21 53.80
CA TYR J 121 40.74 22.82 54.16
C TYR J 121 40.89 21.97 52.91
N VAL J 122 41.77 20.99 52.96
CA VAL J 122 42.04 20.09 51.84
C VAL J 122 41.66 18.68 52.27
N LEU J 123 40.79 18.03 51.50
CA LEU J 123 40.31 16.69 51.81
C LEU J 123 40.60 15.83 50.58
N ASP J 124 41.78 15.22 50.54
CA ASP J 124 42.26 14.54 49.36
C ASP J 124 42.93 13.23 49.76
N ALA J 125 43.04 12.32 48.79
CA ALA J 125 43.65 11.02 49.01
C ALA J 125 44.70 10.65 47.96
N HIS J 126 45.24 11.62 47.22
CA HIS J 126 46.23 11.34 46.18
C HIS J 126 47.63 11.65 46.72
N ARG J 127 48.36 10.59 47.02
CA ARG J 127 49.73 10.71 47.47
C ARG J 127 50.67 10.73 46.26
N PRO J 128 51.90 11.25 46.42
CA PRO J 128 52.52 11.80 47.64
C PRO J 128 52.06 13.21 47.99
N TRP J 129 52.10 13.53 49.27
CA TRP J 129 51.78 14.88 49.73
C TRP J 129 52.81 15.88 49.23
N ASN J 130 52.42 17.15 49.24
CA ASN J 130 53.36 18.24 49.01
C ASN J 130 53.92 18.68 50.35
N LEU J 131 55.26 18.64 50.47
CA LEU J 131 55.89 18.94 51.75
C LEU J 131 55.60 20.37 52.20
N ASP J 132 55.47 21.29 51.25
CA ASP J 132 55.18 22.68 51.61
C ASP J 132 53.85 22.80 52.33
N ASN J 133 52.79 22.18 51.80
CA ASN J 133 51.48 22.27 52.42
C ASN J 133 51.48 21.59 53.79
N ILE J 134 52.16 20.44 53.91
CA ILE J 134 52.13 19.69 55.16
C ILE J 134 52.91 20.41 56.25
N PHE J 135 54.10 20.92 55.93
CA PHE J 135 55.07 21.29 56.95
C PHE J 135 55.39 22.79 57.01
N GLY J 136 54.98 23.58 56.03
CA GLY J 136 55.45 24.95 55.99
C GLY J 136 54.38 26.03 55.92
N SER J 137 53.14 25.64 55.67
CA SER J 137 52.06 26.60 55.51
C SER J 137 51.11 26.54 56.70
N GLN J 138 50.48 27.68 56.97
CA GLN J 138 49.51 27.80 58.05
C GLN J 138 48.10 28.12 57.58
N ILE J 139 47.94 28.81 56.45
CA ILE J 139 46.61 29.04 55.90
C ILE J 139 46.04 27.74 55.35
N ILE J 140 46.86 26.96 54.66
CA ILE J 140 46.42 25.69 54.09
C ILE J 140 46.48 24.62 55.18
N GLN J 141 45.36 23.93 55.39
CA GLN J 141 45.26 22.86 56.37
C GLN J 141 44.61 21.65 55.72
N CYS J 142 45.10 20.46 56.05
CA CYS J 142 44.69 19.22 55.40
C CYS J 142 44.16 18.22 56.41
N PHE J 143 43.27 17.35 55.93
CA PHE J 143 42.70 16.27 56.74
C PHE J 143 43.52 15.02 56.49
N ASP J 144 44.56 14.83 57.30
CA ASP J 144 45.45 13.69 57.12
C ASP J 144 44.86 12.46 57.79
N ASP J 145 45.25 11.28 57.29
CA ASP J 145 44.74 10.02 57.78
C ASP J 145 45.82 9.10 58.35
N GLY J 146 47.03 9.61 58.56
CA GLY J 146 48.10 8.82 59.13
C GLY J 146 49.25 8.51 58.17
N THR J 147 49.36 9.23 57.05
CA THR J 147 50.51 9.05 56.18
C THR J 147 51.75 9.71 56.77
N VAL J 148 51.60 10.92 57.30
CA VAL J 148 52.75 11.70 57.73
C VAL J 148 53.37 11.11 58.98
N ASP J 149 52.55 10.67 59.94
CA ASP J 149 53.07 10.27 61.24
C ASP J 149 53.99 9.07 61.14
N ASP J 150 53.83 8.26 60.09
CA ASP J 150 54.64 7.06 59.91
C ASP J 150 55.60 7.17 58.74
N THR J 151 55.09 7.48 57.54
CA THR J 151 55.95 7.47 56.35
C THR J 151 56.93 8.63 56.36
N LEU J 152 56.47 9.83 56.66
CA LEU J 152 57.30 11.04 56.58
C LEU J 152 57.88 11.35 57.96
N GLY J 153 58.90 10.59 58.34
CA GLY J 153 59.62 10.84 59.57
C GLY J 153 60.88 11.66 59.34
N GLU J 154 61.69 11.24 58.36
CA GLU J 154 62.92 11.97 58.05
C GLU J 154 62.64 13.20 57.20
N GLN J 155 61.54 13.19 56.44
CA GLN J 155 61.23 14.32 55.57
C GLN J 155 60.93 15.58 56.38
N LYS J 156 60.21 15.43 57.50
CA LYS J 156 59.92 16.58 58.36
C LYS J 156 61.21 17.19 58.89
N GLU J 157 62.11 16.34 59.40
CA GLU J 157 63.40 16.82 59.88
C GLU J 157 64.16 17.52 58.78
N ALA J 158 64.23 16.91 57.60
CA ALA J 158 64.96 17.52 56.49
C ALA J 158 64.39 18.89 56.14
N TYR J 159 63.07 19.00 56.01
CA TYR J 159 62.45 20.26 55.62
C TYR J 159 62.70 21.36 56.66
N TYR J 160 62.34 21.10 57.92
CA TYR J 160 62.48 22.14 58.95
C TYR J 160 63.94 22.51 59.17
N LYS J 161 64.81 21.50 59.24
CA LYS J 161 66.22 21.74 59.56
C LYS J 161 66.97 22.34 58.37
N LEU J 162 66.49 22.12 57.15
CA LEU J 162 67.07 22.82 56.01
C LEU J 162 66.59 24.26 55.96
N LEU J 163 65.34 24.51 56.34
CA LEU J 163 64.85 25.88 56.42
C LEU J 163 65.62 26.68 57.46
N GLU J 164 65.86 26.08 58.63
CA GLU J 164 66.56 26.80 59.69
C GLU J 164 68.07 26.83 59.44
N LEU J 165 68.60 25.84 58.73
CA LEU J 165 70.05 25.72 58.58
C LEU J 165 70.60 26.75 57.60
N ASP J 166 69.73 27.29 56.73
CA ASP J 166 70.15 28.28 55.75
C ASP J 166 70.69 29.54 56.41
N ARG J 230 83.15 24.50 58.24
CA ARG J 230 82.76 25.30 57.08
C ARG J 230 82.47 24.42 55.86
N LYS J 231 83.09 23.25 55.83
CA LYS J 231 82.83 22.27 54.77
C LYS J 231 81.67 21.35 55.14
N GLN J 232 81.44 21.14 56.43
CA GLN J 232 80.32 20.34 56.88
C GLN J 232 79.00 20.93 56.41
N ARG J 233 78.92 22.26 56.35
CA ARG J 233 77.71 22.91 55.86
C ARG J 233 77.43 22.50 54.40
N LYS J 234 78.44 22.60 53.54
CA LYS J 234 78.25 22.24 52.13
C LYS J 234 77.93 20.77 51.98
N LYS J 235 78.59 19.91 52.77
CA LYS J 235 78.29 18.47 52.69
C LYS J 235 76.85 18.19 53.10
N GLN J 236 76.44 18.71 54.25
CA GLN J 236 75.13 18.38 54.81
C GLN J 236 74.00 18.94 53.95
N ILE J 237 74.14 20.18 53.47
CA ILE J 237 73.06 20.76 52.67
C ILE J 237 72.81 19.93 51.42
N HIS J 238 73.89 19.45 50.79
CA HIS J 238 73.73 18.61 49.61
C HIS J 238 73.13 17.26 49.95
N GLU J 239 73.60 16.61 51.03
CA GLU J 239 73.11 15.26 51.30
C GLU J 239 71.72 15.29 51.92
N TYR J 240 71.23 16.47 52.30
CA TYR J 240 69.83 16.61 52.69
C TYR J 240 68.92 17.04 51.54
N GLU J 241 69.38 17.91 50.63
CA GLU J 241 68.59 18.16 49.44
C GLU J 241 68.47 16.90 48.59
N GLY J 242 69.45 16.00 48.69
CA GLY J 242 69.30 14.70 48.08
C GLY J 242 68.11 13.93 48.61
N VAL J 243 67.94 13.92 49.94
CA VAL J 243 66.78 13.25 50.53
C VAL J 243 65.49 13.94 50.10
N LEU J 244 65.52 15.28 50.07
CA LEU J 244 64.34 16.03 49.67
C LEU J 244 63.92 15.69 48.24
N GLU J 245 64.88 15.57 47.33
CA GLU J 245 64.54 15.20 45.96
C GLU J 245 64.19 13.71 45.87
N GLU J 246 64.71 12.90 46.79
CA GLU J 246 64.34 11.48 46.83
C GLU J 246 62.88 11.31 47.21
N TYR J 247 62.36 12.19 48.08
CA TYR J 247 60.94 12.15 48.41
C TYR J 247 60.09 12.35 47.16
N TYR J 248 60.45 13.31 46.32
CA TYR J 248 59.78 13.50 45.04
C TYR J 248 60.32 12.48 44.04
N SER J 249 60.01 12.69 42.76
CA SER J 249 60.32 11.74 41.69
C SER J 249 59.72 10.36 41.93
N GLN J 250 58.53 10.32 42.52
CA GLN J 250 57.84 9.08 42.81
C GLN J 250 56.44 9.13 42.20
N GLY J 251 55.95 7.95 41.79
CA GLY J 251 54.65 7.88 41.18
C GLY J 251 53.52 8.12 42.16
N THR J 252 52.31 8.24 41.61
CA THR J 252 51.15 8.57 42.43
C THR J 252 50.17 7.40 42.47
N THR J 253 49.60 7.19 43.66
CA THR J 253 48.55 6.20 43.86
C THR J 253 47.51 6.76 44.82
N VAL J 254 46.51 5.95 45.12
CA VAL J 254 45.47 6.28 46.10
C VAL J 254 45.50 5.20 47.17
N VAL J 255 45.50 5.62 48.44
CA VAL J 255 45.65 4.70 49.55
C VAL J 255 44.46 4.68 50.49
N ASN J 256 43.49 5.58 50.32
CA ASN J 256 42.33 5.62 51.21
C ASN J 256 41.18 6.28 50.48
N SER J 257 40.03 6.34 51.14
CA SER J 257 38.81 6.90 50.58
C SER J 257 38.32 8.06 51.43
N ILE J 258 37.76 9.08 50.76
CA ILE J 258 37.29 10.28 51.45
C ILE J 258 36.06 9.95 52.29
N SER J 259 35.17 9.10 51.77
CA SER J 259 33.93 8.79 52.47
C SER J 259 34.21 8.11 53.80
N ALA J 260 35.25 7.29 53.86
CA ALA J 260 35.63 6.67 55.13
C ALA J 260 36.03 7.71 56.16
N GLN J 261 36.78 8.73 55.74
CA GLN J 261 37.20 9.78 56.66
C GLN J 261 36.01 10.61 57.13
N ILE J 262 35.09 10.91 56.22
CA ILE J 262 33.89 11.65 56.62
C ILE J 262 33.04 10.82 57.58
N TYR J 263 32.97 9.50 57.36
CA TYR J 263 32.25 8.64 58.28
C TYR J 263 32.95 8.60 59.65
N SER J 264 34.29 8.64 59.66
CA SER J 264 35.01 8.74 60.92
C SER J 264 34.64 10.03 61.65
N LEU J 265 34.55 11.13 60.91
CA LEU J 265 34.09 12.38 61.49
C LEU J 265 32.68 12.24 62.08
N LEU J 266 31.79 11.58 61.34
CA LEU J 266 30.43 11.38 61.82
C LEU J 266 30.42 10.57 63.12
N SER J 267 31.21 9.50 63.18
CA SER J 267 31.26 8.67 64.37
C SER J 267 31.84 9.43 65.54
N ALA J 268 32.86 10.25 65.30
CA ALA J 268 33.42 11.07 66.37
C ALA J 268 32.39 12.05 66.91
N ILE J 269 31.66 12.72 66.02
CA ILE J 269 30.60 13.62 66.46
C ILE J 269 29.43 12.83 67.03
N GLY J 270 29.05 11.73 66.39
CA GLY J 270 27.98 10.89 66.85
C GLY J 270 26.68 10.98 66.04
N GLU J 271 26.75 11.16 64.72
CA GLU J 271 25.57 11.33 63.89
C GLU J 271 25.44 10.25 62.83
N THR J 272 25.83 9.03 63.15
CA THR J 272 25.79 7.93 62.18
C THR J 272 24.39 7.36 62.06
N ASN J 273 23.99 7.01 60.84
CA ASN J 273 22.72 6.36 60.58
C ASN J 273 22.87 5.44 59.37
N LEU J 274 21.72 4.97 58.86
CA LEU J 274 21.75 4.03 57.75
C LEU J 274 22.11 4.72 56.44
N SER J 275 21.63 5.96 56.23
CA SER J 275 21.93 6.67 54.99
C SER J 275 23.42 6.97 54.88
N ASN J 276 24.04 7.40 55.97
CA ASN J 276 25.49 7.66 55.95
C ASN J 276 26.27 6.38 55.68
N LEU J 277 25.83 5.26 56.27
CA LEU J 277 26.51 3.99 56.02
C LEU J 277 26.38 3.57 54.56
N TRP J 278 25.20 3.76 53.98
CA TRP J 278 25.01 3.46 52.57
C TRP J 278 25.90 4.31 51.69
N LEU J 279 26.01 5.61 52.00
CA LEU J 279 26.89 6.49 51.23
C LEU J 279 28.35 6.11 51.39
N ASN J 280 28.77 5.71 52.60
CA ASN J 280 30.13 5.25 52.83
C ASN J 280 30.42 3.99 52.00
N ILE J 281 29.48 3.05 51.97
CA ILE J 281 29.65 1.83 51.18
C ILE J 281 29.75 2.18 49.71
N LEU J 282 28.91 3.10 49.24
CA LEU J 282 28.95 3.51 47.84
C LEU J 282 30.29 4.14 47.49
N GLY J 283 30.82 4.99 48.37
CA GLY J 283 32.11 5.60 48.11
C GLY J 283 33.24 4.61 48.10
N THR J 284 33.21 3.64 49.03
CA THR J 284 34.28 2.66 49.11
C THR J 284 34.25 1.69 47.92
N THR J 285 33.05 1.36 47.44
CA THR J 285 32.93 0.35 46.39
C THR J 285 33.56 0.82 45.08
N SER J 286 33.52 2.13 44.82
CA SER J 286 34.02 2.64 43.54
C SER J 286 35.51 2.39 43.35
N LEU J 287 36.25 2.13 44.42
CA LEU J 287 37.68 1.90 44.32
C LEU J 287 38.03 0.45 44.00
N ASP J 288 37.03 -0.43 43.87
CA ASP J 288 37.32 -1.86 43.69
C ASP J 288 38.07 -2.12 42.39
N ILE J 289 37.66 -1.48 41.30
CA ILE J 289 38.22 -1.81 39.99
C ILE J 289 39.70 -1.42 39.89
N ALA J 290 40.07 -0.24 40.40
CA ALA J 290 41.42 0.26 40.25
C ALA J 290 42.34 -0.03 41.44
N TYR J 291 41.83 0.02 42.67
CA TYR J 291 42.64 -0.18 43.87
C TYR J 291 41.94 -1.22 44.76
N ALA J 292 42.24 -2.49 44.52
CA ALA J 292 41.62 -3.56 45.28
C ALA J 292 42.14 -3.61 46.72
N GLN J 293 43.40 -3.21 46.92
CA GLN J 293 44.00 -3.30 48.24
C GLN J 293 43.28 -2.43 49.26
N VAL J 294 42.90 -1.21 48.86
CA VAL J 294 42.18 -0.32 49.76
C VAL J 294 40.84 -0.92 50.15
N TYR J 295 40.13 -1.50 49.17
CA TYR J 295 38.85 -2.13 49.46
C TYR J 295 39.02 -3.30 50.43
N ASN J 296 40.05 -4.12 50.21
CA ASN J 296 40.27 -5.26 51.11
C ASN J 296 40.68 -4.79 52.50
N ARG J 297 41.32 -3.63 52.59
CA ARG J 297 41.65 -3.08 53.91
C ARG J 297 40.42 -2.57 54.63
N LEU J 298 39.54 -1.85 53.92
CA LEU J 298 38.41 -1.18 54.54
C LEU J 298 37.18 -2.05 54.69
N TYR J 299 37.14 -3.24 54.07
CA TYR J 299 35.92 -4.05 54.10
C TYR J 299 35.53 -4.53 55.49
N PRO J 300 36.43 -5.07 56.32
CA PRO J 300 36.00 -5.56 57.65
C PRO J 300 35.34 -4.49 58.52
N LEU J 301 35.83 -3.25 58.49
CA LEU J 301 35.19 -2.19 59.25
C LEU J 301 33.79 -1.87 58.74
N LEU J 302 33.58 -1.91 57.43
CA LEU J 302 32.23 -1.76 56.89
C LEU J 302 31.33 -2.88 57.36
N GLN J 303 31.84 -4.12 57.38
CA GLN J 303 31.05 -5.23 57.89
C GLN J 303 30.66 -5.00 59.35
N ASP J 304 31.60 -4.54 60.17
CA ASP J 304 31.32 -4.29 61.57
C ASP J 304 30.27 -3.20 61.75
N GLU J 305 30.39 -2.10 60.99
CA GLU J 305 29.44 -1.01 61.12
C GLU J 305 28.05 -1.41 60.62
N VAL J 306 27.97 -2.32 59.64
CA VAL J 306 26.67 -2.80 59.19
C VAL J 306 25.98 -3.58 60.29
N LYS J 307 26.72 -4.46 60.98
CA LYS J 307 26.13 -5.24 62.05
C LYS J 307 25.78 -4.36 63.25
N ARG J 308 26.55 -3.28 63.47
CA ARG J 308 26.25 -2.38 64.57
C ARG J 308 24.90 -1.70 64.39
N LEU J 309 24.56 -1.32 63.16
CA LEU J 309 23.39 -0.50 62.89
C LEU J 309 22.16 -1.30 62.48
N THR J 310 22.20 -2.62 62.62
CA THR J 310 21.02 -3.42 62.34
C THR J 310 19.91 -3.05 63.32
N PRO J 311 18.68 -2.89 62.85
CA PRO J 311 17.60 -2.43 63.76
C PRO J 311 17.32 -3.39 64.90
N SER J 312 16.99 -4.65 64.59
CA SER J 312 16.66 -5.64 65.61
C SER J 312 16.60 -7.03 65.01
N SER J 313 16.17 -8.00 65.81
CA SER J 313 15.99 -9.38 65.35
C SER J 313 14.51 -9.68 65.27
N ARG J 314 14.16 -10.71 64.50
CA ARG J 314 12.78 -11.15 64.33
C ARG J 314 11.90 -10.02 63.79
N ASN J 315 12.14 -9.60 62.56
CA ASN J 315 11.26 -8.67 61.86
C ASN J 315 9.96 -9.39 61.56
N SER J 316 8.87 -8.93 62.16
CA SER J 316 7.62 -9.69 62.11
C SER J 316 7.09 -9.77 60.67
N VAL J 317 6.93 -8.64 60.00
CA VAL J 317 6.35 -8.60 58.67
C VAL J 317 7.07 -7.54 57.84
N LYS J 318 6.99 -7.68 56.53
CA LYS J 318 7.50 -6.66 55.63
C LYS J 318 6.44 -5.58 55.43
N THR J 319 6.74 -4.37 55.89
CA THR J 319 5.86 -3.22 55.73
C THR J 319 6.45 -2.24 54.73
N PRO J 320 5.62 -1.39 54.12
CA PRO J 320 6.13 -0.51 53.05
C PRO J 320 7.17 0.48 53.50
N ASP J 321 7.50 0.54 54.79
CA ASP J 321 8.45 1.51 55.32
C ASP J 321 9.72 0.88 55.86
N THR J 322 9.88 -0.43 55.75
CA THR J 322 11.09 -1.08 56.23
C THR J 322 12.27 -0.79 55.30
N LEU J 323 13.45 -0.65 55.88
CA LEU J 323 14.69 -0.54 55.14
C LEU J 323 15.60 -1.69 55.58
N THR J 324 16.27 -2.30 54.62
CA THR J 324 17.05 -3.50 54.89
C THR J 324 18.42 -3.38 54.24
N LEU J 325 19.47 -3.39 55.06
CA LEU J 325 20.85 -3.47 54.61
C LEU J 325 21.41 -4.82 55.03
N ASN J 326 21.64 -5.70 54.06
CA ASN J 326 22.00 -7.07 54.36
C ASN J 326 23.30 -7.44 53.67
N ILE J 327 24.06 -8.32 54.32
CA ILE J 327 25.28 -8.89 53.75
C ILE J 327 24.89 -10.23 53.13
N GLN J 328 24.70 -10.23 51.82
CA GLN J 328 24.30 -11.40 51.06
C GLN J 328 25.38 -11.71 50.03
N PRO J 329 25.50 -12.97 49.62
CA PRO J 329 26.55 -13.32 48.66
C PRO J 329 26.21 -12.81 47.26
N ASP J 330 27.18 -12.14 46.64
CA ASP J 330 27.05 -11.63 45.28
C ASP J 330 28.21 -12.15 44.43
N TYR J 331 28.23 -11.69 43.18
CA TYR J 331 29.16 -12.23 42.20
C TYR J 331 29.74 -11.10 41.36
N TYR J 332 30.92 -11.37 40.79
CA TYR J 332 31.61 -10.42 39.91
C TYR J 332 30.96 -10.45 38.53
N LEU J 333 29.68 -10.11 38.51
CA LEU J 333 28.88 -10.16 37.30
C LEU J 333 28.26 -8.79 37.05
N PHE J 334 28.14 -8.44 35.78
CA PHE J 334 27.71 -7.11 35.37
C PHE J 334 26.19 -7.01 35.39
N LEU J 335 25.64 -6.35 36.39
CA LEU J 335 24.21 -6.04 36.48
C LEU J 335 23.36 -7.31 36.43
N LEU J 336 23.53 -8.14 37.46
CA LEU J 336 22.84 -9.43 37.49
C LEU J 336 21.34 -9.25 37.68
N ARG J 337 20.93 -8.40 38.63
CA ARG J 337 19.53 -8.31 39.00
C ARG J 337 18.70 -7.47 38.06
N HIS J 338 19.31 -6.83 37.06
CA HIS J 338 18.58 -6.03 36.09
C HIS J 338 18.76 -6.51 34.66
N SER J 339 19.32 -7.71 34.47
CA SER J 339 19.47 -8.29 33.14
C SER J 339 19.47 -9.81 33.30
N SER J 340 19.72 -10.50 32.20
CA SER J 340 19.72 -11.95 32.22
C SER J 340 21.03 -12.48 32.79
N LEU J 341 21.07 -13.79 33.01
CA LEU J 341 22.29 -14.45 33.48
C LEU J 341 23.33 -14.54 32.37
N TYR J 342 22.89 -14.85 31.16
CA TYR J 342 23.80 -14.93 30.02
C TYR J 342 24.45 -13.58 29.76
N ASP J 343 23.67 -12.50 29.87
CA ASP J 343 24.23 -11.15 29.70
C ASP J 343 25.24 -10.84 30.79
N SER J 344 24.97 -11.25 32.03
CA SER J 344 25.92 -11.00 33.11
C SER J 344 27.24 -11.73 32.87
N PHE J 345 27.17 -12.97 32.39
CA PHE J 345 28.40 -13.70 32.11
C PHE J 345 29.10 -13.16 30.85
N TYR J 346 28.33 -12.60 29.93
CA TYR J 346 28.90 -12.17 28.64
C TYR J 346 29.71 -10.89 28.78
N TYR J 347 29.16 -9.88 29.48
CA TYR J 347 29.74 -8.55 29.52
C TYR J 347 30.57 -8.32 30.78
N SER J 348 31.19 -9.35 31.31
CA SER J 348 32.02 -9.23 32.51
C SER J 348 33.48 -9.15 32.11
N ASN J 349 34.22 -8.24 32.75
CA ASN J 349 35.64 -8.11 32.47
C ASN J 349 36.40 -9.36 32.88
N TYR J 350 36.10 -9.91 34.05
CA TYR J 350 36.85 -11.06 34.56
C TYR J 350 36.57 -12.31 33.73
N VAL J 351 35.31 -12.55 33.40
CA VAL J 351 34.96 -13.72 32.58
C VAL J 351 35.57 -13.60 31.20
N ASN J 352 35.51 -12.41 30.62
CA ASN J 352 36.13 -12.20 29.30
C ASN J 352 37.62 -12.42 29.35
N ALA J 353 38.28 -11.95 30.41
CA ALA J 353 39.72 -12.16 30.53
C ALA J 353 40.05 -13.65 30.68
N LYS J 354 39.24 -14.38 31.46
CA LYS J 354 39.52 -15.79 31.74
C LYS J 354 39.08 -16.74 30.64
N LEU J 355 38.22 -16.32 29.72
CA LEU J 355 37.70 -17.21 28.70
C LEU J 355 37.85 -16.70 27.27
N SER J 356 38.24 -15.44 27.08
CA SER J 356 38.44 -14.86 25.75
C SER J 356 37.17 -14.95 24.90
N LEU J 357 36.14 -14.23 25.35
CA LEU J 357 34.83 -14.29 24.69
C LEU J 357 34.79 -13.51 23.38
N TRP J 358 35.81 -12.72 23.06
CA TRP J 358 35.73 -11.86 21.88
C TRP J 358 35.75 -12.68 20.59
N ASN J 359 36.29 -13.89 20.62
CA ASN J 359 36.27 -14.77 19.47
C ASN J 359 35.27 -15.92 19.70
N GLU J 360 35.24 -16.84 18.74
CA GLU J 360 34.21 -17.89 18.74
C GLU J 360 34.47 -18.93 19.81
N ASN J 361 35.74 -19.20 20.11
CA ASN J 361 36.08 -20.24 21.08
C ASN J 361 35.55 -19.91 22.47
N GLY J 362 35.65 -18.64 22.87
CA GLY J 362 35.13 -18.26 24.18
C GLY J 362 33.63 -18.43 24.28
N LYS J 363 32.90 -18.05 23.23
CA LYS J 363 31.46 -18.23 23.22
C LYS J 363 31.08 -19.70 23.28
N LYS J 364 31.81 -20.55 22.54
CA LYS J 364 31.56 -21.98 22.59
C LYS J 364 31.82 -22.54 23.98
N ARG J 365 32.90 -22.09 24.63
CA ARG J 365 33.22 -22.54 25.98
C ARG J 365 32.14 -22.11 26.97
N LEU J 366 31.63 -20.89 26.82
CA LEU J 366 30.55 -20.44 27.69
C LEU J 366 29.28 -21.26 27.48
N HIS J 367 28.96 -21.60 26.24
CA HIS J 367 27.81 -22.45 25.97
C HIS J 367 27.99 -23.83 26.59
N LYS J 368 29.20 -24.40 26.49
CA LYS J 368 29.47 -25.68 27.11
C LYS J 368 29.32 -25.62 28.62
N MET J 369 29.82 -24.53 29.23
CA MET J 369 29.68 -24.37 30.68
C MET J 369 28.22 -24.31 31.09
N PHE J 370 27.42 -23.50 30.38
CA PHE J 370 26.01 -23.39 30.73
C PHE J 370 25.29 -24.72 30.52
N ALA J 371 25.68 -25.49 29.51
CA ALA J 371 25.09 -26.81 29.31
C ALA J 371 25.45 -27.74 30.46
N ARG J 372 26.71 -27.73 30.90
CA ARG J 372 27.12 -28.61 31.98
C ARG J 372 26.42 -28.26 33.29
N MET J 373 26.28 -26.97 33.58
CA MET J 373 25.73 -26.55 34.87
C MET J 373 24.30 -27.03 35.07
N GLY J 374 23.58 -27.33 34.00
CA GLY J 374 22.21 -27.80 34.12
C GLY J 374 21.14 -26.76 33.86
N ILE J 375 21.53 -25.54 33.48
CA ILE J 375 20.57 -24.48 33.19
C ILE J 375 20.30 -24.49 31.68
N PRO J 376 19.05 -24.66 31.25
CA PRO J 376 18.77 -24.59 29.82
C PRO J 376 19.11 -23.22 29.26
N LEU J 377 19.57 -23.21 28.01
CA LEU J 377 19.99 -21.95 27.39
C LEU J 377 18.82 -21.00 27.23
N SER J 378 17.59 -21.53 27.11
CA SER J 378 16.43 -20.67 27.04
C SER J 378 16.14 -19.98 28.37
N THR J 379 16.31 -20.71 29.48
CA THR J 379 16.05 -20.16 30.80
C THR J 379 17.10 -19.14 31.23
N ALA J 380 18.37 -19.34 30.86
CA ALA J 380 19.43 -18.41 31.24
C ALA J 380 19.32 -17.06 30.54
N GLN J 381 18.47 -16.94 29.53
CA GLN J 381 18.29 -15.69 28.80
C GLN J 381 17.05 -14.92 29.22
N GLU J 382 16.36 -15.36 30.26
CA GLU J 382 15.19 -14.66 30.77
C GLU J 382 15.61 -13.59 31.78
N THR J 383 14.68 -12.68 32.04
CA THR J 383 14.91 -11.62 33.02
C THR J 383 15.02 -12.23 34.42
N TRP J 384 15.81 -11.57 35.27
CA TRP J 384 16.08 -12.11 36.60
C TRP J 384 14.82 -12.26 37.43
N LEU J 385 13.90 -11.28 37.34
CA LEU J 385 12.66 -11.37 38.10
C LEU J 385 11.82 -12.55 37.65
N TYR J 386 11.76 -12.81 36.35
CA TYR J 386 10.92 -13.86 35.79
C TYR J 386 11.68 -15.17 35.57
N MET J 387 12.90 -15.27 36.07
CA MET J 387 13.66 -16.51 35.98
C MET J 387 13.03 -17.57 36.88
N ASP J 388 13.26 -18.83 36.54
CA ASP J 388 12.66 -19.93 37.27
C ASP J 388 13.08 -19.91 38.73
N HIS J 389 12.12 -20.09 39.63
CA HIS J 389 12.38 -19.99 41.07
C HIS J 389 13.32 -21.09 41.53
N SER J 390 13.14 -22.32 41.02
CA SER J 390 13.96 -23.43 41.45
C SER J 390 15.42 -23.24 41.08
N ILE J 391 15.69 -22.70 39.88
CA ILE J 391 17.07 -22.44 39.48
C ILE J 391 17.68 -21.34 40.33
N LYS J 392 16.90 -20.28 40.59
CA LYS J 392 17.41 -19.17 41.40
C LYS J 392 17.73 -19.62 42.82
N ARG J 393 16.93 -20.54 43.36
CA ARG J 393 17.14 -20.99 44.74
C ARG J 393 18.47 -21.73 44.88
N GLU J 394 18.83 -22.56 43.91
CA GLU J 394 20.02 -23.40 43.98
C GLU J 394 21.20 -22.86 43.19
N LEU J 395 21.25 -21.54 42.95
CA LEU J 395 22.34 -20.99 42.16
C LEU J 395 23.68 -21.14 42.85
N GLY J 396 23.68 -21.02 44.18
CA GLY J 396 24.95 -21.07 44.91
C GLY J 396 25.64 -22.42 44.80
N ILE J 397 24.90 -23.51 44.95
CA ILE J 397 25.49 -24.84 44.86
C ILE J 397 26.00 -25.10 43.44
N ILE J 398 25.22 -24.70 42.44
CA ILE J 398 25.61 -24.88 41.04
C ILE J 398 26.89 -24.12 40.74
N PHE J 399 26.99 -22.88 41.23
CA PHE J 399 28.24 -22.14 41.08
C PHE J 399 29.40 -22.85 41.77
N ASP J 400 29.20 -23.25 43.03
CA ASP J 400 30.29 -23.80 43.82
C ASP J 400 30.85 -25.07 43.20
N LYS J 401 29.97 -25.93 42.67
CA LYS J 401 30.44 -27.25 42.24
C LYS J 401 30.97 -27.23 40.81
N ASN J 402 30.61 -26.22 40.00
CA ASN J 402 31.07 -26.20 38.62
C ASN J 402 32.11 -25.13 38.28
N LEU J 403 32.18 -24.02 39.02
CA LEU J 403 33.01 -22.91 38.57
C LEU J 403 34.49 -23.26 38.58
N ASP J 404 34.88 -24.29 39.32
CA ASP J 404 36.30 -24.58 39.49
C ASP J 404 36.93 -25.13 38.20
N ARG J 405 36.13 -25.80 37.36
CA ARG J 405 36.71 -26.44 36.17
C ARG J 405 37.23 -25.41 35.18
N TYR J 406 36.56 -24.26 35.08
CA TYR J 406 36.89 -23.26 34.07
C TYR J 406 37.69 -22.10 34.63
N GLY J 407 38.18 -22.20 35.87
CA GLY J 407 38.99 -21.15 36.44
C GLY J 407 38.24 -19.92 36.88
N LEU J 408 36.92 -20.01 37.05
CA LEU J 408 36.09 -18.87 37.43
C LEU J 408 35.62 -18.94 38.88
N GLN J 409 36.38 -19.63 39.75
CA GLN J 409 35.99 -19.76 41.14
C GLN J 409 36.14 -18.45 41.92
N ASP J 410 36.76 -17.44 41.33
CA ASP J 410 36.97 -16.16 42.00
C ASP J 410 35.79 -15.21 41.88
N ILE J 411 34.70 -15.62 41.21
CA ILE J 411 33.57 -14.74 40.97
C ILE J 411 32.62 -14.70 42.16
N ILE J 412 32.85 -15.52 43.19
CA ILE J 412 31.95 -15.62 44.33
C ILE J 412 32.49 -14.72 45.43
N ARG J 413 31.64 -13.85 45.98
CA ARG J 413 32.07 -12.94 47.03
C ARG J 413 30.86 -12.52 47.84
N ASP J 414 31.09 -11.62 48.79
CA ASP J 414 30.03 -11.05 49.61
C ASP J 414 30.01 -9.55 49.46
N GLY J 415 28.80 -8.99 49.48
CA GLY J 415 28.61 -7.56 49.29
C GLY J 415 27.49 -7.05 50.17
N PHE J 416 26.92 -5.91 49.77
CA PHE J 416 25.88 -5.24 50.53
C PHE J 416 24.67 -5.02 49.63
N VAL J 417 23.49 -5.41 50.11
CA VAL J 417 22.25 -5.30 49.35
C VAL J 417 21.25 -4.49 50.16
N ARG J 418 20.61 -3.51 49.51
CA ARG J 418 19.69 -2.61 50.17
C ARG J 418 18.30 -2.77 49.57
N THR J 419 17.29 -2.83 50.43
CA THR J 419 15.91 -3.02 50.01
C THR J 419 15.01 -2.05 50.76
N LEU J 420 14.03 -1.48 50.06
CA LEU J 420 13.12 -0.49 50.62
C LEU J 420 11.69 -0.86 50.25
N GLY J 421 11.00 -1.53 51.17
CA GLY J 421 9.59 -1.83 50.95
C GLY J 421 9.37 -2.81 49.82
N TYR J 422 8.22 -2.66 49.15
CA TYR J 422 7.84 -3.55 48.05
C TYR J 422 8.39 -3.00 46.73
N ARG J 423 9.69 -2.77 46.68
CA ARG J 423 10.31 -2.13 45.53
C ARG J 423 11.26 -3.06 44.78
N GLY J 424 12.21 -3.66 45.46
CA GLY J 424 13.21 -4.49 44.82
C GLY J 424 14.59 -4.22 45.41
N SER J 425 15.46 -5.21 45.25
CA SER J 425 16.78 -5.17 45.87
C SER J 425 17.80 -4.59 44.89
N ILE J 426 18.74 -3.82 45.45
CA ILE J 426 19.82 -3.21 44.69
C ILE J 426 21.13 -3.46 45.43
N SER J 427 22.18 -3.79 44.68
CA SER J 427 23.51 -3.99 45.25
C SER J 427 24.35 -2.73 45.04
N ALA J 428 25.42 -2.62 45.84
CA ALA J 428 26.27 -1.43 45.76
C ALA J 428 26.95 -1.32 44.40
N SER J 429 27.41 -2.44 43.85
CA SER J 429 28.10 -2.41 42.57
C SER J 429 27.19 -1.87 41.46
N GLU J 430 25.96 -2.37 41.39
CA GLU J 430 25.03 -1.88 40.37
C GLU J 430 24.77 -0.40 40.57
N PHE J 431 24.68 0.06 41.82
CA PHE J 431 24.43 1.47 42.09
C PHE J 431 25.58 2.32 41.57
N VAL J 432 26.83 1.91 41.82
CA VAL J 432 27.96 2.72 41.37
C VAL J 432 28.08 2.69 39.86
N GLU J 433 27.76 1.56 39.21
CA GLU J 433 27.75 1.57 37.76
C GLU J 433 26.68 2.48 37.19
N ALA J 434 25.50 2.51 37.82
CA ALA J 434 24.46 3.44 37.36
C ALA J 434 24.92 4.88 37.53
N LEU J 435 25.56 5.20 38.66
CA LEU J 435 26.07 6.55 38.87
C LEU J 435 27.13 6.92 37.84
N THR J 436 28.04 5.99 37.54
CA THR J 436 29.08 6.27 36.55
C THR J 436 28.48 6.47 35.17
N ALA J 437 27.47 5.67 34.82
CA ALA J 437 26.80 5.83 33.54
C ALA J 437 26.10 7.18 33.46
N LEU J 438 25.49 7.63 34.56
CA LEU J 438 24.89 8.96 34.58
C LEU J 438 25.94 10.04 34.42
N LEU J 439 27.13 9.84 35.00
CA LEU J 439 28.22 10.80 34.82
C LEU J 439 28.66 10.87 33.36
N GLU J 440 28.82 9.72 32.71
CA GLU J 440 29.39 9.70 31.36
C GLU J 440 28.45 10.33 30.34
N VAL J 441 27.25 9.77 30.19
CA VAL J 441 26.26 10.29 29.24
C VAL J 441 25.02 10.69 30.03
N GLY J 442 24.43 11.82 29.65
CA GLY J 442 23.24 12.30 30.31
C GLY J 442 22.66 13.48 29.55
N ASN J 443 21.66 14.11 30.17
CA ASN J 443 21.03 15.31 29.62
C ASN J 443 20.39 15.04 28.27
N ASN J 468 38.71 28.73 17.35
CA ASN J 468 37.32 28.28 17.23
C ASN J 468 37.10 26.94 17.91
N SER J 469 38.19 26.35 18.42
CA SER J 469 38.11 25.09 19.15
C SER J 469 38.01 25.29 20.66
N ALA J 470 38.41 26.46 21.16
CA ALA J 470 38.30 26.73 22.59
C ALA J 470 36.85 26.70 23.04
N GLN J 471 35.95 27.29 22.26
CA GLN J 471 34.53 27.23 22.58
C GLN J 471 34.00 25.80 22.49
N LYS J 472 34.49 25.03 21.52
CA LYS J 472 34.08 23.65 21.38
C LYS J 472 34.46 22.84 22.62
N LEU J 473 35.66 23.05 23.15
CA LEU J 473 36.05 22.37 24.38
C LEU J 473 35.29 22.91 25.59
N THR J 474 34.98 24.21 25.59
CA THR J 474 34.27 24.81 26.71
C THR J 474 32.87 24.24 26.83
N ASN J 475 32.19 24.04 25.70
CA ASN J 475 30.84 23.47 25.74
C ASN J 475 30.88 22.04 26.27
N LEU J 476 31.86 21.25 25.85
CA LEU J 476 31.99 19.89 26.35
C LEU J 476 32.22 19.87 27.85
N ARG J 477 33.11 20.76 28.34
CA ARG J 477 33.37 20.81 29.77
C ARG J 477 32.15 21.28 30.54
N LYS J 478 31.37 22.20 29.95
CA LYS J 478 30.14 22.65 30.59
C LYS J 478 29.13 21.51 30.71
N ARG J 479 29.01 20.70 29.66
CA ARG J 479 28.10 19.54 29.73
C ARG J 479 28.58 18.55 30.78
N TRP J 480 29.90 18.35 30.87
CA TRP J 480 30.44 17.45 31.88
C TRP J 480 30.14 17.97 33.29
N VAL J 481 30.19 19.29 33.48
CA VAL J 481 29.79 19.87 34.74
C VAL J 481 28.29 19.66 34.99
N SER J 482 27.49 19.77 33.93
CA SER J 482 26.05 19.62 34.09
C SER J 482 25.66 18.22 34.52
N ASN J 483 26.38 17.20 34.03
CA ASN J 483 26.06 15.82 34.40
C ASN J 483 26.21 15.55 35.90
N PHE J 484 26.95 16.40 36.60
CA PHE J 484 27.17 16.20 38.02
C PHE J 484 25.85 16.25 38.80
N TRP J 485 24.97 17.18 38.46
CA TRP J 485 23.70 17.27 39.16
C TRP J 485 22.77 16.12 38.82
N LEU J 486 22.85 15.59 37.59
CA LEU J 486 22.09 14.39 37.26
C LEU J 486 22.53 13.22 38.12
N SER J 487 23.84 13.06 38.31
CA SER J 487 24.31 11.99 39.18
C SER J 487 23.97 12.27 40.65
N TRP J 488 23.95 13.55 41.02
CA TRP J 488 23.61 13.94 42.39
C TRP J 488 22.16 13.61 42.72
N ASP J 489 21.25 13.82 41.76
CA ASP J 489 19.83 13.61 42.02
C ASP J 489 19.51 12.13 42.25
N ALA J 490 20.26 11.23 41.63
CA ALA J 490 20.00 9.80 41.72
C ALA J 490 20.29 9.23 43.10
N LEU J 491 20.94 9.96 43.98
CA LEU J 491 21.22 9.50 45.34
C LEU J 491 20.04 9.70 46.28
N ASP J 492 18.99 10.36 45.84
CA ASP J 492 17.80 10.60 46.65
C ASP J 492 16.78 9.51 46.37
N ASP J 493 16.12 9.04 47.44
CA ASP J 493 15.24 7.89 47.33
C ASP J 493 14.01 8.22 46.50
N ARG J 494 13.66 9.50 46.38
CA ARG J 494 12.45 9.87 45.64
C ARG J 494 12.64 9.69 44.14
N LYS J 495 13.87 9.84 43.64
CA LYS J 495 14.14 9.82 42.21
C LYS J 495 14.71 8.46 41.78
N VAL J 496 13.81 7.52 41.49
CA VAL J 496 14.22 6.17 41.12
C VAL J 496 14.22 5.99 39.60
N GLU J 497 13.38 6.76 38.90
CA GLU J 497 13.37 6.70 37.45
C GLU J 497 14.73 7.09 36.87
N LEU J 498 15.40 8.05 37.51
CA LEU J 498 16.73 8.42 37.06
C LEU J 498 17.73 7.30 37.27
N LEU J 499 17.57 6.53 38.36
CA LEU J 499 18.42 5.37 38.58
C LEU J 499 18.20 4.30 37.51
N ASN J 500 16.93 4.06 37.13
CA ASN J 500 16.65 3.12 36.05
C ASN J 500 17.25 3.59 34.73
N ARG J 501 17.13 4.89 34.44
CA ARG J 501 17.75 5.45 33.25
C ARG J 501 19.26 5.24 33.27
N GLY J 502 19.88 5.43 34.44
CA GLY J 502 21.31 5.18 34.55
C GLY J 502 21.67 3.73 34.30
N ILE J 503 20.83 2.80 34.76
CA ILE J 503 21.08 1.38 34.50
C ILE J 503 21.05 1.09 33.00
N GLN J 504 20.05 1.62 32.31
CA GLN J 504 19.98 1.41 30.86
C GLN J 504 21.19 2.01 30.15
N LEU J 505 21.58 3.22 30.56
CA LEU J 505 22.75 3.86 29.96
C LEU J 505 24.01 3.02 30.19
N ALA J 506 24.15 2.44 31.39
CA ALA J 506 25.30 1.59 31.68
C ALA J 506 25.33 0.37 30.78
N GLN J 507 24.17 -0.25 30.56
CA GLN J 507 24.12 -1.40 29.66
C GLN J 507 24.58 -1.03 28.26
N ASP J 508 24.05 0.08 27.74
CA ASP J 508 24.43 0.52 26.39
C ASP J 508 25.93 0.83 26.31
N LEU J 509 26.45 1.52 27.33
CA LEU J 509 27.86 1.90 27.33
C LEU J 509 28.76 0.67 27.36
N GLN J 510 28.43 -0.33 28.18
CA GLN J 510 29.23 -1.54 28.22
C GLN J 510 29.18 -2.28 26.89
N ARG J 511 28.01 -2.31 26.25
CA ARG J 511 27.93 -2.93 24.94
C ARG J 511 28.87 -2.24 23.94
N ALA J 512 28.87 -0.89 23.95
CA ALA J 512 29.75 -0.16 23.04
C ALA J 512 31.22 -0.43 23.34
N ILE J 513 31.58 -0.48 24.63
CA ILE J 513 32.97 -0.76 25.00
C ILE J 513 33.39 -2.14 24.50
N PHE J 514 32.53 -3.14 24.67
CA PHE J 514 32.84 -4.48 24.19
C PHE J 514 33.03 -4.48 22.68
N ASN J 515 32.14 -3.78 21.96
CA ASN J 515 32.22 -3.74 20.51
C ASN J 515 33.52 -3.10 20.03
N THR J 516 33.96 -2.04 20.69
CA THR J 516 35.23 -1.42 20.30
C THR J 516 36.42 -2.31 20.68
N GLY J 517 36.34 -2.97 21.84
CA GLY J 517 37.45 -3.79 22.29
C GLY J 517 37.72 -4.98 21.40
N VAL J 518 36.65 -5.61 20.88
CA VAL J 518 36.85 -6.75 20.00
C VAL J 518 37.54 -6.32 18.72
N ALA J 519 37.17 -5.14 18.20
CA ALA J 519 37.82 -4.61 17.01
C ALA J 519 39.28 -4.29 17.27
N ILE J 520 39.57 -3.72 18.45
CA ILE J 520 40.97 -3.43 18.81
C ILE J 520 41.78 -4.71 18.88
N LEU J 521 41.23 -5.75 19.51
CA LEU J 521 41.96 -6.99 19.73
C LEU J 521 42.11 -7.85 18.48
N GLU J 522 41.17 -7.79 17.54
CA GLU J 522 41.23 -8.63 16.35
C GLU J 522 42.19 -8.11 15.29
N LYS J 523 42.32 -6.79 15.15
CA LYS J 523 43.18 -6.21 14.13
C LYS J 523 44.61 -5.97 14.61
N LYS J 524 44.94 -6.36 15.84
CA LYS J 524 46.28 -6.22 16.40
C LYS J 524 46.74 -4.76 16.37
N LEU J 525 45.88 -3.86 16.88
CA LEU J 525 46.22 -2.45 16.90
C LEU J 525 47.20 -2.12 18.02
N ILE J 526 47.32 -3.00 19.02
CA ILE J 526 48.24 -2.74 20.12
C ILE J 526 49.67 -2.99 19.65
N LYS J 527 50.52 -1.98 19.79
CA LYS J 527 51.92 -2.07 19.40
C LYS J 527 52.79 -2.16 20.63
N HIS J 528 53.68 -3.16 20.65
CA HIS J 528 54.50 -3.46 21.81
C HIS J 528 55.87 -2.81 21.61
N LEU J 529 56.02 -1.61 22.17
CA LEU J 529 57.33 -0.97 22.22
C LEU J 529 58.10 -1.46 23.44
N ARG J 530 59.39 -1.13 23.48
CA ARG J 530 60.25 -1.62 24.56
C ARG J 530 59.81 -1.08 25.92
N ILE J 531 59.42 0.19 25.97
CA ILE J 531 59.17 0.84 27.26
C ILE J 531 57.70 0.78 27.62
N TYR J 532 56.81 0.94 26.65
CA TYR J 532 55.38 0.93 26.90
C TYR J 532 54.67 0.29 25.70
N ARG J 533 53.35 0.16 25.83
CA ARG J 533 52.51 -0.40 24.77
C ARG J 533 51.55 0.68 24.30
N LEU J 534 51.52 0.92 22.99
CA LEU J 534 50.78 2.03 22.41
C LEU J 534 49.50 1.53 21.74
N CYS J 535 48.43 2.31 21.87
CA CYS J 535 47.17 2.03 21.16
C CYS J 535 46.53 3.35 20.78
N VAL J 536 46.45 3.63 19.49
CA VAL J 536 45.90 4.87 18.96
C VAL J 536 44.69 4.54 18.10
N LEU J 537 43.53 5.12 18.43
CA LEU J 537 42.30 4.87 17.69
C LEU J 537 42.05 6.05 16.76
N GLN J 538 42.33 5.86 15.48
CA GLN J 538 42.20 6.93 14.51
C GLN J 538 40.94 6.81 13.66
N ASP J 539 40.47 5.60 13.38
CA ASP J 539 39.31 5.39 12.53
C ASP J 539 38.37 4.40 13.19
N GLY J 540 37.08 4.53 12.86
CA GLY J 540 36.07 3.65 13.38
C GLY J 540 34.79 4.38 13.72
N PRO J 541 33.75 3.64 14.06
CA PRO J 541 32.50 4.27 14.52
C PRO J 541 32.60 4.73 15.96
N ASP J 542 31.64 5.58 16.33
CA ASP J 542 31.42 6.10 17.68
C ASP J 542 32.70 6.40 18.44
N LEU J 543 33.55 7.23 17.82
CA LEU J 543 34.68 7.84 18.52
C LEU J 543 34.28 9.08 19.30
N ASP J 544 33.02 9.49 19.22
CA ASP J 544 32.53 10.62 20.00
C ASP J 544 32.18 10.26 21.44
N LEU J 545 32.21 8.98 21.79
CA LEU J 545 32.04 8.56 23.17
C LEU J 545 33.33 8.64 23.98
N TYR J 546 34.47 8.70 23.33
CA TYR J 546 35.77 8.68 24.01
C TYR J 546 36.36 10.06 24.21
N ARG J 547 35.57 11.12 23.99
CA ARG J 547 35.99 12.46 24.33
C ARG J 547 35.93 12.74 25.82
N ASN J 548 35.16 11.94 26.57
CA ASN J 548 35.02 11.88 28.02
C ASN J 548 36.08 10.97 28.62
N PRO J 549 36.81 11.45 29.64
CA PRO J 549 37.87 10.62 30.22
C PRO J 549 37.36 9.31 30.82
N LEU J 550 36.13 9.29 31.32
CA LEU J 550 35.63 8.09 31.99
C LEU J 550 35.42 6.94 31.02
N THR J 551 34.94 7.23 29.80
CA THR J 551 34.76 6.16 28.82
C THR J 551 36.10 5.59 28.37
N LEU J 552 37.10 6.45 28.18
CA LEU J 552 38.43 5.96 27.85
C LEU J 552 39.01 5.14 28.98
N LEU J 553 38.73 5.52 30.23
CA LEU J 553 39.16 4.71 31.37
C LEU J 553 38.44 3.37 31.39
N ARG J 554 37.17 3.34 30.99
CA ARG J 554 36.44 2.08 30.85
C ARG J 554 37.14 1.16 29.86
N LEU J 555 37.45 1.68 28.66
CA LEU J 555 38.09 0.85 27.65
C LEU J 555 39.48 0.42 28.10
N GLY J 556 40.21 1.31 28.78
CA GLY J 556 41.52 0.94 29.29
C GLY J 556 41.45 -0.13 30.36
N ASN J 557 40.45 -0.06 31.23
CA ASN J 557 40.24 -1.11 32.22
C ASN J 557 39.89 -2.44 31.58
N TRP J 558 39.10 -2.41 30.50
CA TRP J 558 38.86 -3.62 29.73
C TRP J 558 40.15 -4.22 29.19
N LEU J 559 40.98 -3.39 28.56
CA LEU J 559 42.20 -3.89 27.93
C LEU J 559 43.21 -4.38 28.97
N ILE J 560 43.36 -3.65 30.08
CA ILE J 560 44.29 -4.07 31.12
C ILE J 560 43.84 -5.37 31.76
N GLU J 561 42.54 -5.51 32.00
CA GLU J 561 42.02 -6.76 32.53
C GLU J 561 42.28 -7.91 31.56
N CYS J 562 42.10 -7.66 30.26
CA CYS J 562 42.39 -8.69 29.27
C CYS J 562 43.87 -9.06 29.24
N CYS J 563 44.76 -8.11 29.43
CA CYS J 563 46.20 -8.35 29.38
C CYS J 563 46.74 -8.98 30.66
N ALA J 564 46.11 -8.71 31.81
CA ALA J 564 46.61 -9.21 33.08
C ALA J 564 46.54 -10.74 33.14
N GLU J 565 45.44 -11.31 32.66
CA GLU J 565 45.27 -12.76 32.67
C GLU J 565 45.95 -13.45 31.49
N SER J 566 46.56 -12.69 30.58
CA SER J 566 47.33 -13.29 29.49
C SER J 566 48.55 -14.00 30.05
N GLU J 567 48.94 -15.09 29.40
CA GLU J 567 50.08 -15.88 29.88
C GLU J 567 51.38 -15.10 29.80
N ASP J 568 51.44 -14.09 28.93
CA ASP J 568 52.62 -13.26 28.83
C ASP J 568 52.83 -12.48 30.12
N LYS J 569 54.04 -12.58 30.67
CA LYS J 569 54.38 -11.98 31.95
C LYS J 569 55.12 -10.67 31.72
N GLN J 570 54.42 -9.55 31.90
CA GLN J 570 55.02 -8.23 31.78
C GLN J 570 54.17 -7.24 32.54
N LEU J 571 54.77 -6.10 32.88
CA LEU J 571 54.11 -5.04 33.63
C LEU J 571 54.39 -3.69 32.98
N LEU J 572 54.24 -3.64 31.66
CA LEU J 572 54.51 -2.37 30.99
C LEU J 572 53.28 -1.48 31.02
N PRO J 573 53.48 -0.18 31.27
CA PRO J 573 52.35 0.76 31.20
C PRO J 573 51.82 0.86 29.78
N MET J 574 50.56 1.29 29.68
CA MET J 574 49.89 1.39 28.39
C MET J 574 49.51 2.83 28.11
N VAL J 575 49.53 3.21 26.83
CA VAL J 575 49.13 4.52 26.36
C VAL J 575 47.96 4.36 25.42
N LEU J 576 46.88 5.10 25.68
CA LEU J 576 45.67 5.03 24.87
C LEU J 576 45.35 6.42 24.34
N ALA J 577 45.23 6.54 23.02
CA ALA J 577 44.99 7.83 22.37
C ALA J 577 43.74 7.76 21.52
N SER J 578 42.92 8.81 21.58
CA SER J 578 41.69 8.88 20.80
C SER J 578 41.56 10.24 20.14
N ILE J 579 41.14 10.25 18.88
CA ILE J 579 41.03 11.47 18.09
C ILE J 579 39.62 12.05 18.20
N ASP J 580 39.55 13.39 18.17
CA ASP J 580 38.29 14.10 18.01
C ASP J 580 38.40 14.95 16.74
N GLU J 581 37.58 14.63 15.73
CA GLU J 581 37.67 15.34 14.46
C GLU J 581 37.30 16.81 14.59
N ASN J 582 36.28 17.12 15.40
CA ASN J 582 35.82 18.49 15.51
C ASN J 582 36.90 19.40 16.09
N THR J 583 37.64 18.90 17.09
CA THR J 583 38.68 19.72 17.70
C THR J 583 40.04 19.45 17.05
N ASP J 584 40.15 18.35 16.31
CA ASP J 584 41.42 17.92 15.71
C ASP J 584 42.49 17.71 16.78
N THR J 585 42.09 17.16 17.92
CA THR J 585 43.01 16.90 19.03
C THR J 585 42.90 15.43 19.44
N TYR J 586 44.03 14.87 19.85
CA TYR J 586 44.04 13.58 20.52
C TYR J 586 43.93 13.79 22.02
N LEU J 587 43.12 12.95 22.65
CA LEU J 587 43.08 12.83 24.10
C LEU J 587 43.89 11.57 24.44
N VAL J 588 44.91 11.74 25.28
CA VAL J 588 45.89 10.68 25.54
C VAL J 588 45.91 10.40 27.03
N ALA J 589 45.82 9.12 27.38
CA ALA J 589 45.79 8.68 28.77
C ALA J 589 46.83 7.58 28.98
N GLY J 590 47.52 7.66 30.12
CA GLY J 590 48.46 6.63 30.52
C GLY J 590 47.85 5.77 31.63
N LEU J 591 48.00 4.46 31.48
CA LEU J 591 47.37 3.49 32.36
C LEU J 591 48.43 2.56 32.94
N THR J 592 48.30 2.29 34.23
CA THR J 592 49.27 1.44 34.92
C THR J 592 48.91 -0.03 34.79
N PRO J 593 49.89 -0.91 34.81
CA PRO J 593 49.60 -2.35 34.76
C PRO J 593 49.02 -2.84 36.08
N ARG J 594 48.35 -3.98 36.01
CA ARG J 594 47.71 -4.58 37.18
C ARG J 594 48.02 -6.06 37.25
N TYR J 595 48.24 -6.56 38.45
CA TYR J 595 48.45 -7.98 38.69
C TYR J 595 47.13 -8.73 38.54
N PRO J 596 47.19 -10.05 38.32
CA PRO J 596 45.96 -10.83 38.24
C PRO J 596 45.16 -10.73 39.53
N ARG J 597 43.83 -10.76 39.38
CA ARG J 597 42.93 -10.52 40.51
C ARG J 597 43.12 -11.57 41.61
N GLY J 598 43.24 -12.83 41.22
CA GLY J 598 43.35 -13.92 42.17
C GLY J 598 44.75 -14.29 42.60
N LEU J 599 45.75 -13.51 42.21
CA LEU J 599 47.14 -13.84 42.53
C LEU J 599 47.40 -13.66 44.02
N ASP J 600 48.44 -14.34 44.50
CA ASP J 600 48.75 -14.38 45.92
C ASP J 600 49.18 -13.00 46.44
N THR J 601 49.37 -12.92 47.75
CA THR J 601 49.72 -11.68 48.43
C THR J 601 51.21 -11.49 48.61
N ILE J 602 52.04 -12.41 48.08
CA ILE J 602 53.49 -12.26 48.23
C ILE J 602 53.98 -11.02 47.47
N HIS J 603 53.38 -10.74 46.31
CA HIS J 603 53.71 -9.55 45.56
C HIS J 603 52.98 -8.32 46.09
N THR J 604 51.97 -8.51 46.92
CA THR J 604 51.14 -7.40 47.38
C THR J 604 51.97 -6.39 48.16
N LYS J 605 51.81 -5.12 47.81
CA LYS J 605 52.55 -4.01 48.40
C LYS J 605 51.77 -2.76 48.04
N LYS J 606 52.38 -1.60 48.25
CA LYS J 606 51.84 -0.39 47.63
C LYS J 606 51.83 -0.59 46.11
N PRO J 607 50.68 -0.43 45.46
CA PRO J 607 50.57 -0.85 44.04
C PRO J 607 51.52 -0.09 43.12
N ILE J 608 51.58 -0.55 41.86
CA ILE J 608 52.51 0.04 40.91
C ILE J 608 52.20 1.53 40.75
N LEU J 609 53.26 2.33 40.77
CA LEU J 609 53.14 3.78 40.80
C LEU J 609 53.01 4.35 39.40
N ASN J 610 52.20 5.39 39.26
CA ASN J 610 51.98 6.02 37.96
C ASN J 610 53.00 7.13 37.73
N ASN J 611 53.85 6.95 36.73
CA ASN J 611 54.95 7.88 36.46
C ASN J 611 54.73 8.70 35.18
N PHE J 612 53.49 8.82 34.71
CA PHE J 612 53.25 9.54 33.46
C PHE J 612 53.20 11.04 33.68
N SER J 613 52.83 11.49 34.88
CA SER J 613 52.77 12.92 35.14
C SER J 613 54.14 13.58 35.02
N MET J 614 55.15 13.00 35.68
CA MET J 614 56.49 13.57 35.64
C MET J 614 57.06 13.52 34.22
N ALA J 615 56.84 12.43 33.50
CA ALA J 615 57.34 12.33 32.13
C ALA J 615 56.68 13.37 31.24
N PHE J 616 55.36 13.54 31.36
CA PHE J 616 54.67 14.53 30.55
C PHE J 616 55.14 15.94 30.86
N GLN J 617 55.34 16.25 32.15
CA GLN J 617 55.84 17.58 32.51
C GLN J 617 57.26 17.78 31.97
N GLN J 618 58.11 16.76 32.07
CA GLN J 618 59.47 16.88 31.56
C GLN J 618 59.51 17.12 30.07
N ILE J 619 58.67 16.41 29.31
CA ILE J 619 58.65 16.62 27.87
C ILE J 619 58.05 17.98 27.52
N THR J 620 57.00 18.39 28.23
CA THR J 620 56.34 19.66 27.93
C THR J 620 57.25 20.84 28.23
N ALA J 621 58.03 20.78 29.32
CA ALA J 621 58.89 21.90 29.67
C ALA J 621 59.98 22.10 28.63
N GLU J 622 60.57 21.02 28.12
CA GLU J 622 61.75 21.14 27.27
C GLU J 622 61.39 21.58 25.85
N THR J 623 60.20 21.23 25.36
CA THR J 623 59.81 21.52 23.99
C THR J 623 58.53 22.33 23.96
N ASP J 624 58.39 23.13 22.90
CA ASP J 624 57.21 23.99 22.74
C ASP J 624 56.08 23.24 22.05
N ALA J 625 55.72 22.10 22.63
CA ALA J 625 54.61 21.31 22.13
C ALA J 625 53.27 21.94 22.52
N LYS J 626 52.30 21.82 21.63
CA LYS J 626 50.95 22.36 21.87
C LYS J 626 50.13 21.31 22.61
N VAL J 627 50.47 21.11 23.87
CA VAL J 627 49.80 20.16 24.74
C VAL J 627 49.03 20.92 25.80
N ARG J 628 47.96 20.31 26.30
CA ARG J 628 47.13 20.84 27.37
C ARG J 628 47.13 19.82 28.49
N ILE J 629 47.78 20.18 29.60
CA ILE J 629 47.74 19.42 30.84
C ILE J 629 46.97 20.26 31.87
N ASP J 630 45.66 20.10 31.93
CA ASP J 630 44.83 20.91 32.80
C ASP J 630 43.78 20.10 33.56
N ASN J 631 43.70 18.79 33.33
CA ASN J 631 42.76 17.97 34.08
C ASN J 631 43.30 17.70 35.48
N PHE J 632 42.37 17.35 36.39
CA PHE J 632 42.79 17.01 37.74
C PHE J 632 43.66 15.75 37.74
N GLU J 633 43.30 14.76 36.93
CA GLU J 633 44.16 13.60 36.73
C GLU J 633 45.32 13.99 35.83
N SER J 634 46.53 13.91 36.36
CA SER J 634 47.73 14.34 35.65
C SER J 634 48.16 13.39 34.56
N SER J 635 47.52 12.22 34.45
CA SER J 635 47.86 11.24 33.43
C SER J 635 47.03 11.38 32.16
N ILE J 636 46.20 12.40 32.07
CA ILE J 636 45.35 12.64 30.90
C ILE J 636 45.71 14.00 30.32
N ILE J 637 46.08 14.01 29.03
CA ILE J 637 46.48 15.24 28.36
C ILE J 637 45.73 15.35 27.03
N GLU J 638 45.72 16.56 26.48
CA GLU J 638 45.12 16.83 25.17
C GLU J 638 46.20 17.41 24.27
N ILE J 639 46.58 16.67 23.23
CA ILE J 639 47.68 17.06 22.35
C ILE J 639 47.14 17.26 20.94
N ARG J 640 47.63 18.30 20.26
CA ARG J 640 47.19 18.55 18.91
C ARG J 640 47.61 17.41 17.98
N ARG J 641 46.88 17.28 16.87
CA ARG J 641 47.07 16.14 15.97
C ARG J 641 48.49 16.11 15.41
N GLU J 642 49.03 17.28 15.06
CA GLU J 642 50.34 17.34 14.40
C GLU J 642 51.46 16.89 15.33
N ASP J 643 51.32 17.15 16.63
CA ASP J 643 52.41 16.93 17.57
C ASP J 643 52.44 15.50 18.13
N LEU J 644 51.46 14.67 17.81
CA LEU J 644 51.37 13.36 18.46
C LEU J 644 52.56 12.48 18.12
N SER J 645 52.85 12.32 16.82
CA SER J 645 53.91 11.41 16.41
C SER J 645 55.30 11.82 16.90
N PRO J 646 55.69 13.11 16.88
CA PRO J 646 57.00 13.45 17.46
C PRO J 646 57.03 13.31 18.96
N PHE J 647 56.01 13.83 19.65
CA PHE J 647 55.95 13.80 21.11
C PHE J 647 56.17 12.39 21.65
N LEU J 648 55.42 11.43 21.12
CA LEU J 648 55.58 10.05 21.57
C LEU J 648 57.00 9.56 21.41
N GLU J 649 57.66 9.92 20.30
CA GLU J 649 59.06 9.56 20.13
C GLU J 649 59.90 10.06 21.29
N LYS J 650 59.70 11.32 21.68
CA LYS J 650 60.41 11.85 22.83
C LYS J 650 60.11 11.03 24.08
N LEU J 651 58.85 10.66 24.26
CA LEU J 651 58.47 9.82 25.40
C LEU J 651 59.26 8.52 25.40
N THR J 652 59.53 7.96 24.22
CA THR J 652 60.29 6.72 24.13
C THR J 652 61.67 6.88 24.77
N LEU J 653 62.29 8.05 24.60
CA LEU J 653 63.58 8.32 25.21
C LEU J 653 63.47 8.99 26.57
N SER J 654 62.26 9.28 27.04
CA SER J 654 62.10 10.01 28.30
C SER J 654 62.54 9.15 29.48
N GLY J 655 62.12 7.90 29.51
CA GLY J 655 62.40 7.03 30.63
C GLY J 655 61.33 7.10 31.71
N LEU J 656 61.65 6.52 32.87
CA LEU J 656 60.78 6.52 34.04
C LEU J 656 59.52 5.72 33.80
N LEU J 657 59.42 5.05 32.66
CA LEU J 657 58.24 4.26 32.32
C LEU J 657 58.58 2.77 32.27
N PHE K 2 27.64 66.96 45.15
CA PHE K 2 26.55 67.21 46.09
C PHE K 2 27.08 67.68 47.44
N GLY K 3 27.58 68.90 47.48
CA GLY K 3 28.10 69.48 48.71
C GLY K 3 29.57 69.18 48.93
N SER K 4 30.19 70.03 49.74
CA SER K 4 31.60 69.90 50.07
C SER K 4 31.89 70.75 51.31
N GLY K 5 33.15 70.80 51.70
CA GLY K 5 33.58 71.62 52.82
C GLY K 5 33.62 70.93 54.16
N ASN K 6 33.41 69.61 54.20
CA ASN K 6 33.46 68.90 55.47
C ASN K 6 34.92 68.71 55.91
N VAL K 7 35.09 67.95 57.01
CA VAL K 7 36.40 67.86 57.64
C VAL K 7 37.39 67.15 56.74
N LEU K 8 37.09 65.91 56.33
CA LEU K 8 37.97 65.11 55.48
C LEU K 8 37.29 63.81 55.08
N PRO K 9 37.66 63.22 53.95
CA PRO K 9 37.03 61.96 53.52
C PRO K 9 37.58 60.73 54.23
N VAL K 10 37.03 60.41 55.40
CA VAL K 10 37.44 59.19 56.11
C VAL K 10 37.10 57.98 55.25
N LYS K 11 37.98 56.98 55.27
CA LYS K 11 37.79 55.75 54.51
C LYS K 11 37.18 54.69 55.42
N ILE K 12 36.10 54.08 54.97
CA ILE K 12 35.41 53.02 55.70
C ILE K 12 35.11 51.88 54.73
N GLN K 13 35.04 50.67 55.25
CA GLN K 13 34.78 49.51 54.40
C GLN K 13 33.30 49.45 54.02
N PRO K 14 32.98 48.99 52.82
CA PRO K 14 31.57 48.87 52.40
C PRO K 14 30.76 47.96 53.30
N PRO K 15 31.35 46.89 53.92
CA PRO K 15 30.58 46.07 54.87
C PRO K 15 29.68 46.85 55.84
N LEU K 16 30.10 48.04 56.24
CA LEU K 16 29.31 48.88 57.15
C LEU K 16 28.43 49.86 56.39
N LEU K 17 28.39 49.77 55.07
CA LEU K 17 27.58 50.65 54.23
C LEU K 17 26.51 49.91 53.44
N ARG K 18 26.71 48.64 53.13
CA ARG K 18 25.78 47.93 52.25
C ARG K 18 24.36 47.73 52.80
N PRO K 19 24.10 47.62 54.11
CA PRO K 19 22.71 47.40 54.53
C PRO K 19 21.76 48.52 54.14
N LEU K 20 22.16 49.77 54.31
CA LEU K 20 21.28 50.89 53.95
C LEU K 20 21.00 50.90 52.46
N ALA K 21 22.05 50.74 51.64
CA ALA K 21 21.88 50.72 50.20
C ALA K 21 20.98 49.58 49.78
N TYR K 22 21.17 48.40 50.39
CA TYR K 22 20.32 47.27 50.07
C TYR K 22 18.86 47.57 50.39
N ARG K 23 18.56 48.03 51.60
CA ARG K 23 17.17 48.27 51.94
C ARG K 23 16.54 49.33 51.04
N VAL K 24 17.28 50.39 50.71
CA VAL K 24 16.68 51.44 49.88
C VAL K 24 16.47 50.96 48.46
N LEU K 25 17.44 50.24 47.89
CA LEU K 25 17.40 49.92 46.46
C LEU K 25 16.78 48.55 46.19
N SER K 26 17.39 47.49 46.69
CA SER K 26 17.02 46.14 46.29
C SER K 26 15.60 45.79 46.74
N ARG K 27 15.26 46.12 47.98
CA ARG K 27 13.96 45.75 48.53
C ARG K 27 12.83 46.50 47.84
N LYS K 28 12.86 47.84 47.91
CA LYS K 28 11.73 48.64 47.48
C LYS K 28 11.64 48.78 45.97
N TYR K 29 12.65 49.38 45.34
CA TYR K 29 12.62 49.67 43.91
C TYR K 29 14.05 49.58 43.37
N GLY K 30 14.28 48.66 42.44
CA GLY K 30 15.59 48.42 41.88
C GLY K 30 16.22 47.22 42.55
N LEU K 31 17.42 46.86 42.09
CA LEU K 31 18.12 45.68 42.59
C LEU K 31 19.54 45.58 42.04
N SER K 32 20.23 44.49 42.38
CA SER K 32 21.55 44.17 41.84
C SER K 32 22.58 45.26 42.15
N ILE K 33 22.89 45.41 43.43
CA ILE K 33 24.06 46.21 43.87
C ILE K 33 25.23 45.25 43.87
N LYS K 34 26.05 45.33 42.81
CA LYS K 34 27.20 44.46 42.68
C LYS K 34 28.30 44.87 43.64
N SER K 35 29.25 43.96 43.87
CA SER K 35 30.33 44.23 44.81
C SER K 35 31.20 45.38 44.34
N ASP K 36 31.60 45.38 43.07
CA ASP K 36 32.41 46.47 42.54
C ASP K 36 31.62 47.78 42.54
N GLY K 37 30.35 47.72 42.17
CA GLY K 37 29.51 48.91 42.24
C GLY K 37 29.34 49.41 43.67
N LEU K 38 29.21 48.48 44.63
CA LEU K 38 29.13 48.89 46.03
C LEU K 38 30.41 49.59 46.47
N SER K 39 31.57 49.05 46.08
CA SER K 39 32.83 49.70 46.41
C SER K 39 32.92 51.08 45.78
N ALA K 40 32.42 51.21 44.54
CA ALA K 40 32.40 52.51 43.88
C ALA K 40 31.53 53.51 44.62
N LEU K 41 30.36 53.08 45.10
CA LEU K 41 29.46 53.95 45.86
C LEU K 41 29.96 54.28 47.26
N ALA K 42 31.16 53.83 47.64
CA ALA K 42 31.74 54.18 48.93
C ALA K 42 32.43 55.54 48.90
N GLU K 43 33.07 55.90 47.79
CA GLU K 43 33.87 57.12 47.70
C GLU K 43 33.05 58.39 47.84
N PHE K 44 31.93 58.49 47.11
CA PHE K 44 31.17 59.74 47.15
C PHE K 44 30.45 59.91 48.49
N VAL K 45 29.99 58.81 49.09
CA VAL K 45 29.37 58.92 50.40
C VAL K 45 30.43 59.16 51.47
N GLY K 46 31.68 58.77 51.20
CA GLY K 46 32.76 59.12 52.09
C GLY K 46 33.30 60.52 51.90
N THR K 47 32.97 61.17 50.78
CA THR K 47 33.38 62.55 50.56
C THR K 47 32.81 63.46 51.64
N ASN K 48 31.54 63.28 51.97
CA ASN K 48 30.89 64.00 53.07
C ASN K 48 30.66 63.11 54.28
N ILE K 49 31.63 62.25 54.61
CA ILE K 49 31.42 61.21 55.60
C ILE K 49 31.28 61.79 57.00
N GLY K 50 31.75 63.02 57.22
CA GLY K 50 31.81 63.58 58.56
C GLY K 50 30.51 63.58 59.32
N ALA K 51 30.50 62.92 60.49
CA ALA K 51 29.34 62.85 61.37
C ALA K 51 28.12 62.28 60.64
N ASN K 52 28.24 61.04 60.19
CA ASN K 52 27.17 60.37 59.47
C ASN K 52 27.08 58.91 59.89
N TRP K 53 26.12 58.20 59.29
CA TRP K 53 25.64 56.87 59.63
C TRP K 53 24.85 56.88 60.94
N ARG K 54 24.81 58.01 61.63
CA ARG K 54 23.84 58.26 62.69
C ARG K 54 23.00 59.50 62.39
N GLN K 55 23.19 60.12 61.23
CA GLN K 55 22.49 61.33 60.87
C GLN K 55 21.08 61.03 60.38
N GLY K 56 20.41 62.06 59.88
CA GLY K 56 19.04 61.93 59.41
C GLY K 56 18.94 61.64 57.93
N PRO K 57 18.49 62.64 57.16
CA PRO K 57 18.06 62.36 55.79
C PRO K 57 19.18 62.12 54.78
N ALA K 58 20.42 62.55 55.07
CA ALA K 58 21.42 62.72 54.03
C ALA K 58 21.64 61.45 53.21
N THR K 59 21.90 60.32 53.87
CA THR K 59 22.19 59.08 53.15
C THR K 59 20.98 58.61 52.35
N ILE K 60 19.78 58.72 52.95
CA ILE K 60 18.57 58.29 52.27
C ILE K 60 18.34 59.13 51.01
N LYS K 61 18.56 60.44 51.12
CA LYS K 61 18.41 61.31 49.95
C LYS K 61 19.46 61.00 48.89
N PHE K 62 20.68 60.66 49.30
CA PHE K 62 21.69 60.26 48.34
C PHE K 62 21.26 59.02 47.57
N LEU K 63 20.73 58.02 48.28
CA LEU K 63 20.28 56.80 47.61
C LEU K 63 19.06 57.08 46.73
N GLU K 64 18.18 57.98 47.18
CA GLU K 64 17.06 58.41 46.35
C GLU K 64 17.54 59.04 45.05
N GLN K 65 18.55 59.91 45.14
CA GLN K 65 19.07 60.56 43.95
C GLN K 65 19.75 59.57 43.02
N PHE K 66 20.47 58.60 43.58
CA PHE K 66 21.06 57.57 42.74
C PHE K 66 19.99 56.75 42.04
N ALA K 67 18.85 56.52 42.69
CA ALA K 67 17.76 55.82 42.04
C ALA K 67 17.13 56.66 40.93
N ALA K 68 17.22 57.98 41.03
CA ALA K 68 16.60 58.85 40.03
C ALA K 68 17.18 58.64 38.65
N VAL K 69 18.51 58.45 38.57
CA VAL K 69 19.14 58.20 37.27
C VAL K 69 18.62 56.90 36.68
N TRP K 70 18.50 55.86 37.50
CA TRP K 70 18.12 54.56 36.98
C TRP K 70 16.64 54.50 36.61
N LYS K 71 15.79 55.34 37.21
CA LYS K 71 14.45 55.48 36.63
C LYS K 71 14.49 56.30 35.34
N GLN K 72 15.31 57.35 35.31
CA GLN K 72 15.37 58.18 34.11
C GLN K 72 16.01 57.41 32.95
N GLN K 73 17.28 57.03 33.09
CA GLN K 73 17.93 56.25 32.04
C GLN K 73 17.50 54.80 32.10
N GLU K 74 17.51 54.14 30.94
CA GLU K 74 17.13 52.74 30.88
C GLU K 74 18.12 51.85 31.63
N ARG K 75 19.41 52.05 31.36
CA ARG K 75 20.50 51.34 32.03
C ARG K 75 20.28 49.84 32.02
N GLY K 76 20.13 49.23 33.20
CA GLY K 76 19.98 47.80 33.31
C GLY K 76 19.70 47.33 34.73
N LEU K 77 20.34 46.24 35.16
CA LEU K 77 20.11 45.69 36.48
C LEU K 77 21.40 45.82 37.28
N PHE K 78 22.53 45.30 36.79
CA PHE K 78 23.74 45.27 37.60
C PHE K 78 24.37 46.65 37.68
N ILE K 79 24.92 46.96 38.86
CA ILE K 79 25.59 48.22 39.11
C ILE K 79 27.09 47.98 39.02
N ASP K 80 27.75 48.67 38.09
CA ASP K 80 29.16 48.43 37.84
C ASP K 80 29.99 49.68 38.13
N GLN K 81 31.27 49.65 37.76
CA GLN K 81 32.17 50.78 37.98
C GLN K 81 31.67 52.09 37.38
N SER K 82 30.61 52.05 36.58
CA SER K 82 29.99 53.27 36.07
C SER K 82 29.28 54.06 37.17
N GLY K 83 29.10 53.47 38.36
CA GLY K 83 28.34 54.13 39.41
C GLY K 83 28.81 55.56 39.66
N VAL K 84 30.11 55.80 39.54
CA VAL K 84 30.62 57.17 39.59
C VAL K 84 30.23 57.92 38.31
N LYS K 85 30.09 57.20 37.19
CA LYS K 85 29.75 57.88 35.95
C LYS K 85 28.33 58.45 36.00
N GLU K 86 27.41 57.77 36.70
CA GLU K 86 26.08 58.37 36.85
C GLU K 86 26.08 59.51 37.87
N VAL K 87 26.94 59.48 38.88
CA VAL K 87 26.97 60.61 39.80
C VAL K 87 27.58 61.83 39.13
N ILE K 88 28.46 61.62 38.15
CA ILE K 88 28.90 62.75 37.32
C ILE K 88 27.71 63.38 36.59
N GLN K 89 26.82 62.54 36.07
CA GLN K 89 25.60 63.07 35.44
C GLN K 89 24.73 63.79 36.45
N GLU K 90 24.64 63.27 37.67
CA GLU K 90 23.82 63.92 38.70
C GLU K 90 24.36 65.31 39.02
N MET K 91 25.68 65.44 39.17
CA MET K 91 26.24 66.76 39.44
C MET K 91 26.16 67.66 38.21
N LYS K 92 26.12 67.06 37.02
CA LYS K 92 25.82 67.84 35.82
C LYS K 92 24.42 68.42 35.87
N GLU K 93 23.46 67.65 36.39
CA GLU K 93 22.08 68.11 36.43
C GLU K 93 21.94 69.36 37.30
N ARG K 94 22.62 69.39 38.43
CA ARG K 94 22.58 70.56 39.31
C ARG K 94 23.65 71.58 38.93
N ARG K 167 23.67 75.43 20.50
CA ARG K 167 22.57 74.47 20.48
C ARG K 167 23.07 73.04 20.63
N ASP K 168 22.13 72.10 20.68
CA ASP K 168 22.43 70.70 20.89
C ASP K 168 21.33 69.88 20.23
N TYR K 169 21.50 68.55 20.26
CA TYR K 169 20.47 67.60 19.83
C TYR K 169 20.25 67.68 18.32
N PHE K 170 21.23 68.19 17.57
CA PHE K 170 21.14 68.29 16.12
C PHE K 170 22.24 67.44 15.52
N LYS K 171 21.93 66.81 14.39
CA LYS K 171 22.86 65.86 13.79
C LYS K 171 22.72 65.89 12.28
N VAL K 172 23.70 65.29 11.61
CA VAL K 172 23.68 65.09 10.16
C VAL K 172 23.85 63.60 9.91
N ILE K 173 22.84 62.99 9.28
CA ILE K 173 22.80 61.55 9.07
C ILE K 173 23.18 61.27 7.62
N ASN K 174 24.19 60.43 7.43
CA ASN K 174 24.63 60.00 6.12
C ASN K 174 23.74 58.88 5.60
N ALA K 175 24.03 58.45 4.38
CA ALA K 175 23.28 57.33 3.80
C ALA K 175 23.62 56.03 4.52
N SER K 176 24.89 55.84 4.88
CA SER K 176 25.31 54.56 5.45
C SER K 176 24.85 54.40 6.89
N GLN K 177 24.89 55.47 7.68
CA GLN K 177 24.57 55.41 9.10
C GLN K 177 23.08 55.48 9.38
N GLN K 178 22.25 55.67 8.36
CA GLN K 178 20.81 55.75 8.58
C GLN K 178 20.24 54.38 8.93
N GLN K 179 19.28 54.37 9.87
CA GLN K 179 18.66 53.13 10.30
C GLN K 179 17.79 52.55 9.20
N ARG K 180 17.74 51.21 9.13
CA ARG K 180 16.99 50.52 8.10
C ARG K 180 15.68 49.97 8.66
N PHE K 181 14.61 50.11 7.89
CA PHE K 181 13.29 49.65 8.28
C PHE K 181 12.60 49.00 7.09
N SER K 182 12.15 47.75 7.26
CA SER K 182 11.37 47.07 6.25
C SER K 182 9.88 47.28 6.54
N TYR K 183 9.04 46.83 5.62
CA TYR K 183 7.59 47.00 5.74
C TYR K 183 6.93 45.66 5.45
N ASN K 184 6.01 45.25 6.33
CA ASN K 184 5.29 44.00 6.13
C ASN K 184 3.88 44.31 5.64
N PRO K 185 3.56 44.01 4.37
CA PRO K 185 2.20 44.29 3.89
C PRO K 185 1.13 43.52 4.62
N HIS K 186 1.43 42.32 5.11
CA HIS K 186 0.44 41.55 5.84
C HIS K 186 0.08 42.24 7.15
N LYS K 187 1.04 42.93 7.76
CA LYS K 187 0.82 43.53 9.06
C LYS K 187 0.63 45.05 9.02
N MET K 188 0.79 45.69 7.85
CA MET K 188 0.65 47.15 7.74
C MET K 188 1.57 47.88 8.71
N GLN K 189 2.80 47.38 8.86
CA GLN K 189 3.67 47.90 9.90
C GLN K 189 5.13 47.78 9.50
N PHE K 190 5.96 48.61 10.11
CA PHE K 190 7.39 48.62 9.82
C PHE K 190 8.16 47.75 10.81
N ILE K 191 9.06 46.94 10.26
CA ILE K 191 9.82 45.98 11.09
C ILE K 191 11.27 46.43 11.06
N PHE K 192 11.94 46.31 12.18
CA PHE K 192 13.32 46.83 12.21
C PHE K 192 14.23 45.87 11.50
N VAL K 193 15.35 46.35 10.98
CA VAL K 193 16.34 45.44 10.39
C VAL K 193 17.62 45.64 11.14
N PRO K 194 18.25 44.65 11.82
CA PRO K 194 19.55 44.88 12.46
C PRO K 194 20.62 45.24 11.44
N ASN K 195 21.48 46.18 11.83
CA ASN K 195 22.55 46.62 10.94
C ASN K 195 23.68 45.60 10.93
N LYS K 196 24.18 45.29 9.74
CA LYS K 196 25.20 44.25 9.61
C LYS K 196 26.54 44.71 10.16
N LYS K 197 26.75 46.03 10.24
CA LYS K 197 28.04 46.54 10.70
C LYS K 197 28.24 46.27 12.18
N GLN K 198 27.19 46.42 12.99
CA GLN K 198 27.33 46.31 14.43
C GLN K 198 27.67 44.88 14.85
N ASN K 199 26.93 43.89 14.35
CA ASN K 199 27.10 42.51 14.77
C ASN K 199 27.97 41.69 13.83
N GLY K 200 27.83 41.86 12.51
CA GLY K 200 28.65 41.15 11.56
C GLY K 200 30.11 41.57 11.66
N LEU K 201 31.02 40.63 11.39
CA LEU K 201 32.44 40.95 11.49
C LEU K 201 32.83 42.03 10.49
N GLY K 202 32.50 41.83 9.21
CA GLY K 202 32.73 42.86 8.20
C GLY K 202 34.16 43.30 8.10
N GLY K 203 35.10 42.46 8.51
CA GLY K 203 36.51 42.84 8.46
C GLY K 203 37.04 42.91 7.05
N ILE K 204 36.45 42.11 6.15
CA ILE K 204 36.90 42.04 4.76
C ILE K 204 35.82 42.44 3.78
N ALA K 205 34.58 42.00 3.98
CA ALA K 205 33.48 42.37 3.09
C ALA K 205 32.17 42.26 3.87
N GLY K 206 31.66 43.40 4.33
CA GLY K 206 30.43 43.41 5.08
C GLY K 206 29.45 44.45 4.58
N PHE K 207 29.90 45.33 3.70
CA PHE K 207 29.01 46.32 3.11
C PHE K 207 28.22 45.73 1.96
N LEU K 208 28.75 44.65 1.36
CA LEU K 208 28.16 44.02 0.19
C LEU K 208 26.78 43.45 0.51
N PRO K 209 25.77 43.73 -0.31
CA PRO K 209 24.43 43.22 -0.04
C PRO K 209 24.30 41.74 -0.31
N ASP K 210 23.08 41.21 -0.15
CA ASP K 210 22.78 39.84 -0.51
C ASP K 210 21.75 39.85 -1.63
N ILE K 211 21.73 38.75 -2.41
CA ILE K 211 20.92 38.70 -3.63
C ILE K 211 19.44 38.86 -3.34
N GLU K 212 18.97 38.48 -2.15
CA GLU K 212 17.54 38.55 -1.86
C GLU K 212 17.02 39.97 -1.88
N ASP K 213 17.88 40.97 -1.68
CA ASP K 213 17.44 42.36 -1.74
C ASP K 213 17.07 42.77 -3.15
N LYS K 214 17.75 42.20 -4.15
CA LYS K 214 17.43 42.51 -5.55
C LYS K 214 16.01 42.06 -5.90
N VAL K 215 15.53 41.01 -5.23
CA VAL K 215 14.20 40.49 -5.50
C VAL K 215 13.10 41.30 -4.83
N GLN K 216 13.43 42.06 -3.77
CA GLN K 216 12.43 42.80 -3.01
C GLN K 216 12.56 44.31 -3.19
N MET K 217 13.56 44.76 -3.95
CA MET K 217 13.80 46.19 -4.11
C MET K 217 12.55 46.94 -4.59
N PHE K 218 11.94 46.47 -5.68
CA PHE K 218 10.75 47.12 -6.20
C PHE K 218 9.46 46.67 -5.51
N LEU K 219 9.44 45.47 -4.94
CA LEU K 219 8.28 45.04 -4.16
C LEU K 219 8.07 45.96 -2.97
N THR K 220 9.15 46.37 -2.31
CA THR K 220 9.02 47.33 -1.22
C THR K 220 8.43 48.65 -1.67
N ARG K 221 8.85 49.19 -2.82
CA ARG K 221 8.26 50.41 -3.34
C ARG K 221 6.77 50.25 -3.63
N TYR K 222 6.43 49.14 -4.29
CA TYR K 222 5.03 48.91 -4.62
C TYR K 222 4.16 48.81 -3.38
N TYR K 223 4.65 48.14 -2.33
CA TYR K 223 3.84 48.00 -1.13
C TYR K 223 3.59 49.35 -0.46
N LEU K 224 4.64 50.18 -0.35
CA LEU K 224 4.47 51.50 0.26
C LEU K 224 3.50 52.35 -0.56
N THR K 225 3.63 52.36 -1.89
CA THR K 225 2.75 53.23 -2.66
C THR K 225 1.32 52.70 -2.68
N ASN K 226 1.13 51.38 -2.71
CA ASN K 226 -0.21 50.82 -2.78
C ASN K 226 -0.95 51.01 -1.45
N ASP K 227 -0.24 50.92 -0.33
CA ASP K 227 -0.87 51.20 0.96
C ASP K 227 -1.44 52.62 0.96
N ARG K 228 -0.63 53.58 0.53
CA ARG K 228 -1.08 54.97 0.49
C ARG K 228 -2.26 55.16 -0.46
N VAL K 229 -2.21 54.51 -1.63
CA VAL K 229 -3.30 54.65 -2.59
C VAL K 229 -4.59 54.07 -2.02
N MET K 230 -4.51 52.92 -1.35
CA MET K 230 -5.69 52.27 -0.79
C MET K 230 -6.22 52.97 0.46
N ARG K 231 -5.40 53.81 1.11
CA ARG K 231 -5.89 54.57 2.25
C ARG K 231 -6.37 55.97 1.87
N ASN K 232 -6.37 56.32 0.59
CA ASN K 232 -6.84 57.64 0.19
C ASN K 232 -8.35 57.74 0.40
N GLU K 233 -8.83 58.99 0.49
CA GLU K 233 -10.25 59.23 0.75
C GLU K 233 -11.09 58.91 -0.48
N ASN K 234 -10.63 59.35 -1.66
CA ASN K 234 -11.43 59.18 -2.87
C ASN K 234 -11.65 57.71 -3.20
N PHE K 235 -10.61 56.89 -3.09
CA PHE K 235 -10.75 55.48 -3.38
C PHE K 235 -11.27 54.73 -2.15
N GLN K 236 -12.18 53.81 -2.40
CA GLN K 236 -12.80 53.02 -1.32
C GLN K 236 -13.15 51.62 -1.80
N MET K 266 -14.02 53.40 -8.32
CA MET K 266 -13.59 52.01 -8.45
C MET K 266 -12.34 51.75 -7.64
N SER K 267 -12.21 50.51 -7.13
CA SER K 267 -11.03 50.13 -6.37
C SER K 267 -9.99 49.49 -7.30
N ILE K 268 -8.75 49.46 -6.82
CA ILE K 268 -7.66 48.92 -7.60
C ILE K 268 -7.72 47.40 -7.60
N THR K 269 -7.66 46.79 -8.79
CA THR K 269 -7.81 45.36 -8.98
C THR K 269 -6.48 44.76 -9.41
N PRO K 270 -6.07 43.61 -8.88
CA PRO K 270 -4.85 42.95 -9.37
C PRO K 270 -4.99 42.59 -10.84
N ILE K 271 -3.85 42.58 -11.55
CA ILE K 271 -3.87 42.44 -13.00
C ILE K 271 -4.36 41.05 -13.41
N LYS K 272 -3.90 40.00 -12.73
CA LYS K 272 -4.29 38.65 -13.13
C LYS K 272 -5.78 38.39 -12.94
N ASN K 273 -6.48 39.24 -12.18
CA ASN K 273 -7.93 39.13 -12.10
C ASN K 273 -8.62 39.54 -13.39
N LEU K 274 -7.86 39.84 -14.44
CA LEU K 274 -8.40 40.27 -15.72
C LEU K 274 -8.29 39.19 -16.80
N LEU K 275 -7.91 37.97 -16.43
CA LEU K 275 -7.55 36.97 -17.42
C LEU K 275 -8.76 36.30 -18.07
N GLY K 276 -9.95 36.47 -17.52
CA GLY K 276 -11.13 35.85 -18.10
C GLY K 276 -12.18 36.85 -18.52
N ARG K 277 -12.03 38.09 -18.06
CA ARG K 277 -13.00 39.13 -18.39
C ARG K 277 -12.83 39.59 -19.83
N ASP K 278 -13.96 39.88 -20.47
CA ASP K 278 -13.97 40.37 -21.84
C ASP K 278 -14.47 41.81 -21.93
N ALA K 279 -14.90 42.40 -20.82
CA ALA K 279 -15.49 43.74 -20.82
C ALA K 279 -15.21 44.44 -19.50
N GLN K 280 -16.01 45.45 -19.18
CA GLN K 280 -16.01 46.16 -17.89
C GLN K 280 -14.83 47.11 -17.78
N ASN K 281 -14.66 47.71 -16.61
CA ASN K 281 -13.61 48.68 -16.37
C ASN K 281 -12.78 48.23 -15.18
N PHE K 282 -11.52 48.64 -15.17
CA PHE K 282 -10.61 48.26 -14.10
C PHE K 282 -9.67 49.41 -13.80
N LEU K 283 -9.24 49.50 -12.55
CA LEU K 283 -8.28 50.50 -12.09
C LEU K 283 -6.99 49.79 -11.74
N LEU K 284 -5.99 49.90 -12.61
CA LEU K 284 -4.74 49.17 -12.48
C LEU K 284 -3.65 50.11 -11.97
N LEU K 285 -2.87 49.64 -11.00
CA LEU K 285 -1.74 50.39 -10.46
C LEU K 285 -0.49 49.53 -10.59
N GLY K 286 0.56 50.08 -11.21
CA GLY K 286 1.79 49.33 -11.34
C GLY K 286 2.87 50.10 -12.07
N LEU K 287 4.04 49.47 -12.13
CA LEU K 287 5.17 50.01 -12.87
C LEU K 287 4.85 50.14 -14.35
N LEU K 288 5.20 51.28 -14.92
CA LEU K 288 5.16 51.48 -16.36
C LEU K 288 6.55 51.23 -16.93
N ASN K 289 6.64 50.32 -17.89
CA ASN K 289 7.94 49.97 -18.45
C ASN K 289 7.77 49.45 -19.87
N LYS K 290 8.85 48.92 -20.41
CA LYS K 290 8.84 48.29 -21.73
C LYS K 290 9.20 46.83 -21.60
N ASN K 291 8.40 45.98 -22.26
CA ASN K 291 8.60 44.55 -22.25
C ASN K 291 9.88 44.22 -23.04
N PHE K 292 10.33 42.96 -22.94
CA PHE K 292 11.52 42.57 -23.69
C PHE K 292 11.26 42.56 -25.19
N LYS K 293 9.99 42.65 -25.60
CA LYS K 293 9.63 42.76 -27.00
C LYS K 293 9.59 44.20 -27.48
N GLY K 294 9.71 45.17 -26.58
CA GLY K 294 9.69 46.57 -26.97
C GLY K 294 8.35 47.26 -26.88
N ASN K 295 7.36 46.64 -26.25
CA ASN K 295 6.02 47.20 -26.15
C ASN K 295 5.78 47.75 -24.75
N TRP K 296 5.01 48.83 -24.67
CA TRP K 296 4.71 49.43 -23.38
C TRP K 296 3.84 48.51 -22.55
N SER K 297 4.17 48.41 -21.25
CA SER K 297 3.49 47.45 -20.40
C SER K 297 3.43 47.96 -18.98
N LEU K 298 2.51 47.37 -18.21
CA LEU K 298 2.31 47.67 -16.80
C LEU K 298 2.53 46.39 -16.01
N GLU K 299 3.18 46.52 -14.85
CA GLU K 299 3.57 45.36 -14.05
C GLU K 299 3.25 45.58 -12.58
N ASP K 300 2.66 44.57 -11.96
CA ASP K 300 2.38 44.52 -10.53
C ASP K 300 2.88 43.20 -9.99
N PRO K 301 3.01 43.06 -8.67
CA PRO K 301 3.52 41.78 -8.13
C PRO K 301 2.73 40.57 -8.59
N SER K 302 1.45 40.74 -8.94
CA SER K 302 0.67 39.62 -9.43
C SER K 302 1.10 39.21 -10.83
N GLY K 303 1.38 40.17 -11.71
CA GLY K 303 1.69 39.82 -13.09
C GLY K 303 2.01 41.06 -13.91
N SER K 304 1.72 40.96 -15.22
CA SER K 304 2.01 42.03 -16.15
C SER K 304 1.00 42.01 -17.29
N VAL K 305 0.88 43.15 -17.98
CA VAL K 305 -0.05 43.30 -19.10
C VAL K 305 0.50 44.34 -20.06
N GLU K 306 0.19 44.18 -21.35
CA GLU K 306 0.56 45.18 -22.34
C GLU K 306 -0.43 46.33 -22.31
N ILE K 307 0.02 47.49 -22.76
CA ILE K 307 -0.74 48.73 -22.64
C ILE K 307 -0.81 49.41 -24.01
N ASP K 308 -1.99 49.94 -24.33
CA ASP K 308 -2.21 50.65 -25.59
C ASP K 308 -2.38 52.14 -25.28
N ILE K 309 -1.56 52.99 -25.91
CA ILE K 309 -1.58 54.42 -25.69
C ILE K 309 -2.20 55.17 -26.87
N SER K 310 -2.73 54.44 -27.86
CA SER K 310 -3.16 55.07 -29.11
C SER K 310 -4.25 56.11 -28.91
N GLN K 311 -5.06 55.97 -27.86
CA GLN K 311 -6.16 56.90 -27.61
C GLN K 311 -6.22 57.27 -26.12
N THR K 312 -5.06 57.56 -25.54
CA THR K 312 -4.96 57.91 -24.14
C THR K 312 -4.98 59.43 -23.96
N ILE K 313 -5.73 59.88 -22.96
CA ILE K 313 -5.80 61.30 -22.60
C ILE K 313 -5.23 61.45 -21.19
N PRO K 314 -3.97 61.84 -21.07
CA PRO K 314 -3.34 61.94 -19.75
C PRO K 314 -3.78 63.18 -18.99
N THR K 315 -3.58 63.13 -17.68
CA THR K 315 -3.86 64.27 -16.82
C THR K 315 -2.64 65.17 -16.77
N GLN K 316 -2.73 66.34 -17.40
CA GLN K 316 -1.59 67.25 -17.45
C GLN K 316 -1.28 67.81 -16.06
N GLY K 317 -0.01 68.05 -15.80
CA GLY K 317 0.40 68.63 -14.54
C GLY K 317 1.57 67.92 -13.88
N HIS K 318 2.06 66.85 -14.50
CA HIS K 318 3.17 66.07 -13.96
C HIS K 318 3.83 65.32 -15.11
N TYR K 319 4.81 64.48 -14.75
CA TYR K 319 5.68 63.81 -15.71
C TYR K 319 5.37 62.32 -15.72
N TYR K 320 5.40 61.72 -16.91
CA TYR K 320 5.13 60.29 -17.10
C TYR K 320 6.40 59.65 -17.67
N VAL K 321 7.29 59.24 -16.77
CA VAL K 321 8.57 58.64 -17.16
C VAL K 321 8.52 57.15 -16.84
N PRO K 322 9.11 56.29 -17.67
CA PRO K 322 9.15 54.86 -17.34
C PRO K 322 9.87 54.62 -16.02
N GLY K 323 9.37 53.66 -15.26
CA GLY K 323 9.94 53.31 -13.98
C GLY K 323 9.23 53.89 -12.77
N CYS K 324 7.99 54.31 -12.91
CA CYS K 324 7.24 54.93 -11.82
C CYS K 324 5.82 54.37 -11.77
N MET K 325 5.22 54.42 -10.58
CA MET K 325 3.87 53.94 -10.38
C MET K 325 2.88 54.87 -11.08
N VAL K 326 1.86 54.29 -11.72
CA VAL K 326 0.87 55.04 -12.46
C VAL K 326 -0.51 54.45 -12.19
N LEU K 327 -1.49 55.32 -11.95
CA LEU K 327 -2.89 54.90 -11.91
C LEU K 327 -3.48 54.98 -13.31
N VAL K 328 -4.11 53.89 -13.76
CA VAL K 328 -4.61 53.80 -15.12
C VAL K 328 -6.02 53.23 -15.12
N GLU K 329 -6.78 53.57 -16.15
CA GLU K 329 -8.16 53.14 -16.30
C GLU K 329 -8.43 52.78 -17.76
N GLY K 330 -9.21 51.73 -17.98
CA GLY K 330 -9.55 51.33 -19.33
C GLY K 330 -10.39 50.07 -19.43
N ILE K 331 -10.24 49.32 -20.52
CA ILE K 331 -11.00 48.11 -20.78
C ILE K 331 -10.05 47.04 -21.31
N TYR K 332 -10.25 45.81 -20.86
CA TYR K 332 -9.39 44.69 -21.23
C TYR K 332 -10.04 43.89 -22.34
N TYR K 333 -9.25 43.55 -23.36
CA TYR K 333 -9.75 42.77 -24.50
C TYR K 333 -9.06 41.41 -24.51
N SER K 334 -9.86 40.35 -24.52
CA SER K 334 -9.32 38.99 -24.46
C SER K 334 -9.07 38.39 -25.84
N VAL K 335 -9.45 39.06 -26.92
CA VAL K 335 -9.11 38.58 -28.25
C VAL K 335 -7.58 38.54 -28.41
N GLY K 336 -6.90 39.56 -27.89
CA GLY K 336 -5.48 39.49 -27.65
C GLY K 336 -5.26 39.54 -26.15
N ASN K 337 -4.21 40.24 -25.72
CA ASN K 337 -4.01 40.55 -24.30
C ASN K 337 -3.63 42.02 -24.22
N LYS K 338 -4.63 42.90 -24.17
CA LYS K 338 -4.39 44.32 -24.22
C LYS K 338 -5.38 45.07 -23.34
N PHE K 339 -4.86 46.02 -22.58
CA PHE K 339 -5.66 46.93 -21.75
C PHE K 339 -5.70 48.28 -22.44
N HIS K 340 -6.78 48.56 -23.15
CA HIS K 340 -6.92 49.81 -23.89
C HIS K 340 -7.18 50.94 -22.91
N VAL K 341 -6.22 51.85 -22.79
CA VAL K 341 -6.26 52.90 -21.79
C VAL K 341 -7.14 54.06 -22.27
N THR K 342 -7.92 54.61 -21.34
CA THR K 342 -8.68 55.84 -21.60
C THR K 342 -8.32 56.98 -20.66
N SER K 343 -7.60 56.75 -19.58
CA SER K 343 -7.22 57.79 -18.64
C SER K 343 -5.92 57.39 -17.94
N MET K 344 -5.12 58.38 -17.58
CA MET K 344 -3.84 58.13 -16.91
C MET K 344 -3.57 59.25 -15.92
N THR K 345 -3.06 58.89 -14.75
CA THR K 345 -2.77 59.86 -13.69
C THR K 345 -1.61 59.29 -12.88
N LEU K 346 -1.28 59.94 -11.76
CA LEU K 346 -0.27 59.48 -10.83
C LEU K 346 -0.90 59.36 -9.45
N PRO K 347 -0.36 58.49 -8.59
CA PRO K 347 -0.93 58.33 -7.25
C PRO K 347 -0.92 59.63 -6.47
N PRO K 348 -1.96 59.91 -5.70
CA PRO K 348 -2.00 61.15 -4.93
C PRO K 348 -0.95 61.16 -3.83
N GLY K 349 -0.56 62.36 -3.42
CA GLY K 349 0.41 62.56 -2.36
C GLY K 349 -0.27 62.69 -1.00
N GLU K 350 0.51 62.41 0.04
CA GLU K 350 0.02 62.43 1.41
C GLU K 350 0.93 63.30 2.27
N ARG K 351 0.32 64.16 3.08
CA ARG K 351 1.04 65.03 3.99
C ARG K 351 1.65 64.21 5.12
N ARG K 352 2.71 64.74 5.73
CA ARG K 352 3.38 63.97 6.77
C ARG K 352 2.61 63.93 8.08
N GLU K 353 1.76 64.92 8.35
CA GLU K 353 0.98 64.89 9.58
C GLU K 353 -0.04 63.76 9.57
N ILE K 354 -0.65 63.49 8.42
CA ILE K 354 -1.57 62.36 8.33
C ILE K 354 -0.83 61.05 8.14
N THR K 355 0.40 61.09 7.62
CA THR K 355 1.21 59.89 7.45
C THR K 355 1.78 59.39 8.77
N LEU K 356 2.16 60.31 9.66
CA LEU K 356 2.75 59.91 10.94
C LEU K 356 1.78 59.12 11.78
N GLU K 357 0.51 59.55 11.83
CA GLU K 357 -0.47 58.89 12.68
C GLU K 357 -0.64 57.42 12.30
N THR K 358 -0.60 57.11 11.00
CA THR K 358 -0.67 55.72 10.57
C THR K 358 0.52 54.91 11.06
N ILE K 359 1.71 55.53 11.05
CA ILE K 359 2.93 54.83 11.44
C ILE K 359 3.17 55.03 12.93
N GLY K 360 2.23 55.70 13.60
CA GLY K 360 2.37 55.93 15.03
C GLY K 360 3.22 57.14 15.31
N ASN K 361 4.31 56.95 16.05
CA ASN K 361 5.29 58.00 16.31
C ASN K 361 6.70 57.44 16.21
N LEU K 362 6.94 56.62 15.20
CA LEU K 362 8.25 55.98 15.05
C LEU K 362 9.34 57.02 14.84
N ASP K 363 10.43 56.85 15.57
CA ASP K 363 11.59 57.74 15.47
C ASP K 363 12.48 57.19 14.36
N LEU K 364 12.04 57.37 13.11
CA LEU K 364 12.77 56.91 11.95
C LEU K 364 14.16 57.54 11.92
N LEU K 365 14.20 58.87 11.80
CA LEU K 365 15.43 59.63 12.03
C LEU K 365 15.54 59.95 13.52
N GLY K 366 15.63 58.89 14.32
CA GLY K 366 15.46 59.01 15.75
C GLY K 366 16.54 59.81 16.44
N ILE K 367 16.20 61.03 16.86
CA ILE K 367 17.14 61.80 17.66
C ILE K 367 16.75 61.70 19.14
N HIS K 368 15.49 61.36 19.42
CA HIS K 368 15.06 61.11 20.79
C HIS K 368 15.84 59.95 21.40
N GLY K 369 16.03 58.89 20.61
CA GLY K 369 16.79 57.73 21.06
C GLY K 369 17.08 56.82 19.89
N ILE K 370 17.32 55.54 20.16
CA ILE K 370 17.57 54.56 19.11
C ILE K 370 16.68 53.35 19.32
N SER K 371 16.54 52.54 18.28
CA SER K 371 15.70 51.34 18.33
C SER K 371 16.52 50.12 17.94
N ASN K 372 16.17 48.99 18.53
CA ASN K 372 16.82 47.72 18.28
C ASN K 372 15.77 46.68 17.92
N ASN K 373 16.20 45.42 17.82
CA ASN K 373 15.29 44.35 17.44
C ASN K 373 14.24 44.09 18.51
N ASN K 374 14.46 44.54 19.74
CA ASN K 374 13.51 44.26 20.82
C ASN K 374 12.32 45.22 20.77
N PHE K 375 12.57 46.52 20.95
CA PHE K 375 11.50 47.50 21.07
C PHE K 375 11.81 48.71 20.21
N ILE K 376 10.75 49.49 19.94
CA ILE K 376 10.83 50.71 19.14
C ILE K 376 10.58 51.90 20.06
N ALA K 377 10.76 53.10 19.51
CA ALA K 377 10.67 54.31 20.32
C ALA K 377 9.64 55.27 19.73
N ARG K 378 8.87 55.89 20.62
CA ARG K 378 7.91 56.91 20.24
C ARG K 378 7.92 58.02 21.28
N LEU K 379 7.53 59.22 20.86
CA LEU K 379 7.56 60.39 21.73
C LEU K 379 6.67 61.47 21.14
N ASP K 380 5.79 62.03 21.99
CA ASP K 380 4.84 63.03 21.52
C ASP K 380 4.89 64.31 22.34
N LYS K 381 5.09 64.20 23.65
CA LYS K 381 5.00 65.37 24.53
C LYS K 381 6.14 66.35 24.30
N ASP K 382 7.33 65.82 23.95
CA ASP K 382 8.48 66.69 23.75
C ASP K 382 8.35 67.52 22.48
N LEU K 383 7.53 67.04 21.53
CA LEU K 383 7.40 67.74 20.25
C LEU K 383 6.80 69.13 20.43
N LYS K 384 5.82 69.26 21.33
CA LYS K 384 5.20 70.56 21.57
C LYS K 384 6.21 71.55 22.14
N ILE K 385 6.98 71.12 23.15
CA ILE K 385 7.92 72.04 23.77
C ILE K 385 9.06 72.36 22.82
N ARG K 386 9.43 71.44 21.93
CA ARG K 386 10.54 71.75 21.04
C ARG K 386 10.08 72.57 19.84
N LEU K 387 8.81 72.46 19.46
CA LEU K 387 8.23 73.44 18.55
C LEU K 387 8.20 74.82 19.21
N HIS K 388 7.92 74.87 20.52
CA HIS K 388 8.01 76.14 21.25
C HIS K 388 9.43 76.70 21.18
N LEU K 389 10.42 75.84 21.40
CA LEU K 389 11.82 76.29 21.38
C LEU K 389 12.25 76.71 19.98
N LEU K 390 11.75 76.03 18.94
CA LEU K 390 12.07 76.45 17.58
C LEU K 390 11.69 77.89 17.33
N GLU K 391 10.56 78.34 17.88
CA GLU K 391 10.06 79.69 17.71
C GLU K 391 10.35 80.59 18.91
N LYS K 392 11.17 80.12 19.85
CA LYS K 392 11.46 80.90 21.07
C LYS K 392 12.59 81.90 20.77
N GLU K 393 12.28 82.83 19.87
CA GLU K 393 13.18 83.94 19.52
C GLU K 393 14.56 83.44 19.11
N LEU K 394 14.60 82.34 18.38
CA LEU K 394 15.86 81.79 17.87
C LEU K 394 16.06 82.11 16.39
N THR K 395 15.63 83.30 15.94
CA THR K 395 15.84 83.70 14.57
C THR K 395 17.30 84.00 14.25
N ASP K 396 18.16 84.07 15.28
CA ASP K 396 19.57 84.32 15.04
C ASP K 396 20.23 83.17 14.28
N HIS K 397 19.69 81.96 14.41
CA HIS K 397 20.22 80.82 13.67
C HIS K 397 20.10 81.07 12.18
N LYS K 398 21.17 80.79 11.44
CA LYS K 398 21.29 81.17 10.04
C LYS K 398 22.25 80.22 9.37
N PHE K 399 21.72 79.32 8.54
CA PHE K 399 22.56 78.40 7.78
C PHE K 399 22.33 78.57 6.29
N VAL K 400 23.40 78.45 5.52
CA VAL K 400 23.47 78.93 4.14
C VAL K 400 23.90 77.80 3.23
N ILE K 401 23.20 77.64 2.12
CA ILE K 401 23.52 76.69 1.07
C ILE K 401 24.12 77.48 -0.10
N LEU K 402 25.34 77.16 -0.49
CA LEU K 402 25.96 77.84 -1.61
C LEU K 402 25.40 77.33 -2.93
N GLY K 403 25.64 78.10 -3.99
CA GLY K 403 25.29 77.64 -5.33
C GLY K 403 26.06 76.39 -5.69
N ALA K 404 25.36 75.43 -6.27
CA ALA K 404 25.96 74.14 -6.58
C ALA K 404 26.96 74.26 -7.73
N ASN K 405 27.81 73.24 -7.84
CA ASN K 405 28.79 73.12 -8.92
C ASN K 405 29.77 74.28 -8.91
N LEU K 406 30.56 74.40 -7.84
CA LEU K 406 31.62 75.40 -7.74
C LEU K 406 32.96 74.71 -8.01
N PHE K 407 33.76 75.29 -8.90
CA PHE K 407 35.01 74.68 -9.35
C PHE K 407 36.18 75.29 -8.60
N LEU K 408 36.96 74.43 -7.92
CA LEU K 408 38.13 74.92 -7.18
C LEU K 408 39.30 75.22 -8.10
N ASP K 409 39.43 74.47 -9.21
CA ASP K 409 40.58 74.67 -10.09
C ASP K 409 40.51 76.02 -10.80
N ASP K 410 39.30 76.50 -11.09
CA ASP K 410 39.16 77.83 -11.68
C ASP K 410 39.58 78.90 -10.69
N LEU K 411 40.17 79.97 -11.21
CA LEU K 411 40.68 81.04 -10.34
C LEU K 411 39.59 82.06 -10.01
N LYS K 412 38.76 82.40 -11.00
CA LYS K 412 37.68 83.36 -10.75
C LYS K 412 36.71 82.86 -9.70
N ILE K 413 36.41 81.56 -9.73
CA ILE K 413 35.53 80.98 -8.72
C ILE K 413 36.15 81.12 -7.34
N MET K 414 37.46 80.87 -7.22
CA MET K 414 38.13 81.01 -5.93
C MET K 414 38.10 82.45 -5.43
N THR K 415 38.32 83.41 -6.34
CA THR K 415 38.24 84.81 -5.94
C THR K 415 36.84 85.19 -5.49
N ALA K 416 35.82 84.73 -6.20
CA ALA K 416 34.44 85.02 -5.81
C ALA K 416 34.13 84.39 -4.46
N LEU K 417 34.60 83.16 -4.22
CA LEU K 417 34.40 82.52 -2.93
C LEU K 417 35.09 83.29 -1.80
N SER K 418 36.29 83.82 -2.07
CA SER K 418 36.96 84.65 -1.08
C SER K 418 36.15 85.91 -0.77
N LYS K 419 35.63 86.57 -1.81
CA LYS K 419 34.78 87.75 -1.58
C LYS K 419 33.52 87.40 -0.80
N ILE K 420 32.92 86.24 -1.06
CA ILE K 420 31.73 85.82 -0.33
C ILE K 420 32.04 85.52 1.13
N LEU K 421 33.12 84.78 1.38
CA LEU K 421 33.51 84.51 2.77
C LEU K 421 33.89 85.79 3.50
N GLN K 422 34.33 86.81 2.77
CA GLN K 422 34.59 88.11 3.39
C GLN K 422 33.35 88.62 4.12
N LYS K 423 32.18 88.54 3.48
CA LYS K 423 30.95 88.97 4.12
C LYS K 423 30.46 87.94 5.13
N LEU K 424 30.64 86.65 4.83
CA LEU K 424 30.20 85.61 5.76
C LEU K 424 30.94 85.70 7.09
N ASN K 425 32.16 86.25 7.09
CA ASN K 425 32.91 86.40 8.32
C ASN K 425 32.22 87.33 9.30
N ASP K 426 31.58 88.39 8.78
CA ASP K 426 30.92 89.38 9.62
C ASP K 426 29.86 88.76 10.52
N ASP K 427 28.93 88.01 9.93
CA ASP K 427 27.92 87.27 10.69
C ASP K 427 28.06 85.80 10.37
N PRO K 428 28.72 85.02 11.21
CA PRO K 428 29.01 83.62 10.88
C PRO K 428 27.73 82.81 10.79
N PRO K 429 27.53 82.10 9.68
CA PRO K 429 26.35 81.23 9.56
C PRO K 429 26.40 80.09 10.57
N THR K 430 25.21 79.64 10.97
CA THR K 430 25.12 78.50 11.87
C THR K 430 25.67 77.24 11.20
N LEU K 431 25.26 76.99 9.96
CA LEU K 431 25.83 75.92 9.14
C LEU K 431 26.12 76.48 7.76
N LEU K 432 27.16 75.97 7.13
CA LEU K 432 27.55 76.38 5.78
C LEU K 432 27.73 75.11 4.95
N ILE K 433 26.90 74.95 3.92
CA ILE K 433 26.89 73.72 3.14
C ILE K 433 27.57 73.99 1.80
N TRP K 434 28.78 73.44 1.63
CA TRP K 434 29.48 73.48 0.35
C TRP K 434 29.06 72.26 -0.47
N GLN K 435 28.48 72.49 -1.62
CA GLN K 435 27.84 71.47 -2.43
C GLN K 435 28.39 71.54 -3.85
N GLY K 436 28.09 70.51 -4.65
CA GLY K 436 28.47 70.48 -6.04
C GLY K 436 29.81 69.80 -6.26
N SER K 437 30.12 69.56 -7.52
CA SER K 437 31.39 68.95 -7.87
C SER K 437 32.53 69.92 -7.59
N PHE K 438 33.57 69.43 -6.91
CA PHE K 438 34.72 70.25 -6.54
C PHE K 438 35.80 70.24 -7.61
N THR K 439 35.56 69.57 -8.73
CA THR K 439 36.52 69.55 -9.83
C THR K 439 35.77 69.78 -11.14
N SER K 440 36.43 70.47 -12.07
CA SER K 440 35.83 70.75 -13.37
C SER K 440 36.08 69.65 -14.39
N VAL K 441 36.89 68.65 -14.06
CA VAL K 441 37.17 67.53 -14.95
C VAL K 441 37.13 66.24 -14.11
N PRO K 442 36.54 65.17 -14.61
CA PRO K 442 36.61 63.88 -13.90
C PRO K 442 38.05 63.45 -13.69
N VAL K 443 38.31 62.86 -12.53
CA VAL K 443 39.65 62.38 -12.17
C VAL K 443 39.66 60.86 -12.33
N PHE K 444 40.50 60.37 -13.23
CA PHE K 444 40.63 58.94 -13.47
C PHE K 444 42.10 58.51 -13.43
N ALA K 445 42.38 57.27 -13.87
CA ALA K 445 43.66 56.63 -13.59
C ALA K 445 44.83 57.44 -14.14
N SER K 446 44.60 58.19 -15.23
CA SER K 446 45.60 59.11 -15.77
C SER K 446 46.91 58.41 -16.09
N MET K 447 46.91 57.56 -17.13
CA MET K 447 48.07 56.76 -17.46
C MET K 447 49.31 57.60 -17.72
N SER K 448 49.12 58.80 -18.27
CA SER K 448 50.28 59.64 -18.57
C SER K 448 50.82 60.27 -17.28
N SER K 449 52.10 60.01 -16.99
CA SER K 449 52.77 60.53 -15.80
C SER K 449 53.74 61.65 -16.11
N ARG K 450 53.78 62.11 -17.37
CA ARG K 450 54.61 63.26 -17.70
C ARG K 450 54.16 64.49 -16.93
N ASN K 451 52.85 64.72 -16.87
CA ASN K 451 52.28 65.76 -16.04
C ASN K 451 52.03 65.22 -14.64
N ILE K 452 51.58 66.11 -13.75
CA ILE K 452 51.27 65.70 -12.38
C ILE K 452 49.96 64.95 -12.35
N SER K 453 49.87 63.95 -11.48
CA SER K 453 48.71 63.06 -11.46
C SER K 453 47.45 63.82 -11.05
N SER K 454 46.31 63.37 -11.59
CA SER K 454 45.03 63.99 -11.30
C SER K 454 44.57 63.78 -9.87
N SER K 455 44.96 62.69 -9.22
CA SER K 455 44.67 62.50 -7.81
C SER K 455 45.50 63.45 -6.95
N THR K 456 46.77 63.63 -7.30
CA THR K 456 47.59 64.62 -6.63
C THR K 456 47.07 66.03 -6.89
N GLN K 457 46.57 66.29 -8.10
CA GLN K 457 45.93 67.58 -8.38
C GLN K 457 44.66 67.77 -7.55
N PHE K 458 43.87 66.71 -7.39
CA PHE K 458 42.72 66.76 -6.50
C PHE K 458 43.14 67.10 -5.08
N LYS K 459 44.23 66.49 -4.61
CA LYS K 459 44.74 66.81 -3.28
C LYS K 459 45.17 68.27 -3.18
N ASN K 460 45.89 68.75 -4.20
CA ASN K 460 46.41 70.11 -4.16
C ASN K 460 45.30 71.14 -4.18
N ASN K 461 44.24 70.89 -4.96
CA ASN K 461 43.10 71.80 -5.01
C ASN K 461 42.35 71.88 -3.69
N PHE K 462 42.48 70.87 -2.83
CA PHE K 462 41.91 70.92 -1.48
C PHE K 462 42.89 71.48 -0.47
N ASP K 463 44.11 71.82 -0.88
CA ASP K 463 45.06 72.50 -0.01
C ASP K 463 45.00 74.02 -0.11
N ALA K 464 44.54 74.55 -1.25
CA ALA K 464 44.34 75.99 -1.36
C ALA K 464 43.16 76.44 -0.50
N LEU K 465 42.17 75.56 -0.30
CA LEU K 465 41.06 75.89 0.58
C LEU K 465 41.54 76.22 1.98
N ALA K 466 42.55 75.49 2.47
CA ALA K 466 43.09 75.78 3.80
C ALA K 466 43.66 77.18 3.86
N THR K 467 44.42 77.58 2.83
CA THR K 467 45.00 78.92 2.81
C THR K 467 43.90 79.99 2.76
N LEU K 468 42.88 79.79 1.93
CA LEU K 468 41.83 80.79 1.81
C LEU K 468 40.94 80.83 3.04
N LEU K 469 40.89 79.73 3.80
CA LEU K 469 39.98 79.66 4.93
C LEU K 469 40.65 80.08 6.24
N SER K 470 41.98 79.91 6.33
CA SER K 470 42.67 80.20 7.59
C SER K 470 42.64 81.69 7.91
N ARG K 471 42.43 82.54 6.90
CA ARG K 471 42.38 83.97 7.13
C ARG K 471 41.22 84.35 8.05
N PHE K 472 40.07 83.73 7.86
CA PHE K 472 38.83 84.13 8.52
C PHE K 472 38.64 83.28 9.76
N ASP K 473 39.13 83.78 10.90
CA ASP K 473 39.20 82.99 12.12
C ASP K 473 37.82 82.78 12.75
N ASN K 474 36.95 83.79 12.72
CA ASN K 474 35.65 83.65 13.35
C ASN K 474 34.80 82.60 12.66
N LEU K 475 34.83 82.58 11.32
CA LEU K 475 34.08 81.58 10.57
C LEU K 475 34.55 80.17 10.94
N THR K 476 35.85 80.00 11.16
CA THR K 476 36.34 78.73 11.69
C THR K 476 35.79 78.47 13.09
N GLU K 477 35.79 79.51 13.94
CA GLU K 477 35.52 79.30 15.35
C GLU K 477 34.08 78.89 15.62
N ASN K 478 33.11 79.58 15.00
CA ASN K 478 31.71 79.31 15.32
C ASN K 478 30.86 79.02 14.09
N THR K 479 31.31 78.14 13.20
CA THR K 479 30.52 77.69 12.06
C THR K 479 30.87 76.25 11.73
N THR K 480 29.83 75.46 11.44
CA THR K 480 29.97 74.06 11.05
C THR K 480 29.73 73.94 9.55
N MET K 481 30.63 73.26 8.87
CA MET K 481 30.58 73.13 7.41
C MET K 481 30.20 71.71 7.03
N ILE K 482 29.35 71.60 6.01
CA ILE K 482 28.83 70.31 5.53
C ILE K 482 29.26 70.17 4.07
N PHE K 483 29.93 69.07 3.76
CA PHE K 483 30.50 68.85 2.43
C PHE K 483 29.65 67.83 1.68
N ILE K 484 29.12 68.26 0.53
CA ILE K 484 28.31 67.42 -0.35
C ILE K 484 29.16 67.05 -1.56
N PRO K 485 29.18 65.78 -1.98
CA PRO K 485 29.98 65.41 -3.16
C PRO K 485 29.29 65.77 -4.46
N GLY K 486 29.88 65.38 -5.58
CA GLY K 486 29.32 65.65 -6.89
C GLY K 486 29.71 64.58 -7.89
N PRO K 487 29.27 64.75 -9.14
CA PRO K 487 29.53 63.72 -10.16
C PRO K 487 31.01 63.46 -10.43
N ASN K 488 31.86 64.47 -10.34
CA ASN K 488 33.25 64.36 -10.76
C ASN K 488 34.23 64.16 -9.61
N ASP K 489 33.73 63.77 -8.44
CA ASP K 489 34.62 63.53 -7.31
C ASP K 489 35.41 62.25 -7.52
N LEU K 490 36.18 61.87 -6.49
CA LEU K 490 37.28 60.93 -6.70
C LEU K 490 36.81 59.55 -7.09
N TRP K 491 36.07 58.87 -6.20
CA TRP K 491 35.87 57.44 -6.40
C TRP K 491 34.91 57.14 -7.55
N GLY K 492 33.82 57.90 -7.64
CA GLY K 492 32.85 57.64 -8.69
C GLY K 492 33.42 57.85 -10.07
N SER K 493 34.11 58.96 -10.28
CA SER K 493 34.66 59.28 -11.59
C SER K 493 35.70 58.27 -12.04
N MET K 494 36.24 57.47 -11.13
CA MET K 494 37.18 56.42 -11.52
C MET K 494 36.50 55.36 -12.38
N VAL K 495 35.19 55.25 -12.29
CA VAL K 495 34.43 54.26 -13.06
C VAL K 495 33.47 54.93 -14.05
N SER K 496 32.66 55.88 -13.56
CA SER K 496 31.66 56.49 -14.42
C SER K 496 32.28 57.49 -15.39
N LEU K 497 33.51 57.92 -15.13
CA LEU K 497 34.22 58.90 -15.97
C LEU K 497 33.42 60.18 -16.17
N GLY K 498 32.80 60.68 -15.11
CA GLY K 498 31.99 61.89 -15.19
C GLY K 498 30.51 61.66 -15.35
N ALA K 499 30.10 60.48 -15.78
CA ALA K 499 28.68 60.18 -15.87
C ALA K 499 28.09 59.98 -14.47
N SER K 500 26.77 59.90 -14.41
CA SER K 500 26.07 59.71 -13.14
C SER K 500 25.68 58.25 -12.99
N GLY K 501 26.10 57.64 -11.88
CA GLY K 501 25.86 56.23 -11.65
C GLY K 501 25.06 55.92 -10.41
N THR K 502 25.65 55.16 -9.49
CA THR K 502 24.95 54.74 -8.28
C THR K 502 24.54 55.93 -7.44
N LEU K 503 23.31 55.90 -6.92
CA LEU K 503 22.75 57.02 -6.18
C LEU K 503 23.40 57.18 -4.81
N PRO K 504 23.54 56.12 -4.00
CA PRO K 504 24.27 56.28 -2.74
C PRO K 504 25.76 56.48 -3.01
N GLN K 505 26.21 57.73 -2.86
CA GLN K 505 27.58 58.09 -3.15
C GLN K 505 28.31 58.38 -1.84
N ASP K 506 29.41 57.68 -1.63
CA ASP K 506 30.20 57.73 -0.40
C ASP K 506 30.91 59.07 -0.28
N PRO K 507 31.22 59.48 0.96
CA PRO K 507 31.90 60.77 1.15
C PRO K 507 33.28 60.80 0.53
N ILE K 508 33.84 62.01 0.44
CA ILE K 508 35.19 62.19 -0.08
C ILE K 508 36.18 61.49 0.84
N PRO K 509 37.19 60.79 0.31
CA PRO K 509 38.13 60.07 1.18
C PRO K 509 38.88 61.02 2.10
N SER K 510 39.13 60.58 3.33
CA SER K 510 39.85 61.40 4.29
C SER K 510 41.34 61.46 4.01
N ALA K 511 41.84 60.61 3.10
CA ALA K 511 43.28 60.58 2.83
C ALA K 511 43.73 61.82 2.07
N PHE K 512 42.96 62.24 1.06
CA PHE K 512 43.41 63.34 0.21
C PHE K 512 42.97 64.69 0.76
N THR K 513 42.15 64.69 1.81
CA THR K 513 41.78 65.91 2.51
C THR K 513 42.00 65.69 4.01
N LYS K 514 43.12 66.20 4.52
CA LYS K 514 43.54 65.92 5.88
C LYS K 514 43.65 67.15 6.78
N LYS K 515 44.25 68.24 6.30
CA LYS K 515 44.46 69.41 7.15
C LYS K 515 43.38 70.47 7.04
N ILE K 516 42.33 70.22 6.25
CA ILE K 516 41.17 71.11 6.31
C ILE K 516 40.37 70.84 7.58
N ASN K 517 40.57 69.66 8.18
CA ASN K 517 39.95 69.37 9.47
C ASN K 517 40.65 70.15 10.58
N LYS K 518 41.90 70.55 10.34
CA LYS K 518 42.63 71.32 11.34
C LYS K 518 42.33 72.80 11.23
N VAL K 519 42.38 73.35 10.01
CA VAL K 519 42.20 74.78 9.83
C VAL K 519 40.78 75.20 10.21
N CYS K 520 39.81 74.33 9.96
CA CYS K 520 38.43 74.59 10.37
C CYS K 520 38.09 73.75 11.59
N LYS K 521 37.13 74.24 12.38
CA LYS K 521 36.80 73.60 13.65
C LYS K 521 35.81 72.46 13.44
N ASN K 522 34.66 72.76 12.86
CA ASN K 522 33.64 71.74 12.63
C ASN K 522 33.43 71.53 11.14
N VAL K 523 33.85 70.38 10.64
CA VAL K 523 33.68 69.99 9.25
C VAL K 523 33.15 68.56 9.21
N VAL K 524 32.09 68.33 8.45
CA VAL K 524 31.52 67.00 8.28
C VAL K 524 31.36 66.71 6.80
N TRP K 525 31.91 65.57 6.36
CA TRP K 525 31.71 65.06 5.01
C TRP K 525 30.47 64.19 4.99
N SER K 526 29.63 64.36 3.98
CA SER K 526 28.37 63.63 3.94
C SER K 526 28.12 63.08 2.55
N SER K 527 27.27 62.06 2.49
CA SER K 527 26.95 61.39 1.23
C SER K 527 26.15 62.32 0.32
N ASN K 528 25.87 61.83 -0.88
CA ASN K 528 25.08 62.65 -1.81
C ASN K 528 23.65 62.87 -1.32
N PRO K 529 22.87 61.84 -0.95
CA PRO K 529 21.64 62.11 -0.19
C PRO K 529 21.92 62.06 1.30
N THR K 530 21.60 63.13 2.04
CA THR K 530 21.80 63.14 3.48
C THR K 530 20.60 63.77 4.17
N ARG K 531 20.54 63.60 5.49
CA ARG K 531 19.42 64.08 6.28
C ARG K 531 19.92 64.88 7.47
N ILE K 532 19.67 66.19 7.45
CA ILE K 532 19.99 67.07 8.56
C ILE K 532 18.82 67.07 9.52
N ALA K 533 19.05 66.57 10.73
CA ALA K 533 18.04 66.56 11.78
C ALA K 533 18.31 67.73 12.71
N TYR K 534 17.48 68.77 12.61
CA TYR K 534 17.61 69.98 13.41
C TYR K 534 16.36 70.12 14.28
N LEU K 535 16.50 69.81 15.56
CA LEU K 535 15.41 69.89 16.52
C LEU K 535 14.20 69.12 15.99
N SER K 536 13.05 69.78 15.86
CA SER K 536 11.87 69.14 15.29
C SER K 536 11.76 69.40 13.79
N GLN K 537 12.85 69.18 13.05
CA GLN K 537 12.86 69.42 11.62
C GLN K 537 13.80 68.42 10.97
N GLU K 538 13.41 67.95 9.78
CA GLU K 538 14.21 67.04 8.96
C GLU K 538 14.37 67.66 7.58
N ILE K 539 15.61 67.81 7.14
CA ILE K 539 15.93 68.40 5.85
C ILE K 539 16.72 67.36 5.04
N VAL K 540 16.46 67.29 3.74
CA VAL K 540 17.09 66.30 2.88
C VAL K 540 17.96 67.03 1.85
N ILE K 541 19.21 66.61 1.76
CA ILE K 541 20.19 67.18 0.82
C ILE K 541 20.37 66.17 -0.31
N PHE K 542 20.11 66.62 -1.54
CA PHE K 542 20.21 65.80 -2.74
C PHE K 542 20.77 66.65 -3.87
N ARG K 543 21.72 66.10 -4.61
CA ARG K 543 22.41 66.83 -5.69
C ARG K 543 22.45 65.96 -6.95
N ASP K 544 21.63 66.31 -7.93
CA ASP K 544 21.70 65.71 -9.25
C ASP K 544 20.91 66.57 -10.23
N ASP K 545 21.06 66.26 -11.52
CA ASP K 545 20.33 66.95 -12.58
C ASP K 545 19.06 66.16 -12.88
N LEU K 546 17.93 66.63 -12.36
CA LEU K 546 16.65 65.95 -12.53
C LEU K 546 15.88 66.42 -13.76
N SER K 547 15.88 67.73 -14.04
CA SER K 547 15.11 68.27 -15.16
C SER K 547 15.55 67.72 -16.51
N GLY K 548 16.85 67.61 -16.74
CA GLY K 548 17.31 67.07 -18.01
C GLY K 548 16.83 65.64 -18.23
N ARG K 549 16.94 64.81 -17.20
CA ARG K 549 16.53 63.41 -17.33
C ARG K 549 15.02 63.28 -17.46
N PHE K 550 14.25 64.11 -16.76
CA PHE K 550 12.81 64.14 -17.00
C PHE K 550 12.49 64.52 -18.44
N LYS K 551 13.12 65.58 -18.95
CA LYS K 551 12.80 66.04 -20.30
C LYS K 551 13.19 65.00 -21.34
N ARG K 552 14.34 64.35 -21.17
CA ARG K 552 14.80 63.40 -22.17
C ARG K 552 13.90 62.16 -22.23
N HIS K 553 13.42 61.70 -21.08
CA HIS K 553 12.65 60.45 -21.00
C HIS K 553 11.21 60.79 -20.62
N ARG K 554 10.34 60.92 -21.62
CA ARG K 554 8.92 61.11 -21.42
C ARG K 554 8.16 60.10 -22.28
N LEU K 555 6.92 59.82 -21.87
CA LEU K 555 6.13 58.82 -22.58
C LEU K 555 5.73 59.30 -23.97
N GLU K 556 5.53 60.61 -24.14
CA GLU K 556 5.21 61.20 -25.44
C GLU K 556 3.94 60.61 -26.04
N PHE K 557 2.82 60.91 -25.38
CA PHE K 557 1.51 60.39 -25.76
C PHE K 557 1.18 60.78 -27.20
N PRO K 558 0.75 59.83 -28.03
CA PRO K 558 0.20 60.22 -29.34
C PRO K 558 -1.06 61.05 -29.16
N PHE K 559 -1.00 62.31 -29.60
CA PHE K 559 -2.11 63.23 -29.45
C PHE K 559 -2.74 63.53 -30.80
N GLN K 594 6.94 81.52 -17.40
CA GLN K 594 6.23 80.38 -17.98
C GLN K 594 7.03 79.10 -17.83
N LYS K 595 8.36 79.23 -17.89
CA LYS K 595 9.24 78.09 -17.70
C LYS K 595 9.21 77.57 -16.26
N VAL K 596 8.71 78.37 -15.32
CA VAL K 596 8.59 77.92 -13.93
C VAL K 596 7.54 76.84 -13.74
N GLN K 597 6.68 76.62 -14.75
CA GLN K 597 5.73 75.52 -14.67
C GLN K 597 6.45 74.18 -14.59
N GLU K 598 7.57 74.05 -15.29
CA GLU K 598 8.39 72.85 -15.21
C GLU K 598 8.86 72.57 -13.78
N THR K 599 9.19 73.62 -13.03
CA THR K 599 9.59 73.44 -11.64
C THR K 599 8.46 72.84 -10.80
N ARG K 600 7.24 73.37 -10.97
CA ARG K 600 6.09 72.82 -10.25
C ARG K 600 5.82 71.38 -10.67
N LYS K 601 5.95 71.07 -11.97
CA LYS K 601 5.76 69.71 -12.43
C LYS K 601 6.77 68.76 -11.78
N LEU K 602 8.05 69.16 -11.77
CA LEU K 602 9.09 68.35 -11.16
C LEU K 602 8.81 68.13 -9.68
N VAL K 603 8.44 69.19 -8.97
CA VAL K 603 8.16 69.08 -7.55
C VAL K 603 7.00 68.13 -7.30
N LYS K 604 5.93 68.26 -8.08
CA LYS K 604 4.76 67.43 -7.88
C LYS K 604 5.07 65.96 -8.15
N THR K 605 5.81 65.67 -9.22
CA THR K 605 6.17 64.27 -9.47
C THR K 605 7.03 63.70 -8.35
N ILE K 606 8.08 64.44 -7.96
CA ILE K 606 8.99 63.93 -6.94
C ILE K 606 8.25 63.70 -5.63
N LEU K 607 7.29 64.58 -5.31
CA LEU K 607 6.63 64.50 -4.01
C LEU K 607 5.51 63.47 -4.01
N ASP K 608 4.77 63.34 -5.11
CA ASP K 608 3.69 62.36 -5.17
C ASP K 608 4.22 60.95 -5.29
N GLN K 609 5.31 60.76 -6.04
CA GLN K 609 5.88 59.42 -6.13
C GLN K 609 6.56 58.99 -4.85
N GLY K 610 6.85 59.91 -3.93
CA GLY K 610 7.40 59.58 -2.63
C GLY K 610 8.78 58.95 -2.72
N HIS K 611 9.46 59.16 -3.83
CA HIS K 611 10.77 58.57 -4.07
C HIS K 611 11.60 59.54 -4.88
N LEU K 612 12.91 59.57 -4.58
CA LEU K 612 13.83 60.46 -5.26
C LEU K 612 14.36 59.88 -6.56
N SER K 613 14.04 58.63 -6.88
CA SER K 613 14.52 57.97 -8.10
C SER K 613 13.35 57.28 -8.78
N PRO K 614 12.50 58.03 -9.50
CA PRO K 614 11.40 57.44 -10.27
C PRO K 614 11.87 56.82 -11.57
N PHE K 615 12.94 56.02 -11.51
CA PHE K 615 13.59 55.48 -12.69
C PHE K 615 13.91 54.00 -12.46
N LEU K 616 13.99 53.27 -13.56
CA LEU K 616 14.33 51.86 -13.49
C LEU K 616 15.80 51.68 -13.12
N ASP K 617 16.16 50.43 -12.79
CA ASP K 617 17.55 50.13 -12.49
C ASP K 617 18.45 50.32 -13.71
N SER K 618 17.86 50.36 -14.91
CA SER K 618 18.66 50.56 -16.11
C SER K 618 19.24 51.97 -16.17
N LEU K 619 18.41 52.99 -15.94
CA LEU K 619 18.89 54.37 -16.02
C LEU K 619 19.86 54.69 -14.89
N ARG K 620 19.52 54.29 -13.67
CA ARG K 620 20.42 54.54 -12.55
C ARG K 620 20.49 53.33 -11.65
N PRO K 621 21.63 52.67 -11.55
CA PRO K 621 21.78 51.58 -10.58
C PRO K 621 21.66 52.10 -9.15
N ILE K 622 21.17 51.25 -8.27
CA ILE K 622 20.95 51.60 -6.88
C ILE K 622 21.51 50.50 -5.99
N SER K 623 22.19 50.90 -4.93
CA SER K 623 22.63 49.96 -3.91
C SER K 623 21.40 49.31 -3.28
N TRP K 624 21.39 47.97 -3.24
CA TRP K 624 20.16 47.26 -2.91
C TRP K 624 19.71 47.51 -1.47
N ASP K 625 20.64 47.49 -0.53
CA ASP K 625 20.26 47.61 0.87
C ASP K 625 20.13 49.05 1.36
N LEU K 626 20.44 50.03 0.52
CA LEU K 626 20.40 51.43 0.91
C LEU K 626 19.23 52.18 0.27
N ASP K 627 18.33 51.46 -0.41
CA ASP K 627 17.22 52.07 -1.10
C ASP K 627 16.29 52.84 -0.17
N HIS K 628 16.22 52.45 1.11
CA HIS K 628 15.36 53.17 2.05
C HIS K 628 15.82 54.62 2.21
N THR K 629 17.09 54.89 1.91
CA THR K 629 17.58 56.27 1.97
C THR K 629 16.88 57.16 0.96
N LEU K 630 16.38 56.60 -0.13
CA LEU K 630 15.83 57.36 -1.24
C LEU K 630 14.31 57.37 -1.26
N THR K 631 13.65 56.80 -0.25
CA THR K 631 12.19 56.69 -0.22
C THR K 631 11.64 57.70 0.77
N LEU K 632 10.80 58.62 0.28
CA LEU K 632 10.19 59.65 1.11
C LEU K 632 8.73 59.27 1.39
N CYS K 633 8.55 58.34 2.32
CA CYS K 633 7.19 58.03 2.71
C CYS K 633 6.67 59.11 3.65
N PRO K 634 7.43 59.52 4.69
CA PRO K 634 7.10 60.77 5.38
C PRO K 634 7.73 61.94 4.64
N ILE K 635 6.90 62.88 4.19
CA ILE K 635 7.42 64.00 3.41
C ILE K 635 8.32 64.86 4.29
N PRO K 636 9.55 65.16 3.88
CA PRO K 636 10.42 66.01 4.70
C PRO K 636 9.85 67.41 4.83
N SER K 637 10.14 68.03 5.98
CA SER K 637 9.66 69.40 6.22
C SER K 637 10.32 70.39 5.26
N THR K 638 11.61 70.24 5.02
CA THR K 638 12.36 71.14 4.14
C THR K 638 13.20 70.30 3.21
N MET K 639 13.25 70.71 1.93
CA MET K 639 13.91 69.93 0.89
C MET K 639 14.95 70.80 0.20
N VAL K 640 16.16 70.25 0.05
CA VAL K 640 17.21 70.88 -0.74
C VAL K 640 17.36 70.09 -2.03
N LEU K 641 16.88 70.65 -3.15
CA LEU K 641 16.87 69.97 -4.44
C LEU K 641 17.54 70.87 -5.48
N CYS K 642 18.85 70.67 -5.65
CA CYS K 642 19.63 71.52 -6.53
C CYS K 642 19.80 70.87 -7.91
N ASP K 643 19.54 71.64 -8.96
CA ASP K 643 19.66 71.15 -10.33
C ASP K 643 20.21 72.29 -11.19
N THR K 644 21.38 72.08 -11.78
CA THR K 644 21.97 73.11 -12.63
C THR K 644 21.18 73.32 -13.92
N THR K 645 20.40 72.32 -14.33
CA THR K 645 19.60 72.39 -15.55
C THR K 645 18.23 73.01 -15.32
N SER K 646 17.91 73.41 -14.09
CA SER K 646 16.63 74.00 -13.75
C SER K 646 16.84 75.33 -13.05
N ALA K 647 16.02 76.31 -13.38
CA ALA K 647 16.13 77.62 -12.75
C ALA K 647 15.74 77.56 -11.29
N GLN K 648 16.28 78.50 -10.52
CA GLN K 648 15.98 78.57 -9.09
C GLN K 648 14.49 78.84 -8.86
N PHE K 649 13.96 78.25 -7.78
CA PHE K 649 12.56 78.42 -7.45
C PHE K 649 12.39 78.27 -5.94
N ASP K 650 11.16 78.53 -5.48
CA ASP K 650 10.79 78.40 -4.08
C ASP K 650 9.30 78.01 -4.04
N LEU K 651 9.05 76.72 -3.92
CA LEU K 651 7.68 76.23 -3.98
C LEU K 651 7.28 75.57 -2.66
N THR K 652 5.96 75.59 -2.41
CA THR K 652 5.35 74.93 -1.27
C THR K 652 4.37 73.90 -1.78
N TYR K 653 4.22 72.81 -1.03
CA TYR K 653 3.33 71.72 -1.42
C TYR K 653 2.80 71.12 -0.13
N ASN K 654 2.32 69.88 -0.17
CA ASN K 654 1.58 69.31 0.97
C ASN K 654 2.52 69.09 2.15
N GLY K 655 2.74 70.18 2.88
CA GLY K 655 3.45 70.14 4.15
C GLY K 655 4.95 70.30 4.08
N CYS K 656 5.48 70.82 2.99
CA CYS K 656 6.92 70.93 2.80
C CYS K 656 7.29 72.22 2.07
N LYS K 657 8.60 72.42 1.94
CA LYS K 657 9.17 73.56 1.23
C LYS K 657 10.32 73.07 0.38
N VAL K 658 10.33 73.44 -0.90
CA VAL K 658 11.36 72.98 -1.84
C VAL K 658 12.10 74.19 -2.37
N ILE K 659 13.42 74.21 -2.18
CA ILE K 659 14.27 75.29 -2.65
C ILE K 659 15.28 74.72 -3.64
N ASN K 660 15.70 75.54 -4.60
CA ASN K 660 16.63 75.09 -5.64
C ASN K 660 17.82 76.04 -5.76
N PRO K 661 18.86 75.88 -4.97
CA PRO K 661 20.14 76.52 -5.32
C PRO K 661 20.73 75.86 -6.56
N GLY K 662 21.46 76.64 -7.35
CA GLY K 662 22.08 76.07 -8.52
C GLY K 662 22.95 77.05 -9.29
N SER K 663 23.91 76.53 -10.06
CA SER K 663 24.73 77.34 -10.95
C SER K 663 25.44 78.44 -10.18
N PHE K 664 26.38 78.06 -9.31
CA PHE K 664 27.09 79.01 -8.45
C PHE K 664 27.45 80.29 -9.19
N ILE K 665 27.98 80.16 -10.40
CA ILE K 665 28.31 81.32 -11.24
C ILE K 665 27.43 81.28 -12.48
N HIS K 666 26.87 82.42 -12.85
CA HIS K 666 26.00 82.54 -14.02
C HIS K 666 25.96 83.99 -14.47
N ASN K 667 26.21 84.22 -15.76
CA ASN K 667 26.19 85.55 -16.35
C ASN K 667 27.12 86.50 -15.59
N ARG K 668 28.34 86.04 -15.33
CA ARG K 668 29.36 86.77 -14.57
C ARG K 668 28.91 87.11 -13.16
N ARG K 669 27.90 86.41 -12.66
CA ARG K 669 27.33 86.67 -11.34
C ARG K 669 27.44 85.43 -10.47
N ALA K 670 27.91 85.61 -9.24
CA ALA K 670 28.01 84.53 -8.28
C ALA K 670 26.93 84.68 -7.22
N ARG K 671 26.05 83.68 -7.14
CA ARG K 671 24.86 83.75 -6.31
C ARG K 671 24.90 82.67 -5.23
N TYR K 672 24.35 83.00 -4.07
CA TYR K 672 24.18 82.07 -2.96
C TYR K 672 23.01 82.53 -2.12
N MET K 673 22.22 81.58 -1.63
CA MET K 673 20.96 81.89 -0.99
C MET K 673 21.01 81.51 0.48
N GLU K 674 20.24 82.26 1.28
CA GLU K 674 20.09 82.04 2.70
C GLU K 674 18.69 81.51 3.00
N TYR K 675 18.60 80.62 3.99
CA TYR K 675 17.32 80.12 4.46
C TYR K 675 17.34 80.04 5.98
N VAL K 676 16.20 80.37 6.58
CA VAL K 676 16.04 80.48 8.02
C VAL K 676 15.02 79.44 8.46
N PRO K 677 15.24 78.73 9.58
CA PRO K 677 14.27 77.72 10.02
C PRO K 677 12.88 78.25 10.31
N SER K 678 12.71 79.58 10.31
CA SER K 678 11.40 80.19 10.47
C SER K 678 10.70 80.41 9.13
N SER K 679 11.17 79.70 8.08
CA SER K 679 10.51 79.68 6.77
C SER K 679 10.56 81.05 6.08
N LYS K 680 11.72 81.70 6.13
CA LYS K 680 12.02 82.85 5.29
C LYS K 680 13.38 82.64 4.64
N LYS K 681 13.55 83.17 3.43
CA LYS K 681 14.77 82.98 2.67
C LYS K 681 15.22 84.30 2.08
N THR K 682 16.49 84.33 1.64
CA THR K 682 17.08 85.52 1.04
C THR K 682 18.05 85.05 -0.05
N ILE K 683 18.21 85.88 -1.08
CA ILE K 683 19.17 85.62 -2.14
C ILE K 683 20.23 86.73 -2.11
N GLN K 684 21.50 86.32 -2.01
CA GLN K 684 22.59 87.28 -1.88
C GLN K 684 23.55 87.05 -3.03
N GLU K 685 23.85 88.11 -3.76
CA GLU K 685 24.69 88.05 -4.96
C GLU K 685 25.96 88.87 -4.77
N GLU K 686 27.06 88.40 -5.39
CA GLU K 686 28.36 89.12 -5.38
C GLU K 686 29.07 88.95 -6.71
N ILE K 687 28.64 89.62 -7.78
CA ILE K 687 29.30 89.62 -9.12
C ILE K 687 30.51 88.69 -9.13
N THR L 1321 51.47 85.16 -47.34
CA THR L 1321 51.88 84.02 -46.51
C THR L 1321 52.38 84.49 -45.15
N TRP L 1322 51.80 83.93 -44.09
CA TRP L 1322 52.13 84.31 -42.73
C TRP L 1322 52.59 83.08 -41.94
N GLU L 1323 53.56 83.29 -41.06
CA GLU L 1323 54.05 82.26 -40.16
C GLU L 1323 53.50 82.56 -38.76
N VAL L 1324 52.38 81.91 -38.42
CA VAL L 1324 51.79 82.10 -37.11
C VAL L 1324 52.59 81.27 -36.09
N LEU L 1325 52.94 81.89 -34.98
CA LEU L 1325 53.74 81.21 -33.96
C LEU L 1325 52.91 80.68 -32.81
N GLN L 1326 51.99 81.47 -32.26
CA GLN L 1326 51.26 81.03 -31.07
C GLN L 1326 49.83 81.58 -31.15
N TYR L 1327 48.91 80.74 -31.60
CA TYR L 1327 47.49 81.04 -31.47
C TYR L 1327 47.11 81.12 -30.00
N LYS L 1328 46.35 82.15 -29.64
CA LYS L 1328 45.95 82.32 -28.24
C LYS L 1328 44.63 83.07 -28.19
N ASP L 1329 43.70 82.56 -27.39
CA ASP L 1329 42.39 83.18 -27.23
C ASP L 1329 42.39 84.13 -26.04
N SER L 1330 41.22 84.74 -25.79
CA SER L 1330 41.08 85.67 -24.68
C SER L 1330 39.67 85.64 -24.13
N GLY L 1331 39.30 86.63 -23.32
CA GLY L 1331 37.98 86.70 -22.73
C GLY L 1331 36.88 86.87 -23.75
N GLU L 1332 37.10 87.73 -24.74
CA GLU L 1332 36.10 87.97 -25.77
C GLU L 1332 35.94 86.73 -26.65
N PRO L 1333 34.73 86.22 -26.84
CA PRO L 1333 34.55 85.04 -27.68
C PRO L 1333 34.86 85.33 -29.14
N GLY L 1334 35.33 84.29 -29.83
CA GLY L 1334 35.68 84.42 -31.23
C GLY L 1334 36.79 85.41 -31.49
N VAL L 1335 37.77 85.49 -30.59
CA VAL L 1335 38.90 86.39 -30.71
C VAL L 1335 40.16 85.55 -30.49
N LEU L 1336 41.10 85.61 -31.43
CA LEU L 1336 42.34 84.84 -31.36
C LEU L 1336 43.51 85.81 -31.53
N GLU L 1337 44.27 86.02 -30.46
CA GLU L 1337 45.48 86.81 -30.54
C GLU L 1337 46.61 85.96 -31.12
N VAL L 1338 47.24 86.45 -32.18
CA VAL L 1338 48.24 85.68 -32.92
C VAL L 1338 49.55 86.46 -32.89
N PHE L 1339 50.62 85.78 -32.43
CA PHE L 1339 51.97 86.33 -32.51
C PHE L 1339 52.62 85.85 -33.79
N VAL L 1340 52.21 86.47 -34.89
CA VAL L 1340 52.58 86.02 -36.23
C VAL L 1340 53.95 86.58 -36.57
N THR L 1341 54.60 86.03 -37.59
CA THR L 1341 55.88 86.54 -38.07
C THR L 1341 55.73 86.98 -39.53
N ILE L 1342 55.89 88.27 -39.77
CA ILE L 1342 55.89 88.82 -41.11
C ILE L 1342 57.33 88.88 -41.59
N ASN L 1343 57.50 88.98 -42.91
CA ASN L 1343 58.84 88.95 -43.53
C ASN L 1343 59.80 89.89 -42.82
N GLY L 1344 59.30 90.98 -42.26
CA GLY L 1344 60.13 91.84 -41.44
C GLY L 1344 60.51 91.20 -40.12
N LYS L 1345 59.53 91.00 -39.25
CA LYS L 1345 59.81 90.50 -37.90
C LYS L 1345 58.51 89.99 -37.27
N VAL L 1346 58.52 89.74 -35.96
CA VAL L 1346 57.35 89.26 -35.23
C VAL L 1346 56.41 90.44 -35.01
N GLN L 1347 55.10 90.17 -35.07
CA GLN L 1347 54.07 91.18 -34.88
C GLN L 1347 52.84 90.50 -34.31
N ASN L 1348 51.93 91.31 -33.77
CA ASN L 1348 50.70 90.81 -33.15
C ASN L 1348 49.49 91.18 -34.00
N ILE L 1349 48.70 90.16 -34.34
CA ILE L 1349 47.46 90.37 -35.09
C ILE L 1349 46.34 89.60 -34.41
N THR L 1350 45.10 89.84 -34.82
CA THR L 1350 43.94 89.21 -34.20
C THR L 1350 43.03 88.63 -35.26
N PHE L 1351 42.46 87.47 -34.97
CA PHE L 1351 41.54 86.78 -35.85
C PHE L 1351 40.17 86.66 -35.19
N HIS L 1352 39.13 86.68 -36.03
CA HIS L 1352 37.75 86.52 -35.59
C HIS L 1352 37.21 85.23 -36.17
N ILE L 1353 36.67 84.37 -35.31
CA ILE L 1353 36.23 83.03 -35.70
C ILE L 1353 34.77 82.86 -35.28
N PRO L 1354 33.86 82.64 -36.22
CA PRO L 1354 32.47 82.35 -35.84
C PRO L 1354 32.33 80.94 -35.26
N LYS L 1355 31.24 80.73 -34.54
CA LYS L 1355 30.96 79.43 -33.92
C LYS L 1355 29.96 78.65 -34.77
N THR L 1356 30.35 77.44 -35.15
CA THR L 1356 29.50 76.55 -35.92
C THR L 1356 29.02 75.42 -35.04
N ILE L 1357 27.70 75.21 -35.00
CA ILE L 1357 27.08 74.25 -34.10
C ILE L 1357 26.22 73.30 -34.91
N TYR L 1358 26.02 72.10 -34.37
CA TYR L 1358 25.23 71.06 -35.03
C TYR L 1358 23.99 70.77 -34.21
N MET L 1359 22.83 70.99 -34.83
CA MET L 1359 21.52 70.83 -34.18
C MET L 1359 20.83 69.59 -34.71
N LYS L 1360 20.42 68.71 -33.79
CA LYS L 1360 19.38 67.73 -34.09
C LYS L 1360 18.18 68.01 -33.21
N PHE L 1361 17.06 68.42 -33.82
CA PHE L 1361 15.86 68.71 -33.06
C PHE L 1361 14.63 68.52 -33.94
N LYS L 1362 13.49 68.29 -33.28
CA LYS L 1362 12.20 68.08 -33.94
C LYS L 1362 12.22 66.84 -34.83
N SER L 1363 11.10 66.56 -35.49
CA SER L 1363 11.03 65.50 -36.48
C SER L 1363 10.77 66.03 -37.89
N GLN L 1364 10.15 67.21 -38.01
CA GLN L 1364 9.93 67.86 -39.29
C GLN L 1364 9.70 69.34 -39.09
N THR L 1365 9.52 70.08 -40.19
CA THR L 1365 9.23 71.51 -40.19
C THR L 1365 10.44 72.27 -39.63
N MET L 1366 10.39 73.60 -39.60
CA MET L 1366 11.49 74.42 -39.12
C MET L 1366 10.92 75.55 -38.28
N PRO L 1367 11.70 76.08 -37.33
CA PRO L 1367 11.15 77.11 -36.43
C PRO L 1367 10.67 78.37 -37.13
N LEU L 1368 11.35 78.79 -38.21
CA LEU L 1368 10.99 80.00 -38.95
C LEU L 1368 10.98 81.23 -38.04
N GLN L 1369 12.05 81.40 -37.26
CA GLN L 1369 12.08 82.49 -36.29
C GLN L 1369 12.61 83.79 -36.91
N LYS L 1370 13.66 83.69 -37.73
CA LYS L 1370 14.26 84.84 -38.42
C LYS L 1370 14.81 85.91 -37.48
N ILE L 1371 14.79 85.67 -36.16
CA ILE L 1371 15.16 86.72 -35.23
C ILE L 1371 16.67 86.86 -35.14
N LYS L 1372 17.40 85.79 -35.42
CA LYS L 1372 18.85 85.78 -35.28
C LYS L 1372 19.51 85.91 -36.66
N ASN L 1373 20.55 86.74 -36.72
CA ASN L 1373 21.30 86.94 -37.96
C ASN L 1373 22.37 85.85 -38.09
N CYS L 1374 21.89 84.65 -38.36
CA CYS L 1374 22.75 83.47 -38.47
C CYS L 1374 22.50 82.82 -39.84
N LEU L 1375 23.13 81.65 -40.06
CA LEU L 1375 22.92 80.88 -41.28
C LEU L 1375 22.58 79.44 -40.87
N ILE L 1376 21.33 79.05 -41.10
CA ILE L 1376 20.92 77.68 -40.86
C ILE L 1376 20.66 76.98 -42.20
N GLU L 1377 20.84 75.66 -42.21
CA GLU L 1377 20.71 74.89 -43.44
C GLU L 1377 20.58 73.41 -43.13
N LYS L 1378 19.62 72.73 -43.76
CA LYS L 1378 19.46 71.30 -43.52
C LYS L 1378 20.62 70.53 -44.12
N SER L 1379 21.21 69.64 -43.32
CA SER L 1379 22.41 68.92 -43.71
C SER L 1379 22.19 67.42 -43.55
N SER L 1380 23.11 66.65 -44.14
CA SER L 1380 23.07 65.19 -44.05
C SER L 1380 24.34 64.60 -43.47
N ALA L 1381 24.97 65.24 -42.48
CA ALA L 1381 26.22 64.75 -41.91
C ALA L 1381 26.03 63.39 -41.25
N SER L 1382 27.07 62.56 -41.34
CA SER L 1382 27.03 61.23 -40.75
C SER L 1382 27.24 61.32 -39.24
N LEU L 1383 26.21 61.00 -38.48
CA LEU L 1383 26.26 61.04 -37.03
C LEU L 1383 27.03 59.86 -36.46
N PRO L 1384 27.58 60.02 -35.24
CA PRO L 1384 28.11 58.86 -34.52
C PRO L 1384 27.01 57.86 -34.18
N ASN L 1385 27.39 56.71 -33.63
CA ASN L 1385 26.44 55.62 -33.35
C ASN L 1385 26.51 55.20 -31.88
N ASN L 1386 25.80 55.92 -31.03
CA ASN L 1386 25.68 55.54 -29.63
C ASN L 1386 24.78 54.32 -29.51
N PRO L 1387 25.17 53.33 -28.68
CA PRO L 1387 24.37 52.11 -28.58
C PRO L 1387 22.93 52.34 -28.13
N LYS L 1388 22.71 53.31 -27.24
CA LYS L 1388 21.36 53.58 -26.76
C LYS L 1388 20.49 54.16 -27.87
N THR L 1389 20.99 55.16 -28.57
CA THR L 1389 20.25 55.78 -29.67
C THR L 1389 20.32 54.88 -30.90
N SER L 1390 19.22 54.20 -31.21
CA SER L 1390 19.22 53.23 -32.30
C SER L 1390 18.05 53.45 -33.24
N ASN L 1391 17.00 54.12 -32.77
CA ASN L 1391 15.82 54.37 -33.59
C ASN L 1391 16.12 55.32 -34.74
N PRO L 1392 15.80 54.93 -35.97
CA PRO L 1392 16.08 55.82 -37.11
C PRO L 1392 15.20 57.07 -37.13
N ALA L 1393 13.89 56.89 -37.04
CA ALA L 1393 12.91 57.99 -37.12
C ALA L 1393 13.15 58.73 -38.43
N GLY L 1394 13.38 60.04 -38.42
CA GLY L 1394 13.66 60.78 -39.64
C GLY L 1394 14.97 61.54 -39.57
N GLY L 1395 15.28 62.28 -40.64
CA GLY L 1395 16.51 63.06 -40.67
C GLY L 1395 16.28 64.53 -40.98
N GLN L 1396 16.56 65.40 -40.00
CA GLN L 1396 16.40 66.84 -40.13
C GLN L 1396 17.53 67.58 -39.42
N LEU L 1397 18.74 67.03 -39.50
CA LEU L 1397 19.93 67.67 -38.95
C LEU L 1397 20.16 69.04 -39.60
N PHE L 1398 20.68 69.97 -38.82
CA PHE L 1398 20.90 71.33 -39.30
C PHE L 1398 22.36 71.74 -39.09
N LYS L 1399 22.75 72.82 -39.79
CA LYS L 1399 24.13 73.27 -39.82
C LYS L 1399 24.23 74.74 -39.39
N ILE L 1400 23.68 75.09 -38.24
CA ILE L 1400 23.60 76.47 -37.79
C ILE L 1400 24.98 77.05 -37.51
N THR L 1401 25.34 78.11 -38.24
CA THR L 1401 26.53 78.89 -37.95
C THR L 1401 26.09 80.27 -37.49
N LEU L 1402 26.72 80.77 -36.42
CA LEU L 1402 26.30 81.94 -35.68
C LEU L 1402 27.46 82.41 -34.82
N PRO L 1403 27.81 83.70 -34.87
CA PRO L 1403 28.97 84.18 -34.09
C PRO L 1403 28.77 84.03 -32.60
N GLU L 1404 29.87 83.80 -31.87
CA GLU L 1404 29.76 83.39 -30.47
C GLU L 1404 29.27 84.51 -29.55
N SER L 1405 29.44 85.77 -29.94
CA SER L 1405 28.97 86.86 -29.10
C SER L 1405 27.45 86.86 -28.99
N VAL L 1406 26.76 86.81 -30.13
CA VAL L 1406 25.31 86.76 -30.08
C VAL L 1406 24.84 85.39 -29.59
N PHE L 1407 25.71 84.37 -29.63
CA PHE L 1407 25.35 83.10 -28.99
C PHE L 1407 25.32 83.24 -27.47
N LEU L 1408 26.32 83.93 -26.91
CA LEU L 1408 26.29 84.25 -25.48
C LEU L 1408 25.08 85.11 -25.15
N GLU L 1409 24.75 86.05 -26.04
CA GLU L 1409 23.54 86.86 -25.84
C GLU L 1409 22.29 85.99 -25.82
N GLU L 1410 22.18 85.05 -26.75
CA GLU L 1410 21.01 84.18 -26.81
C GLU L 1410 20.95 83.23 -25.64
N LYS L 1411 22.10 82.94 -25.00
CA LYS L 1411 22.06 82.14 -23.78
C LYS L 1411 21.16 82.78 -22.72
N GLU L 1412 21.04 84.10 -22.74
CA GLU L 1412 20.30 84.79 -21.69
C GLU L 1412 18.80 84.54 -21.78
N ASN L 1413 18.21 84.68 -22.97
CA ASN L 1413 16.75 84.66 -23.07
C ASN L 1413 16.23 83.23 -22.98
N CYS L 1414 14.97 83.10 -22.54
CA CYS L 1414 14.38 81.77 -22.37
C CYS L 1414 13.99 81.16 -23.71
N THR L 1415 13.40 81.94 -24.60
CA THR L 1415 12.87 81.44 -25.86
C THR L 1415 13.90 81.61 -26.97
N SER L 1416 14.38 80.49 -27.50
CA SER L 1416 15.31 80.47 -28.62
C SER L 1416 15.39 79.04 -29.13
N ILE L 1417 15.83 78.91 -30.39
CA ILE L 1417 15.77 77.60 -31.05
C ILE L 1417 16.67 76.60 -30.37
N PHE L 1418 17.82 77.05 -29.84
CA PHE L 1418 18.76 76.11 -29.25
C PHE L 1418 18.23 75.52 -27.94
N ASN L 1419 17.38 76.26 -27.23
CA ASN L 1419 16.71 75.77 -26.04
C ASN L 1419 15.20 75.91 -26.22
N ASP L 1420 14.58 74.85 -26.74
CA ASP L 1420 13.13 74.78 -26.88
C ASP L 1420 12.72 73.31 -26.76
N GLU L 1421 11.44 73.05 -27.01
CA GLU L 1421 10.94 71.68 -26.96
C GLU L 1421 11.43 70.88 -28.16
N ASN L 1422 11.47 69.56 -27.98
CA ASN L 1422 11.84 68.62 -29.04
C ASN L 1422 13.23 68.91 -29.59
N VAL L 1423 14.20 69.05 -28.70
CA VAL L 1423 15.60 69.22 -29.07
C VAL L 1423 16.33 67.93 -28.71
N LEU L 1424 16.87 67.26 -29.72
CA LEU L 1424 17.54 65.98 -29.47
C LEU L 1424 18.97 66.20 -28.98
N GLY L 1425 19.70 67.12 -29.59
CA GLY L 1425 21.07 67.35 -29.15
C GLY L 1425 21.82 68.43 -29.88
N VAL L 1426 22.83 68.95 -29.19
CA VAL L 1426 23.86 69.83 -29.73
C VAL L 1426 25.13 69.01 -29.85
N PHE L 1427 25.77 69.02 -31.02
CA PHE L 1427 26.78 68.00 -31.26
C PHE L 1427 28.22 68.52 -31.30
N GLU L 1428 28.44 69.81 -31.53
CA GLU L 1428 29.80 70.35 -31.57
C GLU L 1428 29.91 71.65 -30.80
N GLY L 1429 29.38 71.69 -29.58
CA GLY L 1429 29.52 72.88 -28.76
C GLY L 1429 30.83 72.96 -28.01
N THR L 1430 31.63 71.89 -28.03
CA THR L 1430 32.84 71.86 -27.21
C THR L 1430 34.02 72.53 -27.90
N ILE L 1431 34.03 72.57 -29.23
CA ILE L 1431 35.21 73.06 -29.94
C ILE L 1431 35.32 74.56 -29.80
N THR L 1432 36.53 75.04 -29.38
CA THR L 1432 36.89 76.44 -29.17
C THR L 1432 37.36 77.08 -30.47
N PRO L 1433 37.27 78.42 -30.57
CA PRO L 1433 37.79 79.11 -31.77
C PRO L 1433 39.24 78.80 -32.07
N HIS L 1434 40.05 78.65 -31.02
CA HIS L 1434 41.46 78.30 -31.20
C HIS L 1434 41.59 77.00 -31.99
N GLN L 1435 40.85 75.97 -31.58
CA GLN L 1435 40.91 74.69 -32.27
C GLN L 1435 40.36 74.81 -33.69
N ARG L 1436 39.29 75.60 -33.87
CA ARG L 1436 38.71 75.74 -35.20
C ARG L 1436 39.71 76.37 -36.16
N ALA L 1437 40.43 77.40 -35.72
CA ALA L 1437 41.42 78.04 -36.58
C ALA L 1437 42.65 77.16 -36.79
N ILE L 1438 43.10 76.44 -35.76
CA ILE L 1438 44.29 75.61 -35.90
C ILE L 1438 43.98 74.40 -36.78
N MET L 1439 42.70 74.03 -36.89
CA MET L 1439 42.32 72.92 -37.76
C MET L 1439 42.03 73.39 -39.18
N ASP L 1440 41.45 74.59 -39.32
CA ASP L 1440 41.04 75.07 -40.64
C ASP L 1440 42.22 75.72 -41.38
N LEU L 1441 42.81 76.76 -40.80
CA LEU L 1441 43.85 77.51 -41.46
C LEU L 1441 45.19 76.79 -41.39
N GLY L 1442 45.69 76.58 -40.18
CA GLY L 1442 46.98 75.97 -39.96
C GLY L 1442 48.08 76.98 -39.74
N ALA L 1443 49.32 76.53 -39.91
CA ALA L 1443 50.47 77.40 -39.69
C ALA L 1443 50.64 78.42 -40.81
N SER L 1444 50.45 77.99 -42.07
CA SER L 1444 50.70 78.86 -43.22
C SER L 1444 49.38 79.47 -43.69
N VAL L 1445 48.97 80.54 -43.03
CA VAL L 1445 47.78 81.28 -43.42
C VAL L 1445 48.21 82.49 -44.25
N THR L 1446 47.40 82.82 -45.26
CA THR L 1446 47.67 83.94 -46.15
C THR L 1446 46.41 84.77 -46.32
N PHE L 1447 46.58 85.96 -46.90
CA PHE L 1447 45.49 86.91 -47.11
C PHE L 1447 45.13 86.93 -48.59
N ARG L 1448 43.87 86.63 -48.90
CA ARG L 1448 43.31 86.74 -50.25
C ARG L 1448 42.24 87.81 -50.32
N SER L 1449 42.46 88.94 -49.63
CA SER L 1449 41.43 89.95 -49.46
C SER L 1449 40.99 90.54 -50.80
N LYS L 1450 41.92 91.19 -51.51
CA LYS L 1450 41.63 91.92 -52.75
C LYS L 1450 40.52 92.93 -52.43
N ALA L 1451 39.50 93.08 -53.27
CA ALA L 1451 38.37 94.00 -53.06
C ALA L 1451 38.93 95.39 -52.72
N MET L 1452 38.46 96.04 -51.68
CA MET L 1452 39.02 97.32 -51.27
C MET L 1452 40.25 97.09 -50.40
N GLY L 1453 41.19 98.03 -50.47
CA GLY L 1453 42.45 97.90 -49.76
C GLY L 1453 42.32 98.09 -48.27
N ALA L 1454 41.67 97.13 -47.60
CA ALA L 1454 41.42 97.21 -46.17
C ALA L 1454 42.50 96.52 -45.35
N LEU L 1455 43.73 96.43 -45.86
CA LEU L 1455 44.83 95.86 -45.12
C LEU L 1455 45.09 96.69 -43.86
N GLY L 1456 45.12 98.01 -44.02
CA GLY L 1456 45.23 98.91 -42.89
C GLY L 1456 44.02 98.80 -41.98
N LYS L 1457 42.83 98.76 -42.58
CA LYS L 1457 41.61 98.57 -41.81
C LYS L 1457 41.62 97.22 -41.11
N GLY L 1458 42.14 96.19 -41.79
CA GLY L 1458 42.22 94.88 -41.18
C GLY L 1458 43.20 94.82 -40.02
N ILE L 1459 44.27 95.61 -40.09
CA ILE L 1459 45.29 95.53 -39.04
C ILE L 1459 44.93 96.42 -37.86
N GLN L 1460 44.21 97.52 -38.10
CA GLN L 1460 43.82 98.37 -36.98
C GLN L 1460 42.72 97.71 -36.15
N GLN L 1461 41.73 97.11 -36.79
CA GLN L 1461 40.72 96.33 -36.10
C GLN L 1461 41.11 94.85 -36.08
N GLY L 1462 40.17 93.99 -35.69
CA GLY L 1462 40.39 92.56 -35.75
C GLY L 1462 39.96 91.98 -37.07
N PHE L 1463 40.90 91.38 -37.81
CA PHE L 1463 40.60 90.82 -39.12
C PHE L 1463 39.62 89.65 -39.02
N GLU L 1464 38.40 89.86 -39.51
CA GLU L 1464 37.43 88.77 -39.57
C GLU L 1464 37.86 87.77 -40.64
N MET L 1465 37.89 86.49 -40.27
CA MET L 1465 38.52 85.48 -41.11
C MET L 1465 37.53 84.60 -41.87
N LYS L 1466 36.24 84.60 -41.48
CA LYS L 1466 35.28 83.71 -42.11
C LYS L 1466 35.11 84.00 -43.59
N ASP L 1467 34.96 85.29 -43.94
CA ASP L 1467 34.73 85.64 -45.34
C ASP L 1467 35.96 85.37 -46.20
N LEU L 1468 37.14 85.77 -45.72
CA LEU L 1468 38.36 85.63 -46.50
C LEU L 1468 39.34 84.73 -45.76
N SER L 1469 39.73 83.64 -46.39
CA SER L 1469 40.67 82.70 -45.80
C SER L 1469 41.26 81.82 -46.91
N MET L 1470 42.52 81.44 -46.72
CA MET L 1470 43.18 80.46 -47.58
C MET L 1470 44.39 79.92 -46.85
N ALA L 1471 44.70 78.66 -47.09
CA ALA L 1471 45.80 77.96 -46.42
C ALA L 1471 46.85 77.62 -47.47
N GLU L 1472 47.94 78.38 -47.46
CA GLU L 1472 49.04 78.19 -48.38
C GLU L 1472 49.89 77.00 -47.94
N ASN L 1473 50.67 76.44 -48.87
CA ASN L 1473 51.53 75.30 -48.60
C ASN L 1473 52.59 75.68 -47.56
N GLU L 1474 52.84 74.78 -46.61
CA GLU L 1474 53.78 75.02 -45.53
C GLU L 1474 55.02 74.12 -45.62
N ARG L 1475 55.48 73.83 -46.84
CA ARG L 1475 56.58 72.88 -47.01
C ARG L 1475 57.85 73.31 -46.30
N TYR L 1476 58.09 74.62 -46.22
CA TYR L 1476 59.23 75.17 -45.46
C TYR L 1476 58.69 76.29 -44.56
N LEU L 1477 58.53 75.98 -43.28
CA LEU L 1477 57.94 76.94 -42.36
C LEU L 1477 58.87 78.12 -42.09
N SER L 1478 60.12 77.85 -41.75
CA SER L 1478 61.01 78.89 -41.26
C SER L 1478 62.46 78.52 -41.47
N GLY L 1479 63.26 79.50 -41.91
CA GLY L 1479 64.70 79.44 -41.76
C GLY L 1479 65.07 80.15 -40.49
N PHE L 1480 65.31 79.36 -39.44
CA PHE L 1480 65.32 79.88 -38.07
C PHE L 1480 66.50 80.83 -37.84
N SER L 1481 66.20 82.00 -37.28
CA SER L 1481 67.22 82.92 -36.80
C SER L 1481 66.57 83.80 -35.74
N MET L 1482 66.76 83.45 -34.46
CA MET L 1482 66.05 84.14 -33.40
C MET L 1482 66.66 83.76 -32.04
N ASP L 1483 66.49 84.61 -31.03
CA ASP L 1483 67.10 84.43 -29.72
C ASP L 1483 66.20 83.54 -28.86
N ILE L 1484 66.81 82.69 -28.04
CA ILE L 1484 66.10 81.74 -27.20
C ILE L 1484 66.57 81.91 -25.76
N GLY L 1485 65.63 81.79 -24.80
CA GLY L 1485 65.94 81.95 -23.40
C GLY L 1485 65.46 80.77 -22.57
N TYR L 1486 65.69 80.87 -21.26
CA TYR L 1486 65.32 79.83 -20.30
C TYR L 1486 64.51 80.42 -19.16
N LEU L 1487 63.72 79.55 -18.52
CA LEU L 1487 63.07 79.83 -17.25
C LEU L 1487 62.68 78.50 -16.64
N LEU L 1488 63.29 78.14 -15.51
CA LEU L 1488 63.12 76.82 -14.94
C LEU L 1488 62.84 76.92 -13.44
N HIS L 1489 62.09 75.94 -12.94
CA HIS L 1489 61.74 75.83 -11.53
C HIS L 1489 62.01 74.41 -11.05
N PHE L 1490 62.58 74.28 -9.85
CA PHE L 1490 62.92 72.99 -9.26
C PHE L 1490 62.43 72.92 -7.82
N PRO L 1491 61.10 72.86 -7.61
CA PRO L 1491 60.55 72.79 -6.25
C PRO L 1491 60.92 71.51 -5.52
N PHE L 1588 60.17 87.91 -27.83
CA PHE L 1588 61.20 86.90 -27.61
C PHE L 1588 60.59 85.54 -27.26
N LEU L 1589 61.08 84.49 -27.93
CA LEU L 1589 60.54 83.14 -27.81
C LEU L 1589 61.19 82.45 -26.62
N LEU L 1590 60.71 82.79 -25.43
CA LEU L 1590 61.19 82.13 -24.22
C LEU L 1590 60.65 80.71 -24.15
N LEU L 1591 61.42 79.81 -23.53
CA LEU L 1591 61.00 78.43 -23.30
C LEU L 1591 60.70 78.25 -21.83
N LEU L 1592 59.47 77.80 -21.53
CA LEU L 1592 59.01 77.64 -20.16
C LEU L 1592 59.14 76.19 -19.75
N GLN L 1593 59.95 75.94 -18.73
CA GLN L 1593 60.21 74.61 -18.18
C GLN L 1593 59.89 74.66 -16.69
N SER L 1594 58.62 74.47 -16.33
CA SER L 1594 58.21 74.56 -14.94
C SER L 1594 57.21 73.47 -14.59
N PRO L 1595 57.23 72.96 -13.36
CA PRO L 1595 56.21 71.97 -12.96
C PRO L 1595 54.79 72.51 -13.03
N PHE L 1596 54.59 73.78 -12.72
CA PHE L 1596 53.27 74.39 -12.68
C PHE L 1596 53.23 75.55 -13.67
N ILE L 1597 52.76 75.29 -14.88
CA ILE L 1597 52.64 76.32 -15.90
C ILE L 1597 51.61 77.37 -15.48
N THR L 1598 50.44 76.92 -15.02
CA THR L 1598 49.36 77.84 -14.70
C THR L 1598 49.72 78.76 -13.54
N LYS L 1599 50.37 78.22 -12.51
CA LYS L 1599 50.72 79.04 -11.35
C LYS L 1599 51.72 80.13 -11.72
N LEU L 1600 52.77 79.78 -12.46
CA LEU L 1600 53.75 80.78 -12.87
C LEU L 1600 53.13 81.80 -13.83
N LEU L 1601 52.25 81.35 -14.72
CA LEU L 1601 51.60 82.29 -15.63
C LEU L 1601 50.70 83.27 -14.87
N GLY L 1602 49.97 82.78 -13.87
CA GLY L 1602 49.08 83.64 -13.13
C GLY L 1602 49.81 84.59 -12.20
N THR L 1603 50.88 84.12 -11.55
CA THR L 1603 51.59 84.95 -10.58
C THR L 1603 52.20 86.18 -11.25
N ILE L 1604 52.82 85.98 -12.41
CA ILE L 1604 53.41 87.10 -13.17
C ILE L 1604 52.49 87.34 -14.36
N ARG L 1605 51.64 88.37 -14.24
CA ARG L 1605 50.71 88.68 -15.31
C ARG L 1605 51.43 89.13 -16.58
N LEU L 1606 52.61 89.75 -16.42
CA LEU L 1606 53.37 90.20 -17.58
C LEU L 1606 53.87 89.02 -18.41
N LEU L 1607 53.93 87.83 -17.81
CA LEU L 1607 54.38 86.65 -18.53
C LEU L 1607 53.42 86.25 -19.64
N ASN L 1608 52.14 86.64 -19.51
CA ASN L 1608 51.14 86.23 -20.50
C ASN L 1608 51.40 86.88 -21.85
N GLN L 1609 51.78 88.17 -21.85
CA GLN L 1609 51.91 88.93 -23.09
C GLN L 1609 53.10 88.51 -23.93
N MET L 1610 53.99 87.66 -23.42
CA MET L 1610 55.13 87.26 -24.23
C MET L 1610 54.94 85.86 -24.79
N PRO L 1611 55.51 85.57 -25.96
CA PRO L 1611 55.37 84.22 -26.53
C PRO L 1611 56.27 83.23 -25.82
N ILE L 1612 55.72 82.09 -25.45
CA ILE L 1612 56.44 81.06 -24.71
C ILE L 1612 56.17 79.70 -25.34
N VAL L 1613 57.23 78.89 -25.44
CA VAL L 1613 57.12 77.49 -25.83
C VAL L 1613 57.17 76.68 -24.54
N LYS L 1614 56.07 76.00 -24.22
CA LYS L 1614 55.88 75.39 -22.91
C LYS L 1614 56.28 73.91 -22.98
N LEU L 1615 57.46 73.58 -22.48
CA LEU L 1615 57.92 72.21 -22.37
C LEU L 1615 58.08 71.89 -20.89
N SER L 1616 57.38 70.87 -20.40
CA SER L 1616 57.26 70.61 -18.98
C SER L 1616 57.84 69.24 -18.64
N LEU L 1617 58.95 69.25 -17.90
CA LEU L 1617 59.44 68.08 -17.20
C LEU L 1617 59.16 68.28 -15.71
N ASN L 1618 58.51 67.29 -15.09
CA ASN L 1618 57.86 67.50 -13.81
C ASN L 1618 58.39 66.51 -12.78
N GLU L 1619 57.92 66.68 -11.54
CA GLU L 1619 58.19 65.76 -10.43
C GLU L 1619 59.69 65.60 -10.16
N VAL L 1620 60.31 66.70 -9.72
CA VAL L 1620 61.69 66.63 -9.27
C VAL L 1620 61.74 65.91 -7.92
N LEU L 1621 62.74 65.05 -7.74
CA LEU L 1621 62.90 64.27 -6.53
C LEU L 1621 64.34 64.39 -6.04
N LEU L 1622 64.51 64.16 -4.74
CA LEU L 1622 65.81 64.33 -4.10
C LEU L 1622 66.12 63.13 -3.22
N PRO L 1623 67.41 62.75 -3.11
CA PRO L 1623 67.77 61.68 -2.17
C PRO L 1623 67.81 62.11 -0.72
N GLN L 1624 67.67 63.41 -0.45
CA GLN L 1624 67.65 64.06 0.86
C GLN L 1624 69.05 64.16 1.47
N LEU L 1625 70.08 63.57 0.88
CA LEU L 1625 71.44 63.68 1.37
C LEU L 1625 72.36 64.07 0.21
N ASN L 1626 73.19 65.09 0.44
CA ASN L 1626 74.15 65.57 -0.55
C ASN L 1626 73.48 65.85 -1.89
N TRP L 1627 72.51 66.78 -1.86
CA TRP L 1627 71.69 67.02 -3.05
C TRP L 1627 72.30 68.06 -3.98
N GLN L 1628 73.36 68.74 -3.56
CA GLN L 1628 74.01 69.72 -4.44
C GLN L 1628 74.55 69.10 -5.72
N PRO L 1629 75.30 67.99 -5.69
CA PRO L 1629 75.75 67.40 -6.96
C PRO L 1629 74.61 66.99 -7.87
N THR L 1630 73.52 66.44 -7.33
CA THR L 1630 72.44 65.98 -8.19
C THR L 1630 71.65 67.16 -8.77
N LEU L 1631 71.54 68.26 -8.00
CA LEU L 1631 70.98 69.49 -8.59
C LEU L 1631 71.86 70.00 -9.73
N LEU L 1632 73.18 69.97 -9.53
CA LEU L 1632 74.07 70.42 -10.60
C LEU L 1632 73.92 69.56 -11.85
N LYS L 1633 73.87 68.24 -11.67
CA LYS L 1633 73.72 67.34 -12.82
C LYS L 1633 72.37 67.54 -13.50
N LYS L 1634 71.30 67.74 -12.73
CA LYS L 1634 69.98 67.96 -13.31
C LYS L 1634 69.93 69.28 -14.06
N LEU L 1635 70.70 70.26 -13.62
CA LEU L 1635 70.73 71.55 -14.31
C LEU L 1635 71.56 71.48 -15.59
N VAL L 1636 72.63 70.67 -15.60
CA VAL L 1636 73.57 70.68 -16.72
C VAL L 1636 72.89 70.24 -18.01
N ASN L 1637 72.14 69.13 -17.96
CA ASN L 1637 71.54 68.59 -19.19
C ASN L 1637 70.48 69.53 -19.74
N HIS L 1638 69.69 70.13 -18.84
CA HIS L 1638 68.70 71.11 -19.30
C HIS L 1638 69.37 72.33 -19.90
N VAL L 1639 70.55 72.72 -19.39
CA VAL L 1639 71.29 73.80 -20.01
C VAL L 1639 71.74 73.42 -21.41
N LEU L 1640 72.26 72.20 -21.57
CA LEU L 1640 72.93 71.81 -22.80
C LEU L 1640 72.01 71.22 -23.87
N SER L 1641 70.74 70.97 -23.57
CA SER L 1641 69.87 70.31 -24.54
C SER L 1641 69.08 71.28 -25.42
N SER L 1642 69.38 72.58 -25.36
CA SER L 1642 68.60 73.58 -26.09
C SER L 1642 68.65 73.34 -27.60
N GLY L 1643 69.83 73.04 -28.13
CA GLY L 1643 69.95 72.78 -29.56
C GLY L 1643 69.08 71.61 -30.01
N SER L 1644 68.99 70.58 -29.17
CA SER L 1644 68.16 69.43 -29.52
C SER L 1644 66.68 69.76 -29.45
N TRP L 1645 66.27 70.53 -28.42
CA TRP L 1645 64.85 70.79 -28.24
C TRP L 1645 64.25 71.49 -29.44
N ILE L 1646 64.87 72.60 -29.86
CA ILE L 1646 64.36 73.43 -30.95
C ILE L 1646 64.40 72.64 -32.25
N SER L 1647 65.48 71.89 -32.46
CA SER L 1647 65.60 71.11 -33.69
C SER L 1647 64.48 70.09 -33.81
N HIS L 1648 64.21 69.35 -32.73
CA HIS L 1648 63.14 68.35 -32.79
C HIS L 1648 61.78 69.02 -32.93
N LEU L 1649 61.59 70.16 -32.26
CA LEU L 1649 60.32 70.88 -32.37
C LEU L 1649 60.07 71.32 -33.81
N ILE L 1650 61.09 71.87 -34.48
CA ILE L 1650 60.94 72.27 -35.87
C ILE L 1650 60.71 71.06 -36.75
N LYS L 1651 61.40 69.95 -36.47
CA LYS L 1651 61.23 68.74 -37.27
C LYS L 1651 59.80 68.24 -37.22
N LEU L 1652 59.19 68.26 -36.03
CA LEU L 1652 57.79 67.86 -35.94
C LEU L 1652 56.87 68.89 -36.57
N SER L 1653 57.14 70.18 -36.37
CA SER L 1653 56.23 71.22 -36.84
C SER L 1653 56.18 71.29 -38.36
N GLN L 1654 57.31 71.04 -39.03
CA GLN L 1654 57.34 71.19 -40.49
C GLN L 1654 56.41 70.18 -41.16
N TYR L 1655 56.20 69.02 -40.53
CA TYR L 1655 55.25 68.05 -41.07
C TYR L 1655 53.86 68.22 -40.47
N SER L 1656 53.79 68.71 -39.23
CA SER L 1656 52.55 68.73 -38.47
C SER L 1656 51.57 69.80 -38.94
N ASN L 1657 52.07 70.97 -39.34
CA ASN L 1657 51.29 72.12 -39.80
C ASN L 1657 50.63 72.82 -38.59
N ILE L 1658 50.77 72.25 -37.41
CA ILE L 1658 50.43 72.98 -36.18
C ILE L 1658 51.51 73.99 -35.86
N PRO L 1659 51.17 75.20 -35.40
CA PRO L 1659 52.20 76.19 -35.04
C PRO L 1659 53.11 75.68 -33.94
N ILE L 1660 54.34 76.18 -33.95
CA ILE L 1660 55.42 75.67 -33.11
C ILE L 1660 55.11 75.85 -31.62
N CYS L 1661 54.58 77.01 -31.24
CA CYS L 1661 54.38 77.28 -29.82
C CYS L 1661 53.19 76.53 -29.25
N ASN L 1662 52.13 76.35 -30.04
CA ASN L 1662 51.00 75.54 -29.57
C ASN L 1662 51.41 74.10 -29.37
N LEU L 1663 52.22 73.55 -30.27
CA LEU L 1663 52.66 72.18 -30.19
C LEU L 1663 53.65 71.99 -29.05
N ARG L 1664 53.55 70.81 -28.42
CA ARG L 1664 54.48 70.37 -27.39
C ARG L 1664 55.20 69.11 -27.88
N LEU L 1665 56.32 68.79 -27.24
CA LEU L 1665 57.14 67.68 -27.70
C LEU L 1665 56.59 66.34 -27.23
N ASP L 1666 56.41 66.18 -25.92
CA ASP L 1666 55.92 64.91 -25.39
C ASP L 1666 54.51 64.61 -25.88
N SER L 1667 53.71 65.65 -26.12
CA SER L 1667 52.36 65.47 -26.65
C SER L 1667 52.42 64.84 -28.03
N MET L 1668 51.87 63.63 -28.17
CA MET L 1668 51.88 62.92 -29.43
C MET L 1668 50.47 62.61 -29.89
N ASP L 1669 49.54 62.50 -28.93
CA ASP L 1669 48.15 62.23 -29.29
C ASP L 1669 47.50 63.45 -29.93
N TYR L 1670 48.04 64.64 -29.66
CA TYR L 1670 47.46 65.86 -30.22
C TYR L 1670 47.63 65.89 -31.74
N ILE L 1671 48.79 65.45 -32.23
CA ILE L 1671 49.01 65.37 -33.67
C ILE L 1671 48.00 64.45 -34.33
N ILE L 1672 47.81 63.26 -33.74
CA ILE L 1672 46.84 62.31 -34.27
C ILE L 1672 45.45 62.91 -34.27
N ASP L 1673 45.10 63.61 -33.17
CA ASP L 1673 43.77 64.19 -33.07
C ASP L 1673 43.53 65.22 -34.16
N VAL L 1674 44.48 66.14 -34.36
CA VAL L 1674 44.28 67.19 -35.36
C VAL L 1674 44.22 66.58 -36.76
N LEU L 1675 45.15 65.68 -37.09
CA LEU L 1675 45.14 65.10 -38.43
C LEU L 1675 43.86 64.33 -38.69
N TYR L 1676 43.43 63.50 -37.73
CA TYR L 1676 42.24 62.69 -37.92
C TYR L 1676 41.00 63.57 -38.00
N ALA L 1677 40.93 64.62 -37.19
CA ALA L 1677 39.79 65.53 -37.23
C ALA L 1677 39.71 66.27 -38.56
N ARG L 1678 40.83 66.75 -39.09
CA ARG L 1678 40.73 67.51 -40.34
C ARG L 1678 40.48 66.59 -41.53
N LYS L 1679 41.03 65.38 -41.53
CA LYS L 1679 40.72 64.46 -42.62
C LYS L 1679 39.30 63.91 -42.50
N LEU L 1680 38.72 63.97 -41.30
CA LEU L 1680 37.30 63.68 -41.17
C LEU L 1680 36.46 64.84 -41.69
N LYS L 1681 36.89 66.08 -41.40
CA LYS L 1681 36.17 67.25 -41.89
C LYS L 1681 36.24 67.35 -43.41
N LYS L 1682 37.27 66.76 -44.02
CA LYS L 1682 37.26 66.60 -45.47
C LYS L 1682 36.02 65.84 -45.92
N GLU L 1683 35.58 64.88 -45.11
CA GLU L 1683 34.31 64.20 -45.32
C GLU L 1683 33.22 64.93 -44.53
N ASN L 1684 31.99 64.43 -44.62
CA ASN L 1684 30.85 65.07 -43.97
C ASN L 1684 30.61 64.56 -42.56
N ILE L 1685 31.47 63.69 -42.03
CA ILE L 1685 31.26 63.08 -40.73
C ILE L 1685 31.41 64.11 -39.62
N VAL L 1686 30.59 63.98 -38.56
CA VAL L 1686 30.63 64.88 -37.42
C VAL L 1686 31.79 64.49 -36.51
N LEU L 1687 32.43 65.49 -35.93
CA LEU L 1687 33.68 65.31 -35.19
C LEU L 1687 33.53 64.51 -33.90
N TRP L 1688 32.43 64.74 -33.16
CA TRP L 1688 32.24 64.28 -31.78
C TRP L 1688 33.37 64.73 -30.87
N TRP L 1689 34.08 65.78 -31.28
CA TRP L 1689 35.23 66.30 -30.54
C TRP L 1689 34.81 66.80 -29.17
N ASN L 1690 35.60 66.44 -28.15
CA ASN L 1690 35.31 66.84 -26.77
C ASN L 1690 36.61 67.24 -26.11
N GLU L 1691 36.58 68.34 -25.34
CA GLU L 1691 37.79 68.95 -24.82
C GLU L 1691 37.86 68.77 -23.31
N LYS L 1692 39.03 68.35 -22.82
CA LYS L 1692 39.30 67.99 -21.42
C LYS L 1692 38.14 67.24 -20.78
N ALA L 1693 37.66 66.22 -21.47
CA ALA L 1693 36.60 65.36 -20.95
C ALA L 1693 36.87 63.92 -21.37
N PRO L 1694 36.87 62.96 -20.44
CA PRO L 1694 37.20 61.58 -20.80
C PRO L 1694 36.17 60.90 -21.68
N LEU L 1695 34.96 61.46 -21.82
CA LEU L 1695 33.93 60.81 -22.59
C LEU L 1695 33.64 61.57 -23.87
N PRO L 1696 33.21 60.89 -24.93
CA PRO L 1696 32.89 61.59 -26.19
C PRO L 1696 31.70 62.52 -26.03
N ASP L 1697 31.59 63.53 -26.89
CA ASP L 1697 30.45 64.44 -26.91
C ASP L 1697 29.43 63.92 -27.92
N HIS L 1698 28.41 63.22 -27.44
CA HIS L 1698 27.40 62.64 -28.30
C HIS L 1698 26.09 63.42 -28.28
N GLY L 1699 26.09 64.64 -27.75
CA GLY L 1699 24.90 65.45 -27.66
C GLY L 1699 24.20 65.43 -26.32
N GLY L 1700 24.82 64.85 -25.29
CA GLY L 1700 24.24 64.79 -23.96
C GLY L 1700 23.73 63.42 -23.56
N ILE L 1701 23.56 62.49 -24.49
CA ILE L 1701 23.16 61.13 -24.15
C ILE L 1701 24.26 60.38 -23.43
N GLN L 1702 25.50 60.87 -23.51
CA GLN L 1702 26.65 60.25 -22.87
C GLN L 1702 26.71 60.49 -21.37
N ASN L 1703 25.77 61.25 -20.81
CA ASN L 1703 25.74 61.53 -19.38
C ASN L 1703 24.78 60.63 -18.62
N ASP L 1704 24.40 59.49 -19.21
CA ASP L 1704 23.47 58.56 -18.58
C ASP L 1704 24.06 57.16 -18.58
N PHE L 1705 23.74 56.42 -17.51
CA PHE L 1705 24.20 55.04 -17.38
C PHE L 1705 23.51 54.15 -18.41
N ASP L 1706 24.30 53.32 -19.10
CA ASP L 1706 23.78 52.36 -20.06
C ASP L 1706 24.49 51.03 -19.84
N LEU L 1707 23.75 49.94 -20.00
CA LEU L 1707 24.30 48.62 -19.74
C LEU L 1707 25.33 48.22 -20.78
N ASN L 1708 25.04 48.48 -22.06
CA ASN L 1708 25.97 48.11 -23.12
C ASN L 1708 27.28 48.87 -23.00
N THR L 1709 27.21 50.19 -22.71
CA THR L 1709 28.43 50.96 -22.54
C THR L 1709 29.23 50.46 -21.35
N SER L 1710 28.56 50.16 -20.24
CA SER L 1710 29.24 49.65 -19.06
C SER L 1710 29.93 48.33 -19.34
N TRP L 1711 29.32 47.47 -20.17
CA TRP L 1711 29.97 46.21 -20.51
C TRP L 1711 31.15 46.44 -21.45
N ILE L 1712 31.01 47.32 -22.44
CA ILE L 1712 32.06 47.50 -23.43
C ILE L 1712 33.27 48.26 -22.90
N MET L 1713 33.10 49.11 -21.87
CA MET L 1713 34.26 49.72 -21.23
C MET L 1713 34.84 48.89 -20.09
N ASN L 1714 34.23 47.75 -19.76
CA ASN L 1714 34.73 46.88 -18.70
C ASN L 1714 35.24 45.55 -19.25
N ASP L 1715 35.53 45.47 -20.54
CA ASP L 1715 36.05 44.26 -21.17
C ASP L 1715 37.43 44.57 -21.75
N SER L 1716 38.47 44.35 -20.95
CA SER L 1716 39.85 44.58 -21.36
C SER L 1716 40.72 43.34 -21.14
N GLU L 1717 40.11 42.18 -20.97
CA GLU L 1717 40.83 40.93 -20.74
C GLU L 1717 41.10 40.24 -22.07
N PHE L 1718 42.30 39.70 -22.22
CA PHE L 1718 42.63 39.04 -23.47
C PHE L 1718 42.72 37.53 -23.28
N PRO L 1719 42.25 36.75 -24.26
CA PRO L 1719 42.36 35.29 -24.13
C PRO L 1719 43.81 34.82 -24.23
N LYS L 1720 44.03 33.61 -23.74
CA LYS L 1720 45.37 33.03 -23.72
C LYS L 1720 45.27 31.52 -23.87
N ILE L 1721 46.37 30.92 -24.31
CA ILE L 1721 46.51 29.48 -24.46
C ILE L 1721 47.65 29.03 -23.57
N ASN L 1722 47.41 28.01 -22.75
CA ASN L 1722 48.39 27.59 -21.74
C ASN L 1722 48.52 26.06 -21.73
N ASN L 1723 48.74 25.46 -22.90
CA ASN L 1723 48.83 24.00 -22.97
C ASN L 1723 50.10 23.53 -22.25
N SER L 1724 49.92 22.74 -21.20
CA SER L 1724 51.00 22.38 -20.30
C SER L 1724 51.44 20.94 -20.52
N GLY L 1725 52.69 20.66 -20.13
CA GLY L 1725 53.24 19.33 -20.28
C GLY L 1725 54.74 19.39 -20.41
N VAL L 1726 55.31 18.23 -20.72
CA VAL L 1726 56.75 18.10 -20.97
C VAL L 1726 56.91 17.69 -22.42
N TYR L 1727 57.67 18.48 -23.18
CA TYR L 1727 57.81 18.25 -24.62
C TYR L 1727 59.22 17.81 -24.95
N ASP L 1728 59.33 16.68 -25.67
CA ASP L 1728 60.62 16.11 -26.05
C ASP L 1728 61.02 16.50 -27.47
N ASN L 1729 60.25 17.35 -28.13
CA ASN L 1729 60.59 17.90 -29.43
C ASN L 1729 61.11 19.32 -29.26
N VAL L 1730 61.47 19.94 -30.38
CA VAL L 1730 61.97 21.30 -30.32
C VAL L 1730 60.80 22.27 -30.23
N VAL L 1731 61.00 23.35 -29.47
CA VAL L 1731 60.00 24.38 -29.24
C VAL L 1731 60.58 25.72 -29.67
N LEU L 1732 59.81 26.47 -30.44
CA LEU L 1732 60.20 27.77 -30.95
C LEU L 1732 59.51 28.87 -30.14
N ASP L 1733 60.27 29.93 -29.85
CA ASP L 1733 59.80 31.06 -29.07
C ASP L 1733 59.83 32.31 -29.94
N VAL L 1734 58.72 32.57 -30.63
CA VAL L 1734 58.67 33.71 -31.54
C VAL L 1734 58.00 34.90 -30.84
N GLY L 1735 58.38 36.09 -31.28
CA GLY L 1735 57.80 37.31 -30.74
C GLY L 1735 57.05 38.12 -31.78
N VAL L 1736 55.74 38.23 -31.63
CA VAL L 1736 54.90 38.89 -32.62
C VAL L 1736 54.73 40.38 -32.29
N ASP L 1737 55.38 41.22 -33.08
CA ASP L 1737 55.23 42.67 -32.95
C ASP L 1737 54.40 43.21 -34.10
N ASN L 1738 53.81 44.40 -33.86
CA ASN L 1738 52.94 45.12 -34.79
C ASN L 1738 51.60 44.42 -34.98
N LEU L 1739 51.04 43.83 -33.92
CA LEU L 1739 49.75 43.14 -34.04
C LEU L 1739 48.61 44.11 -34.31
N THR L 1740 48.55 45.20 -33.53
CA THR L 1740 47.43 46.12 -33.63
C THR L 1740 47.42 46.86 -34.96
N VAL L 1741 48.58 47.34 -35.41
CA VAL L 1741 48.64 48.07 -36.67
C VAL L 1741 48.33 47.14 -37.83
N ASN L 1742 48.81 45.89 -37.77
CA ASN L 1742 48.45 44.92 -38.81
C ASN L 1742 46.95 44.66 -38.82
N THR L 1743 46.35 44.55 -37.63
CA THR L 1743 44.90 44.33 -37.56
C THR L 1743 44.15 45.49 -38.19
N ILE L 1744 44.58 46.73 -37.91
CA ILE L 1744 43.91 47.89 -38.48
C ILE L 1744 44.09 47.94 -39.99
N LEU L 1745 45.32 47.71 -40.47
CA LEU L 1745 45.59 47.83 -41.89
C LEU L 1745 44.89 46.74 -42.69
N THR L 1746 44.85 45.52 -42.16
CA THR L 1746 44.23 44.41 -42.89
C THR L 1746 42.73 44.62 -43.06
N SER L 1747 42.03 44.93 -41.98
CA SER L 1747 40.59 45.14 -42.03
C SER L 1747 40.11 45.89 -40.80
N GLU L 1777 23.45 48.46 -39.08
CA GLU L 1777 22.05 48.56 -38.68
C GLU L 1777 21.73 47.59 -37.55
N PHE L 1778 21.88 46.29 -37.84
CA PHE L 1778 21.56 45.27 -36.85
C PHE L 1778 22.49 45.36 -35.64
N VAL L 1779 23.78 45.58 -35.88
CA VAL L 1779 24.75 45.67 -34.80
C VAL L 1779 24.63 47.05 -34.15
N HIS L 1780 24.45 47.07 -32.84
CA HIS L 1780 24.28 48.30 -32.10
C HIS L 1780 25.51 48.67 -31.29
N ASP L 1781 26.58 47.88 -31.37
CA ASP L 1781 27.76 48.06 -30.52
C ASP L 1781 29.03 48.20 -31.36
N ALA L 1782 28.89 48.68 -32.59
CA ALA L 1782 30.03 48.76 -33.50
C ALA L 1782 30.34 50.20 -33.84
N PHE L 1783 31.62 50.45 -34.13
CA PHE L 1783 32.05 51.77 -34.57
C PHE L 1783 31.63 52.01 -36.01
N SER L 1784 31.48 53.29 -36.37
CA SER L 1784 31.08 53.65 -37.72
C SER L 1784 32.10 53.17 -38.73
N ASN L 1785 31.61 52.58 -39.83
CA ASN L 1785 32.51 51.99 -40.81
C ASN L 1785 33.27 53.05 -41.59
N ASP L 1786 32.62 54.20 -41.83
CA ASP L 1786 33.27 55.26 -42.61
C ASP L 1786 34.51 55.81 -41.90
N ALA L 1787 34.37 56.12 -40.61
CA ALA L 1787 35.54 56.57 -39.85
C ALA L 1787 36.59 55.49 -39.76
N LEU L 1788 36.17 54.22 -39.69
CA LEU L 1788 37.13 53.13 -39.68
C LEU L 1788 37.94 53.09 -40.96
N ASN L 1789 37.28 53.29 -42.11
CA ASN L 1789 37.99 53.30 -43.38
C ASN L 1789 38.91 54.52 -43.48
N VAL L 1790 38.46 55.66 -42.94
CA VAL L 1790 39.33 56.85 -42.91
C VAL L 1790 40.60 56.56 -42.11
N LEU L 1791 40.45 55.93 -40.96
CA LEU L 1791 41.61 55.58 -40.14
C LEU L 1791 42.49 54.58 -40.86
N ARG L 1792 41.89 53.62 -41.57
CA ARG L 1792 42.67 52.65 -42.34
C ARG L 1792 43.51 53.33 -43.41
N GLY L 1793 42.90 54.26 -44.15
CA GLY L 1793 43.65 55.00 -45.15
C GLY L 1793 44.76 55.84 -44.57
N MET L 1794 44.48 56.49 -43.43
CA MET L 1794 45.51 57.26 -42.75
C MET L 1794 46.69 56.38 -42.35
N LEU L 1795 46.40 55.22 -41.76
CA LEU L 1795 47.48 54.33 -41.35
C LEU L 1795 48.26 53.80 -42.55
N LYS L 1796 47.56 53.49 -43.65
CA LYS L 1796 48.25 52.99 -44.82
C LYS L 1796 49.19 54.04 -45.39
N GLU L 1797 48.72 55.28 -45.54
CA GLU L 1797 49.60 56.32 -46.07
C GLU L 1797 50.76 56.61 -45.12
N TRP L 1798 50.49 56.60 -43.80
CA TRP L 1798 51.56 56.82 -42.84
C TRP L 1798 52.62 55.74 -42.93
N TRP L 1799 52.19 54.48 -43.06
CA TRP L 1799 53.15 53.37 -43.18
C TRP L 1799 53.97 53.49 -44.45
N ASP L 1800 53.32 53.84 -45.57
CA ASP L 1800 54.06 53.97 -46.82
C ASP L 1800 55.09 55.08 -46.75
N GLU L 1801 54.74 56.24 -46.19
CA GLU L 1801 55.73 57.30 -46.05
C GLU L 1801 56.80 56.95 -45.03
N ALA L 1802 56.44 56.17 -44.00
CA ALA L 1802 57.44 55.75 -43.02
C ALA L 1802 58.44 54.79 -43.64
N LEU L 1803 58.02 54.00 -44.62
CA LEU L 1803 58.96 53.13 -45.32
C LEU L 1803 60.04 53.93 -46.04
N LYS L 1804 59.67 55.11 -46.57
CA LYS L 1804 60.63 55.92 -47.32
C LYS L 1804 61.39 56.88 -46.43
N GLU L 1805 61.98 56.35 -45.34
CA GLU L 1805 62.88 57.09 -44.46
C GLU L 1805 62.23 58.39 -43.96
N ASN L 1806 61.13 58.25 -43.25
CA ASN L 1806 60.46 59.38 -42.60
C ASN L 1806 60.38 59.11 -41.11
N SER L 1807 61.01 59.99 -40.31
CA SER L 1807 61.02 59.80 -38.86
C SER L 1807 59.66 60.11 -38.25
N THR L 1808 59.03 61.21 -38.68
CA THR L 1808 57.75 61.59 -38.10
C THR L 1808 56.67 60.56 -38.39
N ALA L 1809 56.66 60.01 -39.60
CA ALA L 1809 55.67 58.99 -39.94
C ALA L 1809 55.88 57.74 -39.09
N ASP L 1810 57.14 57.35 -38.88
CA ASP L 1810 57.43 56.21 -38.01
C ASP L 1810 56.96 56.47 -36.59
N LEU L 1811 57.19 57.68 -36.08
CA LEU L 1811 56.71 58.02 -34.74
C LEU L 1811 55.19 57.95 -34.65
N LEU L 1812 54.49 58.46 -35.67
CA LEU L 1812 53.03 58.40 -35.66
C LEU L 1812 52.54 56.97 -35.68
N VAL L 1813 53.16 56.12 -36.51
CA VAL L 1813 52.76 54.72 -36.58
C VAL L 1813 52.98 54.04 -35.24
N ASN L 1814 54.12 54.32 -34.59
CA ASN L 1814 54.39 53.72 -33.30
C ASN L 1814 53.41 54.20 -32.23
N SER L 1815 53.01 55.48 -32.27
CA SER L 1815 52.19 56.06 -31.22
C SER L 1815 50.69 55.89 -31.46
N LEU L 1816 50.28 55.38 -32.62
CA LEU L 1816 48.85 55.17 -32.85
C LEU L 1816 48.25 54.20 -31.85
N ALA L 1817 48.96 53.10 -31.54
CA ALA L 1817 48.44 52.12 -30.60
C ALA L 1817 48.26 52.73 -29.21
N SER L 1818 49.21 53.56 -28.79
CA SER L 1818 49.06 54.27 -27.52
C SER L 1818 47.89 55.23 -27.57
N TRP L 1819 47.69 55.90 -28.70
CA TRP L 1819 46.59 56.85 -28.84
C TRP L 1819 45.24 56.16 -28.72
N VAL L 1820 45.13 54.94 -29.26
CA VAL L 1820 43.83 54.27 -29.31
C VAL L 1820 43.25 54.07 -27.91
N GLN L 1821 44.09 53.68 -26.95
CA GLN L 1821 43.61 53.27 -25.63
C GLN L 1821 43.56 54.41 -24.61
N ASN L 1822 43.94 55.63 -24.99
CA ASN L 1822 44.06 56.73 -24.05
C ASN L 1822 42.76 57.53 -24.04
N PRO L 1823 42.05 57.62 -22.91
CA PRO L 1823 40.88 58.49 -22.88
C PRO L 1823 41.24 59.97 -22.88
N ASN L 1824 42.38 60.33 -22.28
CA ASN L 1824 42.76 61.74 -22.20
C ASN L 1824 42.99 62.33 -23.59
N ALA L 1825 43.39 61.50 -24.56
CA ALA L 1825 43.44 61.94 -25.94
C ALA L 1825 42.04 62.26 -26.45
N LYS L 1826 41.93 63.35 -27.21
CA LYS L 1826 40.64 63.76 -27.74
C LYS L 1826 40.21 62.81 -28.86
N LEU L 1827 38.94 62.95 -29.25
CA LEU L 1827 38.32 62.10 -30.26
C LEU L 1827 38.30 60.62 -29.86
N PHE L 1828 38.47 60.33 -28.57
CA PHE L 1828 38.55 58.97 -28.07
C PHE L 1828 37.16 58.40 -27.90
N ASP L 1829 36.94 57.19 -28.41
CA ASP L 1829 35.65 56.52 -28.34
C ASP L 1829 35.84 55.12 -27.78
N GLY L 1830 35.00 54.75 -26.80
CA GLY L 1830 35.06 53.40 -26.25
C GLY L 1830 34.70 52.35 -27.27
N LEU L 1831 33.80 52.69 -28.20
CA LEU L 1831 33.45 51.76 -29.28
C LEU L 1831 34.65 51.47 -30.17
N LEU L 1832 35.49 52.48 -30.44
CA LEU L 1832 36.70 52.25 -31.22
C LEU L 1832 37.65 51.28 -30.52
N ARG L 1833 37.85 51.47 -29.21
CA ARG L 1833 38.70 50.57 -28.45
C ARG L 1833 38.16 49.14 -28.46
N TYR L 1834 36.84 49.01 -28.26
CA TYR L 1834 36.25 47.67 -28.29
C TYR L 1834 36.39 47.04 -29.66
N HIS L 1835 36.20 47.82 -30.72
CA HIS L 1835 36.34 47.31 -32.08
C HIS L 1835 37.76 46.80 -32.32
N VAL L 1836 38.75 47.59 -31.91
CA VAL L 1836 40.15 47.20 -32.13
C VAL L 1836 40.48 45.94 -31.35
N HIS L 1837 40.07 45.88 -30.07
CA HIS L 1837 40.33 44.69 -29.27
C HIS L 1837 39.66 43.45 -29.86
N ASN L 1838 38.41 43.59 -30.29
CA ASN L 1838 37.69 42.45 -30.83
C ASN L 1838 38.29 41.95 -32.13
N LEU L 1839 38.77 42.84 -33.00
CA LEU L 1839 39.44 42.36 -34.21
C LEU L 1839 40.81 41.77 -33.91
N THR L 1840 41.54 42.31 -32.93
CA THR L 1840 42.82 41.72 -32.55
C THR L 1840 42.63 40.31 -31.99
N LYS L 1841 41.55 40.11 -31.22
CA LYS L 1841 41.26 38.80 -30.67
C LYS L 1841 41.04 37.77 -31.78
N LYS L 1842 40.29 38.16 -32.82
CA LYS L 1842 40.07 37.27 -33.96
C LYS L 1842 41.37 37.03 -34.72
N ALA L 1843 42.19 38.08 -34.86
CA ALA L 1843 43.44 37.95 -35.60
C ALA L 1843 44.39 36.97 -34.93
N LEU L 1844 44.48 37.00 -33.59
CA LEU L 1844 45.37 36.06 -32.91
C LEU L 1844 44.93 34.61 -33.13
N LEU L 1845 43.62 34.34 -33.03
CA LEU L 1845 43.13 32.99 -33.29
C LEU L 1845 43.40 32.57 -34.73
N GLN L 1846 43.23 33.50 -35.68
CA GLN L 1846 43.51 33.18 -37.08
C GLN L 1846 45.00 32.88 -37.27
N LEU L 1847 45.87 33.60 -36.58
CA LEU L 1847 47.30 33.34 -36.67
C LEU L 1847 47.65 31.97 -36.10
N VAL L 1848 47.02 31.61 -34.98
CA VAL L 1848 47.24 30.29 -34.40
C VAL L 1848 46.77 29.20 -35.35
N ASN L 1849 45.61 29.41 -35.99
CA ASN L 1849 45.12 28.45 -36.96
C ASN L 1849 46.05 28.35 -38.17
N GLU L 1850 46.61 29.48 -38.60
CA GLU L 1850 47.55 29.46 -39.71
C GLU L 1850 48.81 28.67 -39.36
N PHE L 1851 49.31 28.84 -38.14
CA PHE L 1851 50.41 28.01 -37.67
C PHE L 1851 50.01 26.54 -37.61
N SER L 1852 48.72 26.29 -37.30
CA SER L 1852 48.23 24.92 -37.24
C SER L 1852 48.16 24.25 -38.61
N ALA L 1853 48.30 25.01 -39.69
CA ALA L 1853 48.29 24.41 -41.02
C ALA L 1853 49.44 23.44 -41.23
N LEU L 1854 50.64 23.79 -40.79
CA LEU L 1854 51.79 22.90 -40.86
C LEU L 1854 51.91 22.10 -39.57
N GLY L 1855 52.65 20.99 -39.65
CA GLY L 1855 52.84 20.16 -38.48
C GLY L 1855 53.52 20.89 -37.35
N SER L 1856 52.74 21.24 -36.32
CA SER L 1856 53.18 22.02 -35.16
C SER L 1856 52.00 22.13 -34.22
N THR L 1857 52.28 22.46 -32.96
CA THR L 1857 51.23 22.61 -31.97
C THR L 1857 51.48 23.84 -31.11
N ILE L 1858 50.43 24.64 -30.90
CA ILE L 1858 50.55 25.82 -30.06
C ILE L 1858 50.72 25.39 -28.60
N VAL L 1859 51.55 26.13 -27.87
CA VAL L 1859 51.73 25.85 -26.44
C VAL L 1859 51.28 27.05 -25.62
N TYR L 1860 51.48 28.25 -26.17
CA TYR L 1860 51.27 29.48 -25.43
C TYR L 1860 51.03 30.63 -26.40
N ALA L 1861 50.32 31.65 -25.94
CA ALA L 1861 50.02 32.83 -26.74
C ALA L 1861 49.71 33.99 -25.82
N ASP L 1862 50.47 35.09 -25.96
CA ASP L 1862 50.30 36.21 -25.03
C ASP L 1862 50.39 37.57 -25.72
N ARG L 1863 50.16 37.65 -27.03
CA ARG L 1863 50.20 38.87 -27.83
C ARG L 1863 51.62 39.38 -28.02
N ASN L 1864 52.59 38.78 -27.34
CA ASN L 1864 53.99 39.12 -27.50
C ASN L 1864 54.90 37.91 -27.57
N GLN L 1865 54.43 36.73 -27.15
CA GLN L 1865 55.23 35.52 -27.18
C GLN L 1865 54.34 34.39 -27.66
N ILE L 1866 54.87 33.58 -28.58
CA ILE L 1866 54.18 32.41 -29.07
C ILE L 1866 55.15 31.23 -29.06
N LEU L 1867 54.73 30.12 -28.47
CA LEU L 1867 55.55 28.92 -28.37
C LEU L 1867 54.97 27.83 -29.25
N ILE L 1868 55.81 27.24 -30.09
CA ILE L 1868 55.40 26.30 -31.12
C ILE L 1868 56.14 24.99 -30.92
N LYS L 1869 55.41 23.89 -30.99
CA LYS L 1869 55.94 22.53 -30.90
C LYS L 1869 56.16 22.01 -32.32
N THR L 1870 57.38 21.60 -32.62
CA THR L 1870 57.74 21.13 -33.94
C THR L 1870 57.75 19.60 -33.98
N ASN L 1871 57.62 19.04 -35.20
CA ASN L 1871 57.66 17.60 -35.38
C ASN L 1871 59.08 17.05 -35.20
N LYS L 1872 60.09 17.82 -35.60
CA LYS L 1872 61.47 17.33 -35.55
C LYS L 1872 61.94 17.19 -34.11
N TYR L 1873 63.04 16.45 -33.95
CA TYR L 1873 63.54 16.09 -32.63
C TYR L 1873 64.83 16.80 -32.23
N SER L 1874 65.63 17.24 -33.20
CA SER L 1874 66.90 17.89 -32.88
C SER L 1874 66.87 19.34 -33.32
N PRO L 1875 67.35 20.26 -32.47
CA PRO L 1875 67.38 21.68 -32.88
C PRO L 1875 68.24 21.93 -34.11
N GLU L 1876 69.27 21.11 -34.34
CA GLU L 1876 70.16 21.34 -35.46
C GLU L 1876 69.50 21.08 -36.81
N ASN L 1877 68.32 20.44 -36.82
CA ASN L 1877 67.64 20.07 -38.05
C ASN L 1877 66.43 20.93 -38.35
N CYS L 1878 66.28 22.08 -37.68
CA CYS L 1878 65.12 22.95 -37.87
C CYS L 1878 65.49 24.31 -38.40
N TYR L 1879 66.70 24.49 -38.94
CA TYR L 1879 67.07 25.78 -39.52
C TYR L 1879 66.21 26.11 -40.74
N ALA L 1880 65.99 25.12 -41.61
CA ALA L 1880 65.25 25.37 -42.84
C ALA L 1880 63.76 25.47 -42.57
N TYR L 1881 63.24 24.66 -41.63
CA TYR L 1881 61.81 24.62 -41.40
C TYR L 1881 61.32 25.91 -40.76
N SER L 1882 62.12 26.48 -39.85
CA SER L 1882 61.75 27.75 -39.24
C SER L 1882 61.66 28.86 -40.29
N GLN L 1883 62.63 28.92 -41.20
CA GLN L 1883 62.60 29.91 -42.26
C GLN L 1883 61.42 29.69 -43.19
N TYR L 1884 61.12 28.43 -43.51
CA TYR L 1884 59.98 28.14 -44.37
C TYR L 1884 58.68 28.57 -43.72
N MET L 1885 58.53 28.30 -42.42
CA MET L 1885 57.31 28.72 -41.71
C MET L 1885 57.21 30.24 -41.66
N MET L 1886 58.32 30.93 -41.41
CA MET L 1886 58.29 32.39 -41.38
C MET L 1886 57.88 32.95 -42.73
N LYS L 1887 58.46 32.42 -43.82
CA LYS L 1887 58.10 32.88 -45.15
C LYS L 1887 56.64 32.60 -45.47
N ALA L 1888 56.15 31.41 -45.09
CA ALA L 1888 54.76 31.07 -45.35
C ALA L 1888 53.80 31.99 -44.58
N VAL L 1889 54.13 32.28 -43.32
CA VAL L 1889 53.27 33.15 -42.52
C VAL L 1889 53.27 34.57 -43.10
N ARG L 1890 54.45 35.07 -43.47
CA ARG L 1890 54.52 36.42 -44.00
C ARG L 1890 53.86 36.52 -45.38
N THR L 1891 53.83 35.41 -46.13
CA THR L 1891 53.26 35.44 -47.47
C THR L 1891 51.76 35.71 -47.44
N ASN L 1892 51.09 35.26 -46.39
CA ASN L 1892 49.65 35.41 -46.31
C ASN L 1892 49.27 36.90 -46.25
N PRO L 1893 48.31 37.36 -47.05
CA PRO L 1893 47.91 38.77 -46.99
C PRO L 1893 47.38 39.17 -45.62
N MET L 1894 46.84 38.22 -44.86
CA MET L 1894 46.32 38.53 -43.54
C MET L 1894 47.40 39.07 -42.61
N PHE L 1895 48.61 38.54 -42.72
CA PHE L 1895 49.68 38.89 -41.79
C PHE L 1895 50.90 39.41 -42.54
N SER L 1896 50.69 40.32 -43.49
CA SER L 1896 51.79 40.85 -44.29
C SER L 1896 52.65 41.82 -43.49
N TYR L 1897 52.05 42.49 -42.49
CA TYR L 1897 52.73 43.55 -41.77
C TYR L 1897 53.18 43.13 -40.37
N LEU L 1898 53.11 41.85 -40.03
CA LEU L 1898 53.55 41.39 -38.73
C LEU L 1898 55.06 41.21 -38.69
N ASP L 1899 55.64 41.47 -37.53
CA ASP L 1899 57.07 41.28 -37.30
C ASP L 1899 57.27 40.06 -36.41
N LEU L 1900 57.96 39.04 -36.94
CA LEU L 1900 58.18 37.80 -36.22
C LEU L 1900 59.68 37.56 -36.11
N ASN L 1901 60.15 37.29 -34.89
CA ASN L 1901 61.55 36.96 -34.64
C ASN L 1901 61.63 35.81 -33.64
N ILE L 1902 62.49 34.85 -33.93
CA ILE L 1902 62.68 33.69 -33.06
C ILE L 1902 63.71 34.06 -31.99
N LYS L 1903 63.33 33.93 -30.72
CA LYS L 1903 64.21 34.35 -29.65
C LYS L 1903 65.08 33.19 -29.14
N ARG L 1904 64.50 32.00 -29.00
CA ARG L 1904 65.21 30.89 -28.40
C ARG L 1904 64.77 29.59 -29.05
N TYR L 1905 65.64 28.58 -29.00
CA TYR L 1905 65.29 27.21 -29.36
C TYR L 1905 65.37 26.33 -28.12
N TRP L 1906 64.37 25.48 -27.94
CA TRP L 1906 64.28 24.62 -26.77
C TRP L 1906 64.53 23.17 -27.16
N ASP L 1907 65.37 22.49 -26.40
CA ASP L 1907 65.60 21.07 -26.62
C ASP L 1907 64.67 20.21 -25.78
N LEU L 1908 64.51 20.57 -24.50
CA LEU L 1908 63.63 19.88 -23.58
C LEU L 1908 62.94 20.93 -22.72
N LEU L 1909 61.62 20.92 -22.71
CA LEU L 1909 60.86 21.97 -22.04
C LEU L 1909 59.79 21.37 -21.12
N ILE L 1910 59.74 21.87 -19.90
CA ILE L 1910 58.73 21.53 -18.91
C ILE L 1910 57.89 22.77 -18.66
N TRP L 1911 56.61 22.73 -19.03
CA TRP L 1911 55.75 23.91 -19.02
C TRP L 1911 54.54 23.65 -18.13
N MET L 1912 54.37 24.51 -17.12
CA MET L 1912 53.16 24.59 -16.32
C MET L 1912 52.43 25.90 -16.53
N ASP L 1913 53.11 27.02 -16.35
CA ASP L 1913 52.63 28.33 -16.76
C ASP L 1913 53.86 29.21 -17.01
N LYS L 1914 53.61 30.47 -17.37
CA LYS L 1914 54.71 31.35 -17.72
C LYS L 1914 55.65 31.60 -16.55
N PHE L 1915 55.14 31.51 -15.32
CA PHE L 1915 55.94 31.74 -14.13
C PHE L 1915 56.58 30.47 -13.57
N ASN L 1916 56.25 29.29 -14.12
CA ASN L 1916 56.82 28.03 -13.65
C ASN L 1916 57.23 27.22 -14.89
N PHE L 1917 58.53 27.18 -15.18
CA PHE L 1917 59.03 26.39 -16.27
C PHE L 1917 60.51 26.08 -16.04
N SER L 1918 61.02 25.12 -16.81
CA SER L 1918 62.42 24.75 -16.75
C SER L 1918 62.77 24.00 -18.03
N GLY L 1919 64.06 23.95 -18.33
CA GLY L 1919 64.51 23.19 -19.48
C GLY L 1919 65.87 23.64 -19.97
N LEU L 1920 66.16 23.26 -21.21
CA LEU L 1920 67.44 23.49 -21.85
C LEU L 1920 67.21 24.24 -23.16
N ALA L 1921 67.90 25.36 -23.34
CA ALA L 1921 67.68 26.23 -24.48
C ALA L 1921 68.99 26.71 -25.07
N CYS L 1922 68.95 27.06 -26.36
CA CYS L 1922 70.06 27.67 -27.07
C CYS L 1922 69.58 28.93 -27.76
N ILE L 1923 70.38 29.98 -27.71
CA ILE L 1923 69.98 31.27 -28.26
C ILE L 1923 69.88 31.20 -29.78
N GLU L 1924 70.85 30.55 -30.42
CA GLU L 1924 70.88 30.49 -31.88
C GLU L 1924 71.78 29.34 -32.30
N ILE L 1925 71.34 28.59 -33.32
CA ILE L 1925 72.07 27.41 -33.76
C ILE L 1925 73.21 27.82 -34.68
N GLU L 1926 74.35 27.14 -34.54
CA GLU L 1926 75.55 27.44 -35.30
C GLU L 1926 75.91 26.25 -36.17
N GLU L 1927 77.04 26.37 -36.86
CA GLU L 1927 77.46 25.39 -37.85
C GLU L 1927 78.73 24.68 -37.40
N LYS L 1928 78.76 23.35 -37.57
CA LYS L 1928 79.91 22.49 -37.36
C LYS L 1928 80.39 22.47 -35.91
N GLU L 1929 79.72 23.19 -35.01
CA GLU L 1929 80.03 23.19 -33.59
C GLU L 1929 78.83 22.65 -32.83
N ASN L 1930 79.08 21.75 -31.88
CA ASN L 1930 78.00 21.27 -31.03
C ASN L 1930 77.36 22.45 -30.30
N GLN L 1931 76.05 22.56 -30.44
CA GLN L 1931 75.35 23.75 -29.97
C GLN L 1931 75.51 23.91 -28.45
N ASP L 1932 75.85 25.12 -28.03
CA ASP L 1932 75.92 25.42 -26.62
C ASP L 1932 74.51 25.55 -26.05
N TYR L 1933 74.28 24.88 -24.93
CA TYR L 1933 72.97 24.85 -24.30
C TYR L 1933 73.07 25.37 -22.88
N THR L 1934 72.16 26.25 -22.51
CA THR L 1934 72.03 26.75 -21.15
C THR L 1934 70.76 26.18 -20.52
N ALA L 1935 70.86 25.89 -19.22
CA ALA L 1935 69.76 25.30 -18.46
C ALA L 1935 69.10 26.38 -17.64
N VAL L 1936 67.79 26.54 -17.81
CA VAL L 1936 67.02 27.56 -17.10
C VAL L 1936 65.99 26.86 -16.23
N SER L 1937 65.69 27.45 -15.08
CA SER L 1937 64.71 26.92 -14.15
C SER L 1937 64.10 28.07 -13.35
N GLN L 1938 62.88 28.49 -13.73
CA GLN L 1938 62.17 29.54 -13.04
C GLN L 1938 60.93 28.90 -12.40
N TRP L 1939 60.99 28.69 -11.09
CA TRP L 1939 59.92 28.02 -10.35
C TRP L 1939 59.48 28.93 -9.21
N GLN L 1940 58.33 29.58 -9.38
CA GLN L 1940 57.68 30.30 -8.30
C GLN L 1940 57.11 29.36 -7.24
N LEU L 1941 56.89 28.10 -7.60
CA LEU L 1941 56.35 27.12 -6.67
C LEU L 1941 57.29 26.89 -5.49
N LYS L 1942 58.59 27.14 -5.70
CA LYS L 1942 59.57 26.95 -4.63
C LYS L 1942 59.40 27.98 -3.51
N LYS L 1943 58.92 29.18 -3.84
CA LYS L 1943 58.89 30.26 -2.86
C LYS L 1943 57.98 29.94 -1.68
N PHE L 1944 56.98 29.09 -1.88
CA PHE L 1944 56.05 28.74 -0.82
C PHE L 1944 56.51 27.57 0.02
N LEU L 1945 57.78 27.19 -0.04
CA LEU L 1945 58.31 26.07 0.73
C LEU L 1945 59.11 26.56 1.92
N SER L 1946 59.37 25.64 2.85
CA SER L 1946 60.18 25.93 4.01
C SER L 1946 61.64 26.15 3.60
N PRO L 1947 62.35 27.05 4.30
CA PRO L 1947 63.73 27.37 3.90
C PRO L 1947 64.65 26.17 3.79
N ILE L 1948 64.43 25.12 4.60
CA ILE L 1948 65.33 23.97 4.58
C ILE L 1948 65.08 23.10 3.35
N TYR L 1949 63.90 23.23 2.73
CA TYR L 1949 63.55 22.36 1.61
C TYR L 1949 63.66 23.05 0.25
N GLN L 1950 63.77 24.37 0.22
CA GLN L 1950 63.95 25.08 -1.04
C GLN L 1950 65.21 24.66 -1.78
N PRO L 1951 66.39 24.54 -1.16
CA PRO L 1951 67.53 23.98 -1.90
C PRO L 1951 67.29 22.57 -2.41
N GLU L 1952 66.58 21.75 -1.64
CA GLU L 1952 66.30 20.37 -2.07
C GLU L 1952 65.43 20.34 -3.31
N PHE L 1953 64.44 21.25 -3.40
CA PHE L 1953 63.59 21.32 -4.58
C PHE L 1953 64.42 21.54 -5.83
N GLU L 1954 65.30 22.55 -5.81
CA GLU L 1954 66.14 22.84 -6.97
C GLU L 1954 67.10 21.70 -7.25
N ASP L 1955 67.69 21.12 -6.20
CA ASP L 1955 68.66 20.04 -6.40
C ASP L 1955 68.01 18.83 -7.07
N TRP L 1956 66.79 18.50 -6.68
CA TRP L 1956 66.12 17.33 -7.26
C TRP L 1956 65.60 17.63 -8.66
N MET L 1957 65.18 18.86 -8.92
CA MET L 1957 64.85 19.22 -10.30
C MET L 1957 66.07 19.15 -11.22
N MET L 1958 67.24 19.54 -10.74
CA MET L 1958 68.46 19.41 -11.52
C MET L 1958 68.84 17.96 -11.81
N ILE L 1959 68.33 17.01 -11.02
CA ILE L 1959 68.55 15.60 -11.31
C ILE L 1959 67.51 15.09 -12.28
N ILE L 1960 66.25 15.54 -12.12
CA ILE L 1960 65.19 15.13 -13.03
C ILE L 1960 65.53 15.55 -14.46
N LEU L 1961 65.98 16.80 -14.63
CA LEU L 1961 66.29 17.29 -15.97
C LEU L 1961 67.45 16.51 -16.58
N ASP L 1962 68.49 16.24 -15.79
CA ASP L 1962 69.64 15.49 -16.31
C ASP L 1962 69.24 14.09 -16.73
N SER L 1963 68.43 13.41 -15.90
CA SER L 1963 67.99 12.06 -16.24
C SER L 1963 67.13 12.06 -17.50
N MET L 1964 66.24 13.05 -17.63
CA MET L 1964 65.40 13.12 -18.83
C MET L 1964 66.24 13.36 -20.07
N LEU L 1965 67.25 14.24 -19.97
CA LEU L 1965 68.14 14.47 -21.11
C LEU L 1965 68.89 13.20 -21.48
N LYS L 1966 69.39 12.47 -20.48
CA LYS L 1966 70.13 11.25 -20.76
C LYS L 1966 69.25 10.21 -21.45
N THR L 1967 68.03 10.02 -20.95
CA THR L 1967 67.16 9.01 -21.57
C THR L 1967 66.71 9.44 -22.96
N LYS L 1968 66.52 10.75 -23.17
CA LYS L 1968 66.19 11.21 -24.52
C LYS L 1968 67.35 10.96 -25.48
N GLN L 1969 68.57 11.22 -25.05
CA GLN L 1969 69.73 10.95 -25.89
C GLN L 1969 69.84 9.46 -26.20
N SER L 1970 69.60 8.61 -25.20
CA SER L 1970 69.65 7.17 -25.42
C SER L 1970 68.60 6.72 -26.42
N TYR L 1971 67.37 7.25 -26.31
CA TYR L 1971 66.32 6.88 -27.24
C TYR L 1971 66.65 7.34 -28.66
N LEU L 1972 67.20 8.55 -28.79
CA LEU L 1972 67.60 9.02 -30.12
C LEU L 1972 68.69 8.15 -30.71
N LYS L 1973 69.67 7.74 -29.89
CA LYS L 1973 70.77 6.92 -30.38
C LYS L 1973 70.29 5.53 -30.78
N LEU L 1974 69.34 4.97 -30.03
CA LEU L 1974 68.92 3.59 -30.28
C LEU L 1974 68.33 3.43 -31.68
N ASN L 1975 67.50 4.36 -32.10
CA ASN L 1975 66.88 4.28 -33.42
C ASN L 1975 67.62 5.16 -34.44
N SER L 1995 51.31 6.89 -29.48
CA SER L 1995 50.51 7.11 -28.27
C SER L 1995 51.38 7.57 -27.12
N VAL L 1996 52.65 7.15 -27.13
CA VAL L 1996 53.61 7.48 -26.08
C VAL L 1996 54.83 8.09 -26.73
N GLU L 1997 55.34 9.17 -26.14
CA GLU L 1997 56.60 9.78 -26.55
C GLU L 1997 57.75 9.01 -25.90
N ASN L 1998 58.18 7.95 -26.57
CA ASN L 1998 59.11 6.99 -25.98
C ASN L 1998 60.47 7.59 -25.65
N SER L 1999 60.70 8.87 -25.97
CA SER L 1999 61.95 9.50 -25.59
C SER L 1999 62.07 9.62 -24.08
N LEU L 2000 60.95 9.67 -23.37
CA LEU L 2000 60.93 9.94 -21.94
C LEU L 2000 60.27 8.83 -21.12
N ASN L 2001 60.30 7.58 -21.61
CA ASN L 2001 59.82 6.44 -20.84
C ASN L 2001 60.99 5.78 -20.11
N GLY L 2002 60.87 5.69 -18.80
CA GLY L 2002 61.89 5.05 -17.99
C GLY L 2002 62.93 5.96 -17.38
N PHE L 2003 62.71 7.28 -17.39
CA PHE L 2003 63.69 8.18 -16.81
C PHE L 2003 63.65 8.16 -15.29
N SER L 2004 62.51 7.74 -14.71
CA SER L 2004 62.37 7.76 -13.26
C SER L 2004 63.16 6.65 -12.59
N HIS L 2005 63.56 5.62 -13.36
CA HIS L 2005 64.24 4.48 -12.76
C HIS L 2005 65.62 4.86 -12.23
N LEU L 2006 66.22 5.91 -12.78
CA LEU L 2006 67.59 6.26 -12.40
C LEU L 2006 67.66 6.96 -11.06
N PHE L 2007 66.65 7.77 -10.73
CA PHE L 2007 66.69 8.60 -9.53
C PHE L 2007 65.62 8.24 -8.50
N SER L 2008 65.00 7.06 -8.61
CA SER L 2008 63.94 6.71 -7.67
C SER L 2008 64.52 6.22 -6.34
N LYS L 2009 65.46 5.28 -6.40
CA LYS L 2009 66.06 4.69 -5.21
C LYS L 2009 66.76 5.72 -4.34
N PRO L 2010 67.60 6.61 -4.88
CA PRO L 2010 68.17 7.67 -4.03
C PRO L 2010 67.10 8.57 -3.42
N LEU L 2011 66.04 8.86 -4.17
CA LEU L 2011 65.01 9.76 -3.67
C LEU L 2011 64.27 9.16 -2.49
N MET L 2012 63.99 7.85 -2.55
CA MET L 2012 63.31 7.21 -1.42
C MET L 2012 64.13 7.31 -0.14
N LYS L 2013 65.42 7.00 -0.24
CA LYS L 2013 66.30 7.05 0.93
C LYS L 2013 66.42 8.48 1.46
N ARG L 2014 66.56 9.45 0.56
CA ARG L 2014 66.65 10.84 0.99
C ARG L 2014 65.37 11.29 1.69
N VAL L 2015 64.22 10.89 1.17
CA VAL L 2015 62.96 11.26 1.82
C VAL L 2015 62.85 10.62 3.20
N LYS L 2016 63.27 9.37 3.33
CA LYS L 2016 63.24 8.72 4.65
C LYS L 2016 64.15 9.46 5.64
N LYS L 2017 65.37 9.80 5.22
CA LYS L 2017 66.28 10.50 6.11
C LYS L 2017 65.74 11.87 6.51
N LEU L 2018 65.18 12.61 5.54
CA LEU L 2018 64.61 13.92 5.84
C LEU L 2018 63.44 13.80 6.80
N PHE L 2019 62.60 12.78 6.62
CA PHE L 2019 61.49 12.58 7.55
C PHE L 2019 61.99 12.27 8.96
N LYS L 2020 63.02 11.43 9.08
CA LYS L 2020 63.57 11.14 10.40
C LYS L 2020 64.11 12.40 11.07
N ASN L 2021 64.86 13.21 10.31
CA ASN L 2021 65.38 14.45 10.87
C ASN L 2021 64.26 15.40 11.27
N GLN L 2022 63.21 15.48 10.46
CA GLN L 2022 62.07 16.33 10.80
C GLN L 2022 61.40 15.87 12.08
N GLN L 2023 61.18 14.56 12.23
CA GLN L 2023 60.60 14.03 13.46
C GLN L 2023 61.49 14.35 14.65
N GLU L 2024 62.81 14.36 14.45
CA GLU L 2024 63.71 14.60 15.57
C GLU L 2024 63.74 16.07 15.98
N PHE L 2025 63.70 16.98 15.01
CA PHE L 2025 63.97 18.39 15.28
C PHE L 2025 62.77 19.32 15.16
N ILE L 2026 61.56 18.81 14.88
CA ILE L 2026 60.43 19.70 14.63
C ILE L 2026 60.01 20.44 15.89
N LEU L 2027 60.11 19.79 17.05
CA LEU L 2027 59.70 20.39 18.32
C LEU L 2027 60.84 21.09 19.05
N ASP L 2028 62.04 21.13 18.47
CA ASP L 2028 63.16 21.78 19.14
C ASP L 2028 63.07 23.30 18.99
N PRO L 2029 62.98 24.03 20.10
CA PRO L 2029 62.90 25.50 19.98
C PRO L 2029 64.15 26.14 19.39
N GLN L 2030 65.30 25.47 19.48
CA GLN L 2030 66.52 26.01 18.89
C GLN L 2030 66.41 26.05 17.37
N TYR L 2031 65.82 25.03 16.77
CA TYR L 2031 65.67 24.94 15.31
C TYR L 2031 64.37 25.59 14.85
N GLU L 2032 63.82 26.52 15.64
CA GLU L 2032 62.57 27.18 15.26
C GLU L 2032 62.77 28.07 14.04
N ALA L 2033 64.02 28.46 13.75
CA ALA L 2033 64.28 29.24 12.54
C ALA L 2033 63.89 28.46 11.29
N ASP L 2034 64.22 27.17 11.24
CA ASP L 2034 63.73 26.32 10.17
C ASP L 2034 62.26 26.00 10.37
N TYR L 2035 61.68 25.32 9.37
CA TYR L 2035 60.30 24.84 9.43
C TYR L 2035 59.31 25.97 9.63
N VAL L 2036 59.57 27.14 9.05
CA VAL L 2036 58.66 28.28 9.11
C VAL L 2036 58.07 28.49 7.72
N ILE L 2037 56.75 28.43 7.62
CA ILE L 2037 56.07 28.59 6.34
C ILE L 2037 55.98 30.07 6.03
N PRO L 2038 56.50 30.53 4.91
CA PRO L 2038 56.52 31.96 4.60
C PRO L 2038 55.12 32.48 4.29
N VAL L 2039 54.96 33.79 4.47
CA VAL L 2039 53.75 34.51 4.09
C VAL L 2039 54.09 35.39 2.89
N LEU L 2040 53.36 35.21 1.80
CA LEU L 2040 53.59 35.87 0.53
C LEU L 2040 52.28 36.45 0.03
N PRO L 2041 52.34 37.46 -0.85
CA PRO L 2041 51.10 37.98 -1.44
C PRO L 2041 50.43 36.93 -2.31
N GLY L 2042 49.15 36.71 -2.07
CA GLY L 2042 48.40 35.70 -2.79
C GLY L 2042 48.43 34.31 -2.20
N SER L 2043 48.96 34.15 -0.98
CA SER L 2043 48.98 32.86 -0.32
C SER L 2043 47.69 32.66 0.47
N HIS L 2044 47.08 31.49 0.26
CA HIS L 2044 45.78 31.21 0.87
C HIS L 2044 45.77 29.90 1.64
N LEU L 2045 46.57 28.93 1.20
CA LEU L 2045 46.55 27.61 1.82
C LEU L 2045 47.11 27.67 3.23
N ASN L 2046 46.46 26.94 4.14
CA ASN L 2046 46.91 26.78 5.52
C ASN L 2046 47.28 25.32 5.75
N VAL L 2047 48.57 25.03 5.78
CA VAL L 2047 49.06 23.66 5.65
C VAL L 2047 50.02 23.36 6.81
N LYS L 2048 50.16 22.07 7.14
CA LYS L 2048 50.76 21.64 8.40
C LYS L 2048 52.14 20.98 8.29
N ASN L 2049 52.36 20.09 7.32
CA ASN L 2049 53.55 19.24 7.34
C ASN L 2049 54.54 19.67 6.25
N PRO L 2050 55.65 20.33 6.60
CA PRO L 2050 56.54 20.91 5.57
C PRO L 2050 57.10 19.95 4.54
N LEU L 2051 57.46 18.71 4.92
CA LEU L 2051 58.07 17.80 3.96
C LEU L 2051 57.04 17.27 2.96
N LEU L 2052 55.78 17.19 3.39
CA LEU L 2052 54.72 16.75 2.51
C LEU L 2052 54.56 17.70 1.33
N GLU L 2053 54.71 19.01 1.58
CA GLU L 2053 54.56 19.98 0.50
C GLU L 2053 55.69 19.82 -0.51
N LEU L 2054 56.90 19.57 -0.04
CA LEU L 2054 58.02 19.33 -0.95
C LEU L 2054 57.78 18.09 -1.79
N VAL L 2055 57.32 17.00 -1.17
CA VAL L 2055 57.11 15.78 -1.96
C VAL L 2055 55.96 15.96 -2.93
N LYS L 2056 54.89 16.65 -2.53
CA LYS L 2056 53.75 16.87 -3.42
C LYS L 2056 54.16 17.73 -4.61
N SER L 2057 54.88 18.82 -4.36
CA SER L 2057 55.27 19.71 -5.45
C SER L 2057 56.32 19.07 -6.35
N LEU L 2058 57.12 18.16 -5.80
CA LEU L 2058 58.08 17.44 -6.63
C LEU L 2058 57.39 16.41 -7.51
N CYS L 2059 56.34 15.76 -6.99
CA CYS L 2059 55.62 14.78 -7.79
C CYS L 2059 54.73 15.44 -8.83
N HIS L 2060 54.18 16.62 -8.51
CA HIS L 2060 53.31 17.31 -9.47
C HIS L 2060 54.08 17.72 -10.73
N VAL L 2061 55.35 18.08 -10.57
CA VAL L 2061 56.16 18.44 -11.73
C VAL L 2061 56.37 17.24 -12.63
N MET L 2062 56.66 16.07 -12.04
CA MET L 2062 56.79 14.86 -12.84
C MET L 2062 55.47 14.46 -13.48
N LEU L 2063 54.35 14.74 -12.82
CA LEU L 2063 53.06 14.25 -13.30
C LEU L 2063 52.67 14.87 -14.63
N LEU L 2064 53.15 16.07 -14.94
CA LEU L 2064 52.84 16.68 -16.23
C LEU L 2064 53.66 16.01 -17.33
N SER L 2065 53.25 14.81 -17.73
CA SER L 2065 53.93 14.12 -18.82
C SER L 2065 52.94 13.59 -19.84
N LYS L 2066 51.80 13.08 -19.39
CA LYS L 2066 50.74 12.47 -20.18
C LYS L 2066 51.21 11.20 -20.88
N SER L 2067 52.47 10.78 -20.70
CA SER L 2067 52.96 9.55 -21.31
C SER L 2067 53.62 8.60 -20.32
N THR L 2068 53.87 9.03 -19.09
CA THR L 2068 54.45 8.20 -18.05
C THR L 2068 53.60 8.23 -16.79
N ILE L 2069 52.27 8.22 -16.97
CA ILE L 2069 51.37 8.40 -15.83
C ILE L 2069 51.51 7.26 -14.84
N LEU L 2070 51.46 6.01 -15.31
CA LEU L 2070 51.48 4.87 -14.40
C LEU L 2070 52.80 4.79 -13.64
N GLU L 2071 53.91 5.02 -14.34
CA GLU L 2071 55.23 4.93 -13.70
C GLU L 2071 55.38 5.96 -12.59
N ILE L 2072 54.94 7.20 -12.84
CA ILE L 2072 55.04 8.24 -11.82
C ILE L 2072 54.06 7.98 -10.68
N ARG L 2073 52.86 7.48 -10.99
CA ARG L 2073 51.86 7.24 -9.95
C ARG L 2073 52.23 6.09 -9.05
N THR L 2074 53.00 5.10 -9.54
CA THR L 2074 53.50 4.07 -8.64
C THR L 2074 54.52 4.63 -7.66
N LEU L 2075 55.44 5.45 -8.16
CA LEU L 2075 56.44 6.08 -7.31
C LEU L 2075 55.79 7.01 -6.29
N ARG L 2076 54.75 7.73 -6.70
CA ARG L 2076 54.05 8.62 -5.77
C ARG L 2076 53.44 7.84 -4.62
N LYS L 2077 52.80 6.71 -4.92
CA LYS L 2077 52.22 5.89 -3.86
C LYS L 2077 53.30 5.33 -2.95
N GLU L 2078 54.41 4.87 -3.52
CA GLU L 2078 55.49 4.34 -2.70
C GLU L 2078 56.06 5.40 -1.78
N LEU L 2079 56.23 6.62 -2.30
CA LEU L 2079 56.73 7.73 -1.46
C LEU L 2079 55.74 8.10 -0.38
N LEU L 2080 54.44 8.10 -0.71
CA LEU L 2080 53.40 8.40 0.27
C LEU L 2080 53.22 7.28 1.28
N LYS L 2081 53.79 6.11 1.04
CA LYS L 2081 53.80 5.05 2.04
C LYS L 2081 54.74 5.33 3.20
N ILE L 2082 55.77 6.17 2.98
CA ILE L 2082 56.65 6.56 4.09
C ILE L 2082 55.84 7.30 5.15
N PHE L 2083 55.02 8.24 4.73
CA PHE L 2083 54.01 8.84 5.60
C PHE L 2083 52.87 7.84 5.76
N GLU L 2084 52.02 8.07 6.76
CA GLU L 2084 50.84 7.24 6.95
C GLU L 2084 49.69 7.89 6.21
N LEU L 2085 49.72 7.83 4.88
CA LEU L 2085 48.70 8.44 4.04
C LEU L 2085 48.39 7.49 2.89
N ARG L 2086 47.18 7.60 2.36
CA ARG L 2086 46.73 6.76 1.26
C ARG L 2086 46.78 7.55 -0.04
N GLU L 2087 46.81 6.82 -1.16
CA GLU L 2087 47.09 7.41 -2.47
C GLU L 2087 46.01 8.37 -2.94
N PHE L 2088 44.82 8.30 -2.35
CA PHE L 2088 43.72 9.13 -2.82
C PHE L 2088 43.22 10.07 -1.73
N ALA L 2089 44.02 10.24 -0.68
CA ALA L 2089 43.64 11.13 0.41
C ALA L 2089 43.53 12.56 -0.08
N LYS L 2090 42.55 13.29 0.46
CA LYS L 2090 42.36 14.69 0.05
C LYS L 2090 43.53 15.55 0.46
N VAL L 2091 44.26 15.16 1.51
CA VAL L 2091 45.35 15.96 2.04
C VAL L 2091 46.58 15.76 1.16
N ALA L 2092 46.53 14.79 0.25
CA ALA L 2092 47.68 14.45 -0.57
C ALA L 2092 47.50 14.89 -2.02
N GLU L 2093 46.65 15.88 -2.26
CA GLU L 2093 46.42 16.41 -3.59
C GLU L 2093 47.05 17.79 -3.71
N PHE L 2094 47.52 18.11 -4.90
CA PHE L 2094 48.26 19.35 -5.15
C PHE L 2094 47.30 20.45 -5.60
N LYS L 2095 47.43 21.62 -4.96
CA LYS L 2095 46.71 22.82 -5.37
C LYS L 2095 47.72 23.94 -5.52
N ASP L 2096 47.41 24.92 -6.37
CA ASP L 2096 48.32 26.02 -6.61
C ASP L 2096 48.42 26.89 -5.35
N PRO L 2097 49.62 27.10 -4.81
CA PRO L 2097 49.74 27.87 -3.56
C PRO L 2097 49.38 29.34 -3.68
N SER L 2098 49.34 29.90 -4.89
CA SER L 2098 49.20 31.34 -5.07
C SER L 2098 47.93 31.69 -5.83
N LEU L 2099 47.39 32.86 -5.53
CA LEU L 2099 46.26 33.42 -6.24
C LEU L 2099 46.77 34.27 -7.41
N SER L 2100 45.88 35.04 -8.03
CA SER L 2100 46.26 35.88 -9.16
C SER L 2100 45.48 37.18 -9.12
N LEU L 2101 46.17 38.28 -9.47
CA LEU L 2101 45.57 39.62 -9.54
C LEU L 2101 46.22 40.33 -10.72
N VAL L 2102 45.57 40.23 -11.88
CA VAL L 2102 46.17 40.69 -13.13
C VAL L 2102 45.56 42.03 -13.52
N VAL L 2103 46.40 43.05 -13.62
CA VAL L 2103 45.98 44.36 -14.14
C VAL L 2103 46.38 44.42 -15.62
N PRO L 2104 45.44 44.52 -16.54
CA PRO L 2104 45.77 44.43 -17.96
C PRO L 2104 46.18 45.76 -18.57
N ASP L 2105 47.02 45.66 -19.60
CA ASP L 2105 47.35 46.77 -20.49
C ASP L 2105 47.95 47.97 -19.77
N PHE L 2106 49.14 47.79 -19.19
CA PHE L 2106 49.89 48.90 -18.61
C PHE L 2106 50.89 49.42 -19.63
N LEU L 2107 50.98 50.74 -19.74
CA LEU L 2107 51.81 51.40 -20.74
C LEU L 2107 53.17 51.76 -20.18
N CYS L 2108 54.22 51.43 -20.94
CA CYS L 2108 55.56 51.94 -20.70
C CYS L 2108 55.74 53.19 -21.56
N GLU L 2109 55.95 54.34 -20.92
CA GLU L 2109 56.00 55.59 -21.66
C GLU L 2109 57.26 55.69 -22.51
N TYR L 2110 58.38 55.14 -22.04
CA TYR L 2110 59.65 55.21 -22.76
C TYR L 2110 59.89 53.99 -23.64
N CYS L 2111 58.90 53.09 -23.76
CA CYS L 2111 59.12 51.83 -24.46
C CYS L 2111 58.00 51.52 -25.44
N PHE L 2112 56.83 52.13 -25.23
CA PHE L 2112 55.64 51.88 -26.05
C PHE L 2112 55.30 50.39 -26.08
N PHE L 2113 55.23 49.77 -24.91
CA PHE L 2113 55.00 48.33 -24.78
C PHE L 2113 53.72 48.07 -24.01
N ILE L 2114 52.90 47.15 -24.51
CA ILE L 2114 51.69 46.71 -23.83
C ILE L 2114 52.01 45.46 -23.03
N SER L 2115 51.90 45.55 -21.71
CA SER L 2115 52.19 44.42 -20.84
C SER L 2115 51.09 44.27 -19.81
N ASP L 2116 50.77 43.03 -19.48
CA ASP L 2116 49.83 42.68 -18.44
C ASP L 2116 50.60 42.27 -17.19
N ILE L 2117 50.32 42.92 -16.07
CA ILE L 2117 51.08 42.73 -14.85
C ILE L 2117 50.19 42.03 -13.82
N ASP L 2118 50.70 40.95 -13.25
CA ASP L 2118 50.01 40.22 -12.19
C ASP L 2118 50.76 40.45 -10.88
N PHE L 2119 50.05 40.96 -9.88
CA PHE L 2119 50.67 41.44 -8.65
C PHE L 2119 50.92 40.33 -7.63
N CYS L 2120 50.53 39.09 -7.93
CA CYS L 2120 50.72 37.98 -7.00
C CYS L 2120 51.80 37.02 -7.47
N LYS L 2121 51.69 36.50 -8.69
CA LYS L 2121 52.64 35.49 -9.13
C LYS L 2121 54.00 36.09 -9.50
N ALA L 2122 53.99 37.28 -10.11
CA ALA L 2122 55.22 37.87 -10.59
C ALA L 2122 56.13 38.27 -9.44
N ALA L 2123 57.41 37.92 -9.57
CA ALA L 2123 58.39 38.25 -8.55
C ALA L 2123 58.72 39.74 -8.61
N PRO L 2124 59.26 40.30 -7.53
CA PRO L 2124 59.71 41.70 -7.57
C PRO L 2124 60.78 41.92 -8.63
N GLU L 2125 61.13 43.19 -8.84
CA GLU L 2125 62.03 43.66 -9.89
C GLU L 2125 61.32 43.58 -11.23
N SER L 2126 60.11 43.01 -11.24
CA SER L 2126 59.24 42.99 -12.41
C SER L 2126 57.96 43.78 -12.21
N ILE L 2127 57.49 43.91 -10.96
CA ILE L 2127 56.30 44.70 -10.69
C ILE L 2127 56.56 46.18 -10.95
N PHE L 2128 57.77 46.64 -10.64
CA PHE L 2128 58.09 48.06 -10.71
C PHE L 2128 59.13 48.38 -11.79
N SER L 2129 59.16 47.60 -12.86
CA SER L 2129 60.11 47.83 -13.95
C SER L 2129 59.59 47.20 -15.22
N CYS L 2130 59.76 47.89 -16.34
CA CYS L 2130 59.33 47.36 -17.63
C CYS L 2130 60.24 46.21 -18.07
N VAL L 2131 59.69 45.37 -18.96
CA VAL L 2131 60.36 44.14 -19.36
C VAL L 2131 61.39 44.43 -20.45
N ARG L 2132 60.96 45.00 -21.57
CA ARG L 2132 61.85 45.26 -22.69
C ARG L 2132 63.00 46.19 -22.29
N CYS L 2133 62.67 47.31 -21.65
CA CYS L 2133 63.65 48.25 -21.13
C CYS L 2133 63.50 48.30 -19.61
N HIS L 2134 64.61 48.20 -18.90
CA HIS L 2134 64.56 48.17 -17.44
C HIS L 2134 64.34 49.56 -16.86
N LYS L 2135 63.21 50.18 -17.19
CA LYS L 2135 62.89 51.52 -16.70
C LYS L 2135 61.83 51.41 -15.61
N ALA L 2136 62.08 52.08 -14.48
CA ALA L 2136 61.18 51.97 -13.33
C ALA L 2136 59.86 52.66 -13.61
N PHE L 2137 58.80 52.15 -12.98
CA PHE L 2137 57.46 52.71 -13.08
C PHE L 2137 57.22 53.74 -11.98
N ASN L 2138 56.04 54.35 -12.03
CA ASN L 2138 55.61 55.31 -11.02
C ASN L 2138 54.56 54.64 -10.14
N GLN L 2139 54.81 54.61 -8.83
CA GLN L 2139 54.05 53.75 -7.93
C GLN L 2139 52.59 54.22 -7.77
N VAL L 2140 52.39 55.52 -7.64
CA VAL L 2140 51.03 56.02 -7.40
C VAL L 2140 50.13 55.70 -8.58
N LEU L 2141 50.70 55.64 -9.79
CA LEU L 2141 49.94 55.19 -10.94
C LEU L 2141 49.46 53.75 -10.78
N LEU L 2142 50.35 52.87 -10.29
CA LEU L 2142 49.97 51.49 -10.04
C LEU L 2142 48.85 51.41 -9.01
N GLN L 2143 48.96 52.21 -7.95
CA GLN L 2143 47.92 52.21 -6.92
C GLN L 2143 46.59 52.68 -7.49
N GLU L 2144 46.61 53.72 -8.33
CA GLU L 2144 45.37 54.21 -8.94
C GLU L 2144 44.75 53.17 -9.85
N HIS L 2145 45.57 52.44 -10.61
CA HIS L 2145 45.03 51.38 -11.46
C HIS L 2145 44.43 50.26 -10.62
N LEU L 2146 45.07 49.91 -9.50
CA LEU L 2146 44.49 48.89 -8.62
C LEU L 2146 43.16 49.35 -8.05
N ILE L 2147 43.06 50.63 -7.67
CA ILE L 2147 41.80 51.16 -7.17
C ILE L 2147 40.74 51.12 -8.26
N GLN L 2148 41.11 51.46 -9.49
CA GLN L 2148 40.17 51.38 -10.60
C GLN L 2148 39.65 49.96 -10.77
N LYS L 2149 40.55 48.98 -10.69
CA LYS L 2149 40.13 47.59 -10.79
C LYS L 2149 39.15 47.22 -9.69
N LEU L 2150 39.43 47.63 -8.45
CA LEU L 2150 38.56 47.29 -7.33
C LEU L 2150 37.17 47.90 -7.49
N ARG L 2151 37.11 49.20 -7.80
CA ARG L 2151 35.81 49.85 -7.94
C ARG L 2151 35.03 49.28 -9.13
N SER L 2152 35.73 48.97 -10.23
CA SER L 2152 35.05 48.38 -11.38
C SER L 2152 34.49 47.00 -11.03
N ASP L 2153 35.23 46.21 -10.24
CA ASP L 2153 34.74 44.91 -9.83
C ASP L 2153 33.48 45.04 -8.95
N ILE L 2154 33.50 46.00 -8.03
CA ILE L 2154 32.31 46.22 -7.18
C ILE L 2154 31.12 46.64 -8.03
N GLU L 2155 31.34 47.53 -9.00
CA GLU L 2155 30.26 47.95 -9.89
C GLU L 2155 29.71 46.77 -10.68
N SER L 2156 30.61 45.94 -11.23
CA SER L 2156 30.18 44.80 -12.02
C SER L 2156 29.37 43.82 -11.19
N TYR L 2157 29.74 43.63 -9.92
CA TYR L 2157 28.91 42.82 -9.05
C TYR L 2157 27.54 43.47 -8.82
N LEU L 2158 27.52 44.80 -8.68
CA LEU L 2158 26.26 45.48 -8.40
C LEU L 2158 25.33 45.58 -9.62
N ILE L 2159 25.81 45.33 -10.83
CA ILE L 2159 24.95 45.43 -11.99
C ILE L 2159 24.76 44.09 -12.69
N GLN L 2160 24.76 42.99 -11.94
CA GLN L 2160 24.67 41.66 -12.54
C GLN L 2160 23.23 41.30 -12.86
N ASP L 2161 23.05 40.11 -13.43
CA ASP L 2161 21.76 39.59 -13.85
C ASP L 2161 21.40 38.38 -12.99
N LEU L 2162 20.11 38.06 -12.93
CA LEU L 2162 19.66 36.93 -12.13
C LEU L 2162 19.35 35.72 -13.00
N ARG L 2163 19.28 34.54 -12.38
CA ARG L 2163 19.11 33.29 -13.11
C ARG L 2163 18.29 32.32 -12.25
N CYS L 2164 17.66 31.35 -12.92
CA CYS L 2164 16.97 30.27 -12.22
C CYS L 2164 17.94 29.15 -11.92
N SER L 2165 17.81 28.55 -10.72
CA SER L 2165 18.75 27.53 -10.29
C SER L 2165 18.67 26.29 -11.16
N ARG L 2166 17.49 25.98 -11.68
CA ARG L 2166 17.29 24.82 -12.55
C ARG L 2166 17.14 25.21 -14.01
N CYS L 2167 16.25 26.17 -14.31
CA CYS L 2167 16.12 26.71 -15.66
C CYS L 2167 17.17 27.81 -15.86
N HIS L 2168 18.33 27.41 -16.37
CA HIS L 2168 19.36 28.42 -16.56
C HIS L 2168 18.90 29.41 -17.61
N LYS L 2169 18.42 30.56 -17.12
CA LYS L 2169 17.65 31.52 -17.92
C LYS L 2169 17.73 32.87 -17.21
N VAL L 2170 17.40 33.91 -17.94
CA VAL L 2170 17.49 35.26 -17.41
C VAL L 2170 16.13 35.71 -16.89
N LYS L 2171 16.15 36.38 -15.73
CA LYS L 2171 14.94 36.97 -15.17
C LYS L 2171 14.50 38.14 -16.03
N ARG L 2172 13.26 38.10 -16.49
CA ARG L 2172 12.71 39.14 -17.35
C ARG L 2172 11.61 39.94 -16.69
N ASP L 2173 11.60 40.03 -15.36
CA ASP L 2173 10.57 40.73 -14.62
C ASP L 2173 11.23 41.65 -13.59
N TYR L 2174 10.52 42.72 -13.23
CA TYR L 2174 11.03 43.62 -12.19
C TYR L 2174 10.51 43.22 -10.81
N MET L 2175 9.36 42.57 -10.76
CA MET L 2175 8.77 42.10 -9.51
C MET L 2175 8.27 40.67 -9.70
N SER L 2176 9.01 39.72 -9.15
CA SER L 2176 8.60 38.32 -9.16
C SER L 2176 9.25 37.61 -7.99
N ALA L 2177 8.66 36.48 -7.61
CA ALA L 2177 9.17 35.67 -6.51
C ALA L 2177 10.13 34.58 -6.97
N HIS L 2178 9.81 33.88 -8.06
CA HIS L 2178 10.65 32.82 -8.57
C HIS L 2178 10.28 32.56 -10.03
N CYS L 2179 10.96 31.59 -10.63
CA CYS L 2179 10.71 31.22 -12.00
C CYS L 2179 9.28 30.70 -12.16
N PRO L 2180 8.71 30.77 -13.36
CA PRO L 2180 7.51 29.95 -13.62
C PRO L 2180 7.77 28.49 -13.34
N CYS L 2181 8.97 28.02 -13.66
CA CYS L 2181 9.53 26.83 -13.04
C CYS L 2181 9.57 26.99 -11.52
N ALA L 2182 9.23 25.94 -10.80
CA ALA L 2182 9.44 25.96 -9.36
C ALA L 2182 10.94 25.98 -9.08
N GLY L 2183 11.45 27.14 -8.71
CA GLY L 2183 12.87 27.29 -8.50
C GLY L 2183 13.16 28.50 -7.64
N ALA L 2184 14.37 29.03 -7.80
CA ALA L 2184 14.80 30.21 -7.06
C ALA L 2184 15.72 31.06 -7.92
N TRP L 2185 15.79 32.34 -7.59
CA TRP L 2185 16.64 33.29 -8.29
C TRP L 2185 18.01 33.31 -7.61
N GLU L 2186 19.04 32.99 -8.37
CA GLU L 2186 20.42 33.05 -7.92
C GLU L 2186 21.20 34.04 -8.80
N GLY L 2187 22.40 34.38 -8.36
CA GLY L 2187 23.19 35.38 -9.03
C GLY L 2187 24.18 34.80 -10.03
N THR L 2188 24.44 35.58 -11.08
CA THR L 2188 25.45 35.18 -12.06
C THR L 2188 26.86 35.31 -11.49
N LEU L 2189 27.06 36.27 -10.58
CA LEU L 2189 28.33 36.44 -9.88
C LEU L 2189 28.10 36.20 -8.40
N PRO L 2190 28.47 35.04 -7.87
CA PRO L 2190 28.24 34.76 -6.45
C PRO L 2190 29.08 35.65 -5.53
N ARG L 2191 28.58 35.83 -4.31
CA ARG L 2191 29.22 36.73 -3.35
C ARG L 2191 30.61 36.24 -2.96
N GLU L 2192 30.81 34.92 -2.91
CA GLU L 2192 32.08 34.38 -2.44
C GLU L 2192 33.24 34.82 -3.33
N SER L 2193 33.02 34.90 -4.64
CA SER L 2193 34.07 35.33 -5.55
C SER L 2193 34.52 36.75 -5.27
N ILE L 2194 33.56 37.67 -5.11
CA ILE L 2194 33.93 39.06 -4.86
C ILE L 2194 34.53 39.23 -3.47
N VAL L 2195 34.10 38.40 -2.52
CA VAL L 2195 34.72 38.42 -1.19
C VAL L 2195 36.18 38.02 -1.27
N GLN L 2196 36.48 36.95 -2.02
CA GLN L 2196 37.87 36.53 -2.20
C GLN L 2196 38.68 37.59 -2.93
N LYS L 2197 38.07 38.25 -3.91
CA LYS L 2197 38.74 39.33 -4.63
C LYS L 2197 39.07 40.50 -3.71
N LEU L 2198 38.15 40.86 -2.81
CA LEU L 2198 38.46 41.90 -1.83
C LEU L 2198 39.50 41.43 -0.84
N ASN L 2199 39.54 40.12 -0.56
CA ASN L 2199 40.56 39.58 0.34
C ASN L 2199 41.97 39.74 -0.24
N VAL L 2200 42.14 39.42 -1.52
CA VAL L 2200 43.48 39.41 -2.09
C VAL L 2200 44.05 40.82 -2.19
N PHE L 2201 43.17 41.82 -2.43
CA PHE L 2201 43.62 43.20 -2.50
C PHE L 2201 44.23 43.66 -1.19
N LYS L 2202 43.65 43.24 -0.06
CA LYS L 2202 44.20 43.62 1.24
C LYS L 2202 45.61 43.11 1.43
N GLN L 2203 45.88 41.86 1.08
CA GLN L 2203 47.25 41.33 1.17
C GLN L 2203 48.21 42.01 0.21
N VAL L 2204 47.76 42.29 -1.02
CA VAL L 2204 48.62 42.97 -1.98
C VAL L 2204 48.98 44.37 -1.49
N ALA L 2205 48.02 45.05 -0.86
CA ALA L 2205 48.27 46.39 -0.35
C ALA L 2205 49.17 46.41 0.89
N LYS L 2206 49.38 45.26 1.53
CA LYS L 2206 50.22 45.20 2.73
C LYS L 2206 51.62 44.67 2.46
N TYR L 2207 51.78 43.73 1.53
CA TYR L 2207 53.13 43.26 1.23
C TYR L 2207 53.98 44.40 0.65
N TYR L 2208 53.48 45.06 -0.38
CA TYR L 2208 54.09 46.28 -0.91
C TYR L 2208 53.39 47.47 -0.25
N GLY L 2209 54.11 48.57 -0.12
CA GLY L 2209 53.52 49.72 0.55
C GLY L 2209 52.67 50.56 -0.37
N PHE L 2210 51.36 50.35 -0.33
CA PHE L 2210 50.39 51.12 -1.11
C PHE L 2210 49.43 51.76 -0.12
N ASP L 2211 49.70 53.01 0.24
CA ASP L 2211 48.88 53.68 1.25
C ASP L 2211 47.51 54.05 0.71
N ILE L 2212 47.44 54.46 -0.56
CA ILE L 2212 46.17 54.92 -1.13
C ILE L 2212 45.16 53.78 -1.22
N LEU L 2213 45.61 52.61 -1.70
CA LEU L 2213 44.70 51.47 -1.78
C LEU L 2213 44.30 50.98 -0.39
N LEU L 2214 45.23 51.04 0.58
CA LEU L 2214 44.88 50.68 1.94
C LEU L 2214 43.83 51.61 2.51
N SER L 2215 43.92 52.90 2.21
CA SER L 2215 42.87 53.83 2.62
C SER L 2215 41.56 53.52 1.92
N CYS L 2216 41.61 53.20 0.62
CA CYS L 2216 40.40 52.89 -0.12
C CYS L 2216 39.69 51.66 0.45
N ILE L 2217 40.46 50.66 0.91
CA ILE L 2217 39.84 49.50 1.55
C ILE L 2217 39.11 49.85 2.83
N ALA L 2218 39.62 50.79 3.61
CA ALA L 2218 39.04 51.11 4.91
C ALA L 2218 37.92 52.15 4.86
N ASP L 2219 37.67 52.76 3.70
CA ASP L 2219 36.55 53.68 3.56
C ASP L 2219 35.29 52.99 3.05
N LEU L 2220 35.33 51.68 2.86
CA LEU L 2220 34.19 50.93 2.38
C LEU L 2220 33.17 50.70 3.50
N ASP O 21 -11.70 -26.02 49.93
CA ASP O 21 -12.31 -24.78 50.37
C ASP O 21 -11.50 -24.16 51.51
N ASP O 22 -10.69 -24.98 52.17
CA ASP O 22 -9.86 -24.49 53.26
C ASP O 22 -8.56 -23.87 52.76
N ASP O 23 -8.31 -23.95 51.44
CA ASP O 23 -7.17 -23.24 50.87
C ASP O 23 -7.64 -22.07 50.01
N ASN O 24 -8.81 -22.21 49.38
CA ASN O 24 -9.35 -21.12 48.58
C ASN O 24 -9.66 -19.89 49.42
N THR O 25 -10.17 -20.09 50.64
CA THR O 25 -10.44 -18.97 51.52
C THR O 25 -9.18 -18.20 51.87
N GLU O 26 -8.10 -18.92 52.20
CA GLU O 26 -6.83 -18.24 52.50
C GLU O 26 -6.26 -17.56 51.27
N ILE O 27 -6.44 -18.15 50.10
CA ILE O 27 -5.97 -17.51 48.86
C ILE O 27 -6.72 -16.20 48.63
N ILE O 28 -8.04 -16.22 48.79
CA ILE O 28 -8.84 -15.01 48.62
C ILE O 28 -8.44 -13.96 49.65
N LYS O 29 -8.18 -14.40 50.88
CA LYS O 29 -7.73 -13.46 51.92
C LYS O 29 -6.39 -12.83 51.55
N SER O 30 -5.45 -13.63 51.05
CA SER O 30 -4.15 -13.09 50.65
C SER O 30 -4.31 -12.06 49.53
N PHE O 31 -5.16 -12.36 48.55
CA PHE O 31 -5.39 -11.41 47.46
C PHE O 31 -6.02 -10.11 47.98
N LYS O 32 -7.00 -10.23 48.87
CA LYS O 32 -7.64 -9.03 49.42
C LYS O 32 -6.66 -8.19 50.24
N ASN O 33 -5.77 -8.83 51.00
CA ASN O 33 -4.74 -8.08 51.71
C ASN O 33 -3.75 -7.43 50.75
N PHE O 34 -3.43 -8.10 49.63
CA PHE O 34 -2.58 -7.45 48.62
C PHE O 34 -3.25 -6.20 48.07
N ILE O 35 -4.54 -6.28 47.78
CA ILE O 35 -5.25 -5.14 47.20
C ILE O 35 -5.31 -3.99 48.21
N LEU O 36 -5.54 -4.31 49.49
CA LEU O 36 -5.78 -3.29 50.51
C LEU O 36 -4.55 -2.78 51.22
N GLU O 37 -3.40 -3.45 51.12
CA GLU O 37 -2.23 -3.04 51.90
C GLU O 37 -1.02 -2.68 51.06
N PHE O 38 -1.10 -2.76 49.74
CA PHE O 38 0.01 -2.35 48.89
C PHE O 38 0.10 -0.84 48.85
N ARG O 39 1.31 -0.32 49.08
CA ARG O 39 1.54 1.12 49.08
C ARG O 39 2.93 1.41 48.55
N LEU O 40 3.03 2.45 47.72
CA LEU O 40 4.30 3.00 47.27
C LEU O 40 4.29 4.48 47.63
N ASP O 41 5.29 4.90 48.41
CA ASP O 41 5.38 6.28 48.90
C ASP O 41 4.22 6.58 49.84
N SER O 42 3.19 7.27 49.33
CA SER O 42 2.11 7.71 50.21
C SER O 42 0.74 7.57 49.54
N GLN O 43 0.55 6.55 48.70
CA GLN O 43 -0.72 6.39 48.01
C GLN O 43 -0.98 4.92 47.72
N PHE O 44 -2.17 4.45 48.09
CA PHE O 44 -2.61 3.09 47.78
C PHE O 44 -3.12 3.09 46.35
N ILE O 45 -2.27 2.68 45.40
CA ILE O 45 -2.60 2.84 43.99
C ILE O 45 -3.72 1.88 43.59
N TYR O 46 -3.66 0.62 44.03
CA TYR O 46 -4.65 -0.36 43.65
C TYR O 46 -5.98 -0.17 44.35
N ARG O 47 -6.00 0.47 45.51
CA ARG O 47 -7.25 0.85 46.16
C ARG O 47 -7.91 2.04 45.47
N ASP O 48 -7.12 3.00 44.97
CA ASP O 48 -7.64 4.17 44.27
C ASP O 48 -8.12 3.84 42.87
N GLN O 49 -7.42 2.93 42.18
CA GLN O 49 -7.81 2.54 40.84
C GLN O 49 -9.19 1.90 40.84
N LEU O 50 -9.49 1.06 41.82
CA LEU O 50 -10.81 0.44 41.91
C LEU O 50 -11.91 1.50 42.04
N ARG O 51 -11.72 2.46 42.95
CA ARG O 51 -12.75 3.47 43.15
C ARG O 51 -12.92 4.34 41.91
N ASN O 52 -11.81 4.68 41.25
CA ASN O 52 -11.91 5.49 40.04
C ASN O 52 -12.60 4.72 38.91
N ASN O 53 -12.36 3.40 38.85
CA ASN O 53 -12.99 2.60 37.81
C ASN O 53 -14.49 2.43 38.06
N ILE O 54 -14.88 2.30 39.33
CA ILE O 54 -16.29 2.09 39.65
C ILE O 54 -17.12 3.32 39.27
N LEU O 55 -16.55 4.51 39.43
CA LEU O 55 -17.29 5.74 39.17
C LEU O 55 -17.71 5.86 37.70
N VAL O 56 -16.84 5.45 36.78
CA VAL O 56 -17.12 5.56 35.36
C VAL O 56 -17.63 4.22 34.84
N LYS O 57 -18.13 3.38 35.75
CA LYS O 57 -18.74 2.09 35.41
C LYS O 57 -17.78 1.18 34.65
N ASN O 58 -16.52 1.14 35.05
CA ASN O 58 -15.54 0.19 34.55
C ASN O 58 -15.33 -0.87 35.62
N TYR O 59 -15.82 -2.08 35.35
CA TYR O 59 -15.74 -3.18 36.32
C TYR O 59 -14.56 -4.06 35.95
N SER O 60 -13.37 -3.59 36.26
CA SER O 60 -12.14 -4.32 35.93
C SER O 60 -11.01 -3.76 36.78
N LEU O 61 -9.86 -4.43 36.72
CA LEU O 61 -8.67 -4.03 37.45
C LEU O 61 -7.43 -4.52 36.72
N THR O 62 -6.44 -3.64 36.60
CA THR O 62 -5.18 -3.95 35.94
C THR O 62 -4.08 -4.01 36.98
N VAL O 63 -3.33 -5.11 36.99
CA VAL O 63 -2.29 -5.35 37.98
C VAL O 63 -0.98 -5.61 37.25
N ASN O 64 0.09 -4.96 37.71
CA ASN O 64 1.43 -5.21 37.19
C ASN O 64 2.09 -6.32 37.97
N MET O 65 2.69 -7.27 37.25
CA MET O 65 3.24 -8.45 37.91
C MET O 65 4.47 -8.13 38.76
N GLU O 66 5.21 -7.09 38.41
CA GLU O 66 6.38 -6.72 39.21
C GLU O 66 5.99 -6.32 40.62
N HIS O 67 4.88 -5.59 40.77
CA HIS O 67 4.40 -5.24 42.10
C HIS O 67 4.02 -6.49 42.89
N LEU O 68 3.38 -7.45 42.22
CA LEU O 68 2.98 -8.69 42.90
C LEU O 68 4.20 -9.50 43.34
N ILE O 69 5.24 -9.54 42.51
CA ILE O 69 6.47 -10.21 42.90
C ILE O 69 7.12 -9.50 44.08
N GLY O 70 7.13 -8.16 44.06
CA GLY O 70 7.72 -7.42 45.15
C GLY O 70 6.99 -7.61 46.47
N TYR O 71 5.65 -7.68 46.41
CA TYR O 71 4.87 -7.82 47.63
C TYR O 71 5.11 -9.15 48.31
N ASN O 72 5.01 -10.25 47.55
CA ASN O 72 5.18 -11.59 48.10
C ASN O 72 5.40 -12.57 46.96
N GLU O 73 6.50 -13.32 47.03
CA GLU O 73 6.86 -14.25 45.97
C GLU O 73 6.03 -15.52 45.97
N ASP O 74 5.53 -15.96 47.14
CA ASP O 74 4.67 -17.12 47.20
C ASP O 74 3.37 -16.92 46.44
N ILE O 75 2.78 -15.73 46.54
CA ILE O 75 1.56 -15.44 45.81
C ILE O 75 1.79 -15.49 44.30
N TYR O 76 2.93 -14.94 43.85
CA TYR O 76 3.25 -15.02 42.43
C TYR O 76 3.48 -16.45 41.99
N LYS O 77 4.16 -17.25 42.82
CA LYS O 77 4.43 -18.64 42.46
C LYS O 77 3.14 -19.44 42.39
N LYS O 78 2.17 -19.15 43.25
CA LYS O 78 0.88 -19.83 43.18
C LYS O 78 0.17 -19.55 41.86
N LEU O 79 0.22 -18.30 41.40
CA LEU O 79 -0.44 -17.94 40.15
C LEU O 79 0.29 -18.50 38.95
N SER O 80 1.62 -18.51 38.99
CA SER O 80 2.41 -18.86 37.81
C SER O 80 2.28 -20.33 37.41
N ASP O 81 1.82 -21.19 38.31
CA ASP O 81 1.76 -22.61 38.02
C ASP O 81 0.35 -23.17 37.89
N GLU O 82 -0.66 -22.40 38.27
CA GLU O 82 -2.05 -22.86 38.16
C GLU O 82 -2.96 -21.69 37.80
N PRO O 83 -2.81 -21.13 36.60
CA PRO O 83 -3.53 -19.88 36.29
C PRO O 83 -5.05 -20.04 36.24
N SER O 84 -5.54 -21.04 35.50
CA SER O 84 -6.98 -21.19 35.31
C SER O 84 -7.69 -21.42 36.64
N ASP O 85 -6.99 -21.96 37.63
CA ASP O 85 -7.62 -22.26 38.92
C ASP O 85 -7.50 -21.09 39.88
N ILE O 86 -6.40 -20.33 39.80
CA ILE O 86 -6.16 -19.28 40.78
C ILE O 86 -6.84 -17.98 40.36
N ILE O 87 -6.86 -17.68 39.07
CA ILE O 87 -7.35 -16.38 38.58
C ILE O 87 -8.77 -16.08 39.05
N PRO O 88 -9.74 -17.02 38.99
CA PRO O 88 -11.08 -16.70 39.52
C PRO O 88 -11.08 -16.31 40.99
N LEU O 89 -10.17 -16.84 41.79
CA LEU O 89 -10.11 -16.44 43.19
C LEU O 89 -9.71 -14.97 43.33
N PHE O 90 -8.75 -14.51 42.53
CA PHE O 90 -8.43 -13.09 42.49
C PHE O 90 -9.61 -12.29 41.95
N GLU O 91 -10.35 -12.88 41.00
CA GLU O 91 -11.53 -12.24 40.44
C GLU O 91 -12.56 -11.94 41.52
N THR O 92 -12.83 -12.91 42.40
CA THR O 92 -13.81 -12.69 43.47
C THR O 92 -13.24 -11.84 44.60
N ALA O 93 -11.92 -11.89 44.82
CA ALA O 93 -11.33 -10.98 45.80
C ALA O 93 -11.53 -9.53 45.38
N ILE O 94 -11.36 -9.23 44.09
CA ILE O 94 -11.56 -7.86 43.63
C ILE O 94 -12.98 -7.38 43.89
N THR O 95 -13.98 -8.21 43.59
CA THR O 95 -15.36 -7.76 43.78
C THR O 95 -15.79 -7.78 45.24
N GLN O 96 -15.09 -8.54 46.09
CA GLN O 96 -15.32 -8.42 47.53
C GLN O 96 -14.78 -7.09 48.06
N VAL O 97 -13.60 -6.67 47.56
CA VAL O 97 -13.03 -5.39 47.98
C VAL O 97 -13.88 -4.23 47.46
N ALA O 98 -14.40 -4.38 46.24
CA ALA O 98 -15.17 -3.29 45.64
C ALA O 98 -16.45 -2.99 46.42
N LYS O 99 -17.17 -4.03 46.84
CA LYS O 99 -18.40 -3.84 47.61
C LYS O 99 -18.13 -3.26 48.99
N ARG O 100 -16.91 -3.38 49.50
CA ARG O 100 -16.52 -2.73 50.74
C ARG O 100 -16.14 -1.27 50.55
N ILE O 101 -15.42 -0.95 49.47
CA ILE O 101 -14.99 0.43 49.26
C ILE O 101 -15.96 1.22 48.39
N SER O 102 -17.14 0.67 48.09
CA SER O 102 -18.10 1.40 47.25
C SER O 102 -19.49 1.46 47.87
N ILE O 103 -19.86 0.46 48.67
CA ILE O 103 -21.22 0.32 49.18
C ILE O 103 -21.16 0.22 50.71
N LEU O 104 -22.08 0.89 51.37
CA LEU O 104 -22.23 0.76 52.83
C LEU O 104 -23.09 -0.44 53.18
N ASN O 130 -27.37 -5.30 44.96
CA ASN O 130 -26.02 -4.94 44.56
C ASN O 130 -25.75 -5.40 43.13
N SER O 131 -25.91 -4.47 42.18
CA SER O 131 -25.72 -4.79 40.76
C SER O 131 -24.27 -4.63 40.33
N LEU O 132 -23.37 -5.27 41.06
CA LEU O 132 -21.96 -5.28 40.69
C LEU O 132 -21.59 -6.66 40.20
N PRO O 133 -21.37 -6.87 38.90
CA PRO O 133 -20.97 -8.19 38.42
C PRO O 133 -19.56 -8.56 38.85
N THR O 134 -19.15 -9.79 38.59
CA THR O 134 -17.79 -10.19 38.87
C THR O 134 -16.82 -9.37 38.02
N PHE O 135 -15.80 -8.82 38.66
CA PHE O 135 -14.85 -7.95 37.98
C PHE O 135 -13.98 -8.76 37.02
N GLN O 136 -13.12 -8.06 36.28
CA GLN O 136 -12.16 -8.68 35.38
C GLN O 136 -10.74 -8.32 35.80
N LEU O 137 -9.82 -9.27 35.65
CA LEU O 137 -8.41 -9.05 35.91
C LEU O 137 -7.66 -8.95 34.59
N ILE O 138 -6.89 -7.88 34.42
CA ILE O 138 -6.05 -7.68 33.26
C ILE O 138 -4.60 -7.58 33.73
N LEU O 139 -3.71 -8.32 33.07
CA LEU O 139 -2.33 -8.48 33.53
C LEU O 139 -1.36 -7.80 32.57
N ASN O 140 -0.27 -7.30 33.14
CA ASN O 140 0.83 -6.72 32.39
C ASN O 140 2.10 -7.46 32.73
N SER O 141 2.92 -7.77 31.73
CA SER O 141 4.13 -8.53 31.94
C SER O 141 5.26 -7.91 31.14
N ASN O 142 6.49 -8.11 31.64
CA ASN O 142 7.70 -7.65 30.98
C ASN O 142 8.66 -8.79 30.70
N ALA O 143 8.17 -10.02 30.68
CA ALA O 143 9.02 -11.17 30.42
C ALA O 143 9.38 -11.24 28.94
N ASN O 144 10.31 -12.14 28.63
CA ASN O 144 10.75 -12.32 27.24
C ASN O 144 9.59 -12.78 26.37
N GLN O 145 9.58 -12.31 25.13
CA GLN O 145 8.55 -12.69 24.18
C GLN O 145 8.93 -13.99 23.49
N ILE O 146 7.98 -14.91 23.36
CA ILE O 146 8.20 -16.20 22.72
C ILE O 146 7.62 -16.15 21.31
N PRO O 147 8.36 -16.58 20.30
CA PRO O 147 7.78 -16.63 18.95
C PRO O 147 6.68 -17.67 18.87
N LEU O 148 5.79 -17.49 17.87
CA LEU O 148 4.67 -18.41 17.72
C LEU O 148 5.14 -19.81 17.39
N ARG O 149 6.19 -19.94 16.57
CA ARG O 149 6.66 -21.25 16.17
C ARG O 149 7.50 -21.94 17.23
N ASP O 150 7.81 -21.26 18.33
CA ASP O 150 8.48 -21.88 19.48
C ASP O 150 7.49 -22.36 20.53
N LEU O 151 6.19 -22.21 20.28
CA LEU O 151 5.18 -22.70 21.21
C LEU O 151 4.89 -24.16 20.91
N ASP O 152 5.01 -25.01 21.92
CA ASP O 152 4.80 -26.45 21.74
C ASP O 152 4.25 -27.08 23.01
N SER O 153 4.34 -28.40 23.11
CA SER O 153 3.79 -29.15 24.22
C SER O 153 4.43 -28.83 25.56
N GLU O 154 5.59 -28.17 25.55
CA GLU O 154 6.27 -27.77 26.78
C GLU O 154 5.59 -26.58 27.45
N HIS O 155 4.74 -25.85 26.72
CA HIS O 155 4.18 -24.59 27.20
C HIS O 155 2.69 -24.69 27.52
N VAL O 156 2.16 -25.89 27.76
CA VAL O 156 0.74 -26.06 28.01
C VAL O 156 0.42 -25.66 29.44
N SER O 157 -0.68 -24.94 29.62
CA SER O 157 -1.16 -24.48 30.92
C SER O 157 -0.20 -23.50 31.58
N LYS O 158 0.52 -22.72 30.78
CA LYS O 158 1.46 -21.74 31.28
C LYS O 158 1.21 -20.39 30.62
N ILE O 159 1.39 -19.33 31.39
CA ILE O 159 1.18 -17.97 30.88
C ILE O 159 2.37 -17.57 30.03
N VAL O 160 2.09 -17.09 28.81
CA VAL O 160 3.12 -16.74 27.85
C VAL O 160 2.87 -15.33 27.33
N ARG O 161 3.91 -14.77 26.70
CA ARG O 161 3.86 -13.44 26.11
C ARG O 161 4.40 -13.52 24.70
N LEU O 162 3.63 -13.02 23.73
CA LEU O 162 3.99 -13.15 22.33
C LEU O 162 3.39 -11.99 21.56
N SER O 163 3.88 -11.80 20.33
CA SER O 163 3.44 -10.71 19.47
C SER O 163 3.18 -11.23 18.06
N GLY O 164 2.27 -10.56 17.37
CA GLY O 164 1.88 -10.99 16.04
C GLY O 164 1.03 -9.94 15.36
N ILE O 165 0.39 -10.35 14.27
CA ILE O 165 -0.42 -9.46 13.44
C ILE O 165 -1.85 -10.00 13.40
N ILE O 166 -2.82 -9.15 13.72
CA ILE O 166 -4.22 -9.52 13.59
C ILE O 166 -4.60 -9.55 12.11
N ILE O 167 -5.25 -10.63 11.68
CA ILE O 167 -5.69 -10.79 10.31
C ILE O 167 -7.21 -10.81 10.19
N SER O 168 -7.91 -11.21 11.25
CA SER O 168 -9.36 -11.28 11.19
C SER O 168 -9.94 -11.16 12.60
N THR O 169 -11.13 -10.57 12.69
CA THR O 169 -11.88 -10.48 13.94
C THR O 169 -13.29 -10.99 13.68
N SER O 170 -13.78 -11.84 14.57
CA SER O 170 -15.09 -12.44 14.41
C SER O 170 -16.17 -11.55 15.02
N VAL O 171 -17.40 -12.05 15.01
CA VAL O 171 -18.52 -11.32 15.61
C VAL O 171 -18.67 -11.72 17.06
N LEU O 172 -19.39 -10.88 17.82
CA LEU O 172 -19.60 -11.13 19.23
C LEU O 172 -20.61 -12.26 19.44
N SER O 173 -20.34 -13.10 20.42
CA SER O 173 -21.23 -14.20 20.79
C SER O 173 -21.53 -14.11 22.29
N SER O 174 -22.54 -14.87 22.71
CA SER O 174 -23.06 -14.81 24.06
C SER O 174 -22.65 -16.05 24.84
N ARG O 175 -22.16 -15.84 26.06
CA ARG O 175 -21.82 -16.90 26.99
C ARG O 175 -22.55 -16.66 28.31
N ALA O 176 -23.08 -17.74 28.88
CA ALA O 176 -23.88 -17.66 30.09
C ALA O 176 -23.00 -17.64 31.32
N THR O 177 -23.41 -16.87 32.34
CA THR O 177 -22.71 -16.85 33.62
C THR O 177 -23.62 -17.30 34.77
N TYR O 178 -24.85 -16.81 34.79
CA TYR O 178 -25.85 -17.22 35.77
C TYR O 178 -27.01 -17.86 35.04
N LEU O 179 -27.26 -19.13 35.33
CA LEU O 179 -28.27 -19.91 34.64
C LEU O 179 -29.40 -20.25 35.60
N SER O 180 -30.63 -19.93 35.20
CA SER O 180 -31.80 -20.35 35.95
C SER O 180 -32.37 -21.62 35.32
N ILE O 181 -32.62 -22.62 36.17
CA ILE O 181 -32.89 -23.98 35.71
C ILE O 181 -34.15 -24.50 36.39
N MET O 182 -34.91 -25.30 35.65
CA MET O 182 -36.12 -25.93 36.17
C MET O 182 -36.19 -27.35 35.62
N CYS O 183 -36.83 -28.23 36.40
CA CYS O 183 -36.99 -29.63 36.02
C CYS O 183 -38.30 -29.84 35.28
N ARG O 184 -38.32 -30.85 34.41
CA ARG O 184 -39.45 -31.05 33.51
C ARG O 184 -40.65 -31.66 34.23
N ASN O 185 -40.42 -32.32 35.36
CA ASN O 185 -41.48 -33.05 36.06
C ASN O 185 -41.83 -32.46 37.41
N CYS O 186 -40.86 -32.33 38.32
CA CYS O 186 -41.16 -31.81 39.65
C CYS O 186 -41.27 -30.29 39.64
N ARG O 187 -40.61 -29.63 38.68
CA ARG O 187 -40.80 -28.21 38.41
C ARG O 187 -40.45 -27.34 39.63
N HIS O 188 -39.18 -27.33 40.00
CA HIS O 188 -38.67 -26.45 41.05
C HIS O 188 -37.51 -25.63 40.52
N THR O 189 -37.32 -24.46 41.12
CA THR O 189 -36.27 -23.54 40.66
C THR O 189 -34.90 -23.98 41.12
N THR O 190 -33.89 -23.62 40.34
CA THR O 190 -32.49 -23.93 40.63
C THR O 190 -31.63 -22.89 39.92
N SER O 191 -30.39 -22.74 40.37
CA SER O 191 -29.48 -21.77 39.76
C SER O 191 -28.09 -22.39 39.64
N ILE O 192 -27.34 -21.90 38.67
CA ILE O 192 -25.96 -22.33 38.43
C ILE O 192 -25.12 -21.10 38.13
N THR O 193 -23.89 -21.10 38.65
CA THR O 193 -22.93 -20.02 38.40
C THR O 193 -21.73 -20.59 37.67
N ILE O 194 -21.31 -19.92 36.60
CA ILE O 194 -20.26 -20.40 35.70
C ILE O 194 -19.22 -19.31 35.54
N ASN O 195 -17.94 -19.70 35.57
CA ASN O 195 -16.84 -18.81 35.20
C ASN O 195 -16.24 -19.28 33.88
N ASN O 196 -15.84 -18.34 33.04
CA ASN O 196 -15.42 -18.65 31.67
C ASN O 196 -14.01 -19.28 31.59
N PHE O 197 -13.38 -19.65 32.69
CA PHE O 197 -12.04 -20.24 32.65
C PHE O 197 -12.17 -21.76 32.58
N ASN O 198 -12.16 -22.29 31.36
CA ASN O 198 -12.31 -23.73 31.15
C ASN O 198 -11.06 -24.48 31.59
N VAL O 205 -18.36 -27.47 31.73
CA VAL O 205 -19.52 -27.52 32.61
C VAL O 205 -20.77 -27.87 31.82
N SER O 206 -21.76 -28.44 32.51
CA SER O 206 -23.02 -28.83 31.89
C SER O 206 -24.10 -28.92 32.96
N LEU O 207 -25.35 -28.95 32.52
CA LEU O 207 -26.45 -29.14 33.45
C LEU O 207 -26.33 -30.50 34.13
N PRO O 208 -26.79 -30.61 35.38
CA PRO O 208 -26.63 -31.87 36.11
C PRO O 208 -27.28 -33.03 35.38
N ARG O 209 -26.61 -34.18 35.40
CA ARG O 209 -27.13 -35.40 34.78
C ARG O 209 -27.86 -36.21 35.85
N SER O 210 -28.81 -35.54 36.49
CA SER O 210 -29.57 -36.10 37.60
C SER O 210 -30.75 -35.20 37.94
N CYS O 211 -31.43 -35.47 39.04
CA CYS O 211 -32.50 -34.62 39.53
C CYS O 211 -32.26 -34.28 40.99
N LEU O 212 -32.54 -33.02 41.34
CA LEU O 212 -32.50 -32.56 42.71
C LEU O 212 -33.89 -32.16 43.15
N SER O 213 -34.19 -32.37 44.43
CA SER O 213 -35.50 -32.03 44.96
C SER O 213 -35.40 -31.20 46.23
N ASN O 235 -41.05 -41.03 38.33
CA ASN O 235 -39.71 -40.49 38.54
C ASN O 235 -39.27 -39.65 37.34
N CYS O 236 -38.43 -38.65 37.59
CA CYS O 236 -37.93 -37.80 36.53
C CYS O 236 -36.95 -38.58 35.64
N GLY O 237 -36.76 -38.08 34.43
CA GLY O 237 -35.94 -38.74 33.44
C GLY O 237 -34.46 -38.76 33.78
N PRO O 238 -33.63 -39.04 32.79
CA PRO O 238 -32.18 -39.16 33.07
C PRO O 238 -31.55 -37.86 33.53
N ASP O 239 -31.69 -36.79 32.76
CA ASP O 239 -31.05 -35.50 33.04
C ASP O 239 -32.02 -34.33 32.82
N PRO O 240 -33.22 -34.42 33.40
CA PRO O 240 -34.29 -33.50 33.01
C PRO O 240 -34.09 -32.12 33.60
N TYR O 241 -33.68 -31.18 32.75
CA TYR O 241 -33.52 -29.79 33.16
C TYR O 241 -33.56 -28.87 31.94
N ILE O 242 -34.24 -27.74 32.05
CA ILE O 242 -34.34 -26.78 30.97
C ILE O 242 -33.90 -25.42 31.50
N ILE O 243 -33.47 -24.55 30.58
CA ILE O 243 -32.97 -23.24 30.97
C ILE O 243 -34.08 -22.21 30.83
N ILE O 244 -34.32 -21.46 31.91
CA ILE O 244 -35.23 -20.33 31.87
C ILE O 244 -34.43 -19.12 31.38
N HIS O 245 -34.60 -18.77 30.10
CA HIS O 245 -33.71 -17.81 29.48
C HIS O 245 -33.87 -16.41 30.08
N GLU O 246 -35.11 -16.00 30.36
CA GLU O 246 -35.29 -14.78 31.12
C GLU O 246 -34.78 -15.00 32.55
N SER O 247 -34.23 -13.93 33.14
CA SER O 247 -33.56 -13.91 34.43
C SER O 247 -32.20 -14.62 34.37
N SER O 248 -31.61 -14.80 33.19
CA SER O 248 -30.27 -15.33 33.03
C SER O 248 -29.34 -14.24 32.50
N LYS O 249 -28.09 -14.31 32.91
CA LYS O 249 -27.10 -13.29 32.60
C LYS O 249 -26.03 -13.84 31.66
N PHE O 250 -25.62 -12.99 30.72
CA PHE O 250 -24.67 -13.36 29.68
C PHE O 250 -23.61 -12.28 29.54
N ILE O 251 -22.50 -12.67 28.90
CA ILE O 251 -21.37 -11.77 28.63
C ILE O 251 -20.97 -11.87 27.15
N ASP O 252 -19.91 -11.16 26.77
CA ASP O 252 -19.50 -11.03 25.39
C ASP O 252 -18.23 -11.83 25.12
N GLN O 253 -18.24 -12.62 24.04
CA GLN O 253 -17.15 -13.48 23.64
C GLN O 253 -16.74 -13.11 22.22
N GLN O 254 -15.44 -13.09 21.95
CA GLN O 254 -14.96 -12.82 20.60
C GLN O 254 -13.76 -13.70 20.28
N PHE O 255 -13.62 -14.05 19.00
CA PHE O 255 -12.54 -14.87 18.49
C PHE O 255 -11.68 -14.06 17.55
N LEU O 256 -10.37 -14.17 17.69
CA LEU O 256 -9.41 -13.45 16.86
C LEU O 256 -8.39 -14.43 16.29
N LYS O 257 -7.78 -14.03 15.17
CA LYS O 257 -6.78 -14.83 14.49
C LYS O 257 -5.48 -14.06 14.41
N LEU O 258 -4.37 -14.73 14.73
CA LEU O 258 -3.05 -14.12 14.78
C LEU O 258 -2.18 -14.66 13.65
N GLN O 259 -1.02 -14.04 13.46
CA GLN O 259 -0.04 -14.51 12.49
C GLN O 259 1.33 -13.99 12.91
N GLU O 260 2.37 -14.66 12.42
CA GLU O 260 3.72 -14.32 12.80
C GLU O 260 4.13 -12.97 12.22
N ILE O 261 5.14 -12.37 12.86
CA ILE O 261 5.80 -11.20 12.28
C ILE O 261 6.54 -11.62 11.01
N PRO O 262 6.45 -10.88 9.91
CA PRO O 262 7.03 -11.37 8.65
C PRO O 262 8.52 -11.61 8.70
N GLU O 263 9.26 -10.87 9.52
CA GLU O 263 10.71 -11.02 9.57
C GLU O 263 11.18 -12.15 10.46
N LEU O 264 10.30 -12.74 11.28
CA LEU O 264 10.66 -13.82 12.18
C LEU O 264 10.33 -15.19 11.62
N VAL O 265 9.75 -15.28 10.43
CA VAL O 265 9.44 -16.58 9.83
C VAL O 265 10.75 -17.27 9.44
N PRO O 266 10.92 -18.55 9.74
CA PRO O 266 12.15 -19.24 9.34
C PRO O 266 12.31 -19.35 7.84
N VAL O 267 13.43 -19.94 7.43
CA VAL O 267 13.78 -19.98 6.01
C VAL O 267 12.89 -20.98 5.27
N GLY O 268 12.33 -20.54 4.14
CA GLY O 268 11.57 -21.40 3.28
C GLY O 268 10.21 -21.82 3.83
N GLU O 269 9.72 -21.14 4.86
CA GLU O 269 8.47 -21.51 5.52
C GLU O 269 7.42 -20.44 5.26
N MET O 270 6.18 -20.88 5.11
CA MET O 270 5.09 -19.93 5.00
C MET O 270 4.60 -19.55 6.39
N PRO O 271 4.08 -18.34 6.57
CA PRO O 271 3.63 -17.92 7.91
C PRO O 271 2.47 -18.75 8.42
N ARG O 272 2.43 -18.94 9.73
CA ARG O 272 1.41 -19.76 10.37
C ARG O 272 0.51 -18.88 11.23
N ASN O 273 -0.68 -19.38 11.50
CA ASN O 273 -1.72 -18.64 12.20
C ASN O 273 -2.19 -19.39 13.44
N LEU O 274 -2.84 -18.64 14.35
CA LEU O 274 -3.24 -19.15 15.66
C LEU O 274 -4.55 -18.51 16.05
N THR O 275 -5.25 -19.13 17.00
CA THR O 275 -6.58 -18.70 17.42
C THR O 275 -6.55 -18.21 18.86
N MET O 276 -7.26 -17.10 19.10
CA MET O 276 -7.32 -16.48 20.43
C MET O 276 -8.76 -16.14 20.77
N THR O 277 -9.06 -16.13 22.08
CA THR O 277 -10.39 -15.84 22.58
C THR O 277 -10.31 -14.71 23.60
N CYS O 278 -11.17 -13.70 23.43
CA CYS O 278 -11.22 -12.56 24.35
C CYS O 278 -12.64 -12.38 24.88
N ASP O 279 -12.72 -11.79 26.07
CA ASP O 279 -13.96 -11.72 26.83
C ASP O 279 -14.21 -10.32 27.35
N ARG O 280 -15.49 -9.96 27.42
CA ARG O 280 -15.96 -8.83 28.22
C ARG O 280 -15.36 -7.49 27.82
N TYR O 281 -14.31 -7.06 28.53
CA TYR O 281 -13.74 -5.73 28.37
C TYR O 281 -12.57 -5.73 27.39
N LEU O 282 -12.25 -6.88 26.79
CA LEU O 282 -11.18 -6.97 25.81
C LEU O 282 -11.72 -7.26 24.41
N THR O 283 -13.02 -7.09 24.21
CA THR O 283 -13.64 -7.24 22.90
C THR O 283 -13.73 -5.88 22.21
N ASN O 284 -13.66 -5.90 20.89
CA ASN O 284 -13.65 -4.67 20.08
C ASN O 284 -12.50 -3.75 20.49
N LYS O 285 -11.27 -4.27 20.44
CA LYS O 285 -10.09 -3.52 20.82
C LYS O 285 -9.02 -3.49 19.74
N VAL O 286 -9.09 -4.38 18.75
CA VAL O 286 -8.09 -4.45 17.70
C VAL O 286 -8.80 -4.54 16.35
N ILE O 287 -8.07 -4.18 15.29
CA ILE O 287 -8.60 -4.21 13.93
C ILE O 287 -7.61 -4.98 13.05
N PRO O 288 -8.06 -5.60 11.96
CA PRO O 288 -7.14 -6.41 11.15
C PRO O 288 -5.98 -5.58 10.60
N GLY O 289 -4.80 -6.21 10.53
CA GLY O 289 -3.59 -5.57 10.09
C GLY O 289 -2.76 -4.94 11.18
N THR O 290 -3.30 -4.85 12.40
CA THR O 290 -2.61 -4.24 13.52
C THR O 290 -1.52 -5.17 14.05
N ARG O 291 -0.42 -4.57 14.52
CA ARG O 291 0.63 -5.27 15.22
C ARG O 291 0.41 -5.09 16.72
N VAL O 292 0.30 -6.21 17.44
CA VAL O 292 -0.10 -6.18 18.84
C VAL O 292 0.84 -7.05 19.66
N THR O 293 0.72 -6.91 20.99
CA THR O 293 1.38 -7.77 21.95
C THR O 293 0.33 -8.38 22.87
N ILE O 294 0.39 -9.70 23.04
CA ILE O 294 -0.65 -10.47 23.71
C ILE O 294 -0.06 -11.19 24.91
N VAL O 295 -0.76 -11.11 26.04
CA VAL O 295 -0.44 -11.87 27.24
C VAL O 295 -1.63 -12.77 27.54
N GLY O 296 -1.38 -14.08 27.61
CA GLY O 296 -2.46 -15.02 27.80
C GLY O 296 -1.95 -16.39 28.19
N ILE O 297 -2.88 -17.36 28.18
CA ILE O 297 -2.61 -18.73 28.60
C ILE O 297 -2.68 -19.64 27.39
N TYR O 298 -1.68 -20.51 27.24
CA TYR O 298 -1.65 -21.49 26.16
C TYR O 298 -2.37 -22.75 26.61
N SER O 299 -3.50 -23.06 25.98
CA SER O 299 -4.33 -24.19 26.37
C SER O 299 -4.77 -24.98 25.14
N ILE O 300 -5.42 -26.11 25.38
CA ILE O 300 -5.90 -27.01 24.33
C ILE O 300 -7.35 -27.36 24.63
N TYR O 301 -8.11 -27.67 23.59
CA TYR O 301 -9.50 -28.10 23.72
C TYR O 301 -9.73 -29.29 22.80
N ASN O 302 -10.29 -30.37 23.35
CA ASN O 302 -10.62 -31.54 22.56
C ASN O 302 -11.87 -31.27 21.74
N SER O 303 -11.83 -31.61 20.45
CA SER O 303 -12.94 -31.35 19.55
C SER O 303 -12.79 -32.28 18.34
N LYS O 304 -13.59 -32.00 17.30
CA LYS O 304 -13.57 -32.76 16.05
C LYS O 304 -13.82 -34.25 16.29
N GLY O 318 -8.28 -34.89 10.15
CA GLY O 318 -7.99 -35.11 11.56
C GLY O 318 -8.15 -36.56 11.98
N SER O 319 -7.36 -37.44 11.38
CA SER O 319 -7.41 -38.86 11.67
C SER O 319 -6.42 -39.28 12.75
N GLY O 320 -5.67 -38.33 13.32
CA GLY O 320 -4.75 -38.66 14.38
C GLY O 320 -5.47 -39.09 15.64
N VAL O 321 -4.76 -39.87 16.46
CA VAL O 321 -5.34 -40.40 17.69
C VAL O 321 -4.95 -39.53 18.86
N ALA O 322 -5.95 -39.15 19.67
CA ALA O 322 -5.78 -38.36 20.89
C ALA O 322 -5.10 -37.03 20.67
N ILE O 323 -5.34 -36.36 19.54
CA ILE O 323 -4.73 -35.07 19.25
C ILE O 323 -5.72 -33.96 19.63
N ARG O 324 -5.20 -32.83 20.07
CA ARG O 324 -5.98 -31.68 20.46
C ARG O 324 -5.51 -30.43 19.72
N THR O 325 -6.39 -29.43 19.68
CA THR O 325 -6.09 -28.18 18.97
C THR O 325 -5.73 -27.09 19.96
N PRO O 326 -4.57 -26.45 19.79
CA PRO O 326 -4.18 -25.40 20.74
C PRO O 326 -4.76 -24.04 20.39
N TYR O 327 -4.96 -23.23 21.43
CA TYR O 327 -5.46 -21.87 21.27
C TYR O 327 -4.98 -21.05 22.47
N ILE O 328 -5.26 -19.75 22.43
CA ILE O 328 -4.80 -18.84 23.48
C ILE O 328 -5.98 -18.04 24.01
N LYS O 329 -6.12 -17.98 25.32
CA LYS O 329 -7.11 -17.14 25.97
C LYS O 329 -6.46 -15.84 26.39
N ILE O 330 -6.91 -14.73 25.82
CA ILE O 330 -6.26 -13.43 25.99
C ILE O 330 -6.51 -12.89 27.38
N LEU O 331 -5.45 -12.41 28.02
CA LEU O 331 -5.54 -11.71 29.29
C LEU O 331 -5.15 -10.25 29.21
N GLY O 332 -4.28 -9.89 28.29
CA GLY O 332 -3.86 -8.50 28.15
C GLY O 332 -3.44 -8.20 26.73
N ILE O 333 -3.81 -7.01 26.25
CA ILE O 333 -3.56 -6.59 24.88
C ILE O 333 -2.87 -5.23 24.90
N GLN O 334 -1.78 -5.11 24.15
CA GLN O 334 -1.15 -3.83 23.88
C GLN O 334 -1.12 -3.60 22.38
N SER O 335 -1.64 -2.46 21.94
CA SER O 335 -1.76 -2.16 20.52
C SER O 335 -1.06 -0.85 20.19
N ASP O 336 -0.37 -0.82 19.04
CA ASP O 336 0.34 0.39 18.65
C ASP O 336 -0.63 1.48 18.23
N VAL O 337 -1.62 1.15 17.39
CA VAL O 337 -2.59 2.13 16.94
C VAL O 337 -3.57 2.43 18.07
N GLU O 338 -3.77 3.72 18.34
CA GLU O 338 -4.68 4.12 19.41
C GLU O 338 -6.13 3.82 19.06
N THR O 339 -6.42 3.58 17.79
CA THR O 339 -7.80 3.42 17.34
C THR O 339 -8.40 2.14 17.92
N SER O 340 -9.63 2.25 18.39
CA SER O 340 -10.39 1.10 18.86
C SER O 340 -10.98 0.38 17.64
N SER O 341 -11.91 -0.55 17.87
CA SER O 341 -12.51 -1.26 16.75
C SER O 341 -13.27 -0.30 15.84
N ILE O 342 -14.03 0.64 16.43
CA ILE O 342 -14.84 1.55 15.62
C ILE O 342 -14.17 2.90 15.38
N TRP O 343 -12.98 3.12 15.95
CA TRP O 343 -12.26 4.38 15.78
C TRP O 343 -13.15 5.57 16.15
N ASN O 344 -13.43 5.69 17.44
CA ASN O 344 -14.43 6.60 17.99
C ASN O 344 -14.28 8.03 17.50
N SER O 345 -13.15 8.35 16.87
CA SER O 345 -12.86 9.72 16.41
C SER O 345 -12.82 10.68 17.58
N VAL O 346 -12.40 10.18 18.74
CA VAL O 346 -12.27 10.98 19.95
C VAL O 346 -10.81 11.00 20.35
N THR O 347 -10.45 11.95 21.22
CA THR O 347 -9.08 12.07 21.66
C THR O 347 -8.73 10.96 22.64
N MET O 348 -7.62 10.28 22.37
CA MET O 348 -7.03 9.29 23.26
C MET O 348 -5.70 9.78 23.80
N PHE O 349 -5.55 11.10 23.89
CA PHE O 349 -4.29 11.75 24.25
C PHE O 349 -4.47 12.44 25.59
N THR O 350 -3.60 12.12 26.54
CA THR O 350 -3.57 12.84 27.80
C THR O 350 -3.03 14.25 27.57
N GLU O 351 -3.29 15.13 28.55
CA GLU O 351 -2.87 16.52 28.41
C GLU O 351 -1.36 16.64 28.28
N GLU O 352 -0.61 15.70 28.87
CA GLU O 352 0.84 15.76 28.78
C GLU O 352 1.34 15.58 27.35
N GLU O 353 0.55 14.93 26.50
CA GLU O 353 0.93 14.78 25.10
C GLU O 353 0.32 15.89 24.24
N GLU O 354 -0.87 16.37 24.62
CA GLU O 354 -1.47 17.49 23.90
C GLU O 354 -0.63 18.74 24.03
N GLU O 355 -0.08 18.99 25.22
CA GLU O 355 0.80 20.14 25.39
C GLU O 355 2.02 20.02 24.49
N GLU O 356 2.59 18.83 24.39
CA GLU O 356 3.73 18.60 23.51
C GLU O 356 3.36 18.86 22.05
N PHE O 357 2.20 18.38 21.61
CA PHE O 357 1.77 18.58 20.24
C PHE O 357 1.50 20.04 19.90
N LEU O 358 0.82 20.79 20.77
CA LEU O 358 0.63 22.22 20.51
C LEU O 358 1.95 22.99 20.58
N GLN O 359 2.88 22.58 21.45
CA GLN O 359 4.20 23.21 21.43
C GLN O 359 4.92 22.94 20.12
N LEU O 360 4.79 21.72 19.60
CA LEU O 360 5.39 21.39 18.30
C LEU O 360 4.76 22.22 17.18
N SER O 361 3.45 22.40 17.22
CA SER O 361 2.76 23.07 16.12
C SER O 361 3.17 24.54 16.01
N ARG O 362 3.65 25.13 17.10
CA ARG O 362 4.02 26.54 17.09
C ARG O 362 5.44 26.78 16.60
N ASN O 363 6.18 25.73 16.24
CA ASN O 363 7.53 25.91 15.76
C ASN O 363 7.52 26.65 14.43
N PRO O 364 8.27 27.74 14.29
CA PRO O 364 8.25 28.49 13.02
C PRO O 364 8.78 27.71 11.83
N LYS O 365 9.55 26.64 12.06
CA LYS O 365 10.16 25.88 10.98
C LYS O 365 9.72 24.41 11.07
N LEU O 366 8.45 24.20 11.40
CA LEU O 366 7.91 22.85 11.49
C LEU O 366 7.87 22.17 10.14
N TYR O 367 7.64 22.93 9.06
CA TYR O 367 7.60 22.34 7.73
C TYR O 367 8.93 21.71 7.36
N GLU O 368 10.03 22.41 7.63
CA GLU O 368 11.36 21.86 7.34
C GLU O 368 11.65 20.64 8.21
N ILE O 369 11.24 20.69 9.47
CA ILE O 369 11.48 19.57 10.37
C ILE O 369 10.74 18.33 9.90
N LEU O 370 9.47 18.49 9.49
CA LEU O 370 8.71 17.36 8.99
C LEU O 370 9.28 16.84 7.68
N THR O 371 9.72 17.73 6.80
CA THR O 371 10.30 17.30 5.53
C THR O 371 11.58 16.52 5.74
N ASN O 372 12.45 16.99 6.66
CA ASN O 372 13.73 16.33 6.87
C ASN O 372 13.56 14.95 7.50
N SER O 373 12.42 14.69 8.14
CA SER O 373 12.18 13.42 8.78
C SER O 373 11.74 12.32 7.83
N ILE O 374 11.41 12.65 6.60
CA ILE O 374 10.95 11.67 5.63
C ILE O 374 12.17 11.02 5.00
N ALA O 375 12.42 9.75 5.36
CA ALA O 375 13.52 8.95 4.81
C ALA O 375 14.84 9.68 4.93
N PRO O 376 15.41 9.80 6.14
CA PRO O 376 16.68 10.53 6.29
C PRO O 376 17.86 9.86 5.62
N SER O 377 17.71 8.65 5.10
CA SER O 377 18.79 7.94 4.42
C SER O 377 18.74 8.11 2.91
N ILE O 378 17.85 8.96 2.40
CA ILE O 378 17.73 9.23 0.98
C ILE O 378 18.21 10.64 0.71
N PHE O 379 19.11 10.78 -0.27
CA PHE O 379 19.69 12.08 -0.59
C PHE O 379 18.83 12.82 -1.59
N GLY O 380 18.63 14.12 -1.34
CA GLY O 380 17.88 14.94 -2.26
C GLY O 380 16.40 14.62 -2.27
N ASN O 381 15.75 14.90 -3.40
CA ASN O 381 14.33 14.63 -3.60
C ASN O 381 13.48 15.36 -2.57
N GLU O 382 13.64 16.67 -2.47
CA GLU O 382 12.92 17.44 -1.47
C GLU O 382 11.45 17.60 -1.82
N ASP O 383 11.16 17.86 -3.10
CA ASP O 383 9.77 18.08 -3.51
C ASP O 383 8.92 16.82 -3.32
N ILE O 384 9.49 15.66 -3.62
CA ILE O 384 8.77 14.40 -3.41
C ILE O 384 8.46 14.21 -1.93
N LYS O 385 9.41 14.55 -1.06
CA LYS O 385 9.18 14.42 0.38
C LYS O 385 8.10 15.39 0.86
N LYS O 386 8.11 16.63 0.33
CA LYS O 386 7.04 17.57 0.66
C LYS O 386 5.68 17.03 0.21
N ALA O 387 5.63 16.45 -0.98
CA ALA O 387 4.39 15.84 -1.48
C ALA O 387 3.94 14.70 -0.58
N ILE O 388 4.90 13.90 -0.09
CA ILE O 388 4.56 12.79 0.80
C ILE O 388 3.98 13.32 2.12
N VAL O 389 4.56 14.41 2.65
CA VAL O 389 4.02 15.01 3.86
C VAL O 389 2.60 15.50 3.62
N CYS O 390 2.37 16.17 2.48
CA CYS O 390 1.02 16.64 2.16
C CYS O 390 0.04 15.48 2.06
N LEU O 391 0.46 14.37 1.43
CA LEU O 391 -0.39 13.20 1.33
C LEU O 391 -0.69 12.61 2.70
N LEU O 392 0.30 12.59 3.59
CA LEU O 392 0.10 12.05 4.94
C LEU O 392 -0.90 12.88 5.72
N MET O 393 -0.81 14.20 5.64
CA MET O 393 -1.77 15.03 6.38
C MET O 393 -3.16 15.00 5.76
N GLY O 394 -3.26 15.13 4.45
CA GLY O 394 -4.54 15.08 3.77
C GLY O 394 -5.31 16.39 3.88
N GLY O 395 -6.30 16.53 3.00
CA GLY O 395 -7.11 17.72 2.94
C GLY O 395 -8.37 17.61 3.76
N SER O 396 -9.33 18.48 3.45
CA SER O 396 -10.62 18.52 4.13
C SER O 396 -11.70 17.88 3.27
N LYS O 397 -12.75 17.42 3.93
CA LYS O 397 -13.88 16.75 3.27
C LYS O 397 -15.15 17.54 3.55
N LYS O 398 -15.98 17.69 2.50
CA LYS O 398 -17.16 18.53 2.57
C LYS O 398 -18.38 17.72 2.16
N ILE O 399 -19.52 18.03 2.77
CA ILE O 399 -20.81 17.47 2.38
C ILE O 399 -21.75 18.65 2.10
N LEU O 400 -22.53 18.54 1.05
CA LEU O 400 -23.36 19.64 0.57
C LEU O 400 -24.84 19.31 0.77
N PRO O 401 -25.69 20.33 0.80
CA PRO O 401 -27.13 20.07 1.06
C PRO O 401 -27.77 19.14 0.06
N ASP O 402 -27.36 19.19 -1.21
CA ASP O 402 -27.94 18.34 -2.24
C ASP O 402 -27.40 16.92 -2.24
N GLY O 403 -26.64 16.53 -1.22
CA GLY O 403 -26.11 15.18 -1.12
C GLY O 403 -24.76 14.97 -1.75
N MET O 404 -24.18 15.99 -2.39
CA MET O 404 -22.88 15.85 -3.03
C MET O 404 -21.79 15.58 -2.01
N ARG O 405 -20.82 14.74 -2.38
CA ARG O 405 -19.67 14.44 -1.55
C ARG O 405 -18.41 14.79 -2.31
N LEU O 406 -17.49 15.48 -1.65
CA LEU O 406 -16.23 15.91 -2.26
C LEU O 406 -15.05 15.20 -1.61
N ARG O 407 -14.16 14.68 -2.45
CA ARG O 407 -13.01 13.94 -1.97
C ARG O 407 -12.03 14.86 -1.25
N GLY O 408 -11.39 14.31 -0.22
CA GLY O 408 -10.42 15.07 0.57
C GLY O 408 -9.10 14.36 0.76
N ASP O 409 -8.74 13.50 -0.19
CA ASP O 409 -7.52 12.72 -0.13
C ASP O 409 -6.67 12.99 -1.37
N ILE O 410 -5.36 12.78 -1.23
CA ILE O 410 -4.39 13.11 -2.27
C ILE O 410 -3.75 11.82 -2.80
N ASN O 411 -3.66 11.71 -4.12
CA ASN O 411 -3.02 10.59 -4.80
C ASN O 411 -1.77 11.08 -5.49
N VAL O 412 -0.72 10.25 -5.48
CA VAL O 412 0.58 10.65 -6.02
C VAL O 412 1.13 9.54 -6.91
N LEU O 413 1.68 9.95 -8.07
CA LEU O 413 2.30 9.03 -9.02
C LEU O 413 3.75 9.40 -9.24
N LEU O 414 4.63 8.39 -9.28
CA LEU O 414 6.05 8.58 -9.52
C LEU O 414 6.46 7.73 -10.72
N LEU O 415 6.65 8.37 -11.87
CA LEU O 415 7.08 7.70 -13.09
C LEU O 415 8.49 8.15 -13.41
N GLY O 416 9.47 7.28 -13.20
CA GLY O 416 10.85 7.69 -13.34
C GLY O 416 11.78 6.57 -13.73
N ASP O 417 13.06 6.87 -13.67
CA ASP O 417 14.14 6.01 -14.11
C ASP O 417 14.58 5.07 -13.00
N PRO O 418 15.13 3.91 -13.34
CA PRO O 418 15.58 2.96 -12.30
C PRO O 418 16.72 3.53 -11.47
N GLY O 419 16.78 3.07 -10.22
CA GLY O 419 17.83 3.48 -9.31
C GLY O 419 17.65 4.82 -8.67
N THR O 420 16.46 5.40 -8.72
CA THR O 420 16.19 6.74 -8.19
C THR O 420 15.43 6.70 -6.88
N ALA O 421 15.48 5.60 -6.14
CA ALA O 421 14.88 5.47 -4.82
C ALA O 421 13.36 5.63 -4.84
N LYS O 422 12.69 5.18 -5.90
CA LYS O 422 11.24 5.23 -5.92
C LYS O 422 10.63 4.21 -4.97
N SER O 423 11.22 3.02 -4.88
CA SER O 423 10.66 1.94 -4.07
C SER O 423 11.13 1.97 -2.62
N GLN O 424 12.08 2.83 -2.27
CA GLN O 424 12.49 3.00 -0.88
C GLN O 424 11.70 4.06 -0.15
N LEU O 425 10.89 4.84 -0.87
CA LEU O 425 9.94 5.76 -0.25
C LEU O 425 8.59 5.13 0.01
N LEU O 426 8.17 4.20 -0.85
CA LEU O 426 6.91 3.49 -0.66
C LEU O 426 6.93 2.70 0.64
N LYS O 427 8.04 2.03 0.94
CA LYS O 427 8.12 1.22 2.15
C LYS O 427 8.30 2.09 3.40
N PHE O 428 8.83 3.30 3.25
CA PHE O 428 8.88 4.23 4.38
C PHE O 428 7.50 4.76 4.70
N VAL O 429 6.71 5.10 3.68
CA VAL O 429 5.36 5.61 3.92
C VAL O 429 4.52 4.53 4.61
N GLU O 430 4.77 3.26 4.30
CA GLU O 430 4.09 2.18 4.98
C GLU O 430 4.39 2.18 6.48
N LYS O 431 5.67 2.39 6.83
CA LYS O 431 6.06 2.37 8.23
C LYS O 431 5.50 3.57 8.98
N VAL O 432 5.60 4.77 8.40
CA VAL O 432 5.23 5.97 9.13
C VAL O 432 3.73 6.09 9.30
N SER O 433 2.95 5.65 8.31
CA SER O 433 1.51 5.84 8.36
C SER O 433 0.90 4.94 9.44
N PRO O 434 -0.04 5.47 10.24
CA PRO O 434 -0.72 4.61 11.23
C PRO O 434 -1.44 3.42 10.60
N ILE O 435 -2.07 3.63 9.44
CA ILE O 435 -2.72 2.56 8.69
C ILE O 435 -2.21 2.63 7.27
N ALA O 436 -1.59 1.55 6.79
CA ALA O 436 -1.02 1.56 5.45
C ALA O 436 -0.83 0.12 4.98
N VAL O 437 -0.99 -0.08 3.67
CA VAL O 437 -0.79 -1.38 3.04
C VAL O 437 0.14 -1.20 1.86
N TYR O 438 1.07 -2.13 1.69
CA TYR O 438 2.02 -2.14 0.57
C TYR O 438 1.73 -3.35 -0.31
N THR O 439 1.46 -3.12 -1.59
CA THR O 439 1.15 -4.18 -2.52
C THR O 439 1.95 -4.00 -3.80
N SER O 440 2.05 -5.08 -4.58
CA SER O 440 2.73 -5.06 -5.86
C SER O 440 1.72 -5.30 -6.97
N GLY O 441 1.92 -4.59 -8.08
CA GLY O 441 0.96 -4.66 -9.17
C GLY O 441 1.01 -5.99 -9.92
N LYS O 442 2.17 -6.64 -9.94
CA LYS O 442 2.29 -7.90 -10.65
C LYS O 442 1.47 -8.99 -9.97
N GLY O 443 1.64 -9.16 -8.66
CA GLY O 443 0.88 -10.13 -7.91
C GLY O 443 -0.37 -9.54 -7.29
N SER O 444 -1.36 -9.20 -8.12
CA SER O 444 -2.57 -8.57 -7.65
C SER O 444 -3.73 -8.96 -8.56
N SER O 445 -4.95 -8.67 -8.09
CA SER O 445 -6.14 -8.93 -8.86
C SER O 445 -7.24 -7.98 -8.40
N ALA O 446 -8.28 -7.86 -9.23
CA ALA O 446 -9.36 -6.95 -8.91
C ALA O 446 -10.13 -7.40 -7.68
N ALA O 447 -10.33 -8.72 -7.54
CA ALA O 447 -10.99 -9.24 -6.33
C ALA O 447 -10.15 -9.00 -5.09
N GLY O 448 -8.83 -9.16 -5.20
CA GLY O 448 -7.97 -8.97 -4.05
C GLY O 448 -7.83 -7.52 -3.64
N LEU O 449 -8.02 -6.60 -4.59
CA LEU O 449 -7.86 -5.18 -4.30
C LEU O 449 -9.14 -4.52 -3.77
N THR O 450 -10.30 -4.83 -4.34
CA THR O 450 -11.52 -4.17 -3.91
C THR O 450 -12.26 -4.98 -2.85
N ALA O 451 -12.71 -6.18 -3.22
CA ALA O 451 -13.45 -7.06 -2.32
C ALA O 451 -13.70 -8.38 -3.02
N SER O 452 -13.89 -9.43 -2.24
CA SER O 452 -14.14 -10.76 -2.75
C SER O 452 -15.44 -11.30 -2.16
N VAL O 453 -15.96 -12.35 -2.76
CA VAL O 453 -17.14 -13.05 -2.26
C VAL O 453 -16.78 -14.52 -2.07
N GLN O 454 -17.12 -15.06 -0.90
CA GLN O 454 -16.70 -16.39 -0.50
C GLN O 454 -17.89 -17.19 -0.01
N ARG O 455 -17.73 -18.51 0.03
CA ARG O 455 -18.76 -19.43 0.47
C ARG O 455 -18.34 -20.07 1.80
N ASP O 456 -19.22 -20.01 2.78
CA ASP O 456 -18.95 -20.62 4.08
C ASP O 456 -19.14 -22.13 3.99
N PRO O 457 -18.12 -22.93 4.35
CA PRO O 457 -18.29 -24.39 4.29
C PRO O 457 -19.46 -24.91 5.10
N MET O 458 -19.71 -24.29 6.25
CA MET O 458 -20.76 -24.76 7.17
C MET O 458 -22.14 -24.26 6.74
N THR O 459 -22.32 -22.94 6.70
CA THR O 459 -23.63 -22.37 6.38
C THR O 459 -23.97 -22.57 4.91
N ARG O 460 -22.96 -22.62 4.04
CA ARG O 460 -23.15 -22.74 2.59
C ARG O 460 -23.96 -21.58 2.03
N GLU O 461 -23.54 -20.37 2.38
CA GLU O 461 -24.05 -19.15 1.79
C GLU O 461 -22.86 -18.28 1.36
N PHE O 462 -23.17 -17.14 0.76
CA PHE O 462 -22.16 -16.24 0.23
C PHE O 462 -22.02 -15.02 1.12
N TYR O 463 -20.78 -14.62 1.39
CA TYR O 463 -20.49 -13.45 2.19
C TYR O 463 -19.33 -12.67 1.58
N LEU O 464 -19.23 -11.40 1.95
CA LEU O 464 -18.22 -10.51 1.40
C LEU O 464 -16.98 -10.47 2.31
N GLU O 465 -15.81 -10.46 1.69
CA GLU O 465 -14.54 -10.39 2.39
C GLU O 465 -13.75 -9.21 1.85
N GLY O 466 -13.08 -8.49 2.75
CA GLY O 466 -12.38 -7.28 2.38
C GLY O 466 -11.11 -7.54 1.59
N GLY O 467 -10.61 -6.49 0.97
CA GLY O 467 -9.40 -6.56 0.16
C GLY O 467 -8.38 -5.51 0.56
N ALA O 468 -7.44 -5.22 -0.35
CA ALA O 468 -6.38 -4.26 -0.05
C ALA O 468 -6.94 -2.87 0.21
N MET O 469 -7.93 -2.45 -0.58
CA MET O 469 -8.50 -1.12 -0.40
C MET O 469 -9.53 -1.09 0.73
N VAL O 470 -9.95 -2.25 1.22
CA VAL O 470 -10.85 -2.28 2.37
C VAL O 470 -10.05 -2.24 3.66
N LEU O 471 -8.97 -3.01 3.74
CA LEU O 471 -8.10 -2.95 4.92
C LEU O 471 -7.50 -1.57 5.10
N ALA O 472 -7.03 -0.96 4.02
CA ALA O 472 -6.37 0.34 4.08
C ALA O 472 -7.38 1.48 3.99
N ASP O 473 -8.38 1.42 4.86
CA ASP O 473 -9.39 2.47 4.93
C ASP O 473 -8.95 3.53 5.92
N GLY O 474 -9.10 4.79 5.54
CA GLY O 474 -8.57 5.86 6.34
C GLY O 474 -7.06 5.91 6.38
N GLY O 475 -6.41 5.32 5.41
CA GLY O 475 -4.96 5.25 5.39
C GLY O 475 -4.42 5.41 4.00
N VAL O 476 -3.34 4.68 3.71
CA VAL O 476 -2.63 4.79 2.44
C VAL O 476 -2.36 3.40 1.88
N VAL O 477 -2.54 3.26 0.58
CA VAL O 477 -2.16 2.05 -0.15
C VAL O 477 -1.04 2.42 -1.13
N CYS O 478 0.03 1.65 -1.09
CA CYS O 478 1.22 1.89 -1.92
C CYS O 478 1.31 0.75 -2.93
N ILE O 479 1.05 1.07 -4.19
CA ILE O 479 1.01 0.07 -5.25
C ILE O 479 2.30 0.21 -6.04
N ASP O 480 3.17 -0.79 -5.91
CA ASP O 480 4.42 -0.79 -6.66
C ASP O 480 4.25 -1.55 -7.96
N GLU O 481 5.19 -1.31 -8.90
CA GLU O 481 5.14 -1.90 -10.23
C GLU O 481 3.78 -1.66 -10.88
N PHE O 482 3.31 -0.42 -10.79
CA PHE O 482 1.96 -0.09 -11.22
C PHE O 482 1.80 -0.24 -12.73
N ASP O 483 2.89 -0.11 -13.48
CA ASP O 483 2.82 -0.24 -14.93
C ASP O 483 2.65 -1.69 -15.36
N LYS O 484 3.02 -2.64 -14.50
CA LYS O 484 2.94 -4.05 -14.84
C LYS O 484 1.58 -4.66 -14.54
N MET O 485 0.65 -3.88 -14.00
CA MET O 485 -0.68 -4.37 -13.70
C MET O 485 -1.39 -4.79 -14.99
N ARG O 486 -2.19 -5.85 -14.89
CA ARG O 486 -3.03 -6.21 -16.01
C ARG O 486 -4.14 -5.19 -16.18
N ASP O 487 -4.55 -4.97 -17.43
CA ASP O 487 -5.51 -3.93 -17.76
C ASP O 487 -6.89 -4.18 -17.17
N GLU O 488 -7.24 -5.43 -16.89
CA GLU O 488 -8.52 -5.73 -16.26
C GLU O 488 -8.51 -5.37 -14.78
N ASP O 489 -7.38 -5.61 -14.11
CA ASP O 489 -7.30 -5.37 -12.67
C ASP O 489 -7.15 -3.88 -12.36
N ARG O 490 -6.45 -3.13 -13.23
CA ARG O 490 -6.19 -1.73 -12.96
C ARG O 490 -7.46 -0.88 -13.03
N VAL O 491 -8.43 -1.30 -13.85
CA VAL O 491 -9.61 -0.46 -14.07
C VAL O 491 -10.58 -0.56 -12.89
N ALA O 492 -10.38 -1.54 -12.00
CA ALA O 492 -11.28 -1.70 -10.86
C ALA O 492 -11.07 -0.63 -9.81
N ILE O 493 -10.02 0.19 -9.93
CA ILE O 493 -9.70 1.19 -8.92
C ILE O 493 -10.32 2.55 -9.25
N HIS O 494 -10.96 2.69 -10.42
CA HIS O 494 -11.44 3.99 -10.87
C HIS O 494 -12.47 4.58 -9.93
N GLU O 495 -13.47 3.79 -9.54
CA GLU O 495 -14.49 4.25 -8.62
C GLU O 495 -13.96 4.51 -7.22
N ALA O 496 -13.07 3.65 -6.72
CA ALA O 496 -12.55 3.82 -5.37
C ALA O 496 -11.68 5.06 -5.26
N MET O 497 -10.96 5.42 -6.33
CA MET O 497 -10.06 6.56 -6.27
C MET O 497 -10.82 7.88 -6.06
N GLU O 498 -11.96 8.04 -6.72
CA GLU O 498 -12.69 9.31 -6.66
C GLU O 498 -13.98 9.23 -5.85
N GLN O 499 -14.89 8.32 -6.21
CA GLN O 499 -16.15 8.22 -5.47
C GLN O 499 -15.99 7.60 -4.10
N GLN O 500 -14.86 6.94 -3.84
CA GLN O 500 -14.53 6.39 -2.53
C GLN O 500 -15.57 5.38 -2.05
N THR O 501 -16.11 4.60 -2.99
CA THR O 501 -17.04 3.53 -2.69
C THR O 501 -16.75 2.34 -3.58
N ILE O 502 -17.18 1.16 -3.14
CA ILE O 502 -17.02 -0.08 -3.89
C ILE O 502 -18.40 -0.72 -4.01
N SER O 503 -18.87 -0.90 -5.23
CA SER O 503 -20.20 -1.46 -5.50
C SER O 503 -20.06 -2.92 -5.89
N ILE O 504 -20.74 -3.80 -5.15
CA ILE O 504 -20.73 -5.24 -5.42
C ILE O 504 -22.17 -5.68 -5.68
N ALA O 505 -22.36 -6.38 -6.80
CA ALA O 505 -23.68 -6.82 -7.27
C ALA O 505 -23.60 -8.29 -7.69
N LYS O 506 -23.08 -9.13 -6.80
CA LYS O 506 -22.76 -10.51 -7.14
C LYS O 506 -23.50 -11.47 -6.22
N ALA O 507 -24.02 -12.56 -6.81
CA ALA O 507 -24.55 -13.70 -6.08
C ALA O 507 -25.62 -13.31 -5.06
N GLY O 508 -26.58 -12.52 -5.50
CA GLY O 508 -27.65 -12.09 -4.61
C GLY O 508 -27.25 -11.06 -3.58
N ILE O 509 -26.01 -10.61 -3.57
CA ILE O 509 -25.53 -9.57 -2.67
C ILE O 509 -25.31 -8.31 -3.48
N THR O 510 -26.07 -7.25 -3.16
CA THR O 510 -25.95 -5.96 -3.84
C THR O 510 -25.77 -4.87 -2.79
N THR O 511 -24.53 -4.47 -2.56
CA THR O 511 -24.21 -3.48 -1.53
C THR O 511 -23.17 -2.51 -2.07
N VAL O 512 -22.98 -1.43 -1.31
CA VAL O 512 -21.96 -0.42 -1.58
C VAL O 512 -21.18 -0.21 -0.29
N LEU O 513 -19.87 -0.42 -0.33
CA LEU O 513 -19.00 -0.34 0.82
C LEU O 513 -18.16 0.93 0.76
N ASN O 514 -17.85 1.48 1.94
CA ASN O 514 -17.06 2.70 2.01
C ASN O 514 -15.57 2.37 1.91
N SER O 515 -14.83 3.26 1.24
CA SER O 515 -13.38 3.11 1.13
C SER O 515 -12.73 4.47 0.92
N ARG O 516 -12.18 5.06 1.98
CA ARG O 516 -11.57 6.38 1.92
C ARG O 516 -10.07 6.24 2.10
N THR O 517 -9.36 6.07 0.99
CA THR O 517 -7.93 5.78 1.02
C THR O 517 -7.20 6.68 0.03
N SER O 518 -5.90 6.82 0.26
CA SER O 518 -5.00 7.54 -0.63
C SER O 518 -4.11 6.54 -1.35
N VAL O 519 -3.68 6.88 -2.56
CA VAL O 519 -2.94 5.99 -3.43
C VAL O 519 -1.56 6.59 -3.71
N LEU O 520 -0.51 5.81 -3.45
CA LEU O 520 0.85 6.17 -3.79
C LEU O 520 1.39 5.12 -4.76
N ALA O 521 1.71 5.54 -5.98
CA ALA O 521 2.08 4.60 -7.03
C ALA O 521 3.44 4.95 -7.61
N ALA O 522 4.16 3.92 -8.03
CA ALA O 522 5.45 4.06 -8.68
C ALA O 522 5.50 3.16 -9.91
N ALA O 523 6.15 3.66 -10.97
CA ALA O 523 6.21 2.92 -12.23
C ALA O 523 7.38 3.40 -13.04
N ASN O 524 7.75 2.61 -14.05
CA ASN O 524 8.78 2.92 -15.02
C ASN O 524 8.15 3.23 -16.37
N PRO O 525 8.79 4.06 -17.19
CA PRO O 525 8.29 4.30 -18.55
C PRO O 525 8.59 3.12 -19.46
N ILE O 526 8.04 3.20 -20.68
CA ILE O 526 8.38 2.23 -21.70
C ILE O 526 9.84 2.44 -22.08
N TYR O 527 10.51 1.34 -22.46
CA TYR O 527 11.93 1.26 -22.80
C TYR O 527 12.82 1.40 -21.57
N GLY O 528 12.26 1.54 -20.37
CA GLY O 528 13.07 1.68 -19.17
C GLY O 528 13.36 3.11 -18.81
N ARG O 529 14.11 3.80 -19.66
CA ARG O 529 14.44 5.20 -19.47
C ARG O 529 13.41 6.07 -20.21
N TYR O 530 13.40 7.36 -19.86
CA TYR O 530 12.40 8.25 -20.43
C TYR O 530 12.64 8.48 -21.93
N ASP O 531 13.89 8.40 -22.37
CA ASP O 531 14.22 8.55 -23.78
C ASP O 531 13.72 9.89 -24.29
N ASP O 532 14.31 10.98 -23.79
CA ASP O 532 13.86 12.34 -24.07
C ASP O 532 13.89 12.66 -25.56
N LEU O 533 14.49 11.79 -26.38
CA LEU O 533 14.51 11.99 -27.82
C LEU O 533 13.15 11.77 -28.48
N LYS O 534 12.31 10.94 -27.88
CA LYS O 534 11.02 10.62 -28.47
C LYS O 534 9.89 11.40 -27.80
N SER O 535 8.70 11.29 -28.39
CA SER O 535 7.55 12.06 -27.96
C SER O 535 7.05 11.56 -26.60
N PRO O 536 6.46 12.46 -25.79
CA PRO O 536 5.88 12.01 -24.52
C PRO O 536 4.77 10.99 -24.69
N GLY O 537 3.99 11.09 -25.77
CA GLY O 537 2.90 10.14 -25.98
C GLY O 537 3.41 8.75 -26.28
N ASP O 538 4.63 8.63 -26.79
CA ASP O 538 5.25 7.33 -27.06
C ASP O 538 6.03 6.80 -25.86
N ASN O 539 5.96 7.49 -24.71
CA ASN O 539 6.70 7.08 -23.52
C ASN O 539 5.82 6.68 -22.35
N ILE O 540 4.62 7.24 -22.23
CA ILE O 540 3.71 6.95 -21.12
C ILE O 540 2.56 6.14 -21.66
N ASP O 541 2.37 4.93 -21.11
CA ASP O 541 1.31 4.02 -21.55
C ASP O 541 0.04 4.16 -20.74
N PHE O 542 -0.01 5.09 -19.78
CA PHE O 542 -1.22 5.29 -19.01
C PHE O 542 -2.19 6.20 -19.76
N GLN O 543 -3.44 5.79 -19.81
CA GLN O 543 -4.45 6.54 -20.53
C GLN O 543 -4.86 7.78 -19.75
N THR O 544 -5.58 8.68 -20.42
CA THR O 544 -6.00 9.92 -19.79
C THR O 544 -7.00 9.67 -18.66
N THR O 545 -7.74 8.57 -18.72
CA THR O 545 -8.74 8.28 -17.69
C THR O 545 -8.09 8.06 -16.33
N ILE O 546 -6.95 7.35 -16.30
CA ILE O 546 -6.31 7.05 -15.02
C ILE O 546 -5.43 8.21 -14.58
N LEU O 547 -4.84 8.94 -15.53
CA LEU O 547 -3.92 10.02 -15.20
C LEU O 547 -4.62 11.26 -14.65
N SER O 548 -5.94 11.36 -14.80
CA SER O 548 -6.68 12.50 -14.27
C SER O 548 -7.01 12.35 -12.80
N ARG O 549 -6.84 11.17 -12.23
CA ARG O 549 -7.16 10.91 -10.83
C ARG O 549 -5.95 11.05 -9.91
N PHE O 550 -4.82 11.49 -10.44
CA PHE O 550 -3.60 11.71 -9.66
C PHE O 550 -3.41 13.21 -9.48
N ASP O 551 -3.33 13.64 -8.23
CA ASP O 551 -3.16 15.07 -7.96
C ASP O 551 -1.77 15.56 -8.36
N MET O 552 -0.74 14.74 -8.11
CA MET O 552 0.63 15.12 -8.43
C MET O 552 1.32 13.96 -9.12
N ILE O 553 1.98 14.27 -10.25
CA ILE O 553 2.73 13.31 -11.05
C ILE O 553 4.16 13.79 -11.13
N PHE O 554 5.10 12.94 -10.73
CA PHE O 554 6.52 13.27 -10.75
C PHE O 554 7.24 12.42 -11.79
N ILE O 555 7.82 13.07 -12.79
CA ILE O 555 8.70 12.40 -13.75
C ILE O 555 10.13 12.60 -13.29
N VAL O 556 10.84 11.49 -13.07
CA VAL O 556 12.15 11.48 -12.45
C VAL O 556 13.19 11.10 -13.49
N LYS O 557 14.26 11.89 -13.57
CA LYS O 557 15.34 11.68 -14.53
C LYS O 557 16.68 11.84 -13.84
N ASP O 558 17.71 11.26 -14.45
CA ASP O 558 19.09 11.38 -13.99
C ASP O 558 19.80 12.40 -14.86
N ASP O 559 20.63 13.24 -14.23
CA ASP O 559 21.30 14.31 -14.97
C ASP O 559 22.78 14.01 -15.17
N HIS O 560 23.31 13.03 -14.42
CA HIS O 560 24.70 12.58 -14.57
C HIS O 560 25.71 13.69 -14.32
N ASN O 561 25.46 14.54 -13.32
CA ASN O 561 26.42 15.56 -12.94
C ASN O 561 27.47 14.99 -11.99
N GLU O 562 28.70 15.51 -12.11
CA GLU O 562 29.80 14.97 -11.31
C GLU O 562 29.68 15.34 -9.84
N GLU O 563 29.34 16.60 -9.55
CA GLU O 563 29.22 17.03 -8.16
C GLU O 563 28.13 16.26 -7.43
N ARG O 564 26.97 16.12 -8.05
CA ARG O 564 25.89 15.35 -7.45
C ARG O 564 26.29 13.90 -7.28
N ASP O 565 26.99 13.34 -8.26
CA ASP O 565 27.43 11.95 -8.16
C ASP O 565 28.37 11.74 -6.98
N ILE O 566 29.33 12.65 -6.78
CA ILE O 566 30.23 12.56 -5.63
C ILE O 566 29.48 12.73 -4.31
N SER O 567 28.55 13.68 -4.23
CA SER O 567 27.78 13.86 -3.00
C SER O 567 26.98 12.60 -2.67
N ILE O 568 26.31 12.02 -3.66
CA ILE O 568 25.52 10.82 -3.44
C ILE O 568 26.41 9.65 -3.07
N ALA O 569 27.58 9.54 -3.72
CA ALA O 569 28.49 8.45 -3.39
C ALA O 569 28.96 8.53 -1.95
N ASN O 570 29.33 9.73 -1.48
CA ASN O 570 29.74 9.88 -0.09
C ASN O 570 28.59 9.58 0.86
N HIS O 571 27.39 10.06 0.53
CA HIS O 571 26.24 9.80 1.40
C HIS O 571 25.96 8.31 1.52
N VAL O 572 26.00 7.58 0.41
CA VAL O 572 25.76 6.14 0.42
C VAL O 572 26.87 5.38 1.13
N ILE O 573 28.13 5.74 0.94
CA ILE O 573 29.22 5.09 1.66
C ILE O 573 29.14 5.31 3.16
N ASN O 574 28.71 6.50 3.60
CA ASN O 574 28.55 6.73 5.04
C ASN O 574 27.49 5.80 5.62
N ILE O 575 26.44 5.50 4.85
CA ILE O 575 25.41 4.57 5.32
C ILE O 575 26.00 3.18 5.53
N HIS O 576 26.82 2.71 4.59
CA HIS O 576 27.36 1.35 4.67
C HIS O 576 28.46 1.20 5.72
N THR O 577 29.28 2.23 5.93
CA THR O 577 30.41 2.11 6.84
C THR O 577 30.02 2.34 8.30
N GLY O 578 28.74 2.59 8.59
CA GLY O 578 28.29 2.76 9.95
C GLY O 578 28.29 4.19 10.45
N ASN O 579 28.78 5.14 9.66
CA ASN O 579 28.78 6.55 10.06
C ASN O 579 27.39 7.17 10.04
N ALA O 580 26.38 6.47 9.53
CA ALA O 580 25.04 7.04 9.46
C ALA O 580 24.44 7.24 10.85
N ASN O 581 24.26 6.14 11.59
CA ASN O 581 23.59 6.21 12.88
C ASN O 581 24.32 7.17 13.82
N ALA O 582 25.65 7.11 13.83
CA ALA O 582 26.44 7.93 14.73
C ALA O 582 26.17 9.42 14.52
N MET O 583 25.62 9.78 13.36
CA MET O 583 25.15 11.14 13.18
C MET O 583 23.67 11.28 13.50
N GLN O 584 22.83 10.39 12.96
CA GLN O 584 21.40 10.66 12.90
C GLN O 584 20.80 10.90 14.27
N ASN O 585 21.14 10.04 15.24
CA ASN O 585 20.58 10.19 16.59
C ASN O 585 20.73 11.63 17.08
N GLN O 586 21.92 12.21 16.90
CA GLN O 586 22.16 13.57 17.40
C GLN O 586 21.12 14.54 16.87
N GLN O 587 20.88 14.55 15.55
CA GLN O 587 19.90 15.50 15.05
C GLN O 587 18.51 15.16 15.57
N GLU O 588 18.18 13.87 15.60
CA GLU O 588 16.89 13.45 16.16
C GLU O 588 16.78 13.90 17.62
N GLU O 589 17.92 14.01 18.30
CA GLU O 589 17.90 14.49 19.67
C GLU O 589 17.64 16.00 19.73
N ASN O 590 18.28 16.78 18.86
CA ASN O 590 18.42 18.19 19.20
C ASN O 590 17.18 19.02 18.88
N GLY O 591 16.92 19.32 17.61
CA GLY O 591 15.71 20.04 17.26
C GLY O 591 15.20 19.84 15.85
N SER O 592 15.83 18.96 15.08
CA SER O 592 15.64 18.95 13.63
C SER O 592 14.90 17.73 13.11
N GLU O 593 14.79 16.66 13.91
CA GLU O 593 14.11 15.47 13.46
C GLU O 593 13.29 14.91 14.60
N ILE O 594 12.28 14.11 14.25
CA ILE O 594 11.44 13.42 15.20
C ILE O 594 11.34 11.95 14.80
N SER O 595 11.03 11.12 15.78
CA SER O 595 10.96 9.68 15.55
C SER O 595 9.68 9.33 14.78
N ILE O 596 9.62 8.08 14.32
CA ILE O 596 8.46 7.64 13.55
C ILE O 596 7.19 7.66 14.39
N GLU O 597 7.28 7.18 15.63
CA GLU O 597 6.10 7.13 16.49
C GLU O 597 5.58 8.52 16.83
N LYS O 598 6.47 9.47 17.11
CA LYS O 598 6.04 10.84 17.39
C LYS O 598 5.35 11.46 16.19
N MET O 599 5.90 11.25 14.99
CA MET O 599 5.29 11.79 13.79
C MET O 599 3.95 11.13 13.50
N LYS O 600 3.84 9.82 13.78
CA LYS O 600 2.56 9.13 13.63
C LYS O 600 1.50 9.73 14.55
N ARG O 601 1.87 9.96 15.81
CA ARG O 601 0.93 10.53 16.76
C ARG O 601 0.55 11.96 16.36
N TYR O 602 1.52 12.74 15.86
CA TYR O 602 1.20 14.08 15.38
C TYR O 602 0.24 14.02 14.20
N ILE O 603 0.46 13.08 13.27
CA ILE O 603 -0.42 12.96 12.11
C ILE O 603 -1.84 12.63 12.55
N THR O 604 -2.00 11.66 13.45
CA THR O 604 -3.34 11.28 13.87
C THR O 604 -4.02 12.40 14.64
N TYR O 605 -3.27 13.11 15.50
CA TYR O 605 -3.85 14.23 16.22
C TYR O 605 -4.32 15.33 15.28
N CYS O 606 -3.48 15.67 14.29
CA CYS O 606 -3.84 16.71 13.34
C CYS O 606 -5.05 16.31 12.50
N ARG O 607 -5.12 15.04 12.09
CA ARG O 607 -6.23 14.61 11.25
C ARG O 607 -7.53 14.54 12.03
N LEU O 608 -7.46 14.18 13.32
CA LEU O 608 -8.66 14.09 14.14
C LEU O 608 -9.05 15.40 14.81
N LYS O 609 -8.21 16.44 14.72
CA LYS O 609 -8.54 17.72 15.35
C LYS O 609 -8.90 18.84 14.38
N CYS O 610 -8.24 18.95 13.24
CA CYS O 610 -8.34 20.14 12.41
C CYS O 610 -8.91 19.81 11.04
N ALA O 611 -9.60 20.78 10.45
CA ALA O 611 -10.10 20.70 9.07
C ALA O 611 -10.26 22.11 8.56
N PRO O 612 -9.21 22.67 7.96
CA PRO O 612 -9.21 24.12 7.66
C PRO O 612 -10.18 24.50 6.56
N ARG O 613 -10.28 25.80 6.33
CA ARG O 613 -11.17 26.39 5.34
C ARG O 613 -10.45 27.50 4.59
N LEU O 614 -10.89 27.75 3.36
CA LEU O 614 -10.25 28.78 2.55
C LEU O 614 -10.77 30.16 2.91
N SER O 615 -10.01 31.18 2.52
CA SER O 615 -10.32 32.58 2.67
C SER O 615 -10.76 33.17 1.33
N PRO O 616 -11.49 34.29 1.34
CA PRO O 616 -11.93 34.88 0.07
C PRO O 616 -10.79 35.23 -0.89
N GLN O 617 -9.65 35.66 -0.36
CA GLN O 617 -8.53 36.02 -1.23
C GLN O 617 -7.85 34.78 -1.80
N ALA O 618 -7.87 33.67 -1.06
CA ALA O 618 -7.27 32.43 -1.55
C ALA O 618 -7.99 31.93 -2.80
N ALA O 619 -9.33 32.02 -2.80
CA ALA O 619 -10.10 31.60 -3.97
C ALA O 619 -9.77 32.46 -5.18
N GLU O 620 -9.64 33.77 -4.97
CA GLU O 620 -9.27 34.67 -6.05
C GLU O 620 -7.89 34.36 -6.60
N LYS O 621 -6.93 34.06 -5.73
CA LYS O 621 -5.59 33.70 -6.22
C LYS O 621 -5.58 32.35 -6.92
N LEU O 622 -6.44 31.42 -6.51
CA LEU O 622 -6.46 30.10 -7.14
C LEU O 622 -7.14 30.13 -8.50
N SER O 623 -8.20 30.93 -8.65
CA SER O 623 -8.92 30.97 -9.92
C SER O 623 -8.04 31.48 -11.06
N SER O 624 -7.28 32.53 -10.82
CA SER O 624 -6.35 33.07 -11.81
C SER O 624 -5.28 32.08 -12.20
N ASN O 625 -4.70 31.36 -11.24
CA ASN O 625 -3.75 30.32 -11.53
C ASN O 625 -4.35 29.19 -12.36
N PHE O 626 -5.58 28.79 -12.06
CA PHE O 626 -6.25 27.78 -12.89
C PHE O 626 -6.42 28.28 -14.32
N VAL O 627 -6.85 29.53 -14.48
CA VAL O 627 -7.03 30.08 -15.83
C VAL O 627 -5.70 30.11 -16.57
N THR O 628 -4.61 30.49 -15.89
CA THR O 628 -3.30 30.54 -16.54
C THR O 628 -2.84 29.15 -16.98
N ILE O 629 -2.88 28.19 -16.05
CA ILE O 629 -2.38 26.85 -16.36
C ILE O 629 -3.26 26.14 -17.37
N ARG O 630 -4.52 26.54 -17.51
CA ARG O 630 -5.38 25.97 -18.54
C ARG O 630 -5.24 26.67 -19.88
N LYS O 631 -4.92 27.96 -19.88
CA LYS O 631 -4.57 28.64 -21.12
C LYS O 631 -3.30 28.09 -21.73
N GLN O 632 -2.27 27.87 -20.92
CA GLN O 632 -0.98 27.42 -21.47
C GLN O 632 -1.13 26.12 -22.25
N LEU O 633 -1.98 25.22 -21.76
CA LEU O 633 -2.18 23.94 -22.43
C LEU O 633 -2.72 24.12 -23.85
N LEU O 634 -3.56 25.14 -24.05
CA LEU O 634 -4.12 25.38 -25.38
C LEU O 634 -3.03 25.76 -26.37
N ILE O 635 -2.13 26.66 -25.98
CA ILE O 635 -1.01 27.03 -26.86
C ILE O 635 -0.12 25.83 -27.13
N ASN O 636 0.17 25.05 -26.09
CA ASN O 636 1.02 23.87 -26.31
C ASN O 636 0.37 22.89 -27.27
N GLU O 637 -0.92 22.63 -27.12
CA GLU O 637 -1.60 21.66 -27.99
C GLU O 637 -1.72 22.20 -29.41
N LEU O 638 -1.94 23.51 -29.56
CA LEU O 638 -2.03 24.07 -30.91
C LEU O 638 -0.68 24.05 -31.60
N GLU O 639 0.40 24.29 -30.86
CA GLU O 639 1.73 24.24 -31.46
C GLU O 639 2.12 22.82 -31.83
N SER O 640 1.86 21.86 -30.95
CA SER O 640 2.29 20.48 -31.20
C SER O 640 1.26 19.72 -32.02
N THR O 641 0.13 20.36 -32.34
CA THR O 641 -0.96 19.81 -33.17
C THR O 641 -1.37 18.40 -32.75
N GLU O 642 -1.11 18.03 -31.49
CA GLU O 642 -1.52 16.74 -30.96
C GLU O 642 -1.95 16.94 -29.51
N ARG O 643 -2.87 16.10 -29.05
CA ARG O 643 -3.42 16.26 -27.72
C ARG O 643 -2.38 15.93 -26.65
N SER O 644 -2.51 16.57 -25.50
CA SER O 644 -1.57 16.39 -24.40
C SER O 644 -1.81 15.06 -23.70
N SER O 645 -0.73 14.36 -23.37
CA SER O 645 -0.85 13.10 -22.66
C SER O 645 -1.21 13.31 -21.20
N ILE O 646 -0.62 14.29 -20.56
CA ILE O 646 -0.95 14.67 -19.19
C ILE O 646 -2.07 15.70 -19.23
N PRO O 647 -3.26 15.38 -18.72
CA PRO O 647 -4.39 16.30 -18.82
C PRO O 647 -4.50 17.27 -17.66
N ILE O 648 -5.10 18.42 -17.94
CA ILE O 648 -5.41 19.43 -16.94
C ILE O 648 -6.93 19.62 -16.94
N THR O 649 -7.56 19.38 -15.78
CA THR O 649 -9.01 19.47 -15.67
C THR O 649 -9.43 20.14 -14.38
N ILE O 650 -10.72 20.06 -14.05
CA ILE O 650 -11.22 20.61 -12.79
C ILE O 650 -10.64 19.88 -11.60
N ARG O 651 -10.38 18.57 -11.76
CA ARG O 651 -9.72 17.82 -10.70
C ARG O 651 -8.36 18.43 -10.36
N GLN O 652 -7.71 19.08 -11.32
CA GLN O 652 -6.42 19.72 -11.05
C GLN O 652 -6.59 20.99 -10.22
N LEU O 653 -7.74 21.65 -10.31
CA LEU O 653 -8.04 22.75 -9.41
C LEU O 653 -8.36 22.23 -8.01
N GLU O 654 -9.18 21.18 -7.93
CA GLU O 654 -9.51 20.61 -6.63
C GLU O 654 -8.28 20.05 -5.94
N ALA O 655 -7.32 19.55 -6.71
CA ALA O 655 -6.07 19.05 -6.14
C ALA O 655 -5.30 20.17 -5.46
N ILE O 656 -5.23 21.35 -6.11
CA ILE O 656 -4.51 22.47 -5.51
C ILE O 656 -5.24 22.96 -4.27
N ILE O 657 -6.57 22.95 -4.29
CA ILE O 657 -7.33 23.28 -3.08
C ILE O 657 -6.99 22.32 -1.95
N ARG O 658 -6.95 21.02 -2.26
CA ARG O 658 -6.63 20.02 -1.24
C ARG O 658 -5.21 20.21 -0.71
N ILE O 659 -4.26 20.53 -1.58
CA ILE O 659 -2.89 20.73 -1.13
C ILE O 659 -2.79 21.97 -0.23
N THR O 660 -3.51 23.02 -0.57
CA THR O 660 -3.53 24.21 0.28
C THR O 660 -4.07 23.89 1.67
N GLU O 661 -5.18 23.14 1.71
CA GLU O 661 -5.76 22.81 3.02
C GLU O 661 -4.85 21.84 3.79
N SER O 662 -4.18 20.93 3.09
CA SER O 662 -3.23 20.03 3.75
C SER O 662 -2.07 20.81 4.35
N LEU O 663 -1.57 21.81 3.63
CA LEU O 663 -0.50 22.66 4.17
C LEU O 663 -0.99 23.43 5.39
N ALA O 664 -2.22 23.92 5.35
CA ALA O 664 -2.77 24.60 6.53
C ALA O 664 -2.92 23.64 7.71
N LYS O 665 -3.19 22.36 7.43
CA LYS O 665 -3.43 21.39 8.49
C LYS O 665 -2.20 21.20 9.38
N LEU O 666 -0.99 21.41 8.83
CA LEU O 666 0.23 21.15 9.60
C LEU O 666 0.30 22.03 10.83
N GLU O 667 -0.05 23.30 10.71
CA GLU O 667 0.09 24.26 11.79
C GLU O 667 -1.13 24.31 12.70
N LEU O 668 -2.11 23.43 12.49
CA LEU O 668 -3.38 23.43 13.23
C LEU O 668 -4.10 24.76 13.06
N SER O 669 -3.90 25.42 11.93
CA SER O 669 -4.55 26.69 11.65
C SER O 669 -6.00 26.45 11.24
N PRO O 670 -6.93 27.29 11.68
CA PRO O 670 -8.34 27.14 11.29
C PRO O 670 -8.73 27.82 9.99
N ILE O 671 -7.77 28.38 9.25
CA ILE O 671 -8.05 29.08 8.00
C ILE O 671 -6.83 28.98 7.10
N ALA O 672 -7.06 28.82 5.80
CA ALA O 672 -5.98 28.76 4.82
C ALA O 672 -5.87 30.11 4.11
N GLN O 673 -4.64 30.59 3.95
CA GLN O 673 -4.40 31.94 3.45
C GLN O 673 -3.43 31.87 2.27
N GLU O 674 -3.02 33.06 1.79
CA GLU O 674 -2.23 33.15 0.57
C GLU O 674 -0.85 32.56 0.75
N ARG O 675 -0.34 32.54 1.99
CA ARG O 675 0.95 31.94 2.27
C ARG O 675 0.96 30.47 1.86
N HIS O 676 -0.11 29.75 2.19
CA HIS O 676 -0.21 28.34 1.82
C HIS O 676 -0.52 28.19 0.33
N VAL O 677 -1.27 29.14 -0.23
CA VAL O 677 -1.64 29.08 -1.64
C VAL O 677 -0.40 29.17 -2.52
N ASP O 678 0.54 30.05 -2.17
CA ASP O 678 1.76 30.17 -2.96
C ASP O 678 2.54 28.87 -2.98
N GLU O 679 2.69 28.23 -1.82
CA GLU O 679 3.47 26.98 -1.75
C GLU O 679 2.75 25.85 -2.47
N ALA O 680 1.42 25.79 -2.38
CA ALA O 680 0.67 24.80 -3.12
C ALA O 680 0.82 24.98 -4.62
N ILE O 681 0.77 26.24 -5.08
CA ILE O 681 0.95 26.51 -6.51
C ILE O 681 2.35 26.11 -6.95
N ARG O 682 3.36 26.42 -6.14
CA ARG O 682 4.73 26.06 -6.50
C ARG O 682 4.90 24.55 -6.58
N LEU O 683 4.30 23.82 -5.64
CA LEU O 683 4.38 22.36 -5.67
C LEU O 683 3.69 21.81 -6.93
N PHE O 684 2.53 22.36 -7.29
CA PHE O 684 1.85 21.92 -8.50
C PHE O 684 2.69 22.20 -9.74
N GLN O 685 3.33 23.36 -9.80
CA GLN O 685 4.20 23.68 -10.93
C GLN O 685 5.37 22.72 -11.01
N ALA O 686 5.98 22.40 -9.87
CA ALA O 686 7.08 21.43 -9.84
C ALA O 686 6.66 20.03 -10.24
N SER O 687 5.41 19.64 -9.94
CA SER O 687 5.00 18.26 -10.12
C SER O 687 4.36 18.08 -11.49
N THR O 688 3.23 18.74 -11.78
CA THR O 688 2.43 18.34 -12.93
C THR O 688 2.70 19.23 -14.14
N MET O 689 2.86 20.53 -13.94
CA MET O 689 3.12 21.43 -15.07
C MET O 689 4.49 21.14 -15.68
N ASP O 690 5.44 20.72 -14.85
CA ASP O 690 6.74 20.33 -15.38
C ASP O 690 6.63 19.10 -16.25
N ALA O 691 5.82 18.12 -15.83
CA ALA O 691 5.63 16.91 -16.62
C ALA O 691 4.91 17.22 -17.93
N ALA O 692 3.89 18.07 -17.87
CA ALA O 692 3.17 18.45 -19.08
C ALA O 692 4.07 19.20 -20.05
N SER O 693 4.88 20.11 -19.53
CA SER O 693 5.76 20.95 -20.36
C SER O 693 7.10 20.24 -20.53
N GLN O 694 7.09 19.18 -21.33
CA GLN O 694 8.34 18.51 -21.68
C GLN O 694 9.17 19.30 -22.68
N ASP O 695 8.54 20.14 -23.49
CA ASP O 695 9.20 21.03 -24.44
C ASP O 695 10.15 20.26 -25.35
N PRO O 696 9.64 19.47 -26.29
CA PRO O 696 10.52 18.74 -27.21
C PRO O 696 11.32 19.70 -28.07
N ILE O 697 12.64 19.49 -28.11
CA ILE O 697 13.50 20.31 -28.95
C ILE O 697 13.17 20.08 -30.42
N GLY O 698 13.02 18.82 -30.81
CA GLY O 698 12.67 18.47 -32.17
C GLY O 698 12.07 17.09 -32.29
N GLY O 699 10.94 16.98 -32.99
CA GLY O 699 10.28 15.70 -33.15
C GLY O 699 10.18 15.27 -34.61
N LEU O 700 10.52 16.18 -35.52
CA LEU O 700 10.48 15.92 -36.97
C LEU O 700 9.09 15.46 -37.41
N ASN O 701 8.06 16.06 -36.81
CA ASN O 701 6.68 15.75 -37.15
C ASN O 701 6.11 16.81 -38.08
N GLN O 702 4.80 16.71 -38.33
CA GLN O 702 4.14 17.68 -39.21
C GLN O 702 4.21 19.09 -38.61
N ALA O 703 4.04 19.20 -37.29
CA ALA O 703 4.18 20.49 -36.63
C ALA O 703 5.57 21.06 -36.87
N SER O 704 5.62 22.35 -37.23
CA SER O 704 6.87 23.01 -37.60
C SER O 704 7.56 22.30 -38.77
N GLY O 705 6.75 21.81 -39.73
CA GLY O 705 7.34 21.11 -40.87
C GLY O 705 8.20 22.01 -41.73
N THR O 706 7.72 23.21 -42.04
CA THR O 706 8.55 24.18 -42.75
C THR O 706 9.74 24.59 -41.89
N SER O 707 9.56 24.60 -40.57
CA SER O 707 10.66 24.96 -39.68
C SER O 707 11.85 24.01 -39.81
N LEU O 708 11.63 22.78 -40.30
CA LEU O 708 12.72 21.84 -40.46
C LEU O 708 13.84 22.42 -41.32
N SER O 709 13.49 23.30 -42.27
CA SER O 709 14.48 24.01 -43.06
C SER O 709 14.60 25.48 -42.65
N GLU O 710 13.51 26.08 -42.17
CA GLU O 710 13.54 27.48 -41.78
C GLU O 710 14.46 27.72 -40.58
N ILE O 711 14.64 26.70 -39.73
CA ILE O 711 15.53 26.86 -38.58
C ILE O 711 16.96 27.06 -39.05
N ARG O 712 17.43 26.18 -39.95
CA ARG O 712 18.76 26.34 -40.52
C ARG O 712 18.88 27.62 -41.32
N ARG O 713 17.83 27.98 -42.06
CA ARG O 713 17.85 29.21 -42.84
C ARG O 713 18.05 30.42 -41.93
N PHE O 714 17.25 30.52 -40.87
CA PHE O 714 17.35 31.65 -39.95
C PHE O 714 18.67 31.64 -39.20
N GLU O 715 19.17 30.46 -38.83
CA GLU O 715 20.46 30.38 -38.15
C GLU O 715 21.57 30.92 -39.04
N GLN O 716 21.57 30.52 -40.32
CA GLN O 716 22.59 31.04 -41.24
C GLN O 716 22.44 32.54 -41.45
N GLU O 717 21.20 33.02 -41.60
CA GLU O 717 20.98 34.45 -41.81
C GLU O 717 21.43 35.26 -40.60
N LEU O 718 21.23 34.74 -39.40
CA LEU O 718 21.64 35.41 -38.18
C LEU O 718 23.15 35.35 -37.96
N LYS O 719 23.78 34.23 -38.29
CA LYS O 719 25.22 34.10 -38.09
C LYS O 719 26.04 34.80 -39.17
N ARG O 720 25.45 35.09 -40.33
CA ARG O 720 26.13 35.91 -41.32
C ARG O 720 25.95 37.41 -41.05
N ARG O 721 24.83 37.79 -40.43
CA ARG O 721 24.61 39.19 -40.10
C ARG O 721 25.46 39.63 -38.92
N LEU O 722 25.61 38.76 -37.92
CA LEU O 722 26.20 39.14 -36.65
C LEU O 722 27.50 38.37 -36.41
N PRO O 723 28.65 39.04 -36.48
CA PRO O 723 29.92 38.36 -36.18
C PRO O 723 30.02 37.90 -34.74
N ILE O 724 31.14 37.28 -34.37
CA ILE O 724 31.29 36.63 -33.08
C ILE O 724 31.27 37.63 -31.93
N GLY O 725 31.45 38.92 -32.21
CA GLY O 725 31.30 39.94 -31.20
C GLY O 725 30.00 40.71 -31.42
N TRP O 726 29.74 41.65 -30.53
CA TRP O 726 28.66 42.64 -30.68
C TRP O 726 27.30 41.99 -30.45
N SER O 727 26.26 42.81 -30.32
CA SER O 727 24.94 42.32 -29.93
C SER O 727 23.88 42.99 -30.79
N THR O 728 22.65 42.50 -30.64
CA THR O 728 21.48 43.02 -31.34
C THR O 728 20.33 43.06 -30.34
N SER O 729 19.11 43.24 -30.84
CA SER O 729 17.93 43.28 -29.99
C SER O 729 16.82 42.43 -30.61
N TYR O 730 15.95 41.92 -29.76
CA TYR O 730 14.80 41.17 -30.24
C TYR O 730 13.87 42.05 -31.06
N GLN O 731 13.74 43.31 -30.67
CA GLN O 731 12.90 44.25 -31.42
C GLN O 731 13.38 44.36 -32.87
N THR O 732 14.67 44.58 -33.07
CA THR O 732 15.21 44.70 -34.43
C THR O 732 15.18 43.35 -35.15
N LEU O 733 15.62 42.28 -34.50
CA LEU O 733 15.61 40.96 -35.11
C LEU O 733 14.21 40.51 -35.49
N ARG O 734 13.17 41.08 -34.89
CA ARG O 734 11.80 40.84 -35.32
C ARG O 734 11.41 41.78 -36.46
N ARG O 735 11.51 43.09 -36.26
CA ARG O 735 10.99 44.03 -37.24
C ARG O 735 11.65 43.85 -38.60
N GLU O 736 12.98 43.82 -38.64
CA GLU O 736 13.67 43.81 -39.92
C GLU O 736 13.59 42.45 -40.59
N PHE O 737 13.70 41.36 -39.83
CA PHE O 737 13.62 40.03 -40.43
C PHE O 737 12.18 39.61 -40.72
N VAL O 738 11.20 40.40 -40.27
CA VAL O 738 9.81 40.11 -40.57
C VAL O 738 9.24 41.03 -41.63
N ASP O 739 9.84 42.20 -41.85
CA ASP O 739 9.44 43.03 -42.99
C ASP O 739 9.55 42.26 -44.30
N THR O 740 10.48 41.32 -44.39
CA THR O 740 10.58 40.44 -45.55
C THR O 740 9.63 39.25 -45.47
N HIS O 741 8.70 39.24 -44.50
CA HIS O 741 7.66 38.22 -44.37
C HIS O 741 8.25 36.82 -44.15
N ARG O 742 9.29 36.72 -43.32
CA ARG O 742 9.87 35.43 -42.95
C ARG O 742 9.42 34.97 -41.56
N PHE O 743 8.44 35.65 -40.96
CA PHE O 743 8.02 35.32 -39.60
C PHE O 743 7.28 33.99 -39.57
N SER O 744 7.47 33.24 -38.49
CA SER O 744 6.84 31.94 -38.32
C SER O 744 6.03 31.81 -37.03
N GLN O 745 6.09 32.80 -36.15
CA GLN O 745 5.44 32.87 -34.85
C GLN O 745 6.03 31.87 -33.86
N LEU O 746 6.98 31.02 -34.27
CA LEU O 746 7.61 30.05 -33.40
C LEU O 746 9.09 30.31 -33.19
N ALA O 747 9.56 31.52 -33.46
CA ALA O 747 10.96 31.86 -33.30
C ALA O 747 11.34 32.19 -31.86
N LEU O 748 10.37 32.16 -30.94
CA LEU O 748 10.67 32.43 -29.55
C LEU O 748 11.62 31.38 -28.97
N ASP O 749 11.38 30.11 -29.29
CA ASP O 749 12.23 29.02 -28.83
C ASP O 749 13.43 28.75 -29.73
N LYS O 750 13.45 29.31 -30.94
CA LYS O 750 14.61 29.12 -31.81
C LYS O 750 15.84 29.80 -31.22
N ALA O 751 15.66 30.99 -30.64
CA ALA O 751 16.76 31.67 -29.97
C ALA O 751 17.28 30.85 -28.80
N LEU O 752 16.37 30.24 -28.02
CA LEU O 752 16.80 29.41 -26.91
C LEU O 752 17.51 28.14 -27.39
N TYR O 753 17.04 27.57 -28.51
CA TYR O 753 17.71 26.40 -29.06
C TYR O 753 19.12 26.76 -29.54
N ALA O 754 19.28 27.92 -30.17
CA ALA O 754 20.62 28.39 -30.53
C ALA O 754 21.47 28.63 -29.30
N LEU O 755 20.86 29.14 -28.22
CA LEU O 755 21.56 29.31 -26.96
C LEU O 755 22.02 27.97 -26.40
N GLU O 756 21.24 26.92 -26.63
CA GLU O 756 21.59 25.60 -26.11
C GLU O 756 22.91 25.10 -26.68
N LYS O 757 23.29 25.61 -27.87
CA LYS O 757 24.59 25.27 -28.43
C LYS O 757 25.73 25.90 -27.66
N HIS O 758 25.42 26.79 -26.71
CA HIS O 758 26.39 27.40 -25.80
C HIS O 758 27.31 28.38 -26.54
N GLU O 759 27.10 28.55 -27.83
CA GLU O 759 27.92 29.46 -28.63
C GLU O 759 27.11 30.48 -29.43
N THR O 760 25.96 30.09 -29.98
CA THR O 760 25.28 30.95 -30.94
C THR O 760 24.68 32.18 -30.28
N ILE O 761 23.95 32.02 -29.19
CA ILE O 761 23.15 33.10 -28.64
C ILE O 761 23.29 33.13 -27.12
N GLN O 762 23.33 34.34 -26.57
CA GLN O 762 23.17 34.59 -25.15
C GLN O 762 22.16 35.71 -24.98
N LEU O 763 21.41 35.66 -23.88
CA LEU O 763 20.42 36.68 -23.57
C LEU O 763 20.86 37.41 -22.31
N ARG O 764 20.93 38.74 -22.39
CA ARG O 764 21.39 39.56 -21.28
C ARG O 764 20.49 40.78 -21.13
N HIS O 765 20.69 41.48 -20.02
CA HIS O 765 20.02 42.76 -19.76
C HIS O 765 18.51 42.60 -19.75
N GLN O 766 18.02 41.77 -18.82
CA GLN O 766 16.59 41.47 -18.66
C GLN O 766 15.98 40.88 -19.93
N GLY O 767 16.78 40.14 -20.70
CA GLY O 767 16.30 39.50 -21.91
C GLY O 767 16.20 40.39 -23.12
N GLN O 768 16.56 41.67 -23.00
CA GLN O 768 16.47 42.58 -24.14
C GLN O 768 17.61 42.35 -25.12
N ASN O 769 18.81 42.08 -24.61
CA ASN O 769 20.03 42.08 -25.41
C ASN O 769 20.35 40.66 -25.87
N ILE O 770 20.60 40.50 -27.16
CA ILE O 770 20.96 39.21 -27.75
C ILE O 770 22.41 39.30 -28.19
N TYR O 771 23.27 38.51 -27.55
CA TYR O 771 24.72 38.59 -27.74
C TYR O 771 25.23 37.35 -28.45
N ARG O 772 26.02 37.55 -29.50
CA ARG O 772 26.70 36.45 -30.17
C ARG O 772 27.96 36.12 -29.37
N SER O 773 28.06 34.88 -28.90
CA SER O 773 29.14 34.48 -28.02
C SER O 773 30.14 33.51 -28.65
N GLY O 774 29.75 32.74 -29.65
CA GLY O 774 30.66 31.78 -30.24
C GLY O 774 30.15 31.28 -31.58
N VAL O 775 30.88 30.33 -32.13
CA VAL O 775 30.54 29.73 -33.42
C VAL O 775 29.20 29.01 -33.33
PG ATP P . 23.42 -24.22 -23.34
O1G ATP P . 22.87 -23.75 -24.65
O2G ATP P . 23.42 -23.15 -22.26
O3G ATP P . 22.73 -25.48 -22.80
PB ATP P . 26.33 -24.04 -24.01
O1B ATP P . 26.23 -23.55 -25.39
O2B ATP P . 26.79 -23.02 -22.97
O3B ATP P . 24.95 -24.65 -23.51
PA ATP P . 27.43 -26.60 -22.99
O1A ATP P . 26.47 -27.64 -23.41
O2A ATP P . 27.29 -26.15 -21.54
O3A ATP P . 27.31 -25.30 -23.90
O5' ATP P . 28.91 -27.07 -23.21
C5' ATP P . 29.35 -27.60 -24.48
C4' ATP P . 30.11 -28.88 -24.24
O4' ATP P . 31.53 -28.61 -24.20
C3' ATP P . 29.77 -29.61 -22.93
O3' ATP P . 29.63 -31.00 -23.16
C2' ATP P . 30.97 -29.30 -22.04
O2' ATP P . 31.21 -30.34 -21.10
C1' ATP P . 32.09 -29.24 -23.07
N9 ATP P . 33.28 -28.50 -22.63
C8 ATP P . 34.32 -28.98 -21.90
N7 ATP P . 35.26 -28.11 -21.64
C5 ATP P . 34.80 -26.95 -22.25
C6 ATP P . 35.34 -25.65 -22.35
N6 ATP P . 36.50 -25.29 -21.81
N1 ATP P . 34.62 -24.73 -23.04
C2 ATP P . 33.46 -25.10 -23.58
N3 ATP P . 32.85 -26.28 -23.56
C4 ATP P . 33.58 -27.18 -22.87
ZN ZN Q . -14.25 -49.28 38.12
PG ATP R . -14.32 9.78 -15.15
O1G ATP R . -15.02 8.59 -14.59
O2G ATP R . -12.89 9.95 -14.66
O3G ATP R . -14.34 9.83 -16.68
PB ATP R . -16.52 11.67 -14.46
O1B ATP R . -17.12 12.20 -15.69
O2B ATP R . -17.31 10.54 -13.78
O3B ATP R . -15.06 11.12 -14.70
PA ATP R . -16.75 13.11 -11.89
O1A ATP R . -16.29 12.07 -10.95
O2A ATP R . -18.27 13.29 -11.93
O3A ATP R . -16.28 12.80 -13.37
O5' ATP R . -16.10 14.51 -11.58
C5' ATP R . -14.80 14.60 -10.95
C4' ATP R . -14.67 15.93 -10.24
O4' ATP R . -14.91 17.01 -11.18
C3' ATP R . -15.63 16.15 -9.07
O3' ATP R . -14.96 16.73 -7.96
C2' ATP R . -16.67 17.10 -9.64
O2' ATP R . -17.22 17.94 -8.64
C1' ATP R . -15.83 17.92 -10.62
N9 ATP R . -16.58 18.52 -11.71
C8 ATP R . -16.48 18.23 -13.05
N7 ATP R . -17.29 18.93 -13.81
C5 ATP R . -17.96 19.75 -12.91
C6 ATP R . -18.95 20.74 -13.09
N6 ATP R . -19.46 21.08 -14.28
N1 ATP R . -19.41 21.36 -11.99
C2 ATP R . -18.90 21.04 -10.80
N3 ATP R . -17.97 20.12 -10.52
C4 ATP R . -17.53 19.51 -11.61
MG MG S . -16.82 8.41 -13.12
PB ADP T . -22.67 -30.93 -50.85
O1B ADP T . -22.08 -32.31 -51.00
O2B ADP T . -22.29 -30.00 -51.98
O3B ADP T . -22.53 -30.34 -49.47
PA ADP T . -24.88 -32.40 -51.81
O1A ADP T . -23.95 -32.81 -52.92
O2A ADP T . -25.32 -33.45 -50.81
O3A ADP T . -24.26 -31.14 -51.03
O5' ADP T . -26.20 -31.79 -52.52
C5' ADP T . -26.33 -31.89 -53.93
C4' ADP T . -27.78 -31.73 -54.38
O4' ADP T . -27.80 -31.43 -55.78
C3' ADP T . -28.54 -33.02 -54.18
O3' ADP T . -29.79 -32.75 -53.53
C2' ADP T . -28.80 -33.58 -55.56
O2' ADP T . -30.19 -33.88 -55.70
C1' ADP T . -28.42 -32.48 -56.53
N9 ADP T . -27.42 -32.97 -57.52
C8 ADP T . -26.29 -32.33 -57.86
N7 ADP T . -25.58 -33.01 -58.78
C5 ADP T . -26.27 -34.13 -59.07
C6 ADP T . -26.08 -35.28 -59.96
N6 ADP T . -24.98 -35.38 -60.77
N1 ADP T . -27.03 -36.24 -59.97
C2 ADP T . -28.11 -36.15 -59.19
N3 ADP T . -28.36 -35.13 -58.35
C4 ADP T . -27.48 -34.10 -58.24
ZN ZN U . -23.90 -80.30 13.40
PB ADP V . 8.41 -39.52 -46.89
O1B ADP V . 9.43 -39.25 -47.97
O2B ADP V . 8.99 -39.67 -45.51
O3B ADP V . 7.18 -38.65 -46.97
PA ADP V . 8.85 -42.11 -47.82
O1A ADP V . 10.01 -42.28 -46.89
O2A ADP V . 9.09 -41.80 -49.27
O3A ADP V . 7.86 -40.99 -47.23
O5' ADP V . 7.94 -43.44 -47.76
C5' ADP V . 8.50 -44.70 -48.13
C4' ADP V . 8.09 -45.00 -49.56
O4' ADP V . 9.25 -45.19 -50.35
C3' ADP V . 7.23 -46.24 -49.70
O3' ADP V . 5.87 -45.88 -49.94
C2' ADP V . 7.78 -46.97 -50.91
O2' ADP V . 6.83 -46.94 -51.98
C1' ADP V . 9.03 -46.21 -51.33
N9 ADP V . 10.18 -47.13 -51.36
C8 ADP V . 10.20 -48.39 -50.89
N7 ADP V . 11.41 -48.97 -51.09
C5 ADP V . 12.19 -48.07 -51.70
C6 ADP V . 13.58 -48.01 -52.19
N6 ADP V . 14.40 -49.09 -52.07
N1 ADP V . 14.01 -46.87 -52.77
C2 ADP V . 13.21 -45.80 -52.90
N3 ADP V . 11.93 -45.77 -52.48
C4 ADP V . 11.38 -46.86 -51.89
ZN ZN W . -11.20 -66.83 28.46
PG ATP X . -33.26 -4.59 -34.11
O1G ATP X . -32.03 -4.92 -34.89
O2G ATP X . -33.65 -5.67 -33.10
O3G ATP X . -33.20 -3.23 -33.40
PB ATP X . -35.84 -5.28 -35.43
O1B ATP X . -35.63 -6.73 -35.29
O2B ATP X . -36.31 -4.79 -36.80
O3B ATP X . -34.52 -4.48 -35.08
PA ATP X . -37.74 -3.40 -34.17
O1A ATP X . -36.98 -2.19 -34.53
O2A ATP X . -38.28 -3.43 -32.74
O3A ATP X . -36.87 -4.71 -34.35
O5' ATP X . -38.95 -3.64 -35.15
C5' ATP X . -40.27 -3.14 -34.86
C4' ATP X . -40.23 -1.64 -34.73
O4' ATP X . -40.00 -1.04 -36.02
C3' ATP X . -41.52 -1.00 -34.22
O3' ATP X . -41.24 0.20 -33.51
C2' ATP X . -42.28 -0.74 -35.51
O2' ATP X . -43.22 0.33 -35.36
C1' ATP X . -41.15 -0.32 -36.45
N9 ATP X . -41.36 -0.59 -37.87
C8 ATP X . -40.36 -0.78 -38.79
N7 ATP X . -40.79 -1.00 -40.01
C5 ATP X . -42.17 -0.93 -39.89
C6 ATP X . -43.21 -1.07 -40.83
N6 ATP X . -43.02 -1.31 -42.13
N1 ATP X . -44.48 -0.94 -40.38
C2 ATP X . -44.68 -0.69 -39.09
N3 ATP X . -43.78 -0.53 -38.11
C4 ATP X . -42.54 -0.67 -38.57
MG MG Y . -35.45 -7.04 -33.05
ZN ZN Z . -52.00 -68.13 10.23
ZN ZN AA . 59.68 49.70 -21.74
ZN ZN BA . 12.94 27.30 -13.74
PG ATP CA . 13.26 0.46 -10.24
O1G ATP CA . 12.18 -0.37 -9.63
O2G ATP CA . 14.31 -0.36 -10.99
O3G ATP CA . 12.73 1.56 -11.15
PB ATP CA . 13.81 1.99 -7.75
O1B ATP CA . 13.76 3.44 -7.96
O2B ATP CA . 12.58 1.35 -7.12
O3B ATP CA . 14.07 1.22 -9.11
PA ATP CA . 15.37 1.26 -5.35
O1A ATP CA . 15.16 -0.17 -5.00
O2A ATP CA . 14.51 2.23 -4.55
O3A ATP CA . 15.07 1.55 -6.88
O5' ATP CA . 16.88 1.67 -5.18
C5' ATP CA . 17.94 0.71 -5.33
C4' ATP CA . 19.08 1.07 -4.41
O4' ATP CA . 19.56 2.40 -4.71
C3' ATP CA . 18.75 1.05 -2.92
O3' ATP CA . 19.77 0.40 -2.17
C2' ATP CA . 18.66 2.54 -2.56
O2' ATP CA . 19.05 2.78 -1.21
C1' ATP CA . 19.68 3.14 -3.52
N9 ATP CA . 19.47 4.55 -3.82
C8 ATP CA . 18.99 5.08 -5.00
N7 ATP CA . 18.88 6.38 -4.99
C5 ATP CA . 19.33 6.74 -3.73
C6 ATP CA . 19.47 8.00 -3.09
N6 ATP CA . 19.17 9.16 -3.67
N1 ATP CA . 19.94 8.01 -1.83
C2 ATP CA . 20.25 6.84 -1.25
N3 ATP CA . 20.15 5.60 -1.74
C4 ATP CA . 19.68 5.62 -3.00
MG MG DA . 11.36 -0.48 -7.53
ZN ZN EA . -37.21 -33.54 38.71
#